data_7XSD
#
_entry.id   7XSD
#
_cell.length_a   1.00
_cell.length_b   1.00
_cell.length_c   1.00
_cell.angle_alpha   90.00
_cell.angle_beta   90.00
_cell.angle_gamma   90.00
#
_symmetry.space_group_name_H-M   'P 1'
#
loop_
_entity.id
_entity.type
_entity.pdbx_description
1 polymer 'RuBisCO chaperone RbcX'
2 polymer 'RuBisCO accumulation factor 1'
3 polymer 'Ribulose bisphosphate carboxylase large chain'
#
loop_
_entity_poly.entity_id
_entity_poly.type
_entity_poly.pdbx_seq_one_letter_code
_entity_poly.pdbx_strand_id
1 'polypeptide(L)'
;MNLKQIAKDTAKTLQSYLTYQALMTVLAQLGETNPPLALWLHTFSVGKVQDGEAYVKELFREQPDLALRIMTVREHIAEE
VAEFLPEMVRSGIQQANMEQRRQHLERMTHLSLSNPSPESEQQTISDTDWDH
;
5,6,7,8,1,2,3,4,Q,R,S,T,U,V,W,X
2 'polypeptide(L)'
;MTELPPNAPNPENATNELAQELLRKLRQKQGNWVEWGQAIASLQKSGYNPQDIFEATGFEPVQQNQVIVGSQVYNSLEKS
GASAATLAHYATRGSDVLYELRLLTHEERAAAGDLTFTHKVDADEAREIAKAIKDFSRFRILPEGFSNHPGDAVAYQAWK
LARQYSDLQERSRLIARGLRFAHSETARKQIEQLLVDFTVVSQRPAPIPPFFRFDTEDELPRIVPVVGQLPLKAEELKAV
PLVEEIEPFRLVKFSGEQAWVALPGWQVLLAAEDPVTILATSDRFPKQNQTEPGPVLVVVDRSQREWNDFSYFVVDHDGE
LDFQWFETKPEFPILGKVIILVRPRRILDENVTKDSWQIDE
;
O,P,M,N,I,J,K,L
3 'polypeptide(L)'
;MSYAQTKTQTKSGYKAGVQDYRLTYYTPDYTPKDTDILAAFRVTPQPGVPFEEAAAAVAAESSTGTWTTVWTDLLTDLDR
YKGRCYDIEPVPGEDNQFIAYIAYPLDLFEEGSITNVLTSIVGNVFGFKALRALRLEDIRFPVAYIKTFQGPPHGIQVER
DKLNKYGRPLLGCTIKPKLGLSAKNYGRAVYECLRGGLDFTKDDENINSAPFQRWRDRFLFVADAITKAQAETGEIKGHY
LNVTAPTCEEMLKRAEYAKELKQPIIMHDYLTAGFTANTTLARWCRDNGVLLHIHRAMHAVIDRQKNHGIHFRVLAKALR
LSGGDHIHTGTVVGKLEGERGITMGFVDLLRENYVEQDKSRGIYFTQDWASLPGVMAVASGGIHVWHMPALVEIFGDDSV
LQFGGGTLGHPWGNAPGATANRVALEACVQARNEGRNLAREGNDVIREAAKWSPELAVACELWKEIKFEFEAMDTV
;
G,H,E,F,A,B,C,D
#
# COMPACT_ATOMS: atom_id res chain seq x y z
N ASN A 2 72.13 61.46 -22.40
CA ASN A 2 72.39 61.36 -23.82
C ASN A 2 71.31 60.53 -24.52
N LEU A 3 71.75 59.71 -25.47
CA LEU A 3 70.80 58.84 -26.16
C LEU A 3 71.11 57.39 -25.84
N LYS A 4 72.36 57.12 -25.43
CA LYS A 4 72.83 55.75 -25.21
C LYS A 4 72.73 55.33 -23.75
N GLN A 5 73.08 56.21 -22.80
CA GLN A 5 73.09 55.79 -21.40
C GLN A 5 71.69 55.64 -20.85
N ILE A 6 70.69 56.27 -21.46
CA ILE A 6 69.31 56.08 -21.03
C ILE A 6 68.87 54.67 -21.41
N ALA A 7 69.53 54.08 -22.39
CA ALA A 7 69.19 52.72 -22.77
C ALA A 7 69.78 51.71 -21.79
N LYS A 8 71.00 51.96 -21.27
CA LYS A 8 71.44 51.19 -20.10
C LYS A 8 70.67 51.54 -18.84
N ASP A 9 70.16 52.77 -18.75
CA ASP A 9 69.40 53.19 -17.57
C ASP A 9 68.08 52.42 -17.47
N THR A 10 67.32 52.36 -18.56
CA THR A 10 66.06 51.64 -18.59
C THR A 10 66.25 50.14 -18.44
N ALA A 11 67.35 49.60 -18.99
CA ALA A 11 67.63 48.16 -18.92
C ALA A 11 67.86 47.70 -17.50
N LYS A 12 68.42 48.57 -16.65
CA LYS A 12 68.55 48.26 -15.23
C LYS A 12 67.19 48.28 -14.54
N THR A 13 66.27 49.12 -15.00
CA THR A 13 64.93 49.20 -14.45
C THR A 13 64.04 48.09 -14.98
N LEU A 14 64.20 47.70 -16.26
CA LEU A 14 63.42 46.60 -16.84
C LEU A 14 63.73 45.29 -16.16
N GLN A 15 65.02 45.07 -15.86
CA GLN A 15 65.47 43.83 -15.24
C GLN A 15 64.82 43.64 -13.88
N SER A 16 64.59 44.74 -13.18
CA SER A 16 63.89 44.71 -11.91
C SER A 16 62.44 44.26 -12.08
N TYR A 17 61.75 44.78 -13.09
CA TYR A 17 60.33 44.47 -13.26
C TYR A 17 60.10 43.07 -13.82
N LEU A 18 61.10 42.51 -14.50
CA LEU A 18 60.97 41.13 -14.94
C LEU A 18 61.16 40.18 -13.76
N THR A 19 61.92 40.61 -12.75
CA THR A 19 62.06 39.83 -11.53
C THR A 19 60.79 39.91 -10.68
N TYR A 20 59.98 40.95 -10.91
CA TYR A 20 58.66 41.02 -10.28
C TYR A 20 57.75 39.91 -10.77
N GLN A 21 57.70 39.72 -12.10
CA GLN A 21 56.81 38.72 -12.69
C GLN A 21 57.25 37.31 -12.35
N ALA A 22 58.53 37.15 -12.02
CA ALA A 22 59.02 35.94 -11.37
C ALA A 22 58.34 35.74 -10.03
N LEU A 23 58.38 36.75 -9.17
CA LEU A 23 57.96 36.56 -7.79
C LEU A 23 56.45 36.49 -7.66
N MET A 24 55.72 37.12 -8.59
CA MET A 24 54.28 36.94 -8.62
C MET A 24 53.92 35.54 -9.10
N THR A 25 54.73 34.98 -9.99
CA THR A 25 54.54 33.59 -10.39
C THR A 25 55.01 32.63 -9.29
N VAL A 26 56.11 32.97 -8.61
CA VAL A 26 56.52 32.27 -7.39
C VAL A 26 55.42 32.25 -6.33
N LEU A 27 54.81 33.40 -6.05
CA LEU A 27 53.87 33.51 -4.94
C LEU A 27 52.53 32.88 -5.25
N ALA A 28 52.12 32.90 -6.52
CA ALA A 28 50.81 32.36 -6.91
C ALA A 28 50.80 30.83 -6.99
N GLN A 29 51.96 30.18 -6.91
CA GLN A 29 52.04 28.73 -7.00
C GLN A 29 52.24 28.04 -5.66
N LEU A 30 53.00 28.64 -4.75
CA LEU A 30 53.24 28.06 -3.44
C LEU A 30 52.10 28.32 -2.47
N GLY A 31 51.04 29.00 -2.93
CA GLY A 31 49.93 29.32 -2.04
C GLY A 31 49.11 28.09 -1.69
N GLU A 32 49.19 27.06 -2.52
CA GLU A 32 48.47 25.82 -2.27
C GLU A 32 49.39 24.61 -2.13
N THR A 33 50.57 24.64 -2.75
CA THR A 33 51.47 23.49 -2.66
C THR A 33 52.14 23.43 -1.29
N ASN A 34 52.87 24.47 -0.93
CA ASN A 34 53.52 24.57 0.37
C ASN A 34 53.01 25.81 1.07
N PRO A 35 51.90 25.74 1.80
CA PRO A 35 51.41 26.91 2.52
C PRO A 35 52.26 27.30 3.72
N PRO A 36 53.03 26.39 4.37
CA PRO A 36 54.13 26.89 5.21
C PRO A 36 55.16 27.75 4.49
N LEU A 37 55.33 27.58 3.18
CA LEU A 37 56.20 28.44 2.38
C LEU A 37 55.38 29.43 1.54
N ALA A 38 54.35 30.02 2.14
CA ALA A 38 53.53 31.02 1.48
C ALA A 38 53.30 32.28 2.30
N LEU A 39 53.41 32.19 3.63
CA LEU A 39 53.24 33.34 4.51
C LEU A 39 54.55 33.83 5.08
N TRP A 40 55.66 33.24 4.65
CA TRP A 40 57.00 33.60 5.06
C TRP A 40 57.77 34.26 3.92
N LEU A 41 57.23 34.17 2.70
CA LEU A 41 57.77 34.94 1.58
C LEU A 41 57.45 36.41 1.68
N HIS A 42 56.50 36.77 2.55
CA HIS A 42 56.19 38.16 2.87
C HIS A 42 57.04 38.70 4.02
N THR A 43 57.98 37.90 4.52
CA THR A 43 58.97 38.43 5.45
C THR A 43 60.10 39.12 4.69
N PHE A 44 60.32 38.73 3.43
CA PHE A 44 61.45 39.23 2.66
C PHE A 44 61.08 40.20 1.56
N SER A 45 59.80 40.38 1.27
CA SER A 45 59.37 41.22 0.16
C SER A 45 58.59 42.45 0.61
N VAL A 46 59.02 43.09 1.69
CA VAL A 46 58.34 44.28 2.22
C VAL A 46 59.00 45.52 1.67
N GLY A 47 58.23 46.37 1.01
CA GLY A 47 58.71 47.57 0.36
C GLY A 47 59.29 47.34 -1.02
N LYS A 48 60.28 46.46 -1.15
CA LYS A 48 60.78 46.07 -2.46
C LYS A 48 60.73 44.56 -2.57
N VAL A 49 59.91 44.08 -3.50
CA VAL A 49 59.77 42.66 -3.81
C VAL A 49 60.87 42.16 -4.72
N GLN A 50 61.35 43.00 -5.64
CA GLN A 50 62.06 42.58 -6.85
C GLN A 50 63.56 42.39 -6.65
N ASP A 51 64.03 42.11 -5.44
CA ASP A 51 65.45 41.90 -5.22
C ASP A 51 65.89 40.55 -5.76
N GLY A 52 67.20 40.42 -6.01
CA GLY A 52 67.75 39.27 -6.69
C GLY A 52 68.61 38.38 -5.82
N GLU A 53 69.39 38.98 -4.93
CA GLU A 53 70.33 38.21 -4.13
C GLU A 53 70.41 38.67 -2.67
N ALA A 54 69.91 39.85 -2.35
CA ALA A 54 69.95 40.36 -0.98
C ALA A 54 69.12 39.51 -0.03
N TYR A 55 67.95 39.06 -0.49
CA TYR A 55 67.16 38.13 0.29
C TYR A 55 67.85 36.77 0.36
N VAL A 56 68.59 36.40 -0.70
CA VAL A 56 69.30 35.11 -0.73
C VAL A 56 70.47 35.12 0.24
N LYS A 57 71.13 36.26 0.39
CA LYS A 57 72.19 36.42 1.38
C LYS A 57 71.64 36.22 2.79
N GLU A 58 70.39 36.60 3.00
CA GLU A 58 69.69 36.27 4.23
C GLU A 58 69.12 34.86 4.20
N LEU A 59 68.85 34.31 3.01
CA LEU A 59 68.36 32.93 2.90
C LEU A 59 69.47 31.89 2.90
N PHE A 60 70.76 32.28 2.87
CA PHE A 60 71.81 31.26 2.98
C PHE A 60 71.84 30.63 4.35
N ARG A 61 71.65 31.42 5.40
CA ARG A 61 71.64 30.94 6.78
C ARG A 61 70.39 30.15 7.14
N GLU A 62 69.54 29.87 6.15
CA GLU A 62 68.37 29.02 6.16
C GLU A 62 68.37 28.36 4.78
N GLN A 63 67.22 27.97 4.26
CA GLN A 63 67.27 27.29 2.97
C GLN A 63 67.14 28.25 1.79
N PRO A 64 68.18 28.41 0.93
CA PRO A 64 68.16 29.44 -0.13
C PRO A 64 67.65 28.99 -1.48
N ASP A 65 66.95 27.85 -1.58
CA ASP A 65 66.74 27.21 -2.87
C ASP A 65 65.73 27.91 -3.76
N LEU A 66 64.92 28.82 -3.22
CA LEU A 66 63.88 29.47 -4.01
C LEU A 66 64.49 30.40 -5.04
N ALA A 67 65.68 30.93 -4.74
CA ALA A 67 66.38 31.89 -5.60
C ALA A 67 66.65 31.33 -6.99
N LEU A 68 67.18 30.10 -7.06
CA LEU A 68 67.50 29.48 -8.33
C LEU A 68 66.24 29.12 -9.12
N ARG A 69 65.08 29.11 -8.46
CA ARG A 69 63.81 29.04 -9.16
C ARG A 69 63.31 30.43 -9.58
N ILE A 70 63.60 31.48 -8.81
CA ILE A 70 63.26 32.83 -9.22
C ILE A 70 64.08 33.22 -10.44
N MET A 71 65.28 32.69 -10.57
CA MET A 71 66.09 33.02 -11.72
C MET A 71 65.86 32.06 -12.89
N THR A 72 65.03 31.03 -12.72
CA THR A 72 64.64 30.25 -13.88
C THR A 72 63.18 30.49 -14.28
N VAL A 73 62.43 31.27 -13.50
CA VAL A 73 61.17 31.80 -14.03
C VAL A 73 61.44 32.89 -15.04
N ARG A 74 62.44 33.73 -14.77
CA ARG A 74 62.73 34.89 -15.62
C ARG A 74 63.25 34.50 -16.99
N GLU A 75 63.63 33.24 -17.17
CA GLU A 75 64.16 32.80 -18.45
C GLU A 75 63.07 32.73 -19.52
N HIS A 76 61.95 32.08 -19.21
CA HIS A 76 60.91 31.87 -20.23
C HIS A 76 60.14 33.13 -20.56
N ILE A 77 60.20 34.16 -19.72
CA ILE A 77 59.54 35.42 -20.02
C ILE A 77 60.49 36.37 -20.75
N ALA A 78 61.75 36.45 -20.34
CA ALA A 78 62.66 37.35 -21.03
C ALA A 78 63.12 36.81 -22.38
N GLU A 79 62.93 35.52 -22.66
CA GLU A 79 63.21 35.00 -23.99
C GLU A 79 62.00 35.05 -24.92
N GLU A 80 60.82 35.37 -24.38
CA GLU A 80 59.61 35.39 -25.18
C GLU A 80 58.91 36.75 -25.16
N VAL A 81 59.41 37.71 -24.38
CA VAL A 81 58.90 39.06 -24.47
C VAL A 81 59.93 39.99 -25.12
N ALA A 82 61.22 39.83 -24.82
CA ALA A 82 62.22 40.78 -25.28
C ALA A 82 62.48 40.68 -26.78
N GLU A 83 62.15 39.55 -27.41
CA GLU A 83 62.19 39.51 -28.86
C GLU A 83 60.93 40.07 -29.49
N PHE A 84 59.78 39.90 -28.83
CA PHE A 84 58.52 40.41 -29.36
C PHE A 84 58.22 41.82 -28.89
N LEU A 85 58.99 42.35 -27.93
CA LEU A 85 59.01 43.71 -27.41
C LEU A 85 58.93 44.87 -28.43
N PRO A 86 59.59 44.84 -29.61
CA PRO A 86 59.48 46.00 -30.52
C PRO A 86 58.09 46.38 -30.97
N GLU A 87 57.21 45.44 -31.32
CA GLU A 87 55.84 45.82 -31.65
C GLU A 87 54.97 45.99 -30.41
N MET A 88 55.27 45.28 -29.31
CA MET A 88 54.39 45.26 -28.14
C MET A 88 54.32 46.60 -27.41
N VAL A 89 55.42 47.35 -27.39
CA VAL A 89 55.40 48.71 -26.86
C VAL A 89 54.98 49.73 -27.91
N ARG A 90 55.36 49.55 -29.19
CA ARG A 90 54.92 50.43 -30.26
C ARG A 90 53.41 50.40 -30.51
N SER A 91 52.75 49.27 -30.20
CA SER A 91 51.33 49.17 -30.49
C SER A 91 50.52 50.00 -29.51
N GLY A 92 50.97 50.07 -28.25
CA GLY A 92 50.30 50.91 -27.27
C GLY A 92 50.60 52.38 -27.45
N ILE A 93 51.62 52.72 -28.24
CA ILE A 93 51.90 54.12 -28.54
C ILE A 93 50.78 54.68 -29.42
N GLN A 94 50.25 53.86 -30.33
CA GLN A 94 49.19 54.28 -31.24
C GLN A 94 47.91 54.61 -30.50
N GLN A 95 47.53 53.77 -29.53
CA GLN A 95 46.43 54.09 -28.62
C GLN A 95 46.69 55.39 -27.86
N ALA A 96 47.88 55.55 -27.31
CA ALA A 96 48.26 56.74 -26.57
C ALA A 96 48.57 57.94 -27.45
N ASN A 97 48.68 57.75 -28.77
CA ASN A 97 48.68 58.89 -29.68
C ASN A 97 47.25 59.36 -29.97
N MET A 98 46.30 58.43 -30.05
CA MET A 98 44.95 58.74 -30.46
C MET A 98 44.07 59.27 -29.32
N GLU A 99 44.20 58.70 -28.12
CA GLU A 99 43.40 59.13 -26.97
C GLU A 99 43.70 60.58 -26.58
N GLN A 100 44.93 61.02 -26.80
CA GLN A 100 45.31 62.37 -26.40
C GLN A 100 45.04 63.38 -27.50
N ARG A 101 45.02 62.93 -28.76
CA ARG A 101 44.68 63.82 -29.85
C ARG A 101 43.19 64.15 -29.85
N ARG A 102 42.36 63.24 -29.36
CA ARG A 102 40.94 63.48 -29.34
C ARG A 102 40.48 64.16 -28.05
N ASN B 2 48.84 33.27 -17.24
CA ASN B 2 49.69 32.77 -18.32
C ASN B 2 50.79 33.78 -18.65
N LEU B 3 51.14 33.87 -19.93
CA LEU B 3 52.15 34.80 -20.43
C LEU B 3 51.56 36.03 -21.09
N LYS B 4 50.45 35.89 -21.81
CA LYS B 4 49.78 37.05 -22.38
C LYS B 4 49.14 37.92 -21.30
N GLN B 5 48.76 37.32 -20.17
CA GLN B 5 48.42 38.10 -18.99
C GLN B 5 49.61 38.86 -18.45
N ILE B 6 50.79 38.25 -18.46
CA ILE B 6 52.02 38.93 -18.10
C ILE B 6 52.40 40.01 -19.11
N ALA B 7 52.45 39.64 -20.41
CA ALA B 7 53.08 40.48 -21.42
C ALA B 7 52.29 41.75 -21.68
N LYS B 8 50.96 41.68 -21.53
CA LYS B 8 50.14 42.88 -21.65
C LYS B 8 50.24 43.74 -20.39
N ASP B 9 50.55 43.13 -19.25
CA ASP B 9 50.80 43.92 -18.05
C ASP B 9 52.17 44.60 -18.12
N THR B 10 53.15 43.92 -18.73
CA THR B 10 54.46 44.53 -18.94
C THR B 10 54.42 45.67 -19.95
N ALA B 11 53.45 45.64 -20.87
CA ALA B 11 53.39 46.63 -21.96
C ALA B 11 53.02 48.00 -21.44
N LYS B 12 52.25 48.07 -20.35
CA LYS B 12 51.85 49.35 -19.79
C LYS B 12 52.79 49.85 -18.71
N THR B 13 53.49 48.96 -18.02
CA THR B 13 54.35 49.37 -16.91
C THR B 13 55.55 50.16 -17.40
N LEU B 14 56.29 49.58 -18.34
CA LEU B 14 57.49 50.21 -18.85
C LEU B 14 57.14 51.39 -19.74
N GLN B 15 55.97 51.36 -20.38
CA GLN B 15 55.43 52.51 -21.09
C GLN B 15 55.32 53.73 -20.18
N SER B 16 54.70 53.53 -19.01
CA SER B 16 54.62 54.58 -17.99
C SER B 16 56.00 54.97 -17.48
N TYR B 17 56.96 54.05 -17.51
CA TYR B 17 58.34 54.41 -17.22
C TYR B 17 58.97 55.17 -18.39
N LEU B 18 58.60 54.83 -19.63
CA LEU B 18 59.14 55.55 -20.78
C LEU B 18 58.51 56.93 -20.92
N THR B 19 57.31 57.13 -20.36
CA THR B 19 56.72 58.47 -20.35
C THR B 19 57.22 59.29 -19.16
N TYR B 20 58.04 58.69 -18.30
CA TYR B 20 58.69 59.45 -17.25
C TYR B 20 59.98 60.07 -17.77
N GLN B 21 60.78 59.28 -18.51
CA GLN B 21 61.97 59.81 -19.16
C GLN B 21 61.62 60.83 -20.22
N ALA B 22 60.41 60.72 -20.78
CA ALA B 22 59.78 61.82 -21.49
C ALA B 22 59.74 63.08 -20.64
N LEU B 23 59.13 62.99 -19.45
CA LEU B 23 58.93 64.16 -18.61
C LEU B 23 60.24 64.68 -18.02
N MET B 24 61.23 63.79 -17.86
CA MET B 24 62.51 64.22 -17.32
C MET B 24 63.36 64.90 -18.39
N THR B 25 63.17 64.54 -19.66
CA THR B 25 63.90 65.18 -20.74
C THR B 25 63.37 66.59 -20.94
N VAL B 26 62.06 66.76 -20.72
CA VAL B 26 61.42 68.06 -20.75
C VAL B 26 61.87 68.85 -19.52
N LEU B 27 62.13 68.15 -18.41
CA LEU B 27 62.49 68.82 -17.16
C LEU B 27 63.87 69.47 -17.24
N ALA B 28 64.86 68.77 -17.79
CA ALA B 28 66.18 69.38 -17.96
C ALA B 28 66.18 70.37 -19.11
N GLN B 29 65.25 70.23 -20.06
CA GLN B 29 65.17 71.16 -21.18
C GLN B 29 64.68 72.52 -20.73
N LEU B 30 63.68 72.54 -19.84
CA LEU B 30 63.07 73.78 -19.39
C LEU B 30 63.82 74.43 -18.26
N GLY B 31 64.79 73.76 -17.66
CA GLY B 31 65.70 74.44 -16.76
C GLY B 31 66.71 75.33 -17.44
N GLU B 32 66.76 75.32 -18.78
CA GLU B 32 67.68 76.12 -19.58
C GLU B 32 66.99 77.14 -20.45
N THR B 33 65.76 76.88 -20.90
CA THR B 33 65.04 77.81 -21.78
C THR B 33 64.10 78.72 -21.00
N ASN B 34 63.20 78.14 -20.20
CA ASN B 34 62.18 78.90 -19.48
C ASN B 34 62.21 78.46 -18.02
N PRO B 35 63.07 79.09 -17.20
CA PRO B 35 63.16 78.69 -15.76
C PRO B 35 61.90 78.97 -14.95
N PRO B 36 61.05 79.96 -15.30
CA PRO B 36 59.69 79.92 -14.72
C PRO B 36 58.86 78.69 -15.09
N LEU B 37 58.99 78.16 -16.30
CA LEU B 37 58.21 76.99 -16.68
C LEU B 37 58.74 75.70 -16.05
N ALA B 38 60.02 75.67 -15.68
CA ALA B 38 60.57 74.52 -14.97
C ALA B 38 60.19 74.53 -13.49
N LEU B 39 60.11 75.73 -12.89
CA LEU B 39 59.73 75.82 -11.48
C LEU B 39 58.25 75.55 -11.27
N TRP B 40 57.44 75.70 -12.31
CA TRP B 40 56.03 75.35 -12.20
C TRP B 40 55.77 73.91 -12.60
N LEU B 41 56.58 73.38 -13.52
CA LEU B 41 56.52 71.96 -13.84
C LEU B 41 57.01 71.11 -12.67
N HIS B 42 57.99 71.63 -11.91
CA HIS B 42 58.44 70.93 -10.71
C HIS B 42 57.40 70.95 -9.62
N THR B 43 56.52 71.96 -9.60
CA THR B 43 55.45 72.02 -8.61
C THR B 43 54.42 70.92 -8.87
N PHE B 44 54.01 70.74 -10.12
CA PHE B 44 53.06 69.69 -10.46
C PHE B 44 53.67 68.30 -10.38
N SER B 45 55.00 68.19 -10.48
CA SER B 45 55.66 66.89 -10.55
C SER B 45 55.60 66.13 -9.23
N VAL B 46 55.43 66.84 -8.10
CA VAL B 46 55.57 66.27 -6.77
C VAL B 46 54.28 65.57 -6.36
N GLY B 47 53.19 65.84 -7.08
CA GLY B 47 51.86 65.38 -6.70
C GLY B 47 51.57 63.89 -6.64
N LYS B 48 52.58 63.04 -6.85
CA LYS B 48 52.55 61.59 -6.61
C LYS B 48 51.54 60.87 -7.50
N VAL B 49 51.43 61.30 -8.75
CA VAL B 49 50.44 60.74 -9.65
C VAL B 49 51.14 59.77 -10.60
N GLN B 50 50.74 58.49 -10.51
CA GLN B 50 51.26 57.41 -11.33
C GLN B 50 50.57 57.38 -12.69
N ASP B 51 50.80 56.31 -13.44
CA ASP B 51 50.15 56.02 -14.73
C ASP B 51 50.41 57.14 -15.74
N GLY B 52 51.67 57.23 -16.18
CA GLY B 52 52.17 58.20 -17.13
C GLY B 52 51.33 58.49 -18.37
N GLU B 53 50.66 57.47 -18.90
CA GLU B 53 49.69 57.70 -19.97
C GLU B 53 48.50 58.50 -19.48
N ALA B 54 47.95 58.15 -18.32
CA ALA B 54 46.83 58.85 -17.70
C ALA B 54 47.28 60.01 -16.84
N TYR B 55 48.58 60.27 -16.80
CA TYR B 55 49.16 61.46 -16.19
C TYR B 55 49.25 62.63 -17.15
N VAL B 56 49.54 62.35 -18.42
CA VAL B 56 49.60 63.40 -19.45
C VAL B 56 48.20 63.93 -19.76
N LYS B 57 47.16 63.12 -19.54
CA LYS B 57 45.79 63.58 -19.79
C LYS B 57 45.37 64.64 -18.78
N GLU B 58 45.84 64.54 -17.54
CA GLU B 58 45.59 65.60 -16.57
C GLU B 58 46.40 66.85 -16.92
N LEU B 59 47.50 66.70 -17.65
CA LEU B 59 48.24 67.88 -18.12
C LEU B 59 47.45 68.64 -19.18
N PHE B 60 46.78 67.94 -20.10
CA PHE B 60 45.93 68.59 -21.11
C PHE B 60 44.77 69.37 -20.48
N ARG B 61 44.38 69.02 -19.25
CA ARG B 61 43.27 69.70 -18.58
C ARG B 61 43.61 71.15 -18.26
N GLU B 62 44.82 71.39 -17.75
CA GLU B 62 45.25 72.73 -17.38
C GLU B 62 46.22 73.34 -18.37
N GLN B 63 46.98 72.51 -19.09
CA GLN B 63 48.03 72.98 -20.01
C GLN B 63 48.05 72.05 -21.22
N PRO B 64 47.24 72.32 -22.24
CA PRO B 64 47.18 71.40 -23.39
C PRO B 64 48.38 71.43 -24.33
N ASP B 65 49.44 72.17 -24.00
CA ASP B 65 50.53 72.40 -24.95
C ASP B 65 51.82 71.66 -24.62
N LEU B 66 52.28 71.73 -23.37
CA LEU B 66 53.48 71.00 -22.95
C LEU B 66 53.26 69.50 -22.91
N ALA B 67 52.01 69.04 -22.82
CA ALA B 67 51.65 67.64 -22.90
C ALA B 67 51.82 67.05 -24.29
N LEU B 68 52.02 67.89 -25.31
CA LEU B 68 52.41 67.43 -26.64
C LEU B 68 53.91 67.21 -26.74
N ARG B 69 54.70 68.04 -26.06
CA ARG B 69 56.15 67.87 -26.08
C ARG B 69 56.58 66.66 -25.25
N ILE B 70 55.80 66.28 -24.23
CA ILE B 70 56.01 65.03 -23.54
C ILE B 70 55.66 63.86 -24.45
N MET B 71 54.59 63.98 -25.22
CA MET B 71 54.17 62.98 -26.18
C MET B 71 55.12 62.87 -27.37
N THR B 72 55.75 63.99 -27.77
CA THR B 72 56.63 64.10 -28.93
C THR B 72 57.77 63.09 -28.93
N VAL B 73 58.32 62.77 -27.76
CA VAL B 73 59.47 61.90 -27.67
C VAL B 73 59.09 60.43 -27.57
N ARG B 74 57.79 60.12 -27.58
CA ARG B 74 57.34 58.74 -27.72
C ARG B 74 57.57 58.23 -29.14
N GLU B 75 57.75 59.13 -30.09
CA GLU B 75 58.24 58.80 -31.42
C GLU B 75 59.74 59.03 -31.55
N HIS B 76 60.33 59.88 -30.72
CA HIS B 76 61.69 60.35 -30.92
C HIS B 76 62.69 59.80 -29.92
N ILE B 77 62.34 59.69 -28.64
CA ILE B 77 63.31 59.16 -27.69
C ILE B 77 62.95 57.72 -27.30
N ALA B 78 61.72 57.28 -27.62
CA ALA B 78 61.37 55.87 -27.43
C ALA B 78 61.95 54.96 -28.52
N GLU B 79 62.73 55.50 -29.45
CA GLU B 79 63.44 54.69 -30.43
C GLU B 79 64.92 54.49 -30.13
N GLU B 80 65.53 55.36 -29.32
CA GLU B 80 66.90 55.26 -28.83
C GLU B 80 67.02 54.76 -27.40
N VAL B 81 65.88 54.42 -26.80
CA VAL B 81 65.82 53.84 -25.47
C VAL B 81 65.16 52.47 -25.47
N ALA B 82 64.06 52.30 -26.21
CA ALA B 82 63.22 51.12 -26.07
C ALA B 82 63.46 50.03 -27.10
N GLU B 83 64.11 50.31 -28.22
CA GLU B 83 64.50 49.22 -29.12
C GLU B 83 65.84 48.63 -28.76
N PHE B 84 66.53 49.20 -27.79
CA PHE B 84 67.79 48.65 -27.31
C PHE B 84 67.61 47.74 -26.13
N LEU B 85 66.37 47.62 -25.67
CA LEU B 85 66.02 46.65 -24.62
C LEU B 85 66.36 45.19 -24.93
N PRO B 86 66.14 44.61 -26.13
CA PRO B 86 66.42 43.16 -26.32
C PRO B 86 67.84 42.68 -26.06
N GLU B 87 68.85 43.38 -26.57
CA GLU B 87 70.23 42.95 -26.40
C GLU B 87 70.82 43.36 -25.07
N MET B 88 70.02 43.90 -24.17
CA MET B 88 70.51 44.57 -22.97
C MET B 88 69.73 44.14 -21.73
N VAL B 89 68.72 43.27 -21.89
CA VAL B 89 68.17 42.51 -20.77
C VAL B 89 69.01 41.26 -20.53
N ARG B 90 69.13 40.43 -21.57
CA ARG B 90 69.68 39.08 -21.44
C ARG B 90 71.15 39.09 -21.05
N SER B 91 71.88 40.16 -21.40
CA SER B 91 73.24 40.32 -20.91
C SER B 91 73.27 40.51 -19.39
N GLY B 92 72.33 41.29 -18.85
CA GLY B 92 72.24 41.43 -17.41
C GLY B 92 71.72 40.20 -16.71
N ILE B 93 70.96 39.36 -17.41
CA ILE B 93 70.51 38.09 -16.86
C ILE B 93 71.70 37.15 -16.67
N GLN B 94 72.61 37.14 -17.65
CA GLN B 94 73.83 36.33 -17.52
C GLN B 94 74.75 36.87 -16.45
N GLN B 95 74.75 38.19 -16.23
CA GLN B 95 75.56 38.76 -15.15
C GLN B 95 75.00 38.36 -13.80
N ALA B 96 73.68 38.36 -13.65
CA ALA B 96 73.06 37.88 -12.43
C ALA B 96 73.19 36.37 -12.28
N ASN B 97 73.41 35.66 -13.38
CA ASN B 97 73.84 34.26 -13.31
C ASN B 97 75.30 34.12 -12.91
N MET B 98 76.06 35.22 -12.90
CA MET B 98 77.44 35.22 -12.45
C MET B 98 77.66 36.00 -11.17
N GLU B 99 76.79 36.94 -10.83
CA GLU B 99 76.93 37.65 -9.56
C GLU B 99 76.43 36.81 -8.41
N GLN B 100 75.41 35.99 -8.65
CA GLN B 100 74.65 35.38 -7.58
C GLN B 100 74.98 33.92 -7.38
N ARG B 101 75.51 33.26 -8.41
CA ARG B 101 76.05 31.92 -8.25
C ARG B 101 77.32 31.92 -7.40
N ARG B 102 78.01 33.07 -7.32
CA ARG B 102 79.23 33.17 -6.52
C ARG B 102 78.95 33.03 -5.04
N GLN B 103 77.77 33.44 -4.58
CA GLN B 103 77.53 33.40 -3.14
C GLN B 103 77.02 32.05 -2.69
N HIS B 104 76.67 31.15 -3.61
CA HIS B 104 76.54 29.73 -3.28
C HIS B 104 77.90 29.14 -2.90
N LEU B 105 78.97 29.72 -3.44
CA LEU B 105 80.32 29.32 -3.08
C LEU B 105 80.80 30.03 -1.82
N GLU B 106 80.22 31.20 -1.50
CA GLU B 106 80.63 31.92 -0.30
C GLU B 106 80.16 31.22 0.96
N ARG B 107 78.95 30.64 0.92
CA ARG B 107 78.52 29.80 2.02
C ARG B 107 79.28 28.48 2.03
N MET B 108 79.60 27.95 0.85
CA MET B 108 80.30 26.67 0.74
C MET B 108 81.71 26.77 1.31
N THR B 109 82.40 27.87 1.05
CA THR B 109 83.72 28.12 1.65
C THR B 109 83.59 28.38 3.16
N HIS B 110 82.49 29.01 3.58
CA HIS B 110 82.17 29.07 5.00
C HIS B 110 81.83 27.69 5.55
N LEU B 111 81.25 26.81 4.75
CA LEU B 111 81.08 25.42 5.17
C LEU B 111 82.36 24.60 4.97
N SER B 112 83.34 25.12 4.24
CA SER B 112 84.62 24.43 4.08
C SER B 112 85.49 24.65 5.32
N ASN C 2 77.74 6.05 -58.28
CA ASN C 2 78.77 6.83 -57.61
C ASN C 2 78.42 7.07 -56.15
N LEU C 3 78.66 8.29 -55.67
CA LEU C 3 78.35 8.60 -54.28
C LEU C 3 77.36 9.77 -54.19
N LYS C 4 77.27 10.58 -55.26
CA LYS C 4 76.45 11.78 -55.25
C LYS C 4 75.10 11.58 -55.94
N GLN C 5 75.09 10.90 -57.10
CA GLN C 5 73.82 10.71 -57.82
C GLN C 5 72.86 9.82 -57.05
N ILE C 6 73.38 8.93 -56.18
CA ILE C 6 72.55 8.14 -55.29
C ILE C 6 71.80 9.04 -54.32
N ALA C 7 72.37 10.19 -53.97
CA ALA C 7 71.67 11.10 -53.06
C ALA C 7 70.51 11.81 -53.77
N LYS C 8 70.69 12.16 -55.04
CA LYS C 8 69.54 12.62 -55.82
C LYS C 8 68.62 11.47 -56.22
N ASP C 9 69.16 10.25 -56.34
CA ASP C 9 68.33 9.07 -56.57
C ASP C 9 67.41 8.81 -55.39
N THR C 10 67.95 8.92 -54.17
CA THR C 10 67.16 8.74 -52.97
C THR C 10 66.15 9.86 -52.78
N ALA C 11 66.54 11.11 -53.06
CA ALA C 11 65.68 12.28 -52.86
C ALA C 11 64.47 12.26 -53.79
N LYS C 12 64.58 11.58 -54.93
CA LYS C 12 63.42 11.39 -55.78
C LYS C 12 62.44 10.40 -55.17
N THR C 13 62.94 9.34 -54.53
CA THR C 13 62.11 8.33 -53.88
C THR C 13 61.56 8.82 -52.54
N LEU C 14 62.33 9.64 -51.83
CA LEU C 14 61.89 10.23 -50.56
C LEU C 14 60.65 11.09 -50.78
N GLN C 15 60.71 11.97 -51.79
CA GLN C 15 59.65 12.93 -52.05
C GLN C 15 58.35 12.24 -52.40
N SER C 16 58.46 11.05 -53.00
CA SER C 16 57.30 10.20 -53.24
C SER C 16 56.65 9.75 -51.94
N TYR C 17 57.45 9.25 -50.98
CA TYR C 17 56.89 8.71 -49.74
C TYR C 17 56.40 9.83 -48.82
N LEU C 18 56.91 11.04 -48.99
CA LEU C 18 56.38 12.16 -48.23
C LEU C 18 54.99 12.55 -48.75
N THR C 19 54.74 12.32 -50.04
CA THR C 19 53.41 12.57 -50.60
C THR C 19 52.43 11.48 -50.17
N TYR C 20 52.95 10.32 -49.76
CA TYR C 20 52.10 9.27 -49.20
C TYR C 20 51.48 9.71 -47.88
N GLN C 21 52.30 10.28 -47.00
CA GLN C 21 51.82 10.69 -45.67
C GLN C 21 50.85 11.87 -45.76
N ALA C 22 50.95 12.63 -46.85
CA ALA C 22 49.92 13.60 -47.21
C ALA C 22 48.59 12.90 -47.46
N LEU C 23 48.61 11.91 -48.35
CA LEU C 23 47.34 11.33 -48.80
C LEU C 23 46.71 10.45 -47.74
N MET C 24 47.51 9.84 -46.87
CA MET C 24 46.94 9.13 -45.74
C MET C 24 46.34 10.10 -44.74
N THR C 25 46.90 11.30 -44.63
CA THR C 25 46.30 12.33 -43.80
C THR C 25 45.09 12.95 -44.48
N VAL C 26 45.15 13.15 -45.80
CA VAL C 26 43.98 13.51 -46.61
C VAL C 26 42.83 12.51 -46.45
N LEU C 27 43.12 11.21 -46.55
CA LEU C 27 42.08 10.20 -46.58
C LEU C 27 41.49 9.95 -45.20
N ALA C 28 42.27 10.12 -44.14
CA ALA C 28 41.79 9.87 -42.78
C ALA C 28 40.94 11.02 -42.24
N GLN C 29 40.89 12.15 -42.92
CA GLN C 29 40.11 13.29 -42.46
C GLN C 29 38.79 13.47 -43.20
N LEU C 30 38.74 13.19 -44.49
CA LEU C 30 37.52 13.32 -45.27
C LEU C 30 36.60 12.12 -45.10
N GLY C 31 36.98 11.15 -44.28
CA GLY C 31 36.17 9.96 -44.11
C GLY C 31 34.90 10.23 -43.34
N GLU C 32 34.86 11.33 -42.59
CA GLU C 32 33.69 11.71 -41.83
C GLU C 32 33.18 13.10 -42.16
N THR C 33 34.04 14.00 -42.65
CA THR C 33 33.59 15.35 -43.00
C THR C 33 32.78 15.34 -44.28
N ASN C 34 33.39 14.89 -45.37
CA ASN C 34 32.73 14.77 -46.67
C ASN C 34 32.82 13.31 -47.11
N PRO C 35 31.86 12.48 -46.70
CA PRO C 35 31.88 11.08 -47.15
C PRO C 35 31.53 10.90 -48.63
N PRO C 36 30.77 11.82 -49.28
CA PRO C 36 30.83 11.82 -50.76
C PRO C 36 32.21 12.04 -51.35
N LEU C 37 33.12 12.69 -50.63
CA LEU C 37 34.51 12.83 -51.06
C LEU C 37 35.43 11.89 -50.28
N ALA C 38 35.00 10.64 -50.08
CA ALA C 38 35.81 9.65 -49.40
C ALA C 38 35.89 8.31 -50.13
N LEU C 39 34.89 7.99 -50.97
CA LEU C 39 34.88 6.76 -51.74
C LEU C 39 35.21 6.99 -53.20
N TRP C 40 35.52 8.22 -53.56
CA TRP C 40 35.90 8.62 -54.90
C TRP C 40 37.37 8.99 -54.98
N LEU C 41 38.04 9.13 -53.83
CA LEU C 41 39.48 9.27 -53.81
C LEU C 41 40.19 7.96 -54.11
N HIS C 42 39.46 6.84 -54.07
CA HIS C 42 39.97 5.55 -54.48
C HIS C 42 39.72 5.27 -55.96
N THR C 43 39.19 6.24 -56.70
CA THR C 43 39.16 6.14 -58.15
C THR C 43 40.52 6.54 -58.72
N PHE C 44 41.27 7.39 -58.01
CA PHE C 44 42.52 7.93 -58.51
C PHE C 44 43.77 7.36 -57.86
N SER C 45 43.63 6.54 -56.82
CA SER C 45 44.78 6.03 -56.09
C SER C 45 44.93 4.52 -56.17
N VAL C 46 44.73 3.93 -57.35
CA VAL C 46 44.80 2.49 -57.53
C VAL C 46 46.18 2.16 -58.09
N GLY C 47 46.91 1.28 -57.40
CA GLY C 47 48.26 0.90 -57.75
C GLY C 47 49.33 1.86 -57.27
N LYS C 48 49.23 3.14 -57.64
CA LYS C 48 50.12 4.16 -57.14
C LYS C 48 49.29 5.30 -56.58
N VAL C 49 49.44 5.54 -55.27
CA VAL C 49 48.72 6.57 -54.55
C VAL C 49 49.45 7.90 -54.59
N GLN C 50 50.77 7.90 -54.63
CA GLN C 50 51.61 9.04 -54.28
C GLN C 50 51.88 10.00 -55.44
N ASP C 51 51.00 10.08 -56.43
CA ASP C 51 51.22 10.97 -57.56
C ASP C 51 50.96 12.42 -57.14
N GLY C 52 51.51 13.35 -57.92
CA GLY C 52 51.48 14.75 -57.56
C GLY C 52 50.63 15.65 -58.43
N GLU C 53 50.64 15.42 -59.73
CA GLU C 53 49.90 16.26 -60.65
C GLU C 53 49.12 15.47 -61.71
N ALA C 54 49.44 14.18 -61.89
CA ALA C 54 48.77 13.35 -62.88
C ALA C 54 47.29 13.17 -62.58
N TYR C 55 46.94 13.00 -61.31
CA TYR C 55 45.54 12.96 -60.92
C TYR C 55 44.91 14.34 -61.07
N VAL C 56 45.70 15.41 -60.87
CA VAL C 56 45.17 16.77 -60.96
C VAL C 56 44.86 17.15 -62.39
N LYS C 57 45.67 16.68 -63.34
CA LYS C 57 45.38 16.90 -64.76
C LYS C 57 44.08 16.24 -65.17
N GLU C 58 43.74 15.12 -64.51
CA GLU C 58 42.42 14.54 -64.64
C GLU C 58 41.40 15.23 -63.75
N LEU C 59 41.84 15.90 -62.68
CA LEU C 59 40.93 16.65 -61.82
C LEU C 59 40.67 18.08 -62.26
N PHE C 60 41.33 18.59 -63.32
CA PHE C 60 40.96 19.92 -63.79
C PHE C 60 39.60 19.91 -64.46
N ARG C 61 39.27 18.86 -65.20
CA ARG C 61 37.99 18.71 -65.87
C ARG C 61 36.84 18.43 -64.90
N GLU C 62 37.15 18.35 -63.61
CA GLU C 62 36.24 18.31 -62.47
C GLU C 62 36.85 19.27 -61.45
N GLN C 63 36.55 19.11 -60.18
CA GLN C 63 37.12 20.08 -59.22
C GLN C 63 38.50 19.68 -58.70
N PRO C 64 39.57 20.48 -58.98
CA PRO C 64 40.94 20.05 -58.65
C PRO C 64 41.49 20.49 -57.30
N ASP C 65 40.64 20.93 -56.37
CA ASP C 65 41.12 21.71 -55.22
C ASP C 65 41.86 20.90 -54.17
N LEU C 66 41.74 19.56 -54.19
CA LEU C 66 42.34 18.75 -53.13
C LEU C 66 43.86 18.77 -53.24
N ALA C 67 44.36 18.96 -54.46
CA ALA C 67 45.80 18.90 -54.72
C ALA C 67 46.57 19.98 -53.97
N LEU C 68 46.05 21.20 -53.97
CA LEU C 68 46.69 22.30 -53.26
C LEU C 68 46.61 22.10 -51.74
N ARG C 69 45.74 21.22 -51.27
CA ARG C 69 45.80 20.76 -49.88
C ARG C 69 46.73 19.57 -49.70
N ILE C 70 46.89 18.71 -50.73
CA ILE C 70 47.89 17.64 -50.64
C ILE C 70 49.30 18.24 -50.61
N MET C 71 49.49 19.38 -51.26
CA MET C 71 50.80 19.99 -51.22
C MET C 71 50.97 20.93 -50.04
N THR C 72 49.92 21.16 -49.24
CA THR C 72 50.13 21.90 -47.99
C THR C 72 50.13 20.98 -46.78
N VAL C 73 49.82 19.70 -46.96
CA VAL C 73 50.11 18.75 -45.89
C VAL C 73 51.60 18.46 -45.85
N ARG C 74 52.23 18.33 -47.03
CA ARG C 74 53.63 17.93 -47.11
C ARG C 74 54.58 18.99 -46.56
N GLU C 75 54.07 20.20 -46.34
CA GLU C 75 54.91 21.28 -45.82
C GLU C 75 55.26 21.04 -44.36
N HIS C 76 54.28 20.74 -43.51
CA HIS C 76 54.53 20.65 -42.07
C HIS C 76 55.29 19.39 -41.67
N ILE C 77 55.36 18.40 -42.55
CA ILE C 77 56.12 17.19 -42.25
C ILE C 77 57.53 17.28 -42.83
N ALA C 78 57.68 17.80 -44.03
CA ALA C 78 59.03 17.90 -44.58
C ALA C 78 59.85 19.04 -43.97
N GLU C 79 59.21 19.94 -43.20
CA GLU C 79 59.97 20.92 -42.44
C GLU C 79 60.26 20.48 -41.02
N GLU C 80 59.67 19.37 -40.57
CA GLU C 80 59.85 18.90 -39.21
C GLU C 80 60.41 17.49 -39.13
N VAL C 81 60.62 16.84 -40.27
CA VAL C 81 61.33 15.56 -40.27
C VAL C 81 62.68 15.68 -40.95
N ALA C 82 62.77 16.46 -42.03
CA ALA C 82 64.01 16.53 -42.81
C ALA C 82 65.13 17.23 -42.04
N GLU C 83 64.81 18.12 -41.11
CA GLU C 83 65.84 18.66 -40.24
C GLU C 83 66.21 17.70 -39.13
N PHE C 84 65.26 16.92 -38.63
CA PHE C 84 65.50 15.99 -37.54
C PHE C 84 65.91 14.61 -38.02
N LEU C 85 65.81 14.35 -39.32
CA LEU C 85 66.28 13.16 -40.07
C LEU C 85 67.67 12.61 -39.72
N PRO C 86 68.74 13.42 -39.49
CA PRO C 86 70.06 12.80 -39.23
C PRO C 86 70.15 11.86 -38.05
N GLU C 87 69.52 12.15 -36.92
CA GLU C 87 69.52 11.18 -35.83
C GLU C 87 68.43 10.11 -35.98
N MET C 88 67.30 10.45 -36.61
CA MET C 88 66.14 9.56 -36.66
C MET C 88 66.40 8.30 -37.48
N VAL C 89 67.19 8.41 -38.54
CA VAL C 89 67.60 7.24 -39.33
C VAL C 89 68.83 6.55 -38.73
N ARG C 90 69.79 7.30 -38.18
CA ARG C 90 70.95 6.71 -37.50
C ARG C 90 70.59 5.95 -36.24
N SER C 91 69.50 6.30 -35.56
CA SER C 91 69.16 5.64 -34.30
C SER C 91 68.66 4.23 -34.57
N GLY C 92 67.94 4.04 -35.67
CA GLY C 92 67.50 2.71 -36.05
C GLY C 92 68.62 1.86 -36.63
N ILE C 93 69.74 2.48 -37.02
CA ILE C 93 70.88 1.71 -37.48
C ILE C 93 71.50 0.93 -36.32
N GLN C 94 71.51 1.54 -35.13
CA GLN C 94 72.07 0.90 -33.94
C GLN C 94 71.28 -0.35 -33.53
N GLN C 95 69.95 -0.28 -33.66
CA GLN C 95 69.10 -1.45 -33.44
C GLN C 95 69.43 -2.58 -34.42
N ALA C 96 69.47 -2.28 -35.71
CA ALA C 96 69.79 -3.30 -36.71
C ALA C 96 71.28 -3.54 -36.88
N ASN C 97 72.14 -2.83 -36.13
CA ASN C 97 73.49 -3.32 -35.91
C ASN C 97 73.51 -4.41 -34.86
N MET C 98 72.71 -4.25 -33.81
CA MET C 98 72.74 -5.15 -32.67
C MET C 98 71.94 -6.43 -32.89
N GLU C 99 70.77 -6.33 -33.52
CA GLU C 99 69.91 -7.51 -33.75
C GLU C 99 70.58 -8.53 -34.65
N GLN C 100 71.44 -8.06 -35.55
CA GLN C 100 72.06 -8.97 -36.51
C GLN C 100 73.39 -9.50 -36.00
N ARG C 101 74.04 -8.77 -35.10
CA ARG C 101 75.26 -9.25 -34.48
C ARG C 101 74.97 -10.37 -33.50
N ARG C 102 73.80 -10.35 -32.87
CA ARG C 102 73.45 -11.38 -31.92
C ARG C 102 72.79 -12.59 -32.57
N ASN D 2 49.20 11.66 -35.52
CA ASN D 2 49.97 12.88 -35.31
C ASN D 2 51.21 12.91 -36.21
N LEU D 3 52.27 13.55 -35.71
CA LEU D 3 53.53 13.65 -36.42
C LEU D 3 54.55 12.61 -35.98
N LYS D 4 54.63 12.31 -34.68
CA LYS D 4 55.48 11.22 -34.21
C LYS D 4 55.00 9.87 -34.67
N GLN D 5 53.70 9.73 -34.94
CA GLN D 5 53.21 8.56 -35.67
C GLN D 5 53.73 8.54 -37.10
N ILE D 6 53.79 9.68 -37.77
CA ILE D 6 54.34 9.77 -39.11
C ILE D 6 55.85 9.57 -39.10
N ALA D 7 56.56 10.30 -38.23
CA ALA D 7 58.02 10.41 -38.32
C ALA D 7 58.70 9.09 -37.98
N LYS D 8 58.08 8.30 -37.10
CA LYS D 8 58.61 6.98 -36.80
C LYS D 8 58.29 6.00 -37.91
N ASP D 9 57.19 6.22 -38.65
CA ASP D 9 56.91 5.40 -39.82
C ASP D 9 57.85 5.73 -40.96
N THR D 10 58.21 7.02 -41.12
CA THR D 10 59.17 7.41 -42.13
C THR D 10 60.58 6.92 -41.81
N ALA D 11 60.88 6.68 -40.53
CA ALA D 11 62.23 6.29 -40.13
C ALA D 11 62.58 4.89 -40.60
N LYS D 12 61.57 4.03 -40.77
CA LYS D 12 61.81 2.66 -41.21
C LYS D 12 61.69 2.49 -42.72
N THR D 13 60.89 3.34 -43.38
CA THR D 13 60.64 3.17 -44.81
C THR D 13 61.87 3.51 -45.64
N LEU D 14 62.43 4.70 -45.39
CA LEU D 14 63.59 5.14 -46.13
C LEU D 14 64.83 4.36 -45.72
N GLN D 15 64.87 3.89 -44.46
CA GLN D 15 65.91 2.96 -44.01
C GLN D 15 65.94 1.71 -44.87
N SER D 16 64.77 1.09 -45.07
CA SER D 16 64.66 -0.06 -45.96
C SER D 16 65.01 0.30 -47.40
N TYR D 17 64.80 1.56 -47.78
CA TYR D 17 65.28 2.01 -49.08
C TYR D 17 66.79 2.25 -49.07
N LEU D 18 67.34 2.72 -47.93
CA LEU D 18 68.78 2.90 -47.84
C LEU D 18 69.52 1.58 -47.73
N THR D 19 68.82 0.51 -47.29
CA THR D 19 69.43 -0.81 -47.31
C THR D 19 69.24 -1.48 -48.66
N TYR D 20 68.56 -0.82 -49.59
CA TYR D 20 68.50 -1.32 -50.95
C TYR D 20 69.69 -0.83 -51.76
N GLN D 21 70.02 0.46 -51.64
CA GLN D 21 71.23 0.99 -52.27
C GLN D 21 72.49 0.38 -51.67
N ALA D 22 72.39 -0.07 -50.41
CA ALA D 22 73.35 -1.02 -49.86
C ALA D 22 73.49 -2.24 -50.76
N LEU D 23 72.38 -2.93 -51.03
CA LEU D 23 72.42 -4.18 -51.79
C LEU D 23 72.78 -3.94 -53.25
N MET D 24 72.48 -2.75 -53.77
CA MET D 24 72.80 -2.45 -55.17
C MET D 24 74.28 -2.09 -55.33
N THR D 25 74.89 -1.54 -54.29
CA THR D 25 76.31 -1.21 -54.33
C THR D 25 77.12 -2.49 -54.28
N VAL D 26 76.61 -3.47 -53.53
CA VAL D 26 77.18 -4.80 -53.47
C VAL D 26 76.96 -5.49 -54.82
N LEU D 27 75.83 -5.19 -55.46
CA LEU D 27 75.46 -5.86 -56.71
C LEU D 27 76.40 -5.48 -57.86
N ALA D 28 76.71 -4.19 -58.01
CA ALA D 28 77.65 -3.78 -59.05
C ALA D 28 79.08 -4.12 -58.65
N GLN D 29 79.35 -4.28 -57.35
CA GLN D 29 80.69 -4.65 -56.89
C GLN D 29 81.00 -6.09 -57.27
N LEU D 30 80.03 -6.99 -57.10
CA LEU D 30 80.24 -8.40 -57.34
C LEU D 30 80.09 -8.80 -58.79
N GLY D 31 79.59 -7.90 -59.64
CA GLY D 31 79.69 -8.14 -61.08
C GLY D 31 81.07 -7.96 -61.65
N GLU D 32 82.04 -7.49 -60.84
CA GLU D 32 83.41 -7.25 -61.27
C GLU D 32 84.43 -8.13 -60.56
N THR D 33 84.16 -8.54 -59.32
CA THR D 33 85.10 -9.38 -58.56
C THR D 33 84.76 -10.86 -58.67
N ASN D 34 83.54 -11.24 -58.32
CA ASN D 34 83.12 -12.64 -58.29
C ASN D 34 81.82 -12.77 -59.08
N PRO D 35 81.91 -12.96 -60.39
CA PRO D 35 80.68 -13.09 -61.23
C PRO D 35 79.84 -14.32 -60.92
N PRO D 36 80.39 -15.45 -60.42
CA PRO D 36 79.47 -16.43 -59.80
C PRO D 36 78.70 -15.92 -58.59
N LEU D 37 79.28 -15.07 -57.76
CA LEU D 37 78.57 -14.57 -56.59
C LEU D 37 77.52 -13.52 -56.95
N ALA D 38 77.67 -12.84 -58.09
CA ALA D 38 76.66 -11.90 -58.55
C ALA D 38 75.48 -12.61 -59.20
N LEU D 39 75.75 -13.72 -59.89
CA LEU D 39 74.68 -14.47 -60.54
C LEU D 39 73.84 -15.24 -59.53
N TRP D 40 74.40 -15.50 -58.34
CA TRP D 40 73.61 -16.14 -57.30
C TRP D 40 72.93 -15.10 -56.41
N LEU D 41 73.55 -13.94 -56.24
CA LEU D 41 72.89 -12.84 -55.54
C LEU D 41 71.73 -12.29 -56.35
N HIS D 42 71.84 -12.32 -57.68
CA HIS D 42 70.71 -11.92 -58.52
C HIS D 42 69.58 -12.93 -58.47
N THR D 43 69.88 -14.21 -58.19
CA THR D 43 68.82 -15.21 -58.05
C THR D 43 67.98 -14.96 -56.81
N PHE D 44 68.62 -14.68 -55.67
CA PHE D 44 67.89 -14.38 -54.45
C PHE D 44 67.21 -13.02 -54.49
N SER D 45 67.68 -12.11 -55.35
CA SER D 45 67.17 -10.74 -55.35
C SER D 45 65.75 -10.64 -55.89
N VAL D 46 65.31 -11.63 -56.67
CA VAL D 46 64.06 -11.56 -57.44
C VAL D 46 62.89 -11.97 -56.53
N GLY D 47 63.20 -12.61 -55.40
CA GLY D 47 62.18 -13.19 -54.54
C GLY D 47 61.14 -12.30 -53.87
N LYS D 48 61.13 -11.00 -54.19
CA LYS D 48 60.07 -10.04 -53.85
C LYS D 48 59.92 -9.84 -52.35
N VAL D 49 61.03 -9.84 -51.64
CA VAL D 49 60.99 -9.77 -50.18
C VAL D 49 61.28 -8.34 -49.75
N GLN D 50 60.29 -7.72 -49.08
CA GLN D 50 60.36 -6.34 -48.61
C GLN D 50 61.11 -6.28 -47.27
N ASP D 51 61.08 -5.10 -46.63
CA ASP D 51 61.62 -4.85 -45.30
C ASP D 51 63.11 -5.18 -45.23
N GLY D 52 63.91 -4.33 -45.90
CA GLY D 52 65.36 -4.41 -45.97
C GLY D 52 66.12 -4.74 -44.69
N GLU D 53 65.66 -4.23 -43.55
CA GLU D 53 66.24 -4.64 -42.27
C GLU D 53 65.96 -6.11 -41.98
N ALA D 54 64.72 -6.55 -42.20
CA ALA D 54 64.31 -7.95 -42.00
C ALA D 54 64.57 -8.79 -43.23
N TYR D 55 65.16 -8.21 -44.27
CA TYR D 55 65.65 -8.92 -45.45
C TYR D 55 67.08 -9.39 -45.29
N VAL D 56 67.91 -8.60 -44.61
CA VAL D 56 69.30 -8.98 -44.35
C VAL D 56 69.36 -10.12 -43.35
N LYS D 57 68.35 -10.26 -42.48
CA LYS D 57 68.35 -11.34 -41.50
C LYS D 57 68.13 -12.70 -42.16
N GLU D 58 67.32 -12.73 -43.23
CA GLU D 58 67.19 -13.96 -44.00
C GLU D 58 68.46 -14.28 -44.77
N LEU D 59 69.30 -13.27 -45.05
CA LEU D 59 70.58 -13.53 -45.66
C LEU D 59 71.53 -14.24 -44.70
N PHE D 60 71.55 -13.84 -43.42
CA PHE D 60 72.35 -14.51 -42.39
C PHE D 60 71.98 -15.98 -42.20
N ARG D 61 70.75 -16.36 -42.58
CA ARG D 61 70.28 -17.73 -42.42
C ARG D 61 71.06 -18.69 -43.32
N GLU D 62 71.27 -18.30 -44.57
CA GLU D 62 71.97 -19.13 -45.54
C GLU D 62 73.39 -18.65 -45.82
N GLN D 63 73.67 -17.36 -45.64
CA GLN D 63 74.96 -16.77 -45.97
C GLN D 63 75.27 -15.69 -44.94
N PRO D 64 75.89 -16.05 -43.81
CA PRO D 64 76.13 -15.05 -42.75
C PRO D 64 77.22 -14.03 -43.03
N ASP D 65 77.82 -14.02 -44.24
CA ASP D 65 79.02 -13.23 -44.50
C ASP D 65 78.75 -12.01 -45.39
N LEU D 66 78.07 -12.19 -46.51
CA LEU D 66 77.75 -11.07 -47.40
C LEU D 66 76.73 -10.11 -46.79
N ALA D 67 75.96 -10.57 -45.80
CA ALA D 67 75.03 -9.73 -45.05
C ALA D 67 75.73 -8.76 -44.11
N LEU D 68 77.04 -8.94 -43.88
CA LEU D 68 77.84 -7.94 -43.19
C LEU D 68 78.30 -6.84 -44.13
N ARG D 69 78.60 -7.19 -45.39
CA ARG D 69 79.02 -6.18 -46.35
C ARG D 69 77.86 -5.29 -46.79
N ILE D 70 76.63 -5.83 -46.74
CA ILE D 70 75.45 -5.00 -46.92
C ILE D 70 75.27 -4.07 -45.72
N MET D 71 75.51 -4.57 -44.52
CA MET D 71 75.45 -3.78 -43.30
C MET D 71 76.56 -2.74 -43.22
N THR D 72 77.75 -3.05 -43.77
CA THR D 72 78.95 -2.23 -43.73
C THR D 72 78.74 -0.80 -44.21
N VAL D 73 77.89 -0.61 -45.21
CA VAL D 73 77.73 0.71 -45.82
C VAL D 73 76.62 1.51 -45.14
N ARG D 74 75.99 0.97 -44.10
CA ARG D 74 75.11 1.76 -43.27
C ARG D 74 75.88 2.73 -42.39
N GLU D 75 77.17 2.47 -42.19
CA GLU D 75 78.11 3.41 -41.61
C GLU D 75 78.86 4.20 -42.66
N HIS D 76 78.93 3.69 -43.89
CA HIS D 76 79.84 4.22 -44.89
C HIS D 76 79.14 4.91 -46.07
N ILE D 77 78.03 4.38 -46.56
CA ILE D 77 77.36 5.04 -47.69
C ILE D 77 76.06 5.70 -47.21
N ALA D 78 75.61 5.39 -45.99
CA ALA D 78 74.50 6.15 -45.41
C ALA D 78 74.94 7.49 -44.84
N GLU D 79 76.21 7.87 -44.98
CA GLU D 79 76.67 9.20 -44.63
C GLU D 79 76.85 10.11 -45.83
N GLU D 80 76.95 9.56 -47.05
CA GLU D 80 77.06 10.34 -48.27
C GLU D 80 75.78 10.36 -49.08
N VAL D 81 74.73 9.73 -48.58
CA VAL D 81 73.42 9.72 -49.22
C VAL D 81 72.34 10.30 -48.30
N ALA D 82 72.46 10.13 -46.99
CA ALA D 82 71.35 10.40 -46.08
C ALA D 82 71.48 11.67 -45.25
N GLU D 83 72.68 12.15 -44.98
CA GLU D 83 72.82 13.47 -44.37
C GLU D 83 72.64 14.60 -45.36
N PHE D 84 72.55 14.28 -46.65
CA PHE D 84 72.35 15.28 -47.68
C PHE D 84 70.88 15.48 -47.99
N LEU D 85 70.03 14.65 -47.39
CA LEU D 85 68.58 14.80 -47.55
C LEU D 85 67.98 16.13 -47.07
N PRO D 86 68.47 16.81 -45.99
CA PRO D 86 67.87 18.13 -45.65
C PRO D 86 67.90 19.22 -46.72
N GLU D 87 69.01 19.39 -47.43
CA GLU D 87 69.10 20.43 -48.44
C GLU D 87 68.59 19.98 -49.81
N MET D 88 68.02 18.78 -49.90
CA MET D 88 67.68 18.17 -51.17
C MET D 88 66.22 17.71 -51.20
N VAL D 89 65.50 17.84 -50.09
CA VAL D 89 64.05 17.71 -50.10
C VAL D 89 63.39 19.05 -50.38
N ARG D 90 63.69 20.05 -49.54
CA ARG D 90 62.99 21.33 -49.56
C ARG D 90 63.23 22.09 -50.85
N SER D 91 64.37 21.87 -51.51
CA SER D 91 64.62 22.47 -52.81
C SER D 91 63.68 21.91 -53.87
N GLY D 92 63.41 20.60 -53.82
CA GLY D 92 62.47 20.01 -54.76
C GLY D 92 61.02 20.39 -54.49
N ILE D 93 60.70 20.71 -53.24
CA ILE D 93 59.35 21.15 -52.90
C ILE D 93 59.08 22.54 -53.48
N GLN D 94 60.09 23.41 -53.43
CA GLN D 94 59.99 24.71 -54.10
C GLN D 94 59.87 24.56 -55.60
N GLN D 95 60.49 23.52 -56.17
CA GLN D 95 60.34 23.27 -57.60
C GLN D 95 58.93 22.81 -57.92
N ALA D 96 58.37 21.94 -57.09
CA ALA D 96 56.99 21.50 -57.26
C ALA D 96 56.00 22.61 -56.97
N ASN D 97 56.42 23.64 -56.22
CA ASN D 97 55.67 24.88 -56.11
C ASN D 97 55.79 25.75 -57.34
N MET D 98 56.72 25.43 -58.25
CA MET D 98 56.85 26.12 -59.52
C MET D 98 56.47 25.26 -60.71
N GLU D 99 56.34 23.94 -60.53
CA GLU D 99 55.98 23.08 -61.65
C GLU D 99 54.47 22.98 -61.81
N GLN D 100 53.76 22.81 -60.70
CA GLN D 100 52.32 22.58 -60.75
C GLN D 100 51.51 23.85 -60.60
N ARG D 101 52.12 24.93 -60.09
CA ARG D 101 51.45 26.22 -60.10
C ARG D 101 51.31 26.78 -61.52
N ARG D 102 52.17 26.34 -62.45
CA ARG D 102 52.08 26.77 -63.84
C ARG D 102 50.83 26.24 -64.52
N GLN D 103 50.31 25.10 -64.07
CA GLN D 103 49.17 24.52 -64.76
C GLN D 103 47.85 25.01 -64.20
N HIS D 104 47.87 25.81 -63.13
CA HIS D 104 46.71 26.65 -62.80
C HIS D 104 46.55 27.76 -63.83
N LEU D 105 47.67 28.16 -64.45
CA LEU D 105 47.66 29.19 -65.49
C LEU D 105 47.36 28.59 -66.86
N GLU D 106 47.72 27.32 -67.08
CA GLU D 106 47.43 26.66 -68.35
C GLU D 106 45.93 26.48 -68.54
N ARG D 107 45.22 26.15 -67.47
CA ARG D 107 43.77 26.09 -67.53
C ARG D 107 43.17 27.49 -67.62
N MET D 108 43.79 28.46 -66.94
CA MET D 108 43.30 29.84 -66.98
C MET D 108 43.46 30.45 -68.36
N THR D 109 44.59 30.17 -69.03
CA THR D 109 44.77 30.60 -70.41
C THR D 109 43.82 29.87 -71.35
N HIS D 110 43.53 28.60 -71.07
CA HIS D 110 42.45 27.91 -71.76
C HIS D 110 41.09 28.51 -71.41
N LEU D 111 40.92 29.06 -70.20
CA LEU D 111 39.72 29.82 -69.90
C LEU D 111 39.78 31.24 -70.44
N SER D 112 40.94 31.70 -70.89
CA SER D 112 41.08 33.03 -71.47
C SER D 112 40.72 33.01 -72.95
N LEU E 18 10.83 60.77 22.60
CA LEU E 18 9.46 60.46 22.19
C LEU E 18 9.37 60.18 20.69
N ALA E 19 9.91 59.02 20.31
CA ALA E 19 9.98 58.59 18.92
C ALA E 19 8.70 57.91 18.44
N GLN E 20 7.64 57.94 19.24
CA GLN E 20 6.36 57.37 18.84
C GLN E 20 5.60 58.24 17.87
N GLU E 21 6.00 59.50 17.69
CA GLU E 21 5.34 60.35 16.70
C GLU E 21 5.87 60.10 15.30
N LEU E 22 6.90 59.26 15.16
CA LEU E 22 7.28 58.73 13.87
C LEU E 22 6.58 57.39 13.61
N LEU E 23 5.89 56.86 14.62
CA LEU E 23 4.99 55.74 14.39
C LEU E 23 3.63 56.23 13.89
N ARG E 24 3.30 57.50 14.17
CA ARG E 24 1.97 58.01 13.87
C ARG E 24 1.89 58.53 12.45
N LYS E 25 2.98 59.10 11.93
CA LYS E 25 2.97 59.76 10.64
C LYS E 25 2.97 58.79 9.46
N LEU E 26 2.73 57.51 9.70
CA LEU E 26 2.81 56.53 8.63
C LEU E 26 1.45 55.94 8.31
N ARG E 27 0.69 55.52 9.31
CA ARG E 27 -0.65 54.98 9.11
C ARG E 27 -1.70 56.07 8.97
N GLN E 28 -1.28 57.33 8.96
CA GLN E 28 -2.12 58.47 8.66
C GLN E 28 -1.85 59.02 7.26
N LYS E 29 -0.80 58.51 6.58
CA LYS E 29 -0.32 59.01 5.30
C LYS E 29 0.04 60.49 5.38
N GLN E 30 0.97 60.83 6.27
CA GLN E 30 1.40 62.21 6.48
C GLN E 30 2.74 62.46 5.78
N GLY E 31 2.70 63.21 4.69
CA GLY E 31 3.90 63.71 4.07
C GLY E 31 3.99 63.29 2.61
N ASN E 32 5.21 63.07 2.16
CA ASN E 32 5.47 62.39 0.90
C ASN E 32 6.54 61.33 1.12
N TRP E 33 6.99 60.66 0.07
CA TRP E 33 7.69 59.40 0.22
C TRP E 33 9.13 59.56 0.70
N VAL E 34 9.75 60.72 0.49
CA VAL E 34 11.06 60.94 1.09
C VAL E 34 10.91 61.33 2.55
N GLU E 35 9.75 61.90 2.93
CA GLU E 35 9.48 62.20 4.34
C GLU E 35 9.34 60.91 5.15
N TRP E 36 8.80 59.85 4.54
CA TRP E 36 8.92 58.54 5.17
C TRP E 36 10.26 57.90 4.90
N GLY E 37 10.91 58.21 3.77
CA GLY E 37 12.21 57.67 3.49
C GLY E 37 13.32 58.13 4.43
N GLN E 38 13.07 59.18 5.19
CA GLN E 38 14.03 59.68 6.16
C GLN E 38 13.63 59.37 7.60
N ALA E 39 12.33 59.26 7.86
CA ALA E 39 11.86 58.96 9.22
C ALA E 39 12.10 57.50 9.59
N ILE E 40 12.37 56.64 8.61
CA ILE E 40 12.72 55.26 8.94
C ILE E 40 14.12 55.22 9.50
N ALA E 41 15.08 55.89 8.85
CA ALA E 41 16.48 55.84 9.25
C ALA E 41 16.73 56.54 10.58
N SER E 42 15.81 57.39 11.03
CA SER E 42 15.82 57.79 12.43
C SER E 42 15.55 56.60 13.33
N LEU E 43 14.46 55.87 13.06
CA LEU E 43 14.03 54.77 13.90
C LEU E 43 14.93 53.56 13.77
N GLN E 44 15.72 53.49 12.69
CA GLN E 44 16.72 52.45 12.52
C GLN E 44 18.05 52.81 13.17
N LYS E 45 18.06 53.79 14.06
CA LYS E 45 19.25 54.15 14.82
C LYS E 45 18.93 54.21 16.30
N SER E 46 17.78 53.68 16.70
CA SER E 46 17.35 53.63 18.08
C SER E 46 17.04 52.19 18.50
N GLY E 47 17.85 51.25 18.03
CA GLY E 47 17.80 49.88 18.50
C GLY E 47 16.67 49.05 17.96
N TYR E 48 16.06 49.45 16.85
CA TYR E 48 14.92 48.71 16.31
C TYR E 48 15.37 47.51 15.49
N ASN E 49 14.81 46.36 15.81
CA ASN E 49 14.74 45.25 14.87
C ASN E 49 13.85 45.66 13.71
N PRO E 50 14.29 45.48 12.46
CA PRO E 50 13.39 45.73 11.32
C PRO E 50 12.14 44.87 11.28
N GLN E 51 12.24 43.59 11.68
CA GLN E 51 11.10 42.64 11.63
C GLN E 51 9.88 43.14 12.40
N ASP E 52 10.11 43.77 13.56
CA ASP E 52 9.02 44.29 14.34
C ASP E 52 8.63 45.72 13.96
N ILE E 53 9.27 46.32 12.96
CA ILE E 53 8.84 47.66 12.56
C ILE E 53 7.49 47.59 11.87
N PHE E 54 7.22 46.51 11.14
CA PHE E 54 5.98 46.32 10.40
C PHE E 54 4.75 46.12 11.29
N GLU E 55 4.92 45.92 12.60
CA GLU E 55 3.79 45.60 13.46
C GLU E 55 2.91 46.83 13.70
N ALA E 56 3.51 48.00 13.82
CA ALA E 56 2.71 49.20 14.08
C ALA E 56 2.60 50.10 12.86
N THR E 57 3.55 50.01 11.93
CA THR E 57 3.55 50.78 10.69
C THR E 57 3.42 49.82 9.51
N GLY E 58 2.69 50.25 8.48
CA GLY E 58 2.28 49.35 7.41
C GLY E 58 3.36 48.92 6.42
N PHE E 59 4.62 49.25 6.69
CA PHE E 59 5.69 49.06 5.71
C PHE E 59 6.62 47.96 6.22
N GLU E 60 6.63 46.77 5.55
CA GLU E 60 7.67 45.77 5.80
C GLU E 60 9.02 46.27 5.30
N PRO E 61 10.11 45.92 6.00
CA PRO E 61 11.43 46.49 5.66
C PRO E 61 11.99 46.09 4.30
N VAL E 62 11.30 45.21 3.57
CA VAL E 62 11.53 45.10 2.14
C VAL E 62 11.01 46.34 1.43
N GLN E 63 9.83 46.82 1.82
CA GLN E 63 9.29 48.03 1.20
C GLN E 63 9.96 49.28 1.75
N GLN E 64 10.42 49.23 3.00
CA GLN E 64 11.21 50.32 3.56
C GLN E 64 12.57 50.39 2.90
N ASN E 65 13.04 49.26 2.36
CA ASN E 65 14.38 49.20 1.78
C ASN E 65 14.48 50.06 0.54
N GLN E 66 13.36 50.26 -0.14
CA GLN E 66 13.37 51.07 -1.35
C GLN E 66 13.39 52.55 -1.06
N VAL E 67 12.87 52.98 0.09
CA VAL E 67 12.83 54.40 0.41
C VAL E 67 13.96 54.85 1.36
N ILE E 68 14.61 53.92 2.06
CA ILE E 68 15.88 54.25 2.70
C ILE E 68 16.87 54.73 1.65
N VAL E 69 17.10 53.88 0.64
CA VAL E 69 18.09 54.14 -0.38
C VAL E 69 17.63 55.28 -1.29
N GLY E 70 16.32 55.46 -1.42
CA GLY E 70 15.81 56.57 -2.23
C GLY E 70 16.09 57.93 -1.59
N SER E 71 15.84 58.02 -0.28
CA SER E 71 16.17 59.24 0.44
C SER E 71 17.67 59.36 0.68
N GLN E 72 18.41 58.25 0.63
CA GLN E 72 19.86 58.29 0.50
C GLN E 72 20.32 58.73 -0.88
N VAL E 73 19.42 58.76 -1.87
CA VAL E 73 19.69 59.36 -3.16
C VAL E 73 19.16 60.77 -3.24
N TYR E 74 17.95 61.03 -2.73
CA TYR E 74 17.30 62.31 -2.96
C TYR E 74 17.97 63.44 -2.17
N ASN E 75 18.68 63.10 -1.08
CA ASN E 75 19.49 64.11 -0.40
C ASN E 75 20.75 64.43 -1.21
N SER E 76 21.12 63.54 -2.11
CA SER E 76 22.19 63.77 -3.07
C SER E 76 21.70 64.32 -4.39
N LEU E 77 20.38 64.25 -4.65
CA LEU E 77 19.85 64.77 -5.90
C LEU E 77 19.74 66.29 -5.89
N GLU E 78 19.24 66.88 -4.80
CA GLU E 78 19.19 68.33 -4.72
C GLU E 78 20.53 68.94 -4.34
N LYS E 79 21.43 68.15 -3.74
CA LYS E 79 22.79 68.58 -3.46
C LYS E 79 23.60 68.85 -4.71
N SER E 80 23.56 67.95 -5.68
CA SER E 80 24.47 67.98 -6.81
C SER E 80 23.95 68.82 -7.97
N GLY E 81 22.97 69.70 -7.72
CA GLY E 81 22.56 70.67 -8.70
C GLY E 81 21.63 70.14 -9.76
N ALA E 82 20.45 69.68 -9.36
CA ALA E 82 19.41 69.30 -10.30
C ALA E 82 18.41 70.43 -10.45
N SER E 83 17.55 70.31 -11.47
CA SER E 83 16.62 71.37 -11.79
C SER E 83 15.35 71.23 -10.97
N ALA E 84 14.43 72.20 -11.18
CA ALA E 84 13.30 72.37 -10.27
C ALA E 84 12.25 71.27 -10.43
N ALA E 85 11.88 70.97 -11.69
CA ALA E 85 10.79 70.04 -11.93
C ALA E 85 11.19 68.61 -11.57
N THR E 86 12.47 68.29 -11.72
CA THR E 86 12.99 67.01 -11.24
C THR E 86 12.88 66.92 -9.72
N LEU E 87 13.16 68.02 -9.04
CA LEU E 87 13.03 68.06 -7.60
C LEU E 87 11.61 68.36 -7.14
N ALA E 88 10.66 68.46 -8.07
CA ALA E 88 9.25 68.59 -7.71
C ALA E 88 8.52 67.26 -7.83
N HIS E 89 8.72 66.54 -8.94
CA HIS E 89 8.06 65.25 -9.12
C HIS E 89 8.77 64.13 -8.38
N TYR E 90 10.08 64.21 -8.22
CA TYR E 90 10.74 63.23 -7.36
C TYR E 90 10.66 63.61 -5.89
N ALA E 91 9.86 64.61 -5.54
CA ALA E 91 9.39 64.74 -4.17
C ALA E 91 8.13 63.92 -3.93
N THR E 92 7.32 63.70 -4.97
CA THR E 92 6.01 63.08 -4.79
C THR E 92 5.87 61.69 -5.37
N ARG E 93 6.31 61.45 -6.61
CA ARG E 93 6.16 60.15 -7.26
C ARG E 93 7.51 59.73 -7.81
N GLY E 94 7.51 58.67 -8.61
CA GLY E 94 8.75 58.14 -9.17
C GLY E 94 9.63 57.45 -8.15
N SER E 95 9.14 56.36 -7.56
CA SER E 95 9.82 55.79 -6.40
C SER E 95 10.98 54.87 -6.82
N ASP E 96 10.67 53.76 -7.49
CA ASP E 96 11.64 52.67 -7.63
C ASP E 96 12.68 52.94 -8.71
N VAL E 97 12.49 53.98 -9.53
CA VAL E 97 13.55 54.45 -10.40
C VAL E 97 14.74 54.95 -9.58
N LEU E 98 14.46 55.74 -8.54
CA LEU E 98 15.54 56.24 -7.70
C LEU E 98 16.12 55.18 -6.77
N TYR E 99 15.47 54.04 -6.61
CA TYR E 99 16.16 52.91 -6.01
C TYR E 99 17.20 52.32 -6.95
N GLU E 100 17.02 52.47 -8.25
CA GLU E 100 17.90 51.77 -9.17
C GLU E 100 19.18 52.54 -9.46
N LEU E 101 19.27 53.80 -9.04
CA LEU E 101 20.49 54.57 -9.18
C LEU E 101 21.41 54.41 -7.98
N ARG E 102 21.30 53.28 -7.27
CA ARG E 102 22.04 53.07 -6.04
C ARG E 102 23.49 52.69 -6.30
N LEU E 103 23.81 52.18 -7.48
CA LEU E 103 25.15 51.70 -7.76
C LEU E 103 26.05 52.75 -8.38
N LEU E 104 25.67 54.01 -8.28
CA LEU E 104 26.47 55.12 -8.75
C LEU E 104 27.17 55.79 -7.57
N THR E 105 27.76 56.94 -7.84
CA THR E 105 28.37 57.75 -6.79
C THR E 105 27.52 58.99 -6.56
N HIS E 106 28.04 59.88 -5.73
CA HIS E 106 27.32 61.09 -5.34
C HIS E 106 27.33 62.12 -6.45
N GLU E 107 28.23 61.98 -7.42
CA GLU E 107 28.48 63.04 -8.39
C GLU E 107 27.69 62.90 -9.68
N GLU E 108 27.24 61.70 -10.05
CA GLU E 108 26.58 61.57 -11.33
C GLU E 108 25.11 61.19 -11.23
N ARG E 109 24.56 61.06 -10.01
CA ARG E 109 23.16 60.66 -9.88
C ARG E 109 22.21 61.77 -10.29
N ALA E 110 22.51 63.01 -9.89
CA ALA E 110 21.62 64.13 -10.22
C ALA E 110 21.68 64.49 -11.69
N ALA E 111 22.75 64.11 -12.38
CA ALA E 111 22.77 64.23 -13.83
C ALA E 111 21.84 63.22 -14.48
N ALA E 112 21.64 62.07 -13.82
CA ALA E 112 20.76 61.04 -14.37
C ALA E 112 19.35 61.13 -13.83
N GLY E 113 19.14 61.82 -12.71
CA GLY E 113 17.80 62.06 -12.24
C GLY E 113 17.03 62.99 -13.14
N ASP E 114 17.74 63.94 -13.76
CA ASP E 114 17.10 64.79 -14.77
C ASP E 114 16.78 64.00 -16.03
N LEU E 115 17.69 63.12 -16.45
CA LEU E 115 17.56 62.45 -17.74
C LEU E 115 16.50 61.37 -17.70
N THR E 116 16.44 60.60 -16.62
CA THR E 116 15.40 59.59 -16.48
C THR E 116 14.07 60.16 -16.01
N PHE E 117 13.93 61.49 -15.96
CA PHE E 117 12.62 62.07 -15.74
C PHE E 117 11.96 62.44 -17.05
N THR E 118 12.74 62.92 -18.02
CA THR E 118 12.17 63.46 -19.25
C THR E 118 11.56 62.36 -20.10
N HIS E 119 12.22 61.21 -20.20
CA HIS E 119 11.71 60.10 -20.99
C HIS E 119 10.67 59.28 -20.25
N LYS E 120 10.46 59.54 -18.95
CA LYS E 120 9.47 58.88 -18.11
C LYS E 120 9.69 57.37 -18.09
N VAL E 121 10.95 56.99 -17.92
CA VAL E 121 11.33 55.59 -17.99
C VAL E 121 10.80 54.82 -16.80
N ASP E 122 10.72 53.51 -16.96
CA ASP E 122 10.17 52.65 -15.93
C ASP E 122 11.31 52.12 -15.06
N ALA E 123 10.99 51.10 -14.26
CA ALA E 123 11.97 50.52 -13.36
C ALA E 123 13.10 49.82 -14.11
N ASP E 124 12.74 48.94 -15.04
CA ASP E 124 13.74 48.11 -15.71
C ASP E 124 14.53 48.88 -16.76
N GLU E 125 13.99 49.96 -17.29
CA GLU E 125 14.76 50.74 -18.26
C GLU E 125 15.77 51.65 -17.57
N ALA E 126 15.40 52.24 -16.44
CA ALA E 126 16.35 52.99 -15.64
C ALA E 126 17.29 52.10 -14.87
N ARG E 127 16.96 50.81 -14.72
CA ARG E 127 17.93 49.83 -14.26
C ARG E 127 19.14 49.78 -15.18
N GLU E 128 18.88 49.73 -16.49
CA GLU E 128 19.97 49.49 -17.43
C GLU E 128 20.65 50.79 -17.83
N ILE E 129 19.95 51.92 -17.72
CA ILE E 129 20.58 53.22 -17.93
C ILE E 129 21.59 53.49 -16.82
N ALA E 130 21.25 53.11 -15.59
CA ALA E 130 22.21 53.19 -14.50
C ALA E 130 23.34 52.19 -14.67
N LYS E 131 23.08 51.08 -15.36
CA LYS E 131 24.16 50.17 -15.74
C LYS E 131 25.03 50.78 -16.85
N ALA E 132 24.41 51.46 -17.81
CA ALA E 132 25.16 51.98 -18.95
C ALA E 132 26.06 53.13 -18.53
N ILE E 133 25.57 53.99 -17.63
CA ILE E 133 26.41 55.06 -17.11
C ILE E 133 27.47 54.50 -16.16
N LYS E 134 27.26 53.30 -15.64
CA LYS E 134 28.26 52.69 -14.78
C LYS E 134 29.49 52.29 -15.57
N ASP E 135 29.29 51.63 -16.71
CA ASP E 135 30.44 51.18 -17.48
C ASP E 135 31.07 52.30 -18.25
N PHE E 136 30.30 53.30 -18.64
CA PHE E 136 30.85 54.47 -19.30
C PHE E 136 31.71 55.29 -18.36
N SER E 137 31.46 55.21 -17.06
CA SER E 137 32.29 55.85 -16.06
C SER E 137 33.26 54.88 -15.38
N ARG E 138 33.12 53.58 -15.63
CA ARG E 138 34.18 52.65 -15.26
C ARG E 138 35.44 52.86 -16.09
N PHE E 139 35.29 53.32 -17.33
CA PHE E 139 36.40 53.46 -18.26
C PHE E 139 37.40 54.50 -17.76
N ARG E 140 38.67 54.28 -18.05
CA ARG E 140 39.66 55.30 -17.74
C ARG E 140 39.71 56.36 -18.84
N ILE E 141 39.17 56.01 -20.00
CA ILE E 141 39.28 56.80 -21.22
C ILE E 141 37.87 57.11 -21.69
N LEU E 142 37.63 58.34 -22.12
CA LEU E 142 36.44 58.62 -22.89
C LEU E 142 36.61 58.10 -24.32
N PRO E 143 35.62 57.40 -24.86
CA PRO E 143 35.65 57.01 -26.27
C PRO E 143 35.26 58.18 -27.18
N GLU E 144 35.47 57.97 -28.48
CA GLU E 144 35.43 59.06 -29.45
C GLU E 144 34.04 59.65 -29.61
N GLY E 145 33.96 60.98 -29.50
CA GLY E 145 32.75 61.71 -29.80
C GLY E 145 31.75 61.82 -28.68
N PHE E 146 32.14 61.54 -27.43
CA PHE E 146 31.21 61.51 -26.32
C PHE E 146 31.75 62.30 -25.14
N SER E 147 30.83 62.86 -24.37
CA SER E 147 31.12 63.70 -23.23
C SER E 147 30.55 63.06 -21.96
N ASN E 148 30.57 63.84 -20.88
CA ASN E 148 30.29 63.37 -19.54
C ASN E 148 28.81 63.22 -19.24
N HIS E 149 27.94 63.62 -20.16
CA HIS E 149 26.52 63.58 -19.85
C HIS E 149 25.96 62.17 -20.01
N PRO E 150 25.02 61.74 -19.16
CA PRO E 150 24.43 60.40 -19.34
C PRO E 150 23.63 60.23 -20.61
N GLY E 151 23.20 61.30 -21.27
CA GLY E 151 22.69 61.18 -22.63
C GLY E 151 23.73 60.74 -23.62
N ASP E 152 25.01 61.00 -23.34
CA ASP E 152 26.07 60.44 -24.13
C ASP E 152 26.45 59.05 -23.68
N ALA E 153 26.19 58.71 -22.41
CA ALA E 153 26.54 57.38 -21.89
C ALA E 153 25.67 56.30 -22.53
N VAL E 154 24.37 56.50 -22.56
CA VAL E 154 23.50 55.43 -23.05
C VAL E 154 23.45 55.47 -24.57
N ALA E 155 23.86 56.58 -25.17
CA ALA E 155 24.06 56.63 -26.60
C ALA E 155 25.45 56.20 -27.02
N TYR E 156 26.35 55.91 -26.08
CA TYR E 156 27.60 55.28 -26.51
C TYR E 156 27.45 53.78 -26.59
N GLN E 157 26.83 53.17 -25.57
CA GLN E 157 26.54 51.75 -25.61
C GLN E 157 25.59 51.41 -26.76
N ALA E 158 24.59 52.25 -27.02
CA ALA E 158 23.66 51.96 -28.10
C ALA E 158 24.29 52.10 -29.48
N TRP E 159 25.47 52.69 -29.57
CA TRP E 159 26.25 52.71 -30.80
C TRP E 159 27.35 51.67 -30.79
N LYS E 160 27.96 51.40 -29.63
CA LYS E 160 29.01 50.39 -29.53
C LYS E 160 28.45 49.00 -29.77
N LEU E 161 27.19 48.77 -29.38
CA LEU E 161 26.56 47.49 -29.66
C LEU E 161 25.78 47.49 -30.95
N ALA E 162 25.88 48.56 -31.73
CA ALA E 162 25.22 48.62 -33.04
C ALA E 162 26.22 48.63 -34.18
N ARG E 163 27.51 48.64 -33.89
CA ARG E 163 28.50 48.48 -34.95
C ARG E 163 28.49 47.06 -35.48
N GLN E 164 28.14 46.09 -34.63
CA GLN E 164 28.33 44.69 -34.93
C GLN E 164 27.32 44.15 -35.93
N TYR E 165 26.18 44.81 -36.10
CA TYR E 165 25.29 44.43 -37.18
C TYR E 165 25.81 44.99 -38.50
N SER E 166 25.80 44.15 -39.52
CA SER E 166 26.09 44.56 -40.88
C SER E 166 24.84 44.63 -41.73
N ASP E 167 23.69 44.90 -41.11
CA ASP E 167 22.40 44.92 -41.77
C ASP E 167 21.67 46.20 -41.42
N LEU E 168 20.94 46.74 -42.41
CA LEU E 168 20.29 48.03 -42.24
C LEU E 168 18.98 47.94 -41.46
N GLN E 169 18.11 46.97 -41.77
CA GLN E 169 16.81 46.88 -41.10
C GLN E 169 16.87 46.13 -39.78
N GLU E 170 18.06 45.90 -39.23
CA GLU E 170 18.19 45.40 -37.86
C GLU E 170 18.75 46.45 -36.91
N ARG E 171 19.60 47.35 -37.40
CA ARG E 171 20.28 48.34 -36.57
C ARG E 171 19.39 49.51 -36.19
N SER E 172 18.32 49.76 -36.96
CA SER E 172 17.43 50.88 -36.65
C SER E 172 16.62 50.67 -35.37
N ARG E 173 16.57 49.45 -34.85
CA ARG E 173 16.09 49.23 -33.49
C ARG E 173 17.02 49.89 -32.48
N LEU E 174 18.31 49.94 -32.78
CA LEU E 174 19.30 50.60 -31.95
C LEU E 174 19.61 52.03 -32.41
N ILE E 175 18.99 52.50 -33.48
CA ILE E 175 19.21 53.85 -33.97
C ILE E 175 18.10 54.81 -33.51
N ALA E 176 16.86 54.32 -33.46
CA ALA E 176 15.78 55.12 -32.89
C ALA E 176 16.01 55.38 -31.41
N ARG E 177 16.42 54.36 -30.66
CA ARG E 177 16.89 54.59 -29.30
C ARG E 177 18.22 55.33 -29.30
N GLY E 178 19.05 55.10 -30.30
CA GLY E 178 20.28 55.86 -30.43
C GLY E 178 20.07 57.33 -30.72
N LEU E 179 18.99 57.66 -31.43
CA LEU E 179 18.61 59.06 -31.63
C LEU E 179 17.64 59.55 -30.57
N ARG E 180 17.40 58.76 -29.53
CA ARG E 180 16.52 59.17 -28.45
C ARG E 180 17.28 59.82 -27.31
N PHE E 181 18.57 59.53 -27.15
CA PHE E 181 19.32 59.98 -25.98
C PHE E 181 20.51 60.89 -26.29
N ALA E 182 21.05 60.86 -27.52
CA ALA E 182 22.38 61.39 -27.80
C ALA E 182 22.46 62.90 -27.62
N HIS E 183 23.34 63.33 -26.72
CA HIS E 183 23.26 64.66 -26.12
C HIS E 183 24.03 65.73 -26.89
N SER E 184 25.32 65.56 -27.11
CA SER E 184 26.05 66.56 -27.87
C SER E 184 25.96 66.25 -29.36
N GLU E 185 26.29 67.26 -30.17
CA GLU E 185 26.16 67.12 -31.61
C GLU E 185 27.20 66.19 -32.20
N THR E 186 28.38 66.09 -31.58
CA THR E 186 29.36 65.11 -32.02
C THR E 186 28.87 63.69 -31.75
N ALA E 187 28.18 63.49 -30.62
CA ALA E 187 27.50 62.23 -30.36
C ALA E 187 26.23 62.07 -31.18
N ARG E 188 25.83 63.08 -31.94
CA ARG E 188 24.74 62.89 -32.88
C ARG E 188 25.26 62.42 -34.23
N LYS E 189 26.48 62.83 -34.59
CA LYS E 189 27.07 62.45 -35.88
C LYS E 189 27.48 60.98 -35.89
N GLN E 190 27.94 60.46 -34.74
CA GLN E 190 28.34 59.06 -34.66
C GLN E 190 27.15 58.14 -34.85
N ILE E 191 25.97 58.59 -34.42
CA ILE E 191 24.75 57.83 -34.68
C ILE E 191 24.37 57.96 -36.15
N GLU E 192 24.72 59.10 -36.77
CA GLU E 192 24.34 59.33 -38.16
C GLU E 192 25.19 58.56 -39.15
N GLN E 193 26.36 58.05 -38.73
CA GLN E 193 27.17 57.23 -39.63
C GLN E 193 26.54 55.86 -39.83
N LEU E 194 25.71 55.43 -38.90
CA LEU E 194 25.05 54.14 -38.99
C LEU E 194 24.02 54.12 -40.11
N LEU E 195 23.41 55.26 -40.40
CA LEU E 195 22.40 55.36 -41.42
C LEU E 195 23.05 55.39 -42.81
N LEU F 18 24.54 -44.72 -41.48
CA LEU F 18 24.19 -45.19 -40.16
C LEU F 18 25.05 -44.55 -39.07
N ALA F 19 24.80 -43.25 -38.84
CA ALA F 19 25.57 -42.45 -37.90
C ALA F 19 25.06 -42.58 -36.47
N GLN F 20 24.14 -43.51 -36.22
CA GLN F 20 23.65 -43.74 -34.86
C GLN F 20 24.62 -44.51 -34.00
N GLU F 21 25.65 -45.12 -34.59
CA GLU F 21 26.66 -45.80 -33.78
C GLU F 21 27.69 -44.85 -33.22
N LEU F 22 27.63 -43.57 -33.61
CA LEU F 22 28.36 -42.53 -32.90
C LEU F 22 27.50 -41.91 -31.81
N LEU F 23 26.21 -42.27 -31.76
CA LEU F 23 25.39 -41.94 -30.60
C LEU F 23 25.59 -42.95 -29.49
N ARG F 24 26.04 -44.16 -29.84
CA ARG F 24 26.12 -45.24 -28.87
C ARG F 24 27.44 -45.20 -28.09
N LYS F 25 28.52 -44.78 -28.75
CA LYS F 25 29.85 -44.83 -28.15
C LYS F 25 30.10 -43.75 -27.12
N LEU F 26 29.06 -43.05 -26.67
CA LEU F 26 29.26 -41.95 -25.76
C LEU F 26 28.67 -42.24 -24.38
N ARG F 27 27.44 -42.74 -24.33
CA ARG F 27 26.80 -43.08 -23.07
C ARG F 27 27.21 -44.47 -22.58
N GLN F 28 28.13 -45.12 -23.28
CA GLN F 28 28.76 -46.36 -22.87
C GLN F 28 30.19 -46.12 -22.38
N LYS F 29 30.71 -44.91 -22.55
CA LYS F 29 32.10 -44.54 -22.27
C LYS F 29 33.08 -45.42 -23.05
N GLN F 30 32.95 -45.40 -24.38
CA GLN F 30 33.79 -46.19 -25.27
C GLN F 30 34.89 -45.33 -25.88
N GLY F 31 36.12 -45.54 -25.43
CA GLY F 31 37.29 -44.96 -26.07
C GLY F 31 38.09 -44.13 -25.10
N ASN F 32 38.70 -43.07 -25.63
CA ASN F 32 39.27 -42.01 -24.81
C ASN F 32 38.82 -40.67 -25.38
N TRP F 33 39.31 -39.57 -24.82
CA TRP F 33 38.68 -38.28 -25.02
C TRP F 33 38.93 -37.68 -26.41
N VAL F 34 39.99 -38.06 -27.09
CA VAL F 34 40.14 -37.62 -28.47
C VAL F 34 39.28 -38.48 -29.39
N GLU F 35 38.97 -39.72 -28.97
CA GLU F 35 38.05 -40.57 -29.74
C GLU F 35 36.63 -39.99 -29.73
N TRP F 36 36.23 -39.35 -28.62
CA TRP F 36 35.03 -38.53 -28.67
C TRP F 36 35.28 -37.16 -29.26
N GLY F 37 36.50 -36.63 -29.13
CA GLY F 37 36.81 -35.35 -29.72
C GLY F 37 36.79 -35.32 -31.23
N GLN F 38 36.81 -36.48 -31.87
CA GLN F 38 36.74 -36.58 -33.32
C GLN F 38 35.38 -37.06 -33.81
N ALA F 39 34.69 -37.87 -33.02
CA ALA F 39 33.37 -38.37 -33.40
C ALA F 39 32.30 -37.30 -33.33
N ILE F 40 32.57 -36.19 -32.65
CA ILE F 40 31.61 -35.09 -32.65
C ILE F 40 31.64 -34.39 -34.00
N ALA F 41 32.85 -34.08 -34.49
CA ALA F 41 33.01 -33.33 -35.73
C ALA F 41 32.56 -34.11 -36.95
N SER F 42 32.45 -35.44 -36.85
CA SER F 42 31.70 -36.19 -37.84
C SER F 42 30.23 -35.78 -37.81
N LEU F 43 29.62 -35.83 -36.62
CA LEU F 43 28.20 -35.57 -36.48
C LEU F 43 27.86 -34.11 -36.65
N GLN F 44 28.85 -33.22 -36.53
CA GLN F 44 28.68 -31.81 -36.81
C GLN F 44 28.87 -31.47 -38.28
N LYS F 45 28.85 -32.47 -39.15
CA LYS F 45 28.92 -32.25 -40.58
C LYS F 45 27.79 -32.97 -41.30
N SER F 46 26.78 -33.42 -40.54
CA SER F 46 25.61 -34.10 -41.07
C SER F 46 24.34 -33.39 -40.63
N GLY F 47 24.37 -32.06 -40.62
CA GLY F 47 23.19 -31.26 -40.43
C GLY F 47 22.68 -31.18 -39.01
N TYR F 48 23.52 -31.47 -38.02
CA TYR F 48 23.06 -31.45 -36.64
C TYR F 48 23.08 -30.04 -36.06
N ASN F 49 21.95 -29.65 -35.48
CA ASN F 49 21.92 -28.58 -34.49
C ASN F 49 22.72 -29.05 -33.27
N PRO F 50 23.64 -28.23 -32.76
CA PRO F 50 24.31 -28.59 -31.49
C PRO F 50 23.39 -28.72 -30.29
N GLN F 51 22.35 -27.86 -30.18
CA GLN F 51 21.43 -27.86 -29.04
C GLN F 51 20.77 -29.21 -28.80
N ASP F 52 20.40 -29.90 -29.87
CA ASP F 52 19.79 -31.21 -29.75
C ASP F 52 20.80 -32.35 -29.70
N ILE F 53 22.10 -32.06 -29.74
CA ILE F 53 23.06 -33.16 -29.62
C ILE F 53 23.06 -33.71 -28.19
N PHE F 54 22.83 -32.85 -27.21
CA PHE F 54 22.83 -33.23 -25.79
C PHE F 54 21.65 -34.12 -25.40
N GLU F 55 20.65 -34.30 -26.26
CA GLU F 55 19.46 -35.04 -25.87
C GLU F 55 19.74 -36.54 -25.79
N ALA F 56 20.57 -37.06 -26.69
CA ALA F 56 20.85 -38.49 -26.65
C ALA F 56 22.24 -38.82 -26.12
N THR F 57 23.17 -37.87 -26.19
CA THR F 57 24.52 -38.02 -25.68
C THR F 57 24.74 -37.02 -24.55
N GLY F 58 25.50 -37.43 -23.53
CA GLY F 58 25.56 -36.67 -22.29
C GLY F 58 26.38 -35.39 -22.32
N PHE F 59 26.82 -34.95 -23.50
CA PHE F 59 27.76 -33.83 -23.60
C PHE F 59 27.04 -32.63 -24.22
N GLU F 60 26.80 -31.56 -23.43
CA GLU F 60 26.36 -30.28 -24.00
C GLU F 60 27.47 -29.66 -24.82
N PRO F 61 27.13 -28.97 -25.93
CA PRO F 61 28.17 -28.48 -26.85
C PRO F 61 29.07 -27.40 -26.28
N VAL F 62 28.83 -26.95 -25.05
CA VAL F 62 29.87 -26.25 -24.29
C VAL F 62 30.97 -27.22 -23.90
N GLN F 63 30.58 -28.42 -23.44
CA GLN F 63 31.59 -29.41 -23.06
C GLN F 63 32.17 -30.10 -24.29
N GLN F 64 31.39 -30.19 -25.38
CA GLN F 64 31.93 -30.68 -26.64
C GLN F 64 32.91 -29.69 -27.23
N ASN F 65 32.77 -28.41 -26.89
CA ASN F 65 33.59 -27.35 -27.46
C ASN F 65 35.04 -27.51 -27.06
N GLN F 66 35.28 -28.11 -25.90
CA GLN F 66 36.64 -28.29 -25.41
C GLN F 66 37.35 -29.46 -26.10
N VAL F 67 36.60 -30.45 -26.58
CA VAL F 67 37.23 -31.59 -27.20
C VAL F 67 37.21 -31.55 -28.73
N ILE F 68 36.36 -30.72 -29.34
CA ILE F 68 36.53 -30.38 -30.75
C ILE F 68 37.91 -29.78 -30.97
N VAL F 69 38.18 -28.71 -30.24
CA VAL F 69 39.41 -27.96 -30.40
C VAL F 69 40.60 -28.75 -29.89
N GLY F 70 40.37 -29.66 -28.92
CA GLY F 70 41.45 -30.49 -28.42
C GLY F 70 41.92 -31.51 -29.45
N SER F 71 40.95 -32.16 -30.11
CA SER F 71 41.29 -33.07 -31.19
C SER F 71 41.70 -32.32 -32.46
N GLN F 72 41.31 -31.06 -32.60
CA GLN F 72 41.91 -30.16 -33.58
C GLN F 72 43.33 -29.74 -33.19
N VAL F 73 43.75 -29.99 -31.95
CA VAL F 73 45.13 -29.82 -31.54
C VAL F 73 45.88 -31.15 -31.57
N TYR F 74 45.25 -32.24 -31.10
CA TYR F 74 45.99 -33.49 -30.91
C TYR F 74 46.33 -34.15 -32.25
N ASN F 75 45.59 -33.83 -33.31
CA ASN F 75 45.99 -34.29 -34.64
C ASN F 75 47.19 -33.49 -35.15
N SER F 76 47.42 -32.32 -34.57
CA SER F 76 48.60 -31.53 -34.84
C SER F 76 49.71 -31.79 -33.83
N LEU F 77 49.41 -32.46 -32.72
CA LEU F 77 50.45 -32.75 -31.74
C LEU F 77 51.33 -33.91 -32.15
N GLU F 78 50.75 -34.99 -32.66
CA GLU F 78 51.56 -36.11 -33.15
C GLU F 78 52.11 -35.84 -34.54
N LYS F 79 51.49 -34.93 -35.30
CA LYS F 79 52.02 -34.51 -36.59
C LYS F 79 53.35 -33.80 -36.48
N SER F 80 53.48 -32.85 -35.57
CA SER F 80 54.62 -31.95 -35.52
C SER F 80 55.79 -32.49 -34.72
N GLY F 81 55.82 -33.80 -34.46
CA GLY F 81 56.97 -34.44 -33.87
C GLY F 81 57.10 -34.27 -32.38
N ALA F 82 56.12 -34.79 -31.63
CA ALA F 82 56.22 -34.84 -30.18
C ALA F 82 56.68 -36.22 -29.73
N SER F 83 57.05 -36.32 -28.46
CA SER F 83 57.61 -37.54 -27.93
C SER F 83 56.50 -38.49 -27.48
N ALA F 84 56.93 -39.68 -27.01
CA ALA F 84 56.01 -40.78 -26.81
C ALA F 84 55.11 -40.57 -25.60
N ALA F 85 55.70 -40.18 -24.47
CA ALA F 85 54.93 -40.07 -23.23
C ALA F 85 53.95 -38.92 -23.27
N THR F 86 54.28 -37.86 -24.00
CA THR F 86 53.34 -36.79 -24.25
C THR F 86 52.16 -37.28 -25.07
N LEU F 87 52.43 -38.13 -26.06
CA LEU F 87 51.37 -38.72 -26.86
C LEU F 87 50.75 -39.95 -26.22
N ALA F 88 51.15 -40.29 -24.99
CA ALA F 88 50.50 -41.36 -24.25
C ALA F 88 49.53 -40.80 -23.22
N HIS F 89 49.95 -39.80 -22.45
CA HIS F 89 49.07 -39.21 -21.44
C HIS F 89 48.09 -38.22 -22.04
N TYR F 90 48.47 -37.52 -23.11
CA TYR F 90 47.48 -36.70 -23.79
C TYR F 90 46.64 -37.50 -24.76
N ALA F 91 46.72 -38.83 -24.73
CA ALA F 91 45.67 -39.66 -25.27
C ALA F 91 44.57 -39.91 -24.25
N THR F 92 44.91 -39.90 -22.96
CA THR F 92 43.96 -40.32 -21.93
C THR F 92 43.47 -39.21 -21.01
N ARG F 93 44.36 -38.36 -20.50
CA ARG F 93 43.98 -37.31 -19.56
C ARG F 93 44.58 -35.99 -20.06
N GLY F 94 44.50 -34.96 -19.22
CA GLY F 94 45.00 -33.65 -19.60
C GLY F 94 44.14 -32.94 -20.62
N SER F 95 42.89 -32.64 -20.29
CA SER F 95 41.95 -32.20 -21.29
C SER F 95 42.07 -30.71 -21.57
N ASP F 96 41.77 -29.86 -20.58
CA ASP F 96 41.53 -28.44 -20.84
C ASP F 96 42.82 -27.65 -21.01
N VAL F 97 43.97 -28.25 -20.70
CA VAL F 97 45.25 -27.65 -21.08
C VAL F 97 45.36 -27.56 -22.59
N LEU F 98 45.01 -28.63 -23.30
CA LEU F 98 45.08 -28.62 -24.75
C LEU F 98 43.97 -27.80 -25.39
N TYR F 99 42.93 -27.42 -24.66
CA TYR F 99 42.04 -26.39 -25.16
C TYR F 99 42.70 -25.03 -25.13
N GLU F 100 43.67 -24.81 -24.25
CA GLU F 100 44.21 -23.47 -24.09
C GLU F 100 45.31 -23.15 -25.08
N LEU F 101 45.80 -24.15 -25.81
CA LEU F 101 46.78 -23.91 -26.85
C LEU F 101 46.14 -23.62 -28.20
N ARG F 102 44.91 -23.12 -28.19
CA ARG F 102 44.15 -22.91 -29.41
C ARG F 102 44.58 -21.67 -30.16
N LEU F 103 45.23 -20.71 -29.50
CA LEU F 103 45.59 -19.46 -30.14
C LEU F 103 46.98 -19.48 -30.74
N LEU F 104 47.56 -20.65 -30.94
CA LEU F 104 48.84 -20.80 -31.60
C LEU F 104 48.63 -21.26 -33.03
N THR F 105 49.72 -21.64 -33.67
CA THR F 105 49.68 -22.20 -35.01
C THR F 105 49.99 -23.68 -34.95
N HIS F 106 50.11 -24.29 -36.13
CA HIS F 106 50.32 -25.71 -36.25
C HIS F 106 51.75 -26.10 -35.90
N GLU F 107 52.67 -25.13 -35.91
CA GLU F 107 54.09 -25.41 -35.83
C GLU F 107 54.66 -25.38 -34.42
N GLU F 108 54.03 -24.67 -33.49
CA GLU F 108 54.65 -24.55 -32.17
C GLU F 108 53.85 -25.21 -31.06
N ARG F 109 52.72 -25.85 -31.37
CA ARG F 109 51.91 -26.45 -30.33
C ARG F 109 52.56 -27.71 -29.74
N ALA F 110 53.13 -28.55 -30.60
CA ALA F 110 53.75 -29.78 -30.13
C ALA F 110 55.04 -29.53 -29.38
N ALA F 111 55.67 -28.37 -29.61
CA ALA F 111 56.79 -27.97 -28.77
C ALA F 111 56.31 -27.60 -27.37
N ALA F 112 55.09 -27.10 -27.26
CA ALA F 112 54.55 -26.72 -25.97
C ALA F 112 53.75 -27.83 -25.31
N GLY F 113 53.30 -28.81 -26.07
CA GLY F 113 52.64 -29.95 -25.47
C GLY F 113 53.60 -30.80 -24.67
N ASP F 114 54.86 -30.85 -25.10
CA ASP F 114 55.89 -31.51 -24.30
C ASP F 114 56.19 -30.73 -23.04
N LEU F 115 56.28 -29.41 -23.16
CA LEU F 115 56.74 -28.58 -22.05
C LEU F 115 55.69 -28.45 -20.95
N THR F 116 54.44 -28.28 -21.33
CA THR F 116 53.37 -28.24 -20.35
C THR F 116 52.93 -29.60 -19.86
N PHE F 117 53.66 -30.66 -20.22
CA PHE F 117 53.42 -31.95 -19.61
C PHE F 117 54.36 -32.20 -18.45
N THR F 118 55.61 -31.76 -18.57
CA THR F 118 56.62 -32.09 -17.58
C THR F 118 56.36 -31.39 -16.25
N HIS F 119 55.95 -30.12 -16.29
CA HIS F 119 55.66 -29.37 -15.08
C HIS F 119 54.28 -29.66 -14.52
N LYS F 120 53.45 -30.40 -15.26
CA LYS F 120 52.09 -30.80 -14.85
C LYS F 120 51.24 -29.59 -14.52
N VAL F 121 51.30 -28.60 -15.41
CA VAL F 121 50.64 -27.33 -15.19
C VAL F 121 49.13 -27.49 -15.29
N ASP F 122 48.42 -26.54 -14.71
CA ASP F 122 46.98 -26.58 -14.67
C ASP F 122 46.41 -25.81 -15.84
N ALA F 123 45.11 -25.52 -15.78
CA ALA F 123 44.43 -24.81 -16.85
C ALA F 123 44.92 -23.37 -16.97
N ASP F 124 44.93 -22.63 -15.85
CA ASP F 124 45.25 -21.22 -15.88
C ASP F 124 46.73 -20.94 -16.06
N GLU F 125 47.61 -21.88 -15.70
CA GLU F 125 49.03 -21.66 -15.90
C GLU F 125 49.43 -21.92 -17.35
N ALA F 126 48.85 -22.94 -17.96
CA ALA F 126 49.06 -23.17 -19.39
C ALA F 126 48.27 -22.20 -20.25
N ARG F 127 47.27 -21.53 -19.68
CA ARG F 127 46.67 -20.38 -20.35
C ARG F 127 47.71 -19.30 -20.62
N GLU F 128 48.54 -19.00 -19.63
CA GLU F 128 49.42 -17.86 -19.75
C GLU F 128 50.73 -18.24 -20.42
N ILE F 129 51.11 -19.52 -20.34
CA ILE F 129 52.26 -20.01 -21.09
C ILE F 129 51.98 -19.95 -22.59
N ALA F 130 50.75 -20.28 -22.98
CA ALA F 130 50.34 -20.12 -24.37
C ALA F 130 50.22 -18.65 -24.74
N LYS F 131 49.96 -17.78 -23.77
CA LYS F 131 50.05 -16.35 -24.02
C LYS F 131 51.50 -15.89 -24.15
N ALA F 132 52.39 -16.45 -23.34
CA ALA F 132 53.78 -15.98 -23.35
C ALA F 132 54.50 -16.42 -24.62
N ILE F 133 54.21 -17.63 -25.10
CA ILE F 133 54.77 -18.06 -26.39
C ILE F 133 54.11 -17.32 -27.54
N LYS F 134 52.92 -16.75 -27.32
CA LYS F 134 52.27 -15.99 -28.38
C LYS F 134 53.00 -14.68 -28.64
N ASP F 135 53.35 -13.96 -27.58
CA ASP F 135 54.02 -12.67 -27.77
C ASP F 135 55.48 -12.85 -28.14
N PHE F 136 56.10 -13.91 -27.65
CA PHE F 136 57.48 -14.21 -28.02
C PHE F 136 57.60 -14.59 -29.49
N SER F 137 56.52 -15.10 -30.08
CA SER F 137 56.47 -15.39 -31.50
C SER F 137 55.73 -14.32 -32.30
N ARG F 138 55.06 -13.38 -31.63
CA ARG F 138 54.59 -12.19 -32.32
C ARG F 138 55.73 -11.30 -32.78
N PHE F 139 56.85 -11.32 -32.05
CA PHE F 139 57.98 -10.44 -32.32
C PHE F 139 58.59 -10.75 -33.68
N ARG F 140 59.10 -9.72 -34.35
CA ARG F 140 59.84 -9.96 -35.59
C ARG F 140 61.28 -10.32 -35.29
N ILE F 141 61.72 -10.02 -34.07
CA ILE F 141 63.12 -10.13 -33.66
C ILE F 141 63.16 -11.05 -32.46
N LEU F 142 64.14 -11.95 -32.42
CA LEU F 142 64.46 -12.63 -31.18
C LEU F 142 65.23 -11.67 -30.26
N PRO F 143 64.86 -11.59 -28.99
CA PRO F 143 65.65 -10.83 -28.01
C PRO F 143 66.87 -11.61 -27.55
N GLU F 144 67.75 -10.90 -26.84
CA GLU F 144 69.10 -11.39 -26.56
C GLU F 144 69.10 -12.62 -25.66
N GLY F 145 69.81 -13.66 -26.10
CA GLY F 145 70.06 -14.83 -25.30
C GLY F 145 68.98 -15.88 -25.30
N PHE F 146 68.06 -15.85 -26.26
CA PHE F 146 66.92 -16.76 -26.25
C PHE F 146 66.74 -17.39 -27.63
N SER F 147 66.22 -18.61 -27.63
CA SER F 147 66.01 -19.42 -28.81
C SER F 147 64.53 -19.71 -28.97
N ASN F 148 64.24 -20.62 -29.90
CA ASN F 148 62.89 -20.89 -30.37
C ASN F 148 62.08 -21.79 -29.44
N HIS F 149 62.70 -22.30 -28.39
CA HIS F 149 61.98 -23.24 -27.55
C HIS F 149 61.04 -22.50 -26.59
N PRO F 150 59.86 -23.05 -26.30
CA PRO F 150 58.95 -22.39 -25.32
C PRO F 150 59.50 -22.33 -23.91
N GLY F 151 60.48 -23.15 -23.55
CA GLY F 151 61.20 -22.93 -22.31
C GLY F 151 62.00 -21.65 -22.30
N ASP F 152 62.38 -21.15 -23.48
CA ASP F 152 62.97 -19.83 -23.57
C ASP F 152 61.91 -18.75 -23.67
N ALA F 153 60.72 -19.08 -24.15
CA ALA F 153 59.67 -18.09 -24.28
C ALA F 153 59.16 -17.63 -22.93
N VAL F 154 58.86 -18.55 -22.03
CA VAL F 154 58.27 -18.15 -20.76
C VAL F 154 59.37 -17.71 -19.80
N ALA F 155 60.62 -18.06 -20.09
CA ALA F 155 61.73 -17.50 -19.36
C ALA F 155 62.24 -16.20 -19.96
N TYR F 156 61.70 -15.76 -21.09
CA TYR F 156 62.04 -14.40 -21.52
C TYR F 156 61.12 -13.39 -20.88
N GLN F 157 59.82 -13.65 -20.87
CA GLN F 157 58.88 -12.79 -20.16
C GLN F 157 59.17 -12.75 -18.67
N ALA F 158 59.53 -13.87 -18.06
CA ALA F 158 59.82 -13.88 -16.63
C ALA F 158 61.11 -13.14 -16.28
N TRP F 159 61.93 -12.82 -17.27
CA TRP F 159 63.09 -11.95 -17.08
C TRP F 159 62.82 -10.53 -17.53
N LYS F 160 62.03 -10.37 -18.60
CA LYS F 160 61.69 -9.03 -19.08
C LYS F 160 60.82 -8.28 -18.08
N LEU F 161 59.98 -8.99 -17.34
CA LEU F 161 59.18 -8.37 -16.31
C LEU F 161 59.85 -8.43 -14.95
N ALA F 162 61.09 -8.88 -14.88
CA ALA F 162 61.85 -8.89 -13.64
C ALA F 162 63.01 -7.92 -13.65
N ARG F 163 63.24 -7.23 -14.76
CA ARG F 163 64.23 -6.17 -14.76
C ARG F 163 63.75 -4.97 -13.97
N GLN F 164 62.43 -4.77 -13.93
CA GLN F 164 61.84 -3.55 -13.42
C GLN F 164 61.91 -3.45 -11.90
N TYR F 165 62.03 -4.56 -11.19
CA TYR F 165 62.29 -4.47 -9.77
C TYR F 165 63.73 -4.12 -9.51
N SER F 166 63.95 -3.18 -8.60
CA SER F 166 65.29 -2.86 -8.11
C SER F 166 65.51 -3.39 -6.70
N ASP F 167 64.85 -4.49 -6.36
CA ASP F 167 64.90 -5.07 -5.02
C ASP F 167 65.18 -6.56 -5.13
N LEU F 168 65.97 -7.07 -4.18
CA LEU F 168 66.41 -8.45 -4.23
C LEU F 168 65.36 -9.44 -3.75
N GLN F 169 64.71 -9.17 -2.62
CA GLN F 169 63.73 -10.11 -2.07
C GLN F 169 62.34 -9.97 -2.68
N GLU F 170 62.21 -9.26 -3.80
CA GLU F 170 60.97 -9.27 -4.56
C GLU F 170 61.11 -9.99 -5.89
N ARG F 171 62.30 -9.97 -6.50
CA ARG F 171 62.53 -10.53 -7.82
C ARG F 171 62.68 -12.05 -7.79
N SER F 172 63.03 -12.64 -6.64
CA SER F 172 63.19 -14.10 -6.55
C SER F 172 61.87 -14.85 -6.69
N ARG F 173 60.74 -14.17 -6.58
CA ARG F 173 59.46 -14.74 -7.00
C ARG F 173 59.46 -15.00 -8.50
N LEU F 174 60.14 -14.14 -9.26
CA LEU F 174 60.28 -14.29 -10.70
C LEU F 174 61.58 -14.98 -11.09
N ILE F 175 62.43 -15.35 -10.14
CA ILE F 175 63.68 -16.03 -10.44
C ILE F 175 63.56 -17.54 -10.24
N ALA F 176 62.81 -17.97 -9.23
CA ALA F 176 62.52 -19.39 -9.06
C ALA F 176 61.70 -19.92 -10.22
N ARG F 177 60.68 -19.18 -10.65
CA ARG F 177 60.01 -19.51 -11.89
C ARG F 177 60.90 -19.24 -13.10
N GLY F 178 61.76 -18.22 -13.00
CA GLY F 178 62.72 -17.98 -14.05
C GLY F 178 63.76 -19.09 -14.19
N LEU F 179 64.12 -19.74 -13.08
CA LEU F 179 64.97 -20.91 -13.15
C LEU F 179 64.19 -22.21 -13.26
N ARG F 180 62.89 -22.13 -13.47
CA ARG F 180 62.06 -23.32 -13.64
C ARG F 180 61.90 -23.71 -15.10
N PHE F 181 62.04 -22.76 -16.03
CA PHE F 181 61.74 -23.01 -17.43
C PHE F 181 62.91 -22.84 -18.39
N ALA F 182 63.96 -22.09 -18.01
CA ALA F 182 64.94 -21.57 -18.97
C ALA F 182 65.76 -22.67 -19.63
N HIS F 183 65.67 -22.75 -20.95
CA HIS F 183 66.03 -23.94 -21.70
C HIS F 183 67.49 -24.00 -22.12
N SER F 184 67.98 -23.01 -22.86
CA SER F 184 69.38 -23.04 -23.25
C SER F 184 70.22 -22.38 -22.17
N GLU F 185 71.53 -22.64 -22.23
CA GLU F 185 72.43 -22.15 -21.20
C GLU F 185 72.64 -20.65 -21.28
N THR F 186 72.53 -20.06 -22.48
CA THR F 186 72.58 -18.61 -22.59
C THR F 186 71.35 -17.97 -21.96
N ALA F 187 70.19 -18.63 -22.08
CA ALA F 187 69.01 -18.22 -21.35
C ALA F 187 69.07 -18.60 -19.88
N ARG F 188 70.10 -19.33 -19.44
CA ARG F 188 70.28 -19.54 -18.02
C ARG F 188 71.14 -18.44 -17.42
N LYS F 189 72.06 -17.88 -18.21
CA LYS F 189 72.94 -16.82 -17.72
C LYS F 189 72.20 -15.51 -17.52
N GLN F 190 71.22 -15.23 -18.39
CA GLN F 190 70.43 -14.00 -18.28
C GLN F 190 69.61 -14.01 -17.00
N ILE F 191 69.17 -15.18 -16.57
CA ILE F 191 68.49 -15.29 -15.28
C ILE F 191 69.50 -15.14 -14.15
N GLU F 192 70.75 -15.54 -14.38
CA GLU F 192 71.77 -15.48 -13.33
C GLU F 192 72.29 -14.08 -13.08
N GLN F 193 72.07 -13.15 -14.02
CA GLN F 193 72.47 -11.77 -13.78
C GLN F 193 71.58 -11.09 -12.76
N LEU F 194 70.37 -11.59 -12.59
CA LEU F 194 69.42 -11.03 -11.64
C LEU F 194 69.87 -11.28 -10.21
N LEU F 195 70.56 -12.38 -9.97
CA LEU F 195 71.02 -12.72 -8.64
C LEU F 195 72.25 -11.90 -8.26
N LEU G 23 26.20 19.43 -49.04
CA LEU G 23 26.49 20.86 -49.10
C LEU G 23 25.17 21.63 -49.03
N THR G 24 24.09 20.90 -48.79
CA THR G 24 22.87 21.56 -48.36
C THR G 24 22.83 21.80 -46.84
N TYR G 25 23.98 21.61 -46.18
CA TYR G 25 24.16 21.93 -44.78
C TYR G 25 24.86 23.26 -44.57
N TYR G 26 24.98 24.07 -45.61
CA TYR G 26 25.58 25.41 -45.52
C TYR G 26 24.81 26.31 -46.48
N THR G 27 23.77 26.98 -45.97
CA THR G 27 22.97 27.90 -46.77
C THR G 27 23.03 29.27 -46.13
N PRO G 28 24.05 30.08 -46.46
CA PRO G 28 24.14 31.43 -45.88
C PRO G 28 23.12 32.42 -46.40
N ASP G 29 22.20 32.00 -47.27
CA ASP G 29 21.13 32.83 -47.81
C ASP G 29 19.88 32.77 -46.97
N TYR G 30 20.02 32.53 -45.68
CA TYR G 30 18.93 32.10 -44.82
C TYR G 30 18.99 32.84 -43.49
N THR G 31 17.85 33.34 -43.05
CA THR G 31 17.75 33.94 -41.73
C THR G 31 17.20 32.93 -40.74
N PRO G 32 17.88 32.69 -39.62
CA PRO G 32 17.33 31.76 -38.62
C PRO G 32 16.09 32.35 -37.97
N LYS G 33 15.07 31.49 -37.83
CA LYS G 33 13.72 31.92 -37.51
C LYS G 33 13.62 32.44 -36.08
N ASP G 34 12.40 32.84 -35.69
CA ASP G 34 12.13 33.23 -34.32
C ASP G 34 12.14 32.05 -33.36
N THR G 35 12.01 30.83 -33.86
CA THR G 35 11.77 29.68 -33.02
C THR G 35 12.88 28.64 -33.18
N ASP G 36 13.92 28.93 -33.93
CA ASP G 36 14.99 27.97 -34.14
C ASP G 36 15.88 27.87 -32.91
N ILE G 37 16.53 26.72 -32.78
CA ILE G 37 17.58 26.48 -31.79
C ILE G 37 18.88 26.75 -32.54
N LEU G 38 19.84 27.32 -31.86
CA LEU G 38 20.80 28.15 -32.54
C LEU G 38 22.12 28.12 -31.78
N ALA G 39 23.15 27.56 -32.39
CA ALA G 39 24.38 27.25 -31.68
C ALA G 39 25.55 28.00 -32.28
N ALA G 40 26.64 28.10 -31.54
CA ALA G 40 27.89 28.63 -32.04
C ALA G 40 29.01 27.63 -31.79
N PHE G 41 30.14 27.85 -32.45
CA PHE G 41 31.28 26.94 -32.36
C PHE G 41 32.54 27.70 -32.70
N ARG G 42 33.53 27.70 -31.82
CA ARG G 42 34.82 28.34 -32.11
C ARG G 42 35.76 27.27 -32.65
N VAL G 43 35.79 27.15 -34.00
CA VAL G 43 36.34 26.00 -34.73
C VAL G 43 37.79 26.27 -35.09
N THR G 44 38.62 25.22 -35.14
CA THR G 44 39.99 25.35 -35.62
C THR G 44 40.39 24.14 -36.45
N PRO G 45 40.53 24.28 -37.76
CA PRO G 45 40.75 23.11 -38.62
C PRO G 45 42.22 22.77 -38.85
N GLN G 46 42.42 21.60 -39.44
CA GLN G 46 43.75 21.14 -39.87
C GLN G 46 44.27 21.99 -41.02
N PRO G 47 45.58 21.95 -41.31
CA PRO G 47 46.14 22.67 -42.46
C PRO G 47 45.49 22.32 -43.79
N GLY G 48 45.15 23.36 -44.54
CA GLY G 48 44.53 23.22 -45.83
C GLY G 48 43.04 22.98 -45.80
N VAL G 49 42.48 22.63 -44.66
CA VAL G 49 41.04 22.39 -44.56
C VAL G 49 40.32 23.73 -44.66
N PRO G 50 39.38 23.89 -45.58
CA PRO G 50 38.72 25.17 -45.75
C PRO G 50 37.80 25.49 -44.58
N PHE G 51 37.45 26.77 -44.47
CA PHE G 51 36.54 27.18 -43.40
C PHE G 51 35.10 26.84 -43.72
N GLU G 52 34.78 26.50 -44.96
CA GLU G 52 33.39 26.27 -45.35
C GLU G 52 33.00 24.81 -45.36
N GLU G 53 33.96 23.90 -45.26
CA GLU G 53 33.63 22.49 -45.22
C GLU G 53 33.80 21.90 -43.84
N ALA G 54 34.57 22.55 -42.97
CA ALA G 54 34.60 22.15 -41.57
C ALA G 54 33.30 22.52 -40.87
N ALA G 55 32.65 23.59 -41.30
CA ALA G 55 31.38 23.97 -40.71
C ALA G 55 30.23 23.11 -41.23
N ALA G 56 30.35 22.58 -42.43
CA ALA G 56 29.41 21.56 -42.85
C ALA G 56 29.76 20.19 -42.31
N ALA G 57 30.97 20.03 -41.79
CA ALA G 57 31.36 18.86 -41.02
C ALA G 57 30.86 18.92 -39.58
N VAL G 58 30.24 20.01 -39.17
CA VAL G 58 29.69 20.11 -37.83
C VAL G 58 28.18 20.03 -37.86
N ALA G 59 27.51 20.83 -38.69
CA ALA G 59 26.06 20.90 -38.66
C ALA G 59 25.38 19.66 -39.20
N ALA G 60 26.12 18.83 -39.93
CA ALA G 60 25.54 17.64 -40.52
C ALA G 60 25.75 16.43 -39.64
N GLU G 61 26.95 16.29 -39.07
CA GLU G 61 27.22 15.14 -38.23
C GLU G 61 26.68 15.31 -36.82
N SER G 62 26.12 16.47 -36.48
CA SER G 62 25.35 16.55 -35.24
C SER G 62 24.04 15.79 -35.37
N SER G 63 23.18 16.26 -36.26
CA SER G 63 21.81 15.74 -36.32
C SER G 63 21.77 14.37 -36.96
N THR G 64 22.17 14.28 -38.23
CA THR G 64 22.18 13.02 -38.97
C THR G 64 23.15 13.06 -40.13
N ARG G 80 13.88 18.93 -44.30
CA ARG G 80 13.64 20.05 -43.39
C ARG G 80 14.16 19.76 -41.99
N TYR G 81 14.77 18.59 -41.80
CA TYR G 81 15.17 18.13 -40.49
C TYR G 81 16.65 18.21 -40.25
N LYS G 82 17.31 19.23 -40.73
CA LYS G 82 18.75 19.30 -40.69
C LYS G 82 19.20 20.70 -40.27
N GLY G 83 20.25 20.74 -39.48
CA GLY G 83 20.83 22.02 -39.14
C GLY G 83 21.57 22.60 -40.32
N ARG G 84 21.70 23.92 -40.34
CA ARG G 84 22.37 24.58 -41.44
C ARG G 84 23.23 25.71 -40.92
N CYS G 85 24.54 25.59 -41.14
CA CYS G 85 25.47 26.67 -40.81
C CYS G 85 25.20 27.88 -41.67
N TYR G 86 24.61 28.93 -41.10
CA TYR G 86 24.20 30.09 -41.87
C TYR G 86 25.21 31.23 -41.89
N ASP G 87 26.29 31.17 -41.10
CA ASP G 87 27.20 32.29 -41.06
C ASP G 87 28.59 31.75 -40.75
N ILE G 88 29.63 32.49 -41.13
CA ILE G 88 30.96 31.90 -41.12
C ILE G 88 32.04 32.83 -40.56
N GLU G 89 31.62 33.78 -39.69
CA GLU G 89 32.42 34.94 -39.27
C GLU G 89 33.78 34.55 -38.71
N PRO G 90 34.84 35.30 -39.02
CA PRO G 90 36.17 34.98 -38.50
C PRO G 90 36.47 35.67 -37.17
N VAL G 91 37.62 35.33 -36.61
CA VAL G 91 38.08 35.83 -35.33
C VAL G 91 39.37 36.62 -35.57
N PRO G 92 39.45 37.87 -35.13
CA PRO G 92 40.64 38.68 -35.45
C PRO G 92 41.76 38.48 -34.45
N GLY G 93 42.98 38.32 -34.98
CA GLY G 93 44.18 38.22 -34.16
C GLY G 93 44.29 37.02 -33.25
N GLU G 94 43.89 35.85 -33.74
CA GLU G 94 43.93 34.62 -32.96
C GLU G 94 44.10 33.48 -33.95
N ASP G 95 44.41 32.28 -33.43
CA ASP G 95 44.92 31.17 -34.24
C ASP G 95 43.80 30.56 -35.10
N ASN G 96 43.45 31.30 -36.15
CA ASN G 96 42.80 30.77 -37.36
C ASN G 96 41.38 30.27 -37.09
N GLN G 97 40.78 30.78 -36.02
CA GLN G 97 39.43 30.39 -35.66
C GLN G 97 38.43 31.06 -36.57
N PHE G 98 37.22 30.51 -36.57
CA PHE G 98 36.08 31.14 -37.21
C PHE G 98 34.84 30.71 -36.44
N ILE G 99 33.84 31.57 -36.43
CA ILE G 99 32.64 31.37 -35.63
C ILE G 99 31.57 30.80 -36.55
N ALA G 100 31.12 29.59 -36.25
CA ALA G 100 30.15 28.89 -37.07
C ALA G 100 28.79 28.97 -36.39
N TYR G 101 27.80 29.49 -37.10
CA TYR G 101 26.46 29.70 -36.56
C TYR G 101 25.53 28.64 -37.14
N ILE G 102 25.16 27.66 -36.34
CA ILE G 102 24.40 26.51 -36.80
C ILE G 102 22.99 26.62 -36.27
N ALA G 103 22.00 26.36 -37.11
CA ALA G 103 20.59 26.56 -36.75
C ALA G 103 19.78 25.28 -36.96
N TYR G 104 19.52 24.57 -35.88
CA TYR G 104 18.69 23.39 -35.77
C TYR G 104 17.23 23.83 -35.68
N PRO G 105 16.29 23.04 -36.16
CA PRO G 105 14.89 23.43 -36.03
C PRO G 105 14.34 23.31 -34.61
N LEU G 106 13.05 23.63 -34.44
CA LEU G 106 12.46 23.52 -33.12
C LEU G 106 12.09 22.08 -32.78
N ASP G 107 11.46 21.39 -33.72
CA ASP G 107 10.86 20.08 -33.46
C ASP G 107 11.87 18.97 -33.29
N LEU G 108 13.15 19.23 -33.54
CA LEU G 108 14.17 18.20 -33.55
C LEU G 108 14.38 17.56 -32.18
N PHE G 109 13.94 18.21 -31.10
CA PHE G 109 14.32 17.90 -29.73
C PHE G 109 13.10 17.61 -28.87
N GLU G 110 13.36 17.09 -27.68
CA GLU G 110 12.34 16.74 -26.72
C GLU G 110 12.11 17.91 -25.77
N GLU G 111 10.83 18.19 -25.50
CA GLU G 111 10.46 19.26 -24.59
C GLU G 111 10.94 18.96 -23.18
N GLY G 112 11.64 19.92 -22.59
CA GLY G 112 12.15 19.78 -21.25
C GLY G 112 13.19 18.70 -21.10
N SER G 113 14.35 18.85 -21.72
CA SER G 113 15.47 17.93 -21.49
C SER G 113 16.76 18.62 -21.85
N ILE G 114 17.75 18.49 -20.98
CA ILE G 114 19.04 19.12 -21.14
C ILE G 114 20.03 18.06 -21.57
N THR G 115 19.74 16.82 -21.18
CA THR G 115 20.57 15.70 -21.64
C THR G 115 20.45 15.52 -23.14
N ASN G 116 19.24 15.61 -23.68
CA ASN G 116 19.02 15.47 -25.12
C ASN G 116 19.70 16.60 -25.89
N VAL G 117 19.53 17.84 -25.42
CA VAL G 117 20.10 18.99 -26.11
C VAL G 117 21.62 18.94 -26.08
N LEU G 118 22.20 18.53 -24.96
CA LEU G 118 23.65 18.42 -24.89
C LEU G 118 24.16 17.14 -25.53
N THR G 119 23.29 16.26 -26.01
CA THR G 119 23.86 15.05 -26.60
C THR G 119 23.60 14.93 -28.08
N SER G 120 22.42 15.34 -28.56
CA SER G 120 22.15 15.33 -30.00
C SER G 120 22.87 16.43 -30.75
N ILE G 121 23.50 17.35 -30.03
CA ILE G 121 24.22 18.44 -30.66
C ILE G 121 25.70 18.10 -30.75
N VAL G 122 26.29 17.69 -29.63
CA VAL G 122 27.72 17.39 -29.59
C VAL G 122 27.98 15.93 -29.25
N GLY G 123 27.21 15.02 -29.84
CA GLY G 123 27.53 13.61 -29.72
C GLY G 123 28.86 13.18 -30.29
N ASN G 124 28.98 13.06 -31.61
CA ASN G 124 30.22 12.63 -32.24
C ASN G 124 30.78 13.71 -33.14
N VAL G 125 30.86 14.93 -32.63
CA VAL G 125 31.34 16.07 -33.39
C VAL G 125 32.69 16.49 -32.80
N PHE G 126 32.90 16.17 -31.53
CA PHE G 126 34.23 16.33 -30.96
C PHE G 126 35.21 15.26 -31.44
N GLY G 127 34.75 14.22 -32.14
CA GLY G 127 35.60 13.12 -32.50
C GLY G 127 36.11 13.13 -33.93
N PHE G 128 36.40 14.30 -34.51
CA PHE G 128 36.99 14.33 -35.84
C PHE G 128 38.48 14.59 -35.75
N LYS G 129 39.21 14.10 -36.75
CA LYS G 129 40.61 14.46 -36.91
C LYS G 129 40.84 15.59 -37.89
N ALA G 130 39.78 16.08 -38.55
CA ALA G 130 39.96 17.19 -39.48
C ALA G 130 39.98 18.54 -38.77
N LEU G 131 39.85 18.55 -37.45
CA LEU G 131 39.88 19.79 -36.69
C LEU G 131 40.98 19.70 -35.66
N ARG G 132 41.67 20.81 -35.43
CA ARG G 132 42.63 20.83 -34.34
C ARG G 132 41.94 21.03 -32.99
N ALA G 133 40.88 21.84 -32.95
CA ALA G 133 40.12 22.04 -31.73
C ALA G 133 38.69 22.39 -32.09
N LEU G 134 37.83 22.39 -31.08
CA LEU G 134 36.41 22.71 -31.23
C LEU G 134 35.82 23.02 -29.87
N ARG G 135 35.22 24.18 -29.72
CA ARG G 135 34.53 24.57 -28.50
C ARG G 135 33.12 24.99 -28.83
N LEU G 136 32.24 24.92 -27.83
CA LEU G 136 30.83 25.23 -27.99
C LEU G 136 30.59 26.45 -27.11
N GLU G 137 30.52 27.62 -27.72
CA GLU G 137 30.58 28.85 -26.95
C GLU G 137 29.21 29.29 -26.46
N ASP G 138 28.14 28.96 -27.16
CA ASP G 138 26.85 29.54 -26.86
C ASP G 138 25.74 28.65 -27.38
N ILE G 139 24.54 28.82 -26.84
CA ILE G 139 23.29 28.26 -27.36
C ILE G 139 22.19 29.29 -27.14
N ARG G 140 21.39 29.56 -28.17
CA ARG G 140 20.16 30.31 -27.98
C ARG G 140 19.00 29.33 -27.84
N PHE G 141 18.40 29.32 -26.75
CA PHE G 141 17.10 28.67 -26.69
C PHE G 141 16.04 29.68 -27.12
N PRO G 142 14.97 29.25 -27.78
CA PRO G 142 13.89 30.18 -28.12
C PRO G 142 13.09 30.58 -26.89
N VAL G 143 12.10 31.43 -27.12
CA VAL G 143 11.17 31.74 -26.04
C VAL G 143 10.23 30.56 -25.92
N ALA G 144 9.95 29.92 -27.06
CA ALA G 144 9.00 28.82 -27.10
C ALA G 144 9.53 27.58 -26.39
N TYR G 145 10.85 27.44 -26.30
CA TYR G 145 11.39 26.22 -25.70
C TYR G 145 11.86 26.43 -24.28
N ILE G 146 12.14 27.67 -23.89
CA ILE G 146 12.53 27.95 -22.50
C ILE G 146 11.37 27.65 -21.56
N LYS G 147 10.17 28.06 -21.93
CA LYS G 147 9.03 27.91 -21.03
C LYS G 147 8.34 26.55 -21.15
N THR G 148 8.97 25.58 -21.80
CA THR G 148 8.64 24.19 -21.54
C THR G 148 9.23 23.74 -20.21
N PHE G 149 10.43 24.20 -19.91
CA PHE G 149 11.15 23.89 -18.69
C PHE G 149 10.52 24.57 -17.49
N GLN G 150 10.76 23.99 -16.30
CA GLN G 150 10.26 24.57 -15.06
C GLN G 150 11.32 25.42 -14.37
N GLY G 151 12.59 25.02 -14.48
CA GLY G 151 13.67 25.89 -14.08
C GLY G 151 14.13 25.67 -12.65
N PRO G 152 14.79 26.67 -12.09
CA PRO G 152 15.18 26.59 -10.70
C PRO G 152 13.94 26.69 -9.82
N PRO G 153 13.88 25.94 -8.74
CA PRO G 153 12.65 25.94 -7.93
C PRO G 153 12.45 27.24 -7.18
N HIS G 154 13.57 27.89 -6.88
CA HIS G 154 13.62 29.06 -6.03
C HIS G 154 14.56 30.05 -6.68
N GLY G 155 14.26 31.35 -6.57
CA GLY G 155 14.99 32.37 -7.32
C GLY G 155 15.65 33.46 -6.49
N ILE G 156 15.79 34.64 -7.11
CA ILE G 156 16.19 35.86 -6.41
C ILE G 156 15.06 36.36 -5.50
N GLN G 157 13.82 36.00 -5.79
CA GLN G 157 12.74 36.31 -4.87
C GLN G 157 12.53 35.21 -3.84
N VAL G 158 12.55 33.95 -4.28
CA VAL G 158 11.97 32.87 -3.50
C VAL G 158 12.97 32.43 -2.43
N GLU G 159 14.23 32.86 -2.58
CA GLU G 159 15.24 32.40 -1.64
C GLU G 159 15.11 33.07 -0.29
N ARG G 160 14.49 34.24 -0.25
CA ARG G 160 14.46 35.03 0.96
C ARG G 160 13.35 34.61 1.91
N ASP G 161 12.62 33.54 1.59
CA ASP G 161 11.51 33.15 2.45
C ASP G 161 12.03 32.53 3.74
N LYS G 162 12.66 31.35 3.64
CA LYS G 162 13.25 30.69 4.80
C LYS G 162 14.63 31.24 5.10
N LEU G 163 15.36 31.70 4.11
CA LEU G 163 16.61 32.36 4.37
C LEU G 163 16.28 33.78 4.81
N ASN G 164 16.73 34.11 6.01
CA ASN G 164 16.42 35.36 6.69
C ASN G 164 17.40 36.48 6.34
N LYS G 165 17.98 36.47 5.15
CA LYS G 165 18.92 37.49 4.74
C LYS G 165 18.39 38.19 3.50
N TYR G 166 18.30 39.52 3.58
CA TYR G 166 17.69 40.32 2.52
C TYR G 166 18.67 41.41 2.13
N GLY G 167 18.83 41.65 0.83
CA GLY G 167 19.56 42.79 0.32
C GLY G 167 21.06 42.89 0.58
N ARG G 168 21.66 41.81 1.07
CA ARG G 168 23.08 41.73 1.37
C ARG G 168 23.51 40.29 1.11
N PRO G 169 24.68 40.08 0.47
CA PRO G 169 25.10 38.71 0.13
C PRO G 169 25.40 37.78 1.30
N LEU G 170 25.78 36.53 1.03
CA LEU G 170 25.86 35.60 2.13
C LEU G 170 27.30 35.19 2.42
N LEU G 171 27.46 34.37 3.47
CA LEU G 171 28.76 33.93 3.96
C LEU G 171 28.72 32.48 4.38
N GLY G 172 29.75 31.70 4.03
CA GLY G 172 29.82 30.33 4.51
C GLY G 172 31.11 29.58 4.30
N CYS G 173 31.66 28.98 5.36
CA CYS G 173 33.01 28.42 5.32
C CYS G 173 33.01 26.90 5.47
N THR G 174 33.96 26.27 4.79
CA THR G 174 34.09 24.83 4.72
C THR G 174 34.77 24.28 5.98
N ILE G 175 34.38 23.07 6.34
CA ILE G 175 34.83 22.46 7.59
C ILE G 175 35.68 21.25 7.29
N SER G 182 37.24 13.06 14.10
CA SER G 182 36.29 12.04 14.51
C SER G 182 34.89 12.41 14.07
N ALA G 183 33.90 12.27 14.96
CA ALA G 183 32.52 12.60 14.66
C ALA G 183 31.92 13.63 15.62
N LYS G 184 32.16 13.49 16.90
CA LYS G 184 31.82 14.52 17.86
C LYS G 184 32.71 15.74 17.69
N ASN G 185 34.02 15.54 17.52
CA ASN G 185 34.94 16.66 17.35
C ASN G 185 34.72 17.37 16.04
N TYR G 186 34.16 16.67 15.05
CA TYR G 186 33.77 17.33 13.82
C TYR G 186 32.52 18.16 14.04
N GLY G 187 31.64 17.69 14.92
CA GLY G 187 30.43 18.44 15.21
C GLY G 187 30.70 19.64 16.09
N ARG G 188 31.77 19.57 16.90
CA ARG G 188 32.11 20.68 17.77
C ARG G 188 32.77 21.84 17.02
N ALA G 189 33.20 21.62 15.78
CA ALA G 189 33.94 22.66 15.06
C ALA G 189 33.00 23.56 14.26
N VAL G 190 31.94 22.99 13.68
CA VAL G 190 30.86 23.77 13.09
C VAL G 190 29.99 24.40 14.15
N TYR G 191 30.04 23.85 15.37
CA TYR G 191 29.45 24.44 16.54
C TYR G 191 30.01 25.83 16.84
N GLU G 192 31.22 26.14 16.34
CA GLU G 192 31.87 27.42 16.57
C GLU G 192 32.39 28.09 15.31
N CYS G 193 31.83 27.78 14.14
CA CYS G 193 32.12 28.62 12.97
C CYS G 193 30.96 29.53 12.66
N LEU G 194 29.75 29.03 12.80
CA LEU G 194 28.51 29.75 12.61
C LEU G 194 28.30 30.82 13.66
N ARG G 195 29.03 30.74 14.77
CA ARG G 195 28.93 31.72 15.84
C ARG G 195 29.83 32.93 15.63
N GLY G 196 30.09 33.31 14.38
CA GLY G 196 30.88 34.48 14.09
C GLY G 196 30.24 35.31 12.99
N GLY G 197 29.23 34.75 12.34
CA GLY G 197 28.52 35.42 11.28
C GLY G 197 28.30 34.61 10.03
N LEU G 198 28.76 33.37 9.99
CA LEU G 198 28.64 32.58 8.78
C LEU G 198 27.20 32.14 8.59
N ASP G 199 26.65 32.47 7.42
CA ASP G 199 25.24 32.23 7.15
C ASP G 199 24.97 30.74 6.96
N PHE G 200 25.97 30.02 6.49
CA PHE G 200 25.98 28.57 6.56
C PHE G 200 27.42 28.10 6.67
N THR G 201 27.61 26.79 6.53
CA THR G 201 28.93 26.15 6.45
C THR G 201 28.84 25.03 5.43
N LYS G 202 29.97 24.40 5.14
CA LYS G 202 30.08 23.50 4.00
C LYS G 202 30.71 22.18 4.46
N ASP G 203 30.01 21.08 4.29
CA ASP G 203 30.60 19.76 4.52
C ASP G 203 31.21 19.32 3.20
N ASP G 204 32.15 20.12 2.69
CA ASP G 204 32.77 19.84 1.41
C ASP G 204 34.02 19.02 1.67
N GLU G 205 34.80 18.84 0.60
CA GLU G 205 35.92 17.93 0.51
C GLU G 205 35.52 16.51 0.90
N ASN G 206 34.33 16.10 0.46
CA ASN G 206 33.97 14.70 0.20
C ASN G 206 33.97 13.85 1.46
N ILE G 207 33.22 14.30 2.45
CA ILE G 207 33.15 13.52 3.67
C ILE G 207 31.91 12.64 3.59
N ASN G 208 32.10 11.37 3.27
CA ASN G 208 31.06 10.36 3.32
C ASN G 208 31.25 9.49 4.56
N SER G 209 30.50 8.40 4.66
CA SER G 209 30.64 7.52 5.82
C SER G 209 31.88 6.66 5.69
N ALA G 210 32.90 6.98 6.44
CA ALA G 210 34.11 6.16 6.49
C ALA G 210 34.01 5.29 7.73
N PRO G 211 34.87 4.28 7.91
CA PRO G 211 34.83 3.51 9.18
C PRO G 211 35.21 4.29 10.43
N PHE G 212 35.74 5.50 10.34
CA PHE G 212 35.98 6.30 11.54
C PHE G 212 34.87 7.33 11.79
N GLN G 213 34.04 7.62 10.80
CA GLN G 213 33.05 8.69 10.91
C GLN G 213 31.87 8.36 10.02
N ARG G 214 30.84 7.75 10.60
CA ARG G 214 29.72 7.27 9.81
C ARG G 214 28.79 8.41 9.42
N TRP G 215 27.84 8.07 8.54
CA TRP G 215 26.98 9.07 7.94
C TRP G 215 25.91 9.53 8.91
N ARG G 216 25.41 8.63 9.76
CA ARG G 216 24.34 9.00 10.66
C ARG G 216 24.85 9.84 11.81
N ASP G 217 25.99 9.45 12.39
CA ASP G 217 26.63 10.16 13.49
C ASP G 217 27.35 11.42 13.06
N ARG G 218 27.20 11.86 11.82
CA ARG G 218 27.60 13.20 11.46
C ARG G 218 26.42 14.14 11.31
N PHE G 219 25.23 13.61 11.02
CA PHE G 219 24.05 14.44 10.85
C PHE G 219 23.54 15.02 12.16
N LEU G 220 23.49 14.20 13.22
CA LEU G 220 23.02 14.66 14.52
C LEU G 220 23.90 15.76 15.08
N PHE G 221 25.20 15.53 15.09
CA PHE G 221 26.17 16.43 15.71
C PHE G 221 26.39 17.71 14.91
N VAL G 222 25.79 17.86 13.74
CA VAL G 222 25.71 19.15 13.08
C VAL G 222 24.25 19.53 12.82
N ALA G 223 23.32 18.79 13.43
CA ALA G 223 21.98 19.27 13.78
C ALA G 223 21.89 19.72 15.21
N ASP G 224 22.48 18.98 16.15
CA ASP G 224 22.65 19.45 17.53
C ASP G 224 23.53 20.68 17.64
N ALA G 225 24.32 21.00 16.62
CA ALA G 225 25.14 22.19 16.62
C ALA G 225 24.46 23.39 15.95
N ILE G 226 23.29 23.19 15.35
CA ILE G 226 22.48 24.31 14.84
C ILE G 226 21.50 24.79 15.90
N THR G 227 20.92 23.88 16.66
CA THR G 227 20.01 24.20 17.75
C THR G 227 20.71 24.96 18.88
N LYS G 228 22.05 24.87 18.97
CA LYS G 228 22.82 25.66 19.91
C LYS G 228 23.55 26.85 19.29
N ALA G 229 23.11 27.33 18.12
CA ALA G 229 23.58 28.60 17.61
C ALA G 229 22.51 29.41 16.90
N GLN G 230 21.30 28.89 16.79
CA GLN G 230 20.20 29.65 16.22
C GLN G 230 19.72 30.74 17.16
N ALA G 231 19.51 30.38 18.42
CA ALA G 231 18.99 31.29 19.42
C ALA G 231 20.07 32.15 20.06
N GLU G 232 21.31 31.67 20.08
CA GLU G 232 22.39 32.34 20.79
C GLU G 232 23.07 33.37 19.91
N THR G 233 22.62 33.54 18.66
CA THR G 233 23.16 34.53 17.74
C THR G 233 22.08 35.34 17.02
N GLY G 234 20.81 34.98 17.20
CA GLY G 234 19.72 35.78 16.68
C GLY G 234 19.39 35.60 15.22
N GLU G 235 19.93 34.55 14.57
CA GLU G 235 19.67 34.28 13.15
C GLU G 235 19.59 32.77 12.93
N ILE G 236 19.13 32.40 11.73
CA ILE G 236 18.96 31.00 11.35
C ILE G 236 19.99 30.65 10.29
N LYS G 237 20.73 29.57 10.56
CA LYS G 237 21.91 29.14 9.82
C LYS G 237 21.76 27.67 9.45
N GLY G 238 22.34 27.27 8.32
CA GLY G 238 22.35 25.88 7.93
C GLY G 238 23.76 25.32 7.99
N HIS G 239 23.87 24.01 7.86
CA HIS G 239 25.16 23.40 7.54
C HIS G 239 24.99 22.47 6.37
N TYR G 240 25.48 22.89 5.22
CA TYR G 240 25.37 22.19 3.96
C TYR G 240 26.11 20.86 3.99
N LEU G 241 25.37 19.78 3.73
CA LEU G 241 25.81 18.40 3.97
C LEU G 241 25.70 17.58 2.68
N ASN G 242 26.67 16.71 2.46
CA ASN G 242 26.68 15.82 1.30
C ASN G 242 25.63 14.72 1.42
N VAL G 243 25.00 14.41 0.29
CA VAL G 243 24.02 13.33 0.19
C VAL G 243 24.54 12.17 -0.66
N THR G 244 25.81 12.19 -1.03
CA THR G 244 26.34 11.26 -2.02
C THR G 244 26.46 9.85 -1.47
N ALA G 245 25.87 8.89 -2.18
CA ALA G 245 25.80 7.49 -1.80
C ALA G 245 26.22 6.65 -3.00
N PRO G 246 26.55 5.36 -2.80
CA PRO G 246 26.67 4.46 -3.95
C PRO G 246 25.42 4.35 -4.80
N THR G 247 24.30 3.85 -4.25
CA THR G 247 23.06 3.74 -4.99
C THR G 247 22.35 5.09 -5.02
N CYS G 248 21.10 5.09 -5.45
CA CYS G 248 20.26 6.22 -5.10
C CYS G 248 19.27 5.86 -4.02
N GLU G 249 18.94 4.57 -3.87
CA GLU G 249 18.16 4.14 -2.72
C GLU G 249 18.85 4.41 -1.40
N GLU G 250 20.18 4.37 -1.37
CA GLU G 250 20.85 4.87 -0.19
C GLU G 250 20.88 6.39 -0.18
N MET G 251 20.94 7.03 -1.34
CA MET G 251 20.88 8.49 -1.41
C MET G 251 19.48 9.01 -1.07
N LEU G 252 18.45 8.19 -1.26
CA LEU G 252 17.14 8.58 -0.77
C LEU G 252 17.03 8.48 0.74
N LYS G 253 17.94 7.76 1.39
CA LYS G 253 17.99 7.74 2.83
C LYS G 253 18.95 8.76 3.41
N ARG G 254 19.79 9.38 2.58
CA ARG G 254 20.68 10.43 3.09
C ARG G 254 20.05 11.81 2.87
N ALA G 255 18.79 11.85 2.49
CA ALA G 255 18.12 13.10 2.23
C ALA G 255 16.73 13.13 2.82
N GLU G 256 16.20 11.98 3.17
CA GLU G 256 15.00 11.86 3.96
C GLU G 256 15.29 11.89 5.46
N TYR G 257 16.44 11.38 5.87
CA TYR G 257 16.92 11.56 7.24
C TYR G 257 17.36 12.97 7.56
N ALA G 258 17.98 13.67 6.62
CA ALA G 258 18.49 15.03 6.83
C ALA G 258 17.34 15.98 7.17
N LYS G 259 16.45 16.24 6.23
CA LYS G 259 15.21 16.96 6.53
C LYS G 259 14.12 15.94 6.73
N GLU G 260 13.84 15.64 7.99
CA GLU G 260 12.62 14.94 8.36
C GLU G 260 11.52 15.99 8.53
N LEU G 261 11.73 16.83 9.55
CA LEU G 261 11.46 18.25 9.55
C LEU G 261 12.62 18.96 10.23
N LYS G 262 13.82 18.37 10.13
CA LYS G 262 14.91 18.63 11.05
C LYS G 262 15.75 19.83 10.67
N GLN G 263 15.75 20.26 9.41
CA GLN G 263 17.04 20.78 9.00
C GLN G 263 16.93 21.63 7.75
N PRO G 264 17.82 22.60 7.55
CA PRO G 264 17.71 23.53 6.42
C PRO G 264 18.00 22.92 5.06
N ILE G 265 18.27 23.82 4.11
CA ILE G 265 18.40 23.60 2.68
C ILE G 265 19.79 23.08 2.32
N ILE G 266 19.90 21.80 1.91
CA ILE G 266 21.13 20.99 2.01
C ILE G 266 21.40 20.20 0.73
N MET G 267 22.60 20.35 0.17
CA MET G 267 22.87 20.30 -1.27
C MET G 267 23.77 19.11 -1.66
N HIS G 268 24.04 18.93 -2.98
CA HIS G 268 25.22 18.23 -3.51
C HIS G 268 25.54 18.74 -4.93
N ASP G 269 26.44 18.03 -5.64
CA ASP G 269 27.16 18.49 -6.83
C ASP G 269 26.44 18.22 -8.16
N TYR G 270 27.22 18.31 -9.25
CA TYR G 270 26.84 17.94 -10.61
C TYR G 270 27.85 17.04 -11.29
N LEU G 271 29.13 17.16 -10.93
CA LEU G 271 30.15 16.24 -11.43
C LEU G 271 30.02 14.90 -10.74
N THR G 272 30.61 13.85 -11.34
CA THR G 272 30.50 12.43 -10.94
C THR G 272 29.05 12.05 -10.63
N ALA G 273 28.16 12.57 -11.45
CA ALA G 273 26.73 12.72 -11.33
C ALA G 273 26.35 13.38 -12.63
N GLY G 274 25.05 13.51 -12.89
CA GLY G 274 24.66 14.08 -14.15
C GLY G 274 23.56 15.08 -14.00
N PHE G 275 23.01 15.44 -15.16
CA PHE G 275 21.71 16.06 -15.22
C PHE G 275 20.62 15.01 -15.11
N THR G 276 21.01 13.74 -15.04
CA THR G 276 20.13 12.61 -14.80
C THR G 276 20.17 12.16 -13.34
N ALA G 277 21.37 12.12 -12.74
CA ALA G 277 21.52 11.82 -11.33
C ALA G 277 20.90 12.86 -10.41
N ASN G 278 21.04 14.13 -10.73
CA ASN G 278 20.53 15.20 -9.92
C ASN G 278 19.19 15.68 -10.42
N THR G 279 18.37 14.75 -10.87
CA THR G 279 17.02 15.05 -11.26
C THR G 279 16.03 14.29 -10.37
N THR G 280 16.50 13.18 -9.81
CA THR G 280 15.86 12.45 -8.75
C THR G 280 15.89 13.21 -7.42
N LEU G 281 16.84 14.12 -7.23
CA LEU G 281 16.87 14.89 -5.98
C LEU G 281 16.73 16.41 -6.15
N ALA G 282 16.86 16.95 -7.35
CA ALA G 282 16.48 18.35 -7.49
C ALA G 282 14.98 18.49 -7.54
N ARG G 283 14.27 17.38 -7.69
CA ARG G 283 12.82 17.38 -7.70
C ARG G 283 12.27 16.78 -6.41
N TRP G 284 13.17 16.45 -5.48
CA TRP G 284 12.96 16.39 -4.05
C TRP G 284 12.84 17.77 -3.43
N CYS G 285 13.25 18.83 -4.15
CA CYS G 285 12.94 20.21 -3.84
C CYS G 285 11.59 20.65 -4.37
N ARG G 286 10.90 19.77 -5.06
CA ARG G 286 9.54 20.03 -5.48
C ARG G 286 8.55 19.55 -4.45
N ASP G 287 9.03 19.08 -3.31
CA ASP G 287 8.21 18.71 -2.16
C ASP G 287 8.65 19.40 -0.88
N ASN G 288 9.93 19.77 -0.80
CA ASN G 288 10.62 19.98 0.46
C ASN G 288 11.37 21.31 0.54
N GLY G 289 11.84 21.85 -0.59
CA GLY G 289 12.63 23.07 -0.60
C GLY G 289 13.98 22.94 0.08
N VAL G 290 14.85 22.04 -0.38
CA VAL G 290 15.94 21.61 0.48
C VAL G 290 17.32 21.41 -0.18
N LEU G 291 17.49 21.57 -1.51
CA LEU G 291 18.82 21.38 -2.09
C LEU G 291 19.04 22.23 -3.34
N LEU G 292 19.79 23.32 -3.16
CA LEU G 292 19.87 24.43 -4.12
C LEU G 292 21.28 24.84 -4.50
N HIS G 293 22.24 24.71 -3.60
CA HIS G 293 23.62 24.99 -3.90
C HIS G 293 24.17 23.89 -4.79
N ILE G 294 24.80 24.27 -5.90
CA ILE G 294 25.44 23.28 -6.75
C ILE G 294 26.92 23.57 -6.69
N HIS G 295 27.71 22.58 -6.33
CA HIS G 295 29.05 22.86 -5.89
C HIS G 295 30.12 22.30 -6.82
N ASN G 307 41.04 25.53 -24.79
CA ASN G 307 41.24 25.35 -26.22
C ASN G 307 40.18 24.43 -26.85
N HIS G 308 39.83 23.37 -26.11
CA HIS G 308 39.00 22.27 -26.60
C HIS G 308 38.13 21.87 -25.42
N GLY G 309 36.94 22.47 -25.34
CA GLY G 309 36.01 22.10 -24.32
C GLY G 309 34.62 22.55 -24.68
N ILE G 310 33.83 22.80 -23.65
CA ILE G 310 32.57 23.53 -23.77
C ILE G 310 32.59 24.62 -22.71
N HIS G 311 32.33 25.85 -23.15
CA HIS G 311 32.51 27.01 -22.29
C HIS G 311 31.46 26.99 -21.20
N PHE G 312 31.76 27.66 -20.08
CA PHE G 312 30.92 27.54 -18.90
C PHE G 312 29.53 28.13 -19.12
N ARG G 313 29.40 29.10 -20.02
CA ARG G 313 28.09 29.71 -20.22
C ARG G 313 27.14 28.77 -20.94
N VAL G 314 27.63 27.75 -21.62
CA VAL G 314 26.76 26.66 -22.06
C VAL G 314 26.42 25.78 -20.88
N LEU G 315 27.36 25.57 -19.98
CA LEU G 315 27.14 24.74 -18.82
C LEU G 315 26.24 25.42 -17.80
N ALA G 316 26.10 26.75 -17.88
CA ALA G 316 25.25 27.53 -17.00
C ALA G 316 23.83 27.67 -17.51
N LYS G 317 23.62 27.68 -18.83
CA LYS G 317 22.27 27.55 -19.36
C LYS G 317 21.69 26.18 -19.07
N ALA G 318 22.54 25.18 -19.00
CA ALA G 318 22.10 23.83 -18.75
C ALA G 318 21.72 23.60 -17.31
N LEU G 319 22.06 24.53 -16.43
CA LEU G 319 22.04 24.28 -15.01
C LEU G 319 21.06 25.19 -14.28
N ARG G 320 20.78 26.37 -14.82
CA ARG G 320 19.60 27.11 -14.41
C ARG G 320 18.34 26.33 -14.76
N LEU G 321 18.20 26.00 -16.05
CA LEU G 321 17.03 25.26 -16.56
C LEU G 321 16.86 23.90 -15.91
N SER G 322 17.94 23.27 -15.48
CA SER G 322 17.81 22.07 -14.66
C SER G 322 17.31 22.41 -13.28
N GLY G 323 18.05 23.23 -12.54
CA GLY G 323 17.55 23.75 -11.27
C GLY G 323 18.66 24.14 -10.33
N GLY G 324 18.27 24.85 -9.28
CA GLY G 324 19.19 25.30 -8.26
C GLY G 324 19.25 26.82 -8.19
N ASP G 325 19.56 27.31 -6.99
CA ASP G 325 19.31 28.70 -6.63
C ASP G 325 20.56 29.56 -6.59
N HIS G 326 21.74 28.96 -6.50
CA HIS G 326 23.01 29.69 -6.55
C HIS G 326 24.11 28.70 -6.91
N ILE G 327 24.67 28.84 -8.09
CA ILE G 327 25.60 27.84 -8.60
C ILE G 327 27.02 28.30 -8.33
N HIS G 328 27.93 27.33 -8.22
CA HIS G 328 29.35 27.63 -8.11
C HIS G 328 29.92 27.69 -9.51
N THR G 329 31.00 28.43 -9.67
CA THR G 329 31.60 28.61 -10.98
C THR G 329 32.97 27.92 -11.07
N GLY G 341 34.90 40.79 -18.21
CA GLY G 341 33.80 40.82 -19.15
C GLY G 341 33.13 39.47 -19.26
N ILE G 342 33.95 38.43 -19.21
CA ILE G 342 33.44 37.07 -19.27
C ILE G 342 33.08 36.56 -17.88
N THR G 343 33.82 36.99 -16.85
CA THR G 343 33.37 36.76 -15.48
C THR G 343 32.10 37.53 -15.18
N MET G 344 31.96 38.72 -15.77
CA MET G 344 30.68 39.43 -15.74
C MET G 344 29.66 38.85 -16.70
N GLY G 345 30.05 37.92 -17.55
CA GLY G 345 29.22 37.47 -18.64
C GLY G 345 28.09 36.52 -18.29
N PHE G 346 28.40 35.35 -17.72
CA PHE G 346 27.32 34.45 -17.35
C PHE G 346 26.60 34.90 -16.10
N VAL G 347 27.22 35.74 -15.27
CA VAL G 347 26.55 36.27 -14.10
C VAL G 347 25.59 37.40 -14.47
N ASP G 348 25.57 37.80 -15.73
CA ASP G 348 24.44 38.47 -16.32
C ASP G 348 23.60 37.55 -17.19
N LEU G 349 23.79 36.24 -17.12
CA LEU G 349 22.82 35.30 -17.68
C LEU G 349 22.02 34.60 -16.61
N LEU G 350 22.60 34.40 -15.44
CA LEU G 350 21.91 33.73 -14.36
C LEU G 350 20.95 34.66 -13.63
N ARG G 351 21.11 35.96 -13.84
CA ARG G 351 20.45 36.98 -13.04
C ARG G 351 19.57 37.91 -13.85
N GLU G 352 19.76 37.98 -15.17
CA GLU G 352 19.07 38.95 -15.98
C GLU G 352 17.85 38.33 -16.64
N ASN G 353 17.07 39.20 -17.28
CA ASN G 353 15.88 38.82 -18.03
C ASN G 353 16.10 38.85 -19.51
N TYR G 354 16.82 39.84 -20.03
CA TYR G 354 17.08 40.08 -21.43
C TYR G 354 18.54 40.47 -21.54
N VAL G 355 19.23 39.93 -22.54
CA VAL G 355 20.62 40.26 -22.78
C VAL G 355 20.82 40.48 -24.27
N GLU G 356 21.26 41.67 -24.62
CA GLU G 356 21.59 42.00 -26.00
C GLU G 356 23.04 41.62 -26.31
N GLN G 357 23.27 41.43 -27.60
CA GLN G 357 24.46 40.74 -28.12
C GLN G 357 25.75 41.51 -27.86
N ASP G 358 26.60 40.95 -27.00
CA ASP G 358 27.90 41.56 -26.69
C ASP G 358 28.98 40.61 -27.17
N LYS G 359 29.49 40.84 -28.37
CA LYS G 359 30.52 39.96 -28.93
C LYS G 359 31.83 40.01 -28.18
N SER G 360 32.09 41.07 -27.43
CA SER G 360 33.30 41.14 -26.62
C SER G 360 33.10 40.60 -25.22
N ARG G 361 32.02 39.85 -24.98
CA ARG G 361 31.75 39.27 -23.67
C ARG G 361 31.45 37.79 -23.75
N GLY G 362 31.57 37.20 -24.92
CA GLY G 362 31.16 35.82 -25.08
C GLY G 362 29.68 35.65 -25.33
N ILE G 363 28.90 36.72 -25.19
CA ILE G 363 27.46 36.66 -25.38
C ILE G 363 27.21 36.92 -26.84
N TYR G 364 27.14 35.85 -27.63
CA TYR G 364 27.11 35.99 -29.06
C TYR G 364 25.71 36.08 -29.61
N PHE G 365 24.70 35.82 -28.79
CA PHE G 365 23.33 35.73 -29.23
C PHE G 365 22.46 36.75 -28.51
N THR G 366 21.16 36.60 -28.68
CA THR G 366 20.20 37.38 -27.91
C THR G 366 19.01 36.51 -27.59
N GLN G 367 18.78 36.28 -26.31
CA GLN G 367 17.54 35.64 -25.90
C GLN G 367 17.10 36.18 -24.56
N ASP G 368 15.90 36.71 -24.53
CA ASP G 368 15.21 36.98 -23.30
C ASP G 368 14.89 35.68 -22.58
N TRP G 369 15.01 35.74 -21.26
CA TRP G 369 14.72 34.59 -20.43
C TRP G 369 13.24 34.39 -20.22
N ALA G 370 12.45 35.43 -20.43
CA ALA G 370 10.99 35.41 -20.50
C ALA G 370 10.37 34.87 -19.23
N SER G 371 10.59 35.61 -18.14
CA SER G 371 9.98 35.38 -16.82
C SER G 371 10.30 34.00 -16.26
N LEU G 372 11.54 33.77 -15.91
CA LEU G 372 11.88 32.53 -15.26
C LEU G 372 12.88 32.81 -14.14
N PRO G 373 12.80 32.08 -12.97
CA PRO G 373 13.54 32.46 -11.76
C PRO G 373 15.05 32.57 -11.89
N GLY G 374 15.64 33.67 -11.41
CA GLY G 374 17.07 33.85 -11.43
C GLY G 374 17.83 32.92 -10.51
N VAL G 375 19.16 33.06 -10.49
CA VAL G 375 20.04 32.19 -9.72
C VAL G 375 21.34 32.96 -9.50
N MET G 376 21.85 32.92 -8.26
CA MET G 376 22.94 33.81 -7.86
C MET G 376 24.30 33.15 -8.09
N ALA G 377 25.36 33.84 -7.69
CA ALA G 377 26.66 33.26 -7.97
C ALA G 377 27.46 33.04 -6.68
N VAL G 378 28.48 32.21 -6.79
CA VAL G 378 29.37 31.89 -5.68
C VAL G 378 30.75 32.43 -6.01
N ALA G 379 31.41 33.00 -4.99
CA ALA G 379 32.76 33.50 -5.09
C ALA G 379 33.73 32.35 -5.34
N SER G 380 34.60 32.51 -6.34
CA SER G 380 35.46 31.44 -6.83
C SER G 380 36.91 31.87 -7.03
N GLY G 381 37.52 32.53 -6.06
CA GLY G 381 38.90 32.91 -6.19
C GLY G 381 39.78 32.43 -5.05
N GLY G 382 39.18 32.10 -3.92
CA GLY G 382 39.90 31.64 -2.75
C GLY G 382 39.56 32.45 -1.52
N ILE G 383 40.47 32.41 -0.56
CA ILE G 383 40.33 33.14 0.69
C ILE G 383 40.47 34.64 0.39
N HIS G 384 39.65 35.45 1.05
CA HIS G 384 39.35 36.79 0.58
C HIS G 384 39.14 37.80 1.71
N VAL G 385 39.77 37.59 2.88
CA VAL G 385 39.36 38.19 4.14
C VAL G 385 39.52 39.71 4.11
N TRP G 386 40.58 40.15 3.46
CA TRP G 386 40.93 41.55 3.32
C TRP G 386 40.49 42.11 1.99
N HIS G 387 40.31 41.24 1.00
CA HIS G 387 39.90 41.62 -0.35
C HIS G 387 38.38 41.51 -0.46
N MET G 388 37.69 42.14 0.49
CA MET G 388 36.23 42.16 0.56
C MET G 388 35.52 43.16 -0.34
N PRO G 389 35.89 44.45 -0.44
CA PRO G 389 35.09 45.34 -1.31
C PRO G 389 35.33 45.12 -2.79
N ALA G 390 36.31 44.32 -3.18
CA ALA G 390 36.47 44.02 -4.58
C ALA G 390 35.40 43.05 -5.07
N LEU G 391 34.89 42.18 -4.19
CA LEU G 391 33.84 41.27 -4.58
C LEU G 391 32.46 41.90 -4.56
N VAL G 392 32.23 42.86 -3.66
CA VAL G 392 30.92 43.44 -3.45
C VAL G 392 30.44 44.24 -4.66
N GLU G 393 31.32 44.93 -5.37
CA GLU G 393 30.90 45.58 -6.62
C GLU G 393 30.68 44.62 -7.76
N ILE G 394 31.51 43.61 -7.89
CA ILE G 394 31.52 42.81 -9.12
C ILE G 394 30.35 41.84 -9.14
N PHE G 395 30.11 41.14 -8.04
CA PHE G 395 28.98 40.22 -8.01
C PHE G 395 27.71 40.91 -7.55
N GLY G 396 27.83 42.13 -7.03
CA GLY G 396 26.67 42.92 -6.67
C GLY G 396 26.05 42.55 -5.34
N ASP G 397 24.73 42.71 -5.24
CA ASP G 397 23.97 42.35 -4.06
C ASP G 397 23.57 40.88 -4.04
N ASP G 398 23.13 40.37 -5.17
CA ASP G 398 22.47 39.08 -5.24
C ASP G 398 23.52 38.02 -5.56
N SER G 399 24.38 37.71 -4.59
CA SER G 399 25.36 36.64 -4.73
C SER G 399 25.60 36.02 -3.37
N VAL G 400 26.48 35.02 -3.35
CA VAL G 400 26.89 34.30 -2.14
C VAL G 400 28.41 34.21 -2.14
N LEU G 401 29.02 34.47 -0.99
CA LEU G 401 30.47 34.43 -0.81
C LEU G 401 30.83 33.25 0.09
N GLN G 402 32.11 32.92 0.12
CA GLN G 402 32.58 31.87 1.03
C GLN G 402 32.45 32.36 2.48
N ALA G 415 36.13 31.16 15.62
CA ALA G 415 35.17 32.24 15.83
C ALA G 415 35.75 33.68 15.84
N PRO G 416 37.01 33.91 16.28
CA PRO G 416 37.62 35.20 15.89
C PRO G 416 37.86 35.29 14.39
N GLY G 417 38.40 34.25 13.78
CA GLY G 417 38.58 34.17 12.35
C GLY G 417 37.31 34.16 11.52
N ALA G 418 36.15 33.95 12.13
CA ALA G 418 34.87 34.10 11.47
C ALA G 418 34.16 35.41 11.78
N THR G 419 34.51 36.09 12.88
CA THR G 419 33.88 37.37 13.16
C THR G 419 34.55 38.49 12.36
N ALA G 420 35.73 38.24 11.78
CA ALA G 420 36.33 39.24 10.91
C ALA G 420 35.68 39.25 9.53
N ASN G 421 34.94 38.20 9.21
CA ASN G 421 34.34 38.09 7.88
C ASN G 421 33.07 38.92 7.80
N ARG G 422 32.23 38.86 8.84
CA ARG G 422 30.93 39.52 8.76
C ARG G 422 31.09 41.02 8.87
N VAL G 423 32.10 41.48 9.59
CA VAL G 423 32.27 42.91 9.85
C VAL G 423 32.74 43.62 8.59
N ALA G 424 33.69 43.03 7.88
CA ALA G 424 34.20 43.64 6.65
C ALA G 424 33.17 43.62 5.53
N LEU G 425 32.24 42.67 5.57
CA LEU G 425 31.17 42.66 4.58
C LEU G 425 30.14 43.74 4.85
N GLU G 426 29.66 43.83 6.09
CA GLU G 426 28.56 44.72 6.44
C GLU G 426 28.96 46.19 6.37
N ALA G 427 30.26 46.47 6.46
CA ALA G 427 30.72 47.86 6.54
C ALA G 427 30.65 48.56 5.20
N CYS G 428 31.10 47.87 4.13
CA CYS G 428 31.23 48.47 2.80
C CYS G 428 29.88 48.86 2.24
N VAL G 429 28.84 48.09 2.56
CA VAL G 429 27.53 48.22 1.94
C VAL G 429 26.87 49.54 2.29
N GLN G 430 27.17 50.08 3.46
CA GLN G 430 26.64 51.39 3.79
C GLN G 430 27.46 52.53 3.19
N ALA G 431 28.75 52.32 2.99
CA ALA G 431 29.60 53.30 2.32
C ALA G 431 29.42 53.29 0.81
N ARG G 432 28.80 52.25 0.26
CA ARG G 432 28.30 52.35 -1.10
C ARG G 432 27.08 53.23 -1.20
N ASN G 433 26.15 53.12 -0.26
CA ASN G 433 24.89 53.82 -0.36
C ASN G 433 24.98 55.27 0.04
N GLU G 434 26.09 55.71 0.64
CA GLU G 434 26.32 57.13 0.82
C GLU G 434 26.60 57.80 -0.51
N GLY G 435 27.19 57.08 -1.45
CA GLY G 435 27.67 57.62 -2.70
C GLY G 435 29.18 57.58 -2.84
N ARG G 436 29.90 57.01 -1.88
CA ARG G 436 31.35 56.95 -2.00
C ARG G 436 31.74 55.89 -3.02
N ASN G 437 32.67 56.25 -3.90
CA ASN G 437 33.08 55.34 -4.96
C ASN G 437 33.87 54.19 -4.35
N LEU G 438 33.20 53.05 -4.20
CA LEU G 438 33.76 51.93 -3.46
C LEU G 438 34.84 51.22 -4.26
N ALA G 439 34.98 51.53 -5.55
CA ALA G 439 36.07 51.00 -6.33
C ALA G 439 37.39 51.69 -5.98
N ARG G 440 37.38 53.02 -5.96
CA ARG G 440 38.59 53.78 -5.76
C ARG G 440 38.84 54.12 -4.30
N GLU G 441 38.20 53.43 -3.38
CA GLU G 441 38.26 53.79 -1.97
C GLU G 441 38.24 52.57 -1.06
N GLY G 442 38.13 51.37 -1.63
CA GLY G 442 37.90 50.11 -0.93
C GLY G 442 38.71 49.76 0.31
N ASN G 443 39.98 50.16 0.38
CA ASN G 443 40.79 49.78 1.52
C ASN G 443 40.53 50.63 2.74
N ASP G 444 40.24 51.91 2.55
CA ASP G 444 40.02 52.80 3.68
C ASP G 444 38.71 52.52 4.40
N VAL G 445 37.78 51.85 3.73
CA VAL G 445 36.56 51.42 4.41
C VAL G 445 36.85 50.23 5.30
N ILE G 446 37.83 49.40 4.91
CA ILE G 446 38.27 48.28 5.76
C ILE G 446 39.04 48.83 6.96
N ARG G 447 39.77 49.92 6.76
CA ARG G 447 40.62 50.45 7.83
C ARG G 447 39.80 51.17 8.89
N GLU G 448 38.71 51.85 8.50
CA GLU G 448 37.89 52.52 9.50
C GLU G 448 37.04 51.54 10.30
N ALA G 449 36.88 50.32 9.80
CA ALA G 449 36.14 49.30 10.52
C ALA G 449 37.02 48.51 11.47
N ALA G 450 38.28 48.89 11.64
CA ALA G 450 39.16 48.25 12.61
C ALA G 450 39.04 48.89 13.98
N LYS G 451 38.50 50.10 14.05
CA LYS G 451 38.52 50.90 15.25
C LYS G 451 37.36 50.57 16.17
N TRP G 452 36.56 49.57 15.81
CA TRP G 452 35.52 49.03 16.66
C TRP G 452 35.46 47.51 16.59
N SER G 453 36.41 46.88 15.89
CA SER G 453 36.47 45.43 15.70
C SER G 453 37.92 44.96 15.80
N PRO G 454 38.27 44.20 16.84
CA PRO G 454 39.66 43.75 16.97
C PRO G 454 40.06 42.62 16.02
N GLU G 455 39.10 41.92 15.42
CA GLU G 455 39.44 40.85 14.50
C GLU G 455 39.82 41.35 13.12
N LEU G 456 39.46 42.58 12.76
CA LEU G 456 39.97 43.19 11.54
C LEU G 456 41.28 43.94 11.78
N ALA G 457 41.68 44.12 13.03
CA ALA G 457 42.98 44.65 13.35
C ALA G 457 44.10 43.67 13.03
N VAL G 458 43.82 42.38 13.10
CA VAL G 458 44.81 41.36 12.82
C VAL G 458 44.93 41.05 11.33
N ALA G 459 43.81 41.03 10.60
CA ALA G 459 43.77 40.46 9.27
C ALA G 459 44.44 41.35 8.21
N CYS G 460 44.28 42.66 8.29
CA CYS G 460 44.80 43.58 7.28
C CYS G 460 46.32 43.61 7.21
N GLU G 461 46.98 43.22 8.29
CA GLU G 461 48.44 43.13 8.33
C GLU G 461 48.93 41.82 7.72
N LEU G 462 48.09 40.79 7.69
CA LEU G 462 48.42 39.49 7.15
C LEU G 462 48.38 39.45 5.64
N TRP G 463 47.61 40.33 5.01
CA TRP G 463 47.43 40.29 3.58
C TRP G 463 48.35 41.31 2.89
N LYS G 464 48.21 41.41 1.57
CA LYS G 464 49.30 41.86 0.73
C LYS G 464 49.16 43.33 0.32
N GLU G 465 50.21 44.11 0.61
CA GLU G 465 50.25 45.51 0.19
C GLU G 465 51.23 45.74 -0.97
N ILE G 466 51.47 44.69 -1.77
CA ILE G 466 52.57 44.70 -2.75
C ILE G 466 52.25 45.59 -3.95
N LYS G 467 53.18 46.49 -4.26
CA LYS G 467 52.98 47.55 -5.24
C LYS G 467 54.21 47.69 -6.12
N PHE G 468 54.15 48.66 -7.04
CA PHE G 468 55.31 49.17 -7.76
C PHE G 468 55.04 50.64 -8.06
N GLU G 469 55.92 51.52 -7.58
CA GLU G 469 55.92 52.91 -8.06
C GLU G 469 57.25 53.09 -8.77
N PHE G 470 57.31 52.61 -10.00
CA PHE G 470 58.51 52.66 -10.85
C PHE G 470 58.07 53.34 -12.13
N GLU G 471 58.00 54.65 -12.08
CA GLU G 471 57.57 55.43 -13.21
C GLU G 471 58.82 56.13 -13.68
N LEU H 23 55.82 18.03 5.01
CA LEU H 23 56.83 17.20 4.38
C LEU H 23 56.81 15.81 5.03
N THR H 24 55.83 15.61 5.90
CA THR H 24 55.51 14.24 6.29
C THR H 24 54.55 13.55 5.31
N TYR H 25 54.36 14.16 4.14
CA TYR H 25 53.60 13.59 3.04
C TYR H 25 54.50 12.98 1.98
N TYR H 26 55.79 12.81 2.27
CA TYR H 26 56.75 12.18 1.35
C TYR H 26 57.72 11.38 2.20
N THR H 27 57.41 10.10 2.42
CA THR H 27 58.28 9.21 3.18
C THR H 27 58.68 8.04 2.30
N PRO H 28 59.75 8.19 1.51
CA PRO H 28 60.19 7.07 0.65
C PRO H 28 60.82 5.91 1.38
N ASP H 29 60.87 5.93 2.71
CA ASP H 29 61.42 4.88 3.53
C ASP H 29 60.35 3.87 3.95
N TYR H 30 59.32 3.71 3.12
CA TYR H 30 58.08 3.06 3.51
C TYR H 30 57.60 2.14 2.41
N THR H 31 57.20 0.93 2.79
CA THR H 31 56.59 0.00 1.86
C THR H 31 55.08 0.08 1.97
N PRO H 32 54.36 0.30 0.87
CA PRO H 32 52.90 0.30 0.95
C PRO H 32 52.37 -1.09 1.26
N LYS H 33 51.41 -1.13 2.18
CA LYS H 33 50.97 -2.38 2.82
C LYS H 33 50.23 -3.29 1.83
N ASP H 34 49.80 -4.44 2.34
CA ASP H 34 48.95 -5.33 1.55
C ASP H 34 47.56 -4.79 1.34
N THR H 35 47.12 -3.83 2.15
CA THR H 35 45.74 -3.42 2.18
C THR H 35 45.58 -1.94 1.82
N ASP H 36 46.66 -1.27 1.44
CA ASP H 36 46.58 0.14 1.11
C ASP H 36 45.93 0.35 -0.26
N ILE H 37 45.37 1.54 -0.43
CA ILE H 37 44.87 2.03 -1.70
C ILE H 37 45.99 2.87 -2.27
N LEU H 38 46.19 2.82 -3.57
CA LEU H 38 47.50 3.03 -4.10
C LEU H 38 47.39 3.59 -5.50
N ALA H 39 47.83 4.83 -5.69
CA ALA H 39 47.55 5.57 -6.91
C ALA H 39 48.83 5.94 -7.63
N ALA H 40 48.72 6.29 -8.89
CA ALA H 40 49.83 6.84 -9.65
C ALA H 40 49.42 8.15 -10.29
N PHE H 41 50.41 8.91 -10.77
CA PHE H 41 50.17 10.22 -11.35
C PHE H 41 51.31 10.56 -12.29
N ARG H 42 51.00 10.87 -13.54
CA ARG H 42 52.05 11.28 -14.49
C ARG H 42 52.10 12.81 -14.49
N VAL H 43 52.99 13.36 -13.63
CA VAL H 43 53.00 14.76 -13.21
C VAL H 43 53.91 15.57 -14.11
N THR H 44 53.58 16.84 -14.34
CA THR H 44 54.48 17.74 -15.07
C THR H 44 54.46 19.14 -14.45
N PRO H 45 55.54 19.55 -13.79
CA PRO H 45 55.52 20.81 -13.04
C PRO H 45 55.97 22.03 -13.85
N GLN H 46 55.74 23.19 -13.24
CA GLN H 46 56.21 24.47 -13.79
C GLN H 46 57.74 24.55 -13.72
N PRO H 47 58.35 25.47 -14.48
CA PRO H 47 59.81 25.67 -14.40
C PRO H 47 60.33 25.96 -13.00
N GLY H 48 61.39 25.25 -12.63
CA GLY H 48 62.02 25.40 -11.36
C GLY H 48 61.35 24.66 -10.22
N VAL H 49 60.13 24.19 -10.41
CA VAL H 49 59.43 23.46 -9.36
C VAL H 49 60.07 22.08 -9.22
N PRO H 50 60.51 21.71 -8.02
CA PRO H 50 61.19 20.43 -7.86
C PRO H 50 60.24 19.26 -8.03
N PHE H 51 60.82 18.08 -8.26
CA PHE H 51 60.01 16.89 -8.40
C PHE H 51 59.53 16.35 -7.07
N GLU H 52 60.11 16.81 -5.95
CA GLU H 52 59.78 16.25 -4.65
C GLU H 52 58.76 17.07 -3.89
N GLU H 53 58.46 18.28 -4.34
CA GLU H 53 57.46 19.10 -3.67
C GLU H 53 56.16 19.17 -4.45
N ALA H 54 56.20 18.88 -5.75
CA ALA H 54 54.97 18.73 -6.50
C ALA H 54 54.25 17.44 -6.11
N ALA H 55 55.00 16.41 -5.73
CA ALA H 55 54.37 15.17 -5.31
C ALA H 55 53.84 15.27 -3.89
N ALA H 56 54.41 16.12 -3.06
CA ALA H 56 53.77 16.42 -1.79
C ALA H 56 52.66 17.45 -1.93
N ALA H 57 52.60 18.12 -3.07
CA ALA H 57 51.46 18.95 -3.44
C ALA H 57 50.30 18.13 -3.99
N VAL H 58 50.47 16.83 -4.15
CA VAL H 58 49.39 15.98 -4.61
C VAL H 58 48.84 15.13 -3.48
N ALA H 59 49.70 14.42 -2.75
CA ALA H 59 49.24 13.47 -1.74
C ALA H 59 48.64 14.14 -0.52
N ALA H 60 48.90 15.43 -0.33
CA ALA H 60 48.40 16.12 0.84
C ALA H 60 47.09 16.83 0.52
N GLU H 61 47.02 17.48 -0.63
CA GLU H 61 45.80 18.20 -0.97
C GLU H 61 44.71 17.28 -1.51
N SER H 62 44.98 15.99 -1.70
CA SER H 62 43.89 15.06 -1.93
C SER H 62 43.07 14.85 -0.67
N SER H 63 43.71 14.28 0.36
CA SER H 63 42.97 13.84 1.53
C SER H 63 42.58 15.02 2.41
N THR H 64 43.57 15.74 2.93
CA THR H 64 43.33 16.90 3.78
C THR H 64 44.52 17.84 3.78
N ARG H 80 47.97 9.33 11.10
CA ARG H 80 47.91 8.08 10.35
C ARG H 80 46.90 8.15 9.21
N TYR H 81 46.26 9.30 9.04
CA TYR H 81 45.17 9.45 8.10
C TYR H 81 45.55 10.22 6.85
N LYS H 82 46.75 10.03 6.35
CA LYS H 82 47.25 10.84 5.27
C LYS H 82 47.95 9.97 4.23
N GLY H 83 47.77 10.32 2.98
CA GLY H 83 48.50 9.65 1.93
C GLY H 83 49.95 10.06 1.95
N ARG H 84 50.81 9.19 1.42
CA ARG H 84 52.23 9.48 1.42
C ARG H 84 52.83 9.03 0.10
N CYS H 85 53.36 9.98 -0.66
CA CYS H 85 54.09 9.66 -1.89
C CYS H 85 55.37 8.90 -1.55
N TYR H 86 55.40 7.60 -1.83
CA TYR H 86 56.52 6.76 -1.44
C TYR H 86 57.58 6.57 -2.52
N ASP H 87 57.32 7.00 -3.76
CA ASP H 87 58.29 6.74 -4.81
C ASP H 87 58.22 7.88 -5.82
N ILE H 88 59.29 8.09 -6.57
CA ILE H 88 59.36 9.33 -7.33
C ILE H 88 59.89 9.13 -8.76
N GLU H 89 59.72 7.91 -9.30
CA GLU H 89 60.39 7.41 -10.51
C GLU H 89 60.21 8.34 -11.70
N PRO H 90 61.25 8.54 -12.53
CA PRO H 90 61.12 9.41 -13.70
C PRO H 90 60.69 8.66 -14.95
N VAL H 91 60.48 9.43 -16.00
CA VAL H 91 60.02 8.92 -17.29
C VAL H 91 61.11 9.22 -18.32
N PRO H 92 61.59 8.22 -19.06
CA PRO H 92 62.71 8.47 -19.99
C PRO H 92 62.24 8.96 -21.34
N GLY H 93 62.93 10.00 -21.83
CA GLY H 93 62.71 10.52 -23.16
C GLY H 93 61.35 11.16 -23.41
N GLU H 94 60.85 11.92 -22.45
CA GLU H 94 59.56 12.57 -22.56
C GLU H 94 59.63 13.83 -21.70
N ASP H 95 58.63 14.72 -21.85
CA ASP H 95 58.70 16.10 -21.34
C ASP H 95 58.57 16.13 -19.82
N ASN H 96 59.65 15.73 -19.16
CA ASN H 96 59.98 16.11 -17.79
C ASN H 96 59.00 15.52 -16.77
N GLN H 97 58.33 14.44 -17.16
CA GLN H 97 57.38 13.78 -16.29
C GLN H 97 58.11 12.98 -15.22
N PHE H 98 57.36 12.65 -14.18
CA PHE H 98 57.82 11.71 -13.17
C PHE H 98 56.60 11.01 -12.61
N ILE H 99 56.79 9.77 -12.18
CA ILE H 99 55.68 8.93 -11.75
C ILE H 99 55.63 8.98 -10.23
N ALA H 100 54.52 9.50 -9.69
CA ALA H 100 54.35 9.67 -8.27
C ALA H 100 53.46 8.57 -7.72
N TYR H 101 53.95 7.82 -6.75
CA TYR H 101 53.23 6.68 -6.19
C TYR H 101 52.70 7.06 -4.82
N ILE H 102 51.40 7.29 -4.73
CA ILE H 102 50.77 7.81 -3.52
C ILE H 102 49.97 6.69 -2.88
N ALA H 103 50.08 6.55 -1.56
CA ALA H 103 49.48 5.43 -0.84
C ALA H 103 48.57 5.92 0.28
N TYR H 104 47.28 5.93 0.03
CA TYR H 104 46.20 6.23 0.95
C TYR H 104 45.90 5.00 1.80
N PRO H 105 45.45 5.17 3.03
CA PRO H 105 45.13 3.98 3.83
C PRO H 105 43.85 3.27 3.39
N LEU H 106 43.48 2.20 4.09
CA LEU H 106 42.27 1.48 3.75
C LEU H 106 41.03 2.18 4.27
N ASP H 107 41.06 2.60 5.53
CA ASP H 107 39.88 3.10 6.23
C ASP H 107 39.42 4.47 5.75
N LEU H 108 40.20 5.14 4.91
CA LEU H 108 39.91 6.51 4.52
C LEU H 108 38.61 6.65 3.73
N PHE H 109 38.10 5.56 3.17
CA PHE H 109 37.05 5.56 2.16
C PHE H 109 35.83 4.75 2.60
N GLU H 110 34.76 4.89 1.85
CA GLU H 110 33.51 4.20 2.10
C GLU H 110 33.46 2.90 1.31
N GLU H 111 33.01 1.83 1.97
CA GLU H 111 32.90 0.53 1.32
C GLU H 111 31.86 0.58 0.21
N GLY H 112 32.26 0.13 -0.97
CA GLY H 112 31.39 0.09 -2.11
C GLY H 112 30.97 1.46 -2.61
N SER H 113 31.90 2.26 -3.11
CA SER H 113 31.54 3.52 -3.75
C SER H 113 32.66 3.94 -4.68
N ILE H 114 32.29 4.34 -5.88
CA ILE H 114 33.24 4.73 -6.91
C ILE H 114 33.22 6.24 -7.01
N THR H 115 32.08 6.83 -6.63
CA THR H 115 32.01 8.28 -6.59
C THR H 115 32.93 8.85 -5.53
N ASN H 116 32.97 8.21 -4.35
CA ASN H 116 33.85 8.65 -3.27
C ASN H 116 35.31 8.51 -3.64
N VAL H 117 35.67 7.36 -4.21
CA VAL H 117 37.06 7.10 -4.58
C VAL H 117 37.52 8.05 -5.67
N LEU H 118 36.67 8.33 -6.64
CA LEU H 118 37.04 9.27 -7.68
C LEU H 118 36.90 10.71 -7.25
N THR H 119 36.40 10.98 -6.03
CA THR H 119 36.28 12.39 -5.70
C THR H 119 37.18 12.81 -4.55
N SER H 120 37.37 11.96 -3.54
CA SER H 120 38.30 12.27 -2.45
C SER H 120 39.75 12.16 -2.88
N ILE H 121 40.02 11.65 -4.07
CA ILE H 121 41.39 11.51 -4.56
C ILE H 121 41.73 12.69 -5.45
N VAL H 122 40.88 12.97 -6.43
CA VAL H 122 41.15 14.03 -7.38
C VAL H 122 40.10 15.14 -7.30
N GLY H 123 39.71 15.52 -6.09
CA GLY H 123 38.87 16.69 -5.94
C GLY H 123 39.46 18.00 -6.41
N ASN H 124 40.38 18.60 -5.63
CA ASN H 124 40.98 19.87 -6.00
C ASN H 124 42.48 19.73 -6.20
N VAL H 125 42.88 18.73 -6.96
CA VAL H 125 44.30 18.45 -7.21
C VAL H 125 44.58 18.77 -8.68
N PHE H 126 43.54 18.71 -9.51
CA PHE H 126 43.69 19.22 -10.87
C PHE H 126 43.70 20.75 -10.93
N GLY H 127 43.41 21.44 -9.83
CA GLY H 127 43.29 22.88 -9.86
C GLY H 127 44.50 23.65 -9.35
N PHE H 128 45.72 23.17 -9.58
CA PHE H 128 46.89 23.95 -9.19
C PHE H 128 47.49 24.64 -10.41
N LYS H 129 48.15 25.77 -10.15
CA LYS H 129 48.96 26.41 -11.18
C LYS H 129 50.43 26.06 -11.11
N ALA H 130 50.84 25.27 -10.11
CA ALA H 130 52.24 24.89 -10.02
C ALA H 130 52.56 23.69 -10.92
N LEU H 131 51.59 23.17 -11.63
CA LEU H 131 51.81 22.04 -12.52
C LEU H 131 51.38 22.44 -13.92
N ARG H 132 52.13 21.98 -14.91
CA ARG H 132 51.69 22.19 -16.29
C ARG H 132 50.60 21.18 -16.68
N ALA H 133 50.72 19.94 -16.22
CA ALA H 133 49.71 18.93 -16.48
C ALA H 133 49.70 17.93 -15.34
N LEU H 134 48.68 17.07 -15.35
CA LEU H 134 48.51 16.04 -14.33
C LEU H 134 47.52 15.00 -14.86
N ARG H 135 47.93 13.74 -14.89
CA ARG H 135 47.05 12.64 -15.28
C ARG H 135 47.07 11.59 -14.19
N LEU H 136 46.02 10.78 -14.17
CA LEU H 136 45.83 9.74 -13.16
C LEU H 136 45.87 8.43 -13.92
N GLU H 137 47.01 7.75 -13.87
CA GLU H 137 47.23 6.65 -14.79
C GLU H 137 46.68 5.33 -14.26
N ASP H 138 46.62 5.15 -12.94
CA ASP H 138 46.32 3.84 -12.39
C ASP H 138 45.78 3.99 -10.98
N ILE H 139 45.09 2.95 -10.52
CA ILE H 139 44.70 2.77 -9.11
C ILE H 139 44.80 1.28 -8.79
N ARG H 140 45.44 0.93 -7.68
CA ARG H 140 45.33 -0.43 -7.14
C ARG H 140 44.25 -0.46 -6.08
N PHE H 141 43.25 -1.18 -6.32
CA PHE H 141 42.39 -1.52 -5.21
C PHE H 141 42.93 -2.76 -4.52
N PRO H 142 42.80 -2.88 -3.21
CA PRO H 142 43.25 -4.10 -2.52
C PRO H 142 42.34 -5.27 -2.83
N VAL H 143 42.68 -6.42 -2.25
CA VAL H 143 41.79 -7.57 -2.36
C VAL H 143 40.66 -7.32 -1.37
N ALA H 144 40.99 -6.65 -0.27
CA ALA H 144 40.03 -6.43 0.80
C ALA H 144 38.95 -5.44 0.40
N TYR H 145 39.23 -4.56 -0.56
CA TYR H 145 38.25 -3.56 -0.92
C TYR H 145 37.52 -3.89 -2.21
N ILE H 146 38.08 -4.74 -3.06
CA ILE H 146 37.40 -5.16 -4.27
C ILE H 146 36.15 -5.96 -3.92
N LYS H 147 36.26 -6.87 -2.97
CA LYS H 147 35.14 -7.74 -2.65
C LYS H 147 34.16 -7.15 -1.64
N THR H 148 34.25 -5.85 -1.38
CA THR H 148 33.09 -5.14 -0.85
C THR H 148 32.07 -4.89 -1.94
N PHE H 149 32.55 -4.59 -3.14
CA PHE H 149 31.72 -4.32 -4.31
C PHE H 149 31.05 -5.60 -4.82
N GLN H 150 29.95 -5.42 -5.52
CA GLN H 150 29.23 -6.55 -6.12
C GLN H 150 29.61 -6.74 -7.59
N GLY H 151 29.88 -5.66 -8.30
CA GLY H 151 30.49 -5.75 -9.60
C GLY H 151 29.49 -5.77 -10.74
N PRO H 152 29.92 -6.28 -11.90
CA PRO H 152 29.00 -6.44 -13.01
C PRO H 152 28.02 -7.57 -12.68
N PRO H 153 26.77 -7.41 -13.06
CA PRO H 153 25.76 -8.43 -12.68
C PRO H 153 25.95 -9.73 -13.42
N HIS H 154 26.52 -9.62 -14.61
CA HIS H 154 26.63 -10.71 -15.56
C HIS H 154 28.03 -10.64 -16.15
N GLY H 155 28.64 -11.79 -16.42
CA GLY H 155 30.04 -11.84 -16.82
C GLY H 155 30.34 -12.49 -18.16
N ILE H 156 31.55 -13.06 -18.26
CA ILE H 156 31.92 -13.93 -19.38
C ILE H 156 31.20 -15.27 -19.29
N GLN H 157 30.77 -15.67 -18.11
CA GLN H 157 29.94 -16.86 -18.00
C GLN H 157 28.46 -16.53 -18.12
N VAL H 158 28.01 -15.47 -17.45
CA VAL H 158 26.59 -15.30 -17.17
C VAL H 158 25.90 -14.72 -18.41
N GLU H 159 26.69 -14.22 -19.36
CA GLU H 159 26.08 -13.57 -20.51
C GLU H 159 25.48 -14.59 -21.46
N ARG H 160 25.96 -15.82 -21.43
CA ARG H 160 25.57 -16.81 -22.41
C ARG H 160 24.25 -17.49 -22.05
N ASP H 161 23.57 -17.06 -20.99
CA ASP H 161 22.34 -17.74 -20.59
C ASP H 161 21.22 -17.39 -21.56
N LYS H 162 20.79 -16.13 -21.57
CA LYS H 162 19.76 -15.67 -22.49
C LYS H 162 20.33 -15.32 -23.84
N LEU H 163 21.57 -14.90 -23.90
CA LEU H 163 22.21 -14.69 -25.17
C LEU H 163 22.65 -16.06 -25.67
N ASN H 164 22.15 -16.42 -26.85
CA ASN H 164 22.31 -17.73 -27.45
C ASN H 164 23.57 -17.83 -28.29
N LYS H 165 24.61 -17.08 -27.97
CA LYS H 165 25.85 -17.11 -28.73
C LYS H 165 26.99 -17.54 -27.83
N TYR H 166 27.72 -18.57 -28.23
CA TYR H 166 28.76 -19.17 -27.40
C TYR H 166 30.04 -19.24 -28.22
N GLY H 167 31.17 -18.88 -27.61
CA GLY H 167 32.48 -19.10 -28.20
C GLY H 167 32.85 -18.35 -29.46
N ARG H 168 32.05 -17.36 -29.85
CA ARG H 168 32.26 -16.53 -31.03
C ARG H 168 31.72 -15.14 -30.71
N PRO H 169 32.44 -14.07 -31.09
CA PRO H 169 32.00 -12.70 -30.73
C PRO H 169 30.69 -12.24 -31.36
N LEU H 170 30.25 -11.02 -31.06
CA LEU H 170 28.91 -10.65 -31.50
C LEU H 170 28.93 -9.57 -32.57
N LEU H 171 27.74 -9.23 -33.07
CA LEU H 171 27.57 -8.29 -34.16
C LEU H 171 26.35 -7.39 -33.91
N GLY H 172 26.49 -6.10 -34.18
CA GLY H 172 25.33 -5.23 -34.08
C GLY H 172 25.46 -3.83 -34.64
N CYS H 173 24.52 -3.41 -35.49
CA CYS H 173 24.65 -2.17 -36.25
C CYS H 173 23.62 -1.12 -35.85
N THR H 174 24.05 0.13 -35.90
CA THR H 174 23.26 1.28 -35.50
C THR H 174 22.25 1.67 -36.57
N ILE H 175 21.11 2.20 -36.12
CA ILE H 175 20.01 2.49 -37.02
C ILE H 175 19.78 3.99 -37.05
N SER H 182 10.42 8.60 -39.69
CA SER H 182 9.18 8.64 -38.93
C SER H 182 9.25 7.66 -37.78
N ALA H 183 8.19 6.87 -37.57
CA ALA H 183 8.14 5.88 -36.50
C ALA H 183 7.89 4.47 -36.99
N LYS H 184 6.96 4.28 -37.90
CA LYS H 184 6.79 3.02 -38.59
C LYS H 184 7.95 2.73 -39.52
N ASN H 185 8.39 3.73 -40.29
CA ASN H 185 9.50 3.55 -41.22
C ASN H 185 10.81 3.33 -40.48
N TYR H 186 10.89 3.81 -39.24
CA TYR H 186 12.05 3.50 -38.42
C TYR H 186 11.97 2.07 -37.93
N GLY H 187 10.77 1.59 -37.67
CA GLY H 187 10.61 0.22 -37.24
C GLY H 187 10.81 -0.78 -38.37
N ARG H 188 10.55 -0.34 -39.60
CA ARG H 188 10.71 -1.22 -40.76
C ARG H 188 12.17 -1.41 -41.14
N ALA H 189 13.08 -0.58 -40.61
CA ALA H 189 14.47 -0.64 -41.02
C ALA H 189 15.28 -1.61 -40.17
N VAL H 190 14.98 -1.65 -38.86
CA VAL H 190 15.52 -2.67 -37.97
C VAL H 190 14.85 -4.01 -38.21
N TYR H 191 13.67 -3.99 -38.81
CA TYR H 191 12.98 -5.16 -39.30
C TYR H 191 13.80 -5.91 -40.34
N GLU H 192 14.76 -5.23 -41.01
CA GLU H 192 15.60 -5.84 -42.03
C GLU H 192 17.10 -5.60 -41.84
N CYS H 193 17.56 -5.33 -40.62
CA CYS H 193 18.99 -5.37 -40.39
C CYS H 193 19.39 -6.64 -39.66
N LEU H 194 18.57 -7.05 -38.71
CA LEU H 194 18.72 -8.27 -37.94
C LEU H 194 18.55 -9.51 -38.78
N ARG H 195 17.97 -9.37 -39.97
CA ARG H 195 17.76 -10.49 -40.87
C ARG H 195 18.96 -10.75 -41.78
N GLY H 196 20.17 -10.46 -41.32
CA GLY H 196 21.36 -10.72 -42.08
C GLY H 196 22.43 -11.36 -41.24
N GLY H 197 22.21 -11.35 -39.92
CA GLY H 197 23.14 -11.93 -38.98
C GLY H 197 23.47 -11.06 -37.78
N LEU H 198 22.90 -9.86 -37.68
CA LEU H 198 23.24 -8.97 -36.60
C LEU H 198 22.63 -9.47 -35.31
N ASP H 199 23.48 -9.66 -34.29
CA ASP H 199 23.04 -10.26 -33.04
C ASP H 199 22.18 -9.29 -32.25
N PHE H 200 22.42 -7.99 -32.44
CA PHE H 200 21.48 -6.97 -32.02
C PHE H 200 21.62 -5.78 -32.96
N THR H 201 20.98 -4.68 -32.60
CA THR H 201 21.08 -3.39 -33.28
C THR H 201 21.10 -2.30 -32.22
N LYS H 202 21.31 -1.06 -32.65
CA LYS H 202 21.61 0.04 -31.74
C LYS H 202 20.68 1.21 -32.04
N ASP H 203 19.90 1.64 -31.07
CA ASP H 203 19.14 2.87 -31.21
C ASP H 203 20.02 4.01 -30.71
N ASP H 204 21.18 4.17 -31.31
CA ASP H 204 22.14 5.17 -30.88
C ASP H 204 21.88 6.43 -31.68
N GLU H 205 22.80 7.38 -31.52
CA GLU H 205 22.68 8.76 -31.97
C GLU H 205 21.40 9.42 -31.46
N ASN H 206 21.06 9.12 -30.20
CA ASN H 206 20.28 10.00 -29.33
C ASN H 206 18.85 10.20 -29.82
N ILE H 207 18.16 9.10 -30.04
CA ILE H 207 16.80 9.21 -30.49
C ILE H 207 15.89 9.12 -29.26
N ASN H 208 15.41 10.26 -28.79
CA ASN H 208 14.41 10.33 -27.74
C ASN H 208 13.05 10.67 -28.36
N SER H 209 12.05 10.97 -27.52
CA SER H 209 10.74 11.30 -28.06
C SER H 209 10.73 12.73 -28.58
N ALA H 210 10.73 12.87 -29.89
CA ALA H 210 10.60 14.18 -30.51
C ALA H 210 9.15 14.35 -30.92
N PRO H 211 8.69 15.54 -31.33
CA PRO H 211 7.30 15.65 -31.82
C PRO H 211 7.00 14.91 -33.12
N PHE H 212 7.99 14.40 -33.85
CA PHE H 212 7.70 13.56 -35.01
C PHE H 212 7.76 12.07 -34.71
N GLN H 213 8.37 11.67 -33.59
CA GLN H 213 8.61 10.27 -33.31
C GLN H 213 8.65 10.08 -31.80
N ARG H 214 7.53 9.69 -31.22
CA ARG H 214 7.42 9.62 -29.76
C ARG H 214 8.07 8.36 -29.23
N TRP H 215 8.18 8.31 -27.90
CA TRP H 215 8.93 7.27 -27.24
C TRP H 215 8.16 5.96 -27.21
N ARG H 216 6.83 6.03 -27.09
CA ARG H 216 6.04 4.82 -27.00
C ARG H 216 5.91 4.14 -28.34
N ASP H 217 5.64 4.93 -29.39
CA ASP H 217 5.50 4.44 -30.75
C ASP H 217 6.82 4.11 -31.42
N ARG H 218 7.93 4.11 -30.70
CA ARG H 218 9.15 3.51 -31.19
C ARG H 218 9.42 2.16 -30.56
N PHE H 219 8.90 1.92 -29.35
CA PHE H 219 9.13 0.65 -28.68
C PHE H 219 8.38 -0.51 -29.29
N LEU H 220 7.10 -0.30 -29.64
CA LEU H 220 6.29 -1.34 -30.26
C LEU H 220 6.87 -1.78 -31.60
N PHE H 221 7.16 -0.83 -32.47
CA PHE H 221 7.58 -1.10 -33.83
C PHE H 221 9.01 -1.61 -33.92
N VAL H 222 9.73 -1.71 -32.81
CA VAL H 222 10.97 -2.47 -32.76
C VAL H 222 10.90 -3.55 -31.69
N ALA H 223 9.70 -3.80 -31.15
CA ALA H 223 9.29 -5.05 -30.56
C ALA H 223 8.51 -5.92 -31.52
N ASP H 224 7.58 -5.34 -32.28
CA ASP H 224 6.93 -6.01 -33.40
C ASP H 224 7.90 -6.41 -34.51
N ALA H 225 9.09 -5.83 -34.55
CA ALA H 225 10.11 -6.19 -35.52
C ALA H 225 11.09 -7.23 -35.01
N ILE H 226 11.00 -7.62 -33.74
CA ILE H 226 11.76 -8.75 -33.22
C ILE H 226 10.97 -10.04 -33.32
N THR H 227 9.68 -9.99 -33.07
CA THR H 227 8.80 -11.12 -33.19
C THR H 227 8.68 -11.60 -34.64
N LYS H 228 9.01 -10.76 -35.62
CA LYS H 228 9.08 -11.17 -37.02
C LYS H 228 10.49 -11.39 -37.54
N ALA H 229 11.47 -11.63 -36.67
CA ALA H 229 12.79 -12.08 -37.10
C ALA H 229 13.43 -13.08 -36.16
N GLN H 230 12.77 -13.41 -35.05
CA GLN H 230 13.27 -14.45 -34.16
C GLN H 230 13.11 -15.83 -34.75
N ALA H 231 11.91 -16.11 -35.26
CA ALA H 231 11.57 -17.42 -35.79
C ALA H 231 12.00 -17.58 -37.25
N GLU H 232 12.11 -16.49 -37.99
CA GLU H 232 12.39 -16.56 -39.42
C GLU H 232 13.87 -16.59 -39.71
N THR H 233 14.72 -16.58 -38.67
CA THR H 233 16.17 -16.66 -38.80
C THR H 233 16.81 -17.66 -37.85
N GLY H 234 16.04 -18.23 -36.94
CA GLY H 234 16.52 -19.30 -36.10
C GLY H 234 17.35 -18.89 -34.91
N GLU H 235 17.37 -17.61 -34.54
CA GLU H 235 18.12 -17.10 -33.40
C GLU H 235 17.34 -15.99 -32.71
N ILE H 236 17.81 -15.60 -31.53
CA ILE H 236 17.18 -14.57 -30.71
C ILE H 236 18.07 -13.33 -30.69
N LYS H 237 17.47 -12.20 -31.04
CA LYS H 237 18.13 -10.92 -31.29
C LYS H 237 17.45 -9.84 -30.46
N GLY H 238 18.20 -8.82 -30.06
CA GLY H 238 17.64 -7.68 -29.37
C GLY H 238 17.73 -6.45 -30.24
N HIS H 239 17.06 -5.39 -29.82
CA HIS H 239 17.35 -4.06 -30.35
C HIS H 239 17.57 -3.10 -29.20
N TYR H 240 18.82 -2.73 -28.99
CA TYR H 240 19.25 -1.88 -27.91
C TYR H 240 18.66 -0.48 -28.02
N LEU H 241 17.94 -0.07 -26.98
CA LEU H 241 17.08 1.12 -26.98
C LEU H 241 17.46 2.08 -25.85
N ASN H 242 17.42 3.37 -26.14
CA ASN H 242 17.71 4.39 -25.13
C ASN H 242 16.60 4.50 -24.10
N VAL H 243 17.00 4.72 -22.84
CA VAL H 243 16.08 4.93 -21.73
C VAL H 243 16.17 6.36 -21.20
N THR H 244 16.87 7.25 -21.90
CA THR H 244 17.18 8.56 -21.36
C THR H 244 15.97 9.48 -21.33
N ALA H 245 15.70 10.04 -20.15
CA ALA H 245 14.55 10.89 -19.88
C ALA H 245 15.03 12.14 -19.18
N PRO H 246 14.21 13.21 -19.12
CA PRO H 246 14.54 14.30 -18.20
C PRO H 246 14.65 13.90 -16.74
N THR H 247 13.58 13.40 -16.12
CA THR H 247 13.62 12.98 -14.73
C THR H 247 14.22 11.57 -14.65
N CYS H 248 14.11 10.95 -13.48
CA CYS H 248 14.27 9.51 -13.45
C CYS H 248 12.94 8.81 -13.30
N GLU H 249 11.93 9.49 -12.73
CA GLU H 249 10.57 8.96 -12.73
C GLU H 249 10.04 8.76 -14.14
N GLU H 250 10.44 9.57 -15.09
CA GLU H 250 10.13 9.24 -16.47
C GLU H 250 11.06 8.15 -16.99
N MET H 251 12.30 8.11 -16.52
CA MET H 251 13.22 7.04 -16.92
C MET H 251 12.82 5.70 -16.30
N LEU H 252 12.11 5.73 -15.17
CA LEU H 252 11.56 4.49 -14.64
C LEU H 252 10.38 4.00 -15.47
N LYS H 253 9.78 4.86 -16.29
CA LYS H 253 8.75 4.43 -17.21
C LYS H 253 9.28 4.09 -18.59
N ARG H 254 10.54 4.43 -18.88
CA ARG H 254 11.12 4.04 -20.17
C ARG H 254 11.90 2.75 -20.03
N ALA H 255 11.77 2.06 -18.91
CA ALA H 255 12.49 0.85 -18.68
C ALA H 255 11.62 -0.23 -18.06
N GLU H 256 10.49 0.17 -17.51
CA GLU H 256 9.45 -0.74 -17.10
C GLU H 256 8.49 -1.07 -18.24
N TYR H 257 8.27 -0.14 -19.15
CA TYR H 257 7.56 -0.42 -20.39
C TYR H 257 8.34 -1.28 -21.36
N ALA H 258 9.66 -1.10 -21.45
CA ALA H 258 10.49 -1.84 -22.40
C ALA H 258 10.45 -3.33 -22.10
N LYS H 259 10.98 -3.75 -20.96
CA LYS H 259 10.79 -5.13 -20.49
C LYS H 259 9.65 -5.12 -19.50
N GLU H 260 8.47 -5.49 -19.97
CA GLU H 260 7.37 -5.86 -19.10
C GLU H 260 7.53 -7.33 -18.76
N LEU H 261 7.37 -8.15 -19.80
CA LEU H 261 8.15 -9.34 -20.08
C LEU H 261 8.49 -9.36 -21.56
N LYS H 262 8.59 -8.18 -22.17
CA LYS H 262 8.47 -8.00 -23.60
C LYS H 262 9.75 -8.23 -24.36
N GLN H 263 10.92 -8.14 -23.72
CA GLN H 263 11.97 -7.59 -24.56
C GLN H 263 13.35 -7.86 -24.00
N PRO H 264 14.38 -7.96 -24.82
CA PRO H 264 15.72 -8.32 -24.36
C PRO H 264 16.43 -7.26 -23.51
N ILE H 265 17.74 -7.43 -23.43
CA ILE H 265 18.68 -6.72 -22.57
C ILE H 265 19.09 -5.38 -23.18
N ILE H 266 18.64 -4.25 -22.59
CA ILE H 266 18.48 -2.96 -23.27
C ILE H 266 19.02 -1.80 -22.41
N MET H 267 19.91 -0.99 -22.98
CA MET H 267 20.99 -0.31 -22.27
C MET H 267 20.86 1.23 -22.29
N HIS H 268 21.79 1.95 -21.61
CA HIS H 268 22.13 3.35 -21.92
C HIS H 268 23.57 3.63 -21.44
N ASP H 269 23.96 4.92 -21.41
CA ASP H 269 25.34 5.42 -21.35
C ASP H 269 25.87 5.61 -19.93
N TYR H 270 26.97 6.39 -19.84
CA TYR H 270 27.59 6.87 -18.61
C TYR H 270 27.88 8.35 -18.63
N LEU H 271 28.12 8.93 -19.81
CA LEU H 271 28.27 10.38 -19.92
C LEU H 271 26.90 11.05 -19.82
N THR H 272 26.89 12.37 -19.53
CA THR H 272 25.69 13.18 -19.24
C THR H 272 24.76 12.48 -18.27
N ALA H 273 25.36 11.83 -17.29
CA ALA H 273 24.89 10.81 -16.39
C ALA H 273 26.08 10.53 -15.52
N GLY H 274 25.90 9.73 -14.48
CA GLY H 274 27.04 9.50 -13.61
C GLY H 274 27.18 8.06 -13.23
N PHE H 275 28.03 7.85 -12.24
CA PHE H 275 28.02 6.62 -11.48
C PHE H 275 26.93 6.68 -10.42
N THR H 276 26.24 7.82 -10.33
CA THR H 276 25.07 8.00 -9.48
C THR H 276 23.77 7.89 -10.27
N ALA H 277 23.72 8.44 -11.47
CA ALA H 277 22.57 8.28 -12.36
C ALA H 277 22.34 6.86 -12.81
N ASN H 278 23.40 6.13 -13.13
CA ASN H 278 23.30 4.78 -13.61
C ASN H 278 23.50 3.79 -12.50
N THR H 279 22.97 4.10 -11.34
CA THR H 279 22.98 3.19 -10.22
C THR H 279 21.55 2.85 -9.81
N THR H 280 20.63 3.75 -10.13
CA THR H 280 19.20 3.54 -10.08
C THR H 280 18.73 2.57 -11.17
N LEU H 281 19.46 2.42 -12.28
CA LEU H 281 19.06 1.48 -13.31
C LEU H 281 20.05 0.36 -13.60
N ALA H 282 21.29 0.44 -13.14
CA ALA H 282 22.11 -0.75 -13.22
C ALA H 282 21.73 -1.75 -12.17
N ARG H 283 20.92 -1.34 -11.20
CA ARG H 283 20.44 -2.22 -10.16
C ARG H 283 18.96 -2.54 -10.35
N TRP H 284 18.39 -2.06 -11.46
CA TRP H 284 17.25 -2.62 -12.17
C TRP H 284 17.63 -3.89 -12.92
N CYS H 285 18.92 -4.16 -13.11
CA CYS H 285 19.44 -5.46 -13.54
C CYS H 285 19.63 -6.42 -12.39
N ARG H 286 19.35 -5.97 -11.18
CA ARG H 286 19.36 -6.86 -10.03
C ARG H 286 17.99 -7.45 -9.79
N ASP H 287 17.05 -7.19 -10.69
CA ASP H 287 15.72 -7.80 -10.69
C ASP H 287 15.38 -8.45 -12.01
N ASN H 288 15.98 -7.96 -13.10
CA ASN H 288 15.44 -8.12 -14.44
C ASN H 288 16.44 -8.65 -15.45
N GLY H 289 17.73 -8.37 -15.28
CA GLY H 289 18.77 -8.77 -16.23
C GLY H 289 18.64 -8.09 -17.58
N VAL H 290 18.72 -6.76 -17.63
CA VAL H 290 18.21 -6.05 -18.80
C VAL H 290 19.04 -4.85 -19.32
N LEU H 291 20.13 -4.44 -18.68
CA LEU H 291 20.89 -3.29 -19.22
C LEU H 291 22.37 -3.36 -18.88
N LEU H 292 23.17 -3.76 -19.87
CA LEU H 292 24.55 -4.19 -19.71
C LEU H 292 25.54 -3.50 -20.62
N HIS H 293 25.14 -3.12 -21.83
CA HIS H 293 26.00 -2.38 -22.73
C HIS H 293 26.16 -0.97 -22.21
N ILE H 294 27.39 -0.49 -22.10
CA ILE H 294 27.62 0.90 -21.71
C ILE H 294 28.25 1.56 -22.91
N HIS H 295 27.65 2.65 -23.38
CA HIS H 295 27.96 3.12 -24.70
C HIS H 295 28.64 4.48 -24.71
N ASN H 307 47.18 14.69 -22.55
CA ASN H 307 48.16 15.42 -21.74
C ASN H 307 47.70 15.64 -20.31
N HIS H 308 46.41 15.95 -20.17
CA HIS H 308 45.80 16.39 -18.91
C HIS H 308 44.41 15.77 -18.87
N GLY H 309 44.32 14.60 -18.27
CA GLY H 309 43.04 13.95 -18.11
C GLY H 309 43.11 12.90 -17.05
N ILE H 310 42.25 11.90 -17.17
CA ILE H 310 42.37 10.66 -16.45
C ILE H 310 42.29 9.52 -17.46
N HIS H 311 43.27 8.62 -17.41
CA HIS H 311 43.41 7.62 -18.45
C HIS H 311 42.27 6.62 -18.35
N PHE H 312 41.98 5.97 -19.48
CA PHE H 312 40.77 5.15 -19.56
C PHE H 312 40.82 3.95 -18.62
N ARG H 313 42.01 3.46 -18.30
CA ARG H 313 42.09 2.30 -17.42
C ARG H 313 41.71 2.62 -16.00
N VAL H 314 41.74 3.89 -15.59
CA VAL H 314 41.10 4.29 -14.35
C VAL H 314 39.59 4.32 -14.54
N LEU H 315 39.15 4.76 -15.70
CA LEU H 315 37.72 4.83 -15.99
C LEU H 315 37.11 3.46 -16.18
N ALA H 316 37.94 2.45 -16.47
CA ALA H 316 37.49 1.08 -16.66
C ALA H 316 37.46 0.28 -15.37
N LYS H 317 38.33 0.58 -14.41
CA LYS H 317 38.18 0.02 -13.06
C LYS H 317 36.95 0.57 -12.39
N ALA H 318 36.57 1.79 -12.72
CA ALA H 318 35.42 2.41 -12.12
C ALA H 318 34.12 1.87 -12.66
N LEU H 319 34.18 1.11 -13.74
CA LEU H 319 32.99 0.81 -14.52
C LEU H 319 32.69 -0.68 -14.56
N ARG H 320 33.70 -1.53 -14.41
CA ARG H 320 33.47 -2.91 -14.06
C ARG H 320 32.83 -2.99 -12.69
N LEU H 321 33.48 -2.41 -11.68
CA LEU H 321 33.02 -2.43 -10.30
C LEU H 321 31.66 -1.77 -10.12
N SER H 322 31.33 -0.80 -10.95
CA SER H 322 29.97 -0.27 -10.97
C SER H 322 29.02 -1.29 -11.59
N GLY H 323 29.24 -1.67 -12.83
CA GLY H 323 28.49 -2.76 -13.42
C GLY H 323 28.42 -2.67 -14.94
N GLY H 324 27.96 -3.78 -15.52
CA GLY H 324 27.83 -3.87 -16.96
C GLY H 324 28.72 -4.95 -17.54
N ASP H 325 28.26 -5.52 -18.67
CA ASP H 325 28.77 -6.79 -19.15
C ASP H 325 29.69 -6.67 -20.36
N HIS H 326 29.66 -5.55 -21.06
CA HIS H 326 30.56 -5.29 -22.18
C HIS H 326 30.59 -3.79 -22.43
N ILE H 327 31.71 -3.15 -22.15
CA ILE H 327 31.78 -1.70 -22.18
C ILE H 327 32.34 -1.24 -23.52
N HIS H 328 31.98 -0.03 -23.92
CA HIS H 328 32.56 0.58 -25.10
C HIS H 328 33.80 1.35 -24.66
N THR H 329 34.73 1.52 -25.59
CA THR H 329 35.98 2.20 -25.26
C THR H 329 36.08 3.55 -25.97
N GLY H 341 49.70 -2.22 -27.16
CA GLY H 341 50.03 -2.60 -25.79
C GLY H 341 49.06 -2.00 -24.80
N ILE H 342 48.67 -0.77 -25.08
CA ILE H 342 47.70 -0.07 -24.24
C ILE H 342 46.27 -0.38 -24.68
N THR H 343 46.05 -0.59 -25.98
CA THR H 343 44.77 -1.13 -26.42
C THR H 343 44.61 -2.57 -25.94
N MET H 344 45.70 -3.32 -25.88
CA MET H 344 45.68 -4.62 -25.21
C MET H 344 45.67 -4.51 -23.70
N GLY H 345 45.84 -3.32 -23.15
CA GLY H 345 46.07 -3.14 -21.73
C GLY H 345 44.86 -3.25 -20.82
N PHE H 346 43.84 -2.41 -21.02
CA PHE H 346 42.66 -2.54 -20.18
C PHE H 346 41.80 -3.72 -20.58
N VAL H 347 41.93 -4.22 -21.82
CA VAL H 347 41.18 -5.41 -22.22
C VAL H 347 41.81 -6.67 -21.67
N ASP H 348 42.96 -6.55 -21.01
CA ASP H 348 43.42 -7.53 -20.05
C ASP H 348 43.18 -7.09 -18.61
N LEU H 349 42.40 -6.05 -18.36
CA LEU H 349 41.90 -5.79 -17.02
C LEU H 349 40.44 -6.12 -16.88
N LEU H 350 39.67 -6.00 -17.94
CA LEU H 350 38.26 -6.30 -17.91
C LEU H 350 37.98 -7.80 -17.96
N ARG H 351 38.97 -8.58 -18.37
CA ARG H 351 38.81 -9.97 -18.72
C ARG H 351 39.66 -10.91 -17.89
N GLU H 352 40.70 -10.41 -17.25
CA GLU H 352 41.65 -11.26 -16.56
C GLU H 352 41.33 -11.35 -15.08
N ASN H 353 42.05 -12.22 -14.41
CA ASN H 353 41.96 -12.45 -12.98
C ASN H 353 43.11 -11.84 -12.22
N TYR H 354 44.33 -11.95 -12.75
CA TYR H 354 45.56 -11.51 -12.14
C TYR H 354 46.38 -10.86 -13.25
N VAL H 355 47.00 -9.72 -12.96
CA VAL H 355 47.84 -9.04 -13.92
C VAL H 355 49.11 -8.58 -13.22
N GLU H 356 50.24 -9.05 -13.70
CA GLU H 356 51.54 -8.64 -13.20
C GLU H 356 52.02 -7.39 -13.92
N GLN H 357 52.91 -6.67 -13.24
CA GLN H 357 53.26 -5.28 -13.54
C GLN H 357 53.98 -5.13 -14.88
N ASP H 358 53.31 -4.51 -15.84
CA ASP H 358 53.89 -4.25 -17.16
C ASP H 358 54.02 -2.74 -17.33
N LYS H 359 55.20 -2.21 -17.03
CA LYS H 359 55.41 -0.77 -17.15
C LYS H 359 55.33 -0.26 -18.57
N SER H 360 55.54 -1.11 -19.56
CA SER H 360 55.41 -0.68 -20.94
C SER H 360 54.00 -0.89 -21.49
N ARG H 361 53.01 -1.07 -20.61
CA ARG H 361 51.63 -1.25 -21.04
C ARG H 361 50.67 -0.33 -20.29
N GLY H 362 51.20 0.54 -19.45
CA GLY H 362 50.34 1.35 -18.61
C GLY H 362 49.92 0.65 -17.35
N ILE H 363 50.20 -0.64 -17.23
CA ILE H 363 49.81 -1.41 -16.06
C ILE H 363 50.93 -1.27 -15.06
N TYR H 364 50.82 -0.29 -14.18
CA TYR H 364 51.93 0.06 -13.32
C TYR H 364 51.90 -0.68 -12.00
N PHE H 365 50.82 -1.37 -11.71
CA PHE H 365 50.61 -2.00 -10.41
C PHE H 365 50.43 -3.50 -10.58
N THR H 366 50.00 -4.12 -9.48
CA THR H 366 49.62 -5.53 -9.52
C THR H 366 48.45 -5.73 -8.58
N GLN H 367 47.32 -6.13 -9.14
CA GLN H 367 46.22 -6.55 -8.28
C GLN H 367 45.43 -7.64 -8.97
N ASP H 368 45.34 -8.77 -8.29
CA ASP H 368 44.38 -9.79 -8.64
C ASP H 368 42.96 -9.29 -8.44
N TRP H 369 42.10 -9.68 -9.36
CA TRP H 369 40.70 -9.29 -9.28
C TRP H 369 39.93 -10.13 -8.29
N ALA H 370 40.46 -11.29 -7.93
CA ALA H 370 40.01 -12.14 -6.82
C ALA H 370 38.55 -12.55 -6.98
N SER H 371 38.30 -13.31 -8.06
CA SER H 371 37.01 -13.94 -8.35
C SER H 371 35.86 -12.94 -8.48
N LEU H 372 35.89 -12.14 -9.52
CA LEU H 372 34.78 -11.24 -9.76
C LEU H 372 34.49 -11.21 -11.26
N PRO H 373 33.18 -11.10 -11.67
CA PRO H 373 32.79 -11.33 -13.08
C PRO H 373 33.47 -10.44 -14.12
N GLY H 374 33.99 -11.04 -15.19
CA GLY H 374 34.60 -10.30 -16.27
C GLY H 374 33.62 -9.46 -17.08
N VAL H 375 34.15 -8.76 -18.08
CA VAL H 375 33.36 -7.85 -18.92
C VAL H 375 34.10 -7.68 -20.24
N MET H 376 33.38 -7.75 -21.35
CA MET H 376 33.99 -7.86 -22.67
C MET H 376 34.22 -6.48 -23.29
N ALA H 377 34.71 -6.46 -24.52
CA ALA H 377 35.00 -5.16 -25.09
C ALA H 377 34.21 -4.95 -26.39
N VAL H 378 34.12 -3.69 -26.79
CA VAL H 378 33.43 -3.28 -27.99
C VAL H 378 34.46 -2.72 -28.97
N ALA H 379 34.30 -3.07 -30.24
CA ALA H 379 35.15 -2.57 -31.32
C ALA H 379 34.94 -1.07 -31.48
N SER H 380 36.05 -0.33 -31.54
CA SER H 380 36.04 1.13 -31.51
C SER H 380 36.92 1.77 -32.57
N GLY H 381 36.84 1.33 -33.82
CA GLY H 381 37.63 1.95 -34.86
C GLY H 381 36.83 2.47 -36.03
N GLY H 382 35.61 1.96 -36.19
CA GLY H 382 34.73 2.35 -37.28
C GLY H 382 34.23 1.15 -38.05
N ILE H 383 33.83 1.43 -39.29
CA ILE H 383 33.33 0.40 -40.20
C ILE H 383 34.50 -0.49 -40.61
N HIS H 384 34.25 -1.80 -40.66
CA HIS H 384 35.30 -2.80 -40.61
C HIS H 384 35.04 -4.02 -41.48
N VAL H 385 34.28 -3.88 -42.59
CA VAL H 385 33.61 -4.98 -43.26
C VAL H 385 34.61 -5.96 -43.86
N TRP H 386 35.71 -5.42 -44.36
CA TRP H 386 36.78 -6.17 -44.98
C TRP H 386 37.93 -6.41 -44.02
N HIS H 387 38.04 -5.57 -43.00
CA HIS H 387 39.10 -5.65 -42.00
C HIS H 387 38.59 -6.45 -40.81
N MET H 388 38.07 -7.65 -41.11
CA MET H 388 37.54 -8.57 -40.11
C MET H 388 38.56 -9.43 -39.37
N PRO H 389 39.55 -10.10 -39.99
CA PRO H 389 40.44 -10.93 -39.18
C PRO H 389 41.45 -10.16 -38.36
N ALA H 390 41.57 -8.85 -38.57
CA ALA H 390 42.44 -8.07 -37.72
C ALA H 390 41.84 -7.87 -36.34
N LEU H 391 40.52 -7.84 -36.23
CA LEU H 391 39.87 -7.69 -34.93
C LEU H 391 39.78 -8.99 -34.16
N VAL H 392 39.65 -10.12 -34.87
CA VAL H 392 39.42 -11.41 -34.25
C VAL H 392 40.60 -11.88 -33.41
N GLU H 393 41.83 -11.61 -33.83
CA GLU H 393 42.97 -11.92 -32.98
C GLU H 393 43.13 -10.99 -31.81
N ILE H 394 42.89 -9.70 -31.99
CA ILE H 394 43.29 -8.73 -30.99
C ILE H 394 42.32 -8.73 -29.81
N PHE H 395 41.02 -8.73 -30.09
CA PHE H 395 40.06 -8.76 -29.00
C PHE H 395 39.71 -10.18 -28.59
N GLY H 396 40.13 -11.17 -29.39
CA GLY H 396 39.96 -12.57 -29.04
C GLY H 396 38.57 -13.11 -29.29
N ASP H 397 38.16 -14.06 -28.45
CA ASP H 397 36.83 -14.66 -28.52
C ASP H 397 35.79 -13.85 -27.76
N ASP H 398 36.14 -13.36 -26.59
CA ASP H 398 35.18 -12.81 -25.65
C ASP H 398 35.11 -11.31 -25.87
N SER H 399 34.51 -10.89 -26.98
CA SER H 399 34.30 -9.47 -27.25
C SER H 399 33.03 -9.32 -28.07
N VAL H 400 32.69 -8.07 -28.37
CA VAL H 400 31.53 -7.70 -29.19
C VAL H 400 31.99 -6.70 -30.25
N LEU H 401 31.53 -6.90 -31.49
CA LEU H 401 31.85 -6.04 -32.61
C LEU H 401 30.61 -5.27 -33.04
N GLN H 402 30.82 -4.26 -33.87
CA GLN H 402 29.69 -3.52 -34.43
C GLN H 402 28.91 -4.42 -35.39
N ALA H 415 20.00 -5.63 -45.72
CA ALA H 415 20.19 -7.07 -45.51
C ALA H 415 21.26 -7.76 -46.40
N PRO H 416 21.50 -7.30 -47.64
CA PRO H 416 22.77 -7.73 -48.26
C PRO H 416 23.99 -7.16 -47.56
N GLY H 417 23.97 -5.88 -47.22
CA GLY H 417 25.01 -5.25 -46.44
C GLY H 417 25.17 -5.73 -45.02
N ALA H 418 24.21 -6.49 -44.51
CA ALA H 418 24.34 -7.16 -43.22
C ALA H 418 24.68 -8.64 -43.33
N THR H 419 24.42 -9.27 -44.47
CA THR H 419 24.80 -10.67 -44.61
C THR H 419 26.28 -10.82 -44.96
N ALA H 420 26.95 -9.74 -45.38
CA ALA H 420 28.39 -9.80 -45.59
C ALA H 420 29.15 -9.75 -44.29
N ASN H 421 28.49 -9.33 -43.22
CA ASN H 421 29.18 -9.19 -41.93
C ASN H 421 29.32 -10.53 -41.24
N ARG H 422 28.25 -11.33 -41.25
CA ARG H 422 28.27 -12.58 -40.50
C ARG H 422 29.17 -13.61 -41.15
N VAL H 423 29.26 -13.56 -42.49
CA VAL H 423 30.01 -14.56 -43.22
C VAL H 423 31.51 -14.39 -43.02
N ALA H 424 31.98 -13.14 -43.07
CA ALA H 424 33.40 -12.87 -42.88
C ALA H 424 33.84 -13.12 -41.45
N LEU H 425 32.92 -13.00 -40.48
CA LEU H 425 33.27 -13.32 -39.10
C LEU H 425 33.39 -14.82 -38.88
N GLU H 426 32.39 -15.59 -39.34
CA GLU H 426 32.31 -17.01 -39.05
C GLU H 426 33.38 -17.81 -39.78
N ALA H 427 33.93 -17.25 -40.86
CA ALA H 427 34.88 -18.00 -41.69
C ALA H 427 36.25 -18.11 -41.03
N CYS H 428 36.74 -16.99 -40.48
CA CYS H 428 38.10 -16.91 -39.96
C CYS H 428 38.29 -17.83 -38.76
N VAL H 429 37.24 -18.01 -37.97
CA VAL H 429 37.32 -18.69 -36.68
C VAL H 429 37.65 -20.17 -36.86
N GLN H 430 37.24 -20.76 -37.97
CA GLN H 430 37.62 -22.14 -38.21
C GLN H 430 39.02 -22.26 -38.80
N ALA H 431 39.48 -21.25 -39.54
CA ALA H 431 40.85 -21.23 -40.05
C ALA H 431 41.86 -20.83 -39.00
N ARG H 432 41.42 -20.28 -37.87
CA ARG H 432 42.27 -20.20 -36.71
C ARG H 432 42.48 -21.56 -36.06
N ASN H 433 41.42 -22.34 -35.94
CA ASN H 433 41.50 -23.59 -35.20
C ASN H 433 42.13 -24.71 -35.98
N GLU H 434 42.34 -24.54 -37.28
CA GLU H 434 43.16 -25.50 -38.02
C GLU H 434 44.62 -25.37 -37.63
N GLY H 435 45.04 -24.18 -37.23
CA GLY H 435 46.44 -23.87 -36.99
C GLY H 435 47.02 -22.88 -37.97
N ARG H 436 46.22 -22.34 -38.89
CA ARG H 436 46.77 -21.38 -39.84
C ARG H 436 46.98 -20.05 -39.16
N ASN H 437 48.14 -19.44 -39.39
CA ASN H 437 48.49 -18.19 -38.73
C ASN H 437 47.62 -17.08 -39.30
N LEU H 438 46.58 -16.71 -38.54
CA LEU H 438 45.55 -15.80 -39.03
C LEU H 438 46.05 -14.37 -39.09
N ALA H 439 47.21 -14.10 -38.50
CA ALA H 439 47.82 -12.77 -38.64
C ALA H 439 48.44 -12.60 -40.02
N ARG H 440 49.23 -13.58 -40.45
CA ARG H 440 49.97 -13.44 -41.70
C ARG H 440 49.21 -14.02 -42.89
N GLU H 441 47.90 -14.21 -42.76
CA GLU H 441 47.14 -14.89 -43.80
C GLU H 441 45.73 -14.33 -43.95
N GLY H 442 45.38 -13.34 -43.12
CA GLY H 442 44.03 -12.80 -42.99
C GLY H 442 43.20 -12.47 -44.20
N ASN H 443 43.83 -12.00 -45.28
CA ASN H 443 43.05 -11.60 -46.45
C ASN H 443 42.60 -12.78 -47.30
N ASP H 444 43.42 -13.82 -47.38
CA ASP H 444 43.09 -14.97 -48.21
C ASP H 444 41.96 -15.80 -47.62
N VAL H 445 41.71 -15.66 -46.33
CA VAL H 445 40.55 -16.31 -45.73
C VAL H 445 39.28 -15.56 -46.09
N ILE H 446 39.38 -14.25 -46.29
CA ILE H 446 38.24 -13.46 -46.76
C ILE H 446 37.98 -13.76 -48.23
N ARG H 447 39.04 -14.06 -48.99
CA ARG H 447 38.88 -14.27 -50.42
C ARG H 447 38.28 -15.64 -50.73
N GLU H 448 38.60 -16.65 -49.92
CA GLU H 448 38.02 -17.97 -50.17
C GLU H 448 36.58 -18.04 -49.73
N ALA H 449 36.12 -17.10 -48.92
CA ALA H 449 34.73 -17.05 -48.50
C ALA H 449 33.86 -16.25 -49.46
N ALA H 450 34.41 -15.82 -50.59
CA ALA H 450 33.61 -15.14 -51.61
C ALA H 450 32.98 -16.12 -52.58
N LYS H 451 33.50 -17.35 -52.62
CA LYS H 451 33.12 -18.31 -53.65
C LYS H 451 31.87 -19.09 -53.26
N TRP H 452 31.26 -18.72 -52.14
CA TRP H 452 29.96 -19.25 -51.74
C TRP H 452 29.06 -18.16 -51.16
N SER H 453 29.49 -16.90 -51.21
CA SER H 453 28.78 -15.75 -50.67
C SER H 453 28.90 -14.56 -51.60
N PRO H 454 27.81 -14.15 -52.26
CA PRO H 454 27.90 -13.01 -53.19
C PRO H 454 28.04 -11.65 -52.51
N GLU H 455 27.72 -11.53 -51.22
CA GLU H 455 27.83 -10.24 -50.55
C GLU H 455 29.27 -9.92 -50.14
N LEU H 456 30.15 -10.91 -50.07
CA LEU H 456 31.56 -10.64 -49.89
C LEU H 456 32.30 -10.47 -51.21
N ALA H 457 31.65 -10.76 -52.33
CA ALA H 457 32.18 -10.46 -53.65
C ALA H 457 32.18 -8.96 -53.92
N VAL H 458 31.25 -8.22 -53.34
CA VAL H 458 31.16 -6.79 -53.55
C VAL H 458 32.08 -6.01 -52.62
N ALA H 459 32.22 -6.44 -51.36
CA ALA H 459 32.82 -5.61 -50.32
C ALA H 459 34.34 -5.49 -50.45
N CYS H 460 35.03 -6.57 -50.80
CA CYS H 460 36.49 -6.58 -50.86
C CYS H 460 37.07 -5.65 -51.92
N GLU H 461 36.28 -5.33 -52.93
CA GLU H 461 36.69 -4.38 -53.97
C GLU H 461 36.49 -2.94 -53.52
N LEU H 462 35.60 -2.71 -52.56
CA LEU H 462 35.29 -1.38 -52.04
C LEU H 462 36.34 -0.88 -51.07
N TRP H 463 37.08 -1.78 -50.42
CA TRP H 463 38.02 -1.40 -49.40
C TRP H 463 39.44 -1.34 -49.96
N LYS H 464 40.40 -1.07 -49.08
CA LYS H 464 41.66 -0.45 -49.50
C LYS H 464 42.80 -1.45 -49.62
N GLU H 465 43.42 -1.47 -50.80
CA GLU H 465 44.58 -2.32 -51.04
C GLU H 465 45.88 -1.52 -51.09
N ILE H 466 45.90 -0.35 -50.44
CA ILE H 466 46.97 0.63 -50.63
C ILE H 466 48.27 0.19 -49.94
N LYS H 467 49.36 0.22 -50.72
CA LYS H 467 50.64 -0.36 -50.32
C LYS H 467 51.77 0.59 -50.72
N PHE H 468 53.00 0.15 -50.41
CA PHE H 468 54.22 0.73 -50.97
C PHE H 468 55.25 -0.40 -51.07
N GLU H 469 55.74 -0.67 -52.28
CA GLU H 469 56.92 -1.51 -52.44
C GLU H 469 58.00 -0.59 -53.02
N PHE H 470 58.60 0.20 -52.15
CA PHE H 470 59.64 1.16 -52.50
C PHE H 470 60.82 0.83 -51.60
N GLU H 471 61.57 -0.18 -52.02
CA GLU H 471 62.72 -0.63 -51.28
C GLU H 471 63.90 -0.23 -52.10
N ASN I 2 63.70 -35.17 64.92
CA ASN I 2 64.43 -36.26 64.27
C ASN I 2 64.16 -36.27 62.77
N LEU I 3 64.02 -37.47 62.21
CA LEU I 3 63.72 -37.59 60.79
C LEU I 3 62.37 -38.26 60.59
N LYS I 4 61.89 -39.00 61.60
CA LYS I 4 60.67 -39.79 61.50
C LYS I 4 59.46 -39.07 62.09
N GLN I 5 59.61 -38.42 63.26
CA GLN I 5 58.45 -37.76 63.87
C GLN I 5 57.99 -36.55 63.09
N ILE I 6 58.88 -35.94 62.31
CA ILE I 6 58.49 -34.84 61.42
C ILE I 6 57.57 -35.36 60.34
N ALA I 7 57.67 -36.64 60.02
CA ALA I 7 56.79 -37.20 59.00
C ALA I 7 55.39 -37.46 59.57
N LYS I 8 55.28 -37.92 60.82
CA LYS I 8 53.97 -37.89 61.48
C LYS I 8 53.51 -36.47 61.81
N ASP I 9 54.46 -35.54 62.01
CA ASP I 9 54.11 -34.14 62.25
C ASP I 9 53.44 -33.53 61.03
N THR I 10 54.03 -33.73 59.85
CA THR I 10 53.48 -33.21 58.61
C THR I 10 52.15 -33.89 58.25
N ALA I 11 52.04 -35.20 58.52
CA ALA I 11 50.83 -35.95 58.16
C ALA I 11 49.62 -35.49 58.97
N LYS I 12 49.84 -34.98 60.18
CA LYS I 12 48.75 -34.38 60.94
C LYS I 12 48.31 -33.05 60.32
N THR I 13 49.25 -32.30 59.76
CA THR I 13 48.94 -31.03 59.11
C THR I 13 48.39 -31.22 57.71
N LEU I 14 48.85 -32.26 56.99
CA LEU I 14 48.32 -32.57 55.66
C LEU I 14 46.85 -32.92 55.73
N GLN I 15 46.48 -33.75 56.71
CA GLN I 15 45.12 -34.24 56.86
C GLN I 15 44.16 -33.08 57.11
N SER I 16 44.66 -32.03 57.76
CA SER I 16 43.89 -30.80 57.95
C SER I 16 43.60 -30.11 56.61
N TYR I 17 44.62 -29.99 55.75
CA TYR I 17 44.43 -29.26 54.49
C TYR I 17 43.63 -30.06 53.48
N LEU I 18 43.60 -31.38 53.63
CA LEU I 18 42.75 -32.18 52.76
C LEU I 18 41.28 -32.01 53.15
N THR I 19 41.02 -31.71 54.42
CA THR I 19 39.67 -31.43 54.87
C THR I 19 39.23 -30.04 54.41
N TYR I 20 40.19 -29.17 54.10
CA TYR I 20 39.89 -27.87 53.53
C TYR I 20 39.27 -28.01 52.14
N GLN I 21 39.89 -28.86 51.30
CA GLN I 21 39.43 -29.04 49.93
C GLN I 21 38.08 -29.74 49.89
N ALA I 22 37.76 -30.49 50.95
CA ALA I 22 36.41 -30.97 51.17
C ALA I 22 35.44 -29.83 51.34
N LEU I 23 35.75 -28.92 52.27
CA LEU I 23 34.78 -27.90 52.65
C LEU I 23 34.64 -26.83 51.59
N MET I 24 35.70 -26.58 50.82
CA MET I 24 35.55 -25.69 49.68
C MET I 24 34.72 -26.33 48.57
N THR I 25 34.78 -27.66 48.47
CA THR I 25 33.91 -28.37 47.54
C THR I 25 32.49 -28.48 48.09
N VAL I 26 32.34 -28.70 49.40
CA VAL I 26 31.06 -28.57 50.08
C VAL I 26 30.42 -27.20 49.86
N LEU I 27 31.17 -26.13 50.04
CA LEU I 27 30.60 -24.78 50.03
C LEU I 27 30.27 -24.33 48.61
N ALA I 28 31.04 -24.79 47.62
CA ALA I 28 30.82 -24.35 46.24
C ALA I 28 29.64 -25.04 45.57
N GLN I 29 29.07 -26.08 46.19
CA GLN I 29 27.97 -26.82 45.60
C GLN I 29 26.62 -26.47 46.20
N LEU I 30 26.55 -26.20 47.50
CA LEU I 30 25.30 -25.85 48.16
C LEU I 30 24.93 -24.39 47.96
N GLY I 31 25.75 -23.63 47.22
CA GLY I 31 25.47 -22.23 47.04
C GLY I 31 24.29 -21.98 46.13
N GLU I 32 23.94 -22.97 45.31
CA GLU I 32 22.80 -22.89 44.41
C GLU I 32 21.73 -23.94 44.70
N THR I 33 22.12 -25.11 45.20
CA THR I 33 21.14 -26.16 45.47
C THR I 33 20.30 -25.83 46.68
N ASN I 34 20.94 -25.68 47.85
CA ASN I 34 20.27 -25.32 49.09
C ASN I 34 20.86 -24.02 49.61
N PRO I 35 20.35 -22.87 49.17
CA PRO I 35 20.86 -21.59 49.69
C PRO I 35 20.48 -21.32 51.15
N PRO I 36 19.36 -21.87 51.69
CA PRO I 36 19.26 -21.91 53.17
C PRO I 36 20.40 -22.65 53.87
N LEU I 37 21.05 -23.61 53.19
CA LEU I 37 22.23 -24.29 53.72
C LEU I 37 23.52 -23.77 53.07
N ALA I 38 23.61 -22.45 52.88
CA ALA I 38 24.80 -21.85 52.31
C ALA I 38 25.32 -20.66 53.10
N LEU I 39 24.47 -20.01 53.91
CA LEU I 39 24.86 -18.87 54.71
C LEU I 39 24.94 -19.22 56.19
N TRP I 40 24.71 -20.48 56.52
CA TRP I 40 24.78 -21.00 57.87
C TRP I 40 25.99 -21.92 58.07
N LEU I 41 26.64 -22.30 56.96
CA LEU I 41 27.92 -22.99 57.04
C LEU I 41 29.05 -22.06 57.46
N HIS I 42 28.81 -20.75 57.41
CA HIS I 42 29.74 -19.75 57.92
C HIS I 42 29.50 -19.42 59.39
N THR I 43 28.56 -20.11 60.03
CA THR I 43 28.44 -20.02 61.48
C THR I 43 29.45 -20.94 62.15
N PHE I 44 29.88 -22.00 61.46
CA PHE I 44 30.77 -23.00 62.06
C PHE I 44 32.20 -22.97 61.54
N SER I 45 32.50 -22.15 60.54
CA SER I 45 33.81 -22.13 59.94
C SER I 45 34.52 -20.79 60.12
N VAL I 46 34.44 -20.19 61.31
CA VAL I 46 35.05 -18.90 61.58
C VAL I 46 36.40 -19.14 62.25
N GLY I 47 37.46 -18.60 61.66
CA GLY I 47 38.81 -18.79 62.12
C GLY I 47 39.44 -20.09 61.67
N LYS I 48 38.83 -21.23 61.99
CA LYS I 48 39.30 -22.52 61.50
C LYS I 48 38.15 -23.21 60.79
N VAL I 49 38.32 -23.41 59.49
CA VAL I 49 37.35 -24.09 58.65
C VAL I 49 37.47 -25.61 58.73
N GLN I 50 38.69 -26.13 58.89
CA GLN I 50 39.02 -27.50 58.56
C GLN I 50 38.80 -28.49 59.70
N ASP I 51 37.87 -28.22 60.61
CA ASP I 51 37.63 -29.16 61.70
C ASP I 51 36.87 -30.37 61.18
N GLY I 52 36.95 -31.47 61.94
CA GLY I 52 36.45 -32.75 61.49
C GLY I 52 35.22 -33.25 62.23
N GLU I 53 35.18 -33.04 63.54
CA GLU I 53 34.09 -33.56 64.35
C GLU I 53 33.58 -32.57 65.39
N ALA I 54 34.33 -31.50 65.68
CA ALA I 54 33.94 -30.52 66.69
C ALA I 54 32.68 -29.77 66.27
N TYR I 55 32.56 -29.44 64.99
CA TYR I 55 31.33 -28.84 64.48
C TYR I 55 30.19 -29.86 64.49
N VAL I 56 30.52 -31.14 64.30
CA VAL I 56 29.51 -32.20 64.27
C VAL I 56 28.93 -32.43 65.66
N LYS I 57 29.78 -32.30 66.70
CA LYS I 57 29.31 -32.38 68.08
C LYS I 57 28.31 -31.28 68.37
N GLU I 58 28.50 -30.13 67.74
CA GLU I 58 27.51 -29.07 67.78
C GLU I 58 26.39 -29.30 66.77
N LEU I 59 26.64 -30.05 65.71
CA LEU I 59 25.61 -30.39 64.73
C LEU I 59 24.78 -31.61 65.10
N PHE I 60 25.13 -32.35 66.17
CA PHE I 60 24.24 -33.45 66.59
C PHE I 60 22.93 -32.91 67.13
N ARG I 61 22.96 -31.82 67.89
CA ARG I 61 21.77 -31.20 68.47
C ARG I 61 20.91 -30.47 67.44
N GLU I 62 21.26 -30.59 66.16
CA GLU I 62 20.55 -30.16 64.97
C GLU I 62 20.84 -31.25 63.94
N GLN I 63 20.79 -30.94 62.67
CA GLN I 63 21.01 -32.03 61.70
C GLN I 63 22.49 -32.21 61.33
N PRO I 64 23.13 -33.35 61.67
CA PRO I 64 24.59 -33.50 61.49
C PRO I 64 25.04 -34.12 60.17
N ASP I 65 24.18 -34.20 59.16
CA ASP I 65 24.42 -35.09 58.02
C ASP I 65 25.52 -34.61 57.08
N LEU I 66 25.93 -33.35 57.15
CA LEU I 66 26.90 -32.81 56.20
C LEU I 66 28.27 -33.43 56.41
N ALA I 67 28.55 -33.84 57.65
CA ALA I 67 29.85 -34.35 58.04
C ALA I 67 30.21 -35.62 57.29
N LEU I 68 29.26 -36.55 57.18
CA LEU I 68 29.49 -37.79 56.45
C LEU I 68 29.65 -37.55 54.96
N ARG I 69 29.24 -36.39 54.46
CA ARG I 69 29.60 -35.96 53.11
C ARG I 69 30.94 -35.24 53.08
N ILE I 70 31.33 -34.54 54.16
CA ILE I 70 32.66 -33.95 54.23
C ILE I 70 33.72 -35.03 54.29
N MET I 71 33.39 -36.17 54.89
CA MET I 71 34.36 -37.24 54.95
C MET I 71 34.29 -38.17 53.75
N THR I 72 33.34 -37.96 52.83
CA THR I 72 33.38 -38.71 51.58
C THR I 72 33.83 -37.84 50.40
N VAL I 73 34.01 -36.54 50.60
CA VAL I 73 34.71 -35.76 49.60
C VAL I 73 36.20 -36.05 49.68
N ARG I 74 36.72 -36.22 50.90
CA ARG I 74 38.15 -36.42 51.12
C ARG I 74 38.64 -37.75 50.58
N GLU I 75 37.72 -38.66 50.25
CA GLU I 75 38.12 -39.97 49.76
C GLU I 75 38.70 -39.91 48.35
N HIS I 76 38.01 -39.24 47.43
CA HIS I 76 38.45 -39.24 46.04
C HIS I 76 39.67 -38.38 45.78
N ILE I 77 40.00 -37.47 46.71
CA ILE I 77 41.20 -36.66 46.53
C ILE I 77 42.39 -37.30 47.24
N ALA I 78 42.21 -37.86 48.43
CA ALA I 78 43.34 -38.48 49.09
C ALA I 78 43.72 -39.82 48.48
N GLU I 79 42.87 -40.40 47.63
CA GLU I 79 43.26 -41.59 46.89
C GLU I 79 43.85 -41.28 45.52
N GLU I 80 43.78 -40.03 45.09
CA GLU I 80 44.26 -39.64 43.76
C GLU I 80 45.32 -38.55 43.81
N VAL I 81 45.64 -38.04 45.00
CA VAL I 81 46.78 -37.14 45.14
C VAL I 81 47.90 -37.80 45.92
N ALA I 82 47.59 -38.57 46.96
CA ALA I 82 48.62 -39.14 47.82
C ALA I 82 49.43 -40.22 47.12
N GLU I 83 48.90 -40.85 46.07
CA GLU I 83 49.73 -41.75 45.28
C GLU I 83 50.55 -40.99 44.24
N PHE I 84 50.02 -39.89 43.70
CA PHE I 84 50.73 -39.14 42.69
C PHE I 84 51.60 -38.04 43.28
N LEU I 85 51.48 -37.76 44.58
CA LEU I 85 52.29 -36.88 45.43
C LEU I 85 53.81 -36.92 45.23
N PRO I 86 54.49 -38.08 45.06
CA PRO I 86 55.97 -38.04 44.95
C PRO I 86 56.54 -37.22 43.81
N GLU I 87 55.91 -37.18 42.63
CA GLU I 87 56.40 -36.29 41.60
C GLU I 87 55.81 -34.88 41.71
N MET I 88 54.58 -34.75 42.24
CA MET I 88 53.87 -33.47 42.23
C MET I 88 54.54 -32.43 43.12
N VAL I 89 55.14 -32.84 44.23
CA VAL I 89 55.89 -31.95 45.10
C VAL I 89 57.34 -31.78 44.64
N ARG I 90 57.99 -32.85 44.16
CA ARG I 90 59.34 -32.77 43.61
C ARG I 90 59.43 -31.92 42.35
N SER I 91 58.35 -31.83 41.56
CA SER I 91 58.41 -31.04 40.33
C SER I 91 58.46 -29.55 40.64
N GLY I 92 57.75 -29.13 41.68
CA GLY I 92 57.80 -27.75 42.11
C GLY I 92 59.09 -27.39 42.83
N ILE I 93 59.87 -28.39 43.23
CA ILE I 93 61.18 -28.11 43.82
C ILE I 93 62.13 -27.61 42.73
N GLN I 94 62.00 -28.16 41.51
CA GLN I 94 62.89 -27.80 40.40
C GLN I 94 62.70 -26.35 39.96
N GLN I 95 61.45 -25.88 39.92
CA GLN I 95 61.17 -24.46 39.70
C GLN I 95 61.82 -23.59 40.77
N ALA I 96 61.55 -23.88 42.04
CA ALA I 96 62.11 -23.11 43.14
C ALA I 96 63.54 -23.52 43.49
N ASN I 97 64.16 -24.40 42.72
CA ASN I 97 65.62 -24.47 42.69
C ASN I 97 66.19 -23.43 41.75
N MET I 98 65.54 -23.23 40.59
CA MET I 98 66.07 -22.41 39.51
C MET I 98 65.80 -20.93 39.67
N GLU I 99 64.64 -20.58 40.26
CA GLU I 99 64.29 -19.17 40.47
C GLU I 99 65.17 -18.54 41.53
N GLN I 100 65.71 -19.37 42.43
CA GLN I 100 66.54 -18.85 43.51
C GLN I 100 68.01 -18.87 43.13
N ARG I 101 68.38 -19.70 42.15
CA ARG I 101 69.75 -19.71 41.67
C ARG I 101 70.00 -18.56 40.69
N ARG I 102 68.96 -18.11 40.00
CA ARG I 102 69.09 -17.02 39.05
C ARG I 102 68.98 -15.66 39.74
N ASN J 2 37.61 -29.11 39.31
CA ASN J 2 37.88 -30.53 39.13
C ASN J 2 38.90 -31.02 40.16
N LEU J 3 39.74 -31.97 39.73
CA LEU J 3 40.77 -32.54 40.58
C LEU J 3 42.16 -31.99 40.28
N LYS J 4 42.49 -31.77 39.01
CA LYS J 4 43.72 -31.09 38.65
C LYS J 4 43.75 -29.65 39.10
N GLN J 5 42.58 -29.02 39.23
CA GLN J 5 42.50 -27.73 39.92
C GLN J 5 42.83 -27.87 41.39
N ILE J 6 42.40 -28.95 42.03
CA ILE J 6 42.73 -29.21 43.43
C ILE J 6 44.18 -29.62 43.60
N ALA J 7 44.64 -30.57 42.78
CA ALA J 7 45.94 -31.23 43.00
C ALA J 7 47.09 -30.27 42.78
N LYS J 8 46.92 -29.33 41.84
CA LYS J 8 47.94 -28.31 41.63
C LYS J 8 47.89 -27.25 42.72
N ASP J 9 46.72 -27.05 43.34
CA ASP J 9 46.65 -26.16 44.50
C ASP J 9 47.27 -26.80 45.73
N THR J 10 47.10 -28.11 45.89
CA THR J 10 47.73 -28.82 47.00
C THR J 10 49.24 -28.94 46.82
N ALA J 11 49.73 -28.84 45.58
CA ALA J 11 51.16 -29.01 45.32
C ALA J 11 51.97 -27.84 45.86
N LYS J 12 51.37 -26.65 45.93
CA LYS J 12 52.06 -25.48 46.43
C LYS J 12 51.86 -25.26 47.92
N THR J 13 50.75 -25.74 48.49
CA THR J 13 50.44 -25.48 49.89
C THR J 13 51.38 -26.24 50.81
N LEU J 14 51.47 -27.56 50.61
CA LEU J 14 52.30 -28.40 51.44
C LEU J 14 53.78 -28.16 51.17
N GLN J 15 54.10 -27.76 49.93
CA GLN J 15 55.44 -27.27 49.59
C GLN J 15 55.85 -26.12 50.50
N SER J 16 54.97 -25.12 50.62
CA SER J 16 55.21 -24.00 51.53
C SER J 16 55.25 -24.47 52.99
N TYR J 17 54.54 -25.55 53.32
CA TYR J 17 54.69 -26.14 54.64
C TYR J 17 56.02 -26.88 54.78
N LEU J 18 56.49 -27.50 53.69
CA LEU J 18 57.78 -28.21 53.75
C LEU J 18 58.95 -27.24 53.74
N THR J 19 58.74 -26.00 53.26
CA THR J 19 59.80 -25.00 53.34
C THR J 19 59.79 -24.30 54.69
N TYR J 20 58.84 -24.66 55.55
CA TYR J 20 58.85 -24.13 56.91
C TYR J 20 59.63 -25.05 57.83
N GLN J 21 59.43 -26.37 57.68
CA GLN J 21 60.25 -27.34 58.39
C GLN J 21 61.70 -27.28 57.94
N ALA J 22 61.92 -26.82 56.70
CA ALA J 22 63.22 -26.29 56.29
C ALA J 22 63.70 -25.21 57.24
N LEU J 23 62.90 -24.15 57.42
CA LEU J 23 63.32 -22.99 58.19
C LEU J 23 63.40 -23.30 59.69
N MET J 24 62.61 -24.28 60.14
CA MET J 24 62.64 -24.64 61.56
C MET J 24 63.85 -25.54 61.87
N THR J 25 64.32 -26.29 60.88
CA THR J 25 65.49 -27.13 61.07
C THR J 25 66.72 -26.25 61.15
N VAL J 26 66.71 -25.16 60.39
CA VAL J 26 67.77 -24.15 60.42
C VAL J 26 67.65 -23.38 61.74
N LEU J 27 66.43 -23.24 62.24
CA LEU J 27 66.21 -22.47 63.47
C LEU J 27 66.80 -23.17 64.70
N ALA J 28 66.58 -24.48 64.82
CA ALA J 28 67.19 -25.22 65.91
C ALA J 28 68.68 -25.43 65.69
N GLN J 29 69.13 -25.38 64.43
CA GLN J 29 70.54 -25.58 64.12
C GLN J 29 71.36 -24.38 64.57
N LEU J 30 70.85 -23.17 64.32
CA LEU J 30 71.58 -21.95 64.63
C LEU J 30 71.44 -21.52 66.07
N GLY J 31 70.54 -22.14 66.83
CA GLY J 31 70.53 -21.93 68.27
C GLY J 31 71.67 -22.61 69.00
N GLU J 32 72.46 -23.42 68.31
CA GLU J 32 73.60 -24.13 68.86
C GLU J 32 74.93 -23.68 68.29
N THR J 33 74.96 -23.24 67.02
CA THR J 33 76.20 -22.84 66.37
C THR J 33 76.46 -21.34 66.48
N ASN J 34 75.50 -20.53 66.04
CA ASN J 34 75.66 -19.08 66.00
C ASN J 34 74.43 -18.44 66.65
N PRO J 35 74.44 -18.29 67.98
CA PRO J 35 73.28 -17.69 68.68
C PRO J 35 73.00 -16.24 68.31
N PRO J 36 73.98 -15.42 67.89
CA PRO J 36 73.60 -14.18 67.19
C PRO J 36 72.81 -14.39 65.89
N LEU J 37 73.14 -15.41 65.11
CA LEU J 37 72.42 -15.63 63.85
C LEU J 37 71.04 -16.23 64.07
N ALA J 38 70.80 -16.88 65.22
CA ALA J 38 69.47 -17.37 65.54
C ALA J 38 68.58 -16.24 66.09
N LEU J 39 69.16 -15.31 66.83
CA LEU J 39 68.38 -14.20 67.38
C LEU J 39 67.99 -13.18 66.30
N TRP J 40 68.73 -13.15 65.20
CA TRP J 40 68.35 -12.28 64.09
C TRP J 40 67.43 -12.98 63.12
N LEU J 41 67.59 -14.29 62.98
CA LEU J 41 66.63 -15.07 62.18
C LEU J 41 65.28 -15.13 62.86
N HIS J 42 65.24 -15.13 64.19
CA HIS J 42 63.98 -15.06 64.91
C HIS J 42 63.33 -13.69 64.78
N THR J 43 64.12 -12.63 64.54
CA THR J 43 63.55 -11.31 64.32
C THR J 43 62.80 -11.25 63.00
N PHE J 44 63.40 -11.75 61.92
CA PHE J 44 62.73 -11.76 60.62
C PHE J 44 61.58 -12.76 60.56
N SER J 45 61.59 -13.78 61.41
CA SER J 45 60.59 -14.85 61.32
C SER J 45 59.20 -14.40 61.74
N VAL J 46 59.10 -13.32 62.51
CA VAL J 46 57.85 -12.89 63.13
C VAL J 46 57.01 -12.09 62.13
N GLY J 47 57.65 -11.63 61.05
CA GLY J 47 57.02 -10.71 60.10
C GLY J 47 55.80 -11.16 59.32
N LYS J 48 55.27 -12.35 59.60
CA LYS J 48 53.95 -12.82 59.16
C LYS J 48 53.87 -13.00 57.65
N VAL J 49 54.97 -13.44 57.03
CA VAL J 49 55.04 -13.53 55.58
C VAL J 49 54.86 -15.00 55.18
N GLN J 50 53.78 -15.25 54.42
CA GLN J 50 53.41 -16.57 53.93
C GLN J 50 54.20 -16.90 52.66
N ASP J 51 53.80 -17.98 51.97
CA ASP J 51 54.33 -18.40 50.68
C ASP J 51 55.84 -18.66 50.75
N GLY J 52 56.19 -19.73 51.47
CA GLY J 52 57.55 -20.18 51.69
C GLY J 52 58.51 -20.19 50.51
N GLU J 53 58.01 -20.52 49.31
CA GLU J 53 58.82 -20.36 48.11
C GLU J 53 59.14 -18.90 47.83
N ALA J 54 58.13 -18.02 47.93
CA ALA J 54 58.30 -16.59 47.71
C ALA J 54 58.73 -15.87 48.98
N TYR J 55 58.91 -16.60 50.08
CA TYR J 55 59.50 -16.10 51.31
C TYR J 55 61.01 -16.18 51.30
N VAL J 56 61.56 -17.25 50.72
CA VAL J 56 63.01 -17.40 50.63
C VAL J 56 63.59 -16.41 49.63
N LYS J 57 62.80 -15.96 48.65
CA LYS J 57 63.27 -14.95 47.70
C LYS J 57 63.54 -13.62 48.38
N GLU J 58 62.72 -13.26 49.36
CA GLU J 58 62.98 -12.05 50.15
C GLU J 58 64.20 -12.22 51.04
N LEU J 59 64.57 -13.47 51.37
CA LEU J 59 65.80 -13.69 52.13
C LEU J 59 67.03 -13.40 51.30
N PHE J 60 67.04 -13.79 50.02
CA PHE J 60 68.18 -13.50 49.13
C PHE J 60 68.39 -12.01 48.91
N ARG J 61 67.35 -11.19 49.14
CA ARG J 61 67.46 -9.75 48.99
C ARG J 61 68.42 -9.15 49.99
N GLU J 62 68.34 -9.57 51.25
CA GLU J 62 69.21 -9.06 52.30
C GLU J 62 70.31 -10.05 52.69
N GLN J 63 70.06 -11.35 52.53
CA GLN J 63 71.00 -12.39 52.97
C GLN J 63 70.97 -13.51 51.94
N PRO J 64 71.82 -13.46 50.91
CA PRO J 64 71.76 -14.49 49.85
C PRO J 64 72.37 -15.84 50.22
N ASP J 65 72.78 -16.06 51.47
CA ASP J 65 73.57 -17.23 51.82
C ASP J 65 72.81 -18.26 52.65
N LEU J 66 72.16 -17.84 53.75
CA LEU J 66 71.36 -18.75 54.56
C LEU J 66 70.14 -19.29 53.83
N ALA J 67 69.66 -18.56 52.82
CA ALA J 67 68.55 -18.98 51.98
C ALA J 67 68.92 -20.14 51.04
N LEU J 68 70.20 -20.47 50.93
CA LEU J 68 70.63 -21.70 50.28
C LEU J 68 70.53 -22.90 51.22
N ARG J 69 70.81 -22.69 52.51
CA ARG J 69 70.71 -23.77 53.48
C ARG J 69 69.26 -24.12 53.78
N ILE J 70 68.34 -23.15 53.65
CA ILE J 70 66.92 -23.44 53.69
C ILE J 70 66.50 -24.26 52.47
N MET J 71 67.05 -23.93 51.30
CA MET J 71 66.79 -24.65 50.06
C MET J 71 67.45 -26.02 50.04
N THR J 72 68.60 -26.18 50.71
CA THR J 72 69.40 -27.40 50.76
C THR J 72 68.61 -28.62 51.18
N VAL J 73 67.69 -28.47 52.13
CA VAL J 73 66.98 -29.61 52.69
C VAL J 73 65.74 -29.96 51.88
N ARG J 74 65.46 -29.23 50.80
CA ARG J 74 64.43 -29.64 49.87
C ARG J 74 64.86 -30.83 49.03
N GLU J 75 66.15 -31.10 48.96
CA GLU J 75 66.69 -32.36 48.46
C GLU J 75 66.97 -33.36 49.57
N HIS J 76 67.10 -32.88 50.82
CA HIS J 76 67.63 -33.71 51.90
C HIS J 76 66.61 -34.05 52.97
N ILE J 77 65.76 -33.12 53.39
CA ILE J 77 64.78 -33.45 54.42
C ILE J 77 63.39 -33.59 53.78
N ALA J 78 63.23 -33.15 52.53
CA ALA J 78 61.99 -33.44 51.80
C ALA J 78 61.94 -34.86 51.25
N GLU J 79 62.93 -35.69 51.53
CA GLU J 79 62.89 -37.10 51.18
C GLU J 79 62.57 -38.02 52.36
N GLU J 80 62.76 -37.56 53.60
CA GLU J 80 62.42 -38.29 54.82
C GLU J 80 61.16 -37.79 55.51
N VAL J 81 60.53 -36.78 54.93
CA VAL J 81 59.26 -36.26 55.42
C VAL J 81 58.14 -36.41 54.39
N ALA J 82 58.44 -36.32 53.10
CA ALA J 82 57.41 -36.15 52.09
C ALA J 82 57.12 -37.38 51.24
N GLU J 83 58.06 -38.31 51.09
CA GLU J 83 57.73 -39.58 50.45
C GLU J 83 57.06 -40.56 51.40
N PHE J 84 56.96 -40.21 52.68
CA PHE J 84 56.29 -41.04 53.65
C PHE J 84 54.83 -40.65 53.81
N LEU J 85 54.43 -39.58 53.14
CA LEU J 85 53.02 -39.16 53.13
C LEU J 85 52.02 -40.19 52.58
N PRO J 86 52.31 -41.00 51.51
CA PRO J 86 51.27 -41.96 51.05
C PRO J 86 50.78 -42.99 52.07
N GLU J 87 51.65 -43.61 52.84
CA GLU J 87 51.24 -44.63 53.81
C GLU J 87 50.79 -44.04 55.13
N MET J 88 50.67 -42.72 55.21
CA MET J 88 50.48 -42.02 56.47
C MET J 88 49.36 -41.00 56.40
N VAL J 89 48.75 -40.82 55.22
CA VAL J 89 47.46 -40.13 55.12
C VAL J 89 46.31 -41.10 55.32
N ARG J 90 46.28 -42.15 54.49
CA ARG J 90 45.15 -43.07 54.42
C ARG J 90 44.96 -43.85 55.71
N SER J 91 46.04 -44.06 56.47
CA SER J 91 45.91 -44.68 57.78
C SER J 91 45.16 -43.78 58.75
N GLY J 92 45.42 -42.47 58.71
CA GLY J 92 44.68 -41.55 59.55
C GLY J 92 43.24 -41.34 59.11
N ILE J 93 42.96 -41.55 57.82
CA ILE J 93 41.59 -41.47 57.33
C ILE J 93 40.75 -42.62 57.88
N GLN J 94 41.35 -43.82 57.94
CA GLN J 94 40.68 -44.95 58.56
C GLN J 94 40.47 -44.73 60.05
N GLN J 95 41.39 -44.00 60.69
CA GLN J 95 41.21 -43.69 62.10
C GLN J 95 40.05 -42.72 62.32
N ALA J 96 39.96 -41.70 61.45
CA ALA J 96 38.83 -40.77 61.51
C ALA J 96 37.53 -41.45 61.11
N ASN J 97 37.59 -42.54 60.35
CA ASN J 97 36.45 -43.40 60.12
C ASN J 97 36.09 -44.24 61.35
N MET J 98 37.00 -44.32 62.33
CA MET J 98 36.74 -44.99 63.58
C MET J 98 36.61 -44.05 64.77
N GLU J 99 37.06 -42.79 64.63
CA GLU J 99 36.90 -41.84 65.72
C GLU J 99 35.53 -41.18 65.70
N GLN J 100 35.01 -40.90 64.50
CA GLN J 100 33.81 -40.10 64.36
C GLN J 100 32.57 -40.93 64.14
N ARG J 101 32.72 -42.15 63.65
CA ARG J 101 31.59 -43.09 63.58
C ARG J 101 31.12 -43.51 64.98
N ARG J 102 32.00 -43.39 65.98
CA ARG J 102 31.62 -43.70 67.36
C ARG J 102 30.61 -42.71 67.91
N GLN J 103 30.62 -41.46 67.42
CA GLN J 103 29.73 -40.48 68.00
C GLN J 103 28.37 -40.46 67.31
N HIS J 104 28.19 -41.23 66.23
CA HIS J 104 26.84 -41.56 65.79
C HIS J 104 26.18 -42.51 66.78
N LEU J 105 26.99 -43.31 67.49
CA LEU J 105 26.51 -44.20 68.53
C LEU J 105 26.33 -43.51 69.87
N GLU J 106 27.10 -42.44 70.11
CA GLU J 106 26.98 -41.69 71.35
C GLU J 106 25.65 -40.97 71.43
N ARG J 107 25.20 -40.40 70.30
CA ARG J 107 23.86 -39.83 70.24
C ARG J 107 22.80 -40.92 70.26
N MET J 108 23.07 -42.06 69.61
CA MET J 108 22.10 -43.15 69.57
C MET J 108 21.88 -43.77 70.94
N THR J 109 22.95 -43.90 71.72
CA THR J 109 22.80 -44.34 73.11
C THR J 109 22.10 -43.27 73.95
N HIS J 110 22.33 -41.99 73.65
CA HIS J 110 21.51 -40.93 74.23
C HIS J 110 20.07 -41.00 73.74
N LEU J 111 19.84 -41.48 72.52
CA LEU J 111 18.48 -41.75 72.07
C LEU J 111 17.96 -43.08 72.60
N SER J 112 18.82 -43.91 73.16
CA SER J 112 18.41 -45.18 73.75
C SER J 112 17.97 -44.99 75.19
N ASN K 2 40.06 -84.49 27.32
CA ASN K 2 40.23 -84.42 28.76
C ASN K 2 39.52 -83.22 29.35
N LEU K 3 40.15 -82.58 30.34
CA LEU K 3 39.54 -81.44 30.99
C LEU K 3 40.41 -80.20 30.81
N LYS K 4 41.70 -80.39 30.53
CA LYS K 4 42.65 -79.29 30.41
C LYS K 4 42.88 -78.87 28.96
N GLN K 5 43.06 -79.83 28.04
CA GLN K 5 43.36 -79.48 26.65
C GLN K 5 42.19 -78.78 25.97
N ILE K 6 40.96 -79.01 26.45
CA ILE K 6 39.81 -78.29 25.93
C ILE K 6 39.92 -76.81 26.27
N ALA K 7 40.60 -76.48 27.36
CA ALA K 7 40.75 -75.09 27.73
C ALA K 7 41.79 -74.38 26.86
N LYS K 8 42.82 -75.11 26.42
CA LYS K 8 43.66 -74.56 25.36
C LYS K 8 42.98 -74.65 23.99
N ASP K 9 42.10 -75.64 23.80
CA ASP K 9 41.35 -75.76 22.55
C ASP K 9 40.40 -74.57 22.37
N THR K 10 39.70 -74.20 23.43
CA THR K 10 38.82 -73.04 23.39
C THR K 10 39.60 -71.74 23.24
N ALA K 11 40.76 -71.63 23.91
CA ALA K 11 41.56 -70.41 23.88
C ALA K 11 42.12 -70.12 22.49
N LYS K 12 42.33 -71.17 21.69
CA LYS K 12 42.69 -70.96 20.29
C LYS K 12 41.52 -70.42 19.48
N THR K 13 40.30 -70.86 19.80
CA THR K 13 39.10 -70.38 19.12
C THR K 13 38.67 -69.00 19.63
N LEU K 14 38.90 -68.73 20.93
CA LEU K 14 38.60 -67.41 21.50
C LEU K 14 39.40 -66.33 20.83
N GLN K 15 40.70 -66.58 20.64
CA GLN K 15 41.63 -65.60 20.10
C GLN K 15 41.24 -65.20 18.69
N SER K 16 40.68 -66.15 17.94
CA SER K 16 40.15 -65.89 16.62
C SER K 16 38.99 -64.90 16.64
N TYR K 17 38.03 -65.09 17.56
CA TYR K 17 36.85 -64.24 17.61
C TYR K 17 37.18 -62.87 18.18
N LEU K 18 38.24 -62.76 18.97
CA LEU K 18 38.67 -61.45 19.43
C LEU K 18 39.29 -60.65 18.29
N THR K 19 39.91 -61.35 17.34
CA THR K 19 40.45 -60.68 16.15
C THR K 19 39.34 -60.26 15.20
N TYR K 20 38.17 -60.90 15.32
CA TYR K 20 36.99 -60.48 14.57
C TYR K 20 36.53 -59.09 14.99
N GLN K 21 36.46 -58.86 16.30
CA GLN K 21 35.99 -57.58 16.83
C GLN K 21 36.96 -56.46 16.52
N ALA K 22 38.22 -56.81 16.32
CA ALA K 22 39.20 -55.88 15.77
C ALA K 22 38.81 -55.45 14.37
N LEU K 23 38.56 -56.42 13.49
CA LEU K 23 38.38 -56.11 12.08
C LEU K 23 37.03 -55.46 11.80
N MET K 24 36.03 -55.76 12.63
CA MET K 24 34.77 -55.03 12.51
C MET K 24 34.92 -53.60 13.01
N THR K 25 35.81 -53.38 13.97
CA THR K 25 36.13 -52.02 14.40
C THR K 25 37.04 -51.33 13.39
N VAL K 26 37.99 -52.07 12.80
CA VAL K 26 38.76 -51.58 11.65
C VAL K 26 37.87 -51.17 10.48
N LEU K 27 36.89 -52.01 10.12
CA LEU K 27 36.10 -51.78 8.92
C LEU K 27 35.08 -50.66 9.12
N ALA K 28 34.57 -50.50 10.34
CA ALA K 28 33.55 -49.48 10.61
C ALA K 28 34.13 -48.07 10.71
N GLN K 29 35.44 -47.93 10.78
CA GLN K 29 36.07 -46.61 10.91
C GLN K 29 36.66 -46.08 9.62
N LEU K 30 37.23 -46.93 8.79
CA LEU K 30 37.80 -46.50 7.51
C LEU K 30 36.74 -46.33 6.44
N GLY K 31 35.47 -46.53 6.77
CA GLY K 31 34.42 -46.41 5.78
C GLY K 31 34.18 -44.97 5.36
N GLU K 32 34.57 -44.02 6.22
CA GLU K 32 34.41 -42.61 5.92
C GLU K 32 35.74 -41.86 5.89
N THR K 33 36.74 -42.31 6.65
CA THR K 33 38.03 -41.61 6.67
C THR K 33 38.80 -41.84 5.38
N ASN K 34 39.11 -43.09 5.07
CA ASN K 34 39.80 -43.46 3.83
C ASN K 34 38.92 -44.43 3.06
N PRO K 35 38.00 -43.94 2.22
CA PRO K 35 37.17 -44.84 1.42
C PRO K 35 37.93 -45.57 0.30
N PRO K 36 39.05 -45.03 -0.24
CA PRO K 36 39.95 -45.93 -0.99
C PRO K 36 40.49 -47.11 -0.20
N LEU K 37 40.57 -47.00 1.13
CA LEU K 37 40.95 -48.12 1.99
C LEU K 37 39.72 -48.70 2.71
N ALA K 38 38.61 -48.84 1.99
CA ALA K 38 37.40 -49.43 2.55
C ALA K 38 36.79 -50.52 1.68
N LEU K 39 37.05 -50.51 0.37
CA LEU K 39 36.55 -51.53 -0.54
C LEU K 39 37.62 -52.49 -0.98
N TRP K 40 38.83 -52.34 -0.46
CA TRP K 40 39.95 -53.23 -0.73
C TRP K 40 40.29 -54.10 0.47
N LEU K 41 39.68 -53.79 1.64
CA LEU K 41 39.76 -54.68 2.79
C LEU K 41 38.90 -55.92 2.61
N HIS K 42 38.00 -55.91 1.63
CA HIS K 42 37.22 -57.07 1.26
C HIS K 42 37.89 -57.91 0.18
N THR K 43 39.12 -57.56 -0.20
CA THR K 43 39.92 -58.45 -1.04
C THR K 43 40.59 -59.52 -0.18
N PHE K 44 40.84 -59.22 1.10
CA PHE K 44 41.59 -60.11 1.96
C PHE K 44 40.75 -60.83 3.01
N SER K 45 39.47 -60.50 3.13
CA SER K 45 38.62 -61.06 4.16
C SER K 45 37.47 -61.90 3.59
N VAL K 46 37.73 -62.71 2.58
CA VAL K 46 36.71 -63.52 1.94
C VAL K 46 36.78 -64.93 2.53
N GLY K 47 35.65 -65.39 3.08
CA GLY K 47 35.57 -66.67 3.75
C GLY K 47 36.04 -66.66 5.19
N LYS K 48 37.29 -66.24 5.44
CA LYS K 48 37.78 -66.08 6.79
C LYS K 48 38.31 -64.66 6.94
N VAL K 49 37.67 -63.90 7.81
CA VAL K 49 38.05 -62.52 8.11
C VAL K 49 39.16 -62.46 9.15
N GLN K 50 39.18 -63.39 10.11
CA GLN K 50 39.86 -63.24 11.39
C GLN K 50 41.33 -63.66 11.35
N ASP K 51 41.99 -63.62 10.20
CA ASP K 51 43.40 -64.02 10.13
C ASP K 51 44.29 -62.94 10.74
N GLY K 52 45.49 -63.34 11.13
CA GLY K 52 46.37 -62.48 11.90
C GLY K 52 47.61 -62.02 11.15
N GLU K 53 48.20 -62.90 10.35
CA GLU K 53 49.44 -62.56 9.66
C GLU K 53 49.47 -63.03 8.20
N ALA K 54 48.58 -63.93 7.80
CA ALA K 54 48.54 -64.44 6.43
C ALA K 54 48.22 -63.34 5.43
N TYR K 55 47.32 -62.43 5.79
CA TYR K 55 47.04 -61.26 4.96
C TYR K 55 48.23 -60.31 4.97
N VAL K 56 48.96 -60.25 6.10
CA VAL K 56 50.09 -59.33 6.24
C VAL K 56 51.26 -59.79 5.39
N LYS K 57 51.44 -61.11 5.28
CA LYS K 57 52.47 -61.67 4.39
C LYS K 57 52.18 -61.32 2.95
N GLU K 58 50.90 -61.19 2.61
CA GLU K 58 50.51 -60.65 1.32
C GLU K 58 50.52 -59.12 1.33
N LEU K 59 50.36 -58.49 2.50
CA LEU K 59 50.43 -57.04 2.59
C LEU K 59 51.85 -56.50 2.75
N PHE K 60 52.88 -57.35 2.91
CA PHE K 60 54.23 -56.81 2.93
C PHE K 60 54.65 -56.29 1.56
N ARG K 61 54.27 -56.99 0.49
CA ARG K 61 54.57 -56.57 -0.88
C ARG K 61 53.77 -55.34 -1.33
N GLU K 62 52.93 -54.81 -0.45
CA GLU K 62 52.23 -53.53 -0.55
C GLU K 62 52.37 -52.90 0.84
N GLN K 63 51.45 -52.03 1.23
CA GLN K 63 51.62 -51.39 2.54
C GLN K 63 51.00 -52.21 3.69
N PRO K 64 51.81 -52.73 4.65
CA PRO K 64 51.28 -53.66 5.66
C PRO K 64 50.83 -53.02 6.97
N ASP K 65 50.61 -51.70 7.02
CA ASP K 65 50.52 -51.00 8.30
C ASP K 65 49.24 -51.25 9.09
N LEU K 66 48.20 -51.80 8.44
CA LEU K 66 46.91 -51.94 9.11
C LEU K 66 46.97 -53.01 10.19
N ALA K 67 47.87 -53.98 10.01
CA ALA K 67 47.98 -55.12 10.92
C ALA K 67 48.37 -54.71 12.32
N LEU K 68 49.35 -53.81 12.44
CA LEU K 68 49.78 -53.31 13.74
C LEU K 68 48.70 -52.46 14.41
N ARG K 69 47.70 -52.00 13.65
CA ARG K 69 46.51 -51.44 14.23
C ARG K 69 45.45 -52.51 14.53
N ILE K 70 45.41 -53.60 13.77
CA ILE K 70 44.50 -54.71 14.11
C ILE K 70 44.95 -55.37 15.40
N MET K 71 46.25 -55.35 15.68
CA MET K 71 46.72 -55.95 16.91
C MET K 71 46.76 -54.96 18.06
N THR K 72 46.42 -53.69 17.82
CA THR K 72 46.25 -52.77 18.95
C THR K 72 44.78 -52.45 19.21
N VAL K 73 43.87 -52.91 18.35
CA VAL K 73 42.46 -52.89 18.73
C VAL K 73 42.18 -54.00 19.72
N ARG K 74 42.82 -55.16 19.52
CA ARG K 74 42.56 -56.34 20.36
C ARG K 74 43.05 -56.15 21.79
N GLU K 75 43.87 -55.14 22.03
CA GLU K 75 44.43 -54.92 23.36
C GLU K 75 43.36 -54.42 24.34
N HIS K 76 42.59 -53.40 23.94
CA HIS K 76 41.66 -52.78 24.87
C HIS K 76 40.41 -53.62 25.12
N ILE K 77 40.16 -54.62 24.30
CA ILE K 77 39.02 -55.51 24.52
C ILE K 77 39.45 -56.77 25.26
N ALA K 78 40.61 -57.34 24.94
CA ALA K 78 41.04 -58.52 25.66
C ALA K 78 41.53 -58.21 27.08
N GLU K 79 41.79 -56.93 27.40
CA GLU K 79 42.12 -56.56 28.77
C GLU K 79 40.91 -56.12 29.58
N GLU K 80 39.75 -55.98 28.93
CA GLU K 80 38.55 -55.50 29.61
C GLU K 80 37.38 -56.46 29.48
N VAL K 81 37.54 -57.55 28.74
CA VAL K 81 36.54 -58.60 28.73
C VAL K 81 37.06 -59.86 29.43
N ALA K 82 38.34 -60.20 29.27
CA ALA K 82 38.86 -61.45 29.80
C ALA K 82 38.97 -61.44 31.32
N GLU K 83 39.02 -60.26 31.93
CA GLU K 83 38.91 -60.21 33.39
C GLU K 83 37.46 -60.23 33.86
N PHE K 84 36.55 -59.65 33.08
CA PHE K 84 35.15 -59.61 33.47
C PHE K 84 34.37 -60.81 32.94
N LEU K 85 34.98 -61.61 32.05
CA LEU K 85 34.52 -62.91 31.53
C LEU K 85 33.87 -63.89 32.51
N PRO K 86 34.37 -64.09 33.77
CA PRO K 86 33.72 -65.12 34.62
C PRO K 86 32.25 -64.88 34.95
N GLU K 87 31.79 -63.66 35.17
CA GLU K 87 30.36 -63.46 35.36
C GLU K 87 29.60 -63.30 34.04
N MET K 88 30.25 -62.75 33.00
CA MET K 88 29.56 -62.42 31.75
C MET K 88 29.07 -63.64 31.00
N VAL K 89 29.81 -64.75 31.07
CA VAL K 89 29.36 -66.01 30.49
C VAL K 89 28.45 -66.80 31.43
N ARG K 90 28.72 -66.78 32.75
CA ARG K 90 27.84 -67.42 33.73
C ARG K 90 26.45 -66.78 33.82
N SER K 91 26.33 -65.49 33.52
CA SER K 91 25.03 -64.83 33.65
C SER K 91 24.08 -65.30 32.55
N GLY K 92 24.62 -65.55 31.36
CA GLY K 92 23.80 -66.09 30.29
C GLY K 92 23.47 -67.55 30.46
N ILE K 93 24.19 -68.25 31.36
CA ILE K 93 23.85 -69.65 31.65
C ILE K 93 22.54 -69.72 32.41
N GLN K 94 22.29 -68.73 33.29
CA GLN K 94 21.05 -68.70 34.07
C GLN K 94 19.83 -68.49 33.18
N GLN K 95 19.96 -67.64 32.15
CA GLN K 95 18.91 -67.51 31.14
C GLN K 95 18.65 -68.84 30.43
N ALA K 96 19.69 -69.45 29.85
CA ALA K 96 19.53 -70.71 29.15
C ALA K 96 19.37 -71.91 30.06
N ASN K 97 19.43 -71.73 31.40
CA ASN K 97 18.91 -72.75 32.29
C ASN K 97 17.40 -72.64 32.45
N MET K 98 16.88 -71.42 32.49
CA MET K 98 15.47 -71.19 32.77
C MET K 98 14.58 -71.38 31.56
N GLU K 99 15.04 -70.94 30.38
CA GLU K 99 14.24 -71.00 29.15
C GLU K 99 13.99 -72.43 28.71
N GLN K 100 14.91 -73.32 29.06
CA GLN K 100 14.79 -74.71 28.64
C GLN K 100 14.06 -75.54 29.68
N ARG K 101 14.06 -75.08 30.94
CA ARG K 101 13.30 -75.75 31.99
C ARG K 101 11.82 -75.47 31.86
N ARG K 102 11.46 -74.31 31.32
CA ARG K 102 10.06 -73.96 31.15
C ARG K 102 9.49 -74.44 29.83
N ASN L 2 30.60 -49.42 21.18
CA ASN L 2 31.45 -49.29 22.35
C ASN L 2 32.04 -50.65 22.75
N LEU L 3 32.17 -50.87 24.05
CA LEU L 3 32.71 -52.10 24.60
C LEU L 3 31.65 -53.01 25.20
N LYS L 4 30.65 -52.45 25.86
CA LYS L 4 29.50 -53.23 26.31
C LYS L 4 28.68 -53.74 25.14
N GLN L 5 28.72 -53.05 24.00
CA GLN L 5 28.19 -53.64 22.77
C GLN L 5 29.00 -54.83 22.31
N ILE L 6 30.33 -54.79 22.47
CA ILE L 6 31.19 -55.91 22.13
C ILE L 6 31.06 -57.03 23.14
N ALA L 7 31.17 -56.71 24.44
CA ALA L 7 31.32 -57.71 25.49
C ALA L 7 30.06 -58.57 25.64
N LYS L 8 28.89 -57.96 25.41
CA LYS L 8 27.66 -58.72 25.41
C LYS L 8 27.51 -59.57 24.16
N ASP L 9 28.13 -59.14 23.05
CA ASP L 9 28.14 -59.98 21.86
C ASP L 9 29.10 -61.15 22.03
N THR L 10 30.23 -60.93 22.71
CA THR L 10 31.16 -62.01 22.99
C THR L 10 30.60 -63.01 23.99
N ALA L 11 29.65 -62.58 24.83
CA ALA L 11 29.12 -63.44 25.88
C ALA L 11 28.25 -64.55 25.31
N LYS L 12 27.64 -64.32 24.15
CA LYS L 12 26.81 -65.34 23.51
C LYS L 12 27.57 -66.18 22.50
N THR L 13 28.63 -65.63 21.90
CA THR L 13 29.37 -66.35 20.86
C THR L 13 30.12 -67.54 21.43
N LEU L 14 30.89 -67.29 22.48
CA LEU L 14 31.70 -68.34 23.09
C LEU L 14 30.83 -69.29 23.89
N GLN L 15 29.70 -68.80 24.42
CA GLN L 15 28.69 -69.64 25.04
C GLN L 15 28.19 -70.71 24.08
N SER L 16 27.84 -70.30 22.87
CA SER L 16 27.45 -71.24 21.82
C SER L 16 28.61 -72.16 21.43
N TYR L 17 29.84 -71.68 21.58
CA TYR L 17 30.99 -72.57 21.41
C TYR L 17 31.16 -73.50 22.60
N LEU L 18 30.84 -73.02 23.82
CA LEU L 18 30.93 -73.89 24.99
C LEU L 18 29.81 -74.91 25.02
N THR L 19 28.69 -74.64 24.35
CA THR L 19 27.63 -75.65 24.23
C THR L 19 27.89 -76.59 23.07
N TYR L 20 28.98 -76.38 22.34
CA TYR L 20 29.39 -77.34 21.33
C TYR L 20 30.28 -78.42 21.93
N GLN L 21 31.24 -78.01 22.76
CA GLN L 21 32.07 -78.97 23.50
C GLN L 21 31.23 -79.74 24.51
N ALA L 22 30.11 -79.15 24.94
CA ALA L 22 29.03 -79.91 25.56
C ALA L 22 28.58 -81.06 24.66
N LEU L 23 28.19 -80.74 23.42
CA LEU L 23 27.62 -81.74 22.53
C LEU L 23 28.68 -82.74 22.05
N MET L 24 29.94 -82.32 22.02
CA MET L 24 31.01 -83.22 21.58
C MET L 24 31.42 -84.18 22.70
N THR L 25 31.24 -83.76 23.95
CA THR L 25 31.55 -84.63 25.08
C THR L 25 30.49 -85.73 25.17
N VAL L 26 29.26 -85.36 24.83
CA VAL L 26 28.16 -86.31 24.75
C VAL L 26 28.38 -87.22 23.54
N LEU L 27 29.01 -86.67 22.49
CA LEU L 27 29.21 -87.43 21.25
C LEU L 27 30.20 -88.58 21.45
N ALA L 28 31.32 -88.31 22.13
CA ALA L 28 32.27 -89.37 22.40
C ALA L 28 31.77 -90.29 23.50
N GLN L 29 30.86 -89.80 24.36
CA GLN L 29 30.32 -90.62 25.44
C GLN L 29 29.38 -91.69 24.89
N LEU L 30 28.54 -91.31 23.93
CA LEU L 30 27.55 -92.22 23.39
C LEU L 30 28.10 -93.13 22.31
N GLY L 31 29.31 -92.88 21.82
CA GLY L 31 29.98 -93.86 20.97
C GLY L 31 30.49 -95.07 21.72
N GLU L 32 30.41 -95.07 23.05
CA GLU L 32 30.85 -96.17 23.91
C GLU L 32 29.72 -96.85 24.66
N THR L 33 28.66 -96.11 25.02
CA THR L 33 27.55 -96.68 25.77
C THR L 33 26.41 -97.16 24.88
N ASN L 34 25.91 -96.27 24.02
CA ASN L 34 24.76 -96.57 23.18
C ASN L 34 25.10 -96.20 21.74
N PRO L 35 25.73 -97.11 20.98
CA PRO L 35 26.10 -96.80 19.59
C PRO L 35 24.92 -96.57 18.65
N PRO L 36 23.71 -97.14 18.89
CA PRO L 36 22.54 -96.56 18.20
C PRO L 36 22.25 -95.11 18.52
N LEU L 37 22.43 -94.66 19.76
CA LEU L 37 22.13 -93.28 20.11
C LEU L 37 23.21 -92.31 19.60
N ALA L 38 24.42 -92.79 19.33
CA ALA L 38 25.44 -91.94 18.73
C ALA L 38 25.23 -91.81 17.22
N LEU L 39 24.75 -92.89 16.57
CA LEU L 39 24.53 -92.83 15.13
C LEU L 39 23.30 -91.99 14.78
N TRP L 40 22.38 -91.81 15.73
CA TRP L 40 21.24 -90.94 15.48
C TRP L 40 21.54 -89.50 15.90
N LEU L 41 22.39 -89.32 16.92
CA LEU L 41 22.84 -87.99 17.28
C LEU L 41 23.76 -87.42 16.21
N HIS L 42 24.53 -88.27 15.53
CA HIS L 42 25.33 -87.83 14.40
C HIS L 42 24.47 -87.46 13.21
N THR L 43 23.28 -88.04 13.08
CA THR L 43 22.38 -87.68 11.99
C THR L 43 21.85 -86.25 12.16
N PHE L 44 21.40 -85.92 13.38
CA PHE L 44 20.90 -84.58 13.65
C PHE L 44 22.02 -83.54 13.68
N SER L 45 23.26 -83.95 13.93
CA SER L 45 24.36 -83.00 14.11
C SER L 45 24.75 -82.30 12.81
N VAL L 46 24.44 -82.91 11.65
CA VAL L 46 24.93 -82.46 10.35
C VAL L 46 24.06 -81.30 9.85
N GLY L 47 22.88 -81.12 10.44
CA GLY L 47 21.88 -80.18 9.94
C GLY L 47 22.19 -78.69 9.91
N LYS L 48 23.43 -78.31 10.26
CA LYS L 48 23.99 -76.97 10.06
C LYS L 48 23.27 -75.90 10.87
N VAL L 49 22.87 -76.24 12.09
CA VAL L 49 22.07 -75.33 12.90
C VAL L 49 22.98 -74.68 13.94
N GLN L 50 23.08 -73.34 13.86
CA GLN L 50 23.92 -72.54 14.74
C GLN L 50 23.17 -72.25 16.04
N ASP L 51 23.75 -71.35 16.86
CA ASP L 51 23.15 -70.83 18.10
C ASP L 51 22.84 -71.96 19.09
N GLY L 52 23.93 -72.53 19.63
CA GLY L 52 23.91 -73.62 20.61
C GLY L 52 22.90 -73.55 21.74
N GLU L 53 22.64 -72.35 22.26
CA GLU L 53 21.55 -72.17 23.22
C GLU L 53 20.20 -72.43 22.59
N ALA L 54 19.96 -71.89 21.39
CA ALA L 54 18.72 -72.10 20.65
C ALA L 54 18.76 -73.36 19.80
N TYR L 55 19.86 -74.11 19.86
CA TYR L 55 19.98 -75.43 19.26
C TYR L 55 19.50 -76.54 20.18
N VAL L 56 19.77 -76.40 21.49
CA VAL L 56 19.31 -77.37 22.48
C VAL L 56 17.79 -77.29 22.64
N LYS L 57 17.18 -76.13 22.37
CA LYS L 57 15.73 -76.01 22.46
C LYS L 57 15.02 -76.84 21.39
N GLU L 58 15.62 -76.93 20.20
CA GLU L 58 15.08 -77.83 19.17
C GLU L 58 15.29 -79.30 19.55
N LEU L 59 16.26 -79.59 20.41
CA LEU L 59 16.43 -80.96 20.89
C LEU L 59 15.29 -81.36 21.81
N PHE L 60 14.85 -80.46 22.71
CA PHE L 60 13.71 -80.73 23.60
C PHE L 60 12.41 -80.98 22.85
N ARG L 61 12.32 -80.50 21.60
CA ARG L 61 11.12 -80.70 20.79
C ARG L 61 10.89 -82.18 20.46
N GLU L 62 11.95 -82.86 20.05
CA GLU L 62 11.86 -84.27 19.68
C GLU L 62 12.42 -85.20 20.77
N GLN L 63 13.37 -84.72 21.57
CA GLN L 63 14.06 -85.55 22.56
C GLN L 63 14.31 -84.70 23.80
N PRO L 64 13.36 -84.63 24.74
CA PRO L 64 13.55 -83.75 25.91
C PRO L 64 14.54 -84.24 26.96
N ASP L 65 15.26 -85.35 26.72
CA ASP L 65 16.06 -85.97 27.77
C ASP L 65 17.56 -85.80 27.58
N LEU L 66 18.09 -86.06 26.39
CA LEU L 66 19.52 -85.87 26.13
C LEU L 66 19.92 -84.40 26.13
N ALA L 67 18.97 -83.49 25.92
CA ALA L 67 19.19 -82.06 26.00
C ALA L 67 19.42 -81.57 27.43
N LEU L 68 19.14 -82.40 28.43
CA LEU L 68 19.55 -82.13 29.80
C LEU L 68 21.01 -82.49 30.05
N ARG L 69 21.48 -83.58 29.43
CA ARG L 69 22.88 -83.99 29.60
C ARG L 69 23.82 -83.05 28.86
N ILE L 70 23.35 -82.41 27.79
CA ILE L 70 24.11 -81.34 27.14
C ILE L 70 24.16 -80.12 28.05
N MET L 71 23.06 -79.81 28.71
CA MET L 71 22.97 -78.70 29.65
C MET L 71 23.75 -78.98 30.94
N THR L 72 23.83 -80.25 31.36
CA THR L 72 24.48 -80.69 32.60
C THR L 72 25.92 -80.21 32.73
N VAL L 73 26.67 -80.18 31.62
CA VAL L 73 28.08 -79.83 31.68
C VAL L 73 28.32 -78.34 31.59
N ARG L 74 27.26 -77.54 31.50
CA ARG L 74 27.39 -76.09 31.64
C ARG L 74 27.66 -75.69 33.08
N GLU L 75 27.38 -76.57 34.03
CA GLU L 75 27.82 -76.45 35.40
C GLU L 75 29.08 -77.24 35.68
N HIS L 76 29.40 -78.23 34.83
CA HIS L 76 30.43 -79.20 35.14
C HIS L 76 31.66 -79.11 34.25
N ILE L 77 31.50 -78.89 32.95
CA ILE L 77 32.68 -78.78 32.10
C ILE L 77 32.93 -77.32 31.71
N ALA L 78 31.95 -76.45 31.94
CA ALA L 78 32.19 -75.02 31.77
C ALA L 78 32.94 -74.39 32.94
N GLU L 79 33.33 -75.18 33.93
CA GLU L 79 34.19 -74.71 35.01
C GLU L 79 35.66 -75.09 34.85
N GLU L 80 35.96 -76.11 34.03
CA GLU L 80 37.32 -76.54 33.74
C GLU L 80 37.80 -76.13 32.35
N VAL L 81 36.96 -75.43 31.60
CA VAL L 81 37.31 -74.89 30.30
C VAL L 81 37.23 -73.37 30.27
N ALA L 82 36.32 -72.76 31.02
CA ALA L 82 35.98 -71.35 30.80
C ALA L 82 36.49 -70.39 31.87
N GLU L 83 36.75 -70.85 33.09
CA GLU L 83 37.45 -70.02 34.05
C GLU L 83 38.95 -70.00 33.83
N PHE L 84 39.46 -70.85 32.94
CA PHE L 84 40.87 -70.88 32.60
C PHE L 84 41.19 -69.99 31.42
N LEU L 85 40.17 -69.38 30.84
CA LEU L 85 40.38 -68.43 29.75
C LEU L 85 41.21 -67.19 30.09
N PRO L 86 41.09 -66.54 31.30
CA PRO L 86 41.93 -65.33 31.54
C PRO L 86 43.44 -65.51 31.47
N GLU L 87 44.00 -66.61 31.95
CA GLU L 87 45.45 -66.79 31.90
C GLU L 87 45.91 -67.43 30.60
N MET L 88 45.01 -67.62 29.64
CA MET L 88 45.26 -68.40 28.44
C MET L 88 44.85 -67.63 27.18
N VAL L 89 44.33 -66.41 27.34
CA VAL L 89 44.22 -65.46 26.22
C VAL L 89 45.49 -64.63 26.12
N ARG L 90 45.81 -63.90 27.19
CA ARG L 90 46.85 -62.89 27.17
C ARG L 90 48.24 -63.48 26.95
N SER L 91 48.43 -64.74 27.33
CA SER L 91 49.67 -65.43 27.01
C SER L 91 49.82 -65.64 25.52
N GLY L 92 48.73 -65.97 24.82
CA GLY L 92 48.79 -66.11 23.38
C GLY L 92 48.92 -64.79 22.63
N ILE L 93 48.44 -63.70 23.23
CA ILE L 93 48.60 -62.37 22.62
C ILE L 93 50.07 -61.97 22.65
N GLN L 94 50.76 -62.25 23.74
CA GLN L 94 52.20 -62.01 23.82
C GLN L 94 52.97 -62.88 22.83
N GLN L 95 52.46 -64.09 22.55
CA GLN L 95 53.10 -64.92 21.54
C GLN L 95 52.91 -64.34 20.16
N ALA L 96 51.70 -63.87 19.86
CA ALA L 96 51.45 -63.20 18.58
C ALA L 96 52.16 -61.86 18.47
N ASN L 97 52.53 -61.26 19.61
CA ASN L 97 53.45 -60.14 19.64
C ASN L 97 54.89 -60.55 19.37
N MET L 98 55.18 -61.84 19.43
CA MET L 98 56.49 -62.38 19.09
C MET L 98 56.51 -63.18 17.80
N GLU L 99 55.35 -63.60 17.31
CA GLU L 99 55.31 -64.36 16.07
C GLU L 99 55.31 -63.44 14.85
N GLN L 100 54.58 -62.33 14.93
CA GLN L 100 54.37 -61.48 13.78
C GLN L 100 55.30 -60.28 13.74
N ARG L 101 55.87 -59.92 14.89
CA ARG L 101 56.92 -58.90 14.91
C ARG L 101 58.20 -59.41 14.24
N ARG L 102 58.38 -60.73 14.18
CA ARG L 102 59.53 -61.31 13.49
C ARG L 102 59.48 -61.07 11.98
N GLN L 103 58.28 -60.93 11.41
CA GLN L 103 58.21 -60.80 9.96
C GLN L 103 58.28 -59.35 9.51
N HIS L 104 58.28 -58.39 10.45
CA HIS L 104 58.75 -57.05 10.11
C HIS L 104 60.26 -57.05 9.86
N LEU L 105 60.97 -58.00 10.49
CA LEU L 105 62.40 -58.17 10.30
C LEU L 105 62.71 -59.03 9.09
N GLU L 106 61.81 -59.94 8.73
CA GLU L 106 62.02 -60.78 7.55
C GLU L 106 61.99 -59.95 6.27
N ARG L 107 61.09 -58.97 6.21
CA ARG L 107 61.11 -58.03 5.11
C ARG L 107 62.29 -57.08 5.20
N MET L 108 62.66 -56.68 6.42
CA MET L 108 63.79 -55.76 6.60
C MET L 108 65.11 -56.41 6.21
N THR L 109 65.27 -57.71 6.52
CA THR L 109 66.42 -58.45 6.04
C THR L 109 66.38 -58.65 4.53
N HIS L 110 65.18 -58.82 3.97
CA HIS L 110 65.02 -58.78 2.52
C HIS L 110 65.28 -57.38 1.98
N LEU L 111 65.01 -56.33 2.77
CA LEU L 111 65.43 -54.99 2.38
C LEU L 111 66.90 -54.74 2.66
N SER L 112 67.54 -55.60 3.45
CA SER L 112 68.96 -55.48 3.75
C SER L 112 69.80 -56.13 2.66
N LEU M 18 36.05 32.40 44.33
CA LEU M 18 36.03 32.95 42.98
C LEU M 18 36.68 32.01 41.96
N ALA M 19 35.98 30.92 41.69
CA ALA M 19 36.46 29.86 40.80
C ALA M 19 36.19 30.17 39.33
N GLN M 20 35.73 31.37 39.01
CA GLN M 20 35.50 31.77 37.63
C GLN M 20 36.79 32.08 36.88
N GLU M 21 37.90 32.25 37.58
CA GLU M 21 39.17 32.48 36.90
C GLU M 21 39.81 31.18 36.41
N LEU M 22 39.21 30.04 36.75
CA LEU M 22 39.54 28.79 36.09
C LEU M 22 38.61 28.54 34.90
N LEU M 23 37.59 29.37 34.75
CA LEU M 23 36.82 29.37 33.51
C LEU M 23 37.51 30.22 32.44
N ARG M 24 38.36 31.16 32.86
CA ARG M 24 38.95 32.11 31.93
C ARG M 24 40.21 31.55 31.29
N LYS M 25 40.97 30.74 32.04
CA LYS M 25 42.28 30.27 31.57
C LYS M 25 42.19 29.16 30.54
N LEU M 26 41.01 28.91 29.98
CA LEU M 26 40.85 27.82 29.06
C LEU M 26 40.55 28.30 27.64
N ARG M 27 39.62 29.23 27.48
CA ARG M 27 39.31 29.79 26.18
C ARG M 27 40.27 30.89 25.76
N GLN M 28 41.30 31.14 26.57
CA GLN M 28 42.39 32.04 26.25
C GLN M 28 43.66 31.26 25.89
N LYS M 29 43.64 29.93 26.08
CA LYS M 29 44.81 29.04 25.92
C LYS M 29 45.97 29.49 26.82
N GLN M 30 45.71 29.53 28.13
CA GLN M 30 46.70 29.95 29.12
C GLN M 30 47.31 28.73 29.82
N GLY M 31 48.56 28.43 29.49
CA GLY M 31 49.33 27.46 30.21
C GLY M 31 49.86 26.37 29.31
N ASN M 32 49.94 25.17 29.86
CA ASN M 32 50.14 23.96 29.08
C ASN M 32 49.15 22.90 29.56
N TRP M 33 49.23 21.68 29.03
CA TRP M 33 48.12 20.75 29.14
C TRP M 33 47.97 20.11 30.51
N VAL M 34 49.03 20.07 31.31
CA VAL M 34 48.87 19.62 32.69
C VAL M 34 48.32 20.77 33.54
N GLU M 35 48.56 22.02 33.13
CA GLU M 35 47.96 23.16 33.83
C GLU M 35 46.45 23.19 33.65
N TRP M 36 45.94 22.74 32.51
CA TRP M 36 44.52 22.46 32.42
C TRP M 36 44.15 21.11 32.99
N GLY M 37 45.07 20.14 32.96
CA GLY M 37 44.81 18.84 33.54
C GLY M 37 44.63 18.84 35.05
N GLN M 38 45.02 19.91 35.71
CA GLN M 38 44.86 20.05 37.15
C GLN M 38 43.76 21.03 37.52
N ALA M 39 43.51 22.03 36.68
CA ALA M 39 42.47 23.01 36.96
C ALA M 39 41.08 22.44 36.76
N ILE M 40 40.96 21.31 36.07
CA ILE M 40 39.65 20.67 35.95
C ILE M 40 39.28 20.03 37.27
N ALA M 41 40.21 19.27 37.87
CA ALA M 41 39.94 18.54 39.11
C ALA M 41 39.72 19.45 40.30
N SER M 42 40.14 20.71 40.22
CA SER M 42 39.64 21.70 41.16
C SER M 42 38.14 21.90 40.97
N LEU M 43 37.72 22.17 39.74
CA LEU M 43 36.33 22.49 39.45
C LEU M 43 35.43 21.27 39.54
N GLN M 44 36.01 20.07 39.50
CA GLN M 44 35.27 18.83 39.72
C GLN M 44 35.18 18.47 41.18
N LYS M 45 35.45 19.41 42.09
CA LYS M 45 35.30 19.20 43.51
C LYS M 45 34.47 20.32 44.12
N SER M 46 33.80 21.11 43.30
CA SER M 46 32.94 22.20 43.73
C SER M 46 31.54 22.03 43.15
N GLY M 47 31.06 20.80 43.10
CA GLY M 47 29.68 20.52 42.78
C GLY M 47 29.31 20.62 41.32
N TYR M 48 30.30 20.55 40.42
CA TYR M 48 30.02 20.69 39.00
C TYR M 48 29.54 19.38 38.38
N ASN M 49 28.41 19.46 37.69
CA ASN M 49 28.07 18.48 36.67
C ASN M 49 29.10 18.57 35.55
N PRO M 50 29.68 17.45 35.11
CA PRO M 50 30.55 17.51 33.92
C PRO M 50 29.87 17.97 32.65
N GLN M 51 28.60 17.58 32.41
CA GLN M 51 27.87 17.93 31.18
C GLN M 51 27.81 19.43 30.92
N ASP M 52 27.64 20.22 31.97
CA ASP M 52 27.60 21.67 31.82
C ASP M 52 28.97 22.31 31.90
N ILE M 53 30.05 21.55 32.06
CA ILE M 53 31.37 22.18 32.06
C ILE M 53 31.72 22.67 30.66
N PHE M 54 31.27 21.96 29.63
CA PHE M 54 31.56 22.29 28.24
C PHE M 54 30.87 23.57 27.76
N GLU M 55 29.94 24.13 28.52
CA GLU M 55 29.18 25.28 28.04
C GLU M 55 30.01 26.54 28.03
N ALA M 56 30.89 26.71 29.01
CA ALA M 56 31.72 27.92 29.04
C ALA M 56 33.16 27.67 28.65
N THR M 57 33.64 26.44 28.79
CA THR M 57 34.98 26.03 28.42
C THR M 57 34.91 25.02 27.29
N GLY M 58 35.86 25.08 26.36
CA GLY M 58 35.75 24.35 25.10
C GLY M 58 36.00 22.86 25.18
N PHE M 59 36.12 22.29 26.38
CA PHE M 59 36.53 20.90 26.54
C PHE M 59 35.35 20.08 27.05
N GLU M 60 34.79 19.17 26.22
CA GLU M 60 33.83 18.18 26.71
C GLU M 60 34.52 17.18 27.62
N PRO M 61 33.83 16.70 28.67
CA PRO M 61 34.50 15.84 29.66
C PRO M 61 34.97 14.49 29.16
N VAL M 62 34.70 14.15 27.90
CA VAL M 62 35.44 13.09 27.24
C VAL M 62 36.86 13.56 26.96
N GLN M 63 37.03 14.81 26.51
CA GLN M 63 38.37 15.33 26.26
C GLN M 63 39.05 15.75 27.56
N GLN M 64 38.26 16.14 28.57
CA GLN M 64 38.83 16.40 29.88
C GLN M 64 39.27 15.12 30.54
N ASN M 65 38.68 13.99 30.14
CA ASN M 65 38.96 12.71 30.77
C ASN M 65 40.40 12.28 30.50
N GLN M 66 40.97 12.73 29.40
CA GLN M 66 42.33 12.35 29.05
C GLN M 66 43.36 13.16 29.83
N VAL M 67 43.02 14.37 30.25
CA VAL M 67 43.98 15.20 30.98
C VAL M 67 43.79 15.17 32.50
N ILE M 68 42.63 14.74 32.99
CA ILE M 68 42.51 14.39 34.41
C ILE M 68 43.52 13.30 34.74
N VAL M 69 43.43 12.20 34.01
CA VAL M 69 44.24 11.03 34.27
C VAL M 69 45.69 11.29 33.90
N GLY M 70 45.92 12.20 32.93
CA GLY M 70 47.29 12.54 32.57
C GLY M 70 48.01 13.32 33.67
N SER M 71 47.32 14.30 34.24
CA SER M 71 47.87 15.02 35.37
C SER M 71 47.83 14.19 36.66
N GLN M 72 46.97 13.17 36.72
CA GLN M 72 47.08 12.13 37.73
C GLN M 72 48.25 11.18 37.47
N VAL M 73 48.85 11.23 36.29
CA VAL M 73 50.09 10.54 36.01
C VAL M 73 51.29 11.47 36.14
N TYR M 74 51.19 12.71 35.64
CA TYR M 74 52.37 13.57 35.56
C TYR M 74 52.80 14.06 36.95
N ASN M 75 51.91 14.07 37.92
CA ASN M 75 52.32 14.35 39.29
C ASN M 75 53.05 13.16 39.89
N SER M 76 52.86 11.98 39.31
CA SER M 76 53.61 10.79 39.67
C SER M 76 54.82 10.58 38.78
N LEU M 77 54.93 11.30 37.66
CA LEU M 77 56.09 11.16 36.79
C LEU M 77 57.31 11.89 37.32
N GLU M 78 57.14 13.11 37.80
CA GLU M 78 58.26 13.83 38.40
C GLU M 78 58.54 13.40 39.82
N LYS M 79 57.54 12.80 40.49
CA LYS M 79 57.72 12.23 41.81
C LYS M 79 58.69 11.05 41.82
N SER M 80 58.52 10.11 40.90
CA SER M 80 59.22 8.83 40.94
C SER M 80 60.58 8.87 40.27
N GLY M 81 61.14 10.06 40.04
CA GLY M 81 62.51 10.19 39.59
C GLY M 81 62.70 9.97 38.11
N ALA M 82 62.08 10.82 37.29
CA ALA M 82 62.34 10.80 35.86
C ALA M 82 63.34 11.90 35.49
N SER M 83 63.84 11.83 34.26
CA SER M 83 64.88 12.73 33.82
C SER M 83 64.29 14.03 33.30
N ALA M 84 65.18 14.94 32.90
CA ALA M 84 64.79 16.32 32.64
C ALA M 84 64.00 16.46 31.35
N ALA M 85 64.50 15.87 30.27
CA ALA M 85 63.89 16.05 28.95
C ALA M 85 62.52 15.37 28.87
N THR M 86 62.35 14.28 29.60
CA THR M 86 61.04 13.65 29.72
C THR M 86 60.07 14.59 30.44
N LEU M 87 60.56 15.27 31.48
CA LEU M 87 59.74 16.23 32.20
C LEU M 87 59.70 17.59 31.52
N ALA M 88 60.33 17.74 30.35
CA ALA M 88 60.22 18.98 29.58
C ALA M 88 59.22 18.82 28.44
N HIS M 89 59.29 17.73 27.70
CA HIS M 89 58.36 17.51 26.59
C HIS M 89 57.02 16.99 27.07
N TYR M 90 56.99 16.21 28.15
CA TYR M 90 55.70 15.85 28.71
C TYR M 90 55.13 16.93 29.61
N ALA M 91 55.73 18.12 29.62
CA ALA M 91 55.03 19.30 30.09
C ALA M 91 54.23 19.95 28.97
N THR M 92 54.65 19.79 27.72
CA THR M 92 54.05 20.54 26.61
C THR M 92 53.26 19.68 25.62
N ARG M 93 53.81 18.55 25.17
CA ARG M 93 53.14 17.71 24.18
C ARG M 93 53.13 16.28 24.69
N GLY M 94 52.74 15.35 23.83
CA GLY M 94 52.65 13.96 24.21
C GLY M 94 51.48 13.65 25.13
N SER M 95 50.25 13.86 24.66
CA SER M 95 49.12 13.83 25.57
C SER M 95 48.63 12.41 25.82
N ASP M 96 48.12 11.74 24.78
CA ASP M 96 47.33 10.52 24.96
C ASP M 96 48.18 9.30 25.24
N VAL M 97 49.50 9.40 25.07
CA VAL M 97 50.39 8.35 25.55
C VAL M 97 50.31 8.25 27.07
N LEU M 98 50.33 9.39 27.76
CA LEU M 98 50.25 9.36 29.21
C LEU M 98 48.85 9.05 29.72
N TYR M 99 47.83 9.10 28.88
CA TYR M 99 46.56 8.50 29.27
C TYR M 99 46.64 6.99 29.27
N GLU M 100 47.53 6.40 28.47
CA GLU M 100 47.52 4.95 28.33
C GLU M 100 48.29 4.25 29.41
N LEU M 101 49.08 4.98 30.21
CA LEU M 101 49.78 4.39 31.34
C LEU M 101 48.94 4.39 32.60
N ARG M 102 47.61 4.40 32.47
CA ARG M 102 46.72 4.52 33.60
C ARG M 102 46.56 3.22 34.37
N LEU M 103 46.85 2.08 33.74
CA LEU M 103 46.62 0.79 34.38
C LEU M 103 47.85 0.28 35.10
N LEU M 104 48.81 1.14 35.39
CA LEU M 104 49.98 0.78 36.17
C LEU M 104 49.82 1.30 37.60
N THR M 105 50.91 1.23 38.34
CA THR M 105 50.95 1.79 39.69
C THR M 105 51.81 3.03 39.70
N HIS M 106 52.05 3.55 40.90
CA HIS M 106 52.78 4.79 41.07
C HIS M 106 54.28 4.58 40.88
N GLU M 107 54.74 3.33 40.94
CA GLU M 107 56.17 3.04 41.02
C GLU M 107 56.81 2.76 39.67
N GLU M 108 56.06 2.33 38.66
CA GLU M 108 56.71 1.98 37.41
C GLU M 108 56.34 2.87 36.24
N ARG M 109 55.52 3.91 36.46
CA ARG M 109 55.11 4.77 35.35
C ARG M 109 56.26 5.66 34.88
N ALA M 110 57.01 6.23 35.81
CA ALA M 110 58.11 7.12 35.43
C ALA M 110 59.27 6.37 34.81
N ALA M 111 59.38 5.07 35.06
CA ALA M 111 60.33 4.25 34.32
C ALA M 111 59.88 4.07 32.88
N ALA M 112 58.58 4.09 32.63
CA ALA M 112 58.07 3.93 31.27
C ALA M 112 57.82 5.26 30.57
N GLY M 113 57.72 6.35 31.32
CA GLY M 113 57.63 7.66 30.69
C GLY M 113 58.91 8.05 30.01
N ASP M 114 60.05 7.61 30.56
CA ASP M 114 61.32 7.81 29.89
C ASP M 114 61.42 6.95 28.64
N LEU M 115 60.97 5.69 28.72
CA LEU M 115 61.19 4.73 27.65
C LEU M 115 60.28 5.01 26.45
N THR M 116 59.03 5.36 26.70
CA THR M 116 58.13 5.72 25.61
C THR M 116 58.32 7.15 25.13
N PHE M 117 59.35 7.84 25.58
CA PHE M 117 59.69 9.12 24.98
C PHE M 117 60.77 8.96 23.92
N THR M 118 61.72 8.07 24.16
CA THR M 118 62.88 7.96 23.28
C THR M 118 62.49 7.41 21.91
N HIS M 119 61.63 6.40 21.88
CA HIS M 119 61.20 5.81 20.63
C HIS M 119 60.10 6.60 19.94
N LYS M 120 59.54 7.62 20.62
CA LYS M 120 58.51 8.51 20.10
C LYS M 120 57.28 7.72 19.65
N VAL M 121 56.87 6.79 20.52
CA VAL M 121 55.79 5.88 20.20
C VAL M 121 54.46 6.63 20.15
N ASP M 122 53.50 6.02 19.49
CA ASP M 122 52.19 6.62 19.30
C ASP M 122 51.27 6.14 20.40
N ALA M 123 49.97 6.38 20.20
CA ALA M 123 48.96 6.00 21.18
C ALA M 123 48.84 4.48 21.31
N ASP M 124 48.67 3.79 20.18
CA ASP M 124 48.41 2.36 20.21
C ASP M 124 49.65 1.54 20.51
N GLU M 125 50.84 2.05 20.25
CA GLU M 125 52.04 1.29 20.60
C GLU M 125 52.36 1.40 22.08
N ALA M 126 52.17 2.58 22.68
CA ALA M 126 52.31 2.73 24.11
C ALA M 126 51.13 2.14 24.87
N ARG M 127 50.00 1.91 24.18
CA ARG M 127 48.93 1.09 24.76
C ARG M 127 49.45 -0.29 25.11
N GLU M 128 50.18 -0.91 24.19
CA GLU M 128 50.54 -2.31 24.36
C GLU M 128 51.82 -2.45 25.16
N ILE M 129 52.67 -1.43 25.16
CA ILE M 129 53.84 -1.41 26.03
C ILE M 129 53.42 -1.33 27.49
N ALA M 130 52.38 -0.55 27.77
CA ALA M 130 51.80 -0.52 29.11
C ALA M 130 51.08 -1.82 29.43
N LYS M 131 50.60 -2.54 28.41
CA LYS M 131 50.10 -3.88 28.63
C LYS M 131 51.24 -4.87 28.89
N ALA M 132 52.36 -4.73 28.18
CA ALA M 132 53.44 -5.69 28.31
C ALA M 132 54.14 -5.55 29.66
N ILE M 133 54.31 -4.32 30.15
CA ILE M 133 54.86 -4.12 31.48
C ILE M 133 53.86 -4.53 32.55
N LYS M 134 52.57 -4.60 32.20
CA LYS M 134 51.57 -5.04 33.17
C LYS M 134 51.70 -6.51 33.46
N ASP M 135 51.85 -7.33 32.42
CA ASP M 135 51.94 -8.76 32.65
C ASP M 135 53.31 -9.17 33.15
N PHE M 136 54.34 -8.44 32.76
CA PHE M 136 55.68 -8.71 33.27
C PHE M 136 55.79 -8.38 34.75
N SER M 137 54.95 -7.48 35.25
CA SER M 137 54.87 -7.17 36.67
C SER M 137 53.70 -7.86 37.36
N ARG M 138 52.79 -8.48 36.60
CA ARG M 138 51.82 -9.38 37.21
C ARG M 138 52.48 -10.64 37.75
N PHE M 139 53.59 -11.07 37.14
CA PHE M 139 54.25 -12.32 37.50
C PHE M 139 54.80 -12.25 38.91
N ARG M 140 54.79 -13.39 39.60
CA ARG M 140 55.43 -13.45 40.91
C ARG M 140 56.92 -13.67 40.76
N ILE M 141 57.34 -14.14 39.59
CA ILE M 141 58.69 -14.59 39.31
C ILE M 141 59.22 -13.77 38.14
N LEU M 142 60.47 -13.33 38.23
CA LEU M 142 61.14 -12.85 37.03
C LEU M 142 61.57 -14.03 36.17
N PRO M 143 61.32 -13.98 34.86
CA PRO M 143 61.85 -14.99 33.95
C PRO M 143 63.32 -14.76 33.63
N GLU M 144 63.92 -15.76 32.98
CA GLU M 144 65.37 -15.83 32.86
C GLU M 144 65.94 -14.72 31.99
N GLY M 145 66.94 -14.03 32.53
CA GLY M 145 67.72 -13.07 31.77
C GLY M 145 67.14 -11.68 31.70
N PHE M 146 66.18 -11.33 32.56
CA PHE M 146 65.50 -10.05 32.48
C PHE M 146 65.44 -9.39 33.85
N SER M 147 65.44 -8.07 33.83
CA SER M 147 65.45 -7.22 35.02
C SER M 147 64.18 -6.37 35.05
N ASN M 148 64.17 -5.41 35.97
CA ASN M 148 63.00 -4.63 36.31
C ASN M 148 62.70 -3.50 35.33
N HIS M 149 63.56 -3.28 34.35
CA HIS M 149 63.36 -2.13 33.47
C HIS M 149 62.31 -2.47 32.41
N PRO M 150 61.46 -1.51 32.02
CA PRO M 150 60.49 -1.78 30.95
C PRO M 150 61.09 -2.06 29.59
N GLY M 151 62.36 -1.69 29.35
CA GLY M 151 63.04 -2.19 28.18
C GLY M 151 63.28 -3.68 28.21
N ASP M 152 63.32 -4.27 29.41
CA ASP M 152 63.34 -5.72 29.52
C ASP M 152 61.94 -6.31 29.48
N ALA M 153 60.92 -5.52 29.86
CA ALA M 153 59.56 -6.03 29.87
C ALA M 153 59.05 -6.28 28.46
N VAL M 154 59.23 -5.32 27.55
CA VAL M 154 58.66 -5.48 26.22
C VAL M 154 59.58 -6.31 25.37
N ALA M 155 60.83 -6.47 25.78
CA ALA M 155 61.71 -7.43 25.15
C ALA M 155 61.61 -8.83 25.76
N TYR M 156 60.84 -9.01 26.82
CA TYR M 156 60.58 -10.37 27.25
C TYR M 156 59.41 -10.97 26.48
N GLN M 157 58.31 -10.21 26.36
CA GLN M 157 57.19 -10.65 25.54
C GLN M 157 57.59 -10.83 24.08
N ALA M 158 58.42 -9.94 23.55
CA ALA M 158 58.82 -10.06 22.16
C ALA M 158 59.75 -11.24 21.91
N TRP M 159 60.28 -11.85 22.97
CA TRP M 159 61.02 -13.10 22.86
C TRP M 159 60.18 -14.30 23.25
N LYS M 160 59.28 -14.14 24.23
CA LYS M 160 58.40 -15.23 24.64
C LYS M 160 57.42 -15.59 23.53
N LEU M 161 57.00 -14.61 22.74
CA LEU M 161 56.13 -14.89 21.62
C LEU M 161 56.90 -15.12 20.34
N ALA M 162 58.22 -15.19 20.40
CA ALA M 162 59.04 -15.47 19.23
C ALA M 162 59.73 -16.82 19.33
N ARG M 163 59.56 -17.54 20.44
CA ARG M 163 60.06 -18.91 20.50
C ARG M 163 59.21 -19.83 19.64
N GLN M 164 57.94 -19.50 19.46
CA GLN M 164 56.98 -20.41 18.86
C GLN M 164 57.14 -20.55 17.37
N TYR M 165 57.76 -19.58 16.70
CA TYR M 165 58.10 -19.77 15.30
C TYR M 165 59.32 -20.66 15.18
N SER M 166 59.25 -21.63 14.26
CA SER M 166 60.39 -22.45 13.90
C SER M 166 60.94 -22.06 12.54
N ASP M 167 60.79 -20.79 12.16
CA ASP M 167 61.19 -20.30 10.85
C ASP M 167 62.03 -19.03 11.02
N LEU M 168 63.04 -18.89 10.16
CA LEU M 168 63.98 -17.78 10.30
C LEU M 168 63.45 -16.47 9.74
N GLN M 169 62.86 -16.47 8.55
CA GLN M 169 62.38 -15.24 7.93
C GLN M 169 61.00 -14.82 8.40
N GLU M 170 60.48 -15.41 9.49
CA GLU M 170 59.28 -14.91 10.13
C GLU M 170 59.56 -14.27 11.49
N ARG M 171 60.57 -14.76 12.20
CA ARG M 171 60.88 -14.30 13.56
C ARG M 171 61.62 -12.97 13.58
N SER M 172 62.27 -12.57 12.48
CA SER M 172 62.99 -11.30 12.45
C SER M 172 62.07 -10.08 12.48
N ARG M 173 60.77 -10.28 12.24
CA ARG M 173 59.79 -9.25 12.56
C ARG M 173 59.73 -9.00 14.06
N LEU M 174 59.95 -10.04 14.86
CA LEU M 174 59.99 -9.94 16.30
C LEU M 174 61.41 -9.81 16.85
N ILE M 175 62.43 -9.81 15.99
CA ILE M 175 63.81 -9.66 16.43
C ILE M 175 64.31 -8.23 16.25
N ALA M 176 63.88 -7.56 15.18
CA ALA M 176 64.19 -6.14 15.03
C ALA M 176 63.54 -5.31 16.11
N ARG M 177 62.27 -5.59 16.42
CA ARG M 177 61.65 -5.01 17.61
C ARG M 177 62.25 -5.59 18.88
N GLY M 178 62.66 -6.86 18.84
CA GLY M 178 63.35 -7.44 19.97
C GLY M 178 64.70 -6.83 20.23
N LEU M 179 65.39 -6.38 19.19
CA LEU M 179 66.63 -5.63 19.37
C LEU M 179 66.41 -4.13 19.45
N ARG M 180 65.15 -3.69 19.53
CA ARG M 180 64.85 -2.28 19.64
C ARG M 180 64.70 -1.83 21.09
N PHE M 181 64.38 -2.76 22.01
CA PHE M 181 64.06 -2.39 23.38
C PHE M 181 64.97 -2.99 24.44
N ALA M 182 65.67 -4.09 24.15
CA ALA M 182 66.27 -4.95 25.17
C ALA M 182 67.39 -4.24 25.94
N HIS M 183 67.20 -4.12 27.26
CA HIS M 183 67.92 -3.15 28.07
C HIS M 183 69.24 -3.65 28.63
N SER M 184 69.23 -4.75 29.39
CA SER M 184 70.49 -5.26 29.90
C SER M 184 71.11 -6.21 28.89
N GLU M 185 72.40 -6.49 29.09
CA GLU M 185 73.14 -7.30 28.13
C GLU M 185 72.74 -8.76 28.19
N THR M 186 72.30 -9.25 29.36
CA THR M 186 71.77 -10.60 29.43
C THR M 186 70.45 -10.71 28.67
N ALA M 187 69.64 -9.67 28.69
CA ALA M 187 68.46 -9.58 27.84
C ALA M 187 68.82 -9.28 26.40
N ARG M 188 70.08 -9.01 26.09
CA ARG M 188 70.47 -8.90 24.69
C ARG M 188 70.90 -10.26 24.15
N LYS M 189 71.44 -11.12 25.01
CA LYS M 189 71.88 -12.45 24.57
C LYS M 189 70.71 -13.37 24.26
N GLN M 190 69.62 -13.24 25.03
CA GLN M 190 68.43 -14.07 24.80
C GLN M 190 67.81 -13.76 23.46
N ILE M 191 67.90 -12.50 23.02
CA ILE M 191 67.45 -12.16 21.68
C ILE M 191 68.43 -12.71 20.64
N GLU M 192 69.71 -12.82 21.00
CA GLU M 192 70.71 -13.28 20.06
C GLU M 192 70.67 -14.78 19.82
N GLN M 193 70.02 -15.55 20.71
CA GLN M 193 69.87 -16.98 20.47
C GLN M 193 68.89 -17.27 19.35
N LEU M 194 67.99 -16.33 19.08
CA LEU M 194 67.01 -16.49 18.02
C LEU M 194 67.65 -16.45 16.66
N LEU M 195 68.75 -15.72 16.52
CA LEU M 195 69.42 -15.59 15.24
C LEU M 195 70.26 -16.83 14.97
N LEU N 18 -11.68 -60.64 -22.57
CA LEU N 18 -12.84 -59.81 -22.28
C LEU N 18 -12.94 -59.49 -20.80
N ALA N 19 -12.03 -58.62 -20.34
CA ALA N 19 -11.93 -58.23 -18.94
C ALA N 19 -12.88 -57.09 -18.58
N GLN N 20 -13.79 -56.73 -19.48
CA GLN N 20 -14.77 -55.69 -19.18
C GLN N 20 -15.90 -56.18 -18.28
N GLU N 21 -16.04 -57.50 -18.09
CA GLU N 21 -17.05 -58.00 -17.17
C GLU N 21 -16.59 -57.95 -15.72
N LEU N 22 -15.34 -57.59 -15.49
CA LEU N 22 -14.89 -57.20 -14.16
C LEU N 22 -15.03 -55.71 -13.95
N LEU N 23 -15.38 -54.96 -15.00
CA LEU N 23 -15.79 -53.58 -14.83
C LEU N 23 -17.26 -53.50 -14.47
N ARG N 24 -18.04 -54.53 -14.79
CA ARG N 24 -19.49 -54.48 -14.61
C ARG N 24 -19.89 -54.91 -13.22
N LYS N 25 -19.15 -55.84 -12.62
CA LYS N 25 -19.53 -56.42 -11.33
C LYS N 25 -19.26 -55.51 -10.15
N LEU N 26 -18.97 -54.24 -10.39
CA LEU N 26 -18.61 -53.35 -9.30
C LEU N 26 -19.65 -52.26 -9.10
N ARG N 27 -20.09 -51.60 -10.16
CA ARG N 27 -21.13 -50.58 -10.06
C ARG N 27 -22.52 -51.17 -10.03
N GLN N 28 -22.64 -52.50 -10.00
CA GLN N 28 -23.87 -53.22 -9.80
C GLN N 28 -23.97 -53.80 -8.39
N LYS N 29 -22.87 -53.72 -7.62
CA LYS N 29 -22.72 -54.35 -6.30
C LYS N 29 -22.96 -55.86 -6.37
N GLN N 30 -22.17 -56.54 -7.18
CA GLN N 30 -22.28 -57.99 -7.38
C GLN N 30 -21.21 -58.72 -6.57
N GLY N 31 -21.63 -59.38 -5.50
CA GLY N 31 -20.79 -60.29 -4.77
C GLY N 31 -20.67 -59.92 -3.32
N ASN N 32 -19.50 -60.18 -2.75
CA ASN N 32 -19.11 -59.63 -1.46
C ASN N 32 -17.70 -59.07 -1.58
N TRP N 33 -17.13 -58.60 -0.47
CA TRP N 33 -15.97 -57.72 -0.55
C TRP N 33 -14.67 -58.44 -0.90
N VAL N 34 -14.57 -59.74 -0.65
CA VAL N 34 -13.40 -60.46 -1.13
C VAL N 34 -13.58 -60.79 -2.61
N GLU N 35 -14.83 -60.88 -3.09
CA GLU N 35 -15.07 -61.07 -4.52
C GLU N 35 -14.62 -59.85 -5.32
N TRP N 36 -14.75 -58.65 -4.76
CA TRP N 36 -14.08 -57.51 -5.35
C TRP N 36 -12.62 -57.43 -4.96
N GLY N 37 -12.25 -57.95 -3.78
CA GLY N 37 -10.86 -57.96 -3.36
C GLY N 37 -9.96 -58.82 -4.21
N GLN N 38 -10.52 -59.71 -5.01
CA GLN N 38 -9.76 -60.56 -5.90
C GLN N 38 -9.87 -60.14 -7.36
N ALA N 39 -11.00 -59.55 -7.75
CA ALA N 39 -11.19 -59.11 -9.12
C ALA N 39 -10.37 -57.86 -9.45
N ILE N 40 -9.88 -57.16 -8.43
CA ILE N 40 -8.99 -56.04 -8.71
C ILE N 40 -7.63 -56.55 -9.16
N ALA N 41 -7.08 -57.52 -8.43
CA ALA N 41 -5.74 -58.03 -8.70
C ALA N 41 -5.67 -58.80 -10.01
N SER N 42 -6.80 -59.24 -10.55
CA SER N 42 -6.82 -59.64 -11.96
C SER N 42 -6.54 -58.44 -12.85
N LEU N 43 -7.27 -57.35 -12.66
CA LEU N 43 -7.16 -56.19 -13.53
C LEU N 43 -5.88 -55.42 -13.30
N GLN N 44 -5.22 -55.63 -12.16
CA GLN N 44 -3.92 -55.07 -11.88
C GLN N 44 -2.78 -55.92 -12.41
N LYS N 45 -3.08 -56.85 -13.31
CA LYS N 45 -2.06 -57.66 -13.97
C LYS N 45 -2.24 -57.62 -15.48
N SER N 46 -3.04 -56.69 -15.97
CA SER N 46 -3.30 -56.50 -17.39
C SER N 46 -3.00 -55.07 -17.80
N GLY N 47 -1.93 -54.51 -17.24
CA GLY N 47 -1.41 -53.24 -17.70
C GLY N 47 -2.16 -52.02 -17.25
N TYR N 48 -2.98 -52.13 -16.20
CA TYR N 48 -3.78 -51.00 -15.76
C TYR N 48 -2.97 -50.05 -14.88
N ASN N 49 -3.01 -48.77 -15.23
CA ASN N 49 -2.73 -47.70 -14.28
C ASN N 49 -3.81 -47.72 -13.20
N PRO N 50 -3.44 -47.70 -11.92
CA PRO N 50 -4.47 -47.57 -10.86
C PRO N 50 -5.28 -46.27 -10.93
N GLN N 51 -4.66 -45.13 -11.29
CA GLN N 51 -5.33 -43.84 -11.33
C GLN N 51 -6.58 -43.83 -12.21
N ASP N 52 -6.51 -44.52 -13.35
CA ASP N 52 -7.66 -44.59 -14.24
C ASP N 52 -8.59 -45.75 -13.92
N ILE N 53 -8.32 -46.54 -12.88
CA ILE N 53 -9.28 -47.60 -12.54
C ILE N 53 -10.56 -46.99 -11.97
N PHE N 54 -10.45 -45.87 -11.25
CA PHE N 54 -11.57 -45.21 -10.61
C PHE N 54 -12.54 -44.56 -11.61
N GLU N 55 -12.19 -44.47 -12.89
CA GLU N 55 -13.03 -43.75 -13.85
C GLU N 55 -14.30 -44.54 -14.19
N ALA N 56 -14.19 -45.86 -14.28
CA ALA N 56 -15.36 -46.66 -14.61
C ALA N 56 -15.92 -47.43 -13.42
N THR N 57 -15.10 -47.69 -12.42
CA THR N 57 -15.51 -48.37 -11.20
C THR N 57 -15.36 -47.42 -10.02
N GLY N 58 -16.28 -47.51 -9.05
CA GLY N 58 -16.40 -46.49 -8.02
C GLY N 58 -15.33 -46.51 -6.94
N PHE N 59 -14.28 -47.31 -7.08
CA PHE N 59 -13.31 -47.52 -6.01
C PHE N 59 -11.98 -46.88 -6.43
N GLU N 60 -11.57 -45.78 -5.73
CA GLU N 60 -10.21 -45.26 -5.88
C GLU N 60 -9.21 -46.23 -5.27
N PRO N 61 -8.02 -46.36 -5.87
CA PRO N 61 -7.05 -47.39 -5.41
C PRO N 61 -6.51 -47.20 -4.01
N VAL N 62 -6.87 -46.11 -3.32
CA VAL N 62 -6.73 -46.07 -1.88
C VAL N 62 -7.75 -47.00 -1.24
N GLN N 63 -8.98 -47.00 -1.73
CA GLN N 63 -10.01 -47.88 -1.18
C GLN N 63 -9.83 -49.31 -1.71
N GLN N 64 -9.27 -49.46 -2.91
CA GLN N 64 -8.93 -50.79 -3.41
C GLN N 64 -7.76 -51.37 -2.63
N ASN N 65 -6.94 -50.50 -2.03
CA ASN N 65 -5.74 -50.95 -1.34
C ASN N 65 -6.10 -51.76 -0.11
N GLN N 66 -7.26 -51.50 0.47
CA GLN N 66 -7.66 -52.22 1.67
C GLN N 66 -8.20 -53.61 1.35
N VAL N 67 -8.74 -53.81 0.15
CA VAL N 67 -9.30 -55.12 -0.19
C VAL N 67 -8.36 -55.98 -1.04
N ILE N 68 -7.34 -55.41 -1.67
CA ILE N 68 -6.24 -56.21 -2.20
C ILE N 68 -5.61 -57.00 -1.08
N VAL N 69 -5.17 -56.30 -0.04
CA VAL N 69 -4.45 -56.91 1.06
C VAL N 69 -5.39 -57.75 1.90
N GLY N 70 -6.68 -57.42 1.93
CA GLY N 70 -7.64 -58.23 2.67
C GLY N 70 -7.86 -59.59 2.03
N SER N 71 -8.01 -59.61 0.70
CA SER N 71 -8.11 -60.87 -0.01
C SER N 71 -6.76 -61.57 -0.11
N GLN N 72 -5.67 -60.83 0.03
CA GLN N 72 -4.36 -61.43 0.27
C GLN N 72 -4.23 -61.98 1.69
N VAL N 73 -5.15 -61.65 2.58
CA VAL N 73 -5.24 -62.28 3.90
C VAL N 73 -6.30 -63.38 3.91
N TYR N 74 -7.45 -63.15 3.28
CA TYR N 74 -8.57 -64.08 3.43
C TYR N 74 -8.33 -65.39 2.68
N ASN N 75 -7.45 -65.38 1.67
CA ASN N 75 -7.04 -66.63 1.05
C ASN N 75 -6.09 -67.41 1.96
N SER N 76 -5.47 -66.71 2.90
CA SER N 76 -4.67 -67.33 3.94
C SER N 76 -5.44 -67.60 5.21
N LEU N 77 -6.64 -67.03 5.34
CA LEU N 77 -7.45 -67.28 6.54
C LEU N 77 -8.14 -68.63 6.50
N GLU N 78 -8.73 -69.01 5.36
CA GLU N 78 -9.33 -70.32 5.25
C GLU N 78 -8.30 -71.41 4.98
N LYS N 79 -7.13 -71.05 4.47
CA LYS N 79 -6.02 -71.98 4.30
C LYS N 79 -5.50 -72.51 5.62
N SER N 80 -5.26 -71.65 6.60
CA SER N 80 -4.53 -72.00 7.81
C SER N 80 -5.44 -72.56 8.90
N GLY N 81 -6.65 -72.99 8.55
CA GLY N 81 -7.51 -73.71 9.48
C GLY N 81 -8.24 -72.84 10.46
N ALA N 82 -9.11 -71.96 9.96
CA ALA N 82 -9.99 -71.20 10.81
C ALA N 82 -11.37 -71.84 10.86
N SER N 83 -12.19 -71.38 11.79
CA SER N 83 -13.50 -71.98 12.02
C SER N 83 -14.54 -71.38 11.08
N ALA N 84 -15.76 -71.90 11.20
CA ALA N 84 -16.79 -71.64 10.19
C ALA N 84 -17.34 -70.23 10.29
N ALA N 85 -17.68 -69.78 11.49
CA ALA N 85 -18.34 -68.49 11.67
C ALA N 85 -17.38 -67.34 11.37
N THR N 86 -16.09 -67.54 11.63
CA THR N 86 -15.08 -66.57 11.23
C THR N 86 -15.01 -66.48 9.70
N LEU N 87 -15.11 -67.61 9.03
CA LEU N 87 -15.13 -67.62 7.58
C LEU N 87 -16.51 -67.36 7.00
N ALA N 88 -17.50 -67.05 7.83
CA ALA N 88 -18.81 -66.64 7.34
C ALA N 88 -18.98 -65.13 7.42
N HIS N 89 -18.61 -64.53 8.56
CA HIS N 89 -18.73 -63.08 8.70
C HIS N 89 -17.58 -62.34 8.04
N TYR N 90 -16.39 -62.91 8.00
CA TYR N 90 -15.33 -62.29 7.21
C TYR N 90 -15.42 -62.64 5.74
N ALA N 91 -16.52 -63.24 5.31
CA ALA N 91 -16.88 -63.22 3.91
C ALA N 91 -17.69 -61.98 3.56
N THR N 92 -18.45 -61.44 4.53
CA THR N 92 -19.39 -60.37 4.24
C THR N 92 -19.02 -59.00 4.84
N ARG N 93 -18.64 -58.95 6.10
CA ARG N 93 -18.33 -57.67 6.76
C ARG N 93 -16.98 -57.80 7.44
N GLY N 94 -16.63 -56.81 8.25
CA GLY N 94 -15.34 -56.79 8.93
C GLY N 94 -14.17 -56.51 8.00
N SER N 95 -14.15 -55.33 7.39
CA SER N 95 -13.20 -55.09 6.30
C SER N 95 -11.82 -54.69 6.83
N ASP N 96 -11.73 -53.53 7.49
CA ASP N 96 -10.43 -52.91 7.73
C ASP N 96 -9.67 -53.54 8.90
N VAL N 97 -10.33 -54.40 9.68
CA VAL N 97 -9.61 -55.23 10.63
C VAL N 97 -8.65 -56.17 9.91
N LEU N 98 -9.11 -56.81 8.84
CA LEU N 98 -8.25 -57.70 8.09
C LEU N 98 -7.22 -56.98 7.25
N TYR N 99 -7.35 -55.67 7.04
CA TYR N 99 -6.23 -54.92 6.51
C TYR N 99 -5.13 -54.76 7.55
N GLU N 100 -5.47 -54.80 8.83
CA GLU N 100 -4.47 -54.48 9.84
C GLU N 100 -3.62 -55.68 10.22
N LEU N 101 -4.00 -56.88 9.79
CA LEU N 101 -3.18 -58.06 10.03
C LEU N 101 -2.16 -58.29 8.92
N ARG N 102 -1.78 -57.22 8.22
CA ARG N 102 -0.90 -57.35 7.07
C ARG N 102 0.55 -57.55 7.46
N LEU N 103 0.94 -57.18 8.68
CA LEU N 103 2.34 -57.25 9.08
C LEU N 103 2.69 -58.57 9.76
N LEU N 104 1.86 -59.57 9.60
CA LEU N 104 2.13 -60.90 10.12
C LEU N 104 2.61 -61.81 9.00
N THR N 105 2.67 -63.10 9.29
CA THR N 105 3.01 -64.10 8.29
C THR N 105 1.77 -64.92 7.98
N HIS N 106 1.98 -65.95 7.17
CA HIS N 106 0.89 -66.79 6.70
C HIS N 106 0.39 -67.74 7.79
N GLU N 107 1.19 -67.93 8.84
CA GLU N 107 0.93 -68.98 9.82
C GLU N 107 0.13 -68.52 11.03
N GLU N 108 0.16 -67.24 11.38
CA GLU N 108 -0.51 -66.83 12.60
C GLU N 108 -1.70 -65.91 12.38
N ARG N 109 -2.05 -65.61 11.12
CA ARG N 109 -3.16 -64.70 10.86
C ARG N 109 -4.50 -65.35 11.17
N ALA N 110 -4.68 -66.60 10.78
CA ALA N 110 -5.96 -67.28 11.01
C ALA N 110 -6.17 -67.61 12.47
N ALA N 111 -5.10 -67.67 13.27
CA ALA N 111 -5.26 -67.76 14.71
C ALA N 111 -5.77 -66.45 15.28
N ALA N 112 -5.45 -65.33 14.64
CA ALA N 112 -5.91 -64.03 15.12
C ALA N 112 -7.19 -63.58 14.46
N GLY N 113 -7.54 -64.15 13.31
CA GLY N 113 -8.83 -63.85 12.72
C GLY N 113 -9.98 -64.40 13.53
N ASP N 114 -9.76 -65.53 14.21
CA ASP N 114 -10.75 -66.05 15.13
C ASP N 114 -10.86 -65.17 16.37
N LEU N 115 -9.71 -64.72 16.89
CA LEU N 115 -9.68 -64.02 18.16
C LEU N 115 -10.23 -62.60 18.05
N THR N 116 -9.89 -61.90 16.98
CA THR N 116 -10.44 -60.57 16.77
C THR N 116 -11.85 -60.59 16.19
N PHE N 117 -12.48 -61.75 16.09
CA PHE N 117 -13.89 -61.79 15.75
C PHE N 117 -14.76 -61.84 16.99
N THR N 118 -14.32 -62.57 18.01
CA THR N 118 -15.15 -62.83 19.18
C THR N 118 -15.37 -61.56 20.00
N HIS N 119 -14.32 -60.76 20.17
CA HIS N 119 -14.43 -59.52 20.92
C HIS N 119 -15.00 -58.37 20.11
N LYS N 120 -15.17 -58.56 18.79
CA LYS N 120 -15.75 -57.58 17.88
C LYS N 120 -14.96 -56.27 17.90
N VAL N 121 -13.64 -56.41 17.84
CA VAL N 121 -12.75 -55.28 17.98
C VAL N 121 -12.84 -54.38 16.75
N ASP N 122 -12.42 -53.14 16.93
CA ASP N 122 -12.49 -52.16 15.88
C ASP N 122 -11.18 -52.13 15.12
N ALA N 123 -10.99 -51.08 14.32
CA ALA N 123 -9.79 -50.94 13.50
C ALA N 123 -8.55 -50.72 14.36
N ASP N 124 -8.62 -49.75 15.27
CA ASP N 124 -7.45 -49.37 16.04
C ASP N 124 -7.10 -50.36 17.15
N GLU N 125 -8.07 -51.14 17.62
CA GLU N 125 -7.76 -52.13 18.64
C GLU N 125 -7.12 -53.38 18.02
N ALA N 126 -7.59 -53.79 16.85
CA ALA N 126 -6.94 -54.87 16.12
C ALA N 126 -5.65 -54.43 15.46
N ARG N 127 -5.46 -53.11 15.30
CA ARG N 127 -4.13 -52.61 14.94
C ARG N 127 -3.09 -53.00 15.97
N GLU N 128 -3.42 -52.85 17.25
CA GLU N 128 -2.42 -53.02 18.28
C GLU N 128 -2.32 -54.47 18.71
N ILE N 129 -3.40 -55.24 18.53
CA ILE N 129 -3.35 -56.68 18.78
C ILE N 129 -2.43 -57.35 17.76
N ALA N 130 -2.48 -56.89 16.51
CA ALA N 130 -1.54 -57.36 15.50
C ALA N 130 -0.13 -56.86 15.78
N LYS N 131 0.00 -55.74 16.48
CA LYS N 131 1.32 -55.31 16.96
C LYS N 131 1.77 -56.17 18.13
N ALA N 132 0.86 -56.55 19.02
CA ALA N 132 1.25 -57.29 20.21
C ALA N 132 1.66 -58.72 19.87
N ILE N 133 0.96 -59.33 18.91
CA ILE N 133 1.36 -60.66 18.45
C ILE N 133 2.63 -60.58 17.61
N LYS N 134 2.95 -59.39 17.08
CA LYS N 134 4.18 -59.24 16.32
C LYS N 134 5.40 -59.33 17.23
N ASP N 135 5.36 -58.63 18.36
CA ASP N 135 6.53 -58.63 19.23
C ASP N 135 6.61 -59.91 20.04
N PHE N 136 5.47 -60.51 20.35
CA PHE N 136 5.47 -61.79 21.04
C PHE N 136 6.01 -62.91 20.16
N SER N 137 5.94 -62.76 18.85
CA SER N 137 6.53 -63.69 17.90
C SER N 137 7.86 -63.19 17.34
N ARG N 138 8.23 -61.93 17.58
CA ARG N 138 9.59 -61.49 17.33
C ARG N 138 10.59 -62.16 18.26
N PHE N 139 10.16 -62.50 19.48
CA PHE N 139 11.04 -63.04 20.50
C PHE N 139 11.59 -64.40 20.07
N ARG N 140 12.82 -64.69 20.48
CA ARG N 140 13.36 -66.01 20.24
C ARG N 140 12.90 -66.99 21.32
N ILE N 141 12.43 -66.44 22.44
CA ILE N 141 12.13 -67.19 23.65
C ILE N 141 10.66 -66.91 23.98
N LEU N 142 9.94 -67.94 24.38
CA LEU N 142 8.66 -67.72 25.03
C LEU N 142 8.91 -67.28 26.48
N PRO N 143 8.22 -66.24 26.94
CA PRO N 143 8.27 -65.87 28.36
C PRO N 143 7.38 -66.77 29.20
N GLU N 144 7.54 -66.64 30.52
CA GLU N 144 6.99 -67.61 31.48
C GLU N 144 5.47 -67.61 31.49
N GLY N 145 4.89 -68.80 31.36
CA GLY N 145 3.48 -69.01 31.53
C GLY N 145 2.62 -68.73 30.33
N PHE N 146 3.19 -68.65 29.13
CA PHE N 146 2.44 -68.28 27.94
C PHE N 146 2.74 -69.24 26.79
N SER N 147 1.75 -69.42 25.94
CA SER N 147 1.78 -70.33 24.81
C SER N 147 1.63 -69.55 23.52
N ASN N 148 1.43 -70.29 22.43
CA ASN N 148 1.48 -69.77 21.07
C ASN N 148 0.19 -69.06 20.65
N HIS N 149 -0.83 -69.07 21.48
CA HIS N 149 -2.09 -68.51 21.05
C HIS N 149 -2.07 -66.98 21.18
N PRO N 150 -2.69 -66.24 20.26
CA PRO N 150 -2.74 -64.77 20.40
C PRO N 150 -3.51 -64.27 21.60
N GLY N 151 -4.38 -65.09 22.21
CA GLY N 151 -4.92 -64.75 23.51
C GLY N 151 -3.88 -64.73 24.60
N ASP N 152 -2.78 -65.47 24.42
CA ASP N 152 -1.65 -65.35 25.32
C ASP N 152 -0.73 -64.21 24.93
N ALA N 153 -0.73 -63.83 23.64
CA ALA N 153 0.15 -62.76 23.19
C ALA N 153 -0.27 -61.42 23.75
N VAL N 154 -1.55 -61.08 23.67
CA VAL N 154 -1.98 -59.76 24.09
C VAL N 154 -2.17 -59.74 25.61
N ALA N 155 -2.27 -60.92 26.22
CA ALA N 155 -2.24 -61.00 27.67
C ALA N 155 -0.84 -61.14 28.22
N TYR N 156 0.19 -61.25 27.36
CA TYR N 156 1.53 -61.14 27.91
C TYR N 156 1.97 -59.70 28.00
N GLN N 157 1.74 -58.92 26.93
CA GLN N 157 2.02 -57.49 26.98
C GLN N 157 1.18 -56.79 28.05
N ALA N 158 -0.08 -57.17 28.20
CA ALA N 158 -0.92 -56.52 29.20
C ALA N 158 -0.52 -56.87 30.63
N TRP N 159 0.33 -57.87 30.81
CA TRP N 159 0.93 -58.16 32.10
C TRP N 159 2.34 -57.64 32.22
N LYS N 160 3.10 -57.65 31.11
CA LYS N 160 4.46 -57.12 31.11
C LYS N 160 4.47 -55.62 31.33
N LEU N 161 3.45 -54.92 30.85
CA LEU N 161 3.34 -53.50 31.08
C LEU N 161 2.50 -53.18 32.30
N ALA N 162 2.12 -54.17 33.07
CA ALA N 162 1.37 -53.96 34.31
C ALA N 162 2.18 -54.33 35.54
N ARG N 163 3.39 -54.84 35.36
CA ARG N 163 4.26 -55.05 36.51
C ARG N 163 4.78 -53.74 37.06
N GLN N 164 4.89 -52.73 36.19
CA GLN N 164 5.59 -51.50 36.53
C GLN N 164 4.78 -50.60 37.45
N TYR N 165 3.46 -50.75 37.50
CA TYR N 165 2.70 -50.04 38.52
C TYR N 165 2.84 -50.72 39.86
N SER N 166 3.07 -49.92 40.89
CA SER N 166 3.07 -50.40 42.26
C SER N 166 1.82 -49.96 43.00
N ASP N 167 0.71 -49.78 42.27
CA ASP N 167 -0.54 -49.28 42.82
C ASP N 167 -1.69 -50.18 42.39
N LEU N 168 -2.65 -50.37 43.29
CA LEU N 168 -3.73 -51.30 43.05
C LEU N 168 -4.82 -50.74 42.16
N GLN N 169 -5.28 -49.50 42.40
CA GLN N 169 -6.37 -48.93 41.63
C GLN N 169 -5.91 -48.29 40.32
N GLU N 170 -4.68 -48.54 39.89
CA GLU N 170 -4.25 -48.17 38.54
C GLU N 170 -4.05 -49.36 37.63
N ARG N 171 -3.67 -50.52 38.18
CA ARG N 171 -3.36 -51.70 37.40
C ARG N 171 -4.60 -52.45 36.92
N SER N 172 -5.75 -52.26 37.59
CA SER N 172 -6.98 -52.95 37.18
C SER N 172 -7.52 -52.46 35.84
N ARG N 173 -7.04 -51.33 35.34
CA ARG N 173 -7.27 -50.96 33.94
C ARG N 173 -6.60 -51.96 33.00
N LEU N 174 -5.45 -52.50 33.42
CA LEU N 174 -4.73 -53.50 32.67
C LEU N 174 -5.04 -54.92 33.13
N ILE N 175 -5.89 -55.10 34.14
CA ILE N 175 -6.26 -56.43 34.62
C ILE N 175 -7.60 -56.87 34.06
N ALA N 176 -8.55 -55.94 33.89
CA ALA N 176 -9.80 -56.27 33.22
C ALA N 176 -9.57 -56.64 31.76
N ARG N 177 -8.72 -55.88 31.07
CA ARG N 177 -8.26 -56.30 29.75
C ARG N 177 -7.33 -57.49 29.85
N GLY N 178 -6.55 -57.58 30.93
CA GLY N 178 -5.74 -58.76 31.15
C GLY N 178 -6.53 -60.02 31.40
N LEU N 179 -7.71 -59.89 32.02
CA LEU N 179 -8.63 -61.02 32.15
C LEU N 179 -9.61 -61.12 31.00
N ARG N 180 -9.43 -60.33 29.96
CA ARG N 180 -10.31 -60.37 28.80
C ARG N 180 -9.76 -61.30 27.71
N PHE N 181 -8.45 -61.54 27.68
CA PHE N 181 -7.83 -62.26 26.58
C PHE N 181 -7.12 -63.56 26.97
N ALA N 182 -6.72 -63.72 28.24
CA ALA N 182 -5.73 -64.72 28.63
C ALA N 182 -6.24 -66.14 28.43
N HIS N 183 -5.52 -66.90 27.61
CA HIS N 183 -6.05 -68.10 26.99
C HIS N 183 -5.84 -69.37 27.81
N SER N 184 -4.60 -69.71 28.14
CA SER N 184 -4.39 -70.90 28.94
C SER N 184 -4.47 -70.56 30.42
N GLU N 185 -4.63 -71.60 31.24
CA GLU N 185 -4.83 -71.39 32.67
C GLU N 185 -3.57 -70.92 33.36
N THR N 186 -2.39 -71.30 32.85
CA THR N 186 -1.15 -70.77 33.40
C THR N 186 -1.02 -69.28 33.09
N ALA N 187 -1.48 -68.85 31.93
CA ALA N 187 -1.59 -67.44 31.62
C ALA N 187 -2.76 -66.78 32.33
N ARG N 188 -3.60 -67.54 33.04
CA ARG N 188 -4.60 -66.91 33.87
C ARG N 188 -4.06 -66.67 35.28
N LYS N 189 -3.13 -67.51 35.74
CA LYS N 189 -2.55 -67.36 37.07
C LYS N 189 -1.61 -66.16 37.15
N GLN N 190 -0.89 -65.88 36.06
CA GLN N 190 0.03 -64.75 36.02
C GLN N 190 -0.73 -63.44 36.13
N ILE N 191 -1.94 -63.40 35.58
CA ILE N 191 -2.78 -62.23 35.76
C ILE N 191 -3.31 -62.18 37.18
N GLU N 192 -3.49 -63.34 37.82
CA GLU N 192 -4.04 -63.38 39.16
C GLU N 192 -3.05 -62.97 40.22
N GLN N 193 -1.75 -62.98 39.92
CA GLN N 193 -0.76 -62.51 40.89
C GLN N 193 -0.83 -61.00 41.07
N LEU N 194 -1.35 -60.31 40.08
CA LEU N 194 -1.45 -58.85 40.13
C LEU N 194 -2.49 -58.41 41.16
N LEU N 195 -3.51 -59.23 41.36
CA LEU N 195 -4.57 -58.91 42.30
C LEU N 195 -4.11 -59.15 43.73
N LEU O 23 44.75 -38.33 -0.36
CA LEU O 23 45.93 -37.93 0.39
C LEU O 23 46.51 -36.66 -0.24
N THR O 24 45.76 -36.10 -1.18
CA THR O 24 46.03 -34.73 -1.58
C THR O 24 45.33 -33.71 -0.67
N TYR O 25 44.82 -34.17 0.46
CA TYR O 25 44.25 -33.34 1.49
C TYR O 25 45.21 -33.10 2.65
N TYR O 26 46.49 -33.45 2.48
CA TYR O 26 47.53 -33.22 3.49
C TYR O 26 48.80 -32.87 2.74
N THR O 27 49.04 -31.57 2.53
CA THR O 27 50.25 -31.10 1.86
C THR O 27 50.98 -30.18 2.81
N PRO O 28 51.84 -30.70 3.68
CA PRO O 28 52.60 -29.84 4.60
C PRO O 28 53.70 -29.02 3.95
N ASP O 29 53.85 -29.08 2.62
CA ASP O 29 54.83 -28.33 1.88
C ASP O 29 54.28 -27.01 1.39
N TYR O 30 53.33 -26.43 2.12
CA TYR O 30 52.47 -25.38 1.63
C TYR O 30 52.29 -24.31 2.70
N THR O 31 52.42 -23.06 2.31
CA THR O 31 52.14 -21.95 3.20
C THR O 31 50.73 -21.44 2.95
N PRO O 32 49.89 -21.33 3.98
CA PRO O 32 48.55 -20.78 3.77
C PRO O 32 48.62 -19.29 3.44
N LYS O 33 47.86 -18.89 2.44
CA LYS O 33 47.99 -17.59 1.79
C LYS O 33 47.56 -16.45 2.71
N ASP O 34 47.66 -15.23 2.20
CA ASP O 34 47.17 -14.07 2.91
C ASP O 34 45.65 -14.02 2.99
N THR O 35 44.96 -14.75 2.13
CA THR O 35 43.52 -14.60 1.97
C THR O 35 42.79 -15.89 2.29
N ASP O 36 43.48 -16.92 2.75
CA ASP O 36 42.83 -18.19 3.04
C ASP O 36 42.03 -18.11 4.34
N ILE O 37 41.04 -18.97 4.44
CA ILE O 37 40.27 -19.21 5.65
C ILE O 37 40.94 -20.42 6.30
N LEU O 38 41.00 -20.42 7.61
CA LEU O 38 42.09 -21.12 8.26
C LEU O 38 41.64 -21.57 9.64
N ALA O 39 41.55 -22.88 9.84
CA ALA O 39 40.89 -23.43 11.02
C ALA O 39 41.86 -24.25 11.83
N ALA O 40 41.51 -24.52 13.08
CA ALA O 40 42.25 -25.43 13.92
C ALA O 40 41.31 -26.48 14.50
N PHE O 41 41.88 -27.54 15.05
CA PHE O 41 41.10 -28.65 15.58
C PHE O 41 41.93 -29.38 16.61
N ARG O 42 41.42 -29.54 17.82
CA ARG O 42 42.13 -30.31 18.85
C ARG O 42 41.59 -31.73 18.83
N VAL O 43 42.27 -32.60 18.06
CA VAL O 43 41.77 -33.89 17.60
C VAL O 43 42.22 -34.98 18.56
N THR O 44 41.41 -36.03 18.74
CA THR O 44 41.81 -37.19 19.53
C THR O 44 41.32 -38.48 18.88
N PRO O 45 42.20 -39.30 18.32
CA PRO O 45 41.77 -40.46 17.54
C PRO O 45 41.62 -41.74 18.37
N GLN O 46 41.02 -42.74 17.73
CA GLN O 46 40.92 -44.08 18.27
C GLN O 46 42.30 -44.75 18.34
N PRO O 47 42.43 -45.83 19.13
CA PRO O 47 43.70 -46.58 19.19
C PRO O 47 44.19 -47.07 17.84
N GLY O 48 45.46 -46.82 17.58
CA GLY O 48 46.10 -47.23 16.36
C GLY O 48 45.88 -46.31 15.19
N VAL O 49 44.93 -45.40 15.28
CA VAL O 49 44.66 -44.48 14.18
C VAL O 49 45.79 -43.46 14.12
N PRO O 50 46.45 -43.30 12.98
CA PRO O 50 47.59 -42.39 12.91
C PRO O 50 47.15 -40.93 13.00
N PHE O 51 48.12 -40.07 13.31
CA PHE O 51 47.81 -38.65 13.41
C PHE O 51 47.71 -38.00 12.04
N GLU O 52 48.17 -38.66 10.98
CA GLU O 52 48.19 -38.05 9.66
C GLU O 52 47.01 -38.43 8.79
N GLU O 53 46.23 -39.41 9.19
CA GLU O 53 45.06 -39.79 8.42
C GLU O 53 43.76 -39.34 9.07
N ALA O 54 43.80 -39.07 10.37
CA ALA O 54 42.65 -38.43 11.02
C ALA O 54 42.53 -36.98 10.60
N ALA O 55 43.65 -36.33 10.30
CA ALA O 55 43.58 -34.95 9.85
C ALA O 55 43.19 -34.85 8.38
N ALA O 56 43.46 -35.88 7.59
CA ALA O 56 42.87 -35.93 6.26
C ALA O 56 41.45 -36.44 6.29
N ALA O 57 41.02 -37.02 7.41
CA ALA O 57 39.63 -37.34 7.65
C ALA O 57 38.82 -36.13 8.11
N VAL O 58 39.47 -34.99 8.31
CA VAL O 58 38.75 -33.78 8.68
C VAL O 58 38.69 -32.80 7.52
N ALA O 59 39.82 -32.49 6.90
CA ALA O 59 39.86 -31.46 5.87
C ALA O 59 39.15 -31.86 4.60
N ALA O 60 38.92 -33.15 4.40
CA ALA O 60 38.30 -33.62 3.18
C ALA O 60 36.79 -33.76 3.36
N GLU O 61 36.37 -34.31 4.49
CA GLU O 61 34.94 -34.50 4.71
C GLU O 61 34.25 -33.22 5.16
N SER O 62 34.98 -32.13 5.40
CA SER O 62 34.32 -30.85 5.55
C SER O 62 33.77 -30.36 4.22
N SER O 63 34.66 -30.10 3.26
CA SER O 63 34.26 -29.43 2.04
C SER O 63 33.53 -30.38 1.10
N THR O 64 34.20 -31.44 0.66
CA THR O 64 33.61 -32.42 -0.23
C THR O 64 34.34 -33.75 -0.14
N ARG O 80 41.44 -27.37 -6.96
CA ARG O 80 41.81 -26.18 -6.19
C ARG O 80 40.76 -25.83 -5.15
N TYR O 81 39.71 -26.64 -5.06
CA TYR O 81 38.57 -26.34 -4.22
C TYR O 81 38.51 -27.18 -2.96
N LYS O 82 39.63 -27.45 -2.34
CA LYS O 82 39.68 -28.38 -1.23
C LYS O 82 40.56 -27.84 -0.13
N GLY O 83 40.15 -28.06 1.10
CA GLY O 83 40.99 -27.70 2.21
C GLY O 83 42.16 -28.65 2.33
N ARG O 84 43.24 -28.18 2.93
CA ARG O 84 44.43 -28.99 3.07
C ARG O 84 45.04 -28.78 4.44
N CYS O 85 45.09 -29.85 5.23
CA CYS O 85 45.77 -29.82 6.52
C CYS O 85 47.27 -29.61 6.32
N TYR O 86 47.78 -28.41 6.62
CA TYR O 86 49.17 -28.09 6.34
C TYR O 86 50.10 -28.30 7.53
N ASP O 87 49.60 -28.58 8.72
CA ASP O 87 50.49 -28.71 9.86
C ASP O 87 49.89 -29.70 10.84
N ILE O 88 50.73 -30.29 11.67
CA ILE O 88 50.24 -31.45 12.43
C ILE O 88 50.68 -31.46 13.90
N GLU O 89 50.95 -30.25 14.44
CA GLU O 89 51.65 -30.03 15.71
C GLU O 89 51.01 -30.80 16.87
N PRO O 90 51.80 -31.37 17.77
CA PRO O 90 51.26 -32.11 18.91
C PRO O 90 51.04 -31.22 20.14
N VAL O 91 50.45 -31.82 21.16
CA VAL O 91 50.11 -31.16 22.40
C VAL O 91 50.90 -31.84 23.53
N PRO O 92 51.66 -31.09 24.33
CA PRO O 92 52.51 -31.73 25.34
C PRO O 92 51.77 -31.99 26.64
N GLY O 93 51.96 -33.20 27.17
CA GLY O 93 51.42 -33.58 28.47
C GLY O 93 49.91 -33.63 28.58
N GLU O 94 49.25 -34.17 27.55
CA GLU O 94 47.79 -34.26 27.54
C GLU O 94 47.45 -35.46 26.67
N ASP O 95 46.18 -35.89 26.71
CA ASP O 95 45.75 -37.20 26.19
C ASP O 95 45.76 -37.21 24.66
N ASN O 96 46.97 -37.27 24.11
CA ASN O 96 47.24 -37.77 22.75
C ASN O 96 46.67 -36.86 21.67
N GLN O 97 46.44 -35.60 22.03
CA GLN O 97 45.91 -34.64 21.08
C GLN O 97 46.97 -34.21 20.10
N PHE O 98 46.52 -33.63 19.00
CA PHE O 98 47.38 -32.96 18.06
C PHE O 98 46.58 -31.84 17.41
N ILE O 99 47.26 -30.79 17.01
CA ILE O 99 46.62 -29.60 16.50
C ILE O 99 46.68 -29.65 14.98
N ALA O 100 45.53 -29.69 14.34
CA ALA O 100 45.43 -29.82 12.89
C ALA O 100 45.08 -28.46 12.30
N TYR O 101 45.92 -27.98 11.39
CA TYR O 101 45.75 -26.66 10.79
C TYR O 101 45.23 -26.83 9.38
N ILE O 102 43.96 -26.53 9.15
CA ILE O 102 43.28 -26.80 7.90
C ILE O 102 43.05 -25.47 7.20
N ALA O 103 43.33 -25.40 5.90
CA ALA O 103 43.27 -24.15 5.15
C ALA O 103 42.34 -24.28 3.94
N TYR O 104 41.13 -23.77 4.07
CA TYR O 104 40.11 -23.65 3.05
C TYR O 104 40.39 -22.42 2.20
N PRO O 105 40.02 -22.41 0.94
CA PRO O 105 40.26 -21.20 0.13
C PRO O 105 39.33 -20.05 0.47
N LEU O 106 39.46 -18.94 -0.25
CA LEU O 106 38.60 -17.79 0.00
C LEU O 106 37.24 -17.98 -0.64
N ASP O 107 37.22 -18.40 -1.91
CA ASP O 107 35.99 -18.41 -2.71
C ASP O 107 35.01 -19.48 -2.31
N LEU O 108 35.38 -20.38 -1.41
CA LEU O 108 34.56 -21.54 -1.07
C LEU O 108 33.23 -21.15 -0.41
N PHE O 109 33.13 -19.93 0.12
CA PHE O 109 32.08 -19.51 1.03
C PHE O 109 31.33 -18.30 0.51
N GLU O 110 30.21 -18.01 1.16
CA GLU O 110 29.35 -16.89 0.81
C GLU O 110 29.74 -15.67 1.62
N GLU O 111 29.80 -14.51 0.95
CA GLU O 111 30.14 -13.25 1.60
C GLU O 111 29.07 -12.88 2.61
N GLY O 112 29.50 -12.59 3.83
CA GLY O 112 28.61 -12.21 4.89
C GLY O 112 27.66 -13.29 5.32
N SER O 113 28.16 -14.39 5.88
CA SER O 113 27.28 -15.40 6.47
C SER O 113 28.07 -16.20 7.48
N ILE O 114 27.45 -16.41 8.64
CA ILE O 114 28.08 -17.11 9.75
C ILE O 114 27.48 -18.50 9.81
N THR O 115 26.23 -18.61 9.33
CA THR O 115 25.61 -19.92 9.25
C THR O 115 26.34 -20.82 8.26
N ASN O 116 26.72 -20.27 7.10
CA ASN O 116 27.46 -21.03 6.10
C ASN O 116 28.82 -21.46 6.60
N VAL O 117 29.55 -20.53 7.23
CA VAL O 117 30.89 -20.82 7.72
C VAL O 117 30.85 -21.86 8.84
N LEU O 118 29.87 -21.76 9.71
CA LEU O 118 29.74 -22.76 10.77
C LEU O 118 29.10 -24.04 10.29
N THR O 119 28.64 -24.12 9.03
CA THR O 119 28.02 -25.38 8.66
C THR O 119 28.79 -26.14 7.60
N SER O 120 29.38 -25.44 6.62
CA SER O 120 30.21 -26.10 5.62
C SER O 120 31.56 -26.55 6.17
N ILE O 121 31.89 -26.17 7.40
CA ILE O 121 33.16 -26.55 8.00
C ILE O 121 32.93 -27.76 8.90
N VAL O 122 31.96 -27.68 9.79
CA VAL O 122 31.71 -28.75 10.74
C VAL O 122 30.33 -29.37 10.56
N GLY O 123 29.93 -29.58 9.31
CA GLY O 123 28.72 -30.34 9.06
C GLY O 123 28.72 -31.78 9.55
N ASN O 124 29.39 -32.69 8.85
CA ASN O 124 29.43 -34.09 9.24
C ASN O 124 30.84 -34.54 9.58
N VAL O 125 31.53 -33.74 10.40
CA VAL O 125 32.90 -34.04 10.77
C VAL O 125 32.90 -34.42 12.25
N PHE O 126 31.90 -33.95 12.99
CA PHE O 126 31.72 -34.46 14.35
C PHE O 126 31.13 -35.86 14.38
N GLY O 127 30.70 -36.41 13.25
CA GLY O 127 30.03 -37.69 13.23
C GLY O 127 30.87 -38.88 12.82
N PHE O 128 32.17 -38.90 13.16
CA PHE O 128 32.98 -40.07 12.88
C PHE O 128 33.16 -40.93 14.13
N LYS O 129 33.35 -42.23 13.92
CA LYS O 129 33.74 -43.11 15.00
C LYS O 129 35.24 -43.36 15.05
N ALA O 130 36.01 -42.81 14.12
CA ALA O 130 37.45 -42.99 14.17
C ALA O 130 38.12 -42.00 15.11
N LEU O 131 37.37 -41.13 15.74
CA LEU O 131 37.93 -40.17 16.66
C LEU O 131 37.25 -40.34 18.02
N ARG O 132 38.03 -40.19 19.09
CA ARG O 132 37.41 -40.19 20.41
C ARG O 132 36.78 -38.84 20.72
N ALA O 133 37.40 -37.75 20.30
CA ALA O 133 36.85 -36.41 20.49
C ALA O 133 37.33 -35.51 19.37
N LEU O 134 36.72 -34.32 19.30
CA LEU O 134 37.06 -33.32 18.30
C LEU O 134 36.49 -31.98 18.74
N ARG O 135 37.36 -30.96 18.84
CA ARG O 135 36.95 -29.61 19.17
C ARG O 135 37.47 -28.66 18.11
N LEU O 136 36.82 -27.52 18.00
CA LEU O 136 37.15 -26.50 17.00
C LEU O 136 37.62 -25.30 17.79
N GLU O 137 38.93 -25.11 17.85
CA GLU O 137 39.47 -24.15 18.81
C GLU O 137 39.53 -22.74 18.25
N ASP O 138 39.66 -22.58 16.95
CA ASP O 138 39.94 -21.27 16.40
C ASP O 138 39.52 -21.21 14.94
N ILE O 139 39.32 -20.00 14.43
CA ILE O 139 39.16 -19.70 13.01
C ILE O 139 39.86 -18.38 12.72
N ARG O 140 40.69 -18.32 11.68
CA ARG O 140 41.15 -17.04 11.17
C ARG O 140 40.28 -16.59 10.01
N PHE O 141 39.61 -15.56 10.17
CA PHE O 141 39.06 -14.92 8.99
C PHE O 141 40.10 -14.00 8.38
N PRO O 142 40.13 -13.86 7.06
CA PRO O 142 41.08 -12.92 6.44
C PRO O 142 40.68 -11.48 6.69
N VAL O 143 41.48 -10.57 6.17
CA VAL O 143 41.10 -9.16 6.22
C VAL O 143 40.06 -8.96 5.12
N ALA O 144 40.21 -9.73 4.04
CA ALA O 144 39.33 -9.58 2.89
C ALA O 144 37.92 -10.07 3.18
N TYR O 145 37.76 -10.97 4.14
CA TYR O 145 36.43 -11.51 4.40
C TYR O 145 35.77 -10.91 5.61
N ILE O 146 36.54 -10.33 6.52
CA ILE O 146 35.96 -9.65 7.68
C ILE O 146 35.17 -8.44 7.24
N LYS O 147 35.70 -7.65 6.31
CA LYS O 147 35.04 -6.42 5.91
C LYS O 147 34.01 -6.62 4.81
N THR O 148 33.60 -7.85 4.53
CA THR O 148 32.32 -8.07 3.89
C THR O 148 31.19 -7.88 4.87
N PHE O 149 31.39 -8.32 6.11
CA PHE O 149 30.43 -8.23 7.19
C PHE O 149 30.27 -6.79 7.67
N GLN O 150 29.12 -6.50 8.27
CA GLN O 150 28.85 -5.18 8.81
C GLN O 150 29.14 -5.13 10.31
N GLY O 151 28.90 -6.22 11.03
CA GLY O 151 29.38 -6.34 12.38
C GLY O 151 28.36 -5.91 13.42
N PRO O 152 28.85 -5.60 14.62
CA PRO O 152 27.98 -5.08 15.64
C PRO O 152 27.53 -3.66 15.26
N PRO O 153 26.29 -3.31 15.52
CA PRO O 153 25.80 -2.00 15.07
C PRO O 153 26.41 -0.85 15.84
N HIS O 154 26.77 -1.15 17.09
CA HIS O 154 27.22 -0.18 18.06
C HIS O 154 28.43 -0.77 18.78
N GLY O 155 29.40 0.05 19.13
CA GLY O 155 30.68 -0.43 19.64
C GLY O 155 31.07 0.08 21.01
N ILE O 156 32.40 0.13 21.23
CA ILE O 156 32.98 0.81 22.40
C ILE O 156 32.84 2.33 22.28
N GLN O 157 32.70 2.84 21.06
CA GLN O 157 32.41 4.26 20.91
C GLN O 157 30.91 4.53 20.88
N VAL O 158 30.15 3.72 20.17
CA VAL O 158 28.81 4.10 19.75
C VAL O 158 27.85 3.85 20.91
N GLU O 159 28.29 3.11 21.91
CA GLU O 159 27.37 2.76 23.00
C GLU O 159 27.12 3.95 23.91
N ARG O 160 28.05 4.90 23.93
CA ARG O 160 27.98 5.97 24.91
C ARG O 160 27.06 7.11 24.44
N ASP O 161 26.38 6.97 23.31
CA ASP O 161 25.54 8.05 22.83
C ASP O 161 24.30 8.18 23.67
N LYS O 162 23.40 7.18 23.62
CA LYS O 162 22.20 7.18 24.44
C LYS O 162 22.47 6.66 25.83
N LEU O 163 23.44 5.78 25.99
CA LEU O 163 23.84 5.37 27.31
C LEU O 163 24.72 6.47 27.88
N ASN O 164 24.30 7.02 29.01
CA ASN O 164 24.90 8.17 29.64
C ASN O 164 26.02 7.80 30.60
N LYS O 165 26.70 6.69 30.36
CA LYS O 165 27.80 6.25 31.22
C LYS O 165 29.09 6.19 30.44
N TYR O 166 30.12 6.87 30.92
CA TYR O 166 31.37 7.00 30.21
C TYR O 166 32.50 6.59 31.14
N GLY O 167 33.45 5.81 30.62
CA GLY O 167 34.68 5.52 31.33
C GLY O 167 34.63 4.69 32.61
N ARG O 168 33.47 4.11 32.91
CA ARG O 168 33.24 3.28 34.08
C ARG O 168 32.23 2.20 33.68
N PRO O 169 32.45 0.94 34.10
CA PRO O 169 31.54 -0.15 33.68
C PRO O 169 30.10 -0.07 34.19
N LEU O 170 29.25 -1.02 33.83
CA LEU O 170 27.85 -0.84 34.14
C LEU O 170 27.36 -1.82 35.18
N LEU O 171 26.09 -1.67 35.56
CA LEU O 171 25.46 -2.45 36.62
C LEU O 171 24.03 -2.81 36.25
N GLY O 172 23.62 -4.05 36.51
CA GLY O 172 22.23 -4.40 36.28
C GLY O 172 21.76 -5.74 36.83
N CYS O 173 20.65 -5.75 37.58
CA CYS O 173 20.23 -6.93 38.33
C CYS O 173 18.91 -7.51 37.81
N THR O 174 18.82 -8.82 37.88
CA THR O 174 17.69 -9.58 37.38
C THR O 174 16.52 -9.54 38.35
N ILE O 175 15.31 -9.58 37.79
CA ILE O 175 14.10 -9.42 38.57
C ILE O 175 13.30 -10.71 38.56
N SER O 182 2.69 -11.29 40.26
CA SER O 182 1.61 -10.86 39.39
C SER O 182 2.16 -10.00 38.27
N ALA O 183 1.51 -8.87 37.99
CA ALA O 183 1.94 -7.96 36.93
C ALA O 183 2.21 -6.55 37.43
N LYS O 184 1.35 -6.00 38.26
CA LYS O 184 1.61 -4.76 38.95
C LYS O 184 2.71 -4.93 39.98
N ASN O 185 2.66 -6.01 40.77
CA ASN O 185 3.67 -6.25 41.80
C ASN O 185 5.02 -6.57 41.19
N TYR O 186 5.02 -7.07 39.95
CA TYR O 186 6.27 -7.25 39.24
C TYR O 186 6.81 -5.92 38.77
N GLY O 187 5.90 -5.00 38.42
CA GLY O 187 6.33 -3.67 38.00
C GLY O 187 6.79 -2.82 39.16
N ARG O 188 6.28 -3.10 40.36
CA ARG O 188 6.66 -2.34 41.54
C ARG O 188 8.05 -2.71 42.05
N ALA O 189 8.60 -3.84 41.59
CA ALA O 189 9.87 -4.31 42.14
C ALA O 189 11.06 -3.75 41.36
N VAL O 190 10.92 -3.63 40.05
CA VAL O 190 11.88 -2.91 39.22
C VAL O 190 11.77 -1.40 39.43
N TYR O 191 10.62 -0.97 39.92
CA TYR O 191 10.40 0.40 40.37
C TYR O 191 11.35 0.79 41.49
N GLU O 192 11.91 -0.19 42.23
CA GLU O 192 12.82 0.06 43.34
C GLU O 192 14.12 -0.75 43.28
N CYS O 193 14.55 -1.19 42.10
CA CYS O 193 15.90 -1.72 41.99
C CYS O 193 16.82 -0.72 41.32
N LEU O 194 16.31 -0.03 40.32
CA LEU O 194 17.00 1.01 39.59
C LEU O 194 17.25 2.25 40.44
N ARG O 195 16.55 2.36 41.56
CA ARG O 195 16.70 3.49 42.46
C ARG O 195 17.82 3.28 43.48
N GLY O 196 18.86 2.53 43.12
CA GLY O 196 19.99 2.33 44.00
C GLY O 196 21.29 2.49 43.26
N GLY O 197 21.21 2.54 41.94
CA GLY O 197 22.37 2.70 41.09
C GLY O 197 22.44 1.75 39.92
N LEU O 198 21.47 0.86 39.75
CA LEU O 198 21.53 -0.11 38.67
C LEU O 198 21.28 0.57 37.35
N ASP O 199 22.23 0.39 36.41
CA ASP O 199 22.18 1.10 35.13
C ASP O 199 21.08 0.52 34.25
N PHE O 200 20.78 -0.76 34.44
CA PHE O 200 19.56 -1.35 33.92
C PHE O 200 19.14 -2.48 34.84
N THR O 201 18.15 -3.26 34.40
CA THR O 201 17.70 -4.47 35.07
C THR O 201 17.39 -5.51 33.98
N LYS O 202 17.05 -6.72 34.41
CA LYS O 202 16.99 -7.87 33.51
C LYS O 202 15.66 -8.59 33.71
N ASP O 203 14.85 -8.69 32.66
CA ASP O 203 13.66 -9.53 32.71
C ASP O 203 14.09 -10.92 32.26
N ASP O 204 15.04 -11.51 32.97
CA ASP O 204 15.56 -12.80 32.61
C ASP O 204 14.77 -13.86 33.35
N GLU O 205 15.26 -15.10 33.26
CA GLU O 205 14.58 -16.31 33.67
C GLU O 205 13.20 -16.43 33.03
N ASN O 206 13.11 -16.06 31.75
CA ASN O 206 12.13 -16.57 30.80
C ASN O 206 10.70 -16.21 31.17
N ILE O 207 10.47 -14.91 31.34
CA ILE O 207 9.13 -14.48 31.66
C ILE O 207 8.46 -14.07 30.36
N ASN O 208 7.61 -14.94 29.82
CA ASN O 208 6.75 -14.64 28.69
C ASN O 208 5.33 -14.42 29.18
N SER O 209 4.38 -14.32 28.25
CA SER O 209 2.99 -14.11 28.65
C SER O 209 2.38 -15.40 29.15
N ALA O 210 2.21 -15.52 30.45
CA ALA O 210 1.53 -16.67 31.03
C ALA O 210 0.09 -16.26 31.31
N PRO O 211 -0.83 -17.16 31.65
CA PRO O 211 -2.19 -16.72 32.02
C PRO O 211 -2.29 -15.89 33.28
N PHE O 212 -1.26 -15.79 34.12
CA PHE O 212 -1.29 -14.90 35.26
C PHE O 212 -0.63 -13.54 35.00
N GLN O 213 0.18 -13.43 33.94
CA GLN O 213 0.97 -12.24 33.71
C GLN O 213 1.21 -12.11 32.22
N ARG O 214 0.38 -11.33 31.54
CA ARG O 214 0.44 -11.24 30.09
C ARG O 214 1.57 -10.34 29.64
N TRP O 215 1.82 -10.37 28.33
CA TRP O 215 2.97 -9.69 27.75
C TRP O 215 2.76 -8.19 27.69
N ARG O 216 1.54 -7.75 27.44
CA ARG O 216 1.29 -6.34 27.31
C ARG O 216 1.30 -5.63 28.64
N ASP O 217 0.66 -6.23 29.65
CA ASP O 217 0.59 -5.70 31.00
C ASP O 217 1.87 -5.90 31.79
N ARG O 218 2.95 -6.34 31.16
CA ARG O 218 4.26 -6.25 31.78
C ARG O 218 5.09 -5.12 31.20
N PHE O 219 4.82 -4.72 29.96
CA PHE O 219 5.59 -3.66 29.33
C PHE O 219 5.28 -2.28 29.90
N LEU O 220 4.00 -1.98 30.14
CA LEU O 220 3.60 -0.69 30.69
C LEU O 220 4.18 -0.48 32.08
N PHE O 221 4.00 -1.46 32.96
CA PHE O 221 4.37 -1.35 34.35
C PHE O 221 5.88 -1.43 34.58
N VAL O 222 6.68 -1.65 33.54
CA VAL O 222 8.10 -1.42 33.62
C VAL O 222 8.56 -0.41 32.56
N ALA O 223 7.60 0.26 31.93
CA ALA O 223 7.76 1.58 31.33
C ALA O 223 7.29 2.69 32.24
N ASP O 224 6.14 2.53 32.90
CA ASP O 224 5.71 3.42 33.98
C ASP O 224 6.66 3.42 35.17
N ALA O 225 7.52 2.43 35.30
CA ALA O 225 8.49 2.39 36.37
C ALA O 225 9.85 2.96 35.97
N ILE O 226 10.03 3.33 34.70
CA ILE O 226 11.23 4.06 34.27
C ILE O 226 10.98 5.56 34.33
N THR O 227 9.80 6.01 33.97
CA THR O 227 9.42 7.41 34.03
C THR O 227 9.37 7.92 35.46
N LYS O 228 9.26 7.04 36.45
CA LYS O 228 9.35 7.41 37.86
C LYS O 228 10.69 7.07 38.51
N ALA O 229 11.76 6.89 37.74
CA ALA O 229 13.10 6.81 38.30
C ALA O 229 14.16 7.48 37.44
N GLN O 230 13.78 8.01 36.28
CA GLN O 230 14.72 8.75 35.45
C GLN O 230 15.05 10.11 36.05
N ALA O 231 14.02 10.84 36.46
CA ALA O 231 14.16 12.18 36.99
C ALA O 231 14.49 12.20 38.47
N GLU O 232 14.10 11.15 39.21
CA GLU O 232 14.26 11.13 40.64
C GLU O 232 15.61 10.59 41.08
N THR O 233 16.46 10.24 40.12
CA THR O 233 17.82 9.75 40.38
C THR O 233 18.88 10.42 39.52
N GLY O 234 18.48 11.23 38.55
CA GLY O 234 19.42 12.02 37.76
C GLY O 234 20.13 11.29 36.65
N GLU O 235 19.66 10.10 36.26
CA GLU O 235 20.27 9.31 35.19
C GLU O 235 19.18 8.59 34.41
N ILE O 236 19.57 8.02 33.27
CA ILE O 236 18.67 7.30 32.38
C ILE O 236 19.01 5.82 32.40
N LYS O 237 17.99 5.00 32.67
CA LYS O 237 18.08 3.58 32.97
C LYS O 237 17.11 2.84 32.07
N GLY O 238 17.45 1.60 31.71
CA GLY O 238 16.54 0.75 30.95
C GLY O 238 16.08 -0.41 31.80
N HIS O 239 15.09 -1.13 31.30
CA HIS O 239 14.80 -2.46 31.83
C HIS O 239 14.72 -3.45 30.69
N TYR O 240 15.75 -4.29 30.58
CA TYR O 240 15.91 -5.26 29.52
C TYR O 240 14.82 -6.32 29.55
N LEU O 241 14.09 -6.44 28.45
CA LEU O 241 12.84 -7.19 28.36
C LEU O 241 12.93 -8.24 27.25
N ASN O 242 12.36 -9.41 27.49
CA ASN O 242 12.33 -10.48 26.50
C ASN O 242 11.35 -10.17 25.37
N VAL O 243 11.75 -10.54 24.15
CA VAL O 243 10.92 -10.41 22.96
C VAL O 243 10.50 -11.77 22.41
N THR O 244 10.74 -12.85 23.15
CA THR O 244 10.57 -14.19 22.62
C THR O 244 9.10 -14.57 22.46
N ALA O 245 8.74 -15.00 21.26
CA ALA O 245 7.38 -15.34 20.86
C ALA O 245 7.41 -16.70 20.18
N PRO O 246 6.24 -17.36 20.02
CA PRO O 246 6.20 -18.51 19.12
C PRO O 246 6.60 -18.21 17.68
N THR O 247 5.86 -17.35 16.98
CA THR O 247 6.19 -17.00 15.61
C THR O 247 7.30 -15.94 15.60
N CYS O 248 7.54 -15.34 14.44
CA CYS O 248 8.25 -14.08 14.46
C CYS O 248 7.30 -12.92 14.21
N GLU O 249 6.16 -13.17 13.54
CA GLU O 249 5.13 -12.15 13.42
C GLU O 249 4.59 -11.72 14.78
N GLU O 250 4.55 -12.62 15.75
CA GLU O 250 4.28 -12.17 17.10
C GLU O 250 5.50 -11.51 17.72
N MET O 251 6.70 -11.96 17.37
CA MET O 251 7.91 -11.33 17.87
C MET O 251 8.13 -9.95 17.24
N LEU O 252 7.56 -9.72 16.05
CA LEU O 252 7.58 -8.38 15.51
C LEU O 252 6.61 -7.45 16.23
N LYS O 253 5.66 -8.00 16.98
CA LYS O 253 4.79 -7.18 17.80
C LYS O 253 5.30 -7.05 19.23
N ARG O 254 6.30 -7.85 19.63
CA ARG O 254 6.85 -7.68 20.97
C ARG O 254 8.09 -6.80 20.94
N ALA O 255 8.34 -6.15 19.82
CA ALA O 255 9.49 -5.31 19.67
C ALA O 255 9.16 -3.99 18.99
N GLU O 256 8.02 -3.93 18.34
CA GLU O 256 7.44 -2.69 17.85
C GLU O 256 6.59 -2.00 18.91
N TYR O 257 5.95 -2.76 19.79
CA TYR O 257 5.30 -2.20 20.96
C TYR O 257 6.26 -1.69 22.01
N ALA O 258 7.39 -2.36 22.23
CA ALA O 258 8.37 -1.99 23.25
C ALA O 258 8.92 -0.61 22.97
N LYS O 259 9.68 -0.44 21.89
CA LYS O 259 10.08 0.89 21.43
C LYS O 259 9.11 1.31 20.35
N GLU O 260 8.14 2.12 20.72
CA GLU O 260 7.35 2.86 19.75
C GLU O 260 8.09 4.16 19.47
N LEU O 261 8.16 4.99 20.51
CA LEU O 261 9.32 5.79 20.87
C LEU O 261 9.50 5.71 22.37
N LYS O 262 9.10 4.59 22.97
CA LYS O 262 8.78 4.50 24.38
C LYS O 262 9.98 4.22 25.26
N GLN O 263 11.07 3.67 24.72
CA GLN O 263 11.74 2.78 25.65
C GLN O 263 13.17 2.48 25.21
N PRO O 264 14.07 2.19 26.13
CA PRO O 264 15.49 1.99 25.79
C PRO O 264 15.80 0.72 25.00
N ILE O 265 17.08 0.38 25.03
CA ILE O 265 17.75 -0.65 24.25
C ILE O 265 17.55 -2.04 24.86
N ILE O 266 16.76 -2.91 24.22
CA ILE O 266 16.05 -4.04 24.86
C ILE O 266 16.16 -5.34 24.04
N MET O 267 16.62 -6.42 24.66
CA MET O 267 17.42 -7.46 24.04
C MET O 267 16.69 -8.83 24.01
N HIS O 268 17.33 -9.87 23.41
CA HIS O 268 17.09 -11.29 23.72
C HIS O 268 18.33 -12.11 23.36
N ASP O 269 18.18 -13.46 23.35
CA ASP O 269 19.26 -14.45 23.40
C ASP O 269 19.81 -14.86 22.02
N TYR O 270 20.53 -16.00 22.02
CA TYR O 270 21.02 -16.71 20.84
C TYR O 270 20.71 -18.19 20.87
N LEU O 271 20.60 -18.79 22.04
CA LEU O 271 20.16 -20.18 22.15
C LEU O 271 18.67 -20.27 21.90
N THR O 272 18.18 -21.48 21.60
CA THR O 272 16.79 -21.78 21.18
C THR O 272 16.28 -20.79 20.14
N ALA O 273 17.18 -20.44 19.24
CA ALA O 273 17.22 -19.32 18.32
C ALA O 273 18.51 -19.55 17.56
N GLY O 274 18.74 -18.76 16.53
CA GLY O 274 19.94 -19.00 15.77
C GLY O 274 20.66 -17.73 15.43
N PHE O 275 21.62 -17.88 14.53
CA PHE O 275 22.15 -16.75 13.79
C PHE O 275 21.23 -16.40 12.64
N THR O 276 20.16 -17.19 12.46
CA THR O 276 19.09 -16.93 11.51
C THR O 276 17.88 -16.31 12.18
N ALA O 277 17.51 -16.77 13.37
CA ALA O 277 16.43 -16.17 14.15
C ALA O 277 16.73 -14.76 14.61
N ASN O 278 17.96 -14.50 15.02
CA ASN O 278 18.33 -13.20 15.53
C ASN O 278 19.02 -12.38 14.46
N THR O 279 18.51 -12.48 13.25
CA THR O 279 18.96 -11.66 12.15
C THR O 279 17.83 -10.81 11.63
N THR O 280 16.61 -11.28 11.84
CA THR O 280 15.38 -10.54 11.67
C THR O 280 15.22 -9.43 12.72
N LEU O 281 15.85 -9.57 13.89
CA LEU O 281 15.76 -8.52 14.91
C LEU O 281 17.06 -7.87 15.30
N ALA O 282 18.22 -8.42 14.95
CA ALA O 282 19.43 -7.64 15.13
C ALA O 282 19.56 -6.59 14.06
N ARG O 283 18.75 -6.68 13.03
CA ARG O 283 18.73 -5.71 11.97
C ARG O 283 17.49 -4.83 12.04
N TRP O 284 16.68 -5.04 13.07
CA TRP O 284 15.79 -4.07 13.69
C TRP O 284 16.55 -3.02 14.49
N CYS O 285 17.83 -3.28 14.81
CA CYS O 285 18.77 -2.27 15.31
C CYS O 285 19.42 -1.48 14.20
N ARG O 286 19.09 -1.80 12.95
CA ARG O 286 19.55 -1.01 11.83
C ARG O 286 18.55 0.07 11.48
N ASP O 287 17.50 0.21 12.28
CA ASP O 287 16.52 1.28 12.17
C ASP O 287 16.34 2.03 13.47
N ASN O 288 16.60 1.37 14.59
CA ASN O 288 16.03 1.75 15.89
C ASN O 288 17.08 1.86 17.01
N GLY O 289 18.18 1.12 16.93
CA GLY O 289 19.18 1.09 17.98
C GLY O 289 18.69 0.53 19.31
N VAL O 290 18.24 -0.72 19.33
CA VAL O 290 17.39 -1.15 20.45
C VAL O 290 17.64 -2.57 21.01
N LEU O 291 18.55 -3.38 20.46
CA LEU O 291 18.75 -4.73 21.04
C LEU O 291 20.17 -5.24 20.84
N LEU O 292 20.97 -5.17 21.92
CA LEU O 292 22.41 -5.31 21.88
C LEU O 292 22.97 -6.31 22.87
N HIS O 293 22.35 -6.49 24.02
CA HIS O 293 22.77 -7.49 24.98
C HIS O 293 22.41 -8.86 24.45
N ILE O 294 23.37 -9.78 24.45
CA ILE O 294 23.07 -11.15 24.05
C ILE O 294 23.29 -11.99 25.29
N HIS O 295 22.28 -12.75 25.68
CA HIS O 295 22.27 -13.29 27.02
C HIS O 295 22.36 -14.80 27.06
N ASN O 307 35.62 -31.42 26.38
CA ASN O 307 36.31 -32.49 25.65
C ASN O 307 35.92 -32.54 24.17
N HIS O 308 34.63 -32.32 23.91
CA HIS O 308 34.02 -32.52 22.60
C HIS O 308 32.99 -31.41 22.45
N GLY O 309 33.42 -30.31 21.86
CA GLY O 309 32.51 -29.22 21.61
C GLY O 309 33.08 -28.30 20.56
N ILE O 310 32.66 -27.04 20.64
CA ILE O 310 33.32 -25.95 19.95
C ILE O 310 33.59 -24.86 20.97
N HIS O 311 34.84 -24.40 21.03
CA HIS O 311 35.27 -23.52 22.10
C HIS O 311 34.60 -22.17 21.91
N PHE O 312 34.50 -21.42 23.01
CA PHE O 312 33.69 -20.20 23.01
C PHE O 312 34.30 -19.12 22.11
N ARG O 313 35.61 -19.14 21.89
CA ARG O 313 36.20 -18.12 21.05
C ARG O 313 35.86 -18.29 19.59
N VAL O 314 35.42 -19.49 19.18
CA VAL O 314 34.80 -19.63 17.87
C VAL O 314 33.38 -19.07 17.91
N LEU O 315 32.71 -19.27 19.04
CA LEU O 315 31.35 -18.79 19.18
C LEU O 315 31.30 -17.29 19.35
N ALA O 316 32.41 -16.68 19.73
CA ALA O 316 32.53 -15.23 19.90
C ALA O 316 32.92 -14.50 18.62
N LYS O 317 33.70 -15.13 17.75
CA LYS O 317 33.89 -14.58 16.41
C LYS O 317 32.61 -14.62 15.62
N ALA O 318 31.77 -15.59 15.88
CA ALA O 318 30.52 -15.74 15.17
C ALA O 318 29.49 -14.72 15.60
N LEU O 319 29.74 -14.02 16.70
CA LEU O 319 28.69 -13.28 17.38
C LEU O 319 28.99 -11.79 17.41
N ARG O 320 30.25 -11.41 17.38
CA ARG O 320 30.61 -10.04 17.03
C ARG O 320 30.18 -9.73 15.61
N LEU O 321 30.64 -10.54 14.65
CA LEU O 321 30.35 -10.37 13.24
C LEU O 321 28.86 -10.46 12.93
N SER O 322 28.11 -11.20 13.71
CA SER O 322 26.66 -11.17 13.59
C SER O 322 26.12 -9.86 14.14
N GLY O 323 26.36 -9.57 15.41
CA GLY O 323 26.03 -8.26 15.95
C GLY O 323 25.80 -8.28 17.44
N GLY O 324 25.76 -7.08 18.01
CA GLY O 324 25.54 -6.92 19.42
C GLY O 324 26.73 -6.26 20.12
N ASP O 325 26.42 -5.54 21.20
CA ASP O 325 27.34 -4.56 21.75
C ASP O 325 28.03 -5.00 23.04
N HIS O 326 27.50 -6.01 23.72
CA HIS O 326 28.12 -6.58 24.90
C HIS O 326 27.54 -7.97 25.12
N ILE O 327 28.36 -9.00 24.93
CA ILE O 327 27.86 -10.36 24.95
C ILE O 327 28.08 -10.97 26.31
N HIS O 328 27.24 -11.94 26.66
CA HIS O 328 27.43 -12.72 27.87
C HIS O 328 28.31 -13.91 27.54
N THR O 329 29.02 -14.42 28.55
CA THR O 329 29.93 -15.53 28.32
C THR O 329 29.44 -16.81 29.01
N GLY O 341 44.07 -16.74 31.52
CA GLY O 341 44.63 -16.53 30.19
C GLY O 341 43.59 -16.73 29.11
N ILE O 342 42.72 -17.70 29.33
CA ILE O 342 41.65 -17.98 28.39
C ILE O 342 40.42 -17.14 28.71
N THR O 343 40.18 -16.84 29.99
CA THR O 343 39.18 -15.84 30.33
C THR O 343 39.63 -14.46 29.86
N MET O 344 40.93 -14.19 29.90
CA MET O 344 41.47 -13.00 29.26
C MET O 344 41.56 -13.12 27.76
N GLY O 345 41.30 -14.30 27.20
CA GLY O 345 41.57 -14.57 25.81
C GLY O 345 40.58 -14.01 24.80
N PHE O 346 39.31 -14.39 24.89
CA PHE O 346 38.34 -13.84 23.95
C PHE O 346 37.98 -12.41 24.29
N VAL O 347 38.18 -11.97 25.54
CA VAL O 347 37.92 -10.58 25.90
C VAL O 347 39.04 -9.67 25.44
N ASP O 348 40.10 -10.24 24.87
CA ASP O 348 40.99 -9.52 23.98
C ASP O 348 40.74 -9.86 22.51
N LEU O 349 39.63 -10.52 22.18
CA LEU O 349 39.19 -10.61 20.80
C LEU O 349 37.99 -9.73 20.53
N LEU O 350 37.14 -9.52 21.52
CA LEU O 350 35.97 -8.70 21.36
C LEU O 350 36.29 -7.21 21.41
N ARG O 351 37.47 -6.88 21.94
CA ARG O 351 37.83 -5.52 22.30
C ARG O 351 39.03 -5.00 21.56
N GLU O 352 39.86 -5.87 21.00
CA GLU O 352 41.12 -5.46 20.41
C GLU O 352 40.99 -5.29 18.91
N ASN O 353 42.06 -4.76 18.33
CA ASN O 353 42.19 -4.54 16.90
C ASN O 353 43.09 -5.57 16.24
N TYR O 354 44.19 -5.93 16.88
CA TYR O 354 45.20 -6.83 16.38
C TYR O 354 45.60 -7.72 17.54
N VAL O 355 45.75 -9.01 17.28
CA VAL O 355 46.19 -9.96 18.30
C VAL O 355 47.23 -10.88 17.70
N GLU O 356 48.42 -10.87 18.30
CA GLU O 356 49.49 -11.76 17.91
C GLU O 356 49.38 -13.10 18.64
N GLN O 357 49.98 -14.10 18.03
CA GLN O 357 49.73 -15.51 18.34
C GLN O 357 50.22 -15.91 19.74
N ASP O 358 49.28 -16.21 20.63
CA ASP O 358 49.59 -16.65 21.98
C ASP O 358 49.11 -18.08 22.13
N LYS O 359 50.00 -19.04 21.93
CA LYS O 359 49.63 -20.44 22.03
C LYS O 359 49.25 -20.86 23.44
N SER O 360 49.66 -20.15 24.45
CA SER O 360 49.26 -20.46 25.81
C SER O 360 48.00 -19.73 26.23
N ARG O 361 47.24 -19.18 25.27
CA ARG O 361 46.00 -18.48 25.58
C ARG O 361 44.85 -18.97 24.73
N GLY O 362 45.06 -20.00 23.94
CA GLY O 362 44.04 -20.41 23.00
C GLY O 362 44.03 -19.63 21.72
N ILE O 363 44.80 -18.55 21.65
CA ILE O 363 44.84 -17.71 20.46
C ILE O 363 45.91 -18.29 19.57
N TYR O 364 45.51 -19.16 18.67
CA TYR O 364 46.47 -19.94 17.91
C TYR O 364 46.84 -19.27 16.60
N PHE O 365 46.14 -18.21 16.22
CA PHE O 365 46.32 -17.58 14.93
C PHE O 365 46.71 -16.11 15.09
N THR O 366 46.67 -15.39 13.99
CA THR O 366 46.86 -13.96 14.01
C THR O 366 45.95 -13.34 12.98
N GLN O 367 45.01 -12.52 13.42
CA GLN O 367 44.25 -11.72 12.50
C GLN O 367 43.87 -10.39 13.13
N ASP O 368 44.29 -9.32 12.46
CA ASP O 368 43.78 -8.01 12.75
C ASP O 368 42.30 -7.93 12.41
N TRP O 369 41.56 -7.22 13.25
CA TRP O 369 40.14 -7.03 13.05
C TRP O 369 39.85 -5.98 12.00
N ALA O 370 40.82 -5.12 11.71
CA ALA O 370 40.83 -4.18 10.60
C ALA O 370 39.64 -3.23 10.62
N SER O 371 39.60 -2.42 11.69
CA SER O 371 38.63 -1.33 11.88
C SER O 371 37.20 -1.81 11.88
N LEU O 372 36.81 -2.55 12.90
CA LEU O 372 35.42 -2.94 13.02
C LEU O 372 35.01 -2.83 14.49
N PRO O 373 33.72 -2.41 14.79
CA PRO O 373 33.35 -2.04 16.16
C PRO O 373 33.51 -3.09 17.23
N GLY O 374 34.13 -2.72 18.36
CA GLY O 374 34.30 -3.63 19.47
C GLY O 374 33.01 -4.01 20.18
N VAL O 375 33.13 -4.84 21.21
CA VAL O 375 31.99 -5.36 21.95
C VAL O 375 32.49 -5.78 23.32
N MET O 376 31.74 -5.41 24.37
CA MET O 376 32.23 -5.54 25.74
C MET O 376 31.85 -6.87 26.36
N ALA O 377 32.18 -7.06 27.62
CA ALA O 377 31.88 -8.36 28.21
C ALA O 377 30.97 -8.23 29.41
N VAL O 378 30.36 -9.35 29.78
CA VAL O 378 29.46 -9.44 30.90
C VAL O 378 30.10 -10.34 31.96
N ALA O 379 29.97 -9.94 33.22
CA ALA O 379 30.46 -10.71 34.36
C ALA O 379 29.68 -12.00 34.48
N SER O 380 30.40 -13.12 34.62
CA SER O 380 29.83 -14.45 34.56
C SER O 380 30.31 -15.38 35.68
N GLY O 381 30.28 -14.92 36.93
CA GLY O 381 30.67 -15.77 38.03
C GLY O 381 29.63 -15.92 39.11
N GLY O 382 28.69 -14.98 39.17
CA GLY O 382 27.64 -14.98 40.17
C GLY O 382 27.57 -13.67 40.91
N ILE O 383 26.99 -13.75 42.11
CA ILE O 383 26.84 -12.58 42.99
C ILE O 383 28.22 -12.21 43.50
N HIS O 384 28.50 -10.91 43.58
CA HIS O 384 29.85 -10.40 43.64
C HIS O 384 30.01 -9.15 44.51
N VAL O 385 29.16 -8.98 45.53
CA VAL O 385 28.91 -7.68 46.17
C VAL O 385 30.15 -7.16 46.86
N TRP O 386 30.90 -8.07 47.46
CA TRP O 386 32.12 -7.78 48.20
C TRP O 386 33.36 -8.02 47.34
N HIS O 387 33.22 -8.86 46.31
CA HIS O 387 34.31 -9.21 45.42
C HIS O 387 34.27 -8.29 44.20
N MET O 388 34.22 -6.99 44.47
CA MET O 388 34.18 -5.95 43.45
C MET O 388 35.52 -5.56 42.82
N PRO O 389 36.63 -5.32 43.54
CA PRO O 389 37.85 -4.90 42.83
C PRO O 389 38.55 -6.03 42.09
N ALA O 390 38.13 -7.27 42.28
CA ALA O 390 38.71 -8.34 41.49
C ALA O 390 38.20 -8.33 40.06
N LEU O 391 36.98 -7.84 39.84
CA LEU O 391 36.46 -7.76 38.48
C LEU O 391 36.94 -6.53 37.73
N VAL O 392 37.19 -5.43 38.45
CA VAL O 392 37.54 -4.15 37.83
C VAL O 392 38.88 -4.19 37.11
N GLU O 393 39.87 -4.91 37.63
CA GLU O 393 41.11 -5.08 36.90
C GLU O 393 41.00 -6.02 35.72
N ILE O 394 40.26 -7.11 35.86
CA ILE O 394 40.35 -8.18 34.88
C ILE O 394 39.56 -7.83 33.62
N PHE O 395 38.35 -7.31 33.78
CA PHE O 395 37.57 -6.93 32.61
C PHE O 395 37.85 -5.50 32.20
N GLY O 396 38.53 -4.74 33.05
CA GLY O 396 38.96 -3.39 32.71
C GLY O 396 37.86 -2.35 32.85
N ASP O 397 37.93 -1.33 32.00
CA ASP O 397 36.93 -0.27 31.96
C ASP O 397 35.74 -0.62 31.10
N ASP O 398 35.97 -1.22 29.95
CA ASP O 398 34.96 -1.38 28.92
C ASP O 398 34.30 -2.73 29.10
N SER O 399 33.49 -2.86 30.15
CA SER O 399 32.72 -4.09 30.36
C SER O 399 31.42 -3.72 31.06
N VAL O 400 30.60 -4.74 31.31
CA VAL O 400 29.33 -4.61 32.01
C VAL O 400 29.26 -5.69 33.09
N LEU O 401 28.80 -5.31 34.28
CA LEU O 401 28.67 -6.20 35.42
C LEU O 401 27.19 -6.43 35.72
N GLN O 402 26.91 -7.43 36.55
CA GLN O 402 25.54 -7.67 36.99
C GLN O 402 25.10 -6.52 37.89
N ALA O 415 16.44 -1.78 47.40
CA ALA O 415 17.19 -0.53 47.24
C ALA O 415 18.36 -0.30 48.23
N PRO O 416 18.31 -0.79 49.48
CA PRO O 416 19.57 -0.87 50.22
C PRO O 416 20.54 -1.88 49.61
N GLY O 417 20.05 -3.06 49.26
CA GLY O 417 20.83 -4.06 48.57
C GLY O 417 21.29 -3.70 47.17
N ALA O 418 20.75 -2.63 46.58
CA ALA O 418 21.26 -2.09 45.33
C ALA O 418 22.12 -0.85 45.50
N THR O 419 22.03 -0.15 46.63
CA THR O 419 22.90 0.99 46.83
C THR O 419 24.28 0.56 47.31
N ALA O 420 24.43 -0.69 47.76
CA ALA O 420 25.77 -1.19 48.11
C ALA O 420 26.57 -1.53 46.87
N ASN O 421 25.90 -1.70 45.74
CA ASN O 421 26.58 -2.11 44.52
C ASN O 421 27.29 -0.94 43.87
N ARG O 422 26.63 0.21 43.80
CA ARG O 422 27.19 1.34 43.08
C ARG O 422 28.35 1.96 43.82
N VAL O 423 28.30 1.90 45.16
CA VAL O 423 29.31 2.56 45.98
C VAL O 423 30.64 1.80 45.90
N ALA O 424 30.58 0.47 45.98
CA ALA O 424 31.80 -0.34 45.91
C ALA O 424 32.43 -0.31 44.52
N LEU O 425 31.63 -0.06 43.49
CA LEU O 425 32.19 0.07 42.15
C LEU O 425 32.90 1.40 41.97
N GLU O 426 32.24 2.50 42.35
CA GLU O 426 32.75 3.84 42.08
C GLU O 426 33.98 4.17 42.92
N ALA O 427 34.17 3.46 44.03
CA ALA O 427 35.25 3.81 44.95
C ALA O 427 36.60 3.36 44.43
N CYS O 428 36.67 2.13 43.91
CA CYS O 428 37.94 1.52 43.50
C CYS O 428 38.57 2.27 42.34
N VAL O 429 37.75 2.84 41.46
CA VAL O 429 38.21 3.42 40.20
C VAL O 429 39.08 4.64 40.44
N GLN O 430 38.82 5.36 41.52
CA GLN O 430 39.68 6.50 41.83
C GLN O 430 40.97 6.08 42.53
N ALA O 431 40.93 4.99 43.30
CA ALA O 431 42.12 4.44 43.92
C ALA O 431 42.99 3.66 42.95
N ARG O 432 42.47 3.31 41.79
CA ARG O 432 43.34 2.89 40.70
C ARG O 432 44.10 4.04 40.10
N ASN O 433 43.46 5.18 39.90
CA ASN O 433 44.06 6.29 39.19
C ASN O 433 45.02 7.09 40.06
N GLU O 434 45.02 6.87 41.37
CA GLU O 434 46.07 7.45 42.20
C GLU O 434 47.41 6.76 41.93
N GLY O 435 47.37 5.49 41.56
CA GLY O 435 48.55 4.67 41.43
C GLY O 435 48.61 3.54 42.44
N ARG O 436 47.60 3.36 43.27
CA ARG O 436 47.63 2.29 44.25
C ARG O 436 47.37 0.97 43.56
N ASN O 437 48.19 -0.03 43.89
CA ASN O 437 48.08 -1.34 43.25
C ASN O 437 46.80 -2.02 43.71
N LEU O 438 45.78 -1.96 42.85
CA LEU O 438 44.43 -2.40 43.24
C LEU O 438 44.33 -3.92 43.31
N ALA O 439 45.35 -4.63 42.82
CA ALA O 439 45.38 -6.07 42.97
C ALA O 439 45.76 -6.46 44.40
N ARG O 440 46.83 -5.86 44.93
CA ARG O 440 47.33 -6.24 46.23
C ARG O 440 46.75 -5.40 47.36
N GLU O 441 45.64 -4.71 47.13
CA GLU O 441 45.11 -3.77 48.10
C GLU O 441 43.59 -3.75 48.12
N GLY O 442 42.95 -4.53 47.24
CA GLY O 442 41.52 -4.52 46.97
C GLY O 442 40.52 -4.48 48.10
N ASN O 443 40.82 -5.13 49.23
CA ASN O 443 39.84 -5.17 50.31
C ASN O 443 39.82 -3.90 51.13
N ASP O 444 40.96 -3.25 51.32
CA ASP O 444 41.02 -2.06 52.13
C ASP O 444 40.36 -0.87 51.46
N VAL O 445 40.19 -0.92 50.15
CA VAL O 445 39.44 0.13 49.47
C VAL O 445 37.95 -0.08 49.70
N ILE O 446 37.51 -1.32 49.88
CA ILE O 446 36.13 -1.60 50.23
C ILE O 446 35.86 -1.18 51.66
N ARG O 447 36.87 -1.31 52.53
CA ARG O 447 36.69 -1.03 53.95
C ARG O 447 36.64 0.47 54.22
N GLU O 448 37.41 1.26 53.47
CA GLU O 448 37.36 2.70 53.69
C GLU O 448 36.09 3.32 53.12
N ALA O 449 35.38 2.61 52.26
CA ALA O 449 34.13 3.10 51.71
C ALA O 449 32.94 2.71 52.56
N ALA O 450 33.17 2.14 53.74
CA ALA O 450 32.09 1.83 54.66
C ALA O 450 31.80 3.00 55.59
N LYS O 451 32.74 3.92 55.71
CA LYS O 451 32.68 4.98 56.71
C LYS O 451 31.86 6.17 56.24
N TRP O 452 31.26 6.05 55.05
CA TRP O 452 30.31 7.03 54.55
C TRP O 452 29.11 6.37 53.87
N SER O 453 29.02 5.04 53.93
CA SER O 453 27.97 4.24 53.30
C SER O 453 27.54 3.12 54.23
N PRO O 454 26.32 3.17 54.77
CA PRO O 454 25.88 2.10 55.68
C PRO O 454 25.53 0.78 55.00
N GLU O 455 25.31 0.77 53.69
CA GLU O 455 24.99 -0.48 53.01
C GLU O 455 26.21 -1.34 52.72
N LEU O 456 27.41 -0.76 52.74
CA LEU O 456 28.63 -1.56 52.69
C LEU O 456 29.11 -1.98 54.07
N ALA O 457 28.52 -1.43 55.13
CA ALA O 457 28.77 -1.90 56.48
C ALA O 457 28.17 -3.28 56.73
N VAL O 458 27.08 -3.62 56.05
CA VAL O 458 26.42 -4.90 56.22
C VAL O 458 27.06 -5.98 55.37
N ALA O 459 27.46 -5.67 54.13
CA ALA O 459 27.78 -6.68 53.13
C ALA O 459 29.12 -7.37 53.39
N CYS O 460 30.15 -6.64 53.83
CA CYS O 460 31.49 -7.19 54.02
C CYS O 460 31.56 -8.25 55.11
N GLU O 461 30.61 -8.23 56.04
CA GLU O 461 30.53 -9.24 57.08
C GLU O 461 29.84 -10.51 56.60
N LEU O 462 29.01 -10.39 55.56
CA LEU O 462 28.27 -11.50 55.00
C LEU O 462 29.13 -12.39 54.10
N TRP O 463 30.20 -11.85 53.54
CA TRP O 463 31.02 -12.59 52.60
C TRP O 463 32.24 -13.19 53.29
N LYS O 464 33.10 -13.82 52.50
CA LYS O 464 33.98 -14.87 53.00
C LYS O 464 35.40 -14.38 53.26
N GLU O 465 35.86 -14.58 54.48
CA GLU O 465 37.25 -14.25 54.84
C GLU O 465 38.12 -15.49 54.99
N ILE O 466 37.74 -16.59 54.32
CA ILE O 466 38.34 -17.90 54.59
C ILE O 466 39.76 -18.02 54.03
N LYS O 467 40.68 -18.44 54.90
CA LYS O 467 42.12 -18.41 54.63
C LYS O 467 42.75 -19.72 55.11
N PHE O 468 44.06 -19.79 54.92
CA PHE O 468 44.92 -20.79 55.58
C PHE O 468 46.29 -20.15 55.79
N GLU O 469 46.73 -20.07 57.04
CA GLU O 469 48.12 -19.75 57.33
C GLU O 469 48.70 -21.00 57.98
N PHE O 470 49.04 -21.98 57.15
CA PHE O 470 49.58 -23.27 57.58
C PHE O 470 50.88 -23.42 56.80
N GLU O 471 51.92 -22.79 57.31
CA GLU O 471 53.21 -22.82 56.67
C GLU O 471 54.07 -23.64 57.60
N LEU P 23 12.21 -27.14 50.81
CA LEU P 23 11.92 -28.55 50.87
C LEU P 23 10.41 -28.76 50.67
N THR P 24 9.73 -27.67 50.35
CA THR P 24 8.38 -27.82 49.80
C THR P 24 8.39 -28.05 48.28
N TYR P 25 9.57 -28.34 47.73
CA TYR P 25 9.74 -28.72 46.34
C TYR P 25 9.89 -30.23 46.18
N TYR P 26 9.59 -31.01 47.21
CA TYR P 26 9.62 -32.47 47.15
C TYR P 26 8.48 -32.97 48.02
N THR P 27 7.32 -33.20 47.42
CA THR P 27 6.16 -33.72 48.13
C THR P 27 5.74 -35.03 47.47
N PRO P 28 6.32 -36.16 47.87
CA PRO P 28 5.93 -37.45 47.29
C PRO P 28 4.56 -37.95 47.70
N ASP P 29 3.81 -37.19 48.47
CA ASP P 29 2.47 -37.53 48.92
C ASP P 29 1.41 -37.01 47.98
N TYR P 30 1.74 -36.86 46.70
CA TYR P 30 0.98 -36.07 45.75
C TYR P 30 0.88 -36.79 44.42
N THR P 31 -0.32 -36.83 43.87
CA THR P 31 -0.54 -37.37 42.54
C THR P 31 -0.56 -36.23 41.53
N PRO P 32 0.25 -36.30 40.47
CA PRO P 32 0.20 -35.25 39.44
C PRO P 32 -1.11 -35.32 38.68
N LYS P 33 -1.70 -34.14 38.47
CA LYS P 33 -3.08 -34.02 38.02
C LYS P 33 -3.25 -34.48 36.57
N ASP P 34 -4.48 -34.39 36.08
CA ASP P 34 -4.76 -34.67 34.68
C ASP P 34 -4.21 -33.61 33.74
N THR P 35 -3.91 -32.42 34.25
CA THR P 35 -3.60 -31.28 33.41
C THR P 35 -2.20 -30.75 33.67
N ASP P 36 -1.42 -31.41 34.52
CA ASP P 36 -0.08 -30.94 34.84
C ASP P 36 0.88 -31.21 33.69
N ILE P 37 1.94 -30.41 33.64
CA ILE P 37 3.07 -30.61 32.76
C ILE P 37 4.09 -31.35 33.60
N LEU P 38 4.82 -32.26 33.00
CA LEU P 38 5.32 -33.39 33.75
C LEU P 38 6.60 -33.89 33.11
N ALA P 39 7.72 -33.76 33.82
CA ALA P 39 9.03 -33.97 33.23
C ALA P 39 9.76 -35.11 33.92
N ALA P 40 10.79 -35.62 33.28
CA ALA P 40 11.68 -36.59 33.88
C ALA P 40 13.11 -36.12 33.74
N PHE P 41 14.01 -36.74 34.50
CA PHE P 41 15.41 -36.35 34.52
C PHE P 41 16.24 -37.54 34.96
N ARG P 42 17.24 -37.93 34.17
CA ARG P 42 18.14 -39.02 34.57
C ARG P 42 19.37 -38.39 35.21
N VAL P 43 19.33 -38.26 36.55
CA VAL P 43 20.21 -37.40 37.33
C VAL P 43 21.41 -38.20 37.83
N THR P 44 22.57 -37.56 37.97
CA THR P 44 23.73 -38.21 38.56
C THR P 44 24.50 -37.23 39.45
N PRO P 45 24.46 -37.39 40.76
CA PRO P 45 25.03 -36.39 41.66
C PRO P 45 26.50 -36.63 42.02
N GLN P 46 27.09 -35.61 42.65
CA GLN P 46 28.44 -35.70 43.19
C GLN P 46 28.49 -36.67 44.38
N PRO P 47 29.69 -37.13 44.78
CA PRO P 47 29.82 -37.99 45.96
C PRO P 47 29.24 -37.39 47.24
N GLY P 48 28.45 -38.20 47.93
CA GLY P 48 27.82 -37.81 49.17
C GLY P 48 26.57 -37.01 49.01
N VAL P 49 26.29 -36.50 47.82
CA VAL P 49 25.07 -35.71 47.61
C VAL P 49 23.88 -36.66 47.62
N PRO P 50 22.87 -36.42 48.45
CA PRO P 50 21.74 -37.35 48.54
C PRO P 50 20.88 -37.32 47.29
N PHE P 51 20.07 -38.35 47.14
CA PHE P 51 19.18 -38.40 45.98
C PHE P 51 17.96 -37.53 46.18
N GLU P 52 17.68 -37.06 47.38
CA GLU P 52 16.47 -36.30 47.65
C GLU P 52 16.68 -34.80 47.65
N GLU P 53 17.92 -34.34 47.65
CA GLU P 53 18.17 -32.91 47.60
C GLU P 53 18.67 -32.46 46.26
N ALA P 54 19.20 -33.38 45.45
CA ALA P 54 19.52 -33.05 44.07
C ALA P 54 18.24 -32.90 43.25
N ALA P 55 17.19 -33.63 43.61
CA ALA P 55 15.93 -33.48 42.89
C ALA P 55 15.17 -32.24 43.33
N ALA P 56 15.38 -31.77 44.55
CA ALA P 56 14.87 -30.45 44.90
C ALA P 56 15.77 -29.34 44.41
N ALA P 57 16.99 -29.68 44.00
CA ALA P 57 17.87 -28.77 43.29
C ALA P 57 17.52 -28.66 41.81
N VAL P 58 16.56 -29.43 41.33
CA VAL P 58 16.13 -29.32 39.94
C VAL P 58 14.77 -28.66 39.83
N ALA P 59 13.78 -29.13 40.60
CA ALA P 59 12.42 -28.63 40.44
C ALA P 59 12.24 -27.21 40.93
N ALA P 60 13.17 -26.72 41.73
CA ALA P 60 13.04 -25.39 42.30
C ALA P 60 13.79 -24.38 41.44
N GLU P 61 14.99 -24.72 41.00
CA GLU P 61 15.77 -23.79 40.20
C GLU P 61 15.33 -23.76 38.75
N SER P 62 14.39 -24.62 38.33
CA SER P 62 13.76 -24.42 37.03
C SER P 62 12.84 -23.21 37.06
N SER P 63 11.79 -23.28 37.87
CA SER P 63 10.74 -22.28 37.80
C SER P 63 11.18 -20.98 38.48
N THR P 64 11.46 -21.04 39.78
CA THR P 64 11.89 -19.86 40.51
C THR P 64 12.67 -20.26 41.76
N ARG P 80 1.52 -21.98 45.00
CA ARG P 80 0.95 -22.94 44.06
C ARG P 80 1.66 -22.89 42.72
N TYR P 81 2.68 -22.06 42.61
CA TYR P 81 3.35 -21.80 41.33
C TYR P 81 4.71 -22.47 41.22
N LYS P 82 4.86 -23.66 41.75
CA LYS P 82 6.16 -24.29 41.84
C LYS P 82 6.07 -25.75 41.43
N GLY P 83 7.08 -26.21 40.74
CA GLY P 83 7.15 -27.62 40.43
C GLY P 83 7.50 -28.42 41.67
N ARG P 84 7.10 -29.69 41.67
CA ARG P 84 7.36 -30.53 42.82
C ARG P 84 7.76 -31.92 42.36
N CYS P 85 8.98 -32.32 42.69
CA CYS P 85 9.46 -33.67 42.43
C CYS P 85 8.65 -34.68 43.25
N TYR P 86 7.76 -35.42 42.61
CA TYR P 86 6.86 -36.32 43.32
C TYR P 86 7.34 -37.76 43.40
N ASP P 87 8.42 -38.14 42.72
CA ASP P 87 8.84 -39.52 42.73
C ASP P 87 10.35 -39.57 42.56
N ILE P 88 10.97 -40.65 43.02
CA ILE P 88 12.43 -40.62 43.13
C ILE P 88 13.10 -41.92 42.65
N GLU P 89 12.43 -42.65 41.75
CA GLU P 89 12.74 -44.03 41.38
C GLU P 89 14.20 -44.21 40.95
N PRO P 90 14.84 -45.30 41.33
CA PRO P 90 16.24 -45.53 40.93
C PRO P 90 16.36 -46.31 39.63
N VAL P 91 17.60 -46.46 39.19
CA VAL P 91 17.94 -47.12 37.94
C VAL P 91 18.80 -48.34 38.27
N PRO P 92 18.42 -49.54 37.84
CA PRO P 92 19.17 -50.73 38.23
C PRO P 92 20.37 -51.01 37.34
N GLY P 93 21.49 -51.32 37.97
CA GLY P 93 22.71 -51.72 37.27
C GLY P 93 23.34 -50.67 36.39
N GLU P 94 23.40 -49.43 36.86
CA GLU P 94 23.97 -48.33 36.11
C GLU P 94 24.50 -47.32 37.12
N ASP P 95 25.29 -46.35 36.66
CA ASP P 95 26.12 -45.50 37.54
C ASP P 95 25.25 -44.50 38.31
N ASN P 96 24.55 -45.02 39.30
CA ASN P 96 24.05 -44.26 40.46
C ASN P 96 22.97 -43.25 40.07
N GLN P 97 22.31 -43.50 38.94
CA GLN P 97 21.26 -42.63 38.47
C GLN P 97 20.00 -42.84 39.28
N PHE P 98 19.11 -41.86 39.19
CA PHE P 98 17.77 -41.99 39.71
C PHE P 98 16.86 -41.13 38.84
N ILE P 99 15.61 -41.53 38.73
CA ILE P 99 14.66 -40.89 37.83
C ILE P 99 13.81 -39.94 38.66
N ALA P 100 13.90 -38.65 38.34
CA ALA P 100 13.21 -37.61 39.08
C ALA P 100 11.99 -37.17 38.29
N TYR P 101 10.81 -37.25 38.90
CA TYR P 101 9.55 -36.93 38.24
C TYR P 101 9.06 -35.59 38.75
N ILE P 102 9.18 -34.55 37.94
CA ILE P 102 8.89 -33.18 38.35
C ILE P 102 7.59 -32.75 37.68
N ALA P 103 6.71 -32.11 38.44
CA ALA P 103 5.37 -31.76 37.96
C ALA P 103 5.10 -30.27 38.11
N TYR P 104 5.24 -29.53 37.02
CA TYR P 104 4.94 -28.12 36.86
C TYR P 104 3.45 -27.96 36.63
N PRO P 105 2.85 -26.85 37.05
CA PRO P 105 1.42 -26.68 36.78
C PRO P 105 1.09 -26.38 35.33
N LEU P 106 -0.20 -26.18 35.03
CA LEU P 106 -0.59 -25.87 33.67
C LEU P 106 -0.33 -24.41 33.33
N ASP P 107 -0.73 -23.51 34.21
CA ASP P 107 -0.75 -22.07 33.92
C ASP P 107 0.63 -21.45 33.86
N LEU P 108 1.68 -22.19 34.22
CA LEU P 108 3.01 -21.62 34.34
C LEU P 108 3.58 -21.14 32.99
N PHE P 109 3.02 -21.60 31.89
CA PHE P 109 3.60 -21.49 30.56
C PHE P 109 2.67 -20.75 29.59
N GLU P 110 3.22 -20.41 28.44
CA GLU P 110 2.50 -19.70 27.39
C GLU P 110 1.91 -20.71 26.41
N GLU P 111 0.66 -20.48 26.03
CA GLU P 111 -0.02 -21.35 25.07
C GLU P 111 0.67 -21.28 23.71
N GLY P 112 0.99 -22.44 23.17
CA GLY P 112 1.63 -22.54 21.88
C GLY P 112 3.01 -21.95 21.84
N SER P 113 3.97 -22.53 22.56
CA SER P 113 5.36 -22.12 22.43
C SER P 113 6.25 -23.25 22.91
N ILE P 114 7.28 -23.52 22.13
CA ILE P 114 8.21 -24.61 22.40
C ILE P 114 9.49 -24.00 22.92
N THR P 115 9.74 -22.75 22.54
CA THR P 115 10.89 -22.04 23.07
C THR P 115 10.74 -21.80 24.57
N ASN P 116 9.53 -21.40 24.99
CA ASN P 116 9.26 -21.17 26.41
C ASN P 116 9.38 -22.45 27.22
N VAL P 117 8.79 -23.54 26.72
CA VAL P 117 8.79 -24.80 27.43
C VAL P 117 10.22 -25.35 27.54
N LEU P 118 11.01 -25.22 26.49
CA LEU P 118 12.38 -25.68 26.55
C LEU P 118 13.29 -24.69 27.25
N THR P 119 12.79 -23.53 27.67
CA THR P 119 13.74 -22.63 28.32
C THR P 119 13.41 -22.38 29.78
N SER P 120 12.13 -22.28 30.14
CA SER P 120 11.76 -22.15 31.55
C SER P 120 11.92 -23.43 32.34
N ILE P 121 12.20 -24.54 31.67
CA ILE P 121 12.39 -25.81 32.35
C ILE P 121 13.88 -26.05 32.57
N VAL P 122 14.68 -25.94 31.51
CA VAL P 122 16.10 -26.22 31.60
C VAL P 122 16.94 -24.98 31.32
N GLY P 123 16.53 -23.83 31.85
CA GLY P 123 17.39 -22.67 31.77
C GLY P 123 18.73 -22.77 32.47
N ASN P 124 18.76 -22.69 33.80
CA ASN P 124 20.01 -22.76 34.54
C ASN P 124 20.03 -23.95 35.47
N VAL P 125 19.67 -25.12 34.94
CA VAL P 125 19.60 -26.34 35.72
C VAL P 125 20.73 -27.25 35.25
N PHE P 126 21.16 -27.06 34.01
CA PHE P 126 22.37 -27.75 33.57
C PHE P 126 23.64 -27.13 34.14
N GLY P 127 23.55 -25.98 34.80
CA GLY P 127 24.74 -25.29 35.27
C GLY P 127 25.07 -25.47 36.74
N PHE P 128 24.83 -26.65 37.32
CA PHE P 128 25.25 -26.89 38.69
C PHE P 128 26.53 -27.70 38.74
N LYS P 129 27.29 -27.52 39.80
CA LYS P 129 28.43 -28.39 40.08
C LYS P 129 28.11 -29.49 41.06
N ALA P 130 26.89 -29.53 41.61
CA ALA P 130 26.54 -30.61 42.53
C ALA P 130 26.09 -31.86 41.81
N LEU P 131 26.09 -31.85 40.49
CA LEU P 131 25.70 -33.01 39.71
C LEU P 131 26.83 -33.38 38.78
N ARG P 132 27.06 -34.68 38.59
CA ARG P 132 28.03 -35.09 37.59
C ARG P 132 27.43 -35.03 36.18
N ALA P 133 26.15 -35.37 36.04
CA ALA P 133 25.48 -35.29 34.75
C ALA P 133 24.00 -35.04 34.98
N LEU P 134 23.30 -34.72 33.89
CA LEU P 134 21.86 -34.47 33.92
C LEU P 134 21.32 -34.54 32.51
N ARG P 135 20.32 -35.39 32.29
CA ARG P 135 19.65 -35.50 31.00
C ARG P 135 18.16 -35.34 31.20
N LEU P 136 17.48 -34.95 30.13
CA LEU P 136 16.05 -34.68 30.15
C LEU P 136 15.44 -35.73 29.24
N GLU P 137 14.86 -36.77 29.82
CA GLU P 137 14.51 -37.94 29.04
C GLU P 137 13.12 -37.83 28.42
N ASP P 138 12.21 -37.09 29.03
CA ASP P 138 10.82 -37.13 28.61
C ASP P 138 10.11 -35.87 29.06
N ILE P 139 8.98 -35.57 28.40
CA ILE P 139 8.02 -34.55 28.81
C ILE P 139 6.63 -35.07 28.48
N ARG P 140 5.69 -35.01 29.44
CA ARG P 140 4.29 -35.21 29.12
C ARG P 140 3.61 -33.87 28.90
N PHE P 141 3.17 -33.64 27.75
CA PHE P 141 2.24 -32.55 27.60
C PHE P 141 0.83 -33.05 27.90
N PRO P 142 -0.04 -32.23 28.48
CA PRO P 142 -1.42 -32.65 28.71
C PRO P 142 -2.20 -32.74 27.41
N VAL P 143 -3.46 -33.13 27.53
CA VAL P 143 -4.34 -33.09 26.37
C VAL P 143 -4.75 -31.63 26.19
N ALA P 144 -4.84 -30.92 27.30
CA ALA P 144 -5.29 -29.53 27.28
C ALA P 144 -4.26 -28.60 26.65
N TYR P 145 -2.98 -28.98 26.67
CA TYR P 145 -1.97 -28.09 26.15
C TYR P 145 -1.48 -28.50 24.77
N ILE P 146 -1.68 -29.75 24.38
CA ILE P 146 -1.32 -30.18 23.03
C ILE P 146 -2.18 -29.48 22.00
N LYS P 147 -3.48 -29.38 22.25
CA LYS P 147 -4.37 -28.82 21.26
C LYS P 147 -4.49 -27.30 21.34
N THR P 148 -3.60 -26.63 22.05
CA THR P 148 -3.34 -25.23 21.78
C THR P 148 -2.51 -25.07 20.52
N PHE P 149 -1.56 -25.97 20.33
CA PHE P 149 -0.66 -25.99 19.17
C PHE P 149 -1.41 -26.39 17.91
N GLN P 150 -0.86 -25.97 16.77
CA GLN P 150 -1.43 -26.33 15.47
C GLN P 150 -0.72 -27.54 14.86
N GLY P 151 0.58 -27.67 15.09
CA GLY P 151 1.27 -28.90 14.78
C GLY P 151 1.91 -28.89 13.40
N PRO P 152 2.18 -30.09 12.87
CA PRO P 152 2.69 -30.19 11.53
C PRO P 152 1.58 -29.82 10.54
N PRO P 153 1.91 -29.13 9.48
CA PRO P 153 0.87 -28.67 8.55
C PRO P 153 0.24 -29.81 7.78
N HIS P 154 1.03 -30.84 7.57
CA HIS P 154 0.70 -31.95 6.70
C HIS P 154 1.12 -33.22 7.42
N GLY P 155 0.36 -34.30 7.27
CA GLY P 155 0.56 -35.50 8.05
C GLY P 155 0.82 -36.78 7.27
N ILE P 156 0.43 -37.91 7.88
CA ILE P 156 0.38 -39.20 7.20
C ILE P 156 -0.77 -39.24 6.19
N GLN P 157 -1.79 -38.43 6.37
CA GLN P 157 -2.82 -38.32 5.36
C GLN P 157 -2.49 -37.24 4.33
N VAL P 158 -2.03 -36.07 4.78
CA VAL P 158 -2.07 -34.87 3.96
C VAL P 158 -0.89 -34.88 3.01
N GLU P 159 0.09 -35.76 3.26
CA GLU P 159 1.28 -35.74 2.42
C GLU P 159 1.01 -36.34 1.05
N ARG P 160 -0.01 -37.18 0.94
CA ARG P 160 -0.23 -37.92 -0.28
C ARG P 160 -1.01 -37.11 -1.32
N ASP P 161 -1.29 -35.84 -1.06
CA ASP P 161 -2.08 -35.06 -2.00
C ASP P 161 -1.24 -34.72 -3.22
N LYS P 162 -0.22 -33.88 -3.05
CA LYS P 162 0.68 -33.53 -4.14
C LYS P 162 1.76 -34.56 -4.34
N LEU P 163 2.15 -35.26 -3.29
CA LEU P 163 3.08 -36.36 -3.44
C LEU P 163 2.26 -37.55 -3.93
N ASN P 164 2.64 -38.06 -5.09
CA ASN P 164 1.94 -39.09 -5.82
C ASN P 164 2.37 -40.49 -5.41
N LYS P 165 2.80 -40.68 -4.17
CA LYS P 165 3.23 -41.99 -3.70
C LYS P 165 2.37 -42.42 -2.52
N TYR P 166 1.77 -43.59 -2.62
CA TYR P 166 0.81 -44.07 -1.64
C TYR P 166 1.25 -45.45 -1.18
N GLY P 167 1.19 -45.70 0.13
CA GLY P 167 1.37 -47.04 0.68
C GLY P 167 2.72 -47.71 0.55
N ARG P 168 3.74 -46.96 0.13
CA ARG P 168 5.11 -47.44 -0.04
C ARG P 168 6.03 -46.28 0.28
N PRO P 169 7.13 -46.53 1.03
CA PRO P 169 8.03 -45.42 1.43
C PRO P 169 8.76 -44.70 0.31
N LEU P 170 9.57 -43.70 0.63
CA LEU P 170 10.11 -42.89 -0.45
C LEU P 170 11.62 -43.07 -0.60
N LEU P 171 12.17 -42.40 -1.62
CA LEU P 171 13.59 -42.52 -1.98
C LEU P 171 14.15 -41.17 -2.39
N GLY P 172 15.36 -40.85 -1.93
CA GLY P 172 15.99 -39.62 -2.38
C GLY P 172 17.45 -39.44 -2.05
N CYS P 173 18.28 -39.10 -3.04
CA CYS P 173 19.73 -39.11 -2.88
C CYS P 173 20.34 -37.71 -3.00
N THR P 174 21.39 -37.50 -2.23
CA THR P 174 22.07 -36.22 -2.13
C THR P 174 23.02 -36.00 -3.30
N ILE P 175 23.16 -34.74 -3.69
CA ILE P 175 23.91 -34.38 -4.88
C ILE P 175 25.15 -33.58 -4.48
N SER P 182 30.34 -26.78 -11.00
CA SER P 182 29.92 -25.47 -11.47
C SER P 182 28.45 -25.27 -11.17
N ALA P 183 27.68 -24.78 -12.13
CA ALA P 183 26.25 -24.53 -11.96
C ALA P 183 25.39 -25.26 -12.99
N LYS P 184 25.76 -25.25 -14.24
CA LYS P 184 25.14 -26.10 -15.25
C LYS P 184 25.47 -27.56 -15.02
N ASN P 185 26.73 -27.87 -14.73
CA ASN P 185 27.13 -29.27 -14.50
C ASN P 185 26.54 -29.81 -13.22
N TYR P 186 26.21 -28.93 -12.29
CA TYR P 186 25.48 -29.36 -11.10
C TYR P 186 24.03 -29.64 -11.44
N GLY P 187 23.49 -28.88 -12.37
CA GLY P 187 22.11 -29.12 -12.80
C GLY P 187 21.97 -30.35 -13.67
N ARG P 188 23.04 -30.71 -14.37
CA ARG P 188 23.01 -31.88 -15.24
C ARG P 188 23.10 -33.19 -14.44
N ALA P 189 23.46 -33.13 -13.17
CA ALA P 189 23.67 -34.36 -12.39
C ALA P 189 22.40 -34.81 -11.70
N VAL P 190 21.60 -33.86 -11.22
CA VAL P 190 20.25 -34.13 -10.73
C VAL P 190 19.30 -34.41 -11.89
N TYR P 191 19.67 -33.95 -13.07
CA TYR P 191 18.99 -34.28 -14.31
C TYR P 191 19.00 -35.78 -14.57
N GLU P 192 19.94 -36.53 -13.97
CA GLU P 192 20.07 -37.98 -14.17
C GLU P 192 20.16 -38.77 -12.87
N CYS P 193 19.67 -38.25 -11.75
CA CYS P 193 19.51 -39.10 -10.58
C CYS P 193 18.07 -39.49 -10.38
N LEU P 194 17.16 -38.55 -10.62
CA LEU P 194 15.72 -38.74 -10.56
C LEU P 194 15.21 -39.65 -11.65
N ARG P 195 16.01 -39.90 -12.67
CA ARG P 195 15.64 -40.77 -13.77
C ARG P 195 15.97 -42.23 -13.50
N GLY P 196 15.95 -42.67 -12.24
CA GLY P 196 16.19 -44.05 -11.89
C GLY P 196 15.19 -44.54 -10.88
N GLY P 197 14.43 -43.61 -10.31
CA GLY P 197 13.41 -43.94 -9.33
C GLY P 197 13.42 -43.08 -8.09
N LEU P 198 14.33 -42.12 -7.98
CA LEU P 198 14.41 -41.31 -6.78
C LEU P 198 13.25 -40.35 -6.70
N ASP P 199 12.51 -40.42 -5.60
CA ASP P 199 11.28 -39.64 -5.45
C ASP P 199 11.60 -38.17 -5.27
N PHE P 200 12.76 -37.88 -4.69
CA PHE P 200 13.33 -36.55 -4.74
C PHE P 200 14.86 -36.68 -4.71
N THR P 201 15.52 -35.54 -4.53
CA THR P 201 16.96 -35.46 -4.32
C THR P 201 17.23 -34.37 -3.29
N LYS P 202 18.50 -34.22 -2.90
CA LYS P 202 18.85 -33.42 -1.74
C LYS P 202 19.97 -32.45 -2.12
N ASP P 203 19.74 -31.16 -2.00
CA ASP P 203 20.81 -30.19 -2.15
C ASP P 203 21.44 -30.00 -0.77
N ASP P 204 21.94 -31.08 -0.20
CA ASP P 204 22.51 -31.04 1.13
C ASP P 204 23.99 -30.78 1.00
N GLU P 205 24.68 -30.90 2.13
CA GLU P 205 26.06 -30.49 2.34
C GLU P 205 26.28 -29.03 1.95
N ASN P 206 25.30 -28.18 2.28
CA ASN P 206 25.50 -26.75 2.54
C ASN P 206 25.94 -25.99 1.30
N ILE P 207 25.16 -26.13 0.23
CA ILE P 207 25.50 -25.41 -0.97
C ILE P 207 24.71 -24.12 -0.99
N ASN P 208 25.35 -23.02 -0.64
CA ASN P 208 24.78 -21.68 -0.77
C ASN P 208 25.41 -20.98 -1.97
N SER P 209 25.15 -19.68 -2.12
CA SER P 209 25.72 -18.96 -3.25
C SER P 209 27.18 -18.64 -2.99
N ALA P 210 28.06 -19.35 -3.65
CA ALA P 210 29.49 -19.06 -3.57
C ALA P 210 29.85 -18.24 -4.81
N PRO P 211 31.05 -17.65 -4.90
CA PRO P 211 31.42 -16.95 -6.15
C PRO P 211 31.57 -17.84 -7.39
N PHE P 212 31.60 -19.16 -7.26
CA PHE P 212 31.60 -20.01 -8.44
C PHE P 212 30.20 -20.53 -8.82
N GLN P 213 29.24 -20.46 -7.91
CA GLN P 213 27.93 -21.06 -8.13
C GLN P 213 26.91 -20.28 -7.33
N ARG P 214 26.24 -19.34 -7.98
CA ARG P 214 25.32 -18.44 -7.30
C ARG P 214 24.00 -19.12 -7.01
N TRP P 215 23.18 -18.43 -6.21
CA TRP P 215 21.94 -19.01 -5.70
C TRP P 215 20.87 -19.02 -6.77
N ARG P 216 20.84 -18.02 -7.65
CA ARG P 216 19.80 -17.96 -8.64
C ARG P 216 20.04 -18.96 -9.76
N ASP P 217 21.28 -19.05 -10.24
CA ASP P 217 21.69 -19.98 -11.28
C ASP P 217 21.83 -21.41 -10.81
N ARG P 218 21.41 -21.73 -9.60
CA ARG P 218 21.22 -23.11 -9.22
C ARG P 218 19.76 -23.52 -9.21
N PHE P 219 18.85 -22.56 -9.01
CA PHE P 219 17.44 -22.87 -8.95
C PHE P 219 16.84 -23.22 -10.31
N LEU P 220 17.22 -22.47 -11.35
CA LEU P 220 16.73 -22.73 -12.71
C LEU P 220 17.15 -24.11 -13.20
N PHE P 221 18.44 -24.40 -13.08
CA PHE P 221 19.02 -25.61 -13.63
C PHE P 221 18.67 -26.87 -12.85
N VAL P 222 17.95 -26.74 -11.73
CA VAL P 222 17.32 -27.88 -11.10
C VAL P 222 15.81 -27.67 -10.98
N ALA P 223 15.29 -26.65 -11.65
CA ALA P 223 13.92 -26.56 -12.12
C ALA P 223 13.77 -26.98 -13.57
N ASP P 224 14.68 -26.54 -14.45
CA ASP P 224 14.79 -27.07 -15.81
C ASP P 224 15.13 -28.54 -15.86
N ALA P 225 15.63 -29.12 -14.78
CA ALA P 225 15.92 -30.54 -14.72
C ALA P 225 14.78 -31.36 -14.14
N ILE P 226 13.72 -30.71 -13.64
CA ILE P 226 12.51 -31.42 -13.23
C ILE P 226 11.52 -31.51 -14.38
N THR P 227 11.40 -30.46 -15.17
CA THR P 227 10.54 -30.43 -16.33
C THR P 227 11.00 -31.42 -17.41
N LYS P 228 12.25 -31.85 -17.38
CA LYS P 228 12.74 -32.90 -18.26
C LYS P 228 12.88 -34.26 -17.60
N ALA P 229 12.19 -34.51 -16.49
CA ALA P 229 12.10 -35.86 -15.94
C ALA P 229 10.74 -36.18 -15.35
N GLN P 230 9.82 -35.21 -15.34
CA GLN P 230 8.45 -35.48 -14.88
C GLN P 230 7.68 -36.31 -15.88
N ALA P 231 7.74 -35.93 -17.15
CA ALA P 231 6.99 -36.59 -18.22
C ALA P 231 7.71 -37.81 -18.76
N GLU P 232 9.03 -37.84 -18.67
CA GLU P 232 9.82 -38.91 -19.28
C GLU P 232 9.97 -40.11 -18.37
N THR P 233 9.38 -40.05 -17.17
CA THR P 233 9.41 -41.16 -16.21
C THR P 233 8.05 -41.47 -15.61
N GLY P 234 7.04 -40.65 -15.88
CA GLY P 234 5.67 -40.95 -15.49
C GLY P 234 5.32 -40.63 -14.05
N GLU P 235 6.16 -39.86 -13.34
CA GLU P 235 5.91 -39.48 -11.95
C GLU P 235 6.39 -38.06 -11.72
N ILE P 236 6.02 -37.51 -10.56
CA ILE P 236 6.37 -36.16 -10.16
C ILE P 236 7.37 -36.21 -9.02
N LYS P 237 8.48 -35.51 -9.19
CA LYS P 237 9.68 -35.56 -8.35
C LYS P 237 10.06 -34.14 -7.97
N GLY P 238 10.65 -33.97 -6.79
CA GLY P 238 11.17 -32.68 -6.38
C GLY P 238 12.68 -32.72 -6.30
N HIS P 239 13.29 -31.55 -6.14
CA HIS P 239 14.67 -31.50 -5.71
C HIS P 239 14.78 -30.54 -4.54
N TYR P 240 14.97 -31.11 -3.35
CA TYR P 240 15.03 -30.38 -2.10
C TYR P 240 16.22 -29.44 -2.04
N LEU P 241 15.95 -28.16 -1.84
CA LEU P 241 16.90 -27.06 -2.01
C LEU P 241 17.01 -26.24 -0.73
N ASN P 242 18.22 -25.81 -0.39
CA ASN P 242 18.46 -24.97 0.78
C ASN P 242 17.94 -23.55 0.57
N VAL P 243 17.38 -23.00 1.65
CA VAL P 243 16.90 -21.62 1.69
C VAL P 243 17.74 -20.74 2.59
N THR P 244 18.88 -21.24 3.07
CA THR P 244 19.64 -20.57 4.12
C THR P 244 20.35 -19.32 3.61
N ALA P 245 20.12 -18.20 4.27
CA ALA P 245 20.64 -16.89 3.91
C ALA P 245 21.24 -16.27 5.16
N PRO P 246 22.05 -15.20 5.01
CA PRO P 246 22.41 -14.40 6.18
C PRO P 246 21.23 -13.80 6.92
N THR P 247 20.46 -12.91 6.28
CA THR P 247 19.29 -12.32 6.91
C THR P 247 18.11 -13.28 6.85
N CYS P 248 16.92 -12.79 7.18
CA CYS P 248 15.74 -13.51 6.75
C CYS P 248 15.08 -12.81 5.57
N GLU P 249 15.29 -11.51 5.41
CA GLU P 249 14.84 -10.82 4.22
C GLU P 249 15.48 -11.37 2.95
N GLU P 250 16.72 -11.85 3.04
CA GLU P 250 17.25 -12.59 1.92
C GLU P 250 16.68 -14.00 1.88
N MET P 251 16.38 -14.59 3.04
CA MET P 251 15.77 -15.91 3.08
C MET P 251 14.30 -15.86 2.61
N LEU P 252 13.66 -14.70 2.71
CA LEU P 252 12.35 -14.55 2.12
C LEU P 252 12.42 -14.45 0.59
N LYS P 253 13.59 -14.15 0.04
CA LYS P 253 13.77 -14.18 -1.40
C LYS P 253 14.31 -15.52 -1.90
N ARG P 254 14.77 -16.39 -1.01
CA ARG P 254 15.21 -17.71 -1.45
C ARG P 254 14.09 -18.73 -1.31
N ALA P 255 12.89 -18.27 -1.05
CA ALA P 255 11.76 -19.15 -0.87
C ALA P 255 10.52 -18.66 -1.58
N GLU P 256 10.51 -17.39 -1.95
CA GLU P 256 9.53 -16.84 -2.85
C GLU P 256 9.92 -17.00 -4.31
N TYR P 257 11.21 -17.00 -4.63
CA TYR P 257 11.69 -17.37 -5.93
C TYR P 257 11.58 -18.84 -6.24
N ALA P 258 11.79 -19.72 -5.25
CA ALA P 258 11.75 -21.16 -5.45
C ALA P 258 10.37 -21.60 -5.90
N LYS P 259 9.36 -21.47 -5.04
CA LYS P 259 7.97 -21.67 -5.47
C LYS P 259 7.38 -20.30 -5.75
N GLU P 260 7.35 -19.95 -7.03
CA GLU P 260 6.53 -18.84 -7.49
C GLU P 260 5.15 -19.39 -7.77
N LEU P 261 5.09 -20.25 -8.79
CA LEU P 261 4.29 -21.46 -8.82
C LEU P 261 5.14 -22.57 -9.42
N LYS P 262 6.45 -22.50 -9.20
CA LYS P 262 7.44 -23.17 -10.02
C LYS P 262 7.71 -24.60 -9.59
N GLN P 263 7.42 -24.98 -8.34
CA GLN P 263 8.37 -25.94 -7.83
C GLN P 263 7.84 -26.66 -6.61
N PRO P 264 8.26 -27.90 -6.35
CA PRO P 264 7.70 -28.69 -5.26
C PRO P 264 8.07 -28.21 -3.84
N ILE P 265 7.88 -29.13 -2.90
CA ILE P 265 7.97 -28.96 -1.45
C ILE P 265 9.42 -29.01 -0.97
N ILE P 266 9.98 -27.86 -0.53
CA ILE P 266 11.44 -27.60 -0.51
C ILE P 266 11.87 -26.94 0.81
N MET P 267 12.86 -27.54 1.47
CA MET P 267 13.01 -27.56 2.93
C MET P 267 14.27 -26.81 3.41
N HIS P 268 14.47 -26.73 4.76
CA HIS P 268 15.78 -26.54 5.40
C HIS P 268 15.74 -27.10 6.83
N ASP P 269 16.78 -26.78 7.63
CA ASP P 269 17.15 -27.46 8.87
C ASP P 269 16.49 -26.91 10.13
N TYR P 270 17.08 -27.27 11.28
CA TYR P 270 16.75 -26.75 12.61
C TYR P 270 17.97 -26.31 13.39
N LEU P 271 19.13 -26.92 13.15
CA LEU P 271 20.37 -26.46 13.75
C LEU P 271 20.83 -25.19 13.08
N THR P 272 21.74 -24.44 13.74
CA THR P 272 22.22 -23.10 13.35
C THR P 272 21.07 -22.19 12.92
N ALA P 273 19.98 -22.31 13.66
CA ALA P 273 18.62 -21.89 13.41
C ALA P 273 17.88 -22.31 14.67
N GLY P 274 16.62 -21.93 14.79
CA GLY P 274 15.95 -22.28 16.01
C GLY P 274 14.55 -22.78 15.75
N PHE P 275 13.80 -22.88 16.85
CA PHE P 275 12.36 -22.94 16.77
C PHE P 275 11.79 -21.55 16.58
N THR P 276 12.65 -20.52 16.58
CA THR P 276 12.29 -19.16 16.28
C THR P 276 12.65 -18.79 14.84
N ALA P 277 13.80 -19.23 14.34
CA ALA P 277 14.18 -19.03 12.95
C ALA P 277 13.29 -19.77 11.96
N ASN P 278 12.90 -20.99 12.29
CA ASN P 278 12.08 -21.79 11.42
C ASN P 278 10.63 -21.71 11.79
N THR P 279 10.20 -20.52 12.17
CA THR P 279 8.80 -20.26 12.43
C THR P 279 8.28 -19.21 11.49
N THR P 280 9.18 -18.37 10.99
CA THR P 280 8.98 -17.47 9.87
C THR P 280 8.82 -18.21 8.55
N LEU P 281 9.36 -19.42 8.42
CA LEU P 281 9.19 -20.17 7.18
C LEU P 281 8.46 -21.50 7.30
N ALA P 282 8.26 -22.03 8.49
CA ALA P 282 7.36 -23.16 8.58
C ALA P 282 5.92 -22.71 8.50
N ARG P 283 5.69 -21.42 8.61
CA ARG P 283 4.37 -20.86 8.48
C ARG P 283 4.21 -20.12 7.16
N TRP P 284 5.24 -20.17 6.32
CA TRP P 284 5.19 -20.06 4.87
C TRP P 284 4.60 -21.30 4.23
N CYS P 285 4.51 -22.42 4.97
CA CYS P 285 3.71 -23.59 4.60
C CYS P 285 2.26 -23.45 5.01
N ARG P 286 1.91 -22.35 5.65
CA ARG P 286 0.53 -22.06 5.94
C ARG P 286 -0.12 -21.25 4.84
N ASP P 287 0.61 -21.03 3.75
CA ASP P 287 0.10 -20.39 2.54
C ASP P 287 0.36 -21.22 1.30
N ASN P 288 1.39 -22.05 1.32
CA ASN P 288 2.05 -22.55 0.11
C ASN P 288 2.23 -24.07 0.08
N GLY P 289 2.35 -24.72 1.24
CA GLY P 289 2.60 -26.16 1.32
C GLY P 289 3.94 -26.58 0.75
N VAL P 290 5.05 -26.07 1.29
CA VAL P 290 6.30 -26.11 0.54
C VAL P 290 7.58 -26.46 1.34
N LEU P 291 7.56 -26.65 2.66
CA LEU P 291 8.81 -26.98 3.37
C LEU P 291 8.56 -27.82 4.62
N LEU P 292 8.84 -29.13 4.49
CA LEU P 292 8.40 -30.15 5.43
C LEU P 292 9.51 -31.06 5.91
N HIS P 293 10.51 -31.34 5.11
CA HIS P 293 11.65 -32.13 5.53
C HIS P 293 12.49 -31.31 6.49
N ILE P 294 12.83 -31.88 7.64
CA ILE P 294 13.72 -31.20 8.55
C ILE P 294 14.97 -32.05 8.63
N HIS P 295 16.12 -31.45 8.36
CA HIS P 295 17.28 -32.24 8.03
C HIS P 295 18.40 -32.11 9.06
N ASN P 307 25.58 -38.99 27.87
CA ASN P 307 25.70 -38.87 29.31
C ASN P 307 25.04 -37.60 29.86
N HIS P 308 25.19 -36.51 29.11
CA HIS P 308 24.81 -35.16 29.54
C HIS P 308 24.27 -34.48 28.30
N GLY P 309 22.97 -34.56 28.10
CA GLY P 309 22.34 -33.88 27.01
C GLY P 309 20.86 -33.75 27.23
N ILE P 310 20.12 -33.69 26.14
CA ILE P 310 18.68 -33.87 26.13
C ILE P 310 18.37 -34.91 25.07
N HIS P 311 17.60 -35.93 25.47
CA HIS P 311 17.41 -37.09 24.59
C HIS P 311 16.54 -36.68 23.42
N PHE P 312 16.65 -37.43 22.33
CA PHE P 312 16.03 -37.02 21.08
C PHE P 312 14.51 -37.03 21.15
N ARG P 313 13.93 -37.85 22.03
CA ARG P 313 12.48 -37.89 22.10
C ARG P 313 11.90 -36.65 22.75
N VAL P 314 12.71 -35.88 23.49
CA VAL P 314 12.28 -34.54 23.87
C VAL P 314 12.41 -33.62 22.68
N LEU P 315 13.44 -33.82 21.87
CA LEU P 315 13.66 -32.98 20.70
C LEU P 315 12.65 -33.28 19.61
N ALA P 316 12.02 -34.44 19.65
CA ALA P 316 11.00 -34.85 18.68
C ALA P 316 9.60 -34.42 19.06
N LYS P 317 9.29 -34.32 20.36
CA LYS P 317 8.04 -33.66 20.77
C LYS P 317 8.08 -32.18 20.45
N ALA P 318 9.25 -31.59 20.47
CA ALA P 318 9.41 -30.18 20.21
C ALA P 318 9.27 -29.85 18.74
N LEU P 319 9.29 -30.86 17.88
CA LEU P 319 9.49 -30.64 16.46
C LEU P 319 8.31 -31.11 15.63
N ARG P 320 7.55 -32.08 16.13
CA ARG P 320 6.21 -32.31 15.61
C ARG P 320 5.33 -31.10 15.86
N LEU P 321 5.21 -30.70 17.13
CA LEU P 321 4.39 -29.58 17.55
C LEU P 321 4.81 -28.27 16.91
N SER P 322 6.08 -28.11 16.59
CA SER P 322 6.50 -26.97 15.79
C SER P 322 6.03 -27.12 14.35
N GLY P 323 6.46 -28.19 13.68
CA GLY P 323 5.91 -28.48 12.36
C GLY P 323 6.86 -29.30 11.51
N GLY P 324 6.31 -29.82 10.42
CA GLY P 324 7.07 -30.61 9.49
C GLY P 324 6.55 -32.03 9.38
N ASP P 325 6.74 -32.63 8.21
CA ASP P 325 6.01 -33.82 7.81
C ASP P 325 6.82 -35.10 7.86
N HIS P 326 8.15 -35.01 7.89
CA HIS P 326 9.02 -36.17 8.03
C HIS P 326 10.38 -35.68 8.50
N ILE P 327 10.74 -36.01 9.74
CA ILE P 327 11.94 -35.44 10.34
C ILE P 327 13.09 -36.42 10.18
N HIS P 328 14.31 -35.88 10.18
CA HIS P 328 15.51 -36.70 10.19
C HIS P 328 15.88 -36.95 11.64
N THR P 329 16.58 -38.05 11.88
CA THR P 329 16.94 -38.43 13.24
C THR P 329 18.46 -38.32 13.45
N GLY P 341 14.59 -50.79 20.52
CA GLY P 341 13.49 -50.37 21.36
C GLY P 341 13.39 -48.86 21.44
N ILE P 342 14.55 -48.22 21.48
CA ILE P 342 14.60 -46.77 21.51
C ILE P 342 14.60 -46.19 20.10
N THR P 343 15.20 -46.90 19.14
CA THR P 343 15.00 -46.54 17.74
C THR P 343 13.56 -46.76 17.32
N MET P 344 12.91 -47.79 17.86
CA MET P 344 11.48 -47.94 17.70
C MET P 344 10.68 -47.00 18.58
N GLY P 345 11.32 -46.27 19.48
CA GLY P 345 10.64 -45.51 20.51
C GLY P 345 10.00 -44.20 20.07
N PHE P 346 10.79 -43.26 19.55
CA PHE P 346 10.19 -42.02 19.10
C PHE P 346 9.46 -42.18 17.78
N VAL P 347 9.77 -43.22 16.99
CA VAL P 347 9.05 -43.47 15.75
C VAL P 347 7.70 -44.13 16.02
N ASP P 348 7.42 -44.46 17.28
CA ASP P 348 6.07 -44.63 17.77
C ASP P 348 5.58 -43.43 18.57
N LEU P 349 6.27 -42.30 18.54
CA LEU P 349 5.70 -41.05 19.01
C LEU P 349 5.33 -40.11 17.89
N LEU P 350 6.04 -40.17 16.78
CA LEU P 350 5.76 -39.32 15.65
C LEU P 350 4.58 -39.81 14.83
N ARG P 351 4.20 -41.07 15.02
CA ARG P 351 3.28 -41.77 14.16
C ARG P 351 2.03 -42.27 14.88
N GLU P 352 2.07 -42.37 16.20
CA GLU P 352 0.98 -42.98 16.93
C GLU P 352 0.05 -41.92 17.49
N ASN P 353 -1.06 -42.41 18.05
CA ASN P 353 -2.07 -41.60 18.69
C ASN P 353 -2.01 -41.67 20.20
N TYR P 354 -1.78 -42.86 20.74
CA TYR P 354 -1.76 -43.14 22.16
C TYR P 354 -0.58 -44.07 22.40
N VAL P 355 0.17 -43.82 23.46
CA VAL P 355 1.30 -44.67 23.82
C VAL P 355 1.27 -44.91 25.32
N GLU P 356 1.18 -46.18 25.70
CA GLU P 356 1.23 -46.59 27.09
C GLU P 356 2.67 -46.79 27.53
N GLN P 357 2.86 -46.68 28.84
CA GLN P 357 4.17 -46.49 29.47
C GLN P 357 5.08 -47.71 29.33
N ASP P 358 6.15 -47.56 28.54
CA ASP P 358 7.14 -48.60 28.33
C ASP P 358 8.46 -48.15 28.92
N LYS P 359 8.73 -48.54 30.17
CA LYS P 359 9.95 -48.11 30.83
C LYS P 359 11.21 -48.68 30.18
N SER P 360 11.11 -49.78 29.45
CA SER P 360 12.26 -50.32 28.76
C SER P 360 12.40 -49.77 27.34
N ARG P 361 11.72 -48.67 27.03
CA ARG P 361 11.82 -48.06 25.71
C ARG P 361 12.10 -46.57 25.78
N GLY P 362 12.34 -46.05 26.98
CA GLY P 362 12.49 -44.62 27.13
C GLY P 362 11.18 -43.89 27.24
N ILE P 363 10.07 -44.58 27.01
CA ILE P 363 8.75 -43.95 27.07
C ILE P 363 8.28 -44.06 28.50
N TYR P 364 8.57 -43.04 29.30
CA TYR P 364 8.36 -43.14 30.72
C TYR P 364 6.99 -42.66 31.14
N PHE P 365 6.24 -42.04 30.24
CA PHE P 365 4.97 -41.42 30.57
C PHE P 365 3.85 -42.04 29.74
N THR P 366 2.70 -41.38 29.80
CA THR P 366 1.58 -41.75 28.95
C THR P 366 0.86 -40.49 28.53
N GLN P 367 0.84 -40.22 27.24
CA GLN P 367 0.00 -39.16 26.74
C GLN P 367 -0.49 -39.50 25.34
N ASP P 368 -1.81 -39.52 25.21
CA ASP P 368 -2.44 -39.53 23.91
C ASP P 368 -2.16 -38.23 23.18
N TRP P 369 -1.95 -38.35 21.87
CA TRP P 369 -1.70 -37.18 21.05
C TRP P 369 -2.96 -36.43 20.71
N ALA P 370 -4.11 -37.09 20.85
CA ALA P 370 -5.45 -36.51 20.79
C ALA P 370 -5.70 -35.78 19.47
N SER P 371 -5.69 -36.58 18.39
CA SER P 371 -6.03 -36.15 17.04
C SER P 371 -5.16 -35.02 16.52
N LEU P 372 -3.90 -35.30 16.28
CA LEU P 372 -3.05 -34.29 15.69
C LEU P 372 -2.15 -34.97 14.65
N PRO P 373 -1.83 -34.27 13.50
CA PRO P 373 -1.20 -34.95 12.35
C PRO P 373 0.14 -35.63 12.61
N GLY P 374 0.29 -36.88 12.17
CA GLY P 374 1.53 -37.60 12.31
C GLY P 374 2.67 -37.06 11.47
N VAL P 375 3.84 -37.70 11.58
CA VAL P 375 5.05 -37.26 10.90
C VAL P 375 5.96 -38.47 10.77
N MET P 376 6.56 -38.66 9.60
CA MET P 376 7.25 -39.91 9.27
C MET P 376 8.72 -39.83 9.64
N ALA P 377 9.47 -40.88 9.32
CA ALA P 377 10.87 -40.86 9.71
C ALA P 377 11.79 -40.99 8.51
N VAL P 378 13.04 -40.61 8.72
CA VAL P 378 14.07 -40.67 7.70
C VAL P 378 15.12 -41.71 8.14
N ALA P 379 15.58 -42.51 7.18
CA ALA P 379 16.62 -43.50 7.39
C ALA P 379 17.92 -42.81 7.74
N SER P 380 18.57 -43.28 8.82
CA SER P 380 19.73 -42.62 9.40
C SER P 380 20.88 -43.57 9.72
N GLY P 381 21.27 -44.44 8.79
CA GLY P 381 22.38 -45.32 9.03
C GLY P 381 23.47 -45.24 7.98
N GLY P 382 23.15 -44.73 6.81
CA GLY P 382 24.10 -44.60 5.72
C GLY P 382 23.57 -45.24 4.45
N ILE P 383 24.52 -45.58 3.58
CA ILE P 383 24.21 -46.23 2.31
C ILE P 383 23.73 -47.65 2.59
N HIS P 384 22.71 -48.08 1.85
CA HIS P 384 21.88 -49.20 2.27
C HIS P 384 21.40 -50.07 1.10
N VAL P 385 22.16 -50.14 0.00
CA VAL P 385 21.65 -50.56 -1.30
C VAL P 385 21.22 -52.02 -1.28
N TRP P 386 21.96 -52.83 -0.54
CA TRP P 386 21.73 -54.26 -0.40
C TRP P 386 20.97 -54.57 0.88
N HIS P 387 21.06 -53.68 1.86
CA HIS P 387 20.42 -53.85 3.16
C HIS P 387 19.07 -53.15 3.13
N MET P 388 18.27 -53.48 2.12
CA MET P 388 16.93 -52.93 1.92
C MET P 388 15.81 -53.57 2.74
N PRO P 389 15.64 -54.89 2.85
CA PRO P 389 14.49 -55.38 3.64
C PRO P 389 14.66 -55.25 5.13
N ALA P 390 15.83 -54.88 5.62
CA ALA P 390 15.97 -54.64 7.03
C ALA P 390 15.33 -53.32 7.44
N LEU P 391 15.27 -52.34 6.54
CA LEU P 391 14.63 -51.08 6.85
C LEU P 391 13.12 -51.12 6.69
N VAL P 392 12.62 -51.95 5.77
CA VAL P 392 11.20 -51.98 5.44
C VAL P 392 10.35 -52.50 6.58
N GLU P 393 10.83 -53.46 7.36
CA GLU P 393 10.08 -53.87 8.54
C GLU P 393 10.15 -52.88 9.68
N ILE P 394 11.31 -52.26 9.90
CA ILE P 394 11.51 -51.52 11.14
C ILE P 394 10.81 -50.17 11.08
N PHE P 395 10.96 -49.45 9.97
CA PHE P 395 10.29 -48.16 9.85
C PHE P 395 8.89 -48.31 9.27
N GLY P 396 8.56 -49.49 8.75
CA GLY P 396 7.23 -49.78 8.27
C GLY P 396 6.92 -49.21 6.90
N ASP P 397 5.65 -48.86 6.68
CA ASP P 397 5.20 -48.25 5.44
C ASP P 397 5.40 -46.75 5.41
N ASP P 398 5.12 -46.08 6.51
CA ASP P 398 5.00 -44.64 6.55
C ASP P 398 6.34 -44.06 6.96
N SER P 399 7.33 -44.13 6.07
CA SER P 399 8.63 -43.52 6.33
C SER P 399 9.22 -43.08 5.00
N VAL P 400 10.42 -42.48 5.08
CA VAL P 400 11.18 -42.02 3.92
C VAL P 400 12.61 -42.53 4.05
N LEU P 401 13.17 -43.02 2.95
CA LEU P 401 14.53 -43.55 2.90
C LEU P 401 15.39 -42.62 2.05
N GLN P 402 16.70 -42.81 2.14
CA GLN P 402 17.62 -42.05 1.30
C GLN P 402 17.45 -42.48 -0.16
N ALA P 415 22.43 -43.05 -12.91
CA ALA P 415 21.15 -43.68 -13.21
C ALA P 415 21.12 -45.24 -13.20
N PRO P 416 22.22 -45.94 -13.52
CA PRO P 416 22.25 -47.35 -13.10
C PRO P 416 22.31 -47.51 -11.60
N GLY P 417 23.15 -46.74 -10.93
CA GLY P 417 23.22 -46.72 -9.48
C GLY P 417 22.00 -46.20 -8.76
N ALA P 418 21.07 -45.56 -9.48
CA ALA P 418 19.77 -45.18 -8.93
C ALA P 418 18.64 -46.13 -9.33
N THR P 419 18.79 -46.90 -10.40
CA THR P 419 17.75 -47.85 -10.75
C THR P 419 17.85 -49.12 -9.91
N ALA P 420 18.98 -49.35 -9.23
CA ALA P 420 19.07 -50.49 -8.32
C ALA P 420 18.34 -50.22 -7.01
N ASN P 421 18.04 -48.96 -6.73
CA ASN P 421 17.42 -48.60 -5.47
C ASN P 421 15.93 -48.86 -5.51
N ARG P 422 15.27 -48.50 -6.61
CA ARG P 422 13.82 -48.60 -6.67
C ARG P 422 13.38 -50.05 -6.79
N VAL P 423 14.19 -50.88 -7.43
CA VAL P 423 13.82 -52.27 -7.69
C VAL P 423 13.86 -53.08 -6.40
N ALA P 424 14.91 -52.89 -5.59
CA ALA P 424 15.02 -53.62 -4.34
C ALA P 424 13.99 -53.18 -3.32
N LEU P 425 13.50 -51.95 -3.42
CA LEU P 425 12.45 -51.51 -2.53
C LEU P 425 11.10 -52.11 -2.91
N GLU P 426 10.74 -52.03 -4.19
CA GLU P 426 9.42 -52.42 -4.65
C GLU P 426 9.21 -53.93 -4.57
N ALA P 427 10.30 -54.70 -4.55
CA ALA P 427 10.19 -56.16 -4.61
C ALA P 427 9.73 -56.75 -3.29
N CYS P 428 10.32 -56.28 -2.19
CA CYS P 428 10.08 -56.85 -0.85
C CYS P 428 8.65 -56.67 -0.42
N VAL P 429 8.02 -55.56 -0.82
CA VAL P 429 6.72 -55.16 -0.32
C VAL P 429 5.62 -56.14 -0.75
N GLN P 430 5.79 -56.77 -1.90
CA GLN P 430 4.82 -57.77 -2.30
C GLN P 430 5.07 -59.13 -1.64
N ALA P 431 6.34 -59.44 -1.33
CA ALA P 431 6.67 -60.65 -0.59
C ALA P 431 6.38 -60.54 0.89
N ARG P 432 6.16 -59.34 1.40
CA ARG P 432 5.56 -59.21 2.71
C ARG P 432 4.07 -59.55 2.68
N ASN P 433 3.35 -59.10 1.67
CA ASN P 433 1.91 -59.25 1.64
C ASN P 433 1.47 -60.64 1.24
N GLU P 434 2.38 -61.47 0.73
CA GLU P 434 2.04 -62.88 0.55
C GLU P 434 1.92 -63.59 1.89
N GLY P 435 2.67 -63.13 2.88
CA GLY P 435 2.79 -63.78 4.16
C GLY P 435 4.17 -64.34 4.44
N ARG P 436 5.14 -64.11 3.56
CA ARG P 436 6.47 -64.61 3.80
C ARG P 436 7.15 -63.78 4.86
N ASN P 437 7.80 -64.45 5.82
CA ASN P 437 8.44 -63.74 6.93
C ASN P 437 9.66 -63.00 6.42
N LEU P 438 9.50 -61.70 6.23
CA LEU P 438 10.52 -60.89 5.54
C LEU P 438 11.71 -60.64 6.45
N ALA P 439 11.60 -60.96 7.74
CA ALA P 439 12.75 -60.88 8.63
C ALA P 439 13.71 -62.04 8.39
N ARG P 440 13.18 -63.26 8.34
CA ARG P 440 14.03 -64.44 8.24
C ARG P 440 14.25 -64.88 6.80
N GLU P 441 14.01 -63.99 5.84
CA GLU P 441 14.06 -64.39 4.44
C GLU P 441 14.59 -63.28 3.54
N GLY P 442 14.90 -62.12 4.12
CA GLY P 442 15.25 -60.88 3.43
C GLY P 442 16.23 -60.89 2.27
N ASN P 443 17.24 -61.75 2.31
CA ASN P 443 18.23 -61.74 1.25
C ASN P 443 17.77 -62.45 -0.01
N ASP P 444 16.99 -63.51 0.14
CA ASP P 444 16.54 -64.27 -1.02
C ASP P 444 15.52 -63.51 -1.85
N VAL P 445 14.86 -62.52 -1.26
CA VAL P 445 13.97 -61.67 -2.03
C VAL P 445 14.79 -60.69 -2.87
N ILE P 446 15.97 -60.30 -2.39
CA ILE P 446 16.87 -59.47 -3.17
C ILE P 446 17.48 -60.29 -4.31
N ARG P 447 17.70 -61.58 -4.06
CA ARG P 447 18.37 -62.42 -5.06
C ARG P 447 17.44 -62.78 -6.20
N GLU P 448 16.14 -62.98 -5.92
CA GLU P 448 15.21 -63.29 -7.00
C GLU P 448 14.89 -62.07 -7.85
N ALA P 449 15.17 -60.88 -7.35
CA ALA P 449 14.96 -59.67 -8.12
C ALA P 449 16.15 -59.29 -8.97
N ALA P 450 17.16 -60.15 -9.05
CA ALA P 450 18.30 -59.91 -9.92
C ALA P 450 18.07 -60.48 -11.30
N LYS P 451 17.11 -61.39 -11.44
CA LYS P 451 16.92 -62.16 -12.66
C LYS P 451 16.06 -61.42 -13.67
N TRP P 452 15.69 -60.18 -13.36
CA TRP P 452 15.02 -59.29 -14.29
C TRP P 452 15.54 -57.87 -14.20
N SER P 453 16.60 -57.64 -13.41
CA SER P 453 17.21 -56.34 -13.18
C SER P 453 18.73 -56.46 -13.15
N PRO P 454 19.43 -55.92 -14.14
CA PRO P 454 20.90 -56.04 -14.15
C PRO P 454 21.62 -55.14 -13.15
N GLU P 455 20.96 -54.11 -12.61
CA GLU P 455 21.60 -53.24 -11.65
C GLU P 455 21.64 -53.82 -10.24
N LEU P 456 20.80 -54.81 -9.94
CA LEU P 456 20.93 -55.56 -8.70
C LEU P 456 21.85 -56.76 -8.84
N ALA P 457 22.26 -57.09 -10.05
CA ALA P 457 23.28 -58.10 -10.26
C ALA P 457 24.65 -57.62 -9.82
N VAL P 458 24.91 -56.33 -9.89
CA VAL P 458 26.19 -55.76 -9.51
C VAL P 458 26.29 -55.50 -8.02
N ALA P 459 25.21 -55.03 -7.38
CA ALA P 459 25.27 -54.47 -6.04
C ALA P 459 25.45 -55.52 -4.95
N CYS P 460 24.80 -56.67 -5.07
CA CYS P 460 24.83 -57.70 -4.03
C CYS P 460 26.21 -58.33 -3.83
N GLU P 461 27.07 -58.24 -4.85
CA GLU P 461 28.43 -58.71 -4.75
C GLU P 461 29.34 -57.69 -4.07
N LEU P 462 28.96 -56.43 -4.11
CA LEU P 462 29.72 -55.33 -3.53
C LEU P 462 29.57 -55.25 -2.01
N TRP P 463 28.47 -55.76 -1.47
CA TRP P 463 28.19 -55.63 -0.06
C TRP P 463 28.58 -56.90 0.69
N LYS P 464 28.29 -56.92 1.99
CA LYS P 464 29.05 -57.74 2.92
C LYS P 464 28.32 -59.03 3.29
N GLU P 465 29.00 -60.15 3.08
CA GLU P 465 28.46 -61.46 3.48
C GLU P 465 29.16 -62.01 4.72
N ILE P 466 29.72 -61.14 5.55
CA ILE P 466 30.63 -61.55 6.62
C ILE P 466 29.89 -62.22 7.78
N LYS P 467 30.37 -63.41 8.16
CA LYS P 467 29.69 -64.30 9.10
C LYS P 467 30.69 -64.89 10.07
N PHE P 468 30.17 -65.73 10.97
CA PHE P 468 30.98 -66.63 11.79
C PHE P 468 30.13 -67.90 12.04
N GLU P 469 30.63 -69.04 11.62
CA GLU P 469 30.06 -70.32 12.06
C GLU P 469 31.14 -70.99 12.89
N PHE P 470 31.28 -70.54 14.14
CA PHE P 470 32.28 -71.04 15.09
C PHE P 470 31.50 -71.47 16.31
N GLU P 471 30.93 -72.66 16.24
CA GLU P 471 30.13 -73.19 17.31
C GLU P 471 30.96 -74.31 17.88
N LEU Q 18 -24.64 44.09 42.07
CA LEU Q 18 -24.74 42.69 42.47
C LEU Q 18 -25.64 41.91 41.52
N ALA Q 19 -25.14 41.69 40.31
CA ALA Q 19 -25.86 41.01 39.25
C ALA Q 19 -25.76 39.50 39.33
N GLN Q 20 -25.20 38.96 40.41
CA GLN Q 20 -25.12 37.53 40.60
C GLN Q 20 -26.44 36.90 41.02
N GLU Q 21 -27.41 37.71 41.44
CA GLU Q 21 -28.72 37.16 41.76
C GLU Q 21 -29.59 36.93 40.53
N LEU Q 22 -29.11 37.35 39.36
CA LEU Q 22 -29.68 36.91 38.10
C LEU Q 22 -28.98 35.66 37.58
N LEU Q 23 -27.88 35.26 38.23
CA LEU Q 23 -27.30 33.96 37.97
C LEU Q 23 -28.01 32.88 38.78
N ARG Q 24 -28.66 33.27 39.87
CA ARG Q 24 -29.24 32.29 40.79
C ARG Q 24 -30.65 31.90 40.36
N LYS Q 25 -31.41 32.83 39.77
CA LYS Q 25 -32.80 32.60 39.45
C LYS Q 25 -33.01 31.71 38.22
N LEU Q 26 -31.97 31.05 37.74
CA LEU Q 26 -32.08 30.27 36.52
C LEU Q 26 -31.93 28.78 36.79
N ARG Q 27 -30.91 28.38 37.55
CA ARG Q 27 -30.70 26.99 37.89
C ARG Q 27 -31.56 26.56 39.08
N GLN Q 28 -32.42 27.44 39.57
CA GLN Q 28 -33.42 27.13 40.57
C GLN Q 28 -34.81 27.04 39.96
N LYS Q 29 -34.95 27.40 38.67
CA LYS Q 29 -36.24 27.51 37.96
C LYS Q 29 -37.19 28.48 38.67
N GLN Q 30 -36.74 29.73 38.83
CA GLN Q 30 -37.53 30.76 39.50
C GLN Q 30 -38.19 31.68 38.48
N GLY Q 31 -39.50 31.55 38.33
CA GLY Q 31 -40.29 32.49 37.58
C GLY Q 31 -41.07 31.81 36.48
N ASN Q 32 -41.24 32.53 35.38
CA ASN Q 32 -41.70 31.95 34.12
C ASN Q 32 -40.80 32.45 33.00
N TRP Q 33 -41.12 32.09 31.76
CA TRP Q 33 -40.14 32.18 30.68
C TRP Q 33 -39.89 33.61 30.20
N VAL Q 34 -40.83 34.53 30.40
CA VAL Q 34 -40.52 35.93 30.10
C VAL Q 34 -39.72 36.53 31.24
N GLU Q 35 -39.85 35.99 32.46
CA GLU Q 35 -39.01 36.46 33.57
C GLU Q 35 -37.55 36.10 33.35
N TRP Q 36 -37.27 34.97 32.70
CA TRP Q 36 -35.93 34.75 32.20
C TRP Q 36 -35.66 35.46 30.89
N GLY Q 37 -36.70 35.66 30.08
CA GLY Q 37 -36.53 36.37 28.82
C GLY Q 37 -36.14 37.83 28.97
N GLN Q 38 -36.30 38.39 30.16
CA GLN Q 38 -35.92 39.76 30.44
C GLN Q 38 -34.66 39.86 31.28
N ALA Q 39 -34.40 38.88 32.14
CA ALA Q 39 -33.20 38.89 32.97
C ALA Q 39 -31.94 38.60 32.18
N ILE Q 40 -32.07 38.06 30.97
CA ILE Q 40 -30.89 37.88 30.13
C ILE Q 40 -30.43 39.22 29.60
N ALA Q 41 -31.36 40.02 29.07
CA ALA Q 41 -31.01 41.29 28.45
C ALA Q 41 -30.51 42.31 29.45
N SER Q 42 -30.78 42.13 30.74
CA SER Q 42 -30.01 42.85 31.75
C SER Q 42 -28.54 42.46 31.70
N LEU Q 43 -28.28 41.16 31.75
CA LEU Q 43 -26.91 40.67 31.84
C LEU Q 43 -26.18 40.81 30.51
N GLN Q 44 -26.90 41.00 29.41
CA GLN Q 44 -26.32 41.30 28.11
C GLN Q 44 -26.07 42.78 27.90
N LYS Q 45 -26.09 43.57 28.99
CA LYS Q 45 -25.76 44.99 28.91
C LYS Q 45 -24.72 45.34 29.96
N SER Q 46 -24.06 44.33 30.54
CA SER Q 46 -23.02 44.50 31.53
C SER Q 46 -21.74 43.79 31.10
N GLY Q 47 -21.45 43.85 29.80
CA GLY Q 47 -20.18 43.40 29.29
C GLY Q 47 -20.01 41.91 29.17
N TYR Q 48 -21.10 41.15 29.14
CA TYR Q 48 -21.01 39.70 29.06
C TYR Q 48 -20.79 39.22 27.64
N ASN Q 49 -19.77 38.39 27.47
CA ASN Q 49 -19.71 37.48 26.34
C ASN Q 49 -20.87 36.48 26.45
N PRO Q 50 -21.65 36.27 25.38
CA PRO Q 50 -22.67 35.20 25.43
C PRO Q 50 -22.11 33.79 25.64
N GLN Q 51 -20.95 33.47 25.04
CA GLN Q 51 -20.36 32.13 25.12
C GLN Q 51 -20.14 31.66 26.56
N ASP Q 52 -19.72 32.57 27.44
CA ASP Q 52 -19.51 32.22 28.84
C ASP Q 52 -20.76 32.38 29.68
N ILE Q 53 -21.90 32.77 29.11
CA ILE Q 53 -23.11 32.84 29.93
C ILE Q 53 -23.58 31.44 30.31
N PHE Q 54 -23.39 30.47 29.41
CA PHE Q 54 -23.81 29.09 29.61
C PHE Q 54 -23.03 28.36 30.72
N GLU Q 55 -21.93 28.92 31.22
CA GLU Q 55 -21.10 28.20 32.18
C GLU Q 55 -21.76 28.12 33.54
N ALA Q 56 -22.46 29.17 33.96
CA ALA Q 56 -23.10 29.15 35.27
C ALA Q 56 -24.62 28.96 35.19
N THR Q 57 -25.22 29.33 34.07
CA THR Q 57 -26.65 29.17 33.83
C THR Q 57 -26.87 28.20 32.69
N GLY Q 58 -27.92 27.39 32.79
CA GLY Q 58 -28.09 26.24 31.91
C GLY Q 58 -28.52 26.54 30.48
N PHE Q 59 -28.54 27.81 30.08
CA PHE Q 59 -29.10 28.21 28.80
C PHE Q 59 -27.98 28.68 27.88
N GLU Q 60 -27.67 27.91 26.80
CA GLU Q 60 -26.79 28.42 25.75
C GLU Q 60 -27.48 29.52 24.98
N PRO Q 61 -26.72 30.54 24.52
CA PRO Q 61 -27.35 31.72 23.89
C PRO Q 61 -28.06 31.46 22.57
N VAL Q 62 -28.01 30.23 22.06
CA VAL Q 62 -28.98 29.81 21.05
C VAL Q 62 -30.35 29.66 21.69
N GLN Q 63 -30.40 29.06 22.89
CA GLN Q 63 -31.69 28.90 23.57
C GLN Q 63 -32.12 30.21 24.24
N GLN Q 64 -31.16 31.05 24.62
CA GLN Q 64 -31.49 32.38 25.11
C GLN Q 64 -32.01 33.26 23.99
N ASN Q 65 -31.64 32.95 22.75
CA ASN Q 65 -32.00 33.76 21.61
C ASN Q 65 -33.50 33.74 21.37
N GLN Q 66 -34.15 32.66 21.77
CA GLN Q 66 -35.58 32.53 21.56
C GLN Q 66 -36.38 33.31 22.60
N VAL Q 67 -35.83 33.53 23.78
CA VAL Q 67 -36.55 34.24 24.82
C VAL Q 67 -36.17 35.72 24.95
N ILE Q 68 -35.01 36.12 24.42
CA ILE Q 68 -34.74 37.55 24.22
C ILE Q 68 -35.83 38.14 23.34
N VAL Q 69 -35.99 37.56 22.16
CA VAL Q 69 -36.91 38.08 21.16
C VAL Q 69 -38.36 37.84 21.59
N GLY Q 70 -38.59 36.81 22.40
CA GLY Q 70 -39.94 36.57 22.90
C GLY Q 70 -40.38 37.62 23.89
N SER Q 71 -39.50 37.98 24.81
CA SER Q 71 -39.79 39.07 25.74
C SER Q 71 -39.68 40.43 25.07
N GLN Q 72 -38.96 40.52 23.96
CA GLN Q 72 -39.07 41.67 23.06
C GLN Q 72 -40.38 41.69 22.28
N VAL Q 73 -41.12 40.59 22.28
CA VAL Q 73 -42.48 40.56 21.75
C VAL Q 73 -43.52 40.70 22.85
N TYR Q 74 -43.31 40.04 24.00
CA TYR Q 74 -44.37 39.99 25.01
C TYR Q 74 -44.54 41.33 25.72
N ASN Q 75 -43.52 42.18 25.71
CA ASN Q 75 -43.70 43.54 26.20
C ASN Q 75 -44.49 44.39 25.21
N SER Q 76 -44.54 43.95 23.96
CA SER Q 76 -45.39 44.55 22.95
C SER Q 76 -46.73 43.85 22.82
N LEU Q 77 -46.89 42.67 23.41
CA LEU Q 77 -48.17 41.97 23.34
C LEU Q 77 -49.19 42.54 24.30
N GLU Q 78 -48.80 42.83 25.54
CA GLU Q 78 -49.72 43.45 26.48
C GLU Q 78 -49.85 44.95 26.26
N LYS Q 79 -48.87 45.57 25.61
CA LYS Q 79 -48.94 46.96 25.23
C LYS Q 79 -50.04 47.24 24.21
N SER Q 80 -50.13 46.44 23.16
CA SER Q 80 -50.97 46.74 22.01
C SER Q 80 -52.40 46.24 22.17
N GLY Q 81 -52.82 45.93 23.40
CA GLY Q 81 -54.21 45.62 23.67
C GLY Q 81 -54.64 44.23 23.32
N ALA Q 82 -54.03 43.23 23.96
CA ALA Q 82 -54.48 41.86 23.82
C ALA Q 82 -55.37 41.47 25.00
N SER Q 83 -56.04 40.33 24.86
CA SER Q 83 -57.00 39.91 25.86
C SER Q 83 -56.32 39.14 26.98
N ALA Q 84 -57.13 38.73 27.97
CA ALA Q 84 -56.60 38.25 29.23
C ALA Q 84 -55.99 36.86 29.11
N ALA Q 85 -56.71 35.93 28.45
CA ALA Q 85 -56.26 34.55 28.40
C ALA Q 85 -55.03 34.40 27.53
N THR Q 86 -54.90 35.23 26.50
CA THR Q 86 -53.68 35.29 25.71
C THR Q 86 -52.51 35.75 26.57
N LEU Q 87 -52.74 36.74 27.43
CA LEU Q 87 -51.71 37.20 28.33
C LEU Q 87 -51.61 36.35 29.59
N ALA Q 88 -52.35 35.26 29.69
CA ALA Q 88 -52.19 34.33 30.79
C ALA Q 88 -51.38 33.11 30.37
N HIS Q 89 -51.71 32.52 29.21
CA HIS Q 89 -50.97 31.36 28.74
C HIS Q 89 -49.66 31.73 28.08
N TYR Q 90 -49.58 32.89 27.43
CA TYR Q 90 -48.28 33.33 26.95
C TYR Q 90 -47.46 34.02 28.04
N ALA Q 91 -47.89 33.93 29.30
CA ALA Q 91 -46.99 34.16 30.40
C ALA Q 91 -46.27 32.87 30.79
N THR Q 92 -46.88 31.71 30.56
CA THR Q 92 -46.34 30.45 31.06
C THR Q 92 -45.82 29.49 30.00
N ARG Q 93 -46.56 29.27 28.91
CA ARG Q 93 -46.16 28.33 27.88
C ARG Q 93 -46.26 29.03 26.53
N GLY Q 94 -46.13 28.24 25.46
CA GLY Q 94 -46.17 28.80 24.11
C GLY Q 94 -44.94 29.61 23.75
N SER Q 95 -43.77 28.97 23.72
CA SER Q 95 -42.53 29.73 23.62
C SER Q 95 -42.20 30.10 22.19
N ASP Q 96 -41.94 29.11 21.33
CA ASP Q 96 -41.29 29.36 20.04
C ASP Q 96 -42.26 29.91 19.00
N VAL Q 97 -43.57 29.88 19.26
CA VAL Q 97 -44.52 30.60 18.43
C VAL Q 97 -44.24 32.10 18.49
N LEU Q 98 -44.01 32.63 19.69
CA LEU Q 98 -43.73 34.05 19.83
C LEU Q 98 -42.33 34.43 19.37
N TYR Q 99 -41.44 33.46 19.16
CA TYR Q 99 -40.22 33.77 18.43
C TYR Q 99 -40.50 33.98 16.96
N GLU Q 100 -41.56 33.39 16.42
CA GLU Q 100 -41.76 33.45 14.99
C GLU Q 100 -42.47 34.70 14.54
N LEU Q 101 -43.02 35.47 15.46
CA LEU Q 101 -43.63 36.75 15.12
C LEU Q 101 -42.63 37.89 15.14
N ARG Q 102 -41.35 37.60 14.94
CA ARG Q 102 -40.29 38.59 15.06
C ARG Q 102 -40.21 39.50 13.84
N LEU Q 103 -40.73 39.07 12.69
CA LEU Q 103 -40.60 39.84 11.47
C LEU Q 103 -41.76 40.78 11.24
N LEU Q 104 -42.55 41.06 12.25
CA LEU Q 104 -43.63 42.02 12.17
C LEU Q 104 -43.21 43.33 12.82
N THR Q 105 -44.18 44.20 13.01
CA THR Q 105 -43.97 45.46 13.70
C THR Q 105 -44.66 45.41 15.06
N HIS Q 106 -44.64 46.54 15.74
CA HIS Q 106 -45.18 46.64 17.09
C HIS Q 106 -46.70 46.66 17.08
N GLU Q 107 -47.31 46.94 15.94
CA GLU Q 107 -48.73 47.22 15.87
C GLU Q 107 -49.60 46.01 15.53
N GLU Q 108 -49.04 44.99 14.89
CA GLU Q 108 -49.91 43.89 14.49
C GLU Q 108 -49.58 42.57 15.19
N ARG Q 109 -48.62 42.55 16.10
CA ARG Q 109 -48.26 41.30 16.75
C ARG Q 109 -49.32 40.86 17.74
N ALA Q 110 -49.87 41.78 18.52
CA ALA Q 110 -50.88 41.41 19.52
C ALA Q 110 -52.20 41.05 18.88
N ALA Q 111 -52.44 41.48 17.65
CA ALA Q 111 -53.59 40.98 16.91
C ALA Q 111 -53.38 39.53 16.49
N ALA Q 112 -52.13 39.13 16.29
CA ALA Q 112 -51.84 37.76 15.90
C ALA Q 112 -51.52 36.87 17.08
N GLY Q 113 -51.16 37.44 18.23
CA GLY Q 113 -50.99 36.63 19.42
C GLY Q 113 -52.29 36.06 19.92
N ASP Q 114 -53.39 36.80 19.72
CA ASP Q 114 -54.71 36.26 20.03
C ASP Q 114 -55.09 35.16 19.06
N LEU Q 115 -54.81 35.36 17.77
CA LEU Q 115 -55.30 34.46 16.74
C LEU Q 115 -54.54 33.14 16.73
N THR Q 116 -53.23 33.18 16.91
CA THR Q 116 -52.45 31.95 17.01
C THR Q 116 -52.51 31.30 18.39
N PHE Q 117 -53.37 31.79 19.28
CA PHE Q 117 -53.62 31.07 20.51
C PHE Q 117 -54.84 30.18 20.39
N THR Q 118 -55.87 30.64 19.69
CA THR Q 118 -57.14 29.93 19.65
C THR Q 118 -57.02 28.62 18.89
N HIS Q 119 -56.31 28.63 17.77
CA HIS Q 119 -56.14 27.41 16.97
C HIS Q 119 -55.05 26.50 17.51
N LYS Q 120 -54.28 26.96 18.50
CA LYS Q 120 -53.22 26.20 19.16
C LYS Q 120 -52.17 25.72 18.16
N VAL Q 121 -51.78 26.65 17.28
CA VAL Q 121 -50.88 26.32 16.19
C VAL Q 121 -49.49 26.02 16.71
N ASP Q 122 -48.72 25.33 15.90
CA ASP Q 122 -47.38 24.91 16.28
C ASP Q 122 -46.38 25.95 15.79
N ALA Q 123 -45.11 25.55 15.81
CA ALA Q 123 -44.03 26.46 15.40
C ALA Q 123 -44.09 26.76 13.91
N ASP Q 124 -44.19 25.73 13.08
CA ASP Q 124 -44.11 25.91 11.64
C ASP Q 124 -45.39 26.47 11.04
N GLU Q 125 -46.52 26.30 11.70
CA GLU Q 125 -47.75 26.88 11.17
C GLU Q 125 -47.85 28.36 11.50
N ALA Q 126 -47.43 28.76 12.70
CA ALA Q 126 -47.34 30.17 13.03
C ALA Q 126 -46.16 30.85 12.37
N ARG Q 127 -45.17 30.08 11.89
CA ARG Q 127 -44.16 30.62 10.99
C ARG Q 127 -44.79 31.22 9.75
N GLU Q 128 -45.72 30.48 9.15
CA GLU Q 128 -46.23 30.88 7.86
C GLU Q 128 -47.39 31.85 7.99
N ILE Q 129 -48.10 31.81 9.12
CA ILE Q 129 -49.14 32.81 9.41
C ILE Q 129 -48.50 34.18 9.60
N ALA Q 130 -47.34 34.22 10.25
CA ALA Q 130 -46.58 35.46 10.35
C ALA Q 130 -46.01 35.87 9.00
N LYS Q 131 -45.77 34.91 8.11
CA LYS Q 131 -45.42 35.24 6.73
C LYS Q 131 -46.64 35.77 5.96
N ALA Q 132 -47.81 35.19 6.20
CA ALA Q 132 -48.99 35.58 5.42
C ALA Q 132 -49.47 36.97 5.81
N ILE Q 133 -49.40 37.30 7.10
CA ILE Q 133 -49.72 38.66 7.54
C ILE Q 133 -48.65 39.64 7.10
N LYS Q 134 -47.44 39.14 6.81
CA LYS Q 134 -46.39 40.04 6.34
C LYS Q 134 -46.68 40.54 4.94
N ASP Q 135 -47.07 39.65 4.04
CA ASP Q 135 -47.31 40.07 2.68
C ASP Q 135 -48.64 40.79 2.54
N PHE Q 136 -49.61 40.43 3.37
CA PHE Q 136 -50.89 41.12 3.36
C PHE Q 136 -50.75 42.56 3.87
N SER Q 137 -49.75 42.83 4.68
CA SER Q 137 -49.42 44.17 5.14
C SER Q 137 -48.26 44.80 4.38
N ARG Q 138 -47.57 44.03 3.54
CA ARG Q 138 -46.64 44.63 2.58
C ARG Q 138 -47.39 45.41 1.50
N PHE Q 139 -48.62 45.00 1.17
CA PHE Q 139 -49.38 45.60 0.09
C PHE Q 139 -49.71 47.05 0.42
N ARG Q 140 -49.76 47.88 -0.64
CA ARG Q 140 -50.22 49.24 -0.44
C ARG Q 140 -51.74 49.31 -0.45
N ILE Q 141 -52.37 48.27 -0.99
CA ILE Q 141 -53.79 48.23 -1.26
C ILE Q 141 -54.36 47.03 -0.51
N LEU Q 142 -55.52 47.21 0.12
CA LEU Q 142 -56.28 46.05 0.55
C LEU Q 142 -56.98 45.41 -0.65
N PRO Q 143 -56.91 44.08 -0.78
CA PRO Q 143 -57.69 43.39 -1.81
C PRO Q 143 -59.15 43.23 -1.40
N GLU Q 144 -59.96 42.79 -2.36
CA GLU Q 144 -61.41 42.85 -2.24
C GLU Q 144 -61.94 41.92 -1.15
N GLY Q 145 -62.76 42.47 -0.27
CA GLY Q 145 -63.49 41.71 0.71
C GLY Q 145 -62.75 41.38 1.98
N PHE Q 146 -61.65 42.06 2.27
CA PHE Q 146 -60.82 41.73 3.42
C PHE Q 146 -60.48 42.98 4.22
N SER Q 147 -60.31 42.78 5.52
CA SER Q 147 -60.04 43.84 6.48
C SER Q 147 -58.68 43.59 7.14
N ASN Q 148 -58.42 44.36 8.19
CA ASN Q 148 -57.11 44.45 8.81
C ASN Q 148 -56.81 43.30 9.77
N HIS Q 149 -57.76 42.41 9.99
CA HIS Q 149 -57.53 41.38 10.99
C HIS Q 149 -56.69 40.24 10.38
N PRO Q 150 -55.79 39.63 11.15
CA PRO Q 150 -55.02 38.50 10.62
C PRO Q 150 -55.83 37.28 10.27
N GLY Q 151 -57.06 37.13 10.79
CA GLY Q 151 -57.97 36.14 10.27
C GLY Q 151 -58.39 36.41 8.85
N ASP Q 152 -58.34 37.66 8.42
CA ASP Q 152 -58.53 37.96 7.01
C ASP Q 152 -57.25 37.84 6.22
N ALA Q 153 -56.10 37.98 6.87
CA ALA Q 153 -54.81 37.89 6.17
C ALA Q 153 -54.55 36.48 5.70
N VAL Q 154 -54.72 35.48 6.56
CA VAL Q 154 -54.37 34.13 6.17
C VAL Q 154 -55.52 33.51 5.38
N ALA Q 155 -56.70 34.09 5.45
CA ALA Q 155 -57.78 33.70 4.57
C ALA Q 155 -57.78 34.48 3.27
N TYR Q 156 -56.89 35.45 3.09
CA TYR Q 156 -56.76 36.02 1.76
C TYR Q 156 -55.79 35.21 0.92
N GLN Q 157 -54.63 34.86 1.48
CA GLN Q 157 -53.71 33.97 0.78
C GLN Q 157 -54.32 32.61 0.50
N ALA Q 158 -55.10 32.06 1.45
CA ALA Q 158 -55.71 30.76 1.21
C ALA Q 158 -56.81 30.79 0.16
N TRP Q 159 -57.27 31.97 -0.23
CA TRP Q 159 -58.16 32.13 -1.36
C TRP Q 159 -57.45 32.56 -2.62
N LYS Q 160 -56.41 33.40 -2.48
CA LYS Q 160 -55.63 33.85 -3.63
C LYS Q 160 -54.87 32.69 -4.27
N LEU Q 161 -54.43 31.73 -3.46
CA LEU Q 161 -53.77 30.56 -3.99
C LEU Q 161 -54.73 29.42 -4.25
N ALA Q 162 -56.04 29.65 -4.11
CA ALA Q 162 -57.04 28.64 -4.41
C ALA Q 162 -57.88 28.99 -5.62
N ARG Q 163 -57.66 30.16 -6.22
CA ARG Q 163 -58.32 30.47 -7.48
C ARG Q 163 -57.74 29.65 -8.62
N GLN Q 164 -56.46 29.28 -8.49
CA GLN Q 164 -55.72 28.70 -9.60
C GLN Q 164 -56.11 27.26 -9.88
N TYR Q 165 -56.69 26.54 -8.92
CA TYR Q 165 -57.23 25.24 -9.22
C TYR Q 165 -58.57 25.38 -9.93
N SER Q 166 -58.75 24.61 -10.99
CA SER Q 166 -60.04 24.50 -11.67
C SER Q 166 -60.71 23.17 -11.37
N ASP Q 167 -60.44 22.61 -10.19
CA ASP Q 167 -60.96 21.30 -9.79
C ASP Q 167 -61.58 21.41 -8.41
N LEU Q 168 -62.67 20.66 -8.22
CA LEU Q 168 -63.44 20.76 -6.98
C LEU Q 168 -62.81 19.97 -5.83
N GLN Q 169 -62.40 18.72 -6.06
CA GLN Q 169 -61.85 17.90 -4.99
C GLN Q 169 -60.38 18.14 -4.73
N GLU Q 170 -59.80 19.21 -5.26
CA GLU Q 170 -58.47 19.64 -4.87
C GLU Q 170 -58.47 20.92 -4.05
N ARG Q 171 -59.42 21.82 -4.29
CA ARG Q 171 -59.48 23.12 -3.65
C ARG Q 171 -60.01 23.05 -2.22
N SER Q 172 -60.76 22.01 -1.86
CA SER Q 172 -61.30 21.89 -0.50
C SER Q 172 -60.23 21.64 0.55
N ARG Q 173 -59.02 21.28 0.14
CA ARG Q 173 -57.87 21.33 1.04
C ARG Q 173 -57.58 22.76 1.46
N LEU Q 174 -57.82 23.71 0.56
CA LEU Q 174 -57.65 25.13 0.83
C LEU Q 174 -58.95 25.81 1.24
N ILE Q 175 -60.07 25.09 1.29
CA ILE Q 175 -61.34 25.67 1.68
C ILE Q 175 -61.66 25.37 3.15
N ALA Q 176 -61.30 24.18 3.62
CA ALA Q 176 -61.44 23.86 5.04
C ALA Q 176 -60.54 24.75 5.88
N ARG Q 177 -59.29 24.94 5.46
CA ARG Q 177 -58.44 25.95 6.07
C ARG Q 177 -58.93 27.35 5.73
N GLY Q 178 -59.50 27.53 4.55
CA GLY Q 178 -60.09 28.81 4.20
C GLY Q 178 -61.31 29.15 5.04
N LEU Q 179 -62.07 28.15 5.46
CA LEU Q 179 -63.17 28.37 6.41
C LEU Q 179 -62.74 28.22 7.86
N ARG Q 180 -61.44 28.09 8.11
CA ARG Q 180 -60.93 27.96 9.46
C ARG Q 180 -60.53 29.33 10.04
N PHE Q 181 -60.20 30.31 9.20
CA PHE Q 181 -59.65 31.56 9.67
C PHE Q 181 -60.48 32.81 9.33
N ALA Q 182 -61.36 32.75 8.33
CA ALA Q 182 -61.91 33.94 7.69
C ALA Q 182 -62.80 34.73 8.64
N HIS Q 183 -62.43 35.99 8.89
CA HIS Q 183 -62.89 36.74 10.04
C HIS Q 183 -64.18 37.52 9.81
N SER Q 184 -64.21 38.41 8.82
CA SER Q 184 -65.44 39.14 8.57
C SER Q 184 -66.32 38.36 7.61
N GLU Q 185 -67.59 38.74 7.55
CA GLU Q 185 -68.56 38.00 6.75
C GLU Q 185 -68.35 38.21 5.26
N THR Q 186 -67.81 39.37 4.86
CA THR Q 186 -67.46 39.56 3.46
C THR Q 186 -66.30 38.66 3.07
N ALA Q 187 -65.35 38.45 3.97
CA ALA Q 187 -64.31 37.46 3.78
C ALA Q 187 -64.81 36.03 3.96
N ARG Q 188 -66.06 35.85 4.38
CA ARG Q 188 -66.63 34.51 4.38
C ARG Q 188 -67.30 34.21 3.05
N LYS Q 189 -67.83 35.24 2.38
CA LYS Q 189 -68.50 35.05 1.10
C LYS Q 189 -67.51 34.72 -0.01
N GLN Q 190 -66.31 35.32 0.04
CA GLN Q 190 -65.29 35.06 -0.97
C GLN Q 190 -64.82 33.62 -0.92
N ILE Q 191 -64.81 33.03 0.27
CA ILE Q 191 -64.51 31.62 0.39
C ILE Q 191 -65.68 30.80 -0.12
N GLU Q 192 -66.91 31.32 0.00
CA GLU Q 192 -68.09 30.58 -0.41
C GLU Q 192 -68.28 30.54 -1.92
N GLN Q 193 -67.62 31.43 -2.66
CA GLN Q 193 -67.70 31.37 -4.12
C GLN Q 193 -66.93 30.18 -4.68
N LEU Q 194 -65.96 29.69 -3.92
CA LEU Q 194 -65.16 28.55 -4.35
C LEU Q 194 -65.98 27.28 -4.39
N LEU Q 195 -66.96 27.18 -3.51
CA LEU Q 195 -67.80 25.99 -3.43
C LEU Q 195 -68.83 25.98 -4.56
N LEU R 18 0.20 -15.86 -63.81
CA LEU R 18 1.49 -15.84 -63.13
C LEU R 18 1.86 -14.42 -62.66
N ALA R 19 1.14 -13.98 -61.64
CA ALA R 19 1.29 -12.64 -61.08
C ALA R 19 2.43 -12.54 -60.07
N GLN R 20 3.23 -13.59 -59.93
CA GLN R 20 4.37 -13.56 -59.04
C GLN R 20 5.55 -12.76 -59.58
N GLU R 21 5.54 -12.43 -60.87
CA GLU R 21 6.61 -11.59 -61.41
C GLU R 21 6.37 -10.12 -61.14
N LEU R 22 5.23 -9.77 -60.56
CA LEU R 22 5.05 -8.45 -59.98
C LEU R 22 5.41 -8.45 -58.51
N LEU R 23 5.68 -9.62 -57.95
CA LEU R 23 6.30 -9.69 -56.63
C LEU R 23 7.81 -9.54 -56.72
N ARG R 24 8.38 -9.83 -57.89
CA ARG R 24 9.82 -9.85 -58.04
C ARG R 24 10.38 -8.47 -58.36
N LYS R 25 9.62 -7.66 -59.11
CA LYS R 25 10.11 -6.37 -59.59
C LYS R 25 10.13 -5.29 -58.52
N LEU R 26 9.97 -5.65 -57.25
CA LEU R 26 9.89 -4.66 -56.21
C LEU R 26 11.10 -4.72 -55.27
N ARG R 27 11.46 -5.92 -54.81
CA ARG R 27 12.62 -6.10 -53.95
C ARG R 27 13.92 -6.17 -54.73
N GLN R 28 13.86 -5.97 -56.05
CA GLN R 28 15.01 -5.85 -56.91
C GLN R 28 15.22 -4.40 -57.34
N LYS R 29 14.28 -3.51 -57.02
CA LYS R 29 14.24 -2.11 -57.47
C LYS R 29 14.27 -2.01 -58.99
N GLN R 30 13.29 -2.63 -59.64
CA GLN R 30 13.18 -2.64 -61.10
C GLN R 30 12.16 -1.62 -61.57
N GLY R 31 12.64 -0.53 -62.17
CA GLY R 31 11.79 0.41 -62.85
C GLY R 31 11.95 1.81 -62.31
N ASN R 32 10.85 2.55 -62.32
CA ASN R 32 10.72 3.80 -61.59
C ASN R 32 9.40 3.80 -60.85
N TRP R 33 9.06 4.90 -60.18
CA TRP R 33 8.03 4.87 -59.16
C TRP R 33 6.61 4.78 -59.71
N VAL R 34 6.38 5.21 -60.95
CA VAL R 34 5.07 4.98 -61.54
C VAL R 34 4.98 3.54 -62.05
N GLU R 35 6.12 2.91 -62.37
CA GLU R 35 6.12 1.50 -62.76
C GLU R 35 5.72 0.61 -61.58
N TRP R 36 6.09 1.00 -60.35
CA TRP R 36 5.49 0.36 -59.19
C TRP R 36 4.13 0.93 -58.86
N GLY R 37 3.88 2.19 -59.18
CA GLY R 37 2.58 2.78 -58.94
C GLY R 37 1.46 2.18 -59.74
N GLN R 38 1.77 1.43 -60.79
CA GLN R 38 0.78 0.77 -61.61
C GLN R 38 0.73 -0.73 -61.38
N ALA R 39 1.86 -1.34 -61.00
CA ALA R 39 1.90 -2.77 -60.75
C ALA R 39 1.21 -3.14 -59.44
N ILE R 40 0.97 -2.18 -58.57
CA ILE R 40 0.20 -2.47 -57.37
C ILE R 40 -1.26 -2.67 -57.72
N ALA R 41 -1.81 -1.75 -58.51
CA ALA R 41 -3.24 -1.79 -58.84
C ALA R 41 -3.60 -2.96 -59.73
N SER R 42 -2.63 -3.59 -60.39
CA SER R 42 -2.86 -4.92 -60.94
C SER R 42 -3.13 -5.91 -59.82
N LEU R 43 -2.23 -5.97 -58.84
CA LEU R 43 -2.31 -6.95 -57.77
C LEU R 43 -3.43 -6.65 -56.80
N GLN R 44 -3.94 -5.43 -56.79
CA GLN R 44 -5.11 -5.05 -56.01
C GLN R 44 -6.42 -5.32 -56.74
N LYS R 45 -6.38 -6.12 -57.80
CA LYS R 45 -7.57 -6.53 -58.51
C LYS R 45 -7.61 -8.05 -58.67
N SER R 46 -6.77 -8.75 -57.92
CA SER R 46 -6.70 -10.20 -57.94
C SER R 46 -6.88 -10.76 -56.52
N GLY R 47 -7.77 -10.14 -55.75
CA GLY R 47 -8.19 -10.69 -54.48
C GLY R 47 -7.21 -10.50 -53.35
N TYR R 48 -6.28 -9.57 -53.45
CA TYR R 48 -5.28 -9.37 -52.42
C TYR R 48 -5.81 -8.52 -51.27
N ASN R 49 -5.67 -9.05 -50.06
CA ASN R 49 -5.66 -8.22 -48.86
C ASN R 49 -4.44 -7.29 -48.92
N PRO R 50 -4.62 -5.98 -48.70
CA PRO R 50 -3.44 -5.10 -48.61
C PRO R 50 -2.48 -5.44 -47.47
N GLN R 51 -2.99 -5.86 -46.30
CA GLN R 51 -2.16 -6.16 -45.12
C GLN R 51 -1.07 -7.19 -45.40
N ASP R 52 -1.40 -8.21 -46.19
CA ASP R 52 -0.42 -9.22 -46.52
C ASP R 52 0.40 -8.88 -47.77
N ILE R 53 0.18 -7.71 -48.39
CA ILE R 53 1.03 -7.37 -49.53
C ILE R 53 2.45 -7.06 -49.06
N PHE R 54 2.59 -6.48 -47.87
CA PHE R 54 3.88 -6.08 -47.31
C PHE R 54 4.77 -7.27 -46.92
N GLU R 55 4.25 -8.50 -46.93
CA GLU R 55 5.03 -9.64 -46.45
C GLU R 55 6.11 -10.03 -47.45
N ALA R 56 5.81 -9.94 -48.74
CA ALA R 56 6.81 -10.32 -49.74
C ALA R 56 7.44 -9.12 -50.45
N THR R 57 6.75 -7.99 -50.47
CA THR R 57 7.23 -6.76 -51.06
C THR R 57 7.39 -5.71 -49.98
N GLY R 58 8.42 -4.86 -50.10
CA GLY R 58 8.82 -4.00 -49.00
C GLY R 58 7.93 -2.78 -48.74
N PHE R 59 6.77 -2.70 -49.39
CA PHE R 59 5.95 -1.50 -49.34
C PHE R 59 4.68 -1.80 -48.55
N GLU R 60 4.52 -1.21 -47.35
CA GLU R 60 3.23 -1.24 -46.64
C GLU R 60 2.21 -0.40 -47.39
N PRO R 61 0.93 -0.81 -47.39
CA PRO R 61 -0.07 -0.11 -48.21
C PRO R 61 -0.38 1.32 -47.80
N VAL R 62 0.22 1.81 -46.71
CA VAL R 62 0.29 3.24 -46.49
C VAL R 62 1.27 3.87 -47.48
N GLN R 63 2.42 3.21 -47.71
CA GLN R 63 3.37 3.73 -48.67
C GLN R 63 2.95 3.43 -50.11
N GLN R 64 2.20 2.34 -50.31
CA GLN R 64 1.61 2.07 -51.61
C GLN R 64 0.51 3.06 -51.92
N ASN R 65 -0.10 3.63 -50.89
CA ASN R 65 -1.23 4.54 -51.07
C ASN R 65 -0.81 5.80 -51.79
N GLN R 66 0.45 6.19 -51.64
CA GLN R 66 0.93 7.40 -52.27
C GLN R 66 1.23 7.20 -53.75
N VAL R 67 1.55 5.98 -54.17
CA VAL R 67 1.88 5.73 -55.57
C VAL R 67 0.72 5.14 -56.38
N ILE R 68 -0.30 4.58 -55.73
CA ILE R 68 -1.55 4.30 -56.42
C ILE R 68 -2.11 5.59 -56.98
N VAL R 69 -2.30 6.57 -56.11
CA VAL R 69 -2.93 7.83 -56.48
C VAL R 69 -1.98 8.65 -57.35
N GLY R 70 -0.67 8.46 -57.21
CA GLY R 70 0.26 9.16 -58.07
C GLY R 70 0.22 8.69 -59.51
N SER R 71 0.16 7.37 -59.70
CA SER R 71 0.00 6.82 -61.03
C SER R 71 -1.43 6.98 -61.53
N GLN R 72 -2.40 7.15 -60.63
CA GLN R 72 -3.72 7.66 -61.00
C GLN R 72 -3.71 9.13 -61.36
N VAL R 73 -2.63 9.85 -61.07
CA VAL R 73 -2.43 11.21 -61.56
C VAL R 73 -1.54 11.22 -62.79
N TYR R 74 -0.46 10.43 -62.81
CA TYR R 74 0.53 10.56 -63.88
C TYR R 74 0.01 10.01 -65.20
N ASN R 75 -1.00 9.14 -65.18
CA ASN R 75 -1.66 8.75 -66.42
C ASN R 75 -2.57 9.86 -66.94
N SER R 76 -2.93 10.79 -66.06
CA SER R 76 -3.66 11.98 -66.44
C SER R 76 -2.73 13.16 -66.68
N LEU R 77 -1.46 13.07 -66.28
CA LEU R 77 -0.54 14.17 -66.52
C LEU R 77 -0.04 14.21 -67.95
N GLU R 78 0.31 13.07 -68.53
CA GLU R 78 0.72 13.05 -69.92
C GLU R 78 -0.47 13.07 -70.87
N LYS R 79 -1.65 12.67 -70.39
CA LYS R 79 -2.88 12.76 -71.16
C LYS R 79 -3.27 14.20 -71.47
N SER R 80 -3.25 15.08 -70.48
CA SER R 80 -3.83 16.41 -70.59
C SER R 80 -2.85 17.44 -71.15
N GLY R 81 -1.77 17.00 -71.79
CA GLY R 81 -0.89 17.89 -72.52
C GLY R 81 0.10 18.64 -71.66
N ALA R 82 0.98 17.92 -70.98
CA ALA R 82 2.07 18.54 -70.27
C ALA R 82 3.36 18.49 -71.11
N SER R 83 4.35 19.25 -70.67
CA SER R 83 5.58 19.38 -71.43
C SER R 83 6.55 18.24 -71.09
N ALA R 84 7.70 18.26 -71.77
CA ALA R 84 8.60 17.10 -71.78
C ALA R 84 9.33 16.95 -70.46
N ALA R 85 9.90 18.03 -69.94
CA ALA R 85 10.73 17.95 -68.75
C ALA R 85 9.91 17.63 -67.51
N THR R 86 8.65 18.09 -67.49
CA THR R 86 7.73 17.69 -66.42
C THR R 86 7.45 16.19 -66.50
N LEU R 87 7.31 15.66 -67.70
CA LEU R 87 7.11 14.24 -67.87
C LEU R 87 8.41 13.45 -67.87
N ALA R 88 9.54 14.10 -67.63
CA ALA R 88 10.81 13.40 -67.47
C ALA R 88 11.18 13.26 -66.00
N HIS R 89 11.07 14.34 -65.23
CA HIS R 89 11.39 14.28 -63.81
C HIS R 89 10.27 13.69 -62.99
N TYR R 90 9.01 13.88 -63.38
CA TYR R 90 7.95 13.16 -62.70
C TYR R 90 7.77 11.74 -63.21
N ALA R 91 8.71 11.26 -64.02
CA ALA R 91 8.85 9.83 -64.20
C ALA R 91 9.77 9.22 -63.14
N THR R 92 10.72 10.01 -62.62
CA THR R 92 11.74 9.46 -61.74
C THR R 92 11.65 9.92 -60.29
N ARG R 93 11.46 11.21 -60.02
CA ARG R 93 11.43 11.73 -58.66
C ARG R 93 10.18 12.58 -58.51
N GLY R 94 10.09 13.30 -57.39
CA GLY R 94 8.93 14.13 -57.12
C GLY R 94 7.68 13.34 -56.76
N SER R 95 7.72 12.58 -55.66
CA SER R 95 6.66 11.61 -55.41
C SER R 95 5.45 12.27 -54.75
N ASP R 96 5.60 12.77 -53.53
CA ASP R 96 4.44 13.10 -52.70
C ASP R 96 3.79 14.42 -53.08
N VAL R 97 4.43 15.21 -53.94
CA VAL R 97 3.76 16.36 -54.54
C VAL R 97 2.59 15.89 -55.40
N LEU R 98 2.81 14.86 -56.21
CA LEU R 98 1.73 14.35 -57.05
C LEU R 98 0.69 13.57 -56.28
N TYR R 99 0.97 13.17 -55.04
CA TYR R 99 -0.11 12.70 -54.18
C TYR R 99 -1.01 13.85 -53.75
N GLU R 100 -0.50 15.06 -53.70
CA GLU R 100 -1.29 16.15 -53.13
C GLU R 100 -2.22 16.79 -54.14
N LEU R 101 -2.08 16.47 -55.42
CA LEU R 101 -3.00 16.97 -56.44
C LEU R 101 -4.19 16.04 -56.64
N ARG R 102 -4.53 15.26 -55.61
CA ARG R 102 -5.58 14.26 -55.73
C ARG R 102 -6.97 14.86 -55.67
N LEU R 103 -7.13 16.05 -55.11
CA LEU R 103 -8.45 16.64 -54.93
C LEU R 103 -8.86 17.53 -56.09
N LEU R 104 -8.19 17.40 -57.23
CA LEU R 104 -8.56 18.11 -58.43
C LEU R 104 -9.32 17.19 -59.38
N THR R 105 -9.51 17.66 -60.60
CA THR R 105 -10.12 16.85 -61.65
C THR R 105 -9.05 16.47 -62.67
N HIS R 106 -9.51 15.85 -63.75
CA HIS R 106 -8.62 15.35 -64.78
C HIS R 106 -8.09 16.48 -65.67
N GLU R 107 -8.75 17.64 -65.62
CA GLU R 107 -8.49 18.70 -66.59
C GLU R 107 -7.48 19.74 -66.13
N GLU R 108 -7.28 19.91 -64.81
CA GLU R 108 -6.38 20.97 -64.38
C GLU R 108 -5.13 20.47 -63.68
N ARG R 109 -4.94 19.16 -63.57
CA ARG R 109 -3.76 18.64 -62.87
C ARG R 109 -2.49 18.85 -63.67
N ALA R 110 -2.54 18.61 -64.98
CA ALA R 110 -1.34 18.76 -65.80
C ALA R 110 -0.96 20.21 -66.00
N ALA R 111 -1.90 21.13 -65.81
CA ALA R 111 -1.54 22.54 -65.76
C ALA R 111 -0.79 22.87 -64.49
N ALA R 112 -1.04 22.13 -63.41
CA ALA R 112 -0.36 22.38 -62.15
C ALA R 112 0.86 21.50 -61.96
N GLY R 113 0.97 20.41 -62.71
CA GLY R 113 2.18 19.62 -62.67
C GLY R 113 3.35 20.34 -63.29
N ASP R 114 3.09 21.18 -64.29
CA ASP R 114 4.13 22.03 -64.85
C ASP R 114 4.53 23.11 -63.86
N LEU R 115 3.53 23.72 -63.19
CA LEU R 115 3.79 24.89 -62.36
C LEU R 115 4.50 24.53 -61.07
N THR R 116 4.10 23.43 -60.43
CA THR R 116 4.78 22.97 -59.23
C THR R 116 6.07 22.21 -59.52
N PHE R 117 6.53 22.19 -60.77
CA PHE R 117 7.85 21.67 -61.05
C PHE R 117 8.88 22.79 -61.10
N THR R 118 8.50 23.95 -61.64
CA THR R 118 9.45 25.02 -61.88
C THR R 118 9.96 25.62 -60.57
N HIS R 119 9.07 25.83 -59.62
CA HIS R 119 9.43 26.40 -58.33
C HIS R 119 10.03 25.38 -57.38
N LYS R 120 9.98 24.08 -57.74
CA LYS R 120 10.54 22.98 -56.96
C LYS R 120 9.95 22.94 -55.55
N VAL R 121 8.62 23.07 -55.51
CA VAL R 121 7.92 23.18 -54.25
C VAL R 121 7.94 21.84 -53.51
N ASP R 122 7.72 21.91 -52.21
CA ASP R 122 7.76 20.74 -51.37
C ASP R 122 6.36 20.16 -51.23
N ALA R 123 6.21 19.25 -50.26
CA ALA R 123 4.92 18.60 -50.05
C ALA R 123 3.87 19.57 -49.54
N ASP R 124 4.19 20.34 -48.49
CA ASP R 124 3.20 21.20 -47.87
C ASP R 124 2.90 22.45 -48.67
N GLU R 125 3.82 22.89 -49.53
CA GLU R 125 3.52 24.06 -50.34
C GLU R 125 2.65 23.70 -51.54
N ALA R 126 2.89 22.55 -52.15
CA ALA R 126 2.00 22.05 -53.18
C ALA R 126 0.69 21.50 -52.64
N ARG R 127 0.65 21.20 -51.33
CA ARG R 127 -0.63 20.97 -50.67
C ARG R 127 -1.55 22.16 -50.80
N GLU R 128 -1.02 23.35 -50.56
CA GLU R 128 -1.87 24.52 -50.47
C GLU R 128 -2.09 25.15 -51.83
N ILE R 129 -1.16 24.94 -52.76
CA ILE R 129 -1.38 25.37 -54.14
C ILE R 129 -2.50 24.57 -54.78
N ALA R 130 -2.58 23.27 -54.47
CA ALA R 130 -3.71 22.46 -54.90
C ALA R 130 -4.99 22.86 -54.18
N LYS R 131 -4.87 23.41 -52.97
CA LYS R 131 -6.02 24.01 -52.31
C LYS R 131 -6.41 25.33 -52.96
N ALA R 132 -5.44 26.14 -53.37
CA ALA R 132 -5.75 27.45 -53.91
C ALA R 132 -6.38 27.34 -55.29
N ILE R 133 -5.92 26.40 -56.11
CA ILE R 133 -6.55 26.16 -57.40
C ILE R 133 -7.92 25.50 -57.22
N LYS R 134 -8.15 24.87 -56.06
CA LYS R 134 -9.45 24.26 -55.82
C LYS R 134 -10.52 25.32 -55.63
N ASP R 135 -10.23 26.34 -54.81
CA ASP R 135 -11.24 27.35 -54.55
C ASP R 135 -11.37 28.32 -55.72
N PHE R 136 -10.28 28.55 -56.44
CA PHE R 136 -10.35 29.39 -57.62
C PHE R 136 -11.15 28.75 -58.73
N SER R 137 -11.26 27.43 -58.74
CA SER R 137 -12.10 26.69 -59.67
C SER R 137 -13.42 26.25 -59.05
N ARG R 138 -13.58 26.38 -57.72
CA ARG R 138 -14.89 26.24 -57.12
C ARG R 138 -15.83 27.38 -57.53
N PHE R 139 -15.27 28.56 -57.79
CA PHE R 139 -16.07 29.75 -58.08
C PHE R 139 -16.83 29.57 -59.38
N ARG R 140 -18.03 30.17 -59.44
CA ARG R 140 -18.76 30.18 -60.69
C ARG R 140 -18.27 31.31 -61.58
N ILE R 141 -17.59 32.28 -61.00
CA ILE R 141 -17.20 33.52 -61.65
C ILE R 141 -15.68 33.63 -61.55
N LEU R 142 -15.04 34.05 -62.64
CA LEU R 142 -13.67 34.50 -62.53
C LEU R 142 -13.63 35.90 -61.91
N PRO R 143 -12.75 36.13 -60.94
CA PRO R 143 -12.55 37.48 -60.41
C PRO R 143 -11.67 38.31 -61.33
N GLU R 144 -11.62 39.62 -61.03
CA GLU R 144 -11.07 40.60 -61.96
C GLU R 144 -9.57 40.43 -62.19
N GLY R 145 -9.18 40.37 -63.46
CA GLY R 145 -7.79 40.39 -63.85
C GLY R 145 -7.09 39.05 -63.84
N PHE R 146 -7.83 37.94 -63.81
CA PHE R 146 -7.21 36.62 -63.69
C PHE R 146 -7.80 35.67 -64.71
N SER R 147 -6.98 34.72 -65.12
CA SER R 147 -7.30 33.73 -66.14
C SER R 147 -7.24 32.33 -65.53
N ASN R 148 -7.29 31.33 -66.42
CA ASN R 148 -7.48 29.94 -66.04
C ASN R 148 -6.19 29.27 -65.59
N HIS R 149 -5.06 29.96 -65.66
CA HIS R 149 -3.81 29.28 -65.33
C HIS R 149 -3.61 29.23 -63.81
N PRO R 150 -3.04 28.15 -63.28
CA PRO R 150 -2.79 28.09 -61.83
C PRO R 150 -1.79 29.10 -61.32
N GLY R 151 -0.95 29.69 -62.18
CA GLY R 151 -0.19 30.85 -61.79
C GLY R 151 -1.05 32.06 -61.50
N ASP R 152 -2.24 32.11 -62.08
CA ASP R 152 -3.20 33.14 -61.69
C ASP R 152 -4.02 32.72 -60.49
N ALA R 153 -4.16 31.42 -60.25
CA ALA R 153 -4.95 30.94 -59.12
C ALA R 153 -4.28 31.27 -57.79
N VAL R 154 -2.98 30.97 -57.67
CA VAL R 154 -2.34 31.17 -56.38
C VAL R 154 -1.91 32.63 -56.24
N ALA R 155 -1.88 33.36 -57.34
CA ALA R 155 -1.71 34.80 -57.25
C ALA R 155 -3.03 35.55 -57.12
N TYR R 156 -4.17 34.86 -57.17
CA TYR R 156 -5.39 35.55 -56.81
C TYR R 156 -5.62 35.51 -55.31
N GLN R 157 -5.45 34.33 -54.70
CA GLN R 157 -5.53 34.24 -53.25
C GLN R 157 -4.46 35.07 -52.56
N ALA R 158 -3.25 35.11 -53.11
CA ALA R 158 -2.19 35.90 -52.48
C ALA R 158 -2.42 37.40 -52.61
N TRP R 159 -3.35 37.82 -53.45
CA TRP R 159 -3.79 39.21 -53.50
C TRP R 159 -5.10 39.44 -52.76
N LYS R 160 -6.00 38.45 -52.79
CA LYS R 160 -7.27 38.56 -52.07
C LYS R 160 -7.05 38.58 -50.56
N LEU R 161 -6.03 37.88 -50.09
CA LEU R 161 -5.70 37.91 -48.68
C LEU R 161 -4.66 38.96 -48.35
N ALA R 162 -4.30 39.80 -49.31
CA ALA R 162 -3.36 40.89 -49.07
C ALA R 162 -4.01 42.25 -49.18
N ARG R 163 -5.30 42.30 -49.52
CA ARG R 163 -6.01 43.57 -49.48
C ARG R 163 -6.26 44.00 -48.04
N GLN R 164 -6.37 43.04 -47.14
CA GLN R 164 -6.84 43.31 -45.78
C GLN R 164 -5.80 43.99 -44.91
N TYR R 165 -4.52 43.89 -45.26
CA TYR R 165 -3.53 44.69 -44.56
C TYR R 165 -3.55 46.12 -45.07
N SER R 166 -3.53 47.06 -44.12
CA SER R 166 -3.38 48.47 -44.45
C SER R 166 -1.99 48.98 -44.11
N ASP R 167 -0.99 48.10 -44.18
CA ASP R 167 0.38 48.40 -43.81
C ASP R 167 1.33 47.95 -44.92
N LEU R 168 2.37 48.73 -45.15
CA LEU R 168 3.28 48.48 -46.25
C LEU R 168 4.30 47.38 -45.95
N GLN R 169 4.93 47.42 -44.78
CA GLN R 169 5.97 46.42 -44.47
C GLN R 169 5.41 45.12 -43.91
N GLU R 170 4.11 44.89 -44.03
CA GLU R 170 3.54 43.58 -43.73
C GLU R 170 3.06 42.85 -44.99
N ARG R 171 2.61 43.60 -46.00
CA ARG R 171 2.03 43.02 -47.21
C ARG R 171 3.08 42.48 -48.18
N SER R 172 4.33 42.96 -48.09
CA SER R 172 5.38 42.49 -48.99
C SER R 172 5.79 41.04 -48.74
N ARG R 173 5.39 40.46 -47.61
CA ARG R 173 5.45 39.02 -47.44
C ARG R 173 4.53 38.31 -48.42
N LEU R 174 3.40 38.94 -48.73
CA LEU R 174 2.45 38.44 -49.71
C LEU R 174 2.63 39.02 -51.09
N ILE R 175 3.59 39.92 -51.28
CA ILE R 175 3.85 40.52 -52.58
C ILE R 175 5.02 39.85 -53.28
N ALA R 176 6.05 39.45 -52.53
CA ALA R 176 7.13 38.66 -53.11
C ALA R 176 6.64 37.31 -53.60
N ARG R 177 5.81 36.64 -52.80
CA ARG R 177 5.11 35.45 -53.28
C ARG R 177 4.05 35.84 -54.32
N GLY R 178 3.45 37.01 -54.17
CA GLY R 178 2.52 37.49 -55.18
C GLY R 178 3.18 37.79 -56.50
N LEU R 179 4.44 38.22 -56.49
CA LEU R 179 5.20 38.38 -57.73
C LEU R 179 5.99 37.13 -58.10
N ARG R 180 5.77 36.03 -57.40
CA ARG R 180 6.45 34.79 -57.70
C ARG R 180 5.63 33.90 -58.65
N PHE R 181 4.31 34.08 -58.70
CA PHE R 181 3.45 33.17 -59.44
C PHE R 181 2.64 33.83 -60.56
N ALA R 182 2.42 35.14 -60.53
CA ALA R 182 1.36 35.79 -61.31
C ALA R 182 1.65 35.71 -62.81
N HIS R 183 0.72 35.08 -63.54
CA HIS R 183 0.99 34.56 -64.87
C HIS R 183 0.73 35.55 -66.00
N SER R 184 -0.47 36.09 -66.11
CA SER R 184 -0.72 37.06 -67.17
C SER R 184 -0.37 38.46 -66.67
N GLU R 185 -0.23 39.38 -67.62
CA GLU R 185 0.21 40.73 -67.30
C GLU R 185 -0.88 41.52 -66.57
N THR R 186 -2.15 41.22 -66.83
CA THR R 186 -3.22 41.85 -66.06
C THR R 186 -3.20 41.38 -64.61
N ALA R 187 -2.85 40.10 -64.39
CA ALA R 187 -2.60 39.60 -63.05
C ALA R 187 -1.27 40.07 -62.49
N ARG R 188 -0.45 40.75 -63.29
CA ARG R 188 0.74 41.36 -62.73
C ARG R 188 0.45 42.78 -62.26
N LYS R 189 -0.51 43.47 -62.90
CA LYS R 189 -0.86 44.83 -62.52
C LYS R 189 -1.61 44.87 -61.19
N GLN R 190 -2.45 43.86 -60.93
CA GLN R 190 -3.20 43.80 -59.68
C GLN R 190 -2.28 43.64 -58.49
N ILE R 191 -1.16 42.94 -58.69
CA ILE R 191 -0.15 42.85 -57.64
C ILE R 191 0.58 44.17 -57.53
N GLU R 192 0.70 44.92 -58.62
CA GLU R 192 1.44 46.17 -58.60
C GLU R 192 0.67 47.31 -57.93
N GLN R 193 -0.65 47.18 -57.78
CA GLN R 193 -1.42 48.20 -57.06
C GLN R 193 -1.12 48.17 -55.57
N LEU R 194 -0.68 47.02 -55.07
CA LEU R 194 -0.37 46.88 -53.66
C LEU R 194 0.85 47.70 -53.27
N LEU R 195 1.78 47.87 -54.19
CA LEU R 195 3.00 48.62 -53.93
C LEU R 195 2.72 50.12 -53.95
N ASN S 2 -57.48 76.59 -18.24
CA ASN S 2 -58.42 76.19 -19.27
C ASN S 2 -58.37 74.69 -19.49
N LEU S 3 -58.45 74.28 -20.76
CA LEU S 3 -58.31 72.87 -21.09
C LEU S 3 -57.06 72.65 -21.94
N LYS S 4 -56.62 73.69 -22.64
CA LYS S 4 -55.53 73.58 -23.61
C LYS S 4 -54.17 73.92 -23.01
N GLN S 5 -54.08 74.96 -22.17
CA GLN S 5 -52.78 75.32 -21.60
C GLN S 5 -52.30 74.28 -20.58
N ILE S 6 -53.22 73.52 -19.98
CA ILE S 6 -52.83 72.45 -19.08
C ILE S 6 -52.15 71.33 -19.86
N ALA S 7 -52.46 71.21 -21.15
CA ALA S 7 -51.75 70.25 -21.99
C ALA S 7 -50.30 70.70 -22.21
N LYS S 8 -50.08 71.97 -22.59
CA LYS S 8 -48.71 72.47 -22.66
C LYS S 8 -48.05 72.57 -21.29
N ASP S 9 -48.85 72.68 -20.22
CA ASP S 9 -48.32 72.67 -18.87
C ASP S 9 -47.74 71.30 -18.52
N THR S 10 -48.53 70.24 -18.77
CA THR S 10 -48.09 68.88 -18.49
C THR S 10 -46.91 68.47 -19.38
N ALA S 11 -46.93 68.88 -20.65
CA ALA S 11 -45.89 68.50 -21.61
C ALA S 11 -44.51 69.07 -21.21
N LYS S 12 -44.49 70.20 -20.53
CA LYS S 12 -43.24 70.73 -19.99
C LYS S 12 -42.74 69.88 -18.83
N THR S 13 -43.66 69.34 -18.02
CA THR S 13 -43.30 68.47 -16.90
C THR S 13 -42.96 67.06 -17.39
N LEU S 14 -43.64 66.59 -18.44
CA LEU S 14 -43.34 65.27 -19.03
C LEU S 14 -41.92 65.21 -19.55
N GLN S 15 -41.52 66.26 -20.28
CA GLN S 15 -40.21 66.31 -20.91
C GLN S 15 -39.10 66.25 -19.88
N SER S 16 -39.36 66.80 -18.69
CA SER S 16 -38.45 66.68 -17.57
C SER S 16 -38.29 65.23 -17.11
N TYR S 17 -39.41 64.50 -16.96
CA TYR S 17 -39.33 63.14 -16.43
C TYR S 17 -38.78 62.15 -17.43
N LEU S 18 -38.90 62.46 -18.73
CA LEU S 18 -38.29 61.59 -19.72
C LEU S 18 -36.78 61.78 -19.74
N THR S 19 -36.31 62.97 -19.38
CA THR S 19 -34.88 63.23 -19.25
C THR S 19 -34.32 62.53 -18.00
N TYR S 20 -35.19 62.24 -17.03
CA TYR S 20 -34.80 61.44 -15.87
C TYR S 20 -34.44 60.01 -16.28
N GLN S 21 -35.28 59.40 -17.12
CA GLN S 21 -35.07 58.02 -17.54
C GLN S 21 -33.85 57.89 -18.43
N ALA S 22 -33.47 58.99 -19.08
CA ALA S 22 -32.16 59.09 -19.71
C ALA S 22 -31.05 58.96 -18.68
N LEU S 23 -31.11 59.78 -17.63
CA LEU S 23 -29.97 59.89 -16.74
C LEU S 23 -29.86 58.68 -15.81
N MET S 24 -30.97 58.00 -15.56
CA MET S 24 -30.88 56.74 -14.84
C MET S 24 -30.28 55.65 -15.73
N THR S 25 -30.56 55.71 -17.03
CA THR S 25 -29.91 54.81 -17.97
C THR S 25 -28.45 55.20 -18.20
N VAL S 26 -28.17 56.50 -18.24
CA VAL S 26 -26.79 57.01 -18.22
C VAL S 26 -26.00 56.51 -17.02
N LEU S 27 -26.59 56.60 -15.81
CA LEU S 27 -25.85 56.33 -14.60
C LEU S 27 -25.68 54.83 -14.37
N ALA S 28 -26.64 54.02 -14.81
CA ALA S 28 -26.56 52.57 -14.61
C ALA S 28 -25.60 51.88 -15.56
N GLN S 29 -25.09 52.58 -16.58
CA GLN S 29 -24.18 51.97 -17.54
C GLN S 29 -22.73 52.37 -17.33
N LEU S 30 -22.46 53.61 -16.92
CA LEU S 30 -21.09 54.06 -16.67
C LEU S 30 -20.58 53.62 -15.31
N GLY S 31 -21.37 52.87 -14.55
CA GLY S 31 -20.96 52.45 -13.22
C GLY S 31 -19.87 51.40 -13.26
N GLU S 32 -19.74 50.70 -14.38
CA GLU S 32 -18.72 49.69 -14.53
C GLU S 32 -17.80 49.93 -15.73
N THR S 33 -18.26 50.67 -16.74
CA THR S 33 -17.42 50.93 -17.90
C THR S 33 -16.35 51.96 -17.57
N ASN S 34 -16.77 53.16 -17.19
CA ASN S 34 -15.86 54.22 -16.78
C ASN S 34 -16.22 54.62 -15.35
N PRO S 35 -15.63 53.95 -14.35
CA PRO S 35 -15.91 54.33 -12.97
C PRO S 35 -15.28 55.66 -12.56
N PRO S 36 -14.17 56.14 -13.19
CA PRO S 36 -13.88 57.58 -13.06
C PRO S 36 -14.98 58.52 -13.56
N LEU S 37 -15.83 58.07 -14.49
CA LEU S 37 -16.98 58.83 -14.95
C LEU S 37 -18.28 58.28 -14.34
N ALA S 38 -18.25 57.94 -13.04
CA ALA S 38 -19.43 57.45 -12.35
C ALA S 38 -19.67 58.14 -11.00
N LEU S 39 -18.63 58.68 -10.38
CA LEU S 39 -18.76 59.38 -9.11
C LEU S 39 -18.67 60.89 -9.26
N TRP S 40 -18.55 61.35 -10.49
CA TRP S 40 -18.49 62.75 -10.83
C TRP S 40 -19.76 63.22 -11.52
N LEU S 41 -20.60 62.27 -11.94
CA LEU S 41 -21.94 62.60 -12.42
C LEU S 41 -22.87 63.02 -11.29
N HIS S 42 -22.48 62.74 -10.04
CA HIS S 42 -23.18 63.21 -8.86
C HIS S 42 -22.69 64.57 -8.39
N THR S 43 -21.78 65.19 -9.14
CA THR S 43 -21.44 66.59 -8.87
C THR S 43 -22.46 67.52 -9.53
N PHE S 44 -23.12 67.04 -10.59
CA PHE S 44 -24.01 67.89 -11.38
C PHE S 44 -25.49 67.58 -11.20
N SER S 45 -25.84 66.50 -10.52
CA SER S 45 -27.23 66.10 -10.39
C SER S 45 -27.74 66.19 -8.95
N VAL S 46 -27.35 67.22 -8.22
CA VAL S 46 -27.75 67.37 -6.82
C VAL S 46 -29.00 68.26 -6.77
N GLY S 47 -30.06 67.74 -6.17
CA GLY S 47 -31.34 68.42 -6.10
C GLY S 47 -32.21 68.24 -7.34
N LYS S 48 -31.69 68.61 -8.51
CA LYS S 48 -32.39 68.35 -9.76
C LYS S 48 -31.46 67.60 -10.69
N VAL S 49 -31.84 66.36 -11.01
CA VAL S 49 -31.11 65.52 -11.95
C VAL S 49 -31.43 65.86 -13.39
N GLN S 50 -32.67 66.26 -13.68
CA GLN S 50 -33.27 66.19 -15.01
C GLN S 50 -32.97 67.41 -15.88
N ASP S 51 -31.88 68.13 -15.65
CA ASP S 51 -31.57 69.29 -16.48
C ASP S 51 -31.04 68.84 -17.84
N GLY S 52 -31.13 69.75 -18.81
CA GLY S 52 -30.85 69.41 -20.19
C GLY S 52 -29.61 70.06 -20.77
N GLU S 53 -29.36 71.31 -20.40
CA GLU S 53 -28.24 72.04 -20.96
C GLU S 53 -27.47 72.87 -19.94
N ALA S 54 -28.03 73.09 -18.75
CA ALA S 54 -27.39 73.90 -17.73
C ALA S 54 -26.11 73.24 -17.20
N TYR S 55 -26.15 71.92 -17.04
CA TYR S 55 -24.93 71.18 -16.71
C TYR S 55 -23.95 71.20 -17.87
N VAL S 56 -24.47 71.23 -19.10
CA VAL S 56 -23.60 71.23 -20.29
C VAL S 56 -22.89 72.56 -20.43
N LYS S 57 -23.55 73.66 -20.04
CA LYS S 57 -22.91 74.97 -20.02
C LYS S 57 -21.75 74.97 -19.04
N GLU S 58 -21.86 74.19 -17.97
CA GLU S 58 -20.74 73.96 -17.08
C GLU S 58 -19.81 72.87 -17.60
N LEU S 59 -20.31 71.97 -18.45
CA LEU S 59 -19.48 70.94 -19.05
C LEU S 59 -18.76 71.38 -20.33
N PHE S 60 -19.04 72.57 -20.87
CA PHE S 60 -18.27 73.02 -22.03
C PHE S 60 -16.82 73.30 -21.65
N ARG S 61 -16.58 73.91 -20.49
CA ARG S 61 -15.25 74.22 -20.00
C ARG S 61 -14.47 73.00 -19.53
N GLU S 62 -15.02 71.81 -19.76
CA GLU S 62 -14.46 70.47 -19.56
C GLU S 62 -15.02 69.66 -20.73
N GLN S 63 -15.15 68.35 -20.57
CA GLN S 63 -15.65 67.59 -21.73
C GLN S 63 -17.17 67.45 -21.73
N PRO S 64 -17.90 68.03 -22.71
CA PRO S 64 -19.37 68.05 -22.67
C PRO S 64 -20.08 66.91 -23.39
N ASP S 65 -19.39 65.82 -23.71
CA ASP S 65 -19.90 64.86 -24.69
C ASP S 65 -21.06 64.00 -24.18
N LEU S 66 -21.29 63.96 -22.86
CA LEU S 66 -22.33 63.10 -22.32
C LEU S 66 -23.71 63.59 -22.70
N ALA S 67 -23.82 64.91 -22.91
CA ALA S 67 -25.08 65.58 -23.23
C ALA S 67 -25.73 65.02 -24.48
N LEU S 68 -24.96 64.89 -25.56
CA LEU S 68 -25.49 64.39 -26.82
C LEU S 68 -25.83 62.90 -26.73
N ARG S 69 -25.35 62.21 -25.70
CA ARG S 69 -25.83 60.87 -25.39
C ARG S 69 -27.08 60.91 -24.52
N ILE S 70 -27.21 61.88 -23.62
CA ILE S 70 -28.44 62.03 -22.83
C ILE S 70 -29.60 62.40 -23.76
N MET S 71 -29.32 63.09 -24.85
CA MET S 71 -30.39 63.44 -25.77
C MET S 71 -30.59 62.39 -26.85
N THR S 72 -29.76 61.33 -26.89
CA THR S 72 -30.07 60.21 -27.77
C THR S 72 -30.56 58.99 -27.00
N VAL S 73 -30.54 59.03 -25.67
CA VAL S 73 -31.30 58.04 -24.92
C VAL S 73 -32.78 58.34 -24.99
N ARG S 74 -33.13 59.63 -24.91
CA ARG S 74 -34.54 60.06 -24.84
C ARG S 74 -35.29 59.78 -26.13
N GLU S 75 -34.58 59.47 -27.22
CA GLU S 75 -35.22 59.22 -28.49
C GLU S 75 -35.95 57.88 -28.48
N HIS S 76 -35.29 56.81 -28.05
CA HIS S 76 -35.87 55.47 -28.16
C HIS S 76 -36.99 55.23 -27.16
N ILE S 77 -37.11 56.06 -26.12
CA ILE S 77 -38.19 55.92 -25.16
C ILE S 77 -39.36 56.82 -25.53
N ALA S 78 -39.10 58.05 -25.96
CA ALA S 78 -40.22 58.91 -26.33
C ALA S 78 -40.80 58.57 -27.70
N GLU S 79 -40.11 57.76 -28.52
CA GLU S 79 -40.73 57.25 -29.74
C GLU S 79 -41.47 55.95 -29.52
N GLU S 80 -41.34 55.34 -28.34
CA GLU S 80 -41.96 54.05 -28.07
C GLU S 80 -42.86 54.05 -26.86
N VAL S 81 -42.92 55.15 -26.13
CA VAL S 81 -43.93 55.28 -25.07
C VAL S 81 -45.01 56.28 -25.46
N ALA S 82 -44.64 57.39 -26.12
CA ALA S 82 -45.60 58.45 -26.38
C ALA S 82 -46.65 58.05 -27.42
N GLU S 83 -46.35 57.08 -28.28
CA GLU S 83 -47.39 56.56 -29.15
C GLU S 83 -48.26 55.53 -28.45
N PHE S 84 -47.69 54.75 -27.54
CA PHE S 84 -48.43 53.72 -26.83
C PHE S 84 -49.06 54.23 -25.54
N LEU S 85 -48.69 55.45 -25.11
CA LEU S 85 -49.23 56.24 -24.00
C LEU S 85 -50.76 56.28 -23.82
N PRO S 86 -51.61 56.39 -24.88
CA PRO S 86 -53.06 56.48 -24.64
C PRO S 86 -53.70 55.33 -23.87
N GLU S 87 -53.32 54.08 -24.10
CA GLU S 87 -53.84 53.00 -23.27
C GLU S 87 -53.05 52.84 -21.96
N MET S 88 -51.76 53.18 -21.96
CA MET S 88 -50.88 52.90 -20.81
C MET S 88 -51.25 53.69 -19.56
N VAL S 89 -51.75 54.92 -19.74
CA VAL S 89 -52.25 55.70 -18.61
C VAL S 89 -53.72 55.41 -18.33
N ARG S 90 -54.55 55.21 -19.36
CA ARG S 90 -55.96 54.81 -19.19
C ARG S 90 -56.12 53.47 -18.47
N SER S 91 -55.17 52.56 -18.63
CA SER S 91 -55.31 51.24 -18.01
C SER S 91 -55.12 51.32 -16.50
N GLY S 92 -54.23 52.20 -16.05
CA GLY S 92 -54.05 52.40 -14.62
C GLY S 92 -55.16 53.21 -13.99
N ILE S 93 -55.98 53.88 -14.81
CA ILE S 93 -57.15 54.57 -14.27
C ILE S 93 -58.18 53.57 -13.78
N GLN S 94 -58.29 52.43 -14.47
CA GLN S 94 -59.28 51.39 -14.13
C GLN S 94 -58.99 50.76 -12.77
N GLN S 95 -57.72 50.42 -12.51
CA GLN S 95 -57.26 50.02 -11.18
C GLN S 95 -57.56 51.10 -10.13
N ALA S 96 -57.25 52.35 -10.44
CA ALA S 96 -57.49 53.47 -9.55
C ALA S 96 -58.94 53.93 -9.51
N ASN S 97 -59.79 53.40 -10.39
CA ASN S 97 -61.22 53.56 -10.21
C ASN S 97 -61.77 52.52 -9.26
N MET S 98 -61.21 51.31 -9.30
CA MET S 98 -61.76 50.17 -8.58
C MET S 98 -61.29 50.08 -7.14
N GLU S 99 -60.01 50.39 -6.87
CA GLU S 99 -59.48 50.38 -5.50
C GLU S 99 -60.19 51.42 -4.63
N GLN S 100 -60.63 52.51 -5.24
CA GLN S 100 -61.23 53.59 -4.47
C GLN S 100 -62.72 53.39 -4.28
N ARG S 101 -63.37 52.67 -5.20
CA ARG S 101 -64.79 52.38 -5.05
C ARG S 101 -65.03 51.32 -3.98
N ARG S 102 -64.06 50.44 -3.77
CA ARG S 102 -64.22 49.38 -2.79
C ARG S 102 -63.74 49.79 -1.40
N ASN T 2 -34.58 47.29 -18.69
CA ASN T 2 -35.04 47.35 -20.07
C ASN T 2 -35.98 48.54 -20.27
N LEU T 3 -36.95 48.37 -21.19
CA LEU T 3 -37.93 49.38 -21.48
C LEU T 3 -39.26 49.15 -20.78
N LYS T 4 -39.70 47.89 -20.63
CA LYS T 4 -40.89 47.60 -19.86
C LYS T 4 -40.70 47.88 -18.38
N GLN T 5 -39.46 47.77 -17.88
CA GLN T 5 -39.14 48.30 -16.57
C GLN T 5 -39.27 49.81 -16.52
N ILE T 6 -38.87 50.50 -17.58
CA ILE T 6 -39.06 51.95 -17.68
C ILE T 6 -40.52 52.31 -17.84
N ALA T 7 -41.21 51.68 -18.80
CA ALA T 7 -42.53 52.14 -19.24
C ALA T 7 -43.58 51.94 -18.17
N LYS T 8 -43.42 50.91 -17.35
CA LYS T 8 -44.33 50.71 -16.23
C LYS T 8 -44.02 51.65 -15.08
N ASP T 9 -42.76 52.09 -14.96
CA ASP T 9 -42.43 53.13 -13.98
C ASP T 9 -42.94 54.49 -14.42
N THR T 10 -42.92 54.76 -15.72
CA THR T 10 -43.47 56.01 -16.24
C THR T 10 -45.00 56.05 -16.13
N ALA T 11 -45.66 54.88 -16.11
CA ALA T 11 -47.11 54.83 -16.09
C ALA T 11 -47.67 55.32 -14.76
N LYS T 12 -46.91 55.18 -13.68
CA LYS T 12 -47.36 55.59 -12.36
C LYS T 12 -46.96 57.00 -12.00
N THR T 13 -45.86 57.51 -12.57
CA THR T 13 -45.35 58.83 -12.21
C THR T 13 -46.26 59.94 -12.73
N LEU T 14 -46.53 59.90 -14.05
CA LEU T 14 -47.38 60.90 -14.67
C LEU T 14 -48.82 60.76 -14.22
N GLN T 15 -49.24 59.54 -13.90
CA GLN T 15 -50.55 59.31 -13.26
C GLN T 15 -50.68 60.12 -11.98
N SER T 16 -49.68 60.01 -11.11
CA SER T 16 -49.66 60.80 -9.88
C SER T 16 -49.56 62.30 -10.18
N TYR T 17 -48.96 62.66 -11.31
CA TYR T 17 -48.99 64.06 -11.74
C TYR T 17 -50.36 64.43 -12.30
N LEU T 18 -51.04 63.50 -12.97
CA LEU T 18 -52.37 63.81 -13.50
C LEU T 18 -53.43 63.81 -12.39
N THR T 19 -53.16 63.12 -11.27
CA THR T 19 -54.06 63.21 -10.13
C THR T 19 -53.77 64.45 -9.29
N TYR T 20 -52.73 65.20 -9.64
CA TYR T 20 -52.49 66.48 -8.99
C TYR T 20 -53.28 67.58 -9.69
N GLN T 21 -53.28 67.59 -11.02
CA GLN T 21 -54.11 68.51 -11.78
C GLN T 21 -55.59 68.24 -11.54
N ALA T 22 -55.92 66.98 -11.22
CA ALA T 22 -57.19 66.66 -10.58
C ALA T 22 -57.41 67.51 -9.34
N LEU T 23 -56.48 67.46 -8.39
CA LEU T 23 -56.67 68.14 -7.10
C LEU T 23 -56.59 69.66 -7.26
N MET T 24 -55.87 70.14 -8.26
CA MET T 24 -55.78 71.58 -8.48
C MET T 24 -57.02 72.12 -9.17
N THR T 25 -57.71 71.27 -9.95
CA THR T 25 -58.93 71.70 -10.62
C THR T 25 -60.04 71.80 -9.58
N VAL T 26 -59.99 70.91 -8.59
CA VAL T 26 -60.89 70.94 -7.45
C VAL T 26 -60.54 72.16 -6.59
N LEU T 27 -59.25 72.52 -6.55
CA LEU T 27 -58.81 73.60 -5.67
C LEU T 27 -59.32 74.96 -6.12
N ALA T 28 -59.22 75.25 -7.42
CA ALA T 28 -59.76 76.51 -7.93
C ALA T 28 -61.28 76.47 -8.00
N GLN T 29 -61.86 75.27 -8.05
CA GLN T 29 -63.32 75.14 -8.07
C GLN T 29 -63.91 75.52 -6.73
N LEU T 30 -63.29 75.06 -5.64
CA LEU T 30 -63.80 75.28 -4.29
C LEU T 30 -63.43 76.64 -3.72
N GLY T 31 -62.53 77.37 -4.37
CA GLY T 31 -62.35 78.77 -3.99
C GLY T 31 -63.48 79.68 -4.42
N GLU T 32 -64.42 79.19 -5.21
CA GLU T 32 -65.56 79.95 -5.72
C GLU T 32 -66.91 79.48 -5.19
N THR T 33 -67.04 78.20 -4.87
CA THR T 33 -68.32 77.66 -4.37
C THR T 33 -68.35 77.61 -2.85
N ASN T 34 -67.39 76.92 -2.23
CA ASN T 34 -67.37 76.72 -0.78
C ASN T 34 -66.00 77.14 -0.26
N PRO T 35 -65.82 78.43 0.05
CA PRO T 35 -64.51 78.91 0.56
C PRO T 35 -64.11 78.34 1.92
N PRO T 36 -65.04 77.95 2.81
CA PRO T 36 -64.60 77.06 3.91
C PRO T 36 -64.03 75.72 3.47
N LEU T 37 -64.53 75.13 2.40
CA LEU T 37 -64.01 73.84 1.96
C LEU T 37 -62.67 73.98 1.25
N ALA T 38 -62.37 75.15 0.68
CA ALA T 38 -61.07 75.39 0.07
C ALA T 38 -59.99 75.68 1.11
N LEU T 39 -60.37 76.35 2.20
CA LEU T 39 -59.40 76.66 3.25
C LEU T 39 -59.05 75.44 4.07
N TRP T 40 -59.92 74.42 4.08
CA TRP T 40 -59.60 73.17 4.75
C TRP T 40 -58.90 72.20 3.82
N LEU T 41 -59.22 72.26 2.53
CA LEU T 41 -58.48 71.47 1.55
C LEU T 41 -57.06 71.98 1.39
N HIS T 42 -56.85 73.28 1.54
CA HIS T 42 -55.51 73.84 1.52
C HIS T 42 -54.72 73.44 2.76
N THR T 43 -55.39 73.18 3.88
CA THR T 43 -54.70 72.73 5.08
C THR T 43 -54.14 71.33 4.91
N PHE T 44 -54.93 70.41 4.35
CA PHE T 44 -54.45 69.05 4.11
C PHE T 44 -53.46 68.99 2.94
N SER T 45 -53.45 69.98 2.06
CA SER T 45 -52.62 69.93 0.86
C SER T 45 -51.13 70.09 1.17
N VAL T 46 -50.79 70.68 2.33
CA VAL T 46 -49.43 71.10 2.65
C VAL T 46 -48.66 69.90 3.23
N GLY T 47 -49.37 68.85 3.62
CA GLY T 47 -48.79 67.73 4.33
C GLY T 47 -47.72 66.87 3.65
N LYS T 48 -47.31 67.26 2.43
CA LYS T 48 -46.13 66.72 1.74
C LYS T 48 -46.27 65.24 1.39
N VAL T 49 -47.49 64.82 1.05
CA VAL T 49 -47.75 63.41 0.79
C VAL T 49 -47.78 63.20 -0.72
N GLN T 50 -46.86 62.36 -1.20
CA GLN T 50 -46.71 62.00 -2.60
C GLN T 50 -47.69 60.87 -2.96
N ASP T 51 -47.51 60.28 -4.15
CA ASP T 51 -48.25 59.12 -4.63
C ASP T 51 -49.76 59.39 -4.67
N GLY T 52 -50.13 60.27 -5.62
CA GLY T 52 -51.50 60.71 -5.86
C GLY T 52 -52.59 59.66 -5.87
N GLU T 53 -52.29 58.46 -6.38
CA GLU T 53 -53.23 57.34 -6.25
C GLU T 53 -53.41 56.93 -4.80
N ALA T 54 -52.32 56.80 -4.05
CA ALA T 54 -52.35 56.44 -2.64
C ALA T 54 -52.51 57.66 -1.74
N TYR T 55 -52.65 58.85 -2.32
CA TYR T 55 -53.00 60.07 -1.62
C TYR T 55 -54.50 60.26 -1.50
N VAL T 56 -55.26 59.86 -2.54
CA VAL T 56 -56.71 59.98 -2.52
C VAL T 56 -57.33 58.97 -1.55
N LYS T 57 -56.62 57.86 -1.27
CA LYS T 57 -57.15 56.88 -0.34
C LYS T 57 -57.15 57.39 1.09
N GLU T 58 -56.14 58.19 1.44
CA GLU T 58 -56.14 58.84 2.74
C GLU T 58 -57.23 59.91 2.83
N LEU T 59 -57.68 60.44 1.69
CA LEU T 59 -58.82 61.34 1.71
C LEU T 59 -60.11 60.60 2.04
N PHE T 60 -60.32 59.39 1.50
CA PHE T 60 -61.49 58.57 1.84
C PHE T 60 -61.56 58.20 3.32
N ARG T 61 -60.41 58.23 4.02
CA ARG T 61 -60.38 57.89 5.44
C ARG T 61 -61.13 58.92 6.27
N GLU T 62 -60.95 60.20 5.97
CA GLU T 62 -61.59 61.27 6.71
C GLU T 62 -62.73 61.93 5.95
N GLN T 63 -62.69 61.90 4.61
CA GLN T 63 -63.68 62.57 3.77
C GLN T 63 -63.92 61.70 2.54
N PRO T 64 -64.88 60.76 2.61
CA PRO T 64 -65.07 59.84 1.47
C PRO T 64 -65.78 60.44 0.25
N ASP T 65 -66.04 61.76 0.24
CA ASP T 65 -66.91 62.35 -0.79
C ASP T 65 -66.16 63.21 -1.80
N LEU T 66 -65.30 64.13 -1.34
CA LEU T 66 -64.50 64.95 -2.24
C LEU T 66 -63.44 64.15 -2.98
N ALA T 67 -63.07 62.98 -2.46
CA ALA T 67 -62.14 62.06 -3.11
C ALA T 67 -62.76 61.36 -4.31
N LEU T 68 -64.08 61.47 -4.51
CA LEU T 68 -64.72 61.04 -5.73
C LEU T 68 -64.65 62.11 -6.81
N ARG T 69 -64.73 63.39 -6.41
CA ARG T 69 -64.64 64.47 -7.37
C ARG T 69 -63.22 64.65 -7.89
N ILE T 70 -62.21 64.27 -7.09
CA ILE T 70 -60.85 64.17 -7.58
C ILE T 70 -60.73 63.02 -8.58
N MET T 71 -61.38 61.89 -8.27
CA MET T 71 -61.40 60.74 -9.16
C MET T 71 -62.20 60.99 -10.43
N THR T 72 -63.25 61.82 -10.35
CA THR T 72 -64.18 62.14 -11.45
C THR T 72 -63.48 62.60 -12.72
N VAL T 73 -62.41 63.37 -12.59
CA VAL T 73 -61.76 63.96 -13.75
C VAL T 73 -60.69 63.06 -14.34
N ARG T 74 -60.45 61.88 -13.74
CA ARG T 74 -59.63 60.87 -14.39
C ARG T 74 -60.30 60.27 -15.61
N GLU T 75 -61.63 60.39 -15.69
CA GLU T 75 -62.38 60.12 -16.90
C GLU T 75 -62.64 61.37 -17.74
N HIS T 76 -62.57 62.55 -17.12
CA HIS T 76 -63.05 63.77 -17.76
C HIS T 76 -61.95 64.77 -18.12
N ILE T 77 -60.92 64.94 -17.27
CA ILE T 77 -59.87 65.89 -17.62
C ILE T 77 -58.60 65.14 -18.03
N ALA T 78 -58.53 63.83 -17.76
CA ALA T 78 -57.43 63.03 -18.31
C ALA T 78 -57.62 62.68 -19.78
N GLU T 79 -58.67 63.18 -20.42
CA GLU T 79 -58.84 63.03 -21.86
C GLU T 79 -58.52 64.30 -22.64
N GLU T 80 -58.50 65.46 -21.99
CA GLU T 80 -58.11 66.73 -22.59
C GLU T 80 -56.74 67.20 -22.17
N VAL T 81 -56.04 66.39 -21.38
CA VAL T 81 -54.65 66.62 -21.01
C VAL T 81 -53.74 65.50 -21.48
N ALA T 82 -54.15 64.24 -21.32
CA ALA T 82 -53.23 63.11 -21.47
C ALA T 82 -53.24 62.44 -22.83
N GLU T 83 -54.33 62.51 -23.60
CA GLU T 83 -54.26 62.00 -24.97
C GLU T 83 -53.61 62.97 -25.93
N PHE T 84 -53.22 64.14 -25.48
CA PHE T 84 -52.51 65.10 -26.31
C PHE T 84 -51.00 65.02 -26.11
N LEU T 85 -50.57 64.22 -25.13
CA LEU T 85 -49.14 63.96 -24.93
C LEU T 85 -48.38 63.36 -26.11
N PRO T 86 -48.97 62.54 -27.02
CA PRO T 86 -48.19 62.10 -28.20
C PRO T 86 -47.61 63.20 -29.10
N GLU T 87 -48.41 64.14 -29.57
CA GLU T 87 -47.95 65.16 -30.50
C GLU T 87 -47.23 66.32 -29.82
N MET T 88 -46.93 66.20 -28.53
CA MET T 88 -46.46 67.31 -27.74
C MET T 88 -45.19 66.97 -26.97
N VAL T 89 -44.82 65.69 -26.91
CA VAL T 89 -43.47 65.32 -26.47
C VAL T 89 -42.46 65.57 -27.57
N ARG T 90 -42.68 64.92 -28.73
CA ARG T 90 -41.67 64.84 -29.77
C ARG T 90 -41.40 66.19 -30.42
N SER T 91 -42.39 67.09 -30.39
CA SER T 91 -42.17 68.45 -30.87
C SER T 91 -41.20 69.21 -29.99
N GLY T 92 -41.31 69.04 -28.66
CA GLY T 92 -40.35 69.67 -27.77
C GLY T 92 -38.98 69.04 -27.81
N ILE T 93 -38.88 67.78 -28.20
CA ILE T 93 -37.58 67.12 -28.37
C ILE T 93 -36.84 67.72 -29.55
N GLN T 94 -37.55 67.98 -30.66
CA GLN T 94 -36.95 68.67 -31.79
C GLN T 94 -36.54 70.08 -31.43
N GLN T 95 -37.27 70.73 -30.51
CA GLN T 95 -36.88 72.06 -30.07
C GLN T 95 -35.59 72.02 -29.25
N ALA T 96 -35.47 71.03 -28.37
CA ALA T 96 -34.25 70.87 -27.60
C ALA T 96 -33.11 70.35 -28.46
N ASN T 97 -33.41 69.75 -29.60
CA ASN T 97 -32.42 69.49 -30.64
C ASN T 97 -32.01 70.76 -31.37
N MET T 98 -32.78 71.84 -31.22
CA MET T 98 -32.43 73.14 -31.78
C MET T 98 -32.04 74.16 -30.74
N GLU T 99 -32.38 73.96 -29.47
CA GLU T 99 -31.97 74.89 -28.43
C GLU T 99 -30.55 74.63 -27.98
N GLN T 100 -30.16 73.36 -27.92
CA GLN T 100 -28.91 72.98 -27.27
C GLN T 100 -27.81 72.68 -28.26
N ARG T 101 -28.15 72.39 -29.51
CA ARG T 101 -27.15 72.31 -30.57
C ARG T 101 -26.55 73.68 -30.88
N ARG T 102 -27.27 74.76 -30.55
CA ARG T 102 -26.75 76.11 -30.76
C ARG T 102 -25.56 76.42 -29.85
N GLN T 103 -25.50 75.79 -28.68
CA GLN T 103 -24.41 76.14 -27.76
C GLN T 103 -23.16 75.31 -28.00
N HIS T 104 -23.24 74.30 -28.89
CA HIS T 104 -22.01 73.74 -29.45
C HIS T 104 -21.34 74.74 -30.38
N LEU T 105 -22.13 75.66 -30.95
CA LEU T 105 -21.61 76.71 -31.81
C LEU T 105 -21.17 77.92 -31.00
N GLU T 106 -21.75 78.13 -29.82
CA GLU T 106 -21.37 79.26 -28.98
C GLU T 106 -19.96 79.07 -28.44
N ARG T 107 -19.60 77.84 -28.08
CA ARG T 107 -18.22 77.57 -27.70
C ARG T 107 -17.30 77.59 -28.91
N MET T 108 -17.80 77.13 -30.06
CA MET T 108 -17.00 77.11 -31.29
C MET T 108 -16.67 78.51 -31.76
N THR T 109 -17.64 79.43 -31.67
CA THR T 109 -17.38 80.84 -31.97
C THR T 109 -16.46 81.46 -30.91
N HIS T 110 -16.58 81.03 -29.65
CA HIS T 110 -15.58 81.39 -28.65
C HIS T 110 -14.23 80.73 -28.95
N LEU T 111 -14.23 79.55 -29.58
CA LEU T 111 -12.97 78.98 -30.06
C LEU T 111 -12.54 79.59 -31.39
N SER T 112 -13.41 80.34 -32.06
CA SER T 112 -13.05 81.01 -33.31
C SER T 112 -12.34 82.33 -33.03
N ASN U 2 -46.27 42.70 -74.34
CA ASN U 2 -46.27 44.14 -74.10
C ASN U 2 -45.33 44.52 -72.97
N LEU U 3 -45.78 45.44 -72.10
CA LEU U 3 -44.96 45.85 -70.98
C LEU U 3 -45.69 45.61 -69.66
N LYS U 4 -47.03 45.49 -69.71
CA LYS U 4 -47.83 45.35 -68.50
C LYS U 4 -48.24 43.90 -68.23
N GLN U 5 -48.63 43.14 -69.25
CA GLN U 5 -49.04 41.75 -69.02
C GLN U 5 -47.89 40.88 -68.57
N ILE U 6 -46.65 41.26 -68.93
CA ILE U 6 -45.46 40.57 -68.43
C ILE U 6 -45.33 40.74 -66.92
N ALA U 7 -45.87 41.84 -66.39
CA ALA U 7 -45.83 42.04 -64.95
C ALA U 7 -46.85 41.14 -64.23
N LYS U 8 -48.04 40.97 -64.80
CA LYS U 8 -48.94 39.92 -64.29
C LYS U 8 -48.44 38.53 -64.62
N ASP U 9 -47.68 38.37 -65.71
CA ASP U 9 -47.09 37.08 -66.06
C ASP U 9 -46.06 36.66 -65.01
N THR U 10 -45.17 37.58 -64.63
CA THR U 10 -44.18 37.32 -63.62
C THR U 10 -44.80 37.08 -62.24
N ALA U 11 -45.83 37.86 -61.90
CA ALA U 11 -46.47 37.78 -60.58
C ALA U 11 -47.17 36.45 -60.38
N LYS U 12 -47.57 35.79 -61.46
CA LYS U 12 -48.10 34.43 -61.36
C LYS U 12 -46.99 33.44 -61.04
N THR U 13 -45.81 33.62 -61.62
CA THR U 13 -44.67 32.74 -61.38
C THR U 13 -44.01 33.03 -60.03
N LEU U 14 -44.02 34.30 -59.59
CA LEU U 14 -43.47 34.66 -58.29
C LEU U 14 -44.23 33.98 -57.16
N GLN U 15 -45.56 34.02 -57.24
CA GLN U 15 -46.43 33.48 -56.20
C GLN U 15 -46.21 31.99 -56.02
N SER U 16 -45.85 31.32 -57.13
CA SER U 16 -45.46 29.92 -57.08
C SER U 16 -44.19 29.72 -56.25
N TYR U 17 -43.16 30.54 -56.49
CA TYR U 17 -41.87 30.34 -55.81
C TYR U 17 -41.93 30.78 -54.36
N LEU U 18 -42.88 31.65 -54.02
CA LEU U 18 -43.05 32.00 -52.61
C LEU U 18 -43.73 30.86 -51.85
N THR U 19 -44.55 30.07 -52.55
CA THR U 19 -45.15 28.89 -51.94
C THR U 19 -44.12 27.78 -51.78
N TYR U 20 -43.03 27.84 -52.56
CA TYR U 20 -41.91 26.93 -52.39
C TYR U 20 -41.23 27.13 -51.03
N GLN U 21 -40.97 28.39 -50.69
CA GLN U 21 -40.27 28.70 -49.44
C GLN U 21 -41.12 28.39 -48.22
N ALA U 22 -42.45 28.38 -48.42
CA ALA U 22 -43.36 27.85 -47.43
C ALA U 22 -43.09 26.37 -47.20
N LEU U 23 -43.08 25.58 -48.28
CA LEU U 23 -43.04 24.14 -48.14
C LEU U 23 -41.67 23.65 -47.71
N MET U 24 -40.61 24.37 -48.07
CA MET U 24 -39.30 24.03 -47.53
C MET U 24 -39.21 24.37 -46.04
N THR U 25 -39.93 25.41 -45.61
CA THR U 25 -40.02 25.70 -44.19
C THR U 25 -40.95 24.72 -43.48
N VAL U 26 -42.05 24.33 -44.13
CA VAL U 26 -42.90 23.24 -43.66
C VAL U 26 -42.12 21.93 -43.49
N LEU U 27 -41.33 21.56 -44.49
CA LEU U 27 -40.67 20.25 -44.48
C LEU U 27 -39.49 20.21 -43.52
N ALA U 28 -38.82 21.34 -43.31
CA ALA U 28 -37.66 21.36 -42.43
C ALA U 28 -38.02 21.38 -40.95
N GLN U 29 -39.30 21.59 -40.61
CA GLN U 29 -39.73 21.64 -39.23
C GLN U 29 -40.40 20.37 -38.75
N LEU U 30 -41.17 19.69 -39.61
CA LEU U 30 -41.84 18.46 -39.23
C LEU U 30 -40.92 17.24 -39.31
N GLY U 31 -39.64 17.45 -39.65
CA GLY U 31 -38.73 16.32 -39.80
C GLY U 31 -38.36 15.72 -38.45
N GLU U 32 -38.54 16.48 -37.38
CA GLU U 32 -38.23 16.00 -36.04
C GLU U 32 -39.43 16.06 -35.11
N THR U 33 -40.40 16.94 -35.36
CA THR U 33 -41.56 17.03 -34.47
C THR U 33 -42.52 15.87 -34.72
N ASN U 34 -43.02 15.75 -35.94
CA ASN U 34 -43.90 14.66 -36.34
C ASN U 34 -43.24 13.91 -37.48
N PRO U 35 -42.39 12.94 -37.20
CA PRO U 35 -41.78 12.15 -38.29
C PRO U 35 -42.77 11.22 -39.00
N PRO U 36 -43.87 10.76 -38.36
CA PRO U 36 -44.97 10.23 -39.19
C PRO U 36 -45.55 11.22 -40.20
N LEU U 37 -45.43 12.52 -39.95
CA LEU U 37 -45.84 13.55 -40.91
C LEU U 37 -44.61 14.18 -41.59
N ALA U 38 -43.64 13.36 -41.98
CA ALA U 38 -42.46 13.85 -42.68
C ALA U 38 -42.11 13.04 -43.91
N LEU U 39 -42.52 11.77 -43.98
CA LEU U 39 -42.26 10.91 -45.13
C LEU U 39 -43.49 10.71 -45.98
N TRP U 40 -44.59 11.37 -45.62
CA TRP U 40 -45.84 11.33 -46.35
C TRP U 40 -46.14 12.65 -47.03
N LEU U 41 -45.37 13.69 -46.70
CA LEU U 41 -45.43 14.94 -47.46
C LEU U 41 -44.76 14.81 -48.81
N HIS U 42 -43.99 13.76 -49.03
CA HIS U 42 -43.41 13.42 -50.32
C HIS U 42 -44.33 12.53 -51.15
N THR U 43 -45.53 12.25 -50.67
CA THR U 43 -46.54 11.62 -51.51
C THR U 43 -47.24 12.66 -52.38
N PHE U 44 -47.26 13.92 -51.94
CA PHE U 44 -47.99 14.97 -52.62
C PHE U 44 -47.12 16.00 -53.34
N SER U 45 -45.80 15.92 -53.19
CA SER U 45 -44.92 16.92 -53.76
C SER U 45 -43.96 16.33 -54.80
N VAL U 46 -44.45 15.45 -55.66
CA VAL U 46 -43.62 14.80 -56.67
C VAL U 46 -43.80 15.54 -57.99
N GLY U 47 -42.68 16.01 -58.57
CA GLY U 47 -42.68 16.79 -59.77
C GLY U 47 -42.95 18.27 -59.55
N LYS U 48 -44.09 18.61 -58.94
CA LYS U 48 -44.38 19.98 -58.57
C LYS U 48 -44.72 20.03 -57.09
N VAL U 49 -43.87 20.73 -56.33
CA VAL U 49 -44.04 20.90 -54.90
C VAL U 49 -44.98 22.06 -54.56
N GLN U 50 -44.98 23.12 -55.38
CA GLN U 50 -45.49 24.44 -55.00
C GLN U 50 -46.98 24.62 -55.23
N ASP U 51 -47.77 23.54 -55.23
CA ASP U 51 -49.20 23.68 -55.42
C ASP U 51 -49.86 24.27 -54.17
N GLY U 52 -51.04 24.83 -54.35
CA GLY U 52 -51.69 25.58 -53.31
C GLY U 52 -52.94 24.93 -52.75
N GLU U 53 -53.75 24.33 -53.61
CA GLU U 53 -55.00 23.75 -53.14
C GLU U 53 -55.32 22.38 -53.76
N ALA U 54 -54.62 22.00 -54.83
CA ALA U 54 -54.83 20.70 -55.47
C ALA U 54 -54.50 19.54 -54.53
N TYR U 55 -53.43 19.67 -53.75
CA TYR U 55 -53.13 18.67 -52.73
C TYR U 55 -54.17 18.70 -51.62
N VAL U 56 -54.72 19.90 -51.34
CA VAL U 56 -55.69 20.04 -50.25
C VAL U 56 -57.03 19.41 -50.62
N LYS U 57 -57.38 19.48 -51.92
CA LYS U 57 -58.58 18.79 -52.39
C LYS U 57 -58.45 17.29 -52.22
N GLU U 58 -57.22 16.78 -52.34
CA GLU U 58 -56.92 15.41 -51.98
C GLU U 58 -56.72 15.25 -50.47
N LEU U 59 -56.33 16.31 -49.77
CA LEU U 59 -56.20 16.24 -48.32
C LEU U 59 -57.50 16.49 -47.57
N PHE U 60 -58.60 16.85 -48.25
CA PHE U 60 -59.86 16.96 -47.53
C PHE U 60 -60.36 15.60 -47.08
N ARG U 61 -60.22 14.58 -47.91
CA ARG U 61 -60.64 13.23 -47.60
C ARG U 61 -59.76 12.55 -46.55
N GLU U 62 -58.75 13.26 -46.05
CA GLU U 62 -57.91 12.93 -44.91
C GLU U 62 -57.79 14.23 -44.12
N GLN U 63 -56.72 14.41 -43.37
CA GLN U 63 -56.66 15.67 -42.59
C GLN U 63 -56.03 16.82 -43.37
N PRO U 64 -56.77 17.91 -43.68
CA PRO U 64 -56.23 18.97 -44.57
C PRO U 64 -55.54 20.13 -43.88
N ASP U 65 -55.16 20.01 -42.60
CA ASP U 65 -54.84 21.19 -41.79
C ASP U 65 -53.50 21.84 -42.15
N LEU U 66 -52.62 21.14 -42.88
CA LEU U 66 -51.29 21.69 -43.15
C LEU U 66 -51.36 22.87 -44.08
N ALA U 67 -52.40 22.91 -44.93
CA ALA U 67 -52.57 23.94 -45.94
C ALA U 67 -52.69 25.33 -45.34
N LEU U 68 -53.51 25.45 -44.30
CA LEU U 68 -53.69 26.74 -43.63
C LEU U 68 -52.44 27.18 -42.88
N ARG U 69 -51.50 26.26 -42.65
CA ARG U 69 -50.17 26.63 -42.20
C ARG U 69 -49.24 26.93 -43.37
N ILE U 70 -49.42 26.30 -44.53
CA ILE U 70 -48.64 26.66 -45.70
C ILE U 70 -49.00 28.06 -46.18
N MET U 71 -50.24 28.48 -45.95
CA MET U 71 -50.61 29.82 -46.34
C MET U 71 -50.37 30.85 -45.23
N THR U 72 -49.93 30.41 -44.05
CA THR U 72 -49.50 31.40 -43.05
C THR U 72 -47.98 31.46 -42.92
N VAL U 73 -47.25 30.57 -43.59
CA VAL U 73 -45.81 30.79 -43.73
C VAL U 73 -45.55 31.88 -44.77
N ARG U 74 -46.33 31.89 -45.85
CA ARG U 74 -46.12 32.82 -46.95
C ARG U 74 -46.41 34.27 -46.56
N GLU U 75 -47.06 34.47 -45.42
CA GLU U 75 -47.38 35.82 -44.99
C GLU U 75 -46.15 36.58 -44.54
N HIS U 76 -45.32 35.99 -43.68
CA HIS U 76 -44.21 36.72 -43.09
C HIS U 76 -43.06 36.94 -44.07
N ILE U 77 -43.02 36.20 -45.18
CA ILE U 77 -41.98 36.41 -46.17
C ILE U 77 -42.44 37.35 -47.27
N ALA U 78 -43.69 37.24 -47.72
CA ALA U 78 -44.14 38.15 -48.75
C ALA U 78 -44.47 39.54 -48.20
N GLU U 79 -44.53 39.72 -46.89
CA GLU U 79 -44.63 41.06 -46.33
C GLU U 79 -43.26 41.66 -46.02
N GLU U 80 -42.20 40.88 -46.09
CA GLU U 80 -40.86 41.34 -45.74
C GLU U 80 -39.85 41.19 -46.85
N VAL U 81 -40.25 40.62 -47.99
CA VAL U 81 -39.39 40.63 -49.17
C VAL U 81 -39.98 41.50 -50.27
N ALA U 82 -41.30 41.51 -50.43
CA ALA U 82 -41.91 42.24 -51.54
C ALA U 82 -41.80 43.75 -51.36
N GLU U 83 -41.70 44.24 -50.13
CA GLU U 83 -41.42 45.66 -49.95
C GLU U 83 -39.94 45.97 -50.14
N PHE U 84 -39.05 45.05 -49.77
CA PHE U 84 -37.61 45.29 -49.87
C PHE U 84 -37.04 44.83 -51.20
N LEU U 85 -37.82 44.11 -52.01
CA LEU U 85 -37.57 43.68 -53.39
C LEU U 85 -36.93 44.70 -54.35
N PRO U 86 -37.31 46.01 -54.37
CA PRO U 86 -36.71 46.90 -55.39
C PRO U 86 -35.20 47.06 -55.35
N GLU U 87 -34.57 47.05 -54.18
CA GLU U 87 -33.11 47.06 -54.17
C GLU U 87 -32.51 45.65 -54.25
N MET U 88 -33.22 44.63 -53.75
CA MET U 88 -32.66 43.29 -53.62
C MET U 88 -32.41 42.62 -54.98
N VAL U 89 -33.26 42.90 -55.97
CA VAL U 89 -33.04 42.42 -57.33
C VAL U 89 -32.13 43.34 -58.13
N ARG U 90 -32.24 44.66 -57.97
CA ARG U 90 -31.34 45.61 -58.62
C ARG U 90 -29.88 45.47 -58.17
N SER U 91 -29.64 45.03 -56.94
CA SER U 91 -28.26 44.93 -56.45
C SER U 91 -27.53 43.79 -57.14
N GLY U 92 -28.24 42.70 -57.42
CA GLY U 92 -27.64 41.61 -58.16
C GLY U 92 -27.49 41.89 -59.64
N ILE U 93 -28.16 42.94 -60.14
CA ILE U 93 -27.95 43.34 -61.53
C ILE U 93 -26.56 43.94 -61.70
N GLN U 94 -26.09 44.67 -60.67
CA GLN U 94 -24.77 45.31 -60.72
C GLN U 94 -23.65 44.30 -60.79
N GLN U 95 -23.75 43.21 -60.01
CA GLN U 95 -22.83 42.09 -60.12
C GLN U 95 -22.84 41.48 -61.52
N ALA U 96 -24.02 41.15 -62.03
CA ALA U 96 -24.14 40.55 -63.36
C ALA U 96 -24.07 41.59 -64.48
N ASN U 97 -23.89 42.87 -64.17
CA ASN U 97 -23.40 43.80 -65.18
C ASN U 97 -21.89 43.74 -65.28
N MET U 98 -21.20 43.61 -64.16
CA MET U 98 -19.75 43.71 -64.10
C MET U 98 -19.04 42.42 -64.49
N GLU U 99 -19.59 41.26 -64.10
CA GLU U 99 -18.98 39.97 -64.41
C GLU U 99 -18.99 39.69 -65.91
N GLN U 100 -19.97 40.26 -66.62
CA GLN U 100 -20.09 39.99 -68.04
C GLN U 100 -19.32 41.03 -68.86
N ARG U 101 -19.10 42.21 -68.30
CA ARG U 101 -18.29 43.21 -68.99
C ARG U 101 -16.81 42.87 -68.91
N ARG U 102 -16.40 42.15 -67.88
CA ARG U 102 -15.01 41.78 -67.73
C ARG U 102 -14.68 40.46 -68.42
N ASN V 2 -33.12 30.97 -41.69
CA ASN V 2 -33.78 32.21 -41.30
C ASN V 2 -34.49 32.85 -42.50
N LEU V 3 -34.51 34.19 -42.51
CA LEU V 3 -35.11 34.94 -43.60
C LEU V 3 -34.08 35.51 -44.58
N LYS V 4 -32.93 35.95 -44.10
CA LYS V 4 -31.85 36.37 -44.97
C LYS V 4 -31.27 35.21 -45.77
N GLN V 5 -31.34 33.99 -45.23
CA GLN V 5 -31.08 32.81 -46.03
C GLN V 5 -32.11 32.62 -47.12
N ILE V 6 -33.38 32.90 -46.83
CA ILE V 6 -34.44 32.85 -47.82
C ILE V 6 -34.31 33.98 -48.83
N ALA V 7 -34.19 35.23 -48.35
CA ALA V 7 -34.33 36.41 -49.20
C ALA V 7 -33.20 36.53 -50.21
N LYS V 8 -32.01 36.06 -49.83
CA LYS V 8 -30.90 36.02 -50.77
C LYS V 8 -31.04 34.89 -51.77
N ASP V 9 -31.73 33.81 -51.38
CA ASP V 9 -32.04 32.75 -52.35
C ASP V 9 -33.12 33.19 -53.32
N THR V 10 -34.10 33.96 -52.84
CA THR V 10 -35.13 34.50 -53.72
C THR V 10 -34.58 35.55 -54.67
N ALA V 11 -33.48 36.21 -54.30
CA ALA V 11 -32.93 37.30 -55.09
C ALA V 11 -32.34 36.79 -56.40
N LYS V 12 -31.82 35.57 -56.41
CA LYS V 12 -31.23 34.99 -57.61
C LYS V 12 -32.24 34.21 -58.45
N THR V 13 -33.30 33.71 -57.83
CA THR V 13 -34.26 32.86 -58.55
C THR V 13 -35.08 33.68 -59.54
N LEU V 14 -35.70 34.74 -59.05
CA LEU V 14 -36.53 35.58 -59.89
C LEU V 14 -35.69 36.40 -60.84
N GLN V 15 -34.45 36.72 -60.47
CA GLN V 15 -33.48 37.31 -61.37
C GLN V 15 -33.28 36.46 -62.61
N SER V 16 -33.04 35.15 -62.40
CA SER V 16 -32.93 34.21 -63.50
C SER V 16 -34.24 34.09 -64.27
N TYR V 17 -35.37 34.32 -63.60
CA TYR V 17 -36.63 34.39 -64.32
C TYR V 17 -36.75 35.70 -65.10
N LEU V 18 -36.21 36.80 -64.55
CA LEU V 18 -36.28 38.08 -65.26
C LEU V 18 -35.29 38.13 -66.42
N THR V 19 -34.24 37.29 -66.39
CA THR V 19 -33.35 37.20 -67.53
C THR V 19 -33.88 36.24 -68.58
N TYR V 20 -35.02 35.61 -68.31
CA TYR V 20 -35.68 34.79 -69.32
C TYR V 20 -36.63 35.64 -70.15
N GLN V 21 -37.41 36.50 -69.48
CA GLN V 21 -38.26 37.45 -70.20
C GLN V 21 -37.42 38.46 -70.97
N ALA V 22 -36.18 38.68 -70.50
CA ALA V 22 -35.14 39.26 -71.35
C ALA V 22 -34.97 38.49 -72.64
N LEU V 23 -34.72 37.18 -72.54
CA LEU V 23 -34.41 36.37 -73.71
C LEU V 23 -35.64 36.15 -74.58
N MET V 24 -36.84 36.20 -73.98
CA MET V 24 -38.06 36.02 -74.74
C MET V 24 -38.45 37.30 -75.49
N THR V 25 -38.04 38.46 -74.96
CA THR V 25 -38.32 39.73 -75.63
C THR V 25 -37.42 39.83 -76.85
N VAL V 26 -36.21 39.30 -76.73
CA VAL V 26 -35.26 39.22 -77.84
C VAL V 26 -35.77 38.18 -78.84
N LEU V 27 -36.45 37.14 -78.33
CA LEU V 27 -36.91 36.06 -79.20
C LEU V 27 -38.03 36.52 -80.13
N ALA V 28 -39.00 37.27 -79.62
CA ALA V 28 -40.04 37.81 -80.49
C ALA V 28 -39.52 38.96 -81.33
N GLN V 29 -38.46 39.62 -80.88
CA GLN V 29 -37.88 40.75 -81.64
C GLN V 29 -37.19 40.24 -82.90
N LEU V 30 -36.45 39.15 -82.78
CA LEU V 30 -35.67 38.63 -83.90
C LEU V 30 -36.48 37.74 -84.83
N GLY V 31 -37.70 37.38 -84.45
CA GLY V 31 -38.60 36.76 -85.41
C GLY V 31 -39.17 37.72 -86.44
N GLU V 32 -38.91 39.02 -86.30
CA GLU V 32 -39.39 40.05 -87.21
C GLU V 32 -38.26 40.76 -87.95
N THR V 33 -37.07 40.89 -87.34
CA THR V 33 -35.95 41.60 -87.96
C THR V 33 -35.03 40.66 -88.72
N ASN V 34 -34.52 39.62 -88.04
CA ASN V 34 -33.54 38.71 -88.61
C ASN V 34 -34.01 37.28 -88.36
N PRO V 35 -34.86 36.73 -89.23
CA PRO V 35 -35.36 35.35 -89.05
C PRO V 35 -34.29 34.27 -89.11
N PRO V 36 -33.16 34.44 -89.82
CA PRO V 36 -32.03 33.53 -89.53
C PRO V 36 -31.48 33.63 -88.11
N LEU V 37 -31.46 34.81 -87.50
CA LEU V 37 -30.94 34.93 -86.15
C LEU V 37 -31.91 34.41 -85.10
N ALA V 38 -33.20 34.35 -85.41
CA ALA V 38 -34.18 33.76 -84.50
C ALA V 38 -34.17 32.24 -84.58
N LEU V 39 -33.92 31.68 -85.78
CA LEU V 39 -33.88 30.23 -85.93
C LEU V 39 -32.61 29.63 -85.34
N TRP V 40 -31.55 30.45 -85.20
CA TRP V 40 -30.35 29.96 -84.55
C TRP V 40 -30.40 30.20 -83.04
N LEU V 41 -31.06 31.28 -82.62
CA LEU V 41 -31.28 31.50 -81.20
C LEU V 41 -32.24 30.46 -80.62
N HIS V 42 -33.20 30.01 -81.42
CA HIS V 42 -34.09 28.92 -81.00
C HIS V 42 -33.35 27.60 -80.90
N THR V 43 -32.28 27.41 -81.67
CA THR V 43 -31.49 26.20 -81.58
C THR V 43 -30.74 26.12 -80.25
N PHE V 44 -30.09 27.21 -79.84
CA PHE V 44 -29.40 27.24 -78.56
C PHE V 44 -30.34 27.26 -77.38
N SER V 45 -31.59 27.69 -77.57
CA SER V 45 -32.51 27.87 -76.45
C SER V 45 -32.97 26.53 -75.86
N VAL V 46 -32.89 25.44 -76.62
CA VAL V 46 -33.48 24.16 -76.25
C VAL V 46 -32.53 23.40 -75.32
N GLY V 47 -31.28 23.84 -75.25
CA GLY V 47 -30.24 23.11 -74.54
C GLY V 47 -30.35 22.91 -73.03
N LYS V 48 -31.47 23.33 -72.43
CA LYS V 48 -31.87 23.01 -71.05
C LYS V 48 -30.91 23.59 -70.01
N VAL V 49 -30.39 24.78 -70.27
CA VAL V 49 -29.40 25.37 -69.39
C VAL V 49 -30.08 26.42 -68.52
N GLN V 50 -30.05 26.19 -67.20
CA GLN V 50 -30.63 27.05 -66.19
C GLN V 50 -29.67 28.19 -65.86
N ASP V 51 -29.98 28.93 -64.79
CA ASP V 51 -29.13 29.99 -64.23
C ASP V 51 -28.85 31.09 -65.25
N GLY V 52 -29.92 31.84 -65.58
CA GLY V 52 -29.91 32.93 -66.54
C GLY V 52 -28.76 33.93 -66.48
N GLU V 53 -28.27 34.23 -65.28
CA GLU V 53 -27.05 35.03 -65.16
C GLU V 53 -25.84 34.29 -65.72
N ALA V 54 -25.69 33.01 -65.36
CA ALA V 54 -24.59 32.16 -65.84
C ALA V 54 -24.92 31.49 -67.16
N TYR V 55 -26.10 31.78 -67.72
CA TYR V 55 -26.49 31.38 -69.07
C TYR V 55 -26.04 32.39 -70.12
N VAL V 56 -26.09 33.69 -69.78
CA VAL V 56 -25.66 34.74 -70.70
C VAL V 56 -24.14 34.72 -70.85
N LYS V 57 -23.41 34.22 -69.83
CA LYS V 57 -21.95 34.13 -69.94
C LYS V 57 -21.53 33.12 -70.98
N GLU V 58 -22.27 32.02 -71.12
CA GLU V 58 -22.01 31.08 -72.20
C GLU V 58 -22.35 31.66 -73.56
N LEU V 59 -23.25 32.65 -73.60
CA LEU V 59 -23.53 33.32 -74.86
C LEU V 59 -22.35 34.18 -75.32
N PHE V 60 -21.68 34.89 -74.39
CA PHE V 60 -20.48 35.66 -74.72
C PHE V 60 -19.33 34.81 -75.24
N ARG V 61 -19.35 33.50 -74.94
CA ARG V 61 -18.30 32.60 -75.41
C ARG V 61 -18.33 32.45 -76.93
N GLU V 62 -19.52 32.29 -77.50
CA GLU V 62 -19.67 32.10 -78.94
C GLU V 62 -20.20 33.34 -79.63
N GLN V 63 -20.96 34.19 -78.93
CA GLN V 63 -21.61 35.36 -79.52
C GLN V 63 -21.58 36.48 -78.49
N PRO V 64 -20.52 37.30 -78.47
CA PRO V 64 -20.43 38.33 -77.43
C PRO V 64 -21.33 39.55 -77.63
N ASP V 65 -22.22 39.56 -78.64
CA ASP V 65 -22.95 40.76 -79.00
C ASP V 65 -24.43 40.73 -78.63
N LEU V 66 -25.15 39.65 -78.96
CA LEU V 66 -26.55 39.52 -78.59
C LEU V 66 -26.76 39.37 -77.09
N ALA V 67 -25.71 38.93 -76.37
CA ALA V 67 -25.74 38.83 -74.91
C ALA V 67 -25.70 40.19 -74.23
N LEU V 68 -25.42 41.26 -74.97
CA LEU V 68 -25.58 42.62 -74.46
C LEU V 68 -27.03 43.09 -74.57
N ARG V 69 -27.72 42.68 -75.64
CA ARG V 69 -29.12 43.06 -75.80
C ARG V 69 -30.02 42.31 -74.83
N ILE V 70 -29.62 41.10 -74.41
CA ILE V 70 -30.30 40.42 -73.32
C ILE V 70 -30.07 41.15 -72.01
N MET V 71 -28.85 41.63 -71.79
CA MET V 71 -28.49 42.39 -70.61
C MET V 71 -29.12 43.78 -70.60
N THR V 72 -29.32 44.39 -71.79
CA THR V 72 -29.85 45.74 -71.97
C THR V 72 -31.17 45.98 -71.26
N VAL V 73 -32.05 44.99 -71.24
CA VAL V 73 -33.38 45.15 -70.68
C VAL V 73 -33.42 44.89 -69.18
N ARG V 74 -32.28 44.55 -68.56
CA ARG V 74 -32.19 44.51 -67.10
C ARG V 74 -32.21 45.90 -66.51
N GLU V 75 -31.91 46.92 -67.30
CA GLU V 75 -32.15 48.31 -66.96
C GLU V 75 -33.47 48.83 -67.50
N HIS V 76 -34.02 48.17 -68.52
CA HIS V 76 -35.14 48.73 -69.28
C HIS V 76 -36.45 47.97 -69.11
N ILE V 77 -36.44 46.65 -69.07
CA ILE V 77 -37.71 45.93 -68.90
C ILE V 77 -37.80 45.38 -67.47
N ALA V 78 -36.69 45.38 -66.73
CA ALA V 78 -36.76 45.05 -65.30
C ALA V 78 -37.26 46.21 -64.45
N GLU V 79 -37.65 47.33 -65.05
CA GLU V 79 -38.29 48.42 -64.34
C GLU V 79 -39.80 48.48 -64.54
N GLU V 80 -40.33 47.85 -65.59
CA GLU V 80 -41.75 47.78 -65.85
C GLU V 80 -42.35 46.41 -65.55
N VAL V 81 -41.53 45.48 -65.08
CA VAL V 81 -41.97 44.18 -64.64
C VAL V 81 -41.71 43.94 -63.16
N ALA V 82 -40.60 44.48 -62.62
CA ALA V 82 -40.12 44.06 -61.31
C ALA V 82 -40.40 45.04 -60.18
N GLU V 83 -40.52 46.34 -60.45
CA GLU V 83 -40.97 47.25 -59.41
C GLU V 83 -42.46 47.21 -59.18
N PHE V 84 -43.20 46.46 -59.99
CA PHE V 84 -44.63 46.30 -59.83
C PHE V 84 -44.97 45.05 -59.02
N LEU V 85 -43.97 44.26 -58.70
CA LEU V 85 -44.16 43.10 -57.82
C LEU V 85 -44.69 43.39 -56.42
N PRO V 86 -44.37 44.52 -55.73
CA PRO V 86 -44.98 44.76 -54.40
C PRO V 86 -46.51 44.78 -54.33
N GLU V 87 -47.18 45.50 -55.22
CA GLU V 87 -48.63 45.61 -55.17
C GLU V 87 -49.33 44.45 -55.86
N MET V 88 -48.60 43.43 -56.27
CA MET V 88 -49.11 42.39 -57.15
C MET V 88 -48.79 40.99 -56.62
N VAL V 89 -48.03 40.90 -55.54
CA VAL V 89 -47.95 39.66 -54.76
C VAL V 89 -49.10 39.59 -53.76
N ARG V 90 -49.18 40.59 -52.90
CA ARG V 90 -50.06 40.57 -51.73
C ARG V 90 -51.52 40.55 -52.11
N SER V 91 -51.86 41.11 -53.27
CA SER V 91 -53.23 41.05 -53.76
C SER V 91 -53.63 39.63 -54.13
N GLY V 92 -52.70 38.87 -54.73
CA GLY V 92 -53.00 37.48 -55.05
C GLY V 92 -53.02 36.58 -53.83
N ILE V 93 -52.33 36.96 -52.75
CA ILE V 93 -52.37 36.21 -51.52
C ILE V 93 -53.74 36.34 -50.86
N GLN V 94 -54.31 37.54 -50.90
CA GLN V 94 -55.68 37.74 -50.43
C GLN V 94 -56.67 36.98 -51.29
N GLN V 95 -56.39 36.83 -52.57
CA GLN V 95 -57.27 36.04 -53.43
C GLN V 95 -57.21 34.57 -53.06
N ALA V 96 -56.00 34.04 -52.81
CA ALA V 96 -55.88 32.66 -52.38
C ALA V 96 -56.37 32.45 -50.95
N ASN V 97 -56.46 33.53 -50.16
CA ASN V 97 -57.20 33.50 -48.91
C ASN V 97 -58.70 33.47 -49.11
N MET V 98 -59.17 33.76 -50.34
CA MET V 98 -60.57 33.65 -50.70
C MET V 98 -60.86 32.51 -51.67
N GLU V 99 -59.84 31.94 -52.32
CA GLU V 99 -60.08 30.80 -53.20
C GLU V 99 -60.12 29.50 -52.42
N GLN V 100 -59.26 29.38 -51.40
CA GLN V 100 -59.05 28.10 -50.75
C GLN V 100 -59.80 27.99 -49.44
N ARG V 101 -60.17 29.12 -48.83
CA ARG V 101 -61.07 29.10 -47.68
C ARG V 101 -62.47 28.64 -48.07
N ARG V 102 -62.85 28.81 -49.34
CA ARG V 102 -64.15 28.35 -49.83
C ARG V 102 -64.27 26.83 -49.78
N GLN V 103 -63.16 26.11 -49.91
CA GLN V 103 -63.27 24.65 -49.97
C GLN V 103 -63.21 24.01 -48.60
N HIS V 104 -62.91 24.78 -47.55
CA HIS V 104 -63.25 24.34 -46.19
C HIS V 104 -64.76 24.30 -46.00
N LEU V 105 -65.48 25.12 -46.76
CA LEU V 105 -66.94 25.11 -46.75
C LEU V 105 -67.51 24.05 -47.69
N GLU V 106 -66.76 23.68 -48.73
CA GLU V 106 -67.24 22.66 -49.67
C GLU V 106 -67.28 21.29 -49.01
N ARG V 107 -66.27 20.99 -48.18
CA ARG V 107 -66.32 19.78 -47.39
C ARG V 107 -67.36 19.89 -46.27
N MET V 108 -67.52 21.08 -45.70
CA MET V 108 -68.47 21.27 -44.61
C MET V 108 -69.90 21.10 -45.08
N THR V 109 -70.20 21.59 -46.29
CA THR V 109 -71.51 21.34 -46.89
C THR V 109 -71.68 19.88 -47.27
N HIS V 110 -70.58 19.22 -47.65
CA HIS V 110 -70.61 17.76 -47.80
C HIS V 110 -70.78 17.07 -46.46
N LEU V 111 -70.28 17.66 -45.37
CA LEU V 111 -70.58 17.16 -44.04
C LEU V 111 -71.94 17.62 -43.53
N SER V 112 -72.56 18.59 -44.21
CA SER V 112 -73.90 19.02 -43.84
C SER V 112 -74.95 18.11 -44.45
N LEU W 23 -48.93 10.43 -31.10
CA LEU W 23 -49.94 11.27 -30.46
C LEU W 23 -50.42 10.56 -29.19
N THR W 24 -49.76 9.48 -28.86
CA THR W 24 -49.90 8.94 -27.50
C THR W 24 -48.95 9.60 -26.51
N TYR W 25 -48.34 10.71 -26.92
CA TYR W 25 -47.52 11.55 -26.06
C TYR W 25 -48.27 12.77 -25.57
N TYR W 26 -49.58 12.82 -25.73
CA TYR W 26 -50.42 13.92 -25.26
C TYR W 26 -51.74 13.31 -24.79
N THR W 27 -51.83 12.96 -23.52
CA THR W 27 -53.05 12.40 -22.94
C THR W 27 -53.52 13.31 -21.82
N PRO W 28 -54.30 14.35 -22.11
CA PRO W 28 -54.79 15.23 -21.05
C PRO W 28 -55.85 14.63 -20.15
N ASP W 29 -56.21 13.36 -20.35
CA ASP W 29 -57.18 12.65 -19.54
C ASP W 29 -56.54 11.93 -18.37
N TYR W 30 -55.42 12.45 -17.88
CA TYR W 30 -54.52 11.71 -17.01
C TYR W 30 -54.04 12.62 -15.88
N THR W 31 -54.06 12.08 -14.67
CA THR W 31 -53.52 12.78 -13.51
C THR W 31 -52.10 12.28 -13.25
N PRO W 32 -51.11 13.17 -13.17
CA PRO W 32 -49.76 12.72 -12.84
C PRO W 32 -49.69 12.21 -11.40
N LYS W 33 -49.02 11.07 -11.24
CA LYS W 33 -49.08 10.29 -10.01
C LYS W 33 -48.38 11.00 -8.84
N ASP W 34 -48.39 10.33 -7.69
CA ASP W 34 -47.65 10.83 -6.53
C ASP W 34 -46.15 10.70 -6.70
N THR W 35 -45.68 9.86 -7.62
CA THR W 35 -44.29 9.50 -7.71
C THR W 35 -43.69 9.88 -9.05
N ASP W 36 -44.43 10.56 -9.91
CA ASP W 36 -43.92 10.92 -11.22
C ASP W 36 -42.94 12.08 -11.11
N ILE W 37 -42.06 12.17 -12.10
CA ILE W 37 -41.16 13.29 -12.31
C ILE W 37 -41.87 14.17 -13.33
N LEU W 38 -41.74 15.47 -13.17
CA LEU W 38 -42.80 16.34 -13.63
C LEU W 38 -42.22 17.69 -13.99
N ALA W 39 -42.27 18.05 -15.28
CA ALA W 39 -41.53 19.18 -15.78
C ALA W 39 -42.48 20.22 -16.36
N ALA W 40 -41.97 21.44 -16.53
CA ALA W 40 -42.70 22.48 -17.23
C ALA W 40 -41.83 23.06 -18.33
N PHE W 41 -42.44 23.81 -19.23
CA PHE W 41 -41.74 24.38 -20.38
C PHE W 41 -42.51 25.59 -20.87
N ARG W 42 -41.85 26.75 -20.96
CA ARG W 42 -42.49 27.94 -21.49
C ARG W 42 -42.15 28.03 -22.97
N VAL W 43 -43.04 27.47 -23.82
CA VAL W 43 -42.80 27.13 -25.22
C VAL W 43 -43.24 28.28 -26.11
N THR W 44 -42.55 28.47 -27.24
CA THR W 44 -42.98 29.46 -28.23
C THR W 44 -42.76 28.92 -29.64
N PRO W 45 -43.82 28.59 -30.37
CA PRO W 45 -43.66 27.92 -31.67
C PRO W 45 -43.56 28.87 -32.86
N GLN W 46 -43.20 28.29 -34.00
CA GLN W 46 -43.19 29.00 -35.28
C GLN W 46 -44.62 29.34 -35.72
N PRO W 47 -44.77 30.27 -36.68
CA PRO W 47 -46.11 30.58 -37.22
C PRO W 47 -46.85 29.38 -37.78
N GLY W 48 -48.11 29.26 -37.38
CA GLY W 48 -48.97 28.20 -37.81
C GLY W 48 -48.79 26.90 -37.08
N VAL W 49 -47.73 26.74 -36.31
CA VAL W 49 -47.51 25.52 -35.56
C VAL W 49 -48.51 25.47 -34.40
N PRO W 50 -49.29 24.42 -34.27
CA PRO W 50 -50.30 24.37 -33.21
C PRO W 50 -49.66 24.23 -31.84
N PHE W 51 -50.45 24.54 -30.82
CA PHE W 51 -49.96 24.41 -29.46
C PHE W 51 -49.98 22.97 -28.98
N GLU W 52 -50.66 22.07 -29.69
CA GLU W 52 -50.80 20.69 -29.22
C GLU W 52 -49.82 19.74 -29.86
N GLU W 53 -49.12 20.16 -30.90
CA GLU W 53 -48.14 19.30 -31.53
C GLU W 53 -46.71 19.71 -31.21
N ALA W 54 -46.52 20.96 -30.79
CA ALA W 54 -45.22 21.36 -30.27
C ALA W 54 -44.96 20.74 -28.90
N ALA W 55 -46.02 20.51 -28.12
CA ALA W 55 -45.85 19.88 -26.83
C ALA W 55 -45.67 18.38 -26.95
N ALA W 56 -46.18 17.77 -28.01
CA ALA W 56 -45.81 16.38 -28.29
C ALA W 56 -44.46 16.30 -29.01
N ALA W 57 -43.97 17.42 -29.52
CA ALA W 57 -42.61 17.52 -30.00
C ALA W 57 -41.60 17.71 -28.89
N VAL W 58 -42.05 17.83 -27.64
CA VAL W 58 -41.14 17.96 -26.52
C VAL W 58 -41.11 16.69 -25.70
N ALA W 59 -42.28 16.18 -25.30
CA ALA W 59 -42.33 15.04 -24.39
C ALA W 59 -41.88 13.74 -25.04
N ALA W 60 -41.84 13.68 -26.36
CA ALA W 60 -41.47 12.46 -27.04
C ALA W 60 -40.00 12.46 -27.39
N GLU W 61 -39.48 13.59 -27.86
CA GLU W 61 -38.08 13.64 -28.23
C GLU W 61 -37.16 13.84 -27.03
N SER W 62 -37.70 14.02 -25.83
CA SER W 62 -36.85 13.92 -24.64
C SER W 62 -36.45 12.48 -24.40
N SER W 63 -37.43 11.63 -24.10
CA SER W 63 -37.14 10.27 -23.64
C SER W 63 -36.68 9.39 -24.79
N THR W 64 -37.54 9.18 -25.78
CA THR W 64 -37.22 8.35 -26.93
C THR W 64 -38.09 8.70 -28.12
N ARG W 80 -45.23 2.10 -21.53
CA ARG W 80 -45.33 2.76 -20.24
C ARG W 80 -44.09 3.59 -19.94
N TYR W 81 -43.16 3.64 -20.87
CA TYR W 81 -41.87 4.29 -20.65
C TYR W 81 -41.74 5.62 -21.35
N LYS W 82 -42.80 6.42 -21.39
CA LYS W 82 -42.79 7.63 -22.17
C LYS W 82 -43.43 8.76 -21.38
N GLY W 83 -42.86 9.95 -21.53
CA GLY W 83 -43.48 11.10 -20.94
C GLY W 83 -44.73 11.49 -21.68
N ARG W 84 -45.64 12.17 -20.98
CA ARG W 84 -46.90 12.56 -21.60
C ARG W 84 -47.26 13.95 -21.15
N CYS W 85 -47.34 14.88 -22.11
CA CYS W 85 -47.81 16.23 -21.83
C CYS W 85 -49.29 16.20 -21.44
N TYR W 86 -49.58 16.41 -20.15
CA TYR W 86 -50.94 16.27 -19.66
C TYR W 86 -51.71 17.59 -19.59
N ASP W 87 -51.08 18.73 -19.81
CA ASP W 87 -51.80 19.99 -19.66
C ASP W 87 -51.20 21.00 -20.63
N ILE W 88 -51.98 22.01 -21.00
CA ILE W 88 -51.54 22.83 -22.13
C ILE W 88 -51.75 24.34 -21.90
N GLU W 89 -51.78 24.75 -20.62
CA GLU W 89 -52.25 26.06 -20.16
C GLU W 89 -51.55 27.21 -20.89
N PRO W 90 -52.28 28.28 -21.23
CA PRO W 90 -51.66 29.42 -21.91
C PRO W 90 -51.15 30.49 -20.94
N VAL W 91 -50.51 31.49 -21.51
CA VAL W 91 -49.91 32.59 -20.77
C VAL W 91 -50.60 33.88 -21.19
N PRO W 92 -51.14 34.66 -20.26
CA PRO W 92 -51.90 35.85 -20.66
C PRO W 92 -51.02 37.08 -20.88
N GLY W 93 -51.28 37.77 -21.99
CA GLY W 93 -50.62 39.03 -22.28
C GLY W 93 -49.12 38.95 -22.55
N GLU W 94 -48.69 37.92 -23.28
CA GLU W 94 -47.28 37.73 -23.59
C GLU W 94 -47.23 36.98 -24.92
N ASP W 95 -46.03 36.92 -25.52
CA ASP W 95 -45.88 36.52 -26.93
C ASP W 95 -46.10 35.02 -27.11
N ASN W 96 -47.38 34.64 -27.04
CA ASN W 96 -47.91 33.42 -27.65
C ASN W 96 -47.39 32.15 -26.96
N GLN W 97 -46.95 32.30 -25.72
CA GLN W 97 -46.43 31.18 -24.95
C GLN W 97 -47.56 30.30 -24.48
N PHE W 98 -47.21 29.08 -24.10
CA PHE W 98 -48.11 28.19 -23.40
C PHE W 98 -47.26 27.30 -22.51
N ILE W 99 -47.86 26.86 -21.41
CA ILE W 99 -47.14 26.12 -20.39
C ILE W 99 -47.44 24.65 -20.60
N ALA W 100 -46.41 23.86 -20.89
CA ALA W 100 -46.53 22.45 -21.19
C ALA W 100 -46.11 21.64 -19.97
N TYR W 101 -47.00 20.79 -19.47
CA TYR W 101 -46.75 20.01 -18.26
C TYR W 101 -46.47 18.58 -18.67
N ILE W 102 -45.22 18.17 -18.59
CA ILE W 102 -44.78 16.87 -19.08
C ILE W 102 -44.48 15.98 -17.88
N ALA W 103 -44.93 14.73 -17.92
CA ALA W 103 -44.81 13.82 -16.78
C ALA W 103 -44.11 12.53 -17.17
N TYR W 104 -42.83 12.44 -16.84
CA TYR W 104 -41.97 11.28 -16.99
C TYR W 104 -42.21 10.33 -15.84
N PRO W 105 -42.02 9.04 -16.02
CA PRO W 105 -42.22 8.12 -14.88
C PRO W 105 -41.11 8.18 -13.85
N LEU W 106 -41.20 7.35 -12.82
CA LEU W 106 -40.17 7.34 -11.79
C LEU W 106 -38.95 6.54 -12.24
N ASP W 107 -39.16 5.36 -12.80
CA ASP W 107 -38.09 4.41 -13.07
C ASP W 107 -37.20 4.82 -14.24
N LEU W 108 -37.56 5.87 -14.97
CA LEU W 108 -36.85 6.24 -16.18
C LEU W 108 -35.40 6.67 -15.92
N PHE W 109 -35.06 7.02 -14.69
CA PHE W 109 -33.84 7.72 -14.33
C PHE W 109 -33.03 6.95 -13.30
N GLU W 110 -31.80 7.41 -13.11
CA GLU W 110 -30.86 6.80 -12.17
C GLU W 110 -30.96 7.49 -10.82
N GLU W 111 -30.97 6.68 -9.76
CA GLU W 111 -31.04 7.22 -8.40
C GLU W 111 -29.79 8.02 -8.08
N GLY W 112 -30.00 9.24 -7.60
CA GLY W 112 -28.92 10.12 -7.23
C GLY W 112 -28.07 10.56 -8.39
N SER W 113 -28.62 11.32 -9.34
CA SER W 113 -27.81 11.91 -10.40
C SER W 113 -28.53 13.11 -10.95
N ILE W 114 -27.79 14.20 -11.13
CA ILE W 114 -28.34 15.46 -11.60
C ILE W 114 -27.90 15.62 -13.05
N THR W 115 -26.78 15.00 -13.40
CA THR W 115 -26.34 15.01 -14.79
C THR W 115 -27.32 14.25 -15.67
N ASN W 116 -27.80 13.09 -15.20
CA ASN W 116 -28.77 12.30 -15.95
C ASN W 116 -30.09 13.03 -16.10
N VAL W 117 -30.59 13.61 -15.02
CA VAL W 117 -31.87 14.31 -15.06
C VAL W 117 -31.80 15.53 -15.96
N LEU W 118 -30.70 16.26 -15.92
CA LEU W 118 -30.56 17.41 -16.79
C LEU W 118 -30.15 17.01 -18.20
N THR W 119 -29.91 15.73 -18.48
CA THR W 119 -29.51 15.45 -19.86
C THR W 119 -30.52 14.60 -20.60
N SER W 120 -31.16 13.63 -19.94
CA SER W 120 -32.21 12.84 -20.58
C SER W 120 -33.50 13.62 -20.76
N ILE W 121 -33.60 14.81 -20.19
CA ILE W 121 -34.80 15.62 -20.33
C ILE W 121 -34.61 16.63 -21.44
N VAL W 122 -33.50 17.38 -21.41
CA VAL W 122 -33.26 18.42 -22.40
C VAL W 122 -32.02 18.13 -23.22
N GLY W 123 -31.84 16.87 -23.64
CA GLY W 123 -30.78 16.57 -24.59
C GLY W 123 -30.90 17.24 -25.94
N ASN W 124 -31.78 16.76 -26.82
CA ASN W 124 -31.94 17.34 -28.15
C ASN W 124 -33.34 17.91 -28.34
N VAL W 125 -33.78 18.70 -27.37
CA VAL W 125 -35.12 19.29 -27.41
C VAL W 125 -34.96 20.78 -27.63
N PHE W 126 -33.80 21.32 -27.24
CA PHE W 126 -33.49 22.69 -27.61
C PHE W 126 -33.09 22.83 -29.07
N GLY W 127 -32.91 21.73 -29.80
CA GLY W 127 -32.41 21.81 -31.15
C GLY W 127 -33.47 21.67 -32.25
N PHE W 128 -34.69 22.17 -32.03
CA PHE W 128 -35.68 22.15 -33.10
C PHE W 128 -35.78 23.50 -33.78
N LYS W 129 -36.17 23.50 -35.05
CA LYS W 129 -36.51 24.71 -35.75
C LYS W 129 -38.00 25.00 -35.76
N ALA W 130 -38.83 24.11 -35.21
CA ALA W 130 -40.25 24.37 -35.18
C ALA W 130 -40.65 25.25 -34.00
N LEU W 131 -39.70 25.67 -33.18
CA LEU W 131 -39.98 26.52 -32.05
C LEU W 131 -39.14 27.78 -32.17
N ARG W 132 -39.73 28.91 -31.79
CA ARG W 132 -38.93 30.13 -31.74
C ARG W 132 -38.09 30.19 -30.47
N ALA W 133 -38.63 29.70 -29.35
CA ALA W 133 -37.87 29.65 -28.10
C ALA W 133 -38.39 28.50 -27.26
N LEU W 134 -37.65 28.20 -26.20
CA LEU W 134 -38.00 27.12 -25.27
C LEU W 134 -37.20 27.32 -23.99
N ARG W 135 -37.91 27.40 -22.85
CA ARG W 135 -37.28 27.49 -21.54
C ARG W 135 -37.82 26.40 -20.65
N LEU W 136 -37.04 26.05 -19.63
CA LEU W 136 -37.38 24.98 -18.70
C LEU W 136 -37.56 25.66 -17.36
N GLU W 137 -38.82 25.87 -16.96
CA GLU W 137 -39.09 26.76 -15.84
C GLU W 137 -39.04 26.04 -14.50
N ASP W 138 -39.34 24.74 -14.47
CA ASP W 138 -39.53 24.08 -13.20
C ASP W 138 -39.32 22.58 -13.38
N ILE W 139 -39.04 21.90 -12.26
CA ILE W 139 -39.06 20.43 -12.15
C ILE W 139 -39.61 20.07 -10.78
N ARG W 140 -40.57 19.15 -10.72
CA ARG W 140 -40.93 18.55 -9.44
C ARG W 140 -40.18 17.23 -9.26
N PHE W 141 -39.37 17.18 -8.33
CA PHE W 141 -38.91 15.86 -7.91
C PHE W 141 -39.91 15.28 -6.92
N PRO W 142 -40.12 13.96 -6.92
CA PRO W 142 -41.01 13.36 -5.92
C PRO W 142 -40.40 13.36 -4.54
N VAL W 143 -41.14 12.84 -3.59
CA VAL W 143 -40.57 12.66 -2.26
C VAL W 143 -39.69 11.41 -2.33
N ALA W 144 -40.10 10.47 -3.18
CA ALA W 144 -39.39 9.21 -3.29
C ALA W 144 -38.02 9.37 -3.95
N TYR W 145 -37.84 10.41 -4.75
CA TYR W 145 -36.57 10.56 -5.45
C TYR W 145 -35.66 11.59 -4.82
N ILE W 146 -36.21 12.52 -4.03
CA ILE W 146 -35.39 13.48 -3.33
C ILE W 146 -34.51 12.79 -2.30
N LYS W 147 -35.07 11.85 -1.56
CA LYS W 147 -34.32 11.21 -0.49
C LYS W 147 -33.49 10.01 -0.95
N THR W 148 -33.30 9.85 -2.25
CA THR W 148 -32.17 9.08 -2.73
C THR W 148 -30.88 9.87 -2.61
N PHE W 149 -30.96 11.17 -2.88
CA PHE W 149 -29.85 12.10 -2.80
C PHE W 149 -29.43 12.36 -1.37
N GLN W 150 -28.17 12.76 -1.19
CA GLN W 150 -27.66 13.10 0.13
C GLN W 150 -27.71 14.60 0.40
N GLY W 151 -27.52 15.41 -0.63
CA GLY W 151 -27.80 16.82 -0.54
C GLY W 151 -26.60 17.65 -0.15
N PRO W 152 -26.85 18.86 0.36
CA PRO W 152 -25.79 19.68 0.86
C PRO W 152 -25.22 19.06 2.14
N PRO W 153 -23.92 19.11 2.34
CA PRO W 153 -23.33 18.44 3.50
C PRO W 153 -23.67 19.13 4.80
N HIS W 154 -23.88 20.43 4.70
CA HIS W 154 -24.04 21.33 5.83
C HIS W 154 -25.20 22.26 5.50
N GLY W 155 -26.00 22.62 6.50
CA GLY W 155 -27.23 23.36 6.27
C GLY W 155 -27.36 24.70 6.98
N ILE W 156 -28.61 25.08 7.25
CA ILE W 156 -28.92 26.20 8.13
C ILE W 156 -28.61 25.88 9.59
N GLN W 157 -28.59 24.60 9.94
CA GLN W 157 -28.14 24.22 11.27
C GLN W 157 -26.64 23.97 11.31
N VAL W 158 -26.10 23.27 10.32
CA VAL W 158 -24.79 22.65 10.45
C VAL W 158 -23.71 23.68 10.20
N GLU W 159 -24.10 24.83 9.64
CA GLU W 159 -23.09 25.82 9.29
C GLU W 159 -22.55 26.53 10.52
N ARG W 160 -23.33 26.55 11.59
CA ARG W 160 -22.98 27.35 12.75
C ARG W 160 -22.00 26.63 13.67
N ASP W 161 -21.51 25.45 13.30
CA ASP W 161 -20.63 24.72 14.19
C ASP W 161 -19.26 25.38 14.23
N LYS W 162 -18.53 25.34 13.11
CA LYS W 162 -17.22 25.99 13.02
C LYS W 162 -17.35 27.46 12.71
N LEU W 163 -18.39 27.86 11.99
CA LEU W 163 -18.65 29.27 11.80
C LEU W 163 -19.28 29.79 13.07
N ASN W 164 -18.64 30.77 13.68
CA ASN W 164 -18.97 31.33 14.96
C ASN W 164 -19.98 32.46 14.86
N LYS W 165 -20.84 32.46 13.86
CA LYS W 165 -21.82 33.50 13.68
C LYS W 165 -23.22 32.91 13.72
N TYR W 166 -24.07 33.43 14.59
CA TYR W 166 -25.39 32.88 14.84
C TYR W 166 -26.42 33.99 14.70
N GLY W 167 -27.52 33.71 14.01
CA GLY W 167 -28.67 34.61 13.98
C GLY W 167 -28.53 35.96 13.31
N ARG W 168 -27.43 36.18 12.59
CA ARG W 168 -27.14 37.41 11.88
C ARG W 168 -26.35 37.02 10.62
N PRO W 169 -26.67 37.63 9.46
CA PRO W 169 -25.99 37.24 8.21
C PRO W 169 -24.49 37.54 8.14
N LEU W 170 -23.83 37.20 7.03
CA LEU W 170 -22.39 37.29 7.04
C LEU W 170 -21.89 38.39 6.11
N LEU W 171 -20.56 38.57 6.12
CA LEU W 171 -19.89 39.64 5.37
C LEU W 171 -18.59 39.13 4.76
N GLY W 172 -18.32 39.50 3.52
CA GLY W 172 -17.03 39.14 2.94
C GLY W 172 -16.66 39.78 1.62
N CYS W 173 -15.47 40.38 1.53
CA CYS W 173 -15.10 41.21 0.39
C CYS W 173 -13.95 40.60 -0.43
N THR W 174 -14.03 40.84 -1.73
CA THR W 174 -13.10 40.29 -2.70
C THR W 174 -11.80 41.09 -2.72
N ILE W 175 -10.70 40.38 -3.01
CA ILE W 175 -9.37 40.98 -2.94
C ILE W 175 -8.76 41.02 -4.33
N SER W 182 1.82 41.39 -6.29
CA SER W 182 2.80 40.34 -6.12
C SER W 182 2.22 39.20 -5.31
N ALA W 183 2.95 38.69 -4.32
CA ALA W 183 2.50 37.59 -3.48
C ALA W 183 2.49 37.93 -2.00
N LYS W 184 3.54 38.56 -1.50
CA LYS W 184 3.53 39.12 -0.17
C LYS W 184 2.59 40.30 -0.06
N ASN W 185 2.61 41.21 -1.04
CA ASN W 185 1.74 42.37 -1.01
C ASN W 185 0.29 42.00 -1.19
N TYR W 186 0.03 40.85 -1.82
CA TYR W 186 -1.32 40.34 -1.89
C TYR W 186 -1.74 39.77 -0.55
N GLY W 187 -0.79 39.18 0.18
CA GLY W 187 -1.09 38.66 1.50
C GLY W 187 -1.26 39.75 2.53
N ARG W 188 -0.61 40.90 2.31
CA ARG W 188 -0.72 42.01 3.25
C ARG W 188 -2.05 42.74 3.14
N ALA W 189 -2.81 42.51 2.07
CA ALA W 189 -4.03 43.26 1.84
C ALA W 189 -5.24 42.60 2.48
N VAL W 190 -5.29 41.26 2.45
CA VAL W 190 -6.26 40.48 3.21
C VAL W 190 -5.92 40.48 4.69
N TYR W 191 -4.66 40.75 5.01
CA TYR W 191 -4.20 40.99 6.36
C TYR W 191 -4.92 42.17 7.01
N GLU W 192 -5.49 43.09 6.20
CA GLU W 192 -6.18 44.27 6.71
C GLU W 192 -7.57 44.48 6.10
N CYS W 193 -8.21 43.44 5.59
CA CYS W 193 -9.63 43.57 5.28
C CYS W 193 -10.50 42.91 6.31
N LEU W 194 -10.07 41.76 6.80
CA LEU W 194 -10.70 41.00 7.86
C LEU W 194 -10.65 41.71 9.20
N ARG W 195 -9.78 42.70 9.33
CA ARG W 195 -9.67 43.47 10.56
C ARG W 195 -10.64 44.64 10.63
N GLY W 196 -11.81 44.53 10.02
CA GLY W 196 -12.82 45.56 10.07
C GLY W 196 -14.19 44.98 10.34
N GLY W 197 -14.28 43.66 10.24
CA GLY W 197 -15.53 42.96 10.47
C GLY W 197 -15.89 41.94 9.42
N LEU W 198 -15.08 41.76 8.39
CA LEU W 198 -15.43 40.83 7.32
C LEU W 198 -15.29 39.40 7.80
N ASP W 199 -16.38 38.64 7.67
CA ASP W 199 -16.42 37.29 8.21
C ASP W 199 -15.56 36.35 7.38
N PHE W 200 -15.40 36.66 6.11
CA PHE W 200 -14.36 36.07 5.29
C PHE W 200 -13.95 37.07 4.21
N THR W 201 -13.16 36.60 3.25
CA THR W 201 -12.77 37.36 2.07
C THR W 201 -12.76 36.39 0.89
N LYS W 202 -12.53 36.92 -0.30
CA LYS W 202 -12.75 36.17 -1.54
C LYS W 202 -11.52 36.29 -2.43
N ASP W 203 -10.89 35.17 -2.75
CA ASP W 203 -9.83 35.17 -3.76
C ASP W 203 -10.48 34.97 -5.11
N ASP W 204 -11.39 35.86 -5.47
CA ASP W 204 -12.13 35.74 -6.70
C ASP W 204 -11.38 36.50 -7.78
N GLU W 205 -12.04 36.63 -8.93
CA GLU W 205 -11.47 37.11 -10.18
C GLU W 205 -10.23 36.31 -10.58
N ASN W 206 -10.28 35.01 -10.36
CA ASN W 206 -9.53 34.01 -11.11
C ASN W 206 -8.02 34.13 -10.92
N ILE W 207 -7.61 34.11 -9.67
CA ILE W 207 -6.18 34.18 -9.41
C ILE W 207 -5.66 32.77 -9.24
N ASN W 208 -5.03 32.25 -10.28
CA ASN W 208 -4.32 30.98 -10.24
C ASN W 208 -2.80 31.25 -10.18
N SER W 209 -2.00 30.20 -10.32
CA SER W 209 -0.56 30.39 -10.28
C SER W 209 -0.05 30.96 -11.59
N ALA W 210 0.29 32.23 -11.58
CA ALA W 210 0.89 32.87 -12.75
C ALA W 210 2.39 32.90 -12.52
N PRO W 211 3.22 33.23 -13.52
CA PRO W 211 4.67 33.35 -13.25
C PRO W 211 5.07 34.48 -12.31
N PHE W 212 4.19 35.42 -11.96
CA PHE W 212 4.52 36.42 -10.96
C PHE W 212 4.00 36.07 -9.57
N GLN W 213 3.07 35.14 -9.45
CA GLN W 213 2.41 34.85 -8.18
C GLN W 213 1.97 33.40 -8.18
N ARG W 214 2.79 32.52 -7.62
CA ARG W 214 2.54 31.09 -7.68
C ARG W 214 1.46 30.69 -6.68
N TRP W 215 1.03 29.43 -6.81
CA TRP W 215 -0.09 28.93 -6.05
C TRP W 215 0.30 28.63 -4.61
N ARG W 216 1.53 28.18 -4.37
CA ARG W 216 1.93 27.83 -3.04
C ARG W 216 2.20 29.06 -2.21
N ASP W 217 2.91 30.04 -2.78
CA ASP W 217 3.24 31.30 -2.11
C ASP W 217 2.07 32.26 -2.03
N ARG W 218 0.87 31.84 -2.37
CA ARG W 218 -0.31 32.61 -2.02
C ARG W 218 -1.06 32.00 -0.85
N PHE W 219 -0.93 30.69 -0.63
CA PHE W 219 -1.63 30.04 0.45
C PHE W 219 -1.07 30.38 1.81
N LEU W 220 0.26 30.40 1.95
CA LEU W 220 0.90 30.74 3.22
C LEU W 220 0.57 32.15 3.67
N PHE W 221 0.74 33.11 2.77
CA PHE W 221 0.60 34.51 3.08
C PHE W 221 -0.85 34.95 3.26
N VAL W 222 -1.82 34.06 3.05
CA VAL W 222 -3.18 34.29 3.50
C VAL W 222 -3.65 33.18 4.44
N ALA W 223 -2.71 32.35 4.89
CA ALA W 223 -2.79 31.61 6.13
C ALA W 223 -2.05 32.29 7.27
N ASP W 224 -0.84 32.82 7.00
CA ASP W 224 -0.15 33.70 7.93
C ASP W 224 -0.90 35.00 8.21
N ALA W 225 -1.85 35.37 7.38
CA ALA W 225 -2.66 36.55 7.59
C ALA W 225 -3.97 36.26 8.32
N ILE W 226 -4.29 34.99 8.57
CA ILE W 226 -5.42 34.63 9.42
C ILE W 226 -4.99 34.46 10.87
N THR W 227 -3.82 33.90 11.09
CA THR W 227 -3.26 33.72 12.41
C THR W 227 -2.93 35.06 13.07
N LYS W 228 -2.78 36.13 12.29
CA LYS W 228 -2.62 37.48 12.82
C LYS W 228 -3.89 38.33 12.76
N ALA W 229 -5.06 37.74 12.66
CA ALA W 229 -6.31 38.47 12.83
C ALA W 229 -7.39 37.69 13.55
N GLN W 230 -7.13 36.42 13.90
CA GLN W 230 -8.07 35.63 14.67
C GLN W 230 -8.12 36.09 16.12
N ALA W 231 -6.96 36.27 16.73
CA ALA W 231 -6.84 36.64 18.13
C ALA W 231 -6.95 38.14 18.35
N GLU W 232 -6.59 38.94 17.35
CA GLU W 232 -6.54 40.38 17.51
C GLU W 232 -7.87 41.04 17.23
N THR W 233 -8.90 40.25 16.90
CA THR W 233 -10.24 40.76 16.66
C THR W 233 -11.33 39.95 17.37
N GLY W 234 -10.97 38.85 18.00
CA GLY W 234 -11.90 38.11 18.83
C GLY W 234 -12.86 37.19 18.10
N GLU W 235 -12.61 36.91 16.81
CA GLU W 235 -13.47 36.03 16.01
C GLU W 235 -12.62 35.22 15.05
N ILE W 236 -13.24 34.22 14.43
CA ILE W 236 -12.58 33.32 13.49
C ILE W 236 -13.10 33.59 12.09
N LYS W 237 -12.16 33.82 11.17
CA LYS W 237 -12.40 34.30 9.81
C LYS W 237 -11.68 33.39 8.83
N GLY W 238 -12.23 33.24 7.62
CA GLY W 238 -11.57 32.48 6.58
C GLY W 238 -11.14 33.41 5.47
N HIS W 239 -10.33 32.89 4.55
CA HIS W 239 -10.14 33.54 3.26
C HIS W 239 -10.37 32.53 2.16
N TYR W 240 -11.49 32.67 1.48
CA TYR W 240 -11.94 31.77 0.43
C TYR W 240 -11.00 31.79 -0.77
N LEU W 241 -10.47 30.64 -1.12
CA LEU W 241 -9.36 30.48 -2.06
C LEU W 241 -9.74 29.54 -3.19
N ASN W 242 -9.30 29.85 -4.40
CA ASN W 242 -9.55 29.02 -5.57
C ASN W 242 -8.73 27.74 -5.53
N VAL W 243 -9.35 26.64 -5.98
CA VAL W 243 -8.69 25.34 -6.10
C VAL W 243 -8.53 24.93 -7.55
N THR W 244 -8.80 25.82 -8.49
CA THR W 244 -8.89 25.45 -9.90
C THR W 244 -7.52 25.15 -10.51
N ALA W 245 -7.40 23.98 -11.12
CA ALA W 245 -6.17 23.46 -11.70
C ALA W 245 -6.47 22.97 -13.10
N PRO W 246 -5.44 22.75 -13.94
CA PRO W 246 -5.68 22.01 -15.18
C PRO W 246 -6.24 20.61 -14.99
N THR W 247 -5.50 19.71 -14.33
CA THR W 247 -5.99 18.36 -14.07
C THR W 247 -6.94 18.36 -12.88
N CYS W 248 -7.27 17.17 -12.38
CA CYS W 248 -7.79 17.12 -11.03
C CYS W 248 -6.75 16.59 -10.06
N GLU W 249 -5.77 15.83 -10.54
CA GLU W 249 -4.64 15.44 -9.71
C GLU W 249 -3.85 16.65 -9.22
N GLU W 250 -3.79 17.72 -10.00
CA GLU W 250 -3.26 18.94 -9.45
C GLU W 250 -4.28 19.63 -8.56
N MET W 251 -5.57 19.50 -8.86
CA MET W 251 -6.62 20.07 -8.00
C MET W 251 -6.73 19.29 -6.69
N LEU W 252 -6.32 18.03 -6.67
CA LEU W 252 -6.24 17.32 -5.41
C LEU W 252 -5.07 17.78 -4.56
N LYS W 253 -4.09 18.47 -5.16
CA LYS W 253 -3.01 19.07 -4.40
C LYS W 253 -3.28 20.51 -4.03
N ARG W 254 -4.30 21.14 -4.63
CA ARG W 254 -4.64 22.51 -4.25
C ARG W 254 -5.73 22.52 -3.20
N ALA W 255 -6.05 21.37 -2.63
CA ALA W 255 -7.10 21.26 -1.65
C ALA W 255 -6.70 20.39 -0.49
N GLU W 256 -5.67 19.59 -0.66
CA GLU W 256 -5.02 18.87 0.42
C GLU W 256 -3.94 19.71 1.09
N TYR W 257 -3.27 20.59 0.34
CA TYR W 257 -2.40 21.58 0.92
C TYR W 257 -3.11 22.68 1.68
N ALA W 258 -4.28 23.11 1.21
CA ALA W 258 -5.03 24.20 1.84
C ALA W 258 -5.44 23.83 3.24
N LYS W 259 -6.32 22.83 3.41
CA LYS W 259 -6.61 22.28 4.72
C LYS W 259 -5.76 21.02 4.88
N GLU W 260 -4.65 21.17 5.56
CA GLU W 260 -3.91 20.02 6.07
C GLU W 260 -4.51 19.65 7.42
N LEU W 261 -4.33 20.58 8.36
CA LEU W 261 -5.30 20.99 9.37
C LEU W 261 -5.27 22.50 9.47
N LYS W 262 -4.93 23.18 8.38
CA LYS W 262 -4.43 24.53 8.39
C LYS W 262 -5.51 25.59 8.39
N GLN W 263 -6.73 25.28 7.95
CA GLN W 263 -7.37 26.39 7.27
C GLN W 263 -8.86 26.18 7.16
N PRO W 264 -9.66 27.23 7.09
CA PRO W 264 -11.12 27.12 7.08
C PRO W 264 -11.71 26.54 5.79
N ILE W 265 -13.01 26.79 5.64
CA ILE W 265 -13.91 26.24 4.64
C ILE W 265 -13.81 27.00 3.31
N ILE W 266 -13.23 26.37 2.27
CA ILE W 266 -12.59 27.06 1.13
C ILE W 266 -13.00 26.42 -0.21
N MET W 267 -13.50 27.24 -1.14
CA MET W 267 -14.51 26.87 -2.13
C MET W 267 -13.98 26.93 -3.58
N HIS W 268 -14.83 26.55 -4.57
CA HIS W 268 -14.73 27.00 -5.97
C HIS W 268 -16.12 26.92 -6.63
N ASP W 269 -16.15 27.07 -7.98
CA ASP W 269 -17.33 27.38 -8.79
C ASP W 269 -18.12 26.16 -9.26
N TYR W 270 -18.97 26.40 -10.27
CA TYR W 270 -19.73 25.40 -11.02
C TYR W 270 -19.60 25.56 -12.52
N LEU W 271 -19.41 26.79 -13.00
CA LEU W 271 -19.14 27.01 -14.42
C LEU W 271 -17.72 26.59 -14.76
N THR W 272 -17.45 26.38 -16.06
CA THR W 272 -16.19 25.83 -16.60
C THR W 272 -15.71 24.61 -15.81
N ALA W 273 -16.68 23.80 -15.45
CA ALA W 273 -16.70 22.76 -14.44
C ALA W 273 -18.11 22.21 -14.55
N GLY W 274 -18.39 21.12 -13.86
CA GLY W 274 -19.72 20.56 -14.00
C GLY W 274 -20.30 20.16 -12.68
N PHE W 275 -21.40 19.41 -12.79
CA PHE W 275 -21.88 18.61 -11.68
C PHE W 275 -21.09 17.32 -11.60
N THR W 276 -20.17 17.10 -12.56
CA THR W 276 -19.24 16.00 -12.56
C THR W 276 -17.86 16.41 -12.04
N ALA W 277 -17.39 17.59 -12.43
CA ALA W 277 -16.14 18.14 -11.92
C ALA W 277 -16.18 18.45 -10.43
N ASN W 278 -17.28 18.99 -9.95
CA ASN W 278 -17.41 19.36 -8.56
C ASN W 278 -18.12 18.29 -7.78
N THR W 279 -17.83 17.05 -8.08
CA THR W 279 -18.32 15.93 -7.33
C THR W 279 -17.18 15.15 -6.71
N THR W 280 -16.01 15.26 -7.33
CA THR W 280 -14.73 14.84 -6.80
C THR W 280 -14.28 15.71 -5.63
N LEU W 281 -14.74 16.96 -5.54
CA LEU W 281 -14.36 17.80 -4.42
C LEU W 281 -15.51 18.28 -3.53
N ALA W 282 -16.76 18.17 -3.95
CA ALA W 282 -17.81 18.40 -2.98
C ALA W 282 -17.96 17.23 -2.05
N ARG W 283 -17.33 16.11 -2.36
CA ARG W 283 -17.35 14.94 -1.52
C ARG W 283 -16.00 14.73 -0.85
N TRP W 284 -15.08 15.68 -1.05
CA TRP W 284 -13.99 16.05 -0.17
C TRP W 284 -14.48 16.80 1.07
N CYS W 285 -15.72 17.30 1.05
CA CYS W 285 -16.44 17.79 2.23
C CYS W 285 -17.14 16.67 2.98
N ARG W 286 -17.05 15.45 2.47
CA ARG W 286 -17.55 14.31 3.20
C ARG W 286 -16.48 13.70 4.07
N ASP W 287 -15.32 14.33 4.13
CA ASP W 287 -14.24 13.95 5.03
C ASP W 287 -13.76 15.11 5.89
N ASN W 288 -13.93 16.33 5.41
CA ASN W 288 -13.15 17.50 5.83
C ASN W 288 -13.99 18.70 6.22
N GLY W 289 -15.18 18.87 5.63
CA GLY W 289 -16.01 20.04 5.88
C GLY W 289 -15.41 21.34 5.40
N VAL W 290 -15.12 21.48 4.10
CA VAL W 290 -14.19 22.51 3.69
C VAL W 290 -14.53 23.29 2.39
N LEU W 291 -15.61 22.97 1.66
CA LEU W 291 -15.90 23.74 0.43
C LEU W 291 -17.39 23.80 0.12
N LEU W 292 -17.99 24.94 0.42
CA LEU W 292 -19.44 25.12 0.49
C LEU W 292 -19.98 26.29 -0.30
N HIS W 293 -19.23 27.37 -0.44
CA HIS W 293 -19.63 28.49 -1.25
C HIS W 293 -19.53 28.11 -2.72
N ILE W 294 -20.58 28.35 -3.48
CA ILE W 294 -20.54 28.10 -4.91
C ILE W 294 -20.68 29.45 -5.57
N HIS W 295 -19.73 29.80 -6.42
CA HIS W 295 -19.58 31.18 -6.80
C HIS W 295 -19.88 31.43 -8.28
N ASN W 307 -35.15 34.64 -22.73
CA ASN W 307 -36.07 34.15 -23.75
C ASN W 307 -35.92 32.65 -24.02
N HIS W 308 -34.66 32.20 -24.03
CA HIS W 308 -34.28 30.86 -24.46
C HIS W 308 -33.15 30.44 -23.53
N GLY W 309 -33.51 29.76 -22.45
CA GLY W 309 -32.51 29.26 -21.55
C GLY W 309 -33.10 28.19 -20.67
N ILE W 310 -32.52 28.05 -19.49
CA ILE W 310 -33.11 27.31 -18.39
C ILE W 310 -33.09 28.21 -17.17
N HIS W 311 -34.25 28.37 -16.53
CA HIS W 311 -34.39 29.36 -15.48
C HIS W 311 -33.60 28.92 -14.26
N PHE W 312 -33.23 29.89 -13.43
CA PHE W 312 -32.29 29.62 -12.35
C PHE W 312 -32.87 28.67 -11.31
N ARG W 313 -34.19 28.64 -11.15
CA ARG W 313 -34.75 27.76 -10.15
C ARG W 313 -34.66 26.30 -10.53
N VAL W 314 -34.46 25.98 -11.81
CA VAL W 314 -34.05 24.63 -12.19
C VAL W 314 -32.59 24.43 -11.85
N LEU W 315 -31.78 25.47 -12.03
CA LEU W 315 -30.36 25.38 -11.74
C LEU W 315 -30.09 25.34 -10.24
N ALA W 316 -31.05 25.77 -9.43
CA ALA W 316 -30.95 25.77 -7.98
C ALA W 316 -31.43 24.48 -7.35
N LYS W 317 -32.40 23.80 -7.95
CA LYS W 317 -32.72 22.44 -7.53
C LYS W 317 -31.57 21.49 -7.84
N ALA W 318 -30.84 21.77 -8.88
CA ALA W 318 -29.74 20.92 -9.30
C ALA W 318 -28.53 21.09 -8.40
N LEU W 319 -28.52 22.11 -7.56
CA LEU W 319 -27.30 22.54 -6.91
C LEU W 319 -27.39 22.43 -5.40
N ARG W 320 -28.59 22.50 -4.84
CA ARG W 320 -28.81 22.03 -3.48
C ARG W 320 -28.55 20.54 -3.40
N LEU W 321 -29.27 19.77 -4.23
CA LEU W 321 -29.16 18.31 -4.25
C LEU W 321 -27.76 17.82 -4.60
N SER W 322 -27.00 18.59 -5.37
CA SER W 322 -25.59 18.28 -5.55
C SER W 322 -24.81 18.58 -4.28
N GLY W 323 -24.83 19.82 -3.82
CA GLY W 323 -24.25 20.14 -2.52
C GLY W 323 -23.81 21.58 -2.41
N GLY W 324 -23.53 21.98 -1.19
CA GLY W 324 -23.08 23.32 -0.90
C GLY W 324 -24.06 24.06 0.01
N ASP W 325 -23.51 25.00 0.79
CA ASP W 325 -24.19 25.53 1.95
C ASP W 325 -24.73 26.95 1.75
N HIS W 326 -24.25 27.68 0.76
CA HIS W 326 -24.77 29.00 0.42
C HIS W 326 -24.35 29.32 -1.01
N ILE W 327 -25.31 29.37 -1.92
CA ILE W 327 -24.99 29.49 -3.33
C ILE W 327 -25.09 30.95 -3.75
N HIS W 328 -24.35 31.30 -4.79
CA HIS W 328 -24.45 32.62 -5.39
C HIS W 328 -25.52 32.57 -6.47
N THR W 329 -26.12 33.70 -6.75
CA THR W 329 -27.20 33.75 -7.73
C THR W 329 -26.78 34.52 -8.99
N GLY W 341 -40.75 38.88 -6.48
CA GLY W 341 -41.47 37.63 -6.34
C GLY W 341 -40.64 36.46 -6.81
N ILE W 342 -39.88 36.68 -7.87
CA ILE W 342 -39.01 35.66 -8.41
C ILE W 342 -37.64 35.71 -7.72
N THR W 343 -37.18 36.89 -7.33
CA THR W 343 -36.02 36.97 -6.45
C THR W 343 -36.35 36.39 -5.08
N MET W 344 -37.58 36.56 -4.62
CA MET W 344 -38.05 35.86 -3.44
C MET W 344 -38.37 34.39 -3.71
N GLY W 345 -38.36 33.96 -4.97
CA GLY W 345 -38.86 32.66 -5.35
C GLY W 345 -37.97 31.47 -5.06
N PHE W 346 -36.75 31.45 -5.61
CA PHE W 346 -35.87 30.33 -5.30
C PHE W 346 -35.28 30.43 -3.91
N VAL W 347 -35.24 31.63 -3.32
CA VAL W 347 -34.74 31.77 -1.96
C VAL W 347 -35.79 31.34 -0.94
N ASP W 348 -36.99 31.00 -1.40
CA ASP W 348 -37.89 30.14 -0.67
C ASP W 348 -37.91 28.71 -1.21
N LEU W 349 -36.97 28.33 -2.05
CA LEU W 349 -36.75 26.92 -2.34
C LEU W 349 -35.49 26.38 -1.69
N LEU W 350 -34.49 27.22 -1.51
CA LEU W 350 -33.25 26.81 -0.89
C LEU W 350 -33.37 26.71 0.62
N ARG W 351 -34.39 27.33 1.19
CA ARG W 351 -34.52 27.56 2.61
C ARG W 351 -35.75 26.92 3.22
N GLU W 352 -36.76 26.59 2.42
CA GLU W 352 -38.01 26.13 2.95
C GLU W 352 -38.09 24.62 2.93
N ASN W 353 -39.16 24.11 3.55
CA ASN W 353 -39.47 22.70 3.62
C ASN W 353 -40.57 22.29 2.67
N TYR W 354 -41.61 23.12 2.55
CA TYR W 354 -42.80 22.86 1.77
C TYR W 354 -43.13 24.19 1.08
N VAL W 355 -43.49 24.11 -0.20
CA VAL W 355 -43.88 25.29 -0.96
C VAL W 355 -45.13 24.96 -1.77
N GLU W 356 -46.19 25.70 -1.52
CA GLU W 356 -47.41 25.57 -2.28
C GLU W 356 -47.37 26.46 -3.53
N GLN W 357 -48.18 26.06 -4.50
CA GLN W 357 -48.09 26.52 -5.88
C GLN W 357 -48.40 28.00 -6.05
N ASP W 358 -47.39 28.79 -6.39
CA ASP W 358 -47.55 30.22 -6.63
C ASP W 358 -47.26 30.50 -8.08
N LYS W 359 -48.29 30.53 -8.92
CA LYS W 359 -48.09 30.77 -10.34
C LYS W 359 -47.55 32.15 -10.67
N SER W 360 -47.72 33.12 -9.78
CA SER W 360 -47.17 34.44 -10.00
C SER W 360 -45.78 34.60 -9.42
N ARG W 361 -45.10 33.49 -9.10
CA ARG W 361 -43.76 33.52 -8.56
C ARG W 361 -42.81 32.61 -9.30
N GLY W 362 -43.27 31.98 -10.37
CA GLY W 362 -42.45 30.99 -11.03
C GLY W 362 -42.53 29.62 -10.41
N ILE W 363 -43.16 29.52 -9.24
CA ILE W 363 -43.27 28.25 -8.53
C ILE W 363 -44.52 27.58 -9.04
N TYR W 364 -44.37 26.75 -10.06
CA TYR W 364 -45.52 26.23 -10.76
C TYR W 364 -46.00 24.92 -10.19
N PHE W 365 -45.23 24.31 -9.31
CA PHE W 365 -45.51 22.98 -8.80
C PHE W 365 -45.68 23.01 -7.29
N THR W 366 -45.71 21.82 -6.70
CA THR W 366 -45.69 21.68 -5.26
C THR W 366 -44.88 20.47 -4.90
N GLN W 367 -43.79 20.69 -4.18
CA GLN W 367 -43.06 19.56 -3.61
C GLN W 367 -42.44 19.97 -2.29
N ASP W 368 -42.80 19.23 -1.26
CA ASP W 368 -42.09 19.28 0.00
C ASP W 368 -40.68 18.74 -0.18
N TRP W 369 -39.74 19.38 0.50
CA TRP W 369 -38.35 18.97 0.45
C TRP W 369 -38.08 17.76 1.32
N ALA W 370 -38.96 17.49 2.28
CA ALA W 370 -39.01 16.27 3.09
C ALA W 370 -37.72 16.03 3.84
N SER W 371 -37.42 16.97 4.76
CA SER W 371 -36.30 16.89 5.70
C SER W 371 -34.95 16.76 5.01
N LEU W 372 -34.52 17.81 4.35
CA LEU W 372 -33.19 17.80 3.78
C LEU W 372 -32.55 19.17 3.98
N PRO W 373 -31.20 19.24 4.24
CA PRO W 373 -30.57 20.49 4.70
C PRO W 373 -30.72 21.70 3.81
N GLY W 374 -31.12 22.84 4.38
CA GLY W 374 -31.23 24.08 3.63
C GLY W 374 -29.92 24.66 3.15
N VAL W 375 -29.98 25.79 2.47
CA VAL W 375 -28.83 26.44 1.87
C VAL W 375 -29.17 27.91 1.68
N MET W 376 -28.23 28.79 2.04
CA MET W 376 -28.53 30.23 2.15
C MET W 376 -28.24 30.95 0.85
N ALA W 377 -28.40 32.26 0.85
CA ALA W 377 -28.19 32.96 -0.41
C ALA W 377 -27.10 34.01 -0.29
N VAL W 378 -26.61 34.44 -1.44
CA VAL W 378 -25.56 35.44 -1.54
C VAL W 378 -26.16 36.68 -2.21
N ALA W 379 -25.79 37.85 -1.70
CA ALA W 379 -26.20 39.13 -2.25
C ALA W 379 -25.59 39.32 -3.63
N SER W 380 -26.43 39.69 -4.60
CA SER W 380 -26.04 39.74 -6.01
C SER W 380 -26.47 41.01 -6.72
N GLY W 381 -26.20 42.18 -6.14
CA GLY W 381 -26.54 43.42 -6.80
C GLY W 381 -25.37 44.36 -6.98
N GLY W 382 -24.32 44.18 -6.19
CA GLY W 382 -23.15 45.03 -6.23
C GLY W 382 -22.80 45.58 -4.87
N ILE W 383 -22.06 46.69 -4.89
CA ILE W 383 -21.64 47.38 -3.69
C ILE W 383 -22.87 48.03 -3.05
N HIS W 384 -22.95 47.96 -1.73
CA HIS W 384 -24.21 48.13 -1.01
C HIS W 384 -24.07 48.85 0.33
N VAL W 385 -23.06 49.72 0.48
CA VAL W 385 -22.54 50.14 1.79
C VAL W 385 -23.60 50.92 2.56
N TRP W 386 -24.37 51.72 1.84
CA TRP W 386 -25.42 52.56 2.39
C TRP W 386 -26.79 51.92 2.24
N HIS W 387 -26.91 51.00 1.29
CA HIS W 387 -28.16 50.31 1.00
C HIS W 387 -28.18 48.99 1.76
N MET W 388 -27.92 49.07 3.07
CA MET W 388 -27.90 47.93 3.97
C MET W 388 -29.26 47.44 4.48
N PRO W 389 -30.20 48.26 4.97
CA PRO W 389 -31.45 47.66 5.47
C PRO W 389 -32.39 47.18 4.39
N ALA W 390 -32.11 47.47 3.13
CA ALA W 390 -32.93 46.91 2.07
C ALA W 390 -32.64 45.43 1.85
N LEU W 391 -31.42 44.99 2.13
CA LEU W 391 -31.09 43.58 1.98
C LEU W 391 -31.51 42.75 3.19
N VAL W 392 -31.52 43.34 4.38
CA VAL W 392 -31.78 42.61 5.62
C VAL W 392 -33.20 42.10 5.70
N GLU W 393 -34.19 42.82 5.19
CA GLU W 393 -35.53 42.28 5.13
C GLU W 393 -35.73 41.23 4.06
N ILE W 394 -35.13 41.41 2.89
CA ILE W 394 -35.49 40.60 1.75
C ILE W 394 -34.86 39.21 1.84
N PHE W 395 -33.58 39.15 2.18
CA PHE W 395 -32.94 37.85 2.31
C PHE W 395 -33.08 37.30 3.72
N GLY W 396 -33.52 38.13 4.67
CA GLY W 396 -33.82 37.67 6.01
C GLY W 396 -32.60 37.53 6.89
N ASP W 397 -32.65 36.57 7.81
CA ASP W 397 -31.53 36.25 8.71
C ASP W 397 -30.53 35.30 8.09
N ASP W 398 -31.02 34.29 7.40
CA ASP W 398 -30.20 33.16 6.99
C ASP W 398 -29.70 33.43 5.58
N SER W 399 -28.76 34.37 5.44
CA SER W 399 -28.14 34.63 4.15
C SER W 399 -26.72 35.11 4.40
N VAL W 400 -26.01 35.38 3.30
CA VAL W 400 -24.64 35.88 3.31
C VAL W 400 -24.56 37.08 2.37
N LEU W 401 -23.88 38.14 2.80
CA LEU W 401 -23.70 39.37 2.02
C LEU W 401 -22.24 39.50 1.62
N GLN W 402 -21.98 40.39 0.70
CA GLN W 402 -20.60 40.68 0.30
C GLN W 402 -19.88 41.35 1.46
N ALA W 415 -9.37 48.96 5.89
CA ALA W 415 -9.97 48.75 7.21
C ALA W 415 -10.93 49.84 7.72
N PRO W 416 -10.77 51.13 7.37
CA PRO W 416 -11.91 52.04 7.56
C PRO W 416 -13.07 51.69 6.64
N GLY W 417 -12.80 51.43 5.37
CA GLY W 417 -13.81 50.98 4.42
C GLY W 417 -14.42 49.63 4.69
N ALA W 418 -13.83 48.84 5.59
CA ALA W 418 -14.44 47.59 6.07
C ALA W 418 -15.10 47.72 7.43
N THR W 419 -14.75 48.72 8.23
CA THR W 419 -15.42 48.89 9.50
C THR W 419 -16.78 49.59 9.34
N ALA W 420 -17.02 50.22 8.18
CA ALA W 420 -18.33 50.81 7.93
C ALA W 420 -19.35 49.74 7.56
N ASN W 421 -18.88 48.56 7.18
CA ASN W 421 -19.79 47.51 6.74
C ASN W 421 -20.42 46.81 7.92
N ARG W 422 -19.63 46.50 8.95
CA ARG W 422 -20.14 45.71 10.07
C ARG W 422 -21.09 46.53 10.93
N VAL W 423 -20.85 47.83 11.01
CA VAL W 423 -21.63 48.69 11.89
C VAL W 423 -23.05 48.89 11.34
N ALA W 424 -23.15 49.13 10.03
CA ALA W 424 -24.46 49.32 9.41
C ALA W 424 -25.28 48.03 9.38
N LEU W 425 -24.61 46.88 9.38
CA LEU W 425 -25.35 45.62 9.45
C LEU W 425 -25.90 45.37 10.85
N GLU W 426 -25.05 45.51 11.88
CA GLU W 426 -25.41 45.14 13.23
C GLU W 426 -26.45 46.08 13.83
N ALA W 427 -26.57 47.28 13.29
CA ALA W 427 -27.44 48.29 13.88
C ALA W 427 -28.90 48.01 13.58
N CYS W 428 -29.22 47.66 12.33
CA CYS W 428 -30.59 47.50 11.88
C CYS W 428 -31.29 46.36 12.58
N VAL W 429 -30.54 45.31 12.92
CA VAL W 429 -31.10 44.06 13.41
C VAL W 429 -31.74 44.24 14.78
N GLN W 430 -31.24 45.18 15.57
CA GLN W 430 -31.89 45.44 16.84
C GLN W 430 -33.11 46.36 16.69
N ALA W 431 -33.10 47.25 15.70
CA ALA W 431 -34.25 48.10 15.41
C ALA W 431 -35.35 47.35 14.66
N ARG W 432 -35.05 46.18 14.13
CA ARG W 432 -36.12 45.28 13.71
C ARG W 432 -36.81 44.64 14.90
N ASN W 433 -36.05 44.21 15.89
CA ASN W 433 -36.60 43.45 16.99
C ASN W 433 -37.31 44.32 18.02
N GLU W 434 -37.15 45.65 17.95
CA GLU W 434 -37.99 46.51 18.76
C GLU W 434 -39.42 46.52 18.26
N GLY W 435 -39.60 46.31 16.95
CA GLY W 435 -40.89 46.45 16.30
C GLY W 435 -40.95 47.60 15.32
N ARG W 436 -39.85 48.30 15.09
CA ARG W 436 -39.88 49.41 14.15
C ARG W 436 -39.91 48.87 12.73
N ASN W 437 -40.79 49.43 11.90
CA ASN W 437 -40.94 48.95 10.54
C ASN W 437 -39.71 49.32 9.73
N LEU W 438 -38.82 48.34 9.53
CA LEU W 438 -37.51 48.60 8.96
C LEU W 438 -37.60 48.86 7.46
N ALA W 439 -38.76 48.59 6.86
CA ALA W 439 -38.96 48.95 5.46
C ALA W 439 -39.17 50.45 5.29
N ARG W 440 -40.05 51.02 6.10
CA ARG W 440 -40.41 52.43 5.94
C ARG W 440 -39.57 53.34 6.80
N GLU W 441 -38.43 52.88 7.29
CA GLU W 441 -37.64 53.65 8.23
C GLU W 441 -36.14 53.45 8.04
N GLY W 442 -35.75 52.62 7.08
CA GLY W 442 -34.38 52.17 6.86
C GLY W 442 -33.22 53.15 6.86
N ASN W 443 -33.44 54.37 6.39
CA ASN W 443 -32.33 55.32 6.32
C ASN W 443 -32.02 55.96 7.66
N ASP W 444 -33.04 56.20 8.49
CA ASP W 444 -32.81 56.86 9.76
C ASP W 444 -32.10 55.96 10.75
N VAL W 445 -32.14 54.65 10.55
CA VAL W 445 -31.37 53.75 11.38
C VAL W 445 -29.90 53.80 10.99
N ILE W 446 -29.61 54.09 9.72
CA ILE W 446 -28.24 54.29 9.28
C ILE W 446 -27.71 55.61 9.80
N ARG W 447 -28.60 56.61 9.93
CA ARG W 447 -28.16 57.95 10.32
C ARG W 447 -27.88 58.01 11.82
N GLU W 448 -28.63 57.28 12.64
CA GLU W 448 -28.37 57.30 14.07
C GLU W 448 -27.13 56.49 14.43
N ALA W 449 -26.66 55.64 13.53
CA ALA W 449 -25.45 54.88 13.76
C ALA W 449 -24.20 55.61 13.30
N ALA W 450 -24.33 56.87 12.90
CA ALA W 450 -23.18 57.68 12.54
C ALA W 450 -22.60 58.41 13.74
N LYS W 451 -23.39 58.52 14.81
CA LYS W 451 -23.04 59.36 15.95
C LYS W 451 -22.16 58.63 16.95
N TRP W 452 -21.75 57.40 16.61
CA TRP W 452 -20.76 56.66 17.38
C TRP W 452 -19.78 55.92 16.48
N SER W 453 -19.85 56.15 15.16
CA SER W 453 -19.02 55.50 14.16
C SER W 453 -18.61 56.50 13.09
N PRO W 454 -17.32 56.86 13.01
CA PRO W 454 -16.90 57.84 12.00
C PRO W 454 -16.83 57.30 10.59
N GLU W 455 -16.81 55.98 10.40
CA GLU W 455 -16.76 55.42 9.04
C GLU W 455 -18.11 55.41 8.35
N LEU W 456 -19.21 55.52 9.09
CA LEU W 456 -20.51 55.73 8.48
C LEU W 456 -20.84 57.20 8.29
N ALA W 457 -20.03 58.09 8.86
CA ALA W 457 -20.15 59.51 8.58
C ALA W 457 -19.70 59.85 7.17
N VAL W 458 -18.78 59.09 6.61
CA VAL W 458 -18.27 59.34 5.28
C VAL W 458 -19.16 58.72 4.20
N ALA W 459 -19.70 57.53 4.43
CA ALA W 459 -20.29 56.72 3.37
C ALA W 459 -21.65 57.22 2.92
N CYS W 460 -22.50 57.71 3.84
CA CYS W 460 -23.86 58.13 3.52
C CYS W 460 -23.91 59.35 2.61
N GLU W 461 -22.85 60.14 2.58
CA GLU W 461 -22.74 61.29 1.70
C GLU W 461 -22.30 60.88 0.30
N LEU W 462 -21.62 59.74 0.17
CA LEU W 462 -21.12 59.23 -1.09
C LEU W 462 -22.22 58.58 -1.93
N TRP W 463 -23.28 58.10 -1.31
CA TRP W 463 -24.31 57.38 -2.02
C TRP W 463 -25.49 58.29 -2.34
N LYS W 464 -26.53 57.71 -2.93
CA LYS W 464 -27.46 58.46 -3.77
C LYS W 464 -28.75 58.83 -3.05
N GLU W 465 -29.06 60.12 -3.05
CA GLU W 465 -30.31 60.61 -2.48
C GLU W 465 -31.30 61.03 -3.55
N ILE W 466 -31.18 60.47 -4.76
CA ILE W 466 -31.89 60.97 -5.94
C ILE W 466 -33.38 60.63 -5.90
N LYS W 467 -34.22 61.66 -6.08
CA LYS W 467 -35.66 61.57 -5.88
C LYS W 467 -36.38 62.29 -7.01
N PHE W 468 -37.72 62.30 -6.91
CA PHE W 468 -38.59 63.18 -7.69
C PHE W 468 -39.81 63.48 -6.84
N GLU W 469 -40.04 64.76 -6.56
CA GLU W 469 -41.33 65.18 -6.00
C GLU W 469 -41.97 66.06 -7.08
N PHE W 470 -42.54 65.42 -8.08
CA PHE W 470 -43.18 66.07 -9.22
C PHE W 470 -44.59 65.50 -9.26
N GLU W 471 -45.45 66.04 -8.43
CA GLU W 471 -46.81 65.60 -8.34
C GLU W 471 -47.62 66.72 -8.92
N LEU X 23 -8.05 55.06 -19.28
CA LEU X 23 -7.93 55.26 -20.72
C LEU X 23 -6.51 54.89 -21.17
N THR X 24 -5.75 54.35 -20.23
CA THR X 24 -4.53 53.65 -20.64
C THR X 24 -4.80 52.19 -21.02
N TYR X 25 -6.07 51.83 -21.20
CA TYR X 25 -6.49 50.53 -21.70
C TYR X 25 -6.85 50.59 -23.18
N TYR X 26 -6.51 51.67 -23.87
CA TYR X 26 -6.75 51.81 -25.32
C TYR X 26 -5.56 52.57 -25.88
N THR X 27 -4.54 51.86 -26.34
CA THR X 27 -3.37 52.48 -26.95
C THR X 27 -3.22 51.95 -28.37
N PRO X 28 -3.89 52.57 -29.35
CA PRO X 28 -3.76 52.10 -30.74
C PRO X 28 -2.42 52.39 -31.39
N ASP X 29 -1.46 52.98 -30.66
CA ASP X 29 -0.13 53.27 -31.15
C ASP X 29 0.84 52.13 -30.89
N TYR X 30 0.35 50.91 -30.85
CA TYR X 30 1.05 49.78 -30.27
C TYR X 30 0.87 48.55 -31.16
N THR X 31 1.96 47.86 -31.42
CA THR X 31 1.90 46.58 -32.13
C THR X 31 1.92 45.44 -31.13
N PRO X 32 0.96 44.52 -31.20
CA PRO X 32 1.00 43.37 -30.29
C PRO X 32 2.17 42.45 -30.63
N LYS X 33 2.86 42.02 -29.59
CA LYS X 33 4.17 41.37 -29.71
C LYS X 33 4.06 39.99 -30.35
N ASP X 34 5.21 39.34 -30.50
CA ASP X 34 5.24 37.97 -30.97
C ASP X 34 4.70 36.97 -29.95
N THR X 35 4.64 37.37 -28.68
CA THR X 35 4.35 36.43 -27.61
C THR X 35 3.09 36.80 -26.85
N ASP X 36 2.36 37.82 -27.29
CA ASP X 36 1.16 38.24 -26.59
C ASP X 36 0.01 37.28 -26.85
N ILE X 37 -0.93 37.26 -25.92
CA ILE X 37 -2.20 36.57 -26.04
C ILE X 37 -3.17 37.63 -26.52
N LEU X 38 -4.09 37.25 -27.38
CA LEU X 38 -4.61 38.20 -28.33
C LEU X 38 -6.03 37.80 -28.70
N ALA X 39 -7.00 38.63 -28.34
CA ALA X 39 -8.41 38.24 -28.41
C ALA X 39 -9.17 39.16 -29.34
N ALA X 40 -10.33 38.72 -29.76
CA ALA X 40 -11.25 39.57 -30.52
C ALA X 40 -12.62 39.55 -29.86
N PHE X 41 -13.46 40.50 -30.26
CA PHE X 41 -14.79 40.65 -29.67
C PHE X 41 -15.69 41.35 -30.66
N ARG X 42 -16.83 40.75 -30.99
CA ARG X 42 -17.80 41.40 -31.88
C ARG X 42 -18.83 42.10 -31.01
N VAL X 43 -18.58 43.41 -30.74
CA VAL X 43 -19.22 44.18 -29.67
C VAL X 43 -20.42 44.92 -30.24
N THR X 44 -21.45 45.13 -29.41
CA THR X 44 -22.59 45.95 -29.81
C THR X 44 -23.08 46.79 -28.64
N PRO X 45 -22.88 48.10 -28.66
CA PRO X 45 -23.18 48.93 -27.49
C PRO X 45 -24.59 49.49 -27.48
N GLN X 46 -24.94 50.06 -26.32
CA GLN X 46 -26.20 50.78 -26.15
C GLN X 46 -26.19 52.09 -26.96
N PRO X 47 -27.38 52.68 -27.19
CA PRO X 47 -27.43 53.99 -27.88
C PRO X 47 -26.60 55.08 -27.25
N GLY X 48 -25.84 55.77 -28.08
CA GLY X 48 -25.00 56.86 -27.65
C GLY X 48 -23.67 56.43 -27.06
N VAL X 49 -23.50 55.16 -26.74
CA VAL X 49 -22.24 54.69 -26.17
C VAL X 49 -21.20 54.67 -27.28
N PRO X 50 -20.06 55.33 -27.10
CA PRO X 50 -19.06 55.39 -28.17
C PRO X 50 -18.40 54.04 -28.39
N PHE X 51 -17.77 53.91 -29.56
CA PHE X 51 -17.07 52.67 -29.85
C PHE X 51 -15.71 52.58 -29.16
N GLU X 52 -15.21 53.69 -28.61
CA GLU X 52 -13.88 53.69 -28.01
C GLU X 52 -13.89 53.52 -26.52
N GLU X 53 -15.05 53.62 -25.88
CA GLU X 53 -15.12 53.43 -24.44
C GLU X 53 -15.75 52.11 -24.07
N ALA X 54 -16.50 51.51 -24.98
CA ALA X 54 -16.97 50.14 -24.76
C ALA X 54 -15.82 49.15 -24.89
N ALA X 55 -14.83 49.46 -25.72
CA ALA X 55 -13.69 48.57 -25.85
C ALA X 55 -12.71 48.75 -24.70
N ALA X 56 -12.68 49.91 -24.07
CA ALA X 56 -11.96 50.01 -22.81
C ALA X 56 -12.77 49.51 -21.63
N ALA X 57 -14.07 49.30 -21.83
CA ALA X 57 -14.91 48.60 -20.88
C ALA X 57 -14.77 47.09 -20.99
N VAL X 58 -14.00 46.59 -21.94
CA VAL X 58 -13.77 45.17 -22.06
C VAL X 58 -12.37 44.79 -21.62
N ALA X 59 -11.35 45.47 -22.14
CA ALA X 59 -9.96 45.08 -21.87
C ALA X 59 -9.53 45.36 -20.44
N ALA X 60 -10.26 46.21 -19.73
CA ALA X 60 -9.88 46.57 -18.38
C ALA X 60 -10.60 45.70 -17.37
N GLU X 61 -11.90 45.46 -17.59
CA GLU X 61 -12.65 44.65 -16.64
C GLU X 61 -12.43 43.16 -16.84
N SER X 62 -11.69 42.75 -17.86
CA SER X 62 -11.24 41.36 -17.90
C SER X 62 -10.17 41.11 -16.85
N SER X 63 -9.02 41.77 -16.98
CA SER X 63 -7.87 41.45 -16.15
C SER X 63 -8.03 41.99 -14.75
N THR X 64 -8.14 43.31 -14.61
CA THR X 64 -8.29 43.95 -13.32
C THR X 64 -8.92 45.33 -13.45
N ARG X 80 2.26 47.29 -16.44
CA ARG X 80 2.56 46.41 -17.56
C ARG X 80 1.67 45.18 -17.57
N TYR X 81 0.75 45.09 -16.60
CA TYR X 81 -0.05 43.89 -16.40
C TYR X 81 -1.48 44.05 -16.86
N LYS X 82 -1.71 44.74 -17.95
CA LYS X 82 -3.06 45.08 -18.37
C LYS X 82 -3.22 44.86 -19.86
N GLY X 83 -4.38 44.37 -20.25
CA GLY X 83 -4.67 44.25 -21.65
C GLY X 83 -4.93 45.62 -22.25
N ARG X 84 -4.72 45.73 -23.56
CA ARG X 84 -4.90 47.01 -24.23
C ARG X 84 -5.56 46.78 -25.57
N CYS X 85 -6.75 47.32 -25.75
CA CYS X 85 -7.43 47.30 -27.05
C CYS X 85 -6.66 48.13 -28.06
N TYR X 86 -5.97 47.48 -28.99
CA TYR X 86 -5.11 48.19 -29.92
C TYR X 86 -5.76 48.52 -31.26
N ASP X 87 -6.96 48.03 -31.54
CA ASP X 87 -7.55 48.28 -32.85
C ASP X 87 -9.06 48.31 -32.70
N ILE X 88 -9.74 48.99 -33.62
CA ILE X 88 -11.15 49.28 -33.35
C ILE X 88 -12.05 49.07 -34.58
N GLU X 89 -11.62 48.18 -35.49
CA GLU X 89 -12.15 48.04 -36.85
C GLU X 89 -13.68 47.83 -36.86
N PRO X 90 -14.41 48.43 -37.80
CA PRO X 90 -15.85 48.25 -37.86
C PRO X 90 -16.26 47.08 -38.75
N VAL X 91 -17.57 46.83 -38.76
CA VAL X 91 -18.17 45.73 -39.50
C VAL X 91 -19.12 46.33 -40.54
N PRO X 92 -18.97 46.01 -41.82
CA PRO X 92 -19.80 46.65 -42.85
C PRO X 92 -21.15 45.96 -43.02
N GLY X 93 -22.20 46.77 -43.09
CA GLY X 93 -23.54 46.30 -43.39
C GLY X 93 -24.17 45.37 -42.36
N GLU X 94 -23.98 45.68 -41.08
CA GLU X 94 -24.52 44.87 -40.00
C GLU X 94 -24.74 45.82 -38.82
N ASP X 95 -25.46 45.34 -37.79
CA ASP X 95 -26.03 46.19 -36.74
C ASP X 95 -24.94 46.70 -35.79
N ASN X 96 -24.17 47.67 -36.31
CA ASN X 96 -23.42 48.63 -35.51
C ASN X 96 -22.28 47.98 -34.73
N GLN X 97 -21.84 46.81 -35.19
CA GLN X 97 -20.75 46.10 -34.53
C GLN X 97 -19.43 46.76 -34.83
N PHE X 98 -18.45 46.42 -34.02
CA PHE X 98 -17.06 46.77 -34.28
C PHE X 98 -16.20 45.70 -33.67
N ILE X 99 -15.04 45.48 -34.27
CA ILE X 99 -14.15 44.39 -33.87
C ILE X 99 -13.08 44.97 -32.97
N ALA X 100 -13.04 44.51 -31.72
CA ALA X 100 -12.11 45.01 -30.72
C ALA X 100 -10.98 44.02 -30.56
N TYR X 101 -9.75 44.47 -30.74
CA TYR X 101 -8.57 43.61 -30.69
C TYR X 101 -7.84 43.88 -29.39
N ILE X 102 -7.94 42.96 -28.44
CA ILE X 102 -7.41 43.15 -27.10
C ILE X 102 -6.18 42.28 -26.94
N ALA X 103 -5.12 42.82 -26.35
CA ALA X 103 -3.84 42.12 -26.26
C ALA X 103 -3.36 42.05 -24.81
N TYR X 104 -3.55 40.90 -24.19
CA TYR X 104 -3.10 40.53 -22.86
C TYR X 104 -1.64 40.08 -22.95
N PRO X 105 -0.85 40.27 -21.91
CA PRO X 105 0.54 39.80 -21.97
C PRO X 105 0.68 38.29 -21.89
N LEU X 106 1.93 37.80 -21.92
CA LEU X 106 2.15 36.37 -21.82
C LEU X 106 2.04 35.88 -20.38
N ASP X 107 2.68 36.58 -19.46
CA ASP X 107 2.84 36.11 -18.08
C ASP X 107 1.57 36.15 -17.27
N LEU X 108 0.49 36.74 -17.80
CA LEU X 108 -0.73 36.95 -17.04
C LEU X 108 -1.42 35.64 -16.63
N PHE X 109 -1.09 34.54 -17.28
CA PHE X 109 -1.84 33.29 -17.23
C PHE X 109 -0.97 32.13 -16.76
N GLU X 110 -1.64 31.03 -16.46
CA GLU X 110 -0.99 29.81 -15.99
C GLU X 110 -0.70 28.90 -17.17
N GLU X 111 0.51 28.31 -17.17
CA GLU X 111 0.91 27.41 -18.23
C GLU X 111 0.05 26.16 -18.21
N GLY X 112 -0.50 25.81 -19.37
CA GLY X 112 -1.32 24.65 -19.51
C GLY X 112 -2.61 24.71 -18.73
N SER X 113 -3.52 25.61 -19.08
CA SER X 113 -4.84 25.62 -18.49
C SER X 113 -5.80 26.35 -19.41
N ILE X 114 -6.96 25.75 -19.62
CA ILE X 114 -7.97 26.27 -20.53
C ILE X 114 -9.07 26.88 -19.67
N THR X 115 -9.21 26.37 -18.45
CA THR X 115 -10.16 26.95 -17.52
C THR X 115 -9.76 28.37 -17.14
N ASN X 116 -8.46 28.59 -16.88
CA ASN X 116 -7.96 29.92 -16.54
C ASN X 116 -8.12 30.88 -17.69
N VAL X 117 -7.76 30.46 -18.91
CA VAL X 117 -7.83 31.33 -20.07
C VAL X 117 -9.27 31.69 -20.38
N LEU X 118 -10.18 30.74 -20.25
CA LEU X 118 -11.59 31.03 -20.49
C LEU X 118 -12.25 31.72 -19.32
N THR X 119 -11.54 31.91 -18.20
CA THR X 119 -12.26 32.55 -17.10
C THR X 119 -11.69 33.92 -16.75
N SER X 120 -10.37 34.10 -16.80
CA SER X 120 -9.78 35.41 -16.57
C SER X 120 -9.99 36.38 -17.72
N ILE X 121 -10.52 35.90 -18.84
CA ILE X 121 -10.76 36.76 -19.99
C ILE X 121 -12.22 37.20 -19.99
N VAL X 122 -13.14 36.25 -19.87
CA VAL X 122 -14.56 36.56 -19.93
C VAL X 122 -15.27 36.22 -18.61
N GLY X 123 -14.64 36.55 -17.49
CA GLY X 123 -15.33 36.43 -16.22
C GLY X 123 -16.56 37.30 -16.05
N ASN X 124 -16.39 38.61 -15.81
CA ASN X 124 -17.52 39.50 -15.62
C ASN X 124 -17.55 40.58 -16.69
N VAL X 125 -17.42 40.17 -17.95
CA VAL X 125 -17.40 41.09 -19.07
C VAL X 125 -18.70 40.88 -19.86
N PHE X 126 -19.28 39.70 -19.74
CA PHE X 126 -20.62 39.51 -20.29
C PHE X 126 -21.70 40.15 -19.42
N GLY X 127 -21.37 40.65 -18.24
CA GLY X 127 -22.37 41.16 -17.33
C GLY X 127 -22.51 42.68 -17.30
N PHE X 128 -22.33 43.37 -18.43
CA PHE X 128 -22.57 44.81 -18.45
C PHE X 128 -23.93 45.12 -19.06
N LYS X 129 -24.50 46.25 -18.64
CA LYS X 129 -25.68 46.78 -19.30
C LYS X 129 -25.38 47.85 -20.33
N ALA X 130 -24.10 48.22 -20.48
CA ALA X 130 -23.77 49.23 -21.49
C ALA X 130 -23.60 48.62 -22.88
N LEU X 131 -23.79 47.32 -23.01
CA LEU X 131 -23.67 46.66 -24.29
C LEU X 131 -24.97 45.94 -24.59
N ARG X 132 -25.38 45.95 -25.85
CA ARG X 132 -26.53 45.14 -26.22
C ARG X 132 -26.15 43.68 -26.40
N ALA X 133 -24.96 43.41 -26.95
CA ALA X 133 -24.48 42.05 -27.10
C ALA X 133 -22.97 42.05 -27.05
N LEU X 134 -22.40 40.85 -26.96
CA LEU X 134 -20.95 40.65 -26.92
C LEU X 134 -20.64 39.20 -27.23
N ARG X 135 -19.80 38.97 -28.24
CA ARG X 135 -19.35 37.63 -28.59
C ARG X 135 -17.84 37.62 -28.62
N LEU X 136 -17.28 36.42 -28.46
CA LEU X 136 -15.84 36.21 -28.41
C LEU X 136 -15.50 35.39 -29.62
N GLU X 137 -14.99 36.02 -30.67
CA GLU X 137 -14.91 35.36 -31.96
C GLU X 137 -13.62 34.55 -32.13
N ASP X 138 -12.55 34.94 -31.46
CA ASP X 138 -11.26 34.33 -31.75
C ASP X 138 -10.33 34.52 -30.57
N ILE X 139 -9.29 33.69 -30.52
CA ILE X 139 -8.14 33.85 -29.62
C ILE X 139 -6.89 33.41 -30.37
N ARG X 140 -5.83 34.21 -30.34
CA ARG X 140 -4.53 33.75 -30.78
C ARG X 140 -3.72 33.27 -29.58
N PHE X 141 -3.42 32.05 -29.55
CA PHE X 141 -2.39 31.64 -28.63
C PHE X 141 -1.03 31.82 -29.30
N PRO X 142 0.01 32.17 -28.56
CA PRO X 142 1.35 32.27 -29.16
C PRO X 142 1.91 30.90 -29.50
N VAL X 143 3.12 30.90 -30.05
CA VAL X 143 3.81 29.64 -30.26
C VAL X 143 4.37 29.23 -28.92
N ALA X 144 4.72 30.22 -28.11
CA ALA X 144 5.34 29.95 -26.81
C ALA X 144 4.36 29.35 -25.81
N TYR X 145 3.06 29.59 -26.00
CA TYR X 145 2.11 29.08 -25.02
C TYR X 145 1.37 27.84 -25.51
N ILE X 146 1.34 27.60 -26.82
CA ILE X 146 0.73 26.38 -27.33
C ILE X 146 1.52 25.16 -26.88
N LYS X 147 2.84 25.23 -26.95
CA LYS X 147 3.65 24.06 -26.63
C LYS X 147 3.98 23.93 -25.15
N THR X 148 3.28 24.66 -24.29
CA THR X 148 3.18 24.25 -22.90
C THR X 148 2.21 23.10 -22.76
N PHE X 149 1.12 23.14 -23.52
CA PHE X 149 0.07 22.13 -23.53
C PHE X 149 0.56 20.84 -24.17
N GLN X 150 -0.09 19.73 -23.82
CA GLN X 150 0.23 18.44 -24.39
C GLN X 150 -0.70 18.09 -25.54
N GLY X 151 -1.96 18.50 -25.46
CA GLY X 151 -2.84 18.44 -26.59
C GLY X 151 -3.68 17.16 -26.65
N PRO X 152 -4.18 16.84 -27.84
CA PRO X 152 -4.88 15.60 -28.02
C PRO X 152 -3.90 14.43 -27.92
N PRO X 153 -4.30 13.34 -27.31
CA PRO X 153 -3.33 12.24 -27.12
C PRO X 153 -2.98 11.54 -28.41
N HIS X 154 -3.93 11.57 -29.33
CA HIS X 154 -3.88 10.81 -30.57
C HIS X 154 -4.34 11.74 -31.68
N GLY X 155 -3.76 11.62 -32.86
CA GLY X 155 -4.00 12.59 -33.94
C GLY X 155 -4.53 12.02 -35.24
N ILE X 156 -4.21 12.71 -36.33
CA ILE X 156 -4.44 12.20 -37.69
C ILE X 156 -3.47 11.06 -38.02
N GLN X 157 -2.33 11.00 -37.33
CA GLN X 157 -1.46 9.86 -37.49
C GLN X 157 -1.79 8.76 -36.49
N VAL X 158 -2.02 9.11 -35.24
CA VAL X 158 -1.95 8.14 -34.14
C VAL X 158 -3.25 7.36 -34.08
N GLU X 159 -4.28 7.85 -34.78
CA GLU X 159 -5.57 7.18 -34.68
C GLU X 159 -5.59 5.87 -35.45
N ARG X 160 -4.71 5.74 -36.44
CA ARG X 160 -4.76 4.61 -37.34
C ARG X 160 -4.06 3.38 -36.77
N ASP X 161 -3.57 3.43 -35.54
CA ASP X 161 -2.85 2.30 -35.00
C ASP X 161 -3.79 1.16 -34.67
N LYS X 162 -4.67 1.36 -33.67
CA LYS X 162 -5.66 0.36 -33.31
C LYS X 162 -6.88 0.45 -34.20
N LEU X 163 -7.21 1.62 -34.70
CA LEU X 163 -8.28 1.72 -35.67
C LEU X 163 -7.70 1.29 -37.00
N ASN X 164 -8.32 0.27 -37.57
CA ASN X 164 -7.87 -0.41 -38.78
C ASN X 164 -8.41 0.24 -40.05
N LYS X 165 -8.68 1.54 -40.03
CA LYS X 165 -9.20 2.22 -41.20
C LYS X 165 -8.24 3.32 -41.62
N TYR X 166 -7.82 3.30 -42.87
CA TYR X 166 -6.80 4.21 -43.38
C TYR X 166 -7.35 4.89 -44.63
N GLY X 167 -7.12 6.20 -44.73
CA GLY X 167 -7.39 6.93 -45.96
C GLY X 167 -8.84 7.08 -46.43
N ARG X 168 -9.79 6.70 -45.59
CA ARG X 168 -11.21 6.77 -45.88
C ARG X 168 -11.92 7.06 -44.57
N PRO X 169 -12.92 7.96 -44.57
CA PRO X 169 -13.60 8.33 -43.30
C PRO X 169 -14.39 7.23 -42.61
N LEU X 170 -15.00 7.52 -41.47
CA LEU X 170 -15.59 6.43 -40.71
C LEU X 170 -17.11 6.50 -40.69
N LEU X 171 -17.71 5.48 -40.06
CA LEU X 171 -19.16 5.32 -40.00
C LEU X 171 -19.60 4.83 -38.64
N GLY X 172 -20.68 5.40 -38.10
CA GLY X 172 -21.21 4.87 -36.85
C GLY X 172 -22.56 5.37 -36.41
N CYS X 173 -23.49 4.46 -36.07
CA CYS X 173 -24.88 4.81 -35.85
C CYS X 173 -25.31 4.58 -34.40
N THR X 174 -26.20 5.45 -33.95
CA THR X 174 -26.68 5.47 -32.58
C THR X 174 -27.75 4.41 -32.35
N ILE X 175 -27.79 3.88 -31.13
CA ILE X 175 -28.65 2.77 -30.79
C ILE X 175 -29.70 3.22 -29.79
N SER X 182 -34.86 -3.39 -23.05
CA SER X 182 -34.34 -4.08 -21.89
C SER X 182 -32.83 -4.00 -21.86
N ALA X 183 -32.15 -5.12 -21.59
CA ALA X 183 -30.70 -5.17 -21.55
C ALA X 183 -30.10 -6.19 -22.51
N LYS X 184 -30.65 -7.38 -22.58
CA LYS X 184 -30.31 -8.33 -23.61
C LYS X 184 -30.78 -7.88 -24.97
N ASN X 185 -32.01 -7.38 -25.07
CA ASN X 185 -32.56 -6.93 -26.35
C ASN X 185 -31.85 -5.68 -26.83
N TYR X 186 -31.28 -4.92 -25.92
CA TYR X 186 -30.45 -3.79 -26.32
C TYR X 186 -29.12 -4.27 -26.84
N GLY X 187 -28.62 -5.37 -26.27
CA GLY X 187 -27.36 -5.93 -26.76
C GLY X 187 -27.52 -6.64 -28.08
N ARG X 188 -28.72 -7.15 -28.36
CA ARG X 188 -28.96 -7.85 -29.61
C ARG X 188 -29.11 -6.90 -30.80
N ALA X 189 -29.27 -5.60 -30.55
CA ALA X 189 -29.52 -4.65 -31.63
C ALA X 189 -28.23 -4.08 -32.19
N VAL X 190 -27.24 -3.83 -31.33
CA VAL X 190 -25.90 -3.48 -31.74
C VAL X 190 -25.17 -4.71 -32.28
N TYR X 191 -25.64 -5.89 -31.90
CA TYR X 191 -25.21 -7.15 -32.46
C TYR X 191 -25.45 -7.22 -33.97
N GLU X 192 -26.38 -6.41 -34.49
CA GLU X 192 -26.72 -6.40 -35.92
C GLU X 192 -26.72 -5.00 -36.54
N CYS X 193 -26.01 -4.04 -35.99
CA CYS X 193 -25.79 -2.80 -36.71
C CYS X 193 -24.40 -2.73 -37.29
N LEU X 194 -23.42 -3.21 -36.52
CA LEU X 194 -22.03 -3.31 -36.91
C LEU X 194 -21.80 -4.33 -38.01
N ARG X 195 -22.77 -5.21 -38.24
CA ARG X 195 -22.68 -6.21 -39.28
C ARG X 195 -23.16 -5.71 -40.64
N GLY X 196 -23.01 -4.43 -40.92
CA GLY X 196 -23.38 -3.88 -42.21
C GLY X 196 -22.31 -2.95 -42.73
N GLY X 197 -21.37 -2.61 -41.87
CA GLY X 197 -20.26 -1.74 -42.24
C GLY X 197 -19.98 -0.62 -41.25
N LEU X 198 -20.72 -0.53 -40.15
CA LEU X 198 -20.53 0.57 -39.22
C LEU X 198 -19.25 0.36 -38.45
N ASP X 199 -18.37 1.36 -38.49
CA ASP X 199 -17.04 1.25 -37.90
C ASP X 199 -17.14 1.28 -36.38
N PHE X 200 -18.14 1.95 -35.86
CA PHE X 200 -18.55 1.81 -34.48
C PHE X 200 -20.05 2.05 -34.37
N THR X 201 -20.53 2.17 -33.14
CA THR X 201 -21.90 2.55 -32.83
C THR X 201 -21.87 3.46 -31.61
N LYS X 202 -23.02 3.99 -31.23
CA LYS X 202 -23.10 5.07 -30.25
C LYS X 202 -24.13 4.72 -29.19
N ASP X 203 -23.72 4.64 -27.93
CA ASP X 203 -24.67 4.51 -26.83
C ASP X 203 -25.05 5.91 -26.40
N ASP X 204 -25.60 6.69 -27.33
CA ASP X 204 -25.95 8.06 -27.06
C ASP X 204 -27.40 8.09 -26.60
N GLU X 205 -27.92 9.32 -26.49
CA GLU X 205 -29.19 9.64 -25.87
C GLU X 205 -29.27 9.10 -24.44
N ASN X 206 -28.15 9.19 -23.71
CA ASN X 206 -28.13 9.28 -22.25
C ASN X 206 -28.63 8.01 -21.57
N ILE X 207 -28.04 6.89 -21.94
CA ILE X 207 -28.47 5.66 -21.32
C ILE X 207 -27.51 5.37 -20.17
N ASN X 208 -27.95 5.65 -18.95
CA ASN X 208 -27.24 5.28 -17.74
C ASN X 208 -27.94 4.09 -17.08
N SER X 209 -27.54 3.75 -15.87
CA SER X 209 -28.16 2.61 -15.19
C SER X 209 -29.51 3.01 -14.64
N ALA X 210 -30.58 2.57 -15.27
CA ALA X 210 -31.93 2.79 -14.76
C ALA X 210 -32.36 1.52 -14.05
N PRO X 211 -33.47 1.51 -13.30
CA PRO X 211 -33.92 0.24 -12.70
C PRO X 211 -34.36 -0.84 -13.68
N PHE X 212 -34.54 -0.54 -14.97
CA PHE X 212 -34.82 -1.59 -15.93
C PHE X 212 -33.59 -2.08 -16.69
N GLN X 213 -32.50 -1.32 -16.66
CA GLN X 213 -31.33 -1.62 -17.47
C GLN X 213 -30.10 -1.08 -16.77
N ARG X 214 -29.42 -1.93 -16.00
CA ARG X 214 -28.31 -1.49 -15.19
C ARG X 214 -27.05 -1.28 -16.02
N TRP X 215 -26.05 -0.70 -15.38
CA TRP X 215 -24.83 -0.29 -16.06
C TRP X 215 -23.94 -1.47 -16.36
N ARG X 216 -23.91 -2.47 -15.48
CA ARG X 216 -23.02 -3.60 -15.68
C ARG X 216 -23.56 -4.53 -16.75
N ASP X 217 -24.85 -4.82 -16.71
CA ASP X 217 -25.52 -5.68 -17.67
C ASP X 217 -25.78 -5.02 -19.01
N ARG X 218 -25.24 -3.83 -19.25
CA ARG X 218 -25.18 -3.30 -20.60
C ARG X 218 -23.79 -3.43 -21.21
N PHE X 219 -22.75 -3.47 -20.38
CA PHE X 219 -21.40 -3.57 -20.89
C PHE X 219 -21.06 -4.93 -21.47
N LEU X 220 -21.48 -6.00 -20.79
CA LEU X 220 -21.24 -7.36 -21.27
C LEU X 220 -21.90 -7.61 -22.61
N PHE X 221 -23.19 -7.30 -22.71
CA PHE X 221 -23.99 -7.60 -23.86
C PHE X 221 -23.70 -6.71 -25.06
N VAL X 222 -22.82 -5.73 -24.92
CA VAL X 222 -22.25 -5.05 -26.07
C VAL X 222 -20.72 -5.15 -26.07
N ALA X 223 -20.19 -6.01 -25.21
CA ALA X 223 -18.90 -6.66 -25.38
C ALA X 223 -19.02 -8.05 -25.97
N ASP X 224 -20.00 -8.85 -25.50
CA ASP X 224 -20.36 -10.10 -26.15
C ASP X 224 -20.89 -9.93 -27.57
N ALA X 225 -21.30 -8.72 -27.94
CA ALA X 225 -21.77 -8.44 -29.28
C ALA X 225 -20.66 -7.91 -30.19
N ILE X 226 -19.47 -7.64 -29.66
CA ILE X 226 -18.31 -7.30 -30.49
C ILE X 226 -17.53 -8.56 -30.85
N THR X 227 -17.39 -9.49 -29.93
CA THR X 227 -16.71 -10.74 -30.14
C THR X 227 -17.44 -11.61 -31.16
N LYS X 228 -18.74 -11.36 -31.40
CA LYS X 228 -19.48 -12.04 -32.45
C LYS X 228 -19.70 -11.18 -33.71
N ALA X 229 -18.89 -10.15 -33.94
CA ALA X 229 -18.90 -9.46 -35.22
C ALA X 229 -17.51 -9.01 -35.66
N GLN X 230 -16.48 -9.24 -34.86
CA GLN X 230 -15.11 -8.93 -35.26
C GLN X 230 -14.61 -9.91 -36.31
N ALA X 231 -14.80 -11.20 -36.06
CA ALA X 231 -14.32 -12.26 -36.93
C ALA X 231 -15.27 -12.55 -38.09
N GLU X 232 -16.55 -12.27 -37.92
CA GLU X 232 -17.55 -12.63 -38.91
C GLU X 232 -17.72 -11.56 -39.97
N THR X 233 -16.96 -10.47 -39.87
CA THR X 233 -16.99 -9.38 -40.85
C THR X 233 -15.61 -8.92 -41.28
N GLY X 234 -14.55 -9.44 -40.67
CA GLY X 234 -13.20 -9.19 -41.11
C GLY X 234 -12.60 -7.85 -40.70
N GLU X 235 -13.21 -7.16 -39.74
CA GLU X 235 -12.71 -5.86 -39.25
C GLU X 235 -12.96 -5.75 -37.76
N ILE X 236 -12.35 -4.74 -37.15
CA ILE X 236 -12.47 -4.47 -35.72
C ILE X 236 -13.27 -3.21 -35.50
N LYS X 237 -14.31 -3.33 -34.66
CA LYS X 237 -15.35 -2.35 -34.44
C LYS X 237 -15.50 -2.10 -32.94
N GLY X 238 -15.88 -0.88 -32.57
CA GLY X 238 -16.16 -0.58 -31.18
C GLY X 238 -17.64 -0.30 -30.98
N HIS X 239 -18.05 -0.22 -29.73
CA HIS X 239 -19.34 0.38 -29.41
C HIS X 239 -19.15 1.42 -28.33
N TYR X 240 -19.24 2.68 -28.73
CA TYR X 240 -19.01 3.83 -27.87
C TYR X 240 -20.04 3.92 -26.76
N LEU X 241 -19.58 3.92 -25.52
CA LEU X 241 -20.40 3.73 -24.32
C LEU X 241 -20.21 4.90 -23.36
N ASN X 242 -21.30 5.33 -22.72
CA ASN X 242 -21.25 6.40 -21.73
C ASN X 242 -20.58 5.95 -20.44
N VAL X 243 -19.81 6.86 -19.85
CA VAL X 243 -19.15 6.65 -18.58
C VAL X 243 -19.73 7.55 -17.48
N THR X 244 -20.83 8.23 -17.76
CA THR X 244 -21.33 9.28 -16.87
C THR X 244 -21.94 8.70 -15.59
N ALA X 245 -21.46 9.18 -14.45
CA ALA X 245 -21.86 8.73 -13.13
C ALA X 245 -22.18 9.94 -12.28
N PRO X 246 -22.87 9.77 -11.13
CA PRO X 246 -22.94 10.87 -10.17
C PRO X 246 -21.59 11.36 -9.67
N THR X 247 -20.81 10.51 -8.98
CA THR X 247 -19.51 10.91 -8.50
C THR X 247 -18.48 10.82 -9.63
N CYS X 248 -17.21 10.92 -9.28
CA CYS X 248 -16.20 10.42 -10.21
C CYS X 248 -15.63 9.10 -9.76
N GLU X 249 -15.69 8.81 -8.46
CA GLU X 249 -15.34 7.47 -7.97
C GLU X 249 -16.23 6.40 -8.56
N GLU X 250 -17.49 6.71 -8.84
CA GLU X 250 -18.27 5.76 -9.62
C GLU X 250 -17.91 5.84 -11.09
N MET X 251 -17.52 7.01 -11.59
CA MET X 251 -17.08 7.14 -12.98
C MET X 251 -15.71 6.48 -13.19
N LEU X 252 -14.92 6.35 -12.13
CA LEU X 252 -13.70 5.57 -12.25
C LEU X 252 -13.97 4.07 -12.31
N LYS X 253 -15.16 3.64 -11.90
CA LYS X 253 -15.56 2.26 -12.06
C LYS X 253 -16.33 2.01 -13.35
N ARG X 254 -16.76 3.06 -14.04
CA ARG X 254 -17.44 2.85 -15.32
C ARG X 254 -16.45 2.97 -16.47
N ALA X 255 -15.17 3.02 -16.17
CA ALA X 255 -14.16 3.16 -17.18
C ALA X 255 -12.99 2.23 -16.96
N GLU X 256 -12.87 1.71 -15.77
CA GLU X 256 -11.96 0.62 -15.46
C GLU X 256 -12.57 -0.75 -15.73
N TYR X 257 -13.89 -0.88 -15.56
CA TYR X 257 -14.61 -2.06 -15.99
C TYR X 257 -14.72 -2.19 -17.50
N ALA X 258 -14.90 -1.07 -18.22
CA ALA X 258 -15.08 -1.09 -19.67
C ALA X 258 -13.85 -1.65 -20.36
N LYS X 259 -12.71 -0.96 -20.28
CA LYS X 259 -11.44 -1.53 -20.72
C LYS X 259 -10.73 -2.06 -19.49
N GLU X 260 -10.84 -3.37 -19.29
CA GLU X 260 -9.96 -4.07 -18.38
C GLU X 260 -8.72 -4.46 -19.14
N LEU X 261 -8.93 -5.34 -20.11
CA LEU X 261 -8.30 -5.34 -21.43
C LEU X 261 -9.37 -5.66 -22.46
N LYS X 262 -10.62 -5.30 -22.17
CA LYS X 262 -11.79 -5.89 -22.78
C LYS X 262 -12.19 -5.23 -24.09
N GLN X 263 -11.77 -3.99 -24.37
CA GLN X 263 -12.76 -3.24 -25.12
C GLN X 263 -12.13 -2.02 -25.77
N PRO X 264 -12.67 -1.55 -26.89
CA PRO X 264 -12.07 -0.44 -27.64
C PRO X 264 -12.17 0.92 -26.97
N ILE X 265 -11.96 1.95 -27.78
CA ILE X 265 -11.81 3.35 -27.45
C ILE X 265 -13.16 4.03 -27.22
N ILE X 266 -13.50 4.39 -25.98
CA ILE X 266 -14.89 4.55 -25.49
C ILE X 266 -15.05 5.84 -24.64
N MET X 267 -16.00 6.69 -25.01
CA MET X 267 -15.92 8.13 -24.85
C MET X 267 -16.99 8.68 -23.87
N HIS X 268 -16.97 10.02 -23.61
CA HIS X 268 -18.14 10.80 -23.16
C HIS X 268 -17.97 12.28 -23.57
N ASP X 269 -18.83 13.16 -23.01
CA ASP X 269 -19.10 14.51 -23.49
C ASP X 269 -18.19 15.59 -22.90
N TYR X 270 -18.65 16.85 -23.04
CA TYR X 270 -18.06 18.04 -22.43
C TYR X 270 -19.08 18.91 -21.74
N LEU X 271 -20.34 18.90 -22.19
CA LEU X 271 -21.40 19.60 -21.49
C LEU X 271 -21.79 18.83 -20.25
N THR X 272 -22.48 19.51 -19.31
CA THR X 272 -22.83 19.00 -17.95
C THR X 272 -21.65 18.32 -17.28
N ALA X 273 -20.49 18.92 -17.48
CA ALA X 273 -19.14 18.44 -17.30
C ALA X 273 -18.29 19.64 -17.68
N GLY X 274 -16.99 19.54 -17.48
CA GLY X 274 -16.19 20.70 -17.79
C GLY X 274 -14.92 20.34 -18.52
N PHE X 275 -14.04 21.32 -18.59
CA PHE X 275 -12.65 21.07 -18.88
C PHE X 275 -11.93 20.64 -17.63
N THR X 276 -12.64 20.61 -16.49
CA THR X 276 -12.16 20.08 -15.22
C THR X 276 -12.66 18.67 -14.98
N ALA X 277 -13.93 18.39 -15.29
CA ALA X 277 -14.49 17.05 -15.19
C ALA X 277 -13.85 16.06 -16.16
N ASN X 278 -13.58 16.48 -17.38
CA ASN X 278 -13.02 15.61 -18.39
C ASN X 278 -11.52 15.79 -18.47
N THR X 279 -10.89 15.96 -17.34
CA THR X 279 -9.45 16.00 -17.25
C THR X 279 -8.93 14.85 -16.39
N THR X 280 -9.78 14.38 -15.50
CA THR X 280 -9.62 13.14 -14.75
C THR X 280 -9.77 11.91 -15.65
N LEU X 281 -10.47 12.01 -16.78
CA LEU X 281 -10.59 10.86 -17.68
C LEU X 281 -10.03 11.07 -19.08
N ALA X 282 -9.73 12.29 -19.50
CA ALA X 282 -8.98 12.40 -20.74
C ALA X 282 -7.52 12.07 -20.52
N ARG X 283 -7.11 11.97 -19.26
CA ARG X 283 -5.75 11.61 -18.92
C ARG X 283 -5.69 10.20 -18.36
N TRP X 284 -6.83 9.51 -18.36
CA TRP X 284 -6.99 8.07 -18.41
C TRP X 284 -6.67 7.52 -19.79
N CYS X 285 -6.62 8.38 -20.83
CA CYS X 285 -6.05 8.07 -22.13
C CYS X 285 -4.54 8.25 -22.17
N ARG X 286 -3.95 8.70 -21.07
CA ARG X 286 -2.52 8.76 -20.96
C ARG X 286 -1.95 7.49 -20.38
N ASP X 287 -2.80 6.49 -20.17
CA ASP X 287 -2.39 5.15 -19.75
C ASP X 287 -2.92 4.07 -20.66
N ASN X 288 -4.05 4.33 -21.33
CA ASN X 288 -4.94 3.31 -21.85
C ASN X 288 -5.31 3.50 -23.32
N GLY X 289 -5.34 4.73 -23.82
CA GLY X 289 -5.78 5.01 -25.18
C GLY X 289 -7.22 4.69 -25.46
N VAL X 290 -8.17 5.31 -24.74
CA VAL X 290 -9.50 4.74 -24.68
C VAL X 290 -10.70 5.73 -24.74
N LEU X 291 -10.49 7.05 -24.78
CA LEU X 291 -11.66 7.95 -24.86
C LEU X 291 -11.35 9.26 -25.57
N LEU X 292 -11.81 9.34 -26.83
CA LEU X 292 -11.38 10.33 -27.80
C LEU X 292 -12.51 11.08 -28.48
N HIS X 293 -13.65 10.45 -28.69
CA HIS X 293 -14.81 11.12 -29.26
C HIS X 293 -15.39 12.06 -28.22
N ILE X 294 -15.62 13.30 -28.60
CA ILE X 294 -16.28 14.25 -27.70
C ILE X 294 -17.59 14.58 -28.34
N HIS X 295 -18.68 14.39 -27.61
CA HIS X 295 -19.98 14.32 -28.26
C HIS X 295 -20.90 15.46 -27.85
N ASN X 307 -26.07 35.78 -31.49
CA ASN X 307 -25.97 37.20 -31.18
C ASN X 307 -25.07 37.48 -29.98
N HIS X 308 -25.19 36.63 -28.97
CA HIS X 308 -24.58 36.83 -27.66
C HIS X 308 -24.14 35.44 -27.19
N GLY X 309 -22.90 35.10 -27.49
CA GLY X 309 -22.36 33.84 -27.04
C GLY X 309 -20.85 33.86 -27.11
N ILE X 310 -20.29 32.68 -27.26
CA ILE X 310 -18.90 32.51 -27.66
C ILE X 310 -18.88 31.56 -28.85
N HIS X 311 -18.22 31.98 -29.93
CA HIS X 311 -18.30 31.25 -31.18
C HIS X 311 -17.56 29.93 -31.04
N PHE X 312 -17.94 28.96 -31.88
CA PHE X 312 -17.46 27.60 -31.71
C PHE X 312 -15.95 27.49 -31.93
N ARG X 313 -15.36 28.37 -32.73
CA ARG X 313 -13.94 28.26 -32.97
C ARG X 313 -13.12 28.66 -31.77
N VAL X 314 -13.69 29.39 -30.81
CA VAL X 314 -13.04 29.54 -29.51
C VAL X 314 -13.23 28.26 -28.72
N LEU X 315 -14.38 27.62 -28.85
CA LEU X 315 -14.65 26.39 -28.12
C LEU X 315 -13.87 25.23 -28.68
N ALA X 316 -13.39 25.34 -29.92
CA ALA X 316 -12.59 24.31 -30.58
C ALA X 316 -11.11 24.45 -30.32
N LYS X 317 -10.60 25.66 -30.12
CA LYS X 317 -9.23 25.82 -29.61
C LYS X 317 -9.12 25.33 -28.19
N ALA X 318 -10.19 25.42 -27.44
CA ALA X 318 -10.19 25.00 -26.05
C ALA X 318 -10.23 23.50 -25.91
N LEU X 319 -10.51 22.79 -26.99
CA LEU X 319 -10.89 21.39 -26.91
C LEU X 319 -9.91 20.48 -27.64
N ARG X 320 -9.22 20.99 -28.65
CA ARG X 320 -8.02 20.34 -29.13
C ARG X 320 -6.96 20.32 -28.04
N LEU X 321 -6.60 21.50 -27.53
CA LEU X 321 -5.58 21.66 -26.50
C LEU X 321 -5.92 20.91 -25.22
N SER X 322 -7.20 20.74 -24.91
CA SER X 322 -7.58 19.86 -23.81
C SER X 322 -7.35 18.41 -24.19
N GLY X 323 -8.01 17.93 -25.24
CA GLY X 323 -7.70 16.61 -25.77
C GLY X 323 -8.86 16.00 -26.52
N GLY X 324 -8.56 14.92 -27.23
CA GLY X 324 -9.54 14.21 -28.01
C GLY X 324 -9.23 14.23 -29.49
N ASP X 325 -9.67 13.17 -30.18
CA ASP X 325 -9.16 12.83 -31.50
C ASP X 325 -10.11 13.16 -32.63
N HIS X 326 -11.40 13.35 -32.35
CA HIS X 326 -12.39 13.76 -33.34
C HIS X 326 -13.59 14.33 -32.60
N ILE X 327 -13.81 15.64 -32.74
CA ILE X 327 -14.81 16.30 -31.93
C ILE X 327 -16.09 16.43 -32.75
N HIS X 328 -17.21 16.51 -32.04
CA HIS X 328 -18.49 16.79 -32.66
C HIS X 328 -18.69 18.29 -32.70
N THR X 329 -19.48 18.77 -33.65
CA THR X 329 -19.69 20.19 -33.82
C THR X 329 -21.13 20.59 -33.47
N GLY X 341 -17.93 28.65 -45.50
CA GLY X 341 -16.67 29.29 -45.17
C GLY X 341 -16.36 29.15 -43.69
N ILE X 342 -17.41 29.25 -42.89
CA ILE X 342 -17.27 29.10 -41.45
C ILE X 342 -17.40 27.64 -41.03
N THR X 343 -18.22 26.86 -41.76
CA THR X 343 -18.19 25.42 -41.57
C THR X 343 -16.86 24.84 -42.05
N MET X 344 -16.28 25.43 -43.10
CA MET X 344 -14.92 25.11 -43.49
C MET X 344 -13.88 25.74 -42.58
N GLY X 345 -14.28 26.61 -41.67
CA GLY X 345 -13.36 27.43 -40.91
C GLY X 345 -12.64 26.75 -39.76
N PHE X 346 -13.36 26.22 -38.78
CA PHE X 346 -12.67 25.54 -37.70
C PHE X 346 -12.16 24.17 -38.11
N VAL X 347 -12.73 23.59 -39.17
CA VAL X 347 -12.23 22.30 -39.65
C VAL X 347 -10.97 22.47 -40.47
N ASP X 348 -10.55 23.71 -40.71
CA ASP X 348 -9.17 24.03 -41.02
C ASP X 348 -8.41 24.60 -39.82
N LEU X 349 -8.96 24.52 -38.61
CA LEU X 349 -8.16 24.75 -37.42
C LEU X 349 -7.84 23.48 -36.67
N LEU X 350 -8.71 22.49 -36.75
CA LEU X 350 -8.49 21.22 -36.08
C LEU X 350 -7.52 20.34 -36.83
N ARG X 351 -7.28 20.64 -38.10
CA ARG X 351 -6.59 19.76 -39.02
C ARG X 351 -5.33 20.37 -39.61
N GLU X 352 -5.18 21.68 -39.57
CA GLU X 352 -4.10 22.34 -40.24
C GLU X 352 -2.96 22.63 -39.28
N ASN X 353 -1.85 23.10 -39.86
CA ASN X 353 -0.65 23.49 -39.14
C ASN X 353 -0.50 24.99 -39.04
N TYR X 354 -0.81 25.71 -40.11
CA TYR X 354 -0.66 27.15 -40.23
C TYR X 354 -1.89 27.65 -40.95
N VAL X 355 -2.45 28.76 -40.47
CA VAL X 355 -3.62 29.37 -41.10
C VAL X 355 -3.39 30.87 -41.18
N GLU X 356 -3.42 31.39 -42.39
CA GLU X 356 -3.31 32.81 -42.63
C GLU X 356 -4.69 33.47 -42.57
N GLN X 357 -4.67 34.77 -42.29
CA GLN X 357 -5.83 35.53 -41.85
C GLN X 357 -6.91 35.66 -42.92
N ASP X 358 -8.04 35.02 -42.69
CA ASP X 358 -9.18 35.08 -43.61
C ASP X 358 -10.32 35.77 -42.90
N LYS X 359 -10.46 37.07 -43.10
CA LYS X 359 -11.52 37.83 -42.44
C LYS X 359 -12.92 37.43 -42.88
N SER X 360 -13.07 36.84 -44.05
CA SER X 360 -14.37 36.38 -44.50
C SER X 360 -14.65 34.94 -44.10
N ARG X 361 -13.88 34.39 -43.14
CA ARG X 361 -14.09 33.03 -42.67
C ARG X 361 -14.17 32.96 -41.16
N GLY X 362 -14.15 34.09 -40.48
CA GLY X 362 -14.09 34.07 -39.03
C GLY X 362 -12.69 33.92 -38.50
N ILE X 363 -11.72 33.64 -39.36
CA ILE X 363 -10.35 33.44 -38.93
C ILE X 363 -9.69 34.81 -38.96
N TYR X 364 -9.72 35.49 -37.82
CA TYR X 364 -9.32 36.87 -37.79
C TYR X 364 -7.85 37.05 -37.47
N PHE X 365 -7.18 35.98 -37.08
CA PHE X 365 -5.80 36.06 -36.62
C PHE X 365 -4.90 35.19 -37.48
N THR X 366 -3.68 35.00 -37.01
CA THR X 366 -2.75 34.06 -37.62
C THR X 366 -1.94 33.40 -36.54
N GLN X 367 -2.09 32.10 -36.41
CA GLN X 367 -1.19 31.35 -35.55
C GLN X 367 -0.96 29.97 -36.11
N ASP X 368 0.32 29.66 -36.35
CA ASP X 368 0.74 28.31 -36.59
C ASP X 368 0.52 27.46 -35.35
N TRP X 369 0.11 26.22 -35.58
CA TRP X 369 -0.11 25.29 -34.50
C TRP X 369 1.19 24.69 -33.98
N ALA X 370 2.25 24.76 -34.77
CA ALA X 370 3.63 24.45 -34.40
C ALA X 370 3.77 23.03 -33.88
N SER X 371 3.50 22.07 -34.77
CA SER X 371 3.70 20.64 -34.55
C SER X 371 2.92 20.11 -33.37
N LEU X 372 1.61 20.06 -33.48
CA LEU X 372 0.82 19.46 -32.44
C LEU X 372 -0.31 18.65 -33.08
N PRO X 373 -0.70 17.46 -32.48
CA PRO X 373 -1.58 16.51 -33.17
C PRO X 373 -2.94 17.03 -33.62
N GLY X 374 -3.31 16.77 -34.87
CA GLY X 374 -4.61 17.17 -35.38
C GLY X 374 -5.78 16.42 -34.77
N VAL X 375 -6.99 16.75 -35.22
CA VAL X 375 -8.22 16.19 -34.68
C VAL X 375 -9.30 16.36 -35.76
N MET X 376 -10.07 15.29 -35.99
CA MET X 376 -10.96 15.23 -37.15
C MET X 376 -12.34 15.77 -36.81
N ALA X 377 -13.26 15.69 -37.77
CA ALA X 377 -14.57 16.25 -37.49
C ALA X 377 -15.67 15.21 -37.62
N VAL X 378 -16.81 15.53 -37.04
CA VAL X 378 -17.98 14.67 -37.06
C VAL X 378 -19.07 15.37 -37.87
N ALA X 379 -19.77 14.59 -38.69
CA ALA X 379 -20.89 15.07 -39.49
C ALA X 379 -22.03 15.48 -38.58
N SER X 380 -22.58 16.69 -38.83
CA SER X 380 -23.54 17.32 -37.94
C SER X 380 -24.74 17.91 -38.67
N GLY X 381 -25.37 17.16 -39.57
CA GLY X 381 -26.54 17.66 -40.25
C GLY X 381 -27.76 16.77 -40.12
N GLY X 382 -27.55 15.50 -39.80
CA GLY X 382 -28.61 14.54 -39.66
C GLY X 382 -28.38 13.30 -40.50
N ILE X 383 -29.46 12.61 -40.79
CA ILE X 383 -29.44 11.41 -41.60
C ILE X 383 -29.12 11.80 -43.04
N HIS X 384 -28.28 11.01 -43.71
CA HIS X 384 -27.55 11.45 -44.89
C HIS X 384 -27.36 10.35 -45.93
N VAL X 385 -28.28 9.38 -46.02
CA VAL X 385 -28.03 8.09 -46.65
C VAL X 385 -27.79 8.24 -48.15
N TRP X 386 -28.51 9.16 -48.74
CA TRP X 386 -28.46 9.46 -50.17
C TRP X 386 -27.57 10.67 -50.45
N HIS X 387 -27.40 11.52 -49.44
CA HIS X 387 -26.60 12.74 -49.56
C HIS X 387 -25.18 12.45 -49.08
N MET X 388 -24.59 11.39 -49.64
CA MET X 388 -23.24 10.94 -49.32
C MET X 388 -22.09 11.69 -50.01
N PRO X 389 -22.09 11.95 -51.33
CA PRO X 389 -20.91 12.63 -51.90
C PRO X 389 -20.83 14.11 -51.58
N ALA X 390 -21.87 14.69 -50.99
CA ALA X 390 -21.77 16.08 -50.57
C ALA X 390 -20.91 16.22 -49.33
N LEU X 391 -20.86 15.20 -48.47
CA LEU X 391 -20.01 15.26 -47.30
C LEU X 391 -18.56 14.91 -47.58
N VAL X 392 -18.32 14.04 -48.56
CA VAL X 392 -16.98 13.53 -48.84
C VAL X 392 -16.04 14.62 -49.35
N GLU X 393 -16.52 15.57 -50.14
CA GLU X 393 -15.68 16.69 -50.52
C GLU X 393 -15.44 17.68 -49.41
N ILE X 394 -16.46 17.97 -48.62
CA ILE X 394 -16.37 19.12 -47.72
C ILE X 394 -15.53 18.79 -46.50
N PHE X 395 -15.74 17.63 -45.89
CA PHE X 395 -14.94 17.26 -44.73
C PHE X 395 -13.67 16.53 -45.16
N GLY X 396 -13.58 16.12 -46.41
CA GLY X 396 -12.38 15.52 -46.96
C GLY X 396 -12.21 14.06 -46.60
N ASP X 397 -10.96 13.63 -46.45
CA ASP X 397 -10.61 12.27 -46.06
C ASP X 397 -10.61 12.08 -44.56
N ASP X 398 -10.08 13.03 -43.82
CA ASP X 398 -9.77 12.87 -42.42
C ASP X 398 -10.96 13.38 -41.61
N SER X 399 -12.06 12.64 -41.63
CA SER X 399 -13.22 12.98 -40.81
C SER X 399 -13.94 11.69 -40.43
N VAL X 400 -15.02 11.85 -39.66
CA VAL X 400 -15.87 10.75 -39.22
C VAL X 400 -17.32 11.13 -39.49
N LEU X 401 -18.10 10.18 -40.02
CA LEU X 401 -19.51 10.39 -40.34
C LEU X 401 -20.36 9.54 -39.40
N GLN X 402 -21.65 9.82 -39.38
CA GLN X 402 -22.58 9.01 -38.58
C GLN X 402 -22.67 7.62 -39.19
N ALA X 415 -29.52 -4.19 -40.42
CA ALA X 415 -28.39 -4.58 -41.26
C ALA X 415 -28.56 -4.37 -42.79
N PRO X 416 -29.78 -4.45 -43.36
CA PRO X 416 -29.94 -3.85 -44.69
C PRO X 416 -29.78 -2.35 -44.68
N GLY X 417 -30.42 -1.67 -43.72
CA GLY X 417 -30.26 -0.24 -43.54
C GLY X 417 -28.89 0.23 -43.12
N ALA X 418 -28.00 -0.68 -42.71
CA ALA X 418 -26.60 -0.35 -42.48
C ALA X 418 -25.67 -0.77 -43.61
N THR X 419 -26.09 -1.70 -44.47
CA THR X 419 -25.23 -2.05 -45.59
C THR X 419 -25.38 -1.05 -46.74
N ALA X 420 -26.41 -0.21 -46.72
CA ALA X 420 -26.52 0.84 -47.72
C ALA X 420 -25.58 1.99 -47.43
N ASN X 421 -25.09 2.07 -46.19
CA ASN X 421 -24.24 3.18 -45.79
C ASN X 421 -22.81 2.98 -46.28
N ARG X 422 -22.28 1.77 -46.15
CA ARG X 422 -20.88 1.53 -46.46
C ARG X 422 -20.65 1.56 -47.96
N VAL X 423 -21.67 1.13 -48.73
CA VAL X 423 -21.52 1.00 -50.18
C VAL X 423 -21.47 2.39 -50.83
N ALA X 424 -22.35 3.29 -50.40
CA ALA X 424 -22.38 4.63 -50.96
C ALA X 424 -21.16 5.44 -50.57
N LEU X 425 -20.54 5.12 -49.44
CA LEU X 425 -19.31 5.80 -49.06
C LEU X 425 -18.13 5.34 -49.89
N GLU X 426 -17.95 4.01 -50.01
CA GLU X 426 -16.77 3.44 -50.66
C GLU X 426 -16.75 3.68 -52.15
N ALA X 427 -17.92 3.96 -52.75
CA ALA X 427 -18.00 4.07 -54.20
C ALA X 427 -17.45 5.38 -54.70
N CYS X 428 -17.79 6.49 -54.03
CA CYS X 428 -17.45 7.83 -54.48
C CYS X 428 -15.94 8.05 -54.47
N VAL X 429 -15.25 7.43 -53.52
CA VAL X 429 -13.84 7.71 -53.27
C VAL X 429 -12.97 7.27 -54.43
N GLN X 430 -13.38 6.24 -55.16
CA GLN X 430 -12.62 5.85 -56.32
C GLN X 430 -12.95 6.71 -57.55
N ALA X 431 -14.17 7.22 -57.63
CA ALA X 431 -14.55 8.14 -58.70
C ALA X 431 -14.05 9.55 -58.47
N ARG X 432 -13.59 9.86 -57.26
CA ARG X 432 -12.78 11.05 -57.08
C ARG X 432 -11.38 10.89 -57.63
N ASN X 433 -10.77 9.73 -57.41
CA ASN X 433 -9.38 9.54 -57.78
C ASN X 433 -9.19 9.26 -59.25
N GLU X 434 -10.26 8.99 -59.99
CA GLU X 434 -10.15 8.94 -61.45
C GLU X 434 -9.93 10.34 -62.01
N GLY X 435 -10.44 11.36 -61.33
CA GLY X 435 -10.47 12.71 -61.83
C GLY X 435 -11.85 13.23 -62.13
N ARG X 436 -12.90 12.47 -61.87
CA ARG X 436 -14.24 12.95 -62.14
C ARG X 436 -14.64 13.98 -61.09
N ASN X 437 -15.22 15.09 -61.56
CA ASN X 437 -15.58 16.17 -60.65
C ASN X 437 -16.76 15.73 -59.80
N LEU X 438 -16.46 15.34 -58.55
CA LEU X 438 -17.45 14.71 -57.69
C LEU X 438 -18.46 15.72 -57.17
N ALA X 439 -18.21 17.01 -57.36
CA ALA X 439 -19.19 18.02 -57.01
C ALA X 439 -20.32 18.06 -58.03
N ARG X 440 -19.97 18.11 -59.31
CA ARG X 440 -20.97 18.26 -60.36
C ARG X 440 -21.45 16.94 -60.91
N GLU X 441 -21.25 15.85 -60.20
CA GLU X 441 -21.55 14.53 -60.73
C GLU X 441 -22.05 13.58 -59.65
N GLY X 442 -22.12 14.03 -58.40
CA GLY X 442 -22.41 13.25 -57.21
C GLY X 442 -23.54 12.23 -57.21
N ASN X 443 -24.63 12.52 -57.90
CA ASN X 443 -25.77 11.60 -57.86
C ASN X 443 -25.60 10.40 -58.76
N ASP X 444 -24.94 10.57 -59.90
CA ASP X 444 -24.77 9.47 -60.84
C ASP X 444 -23.80 8.43 -60.34
N VAL X 445 -22.93 8.79 -59.40
CA VAL X 445 -22.07 7.81 -58.78
C VAL X 445 -22.85 6.97 -57.79
N ILE X 446 -23.89 7.55 -57.18
CA ILE X 446 -24.79 6.78 -56.31
C ILE X 446 -25.65 5.85 -57.14
N ARG X 447 -26.00 6.28 -58.36
CA ARG X 447 -26.91 5.50 -59.19
C ARG X 447 -26.21 4.30 -59.82
N GLU X 448 -24.93 4.44 -60.16
CA GLU X 448 -24.23 3.29 -60.73
C GLU X 448 -23.86 2.26 -59.68
N ALA X 449 -23.92 2.62 -58.41
CA ALA X 449 -23.65 1.69 -57.34
C ALA X 449 -24.91 0.95 -56.88
N ALA X 450 -26.02 1.13 -57.57
CA ALA X 450 -27.23 0.39 -57.28
C ALA X 450 -27.29 -0.93 -58.02
N LYS X 451 -26.48 -1.06 -59.07
CA LYS X 451 -26.58 -2.20 -59.99
C LYS X 451 -25.79 -3.39 -59.51
N TRP X 452 -25.21 -3.29 -58.30
CA TRP X 452 -24.58 -4.41 -57.63
C TRP X 452 -24.90 -4.45 -56.14
N SER X 453 -25.79 -3.55 -55.68
CA SER X 453 -26.18 -3.42 -54.28
C SER X 453 -27.68 -3.18 -54.18
N PRO X 454 -28.45 -4.13 -53.65
CA PRO X 454 -29.89 -3.93 -53.55
C PRO X 454 -30.33 -2.97 -52.45
N GLU X 455 -29.47 -2.67 -51.48
CA GLU X 455 -29.86 -1.75 -50.42
C GLU X 455 -29.76 -0.28 -50.83
N LEU X 456 -29.02 0.03 -51.89
CA LEU X 456 -29.06 1.36 -52.47
C LEU X 456 -30.14 1.52 -53.53
N ALA X 457 -30.76 0.41 -53.94
CA ALA X 457 -31.93 0.46 -54.80
C ALA X 457 -33.15 1.01 -54.08
N VAL X 458 -33.24 0.80 -52.77
CA VAL X 458 -34.37 1.28 -51.99
C VAL X 458 -34.20 2.73 -51.55
N ALA X 459 -33.00 3.15 -51.18
CA ALA X 459 -32.79 4.40 -50.47
C ALA X 459 -32.94 5.63 -51.35
N CYS X 460 -32.47 5.58 -52.61
CA CYS X 460 -32.48 6.74 -53.50
C CYS X 460 -33.88 7.19 -53.87
N GLU X 461 -34.87 6.30 -53.78
CA GLU X 461 -36.25 6.64 -54.03
C GLU X 461 -36.91 7.29 -52.83
N LEU X 462 -36.37 7.04 -51.63
CA LEU X 462 -36.90 7.57 -50.38
C LEU X 462 -36.51 9.02 -50.16
N TRP X 463 -35.42 9.47 -50.76
CA TRP X 463 -34.92 10.82 -50.53
C TRP X 463 -35.37 11.77 -51.63
N LYS X 464 -34.89 13.01 -51.55
CA LYS X 464 -35.60 14.13 -52.15
C LYS X 464 -35.01 14.57 -53.47
N GLU X 465 -35.84 14.60 -54.50
CA GLU X 465 -35.42 15.08 -55.82
C GLU X 465 -36.00 16.46 -56.14
N ILE X 466 -36.32 17.24 -55.09
CA ILE X 466 -37.11 18.46 -55.25
C ILE X 466 -36.30 19.60 -55.89
N LYS X 467 -36.88 20.18 -56.95
CA LYS X 467 -36.18 21.13 -57.82
C LYS X 467 -37.10 22.30 -58.14
N PHE X 468 -36.57 23.22 -58.95
CA PHE X 468 -37.35 24.25 -59.63
C PHE X 468 -36.65 24.55 -60.96
N GLU X 469 -37.35 24.35 -62.07
CA GLU X 469 -36.90 24.88 -63.35
C GLU X 469 -37.92 25.92 -63.76
N PHE X 470 -37.82 27.11 -63.17
CA PHE X 470 -38.72 28.23 -63.40
C PHE X 470 -37.83 29.39 -63.80
N GLU X 471 -37.44 29.39 -65.06
CA GLU X 471 -36.57 30.41 -65.58
C GLU X 471 -37.45 31.23 -66.50
N LEU Y 18 0.60 15.80 63.80
CA LEU Y 18 1.84 15.26 63.25
C LEU Y 18 1.67 13.82 62.80
N ALA Y 19 0.94 13.65 61.70
CA ALA Y 19 0.61 12.35 61.14
C ALA Y 19 1.70 11.80 60.23
N GLN Y 20 2.86 12.45 60.18
CA GLN Y 20 3.98 11.97 59.39
C GLN Y 20 4.69 10.80 60.02
N GLU Y 21 4.45 10.51 61.30
CA GLU Y 21 5.06 9.35 61.93
C GLU Y 21 4.30 8.06 61.61
N LEU Y 22 3.16 8.18 60.94
CA LEU Y 22 2.53 7.02 60.31
C LEU Y 22 3.00 6.85 58.87
N LEU Y 23 3.76 7.82 58.36
CA LEU Y 23 4.46 7.62 57.10
C LEU Y 23 5.78 6.90 57.33
N ARG Y 24 6.31 6.97 58.56
CA ARG Y 24 7.64 6.43 58.83
C ARG Y 24 7.58 4.95 59.17
N LYS Y 25 6.52 4.51 59.83
CA LYS Y 25 6.42 3.15 60.34
C LYS Y 25 6.12 2.12 59.26
N LEU Y 26 6.23 2.49 57.99
CA LEU Y 26 5.86 1.58 56.93
C LEU Y 26 7.08 1.16 56.11
N ARG Y 27 7.91 2.11 55.69
CA ARG Y 27 9.12 1.81 54.94
C ARG Y 27 10.27 1.39 55.84
N GLN Y 28 10.02 1.27 57.14
CA GLN Y 28 10.96 0.72 58.10
C GLN Y 28 10.56 -0.70 58.52
N LYS Y 29 9.37 -1.15 58.11
CA LYS Y 29 8.76 -2.42 58.52
C LYS Y 29 8.62 -2.49 60.05
N GLN Y 30 7.89 -1.53 60.61
CA GLN Y 30 7.66 -1.46 62.05
C GLN Y 30 6.29 -1.98 62.42
N GLY Y 31 6.26 -3.18 63.04
CA GLY Y 31 5.06 -3.70 63.63
C GLY Y 31 4.71 -5.06 63.08
N ASN Y 32 3.42 -5.32 62.99
CA ASN Y 32 2.89 -6.44 62.22
C ASN Y 32 1.73 -5.95 61.37
N TRP Y 33 1.06 -6.84 60.65
CA TRP Y 33 0.21 -6.43 59.54
C TRP Y 33 -1.10 -5.80 59.96
N VAL Y 34 -1.58 -6.07 61.17
CA VAL Y 34 -2.76 -5.34 61.64
C VAL Y 34 -2.33 -3.97 62.17
N GLU Y 35 -1.07 -3.83 62.59
CA GLU Y 35 -0.57 -2.52 63.00
C GLU Y 35 -0.47 -1.57 61.81
N TRP Y 36 -0.18 -2.10 60.62
CA TRP Y 36 -0.38 -1.30 59.42
C TRP Y 36 -1.81 -1.30 58.96
N GLY Y 37 -2.57 -2.37 59.24
CA GLY Y 37 -3.96 -2.41 58.86
C GLY Y 37 -4.84 -1.41 59.58
N GLN Y 38 -4.36 -0.82 60.66
CA GLN Y 38 -5.08 0.19 61.40
C GLN Y 38 -4.52 1.59 61.19
N ALA Y 39 -3.22 1.70 60.93
CA ALA Y 39 -2.61 3.01 60.70
C ALA Y 39 -2.99 3.59 59.35
N ILE Y 40 -3.50 2.77 58.43
CA ILE Y 40 -3.98 3.32 57.18
C ILE Y 40 -5.28 4.07 57.40
N ALA Y 41 -6.23 3.46 58.12
CA ALA Y 41 -7.54 4.04 58.33
C ALA Y 41 -7.50 5.30 59.20
N SER Y 42 -6.42 5.50 59.95
CA SER Y 42 -6.17 6.83 60.49
C SER Y 42 -5.93 7.83 59.37
N LEU Y 43 -5.00 7.52 58.48
CA LEU Y 43 -4.60 8.43 57.43
C LEU Y 43 -5.66 8.57 56.35
N GLN Y 44 -6.60 7.63 56.28
CA GLN Y 44 -7.74 7.73 55.39
C GLN Y 44 -8.90 8.48 56.01
N LYS Y 45 -8.65 9.24 57.08
CA LYS Y 45 -9.67 10.09 57.68
C LYS Y 45 -9.12 11.50 57.87
N SER Y 46 -8.02 11.82 57.21
CA SER Y 46 -7.40 13.13 57.25
C SER Y 46 -7.22 13.68 55.84
N GLY Y 47 -8.20 13.44 54.98
CA GLY Y 47 -8.27 14.08 53.68
C GLY Y 47 -7.34 13.51 52.64
N TYR Y 48 -6.85 12.29 52.82
CA TYR Y 48 -5.92 11.70 51.86
C TYR Y 48 -6.63 11.10 50.66
N ASN Y 49 -6.19 11.50 49.48
CA ASN Y 49 -6.39 10.72 48.28
C ASN Y 49 -5.65 9.40 48.43
N PRO Y 50 -6.29 8.24 48.17
CA PRO Y 50 -5.53 6.98 48.17
C PRO Y 50 -4.42 6.90 47.13
N GLN Y 51 -4.63 7.46 45.92
CA GLN Y 51 -3.65 7.40 44.83
C GLN Y 51 -2.27 7.93 45.22
N ASP Y 52 -2.25 9.00 45.99
CA ASP Y 52 -0.98 9.57 46.44
C ASP Y 52 -0.49 8.97 47.74
N ILE Y 53 -1.17 7.99 48.32
CA ILE Y 53 -0.63 7.37 49.53
C ILE Y 53 0.58 6.52 49.18
N PHE Y 54 0.59 5.91 48.00
CA PHE Y 54 1.68 5.04 47.55
C PHE Y 54 2.99 5.79 47.27
N GLU Y 55 2.98 7.12 47.24
CA GLU Y 55 4.17 7.86 46.85
C GLU Y 55 5.23 7.83 47.95
N ALA Y 56 4.81 7.87 49.21
CA ALA Y 56 5.79 7.87 50.30
C ALA Y 56 5.84 6.53 51.04
N THR Y 57 4.77 5.76 50.98
CA THR Y 57 4.69 4.44 51.60
C THR Y 57 4.52 3.38 50.52
N GLY Y 58 5.12 2.22 50.71
CA GLY Y 58 5.27 1.24 49.64
C GLY Y 58 4.01 0.47 49.29
N PHE Y 59 2.84 0.84 49.82
CA PHE Y 59 1.64 0.05 49.68
C PHE Y 59 0.65 0.81 48.79
N GLU Y 60 0.38 0.30 47.56
CA GLU Y 60 -0.73 0.81 46.75
C GLU Y 60 -2.05 0.44 47.38
N PRO Y 61 -3.07 1.31 47.28
CA PRO Y 61 -4.34 1.06 48.00
C PRO Y 61 -5.13 -0.14 47.54
N VAL Y 62 -4.67 -0.84 46.50
CA VAL Y 62 -5.14 -2.19 46.25
C VAL Y 62 -4.57 -3.13 47.33
N GLN Y 63 -3.29 -2.97 47.66
CA GLN Y 63 -2.69 -3.80 48.69
C GLN Y 63 -3.10 -3.32 50.10
N GLN Y 64 -3.38 -2.02 50.25
CA GLN Y 64 -3.93 -1.52 51.50
C GLN Y 64 -5.35 -2.00 51.70
N ASN Y 65 -6.04 -2.33 50.60
CA ASN Y 65 -7.44 -2.72 50.66
C ASN Y 65 -7.61 -4.03 51.39
N GLN Y 66 -6.59 -4.87 51.36
CA GLN Y 66 -6.67 -6.17 52.01
C GLN Y 66 -6.44 -6.07 53.52
N VAL Y 67 -5.72 -5.05 53.98
CA VAL Y 67 -5.45 -4.93 55.41
C VAL Y 67 -6.35 -3.92 56.11
N ILE Y 68 -7.02 -3.02 55.38
CA ILE Y 68 -8.13 -2.27 55.96
C ILE Y 68 -9.18 -3.23 56.45
N VAL Y 69 -9.66 -4.08 55.55
CA VAL Y 69 -10.75 -5.00 55.85
C VAL Y 69 -10.28 -6.10 56.78
N GLY Y 70 -8.98 -6.42 56.76
CA GLY Y 70 -8.47 -7.42 57.69
C GLY Y 70 -8.46 -6.94 59.13
N SER Y 71 -8.02 -5.70 59.33
CA SER Y 71 -8.09 -5.10 60.65
C SER Y 71 -9.50 -4.69 61.03
N GLN Y 72 -10.38 -4.50 60.04
CA GLN Y 72 -11.81 -4.44 60.28
C GLN Y 72 -12.41 -5.80 60.62
N VAL Y 73 -11.67 -6.89 60.41
CA VAL Y 73 -12.05 -8.20 60.90
C VAL Y 73 -11.35 -8.54 62.20
N TYR Y 74 -10.05 -8.22 62.32
CA TYR Y 74 -9.29 -8.69 63.47
C TYR Y 74 -9.68 -7.97 64.77
N ASN Y 75 -10.26 -6.77 64.66
CA ASN Y 75 -10.82 -6.13 65.84
C ASN Y 75 -12.13 -6.81 66.25
N SER Y 76 -12.75 -7.53 65.32
CA SER Y 76 -13.91 -8.36 65.62
C SER Y 76 -13.54 -9.79 65.93
N LEU Y 77 -12.30 -10.20 65.64
CA LEU Y 77 -11.90 -11.56 65.95
C LEU Y 77 -11.59 -11.77 67.42
N GLU Y 78 -10.87 -10.84 68.05
CA GLU Y 78 -10.62 -10.96 69.47
C GLU Y 78 -11.79 -10.48 70.31
N LYS Y 79 -12.68 -9.68 69.73
CA LYS Y 79 -13.91 -9.28 70.38
C LYS Y 79 -14.86 -10.44 70.64
N SER Y 80 -15.09 -11.29 69.63
CA SER Y 80 -16.14 -12.29 69.67
C SER Y 80 -15.69 -13.61 70.30
N GLY Y 81 -14.58 -13.59 71.04
CA GLY Y 81 -14.18 -14.74 71.83
C GLY Y 81 -13.49 -15.84 71.06
N ALA Y 82 -12.35 -15.52 70.47
CA ALA Y 82 -11.52 -16.54 69.84
C ALA Y 82 -10.40 -16.97 70.79
N SER Y 83 -9.73 -18.06 70.44
CA SER Y 83 -8.71 -18.63 71.31
C SER Y 83 -7.36 -17.97 71.08
N ALA Y 84 -6.38 -18.42 71.85
CA ALA Y 84 -5.11 -17.70 71.96
C ALA Y 84 -4.26 -17.86 70.71
N ALA Y 85 -4.11 -19.09 70.23
CA ALA Y 85 -3.20 -19.36 69.11
C ALA Y 85 -3.73 -18.77 67.81
N THR Y 86 -5.04 -18.70 67.67
CA THR Y 86 -5.65 -18.00 66.54
C THR Y 86 -5.34 -16.52 66.61
N LEU Y 87 -5.37 -15.94 67.81
CA LEU Y 87 -5.02 -14.54 67.99
C LEU Y 87 -3.52 -14.32 68.12
N ALA Y 88 -2.71 -15.37 67.97
CA ALA Y 88 -1.26 -15.22 67.92
C ALA Y 88 -0.74 -15.25 66.50
N HIS Y 89 -1.19 -16.22 65.70
CA HIS Y 89 -0.75 -16.32 64.32
C HIS Y 89 -1.47 -15.36 63.40
N TYR Y 90 -2.73 -15.04 63.69
CA TYR Y 90 -3.37 -13.98 62.92
C TYR Y 90 -3.04 -12.60 63.45
N ALA Y 91 -2.05 -12.49 64.34
CA ALA Y 91 -1.39 -11.23 64.55
C ALA Y 91 -0.23 -11.04 63.59
N THR Y 92 0.39 -12.14 63.14
CA THR Y 92 1.62 -12.05 62.36
C THR Y 92 1.49 -12.46 60.90
N ARG Y 93 0.85 -13.59 60.60
CA ARG Y 93 0.74 -14.08 59.23
C ARG Y 93 -0.74 -14.39 58.96
N GLY Y 94 -0.99 -15.04 57.82
CA GLY Y 94 -2.35 -15.36 57.43
C GLY Y 94 -3.15 -14.16 56.98
N SER Y 95 -2.73 -13.50 55.91
CA SER Y 95 -3.31 -12.20 55.57
C SER Y 95 -4.62 -12.35 54.81
N ASP Y 96 -4.57 -12.90 53.58
CA ASP Y 96 -5.68 -12.77 52.65
C ASP Y 96 -6.82 -13.73 52.95
N VAL Y 97 -6.62 -14.69 53.84
CA VAL Y 97 -7.73 -15.48 54.37
C VAL Y 97 -8.70 -14.58 55.12
N LEU Y 98 -8.17 -13.70 55.97
CA LEU Y 98 -9.04 -12.79 56.71
C LEU Y 98 -9.62 -11.68 55.87
N TYR Y 99 -9.10 -11.45 54.66
CA TYR Y 99 -9.85 -10.62 53.73
C TYR Y 99 -11.07 -11.34 53.19
N GLU Y 100 -11.07 -12.66 53.17
CA GLU Y 100 -12.16 -13.37 52.52
C GLU Y 100 -13.35 -13.57 53.42
N LEU Y 101 -13.21 -13.32 54.72
CA LEU Y 101 -14.33 -13.39 55.64
C LEU Y 101 -15.08 -12.07 55.75
N ARG Y 102 -15.01 -11.25 54.71
CA ARG Y 102 -15.60 -9.92 54.75
C ARG Y 102 -17.10 -9.93 54.56
N LEU Y 103 -17.65 -10.99 53.97
CA LEU Y 103 -19.08 -11.03 53.66
C LEU Y 103 -19.91 -11.66 54.77
N LEU Y 104 -19.35 -11.77 55.97
CA LEU Y 104 -20.07 -12.27 57.12
C LEU Y 104 -20.48 -11.10 58.01
N THR Y 105 -20.95 -11.44 59.20
CA THR Y 105 -21.29 -10.44 60.20
C THR Y 105 -20.26 -10.49 61.33
N HIS Y 106 -20.54 -9.72 62.36
CA HIS Y 106 -19.62 -9.57 63.48
C HIS Y 106 -19.65 -10.80 64.38
N GLU Y 107 -20.69 -11.63 64.27
CA GLU Y 107 -20.94 -12.69 65.23
C GLU Y 107 -20.38 -14.04 64.84
N GLU Y 108 -20.14 -14.29 63.55
CA GLU Y 108 -19.70 -15.63 63.19
C GLU Y 108 -18.29 -15.67 62.61
N ARG Y 109 -17.60 -14.53 62.54
CA ARG Y 109 -16.25 -14.52 61.95
C ARG Y 109 -15.24 -15.20 62.86
N ALA Y 110 -15.31 -14.93 64.16
CA ALA Y 110 -14.34 -15.51 65.10
C ALA Y 110 -14.57 -16.99 65.30
N ALA Y 111 -15.77 -17.48 65.01
CA ALA Y 111 -15.98 -18.92 64.97
C ALA Y 111 -15.30 -19.55 63.77
N ALA Y 112 -15.15 -18.78 62.68
CA ALA Y 112 -14.51 -19.30 61.48
C ALA Y 112 -13.03 -18.97 61.42
N GLY Y 113 -12.58 -17.98 62.19
CA GLY Y 113 -11.15 -17.72 62.27
C GLY Y 113 -10.41 -18.83 62.98
N ASP Y 114 -11.07 -19.47 63.94
CA ASP Y 114 -10.49 -20.65 64.57
C ASP Y 114 -10.46 -21.82 63.61
N LEU Y 115 -11.54 -22.01 62.85
CA LEU Y 115 -11.68 -23.21 62.02
C LEU Y 115 -10.78 -23.17 60.80
N THR Y 116 -10.66 -22.01 60.15
CA THR Y 116 -9.75 -21.87 59.02
C THR Y 116 -8.31 -21.67 59.45
N PHE Y 117 -7.99 -21.80 60.73
CA PHE Y 117 -6.59 -21.84 61.14
C PHE Y 117 -6.09 -23.26 61.26
N THR Y 118 -6.93 -24.16 61.74
CA THR Y 118 -6.48 -25.51 62.05
C THR Y 118 -6.14 -26.30 60.78
N HIS Y 119 -6.96 -26.15 59.75
CA HIS Y 119 -6.72 -26.85 58.49
C HIS Y 119 -5.70 -26.15 57.61
N LYS Y 120 -5.28 -24.95 57.98
CA LYS Y 120 -4.26 -24.15 57.27
C LYS Y 120 -4.67 -23.91 55.82
N VAL Y 121 -5.94 -23.52 55.66
CA VAL Y 121 -6.51 -23.37 54.33
C VAL Y 121 -5.91 -22.17 53.63
N ASP Y 122 -6.03 -22.16 52.31
CA ASP Y 122 -5.45 -21.12 51.49
C ASP Y 122 -6.50 -20.05 51.24
N ALA Y 123 -6.22 -19.18 50.28
CA ALA Y 123 -7.12 -18.08 49.95
C ALA Y 123 -8.42 -18.58 49.35
N ASP Y 124 -8.33 -19.43 48.32
CA ASP Y 124 -9.50 -19.86 47.59
C ASP Y 124 -10.34 -20.88 48.34
N GLU Y 125 -9.75 -21.63 49.27
CA GLU Y 125 -10.53 -22.57 50.04
C GLU Y 125 -11.31 -21.88 51.16
N ALA Y 126 -10.70 -20.89 51.80
CA ALA Y 126 -11.42 -20.07 52.78
C ALA Y 126 -12.36 -19.08 52.12
N ARG Y 127 -12.17 -18.81 50.82
CA ARG Y 127 -13.19 -18.11 50.05
C ARG Y 127 -14.51 -18.86 50.08
N GLU Y 128 -14.46 -20.17 49.85
CA GLU Y 128 -15.68 -20.91 49.67
C GLU Y 128 -16.25 -21.39 51.00
N ILE Y 129 -15.40 -21.53 52.02
CA ILE Y 129 -15.87 -21.81 53.37
C ILE Y 129 -16.67 -20.63 53.91
N ALA Y 130 -16.21 -19.41 53.62
CA ALA Y 130 -16.98 -18.23 53.96
C ALA Y 130 -18.24 -18.11 53.13
N LYS Y 131 -18.23 -18.69 51.92
CA LYS Y 131 -19.47 -18.80 51.15
C LYS Y 131 -20.40 -19.86 51.74
N ALA Y 132 -19.84 -20.98 52.22
CA ALA Y 132 -20.68 -22.06 52.70
C ALA Y 132 -21.34 -21.69 54.03
N ILE Y 133 -20.63 -20.98 54.90
CA ILE Y 133 -21.23 -20.49 56.14
C ILE Y 133 -22.20 -19.36 55.84
N LYS Y 134 -22.08 -18.70 54.69
CA LYS Y 134 -23.01 -17.65 54.33
C LYS Y 134 -24.39 -18.22 54.02
N ASP Y 135 -24.44 -19.28 53.23
CA ASP Y 135 -25.74 -19.83 52.87
C ASP Y 135 -26.34 -20.66 53.99
N PHE Y 136 -25.50 -21.27 54.81
CA PHE Y 136 -25.98 -22.01 55.97
C PHE Y 136 -26.58 -21.08 57.01
N SER Y 137 -26.16 -19.81 57.03
CA SER Y 137 -26.74 -18.80 57.88
C SER Y 137 -27.72 -17.88 57.15
N ARG Y 138 -27.80 -17.97 55.83
CA ARG Y 138 -28.89 -17.36 55.11
C ARG Y 138 -30.23 -18.04 55.41
N PHE Y 139 -30.19 -19.33 55.70
CA PHE Y 139 -31.41 -20.12 55.90
C PHE Y 139 -32.16 -19.64 57.13
N ARG Y 140 -33.49 -19.73 57.07
CA ARG Y 140 -34.28 -19.43 58.25
C ARG Y 140 -34.35 -20.64 59.17
N ILE Y 141 -34.04 -21.81 58.63
CA ILE Y 141 -34.22 -23.09 59.29
C ILE Y 141 -32.87 -23.78 59.33
N LEU Y 142 -32.53 -24.39 60.46
CA LEU Y 142 -31.44 -25.34 60.46
C LEU Y 142 -31.89 -26.65 59.83
N PRO Y 143 -31.09 -27.23 58.93
CA PRO Y 143 -31.37 -28.56 58.41
C PRO Y 143 -30.97 -29.65 59.40
N GLU Y 144 -31.40 -30.88 59.08
CA GLU Y 144 -31.35 -31.99 60.04
C GLU Y 144 -29.94 -32.39 60.40
N GLY Y 145 -29.67 -32.47 61.70
CA GLY Y 145 -28.43 -33.00 62.21
C GLY Y 145 -27.27 -32.05 62.29
N PHE Y 146 -27.51 -30.74 62.21
CA PHE Y 146 -26.43 -29.76 62.17
C PHE Y 146 -26.69 -28.63 63.15
N SER Y 147 -25.61 -28.06 63.64
CA SER Y 147 -25.61 -27.01 64.65
C SER Y 147 -24.96 -25.75 64.08
N ASN Y 148 -24.71 -24.80 64.96
CA ASN Y 148 -24.30 -23.45 64.59
C ASN Y 148 -22.82 -23.33 64.27
N HIS Y 149 -22.05 -24.40 64.42
CA HIS Y 149 -20.62 -24.27 64.23
C HIS Y 149 -20.29 -24.33 62.73
N PRO Y 150 -19.30 -23.56 62.27
CA PRO Y 150 -18.91 -23.62 60.85
C PRO Y 150 -18.33 -24.96 60.42
N GLY Y 151 -17.87 -25.80 61.34
CA GLY Y 151 -17.58 -27.19 61.00
C GLY Y 151 -18.81 -27.97 60.61
N ASP Y 152 -19.99 -27.56 61.08
CA ASP Y 152 -21.23 -28.14 60.59
C ASP Y 152 -21.71 -27.46 59.33
N ALA Y 153 -21.31 -26.20 59.10
CA ALA Y 153 -21.75 -25.48 57.91
C ALA Y 153 -21.14 -26.07 56.65
N VAL Y 154 -19.83 -26.30 56.65
CA VAL Y 154 -19.20 -26.76 55.42
C VAL Y 154 -19.36 -28.27 55.29
N ALA Y 155 -19.71 -28.94 56.37
CA ALA Y 155 -20.11 -30.33 56.28
C ALA Y 155 -21.59 -30.51 56.01
N TYR Y 156 -22.37 -29.43 55.98
CA TYR Y 156 -23.73 -29.61 55.50
C TYR Y 156 -23.80 -29.51 53.98
N GLN Y 157 -23.13 -28.51 53.41
CA GLN Y 157 -23.04 -28.41 51.96
C GLN Y 157 -22.31 -29.61 51.35
N ALA Y 158 -21.26 -30.10 52.01
CA ALA Y 158 -20.54 -31.25 51.46
C ALA Y 158 -21.35 -32.54 51.55
N TRP Y 159 -22.45 -32.55 52.30
CA TRP Y 159 -23.39 -33.66 52.29
C TRP Y 159 -24.60 -33.38 51.43
N LYS Y 160 -25.06 -32.13 51.39
CA LYS Y 160 -26.20 -31.76 50.56
C LYS Y 160 -25.87 -31.89 49.08
N LEU Y 161 -24.62 -31.65 48.71
CA LEU Y 161 -24.21 -31.82 47.33
C LEU Y 161 -23.63 -33.20 47.08
N ALA Y 162 -23.69 -34.10 48.05
CA ALA Y 162 -23.24 -35.47 47.88
C ALA Y 162 -24.37 -36.47 47.91
N ARG Y 163 -25.60 -36.02 48.14
CA ARG Y 163 -26.75 -36.91 48.01
C ARG Y 163 -27.01 -37.25 46.55
N GLN Y 164 -26.66 -36.33 45.64
CA GLN Y 164 -27.07 -36.42 44.25
C GLN Y 164 -26.30 -37.47 43.48
N TYR Y 165 -25.11 -37.86 43.93
CA TYR Y 165 -24.45 -39.00 43.31
C TYR Y 165 -25.08 -40.30 43.79
N SER Y 166 -25.34 -41.20 42.85
CA SER Y 166 -25.77 -42.54 43.16
C SER Y 166 -24.65 -43.55 42.94
N ASP Y 167 -23.40 -43.13 43.11
CA ASP Y 167 -22.23 -43.95 42.86
C ASP Y 167 -21.29 -43.86 44.05
N LEU Y 168 -20.64 -44.99 44.36
CA LEU Y 168 -19.81 -45.09 45.55
C LEU Y 168 -18.43 -44.47 45.35
N GLN Y 169 -17.75 -44.77 44.25
CA GLN Y 169 -16.39 -44.26 44.04
C GLN Y 169 -16.35 -42.85 43.46
N GLU Y 170 -17.47 -42.13 43.47
CA GLU Y 170 -17.46 -40.71 43.15
C GLU Y 170 -17.74 -39.83 44.36
N ARG Y 171 -18.53 -40.32 45.32
CA ARG Y 171 -18.95 -39.54 46.48
C ARG Y 171 -17.86 -39.44 47.55
N SER Y 172 -16.89 -40.37 47.56
CA SER Y 172 -15.82 -40.33 48.56
C SER Y 172 -14.87 -39.15 48.37
N ARG Y 173 -14.91 -38.48 47.22
CA ARG Y 173 -14.28 -37.17 47.08
C ARG Y 173 -14.94 -36.15 47.98
N LEU Y 174 -16.25 -36.28 48.19
CA LEU Y 174 -17.02 -35.42 49.08
C LEU Y 174 -17.19 -36.02 50.47
N ILE Y 175 -16.68 -37.21 50.72
CA ILE Y 175 -16.79 -37.85 52.03
C ILE Y 175 -15.52 -37.66 52.85
N ALA Y 176 -14.35 -37.70 52.20
CA ALA Y 176 -13.10 -37.39 52.89
C ALA Y 176 -13.08 -35.94 53.34
N ARG Y 177 -13.51 -35.01 52.49
CA ARG Y 177 -13.73 -33.64 52.93
C ARG Y 177 -14.94 -33.56 53.85
N GLY Y 178 -15.94 -34.42 53.64
CA GLY Y 178 -17.07 -34.48 54.55
C GLY Y 178 -16.70 -34.98 55.93
N LEU Y 179 -15.71 -35.87 56.01
CA LEU Y 179 -15.17 -36.29 57.30
C LEU Y 179 -14.02 -35.43 57.77
N ARG Y 180 -13.72 -34.34 57.08
CA ARG Y 180 -12.65 -33.45 57.46
C ARG Y 180 -13.14 -32.31 58.34
N PHE Y 181 -14.42 -31.95 58.26
CA PHE Y 181 -14.93 -30.77 58.95
C PHE Y 181 -16.02 -31.03 59.98
N ALA Y 182 -16.73 -32.17 59.90
CA ALA Y 182 -18.01 -32.34 60.58
C ALA Y 182 -17.87 -32.35 62.10
N HIS Y 183 -18.53 -31.41 62.75
CA HIS Y 183 -18.21 -31.00 64.11
C HIS Y 183 -18.92 -31.80 65.19
N SER Y 184 -20.25 -31.82 65.19
CA SER Y 184 -20.95 -32.60 66.20
C SER Y 184 -21.11 -34.04 65.72
N GLU Y 185 -21.43 -34.92 66.66
CA GLU Y 185 -21.52 -36.34 66.35
C GLU Y 185 -22.75 -36.67 65.53
N THR Y 186 -23.83 -35.89 65.67
CA THR Y 186 -24.98 -36.07 64.80
C THR Y 186 -24.66 -35.68 63.37
N ALA Y 187 -23.84 -34.64 63.20
CA ALA Y 187 -23.29 -34.30 61.88
C ALA Y 187 -22.20 -35.26 61.44
N ARG Y 188 -21.77 -36.18 62.30
CA ARG Y 188 -20.87 -37.23 61.84
C ARG Y 188 -21.64 -38.43 61.32
N LYS Y 189 -22.84 -38.67 61.87
CA LYS Y 189 -23.65 -39.81 61.44
C LYS Y 189 -24.25 -39.58 60.04
N GLN Y 190 -24.61 -38.33 59.73
CA GLN Y 190 -25.16 -38.01 58.42
C GLN Y 190 -24.14 -38.24 57.32
N ILE Y 191 -22.87 -38.02 57.63
CA ILE Y 191 -21.81 -38.34 56.68
C ILE Y 191 -21.63 -39.85 56.60
N GLU Y 192 -21.92 -40.57 57.69
CA GLU Y 192 -21.72 -42.01 57.72
C GLU Y 192 -22.80 -42.77 56.96
N GLN Y 193 -23.94 -42.14 56.70
CA GLN Y 193 -24.98 -42.81 55.89
C GLN Y 193 -24.57 -42.92 54.43
N LEU Y 194 -23.68 -42.05 54.00
CA LEU Y 194 -23.21 -42.06 52.62
C LEU Y 194 -22.36 -43.30 52.33
N LEU Y 195 -21.67 -43.80 53.34
CA LEU Y 195 -20.82 -44.96 53.16
C LEU Y 195 -21.64 -46.23 53.14
N LEU Z 18 -35.93 -31.72 -44.89
CA LEU Z 18 -35.46 -30.38 -45.27
C LEU Z 18 -36.07 -29.30 -44.39
N ALA Z 19 -35.63 -29.27 -43.13
CA ALA Z 19 -36.13 -28.35 -42.12
C ALA Z 19 -35.46 -26.99 -42.18
N GLN Z 20 -34.64 -26.73 -43.20
CA GLN Z 20 -33.99 -25.44 -43.35
C GLN Z 20 -34.94 -24.37 -43.87
N GLU Z 21 -36.11 -24.74 -44.38
CA GLU Z 21 -37.07 -23.73 -44.82
C GLU Z 21 -37.89 -23.18 -43.66
N LEU Z 22 -37.70 -23.73 -42.46
CA LEU Z 22 -38.18 -23.08 -41.24
C LEU Z 22 -37.09 -22.19 -40.64
N LEU Z 23 -35.88 -22.25 -41.19
CA LEU Z 23 -34.87 -21.25 -40.86
C LEU Z 23 -35.04 -20.00 -41.71
N ARG Z 24 -35.69 -20.14 -42.86
CA ARG Z 24 -35.79 -19.03 -43.80
C ARG Z 24 -36.96 -18.12 -43.49
N LYS Z 25 -38.06 -18.67 -42.98
CA LYS Z 25 -39.30 -17.93 -42.78
C LYS Z 25 -39.24 -17.01 -41.56
N LEU Z 26 -38.08 -16.79 -40.98
CA LEU Z 26 -37.99 -16.01 -39.77
C LEU Z 26 -37.26 -14.69 -40.00
N ARG Z 27 -36.11 -14.72 -40.66
CA ARG Z 27 -35.35 -13.52 -40.96
C ARG Z 27 -35.87 -12.81 -42.20
N GLN Z 28 -36.97 -13.30 -42.78
CA GLN Z 28 -37.68 -12.66 -43.86
C GLN Z 28 -38.99 -12.03 -43.37
N LYS Z 29 -39.36 -12.29 -42.11
CA LYS Z 29 -40.64 -11.90 -41.50
C LYS Z 29 -41.82 -12.43 -42.32
N GLN Z 30 -41.88 -13.76 -42.46
CA GLN Z 30 -42.94 -14.43 -43.21
C GLN Z 30 -43.99 -15.01 -42.27
N GLY Z 31 -45.16 -14.39 -42.24
CA GLY Z 31 -46.31 -14.94 -41.57
C GLY Z 31 -46.87 -14.00 -40.53
N ASN Z 32 -47.38 -14.58 -39.45
CA ASN Z 32 -47.69 -13.84 -38.24
C ASN Z 32 -47.16 -14.62 -37.05
N TRP Z 33 -47.42 -14.16 -35.84
CA TRP Z 33 -46.64 -14.60 -34.68
C TRP Z 33 -47.00 -16.00 -34.21
N VAL Z 34 -48.19 -16.50 -34.50
CA VAL Z 34 -48.48 -17.89 -34.20
C VAL Z 34 -47.87 -18.79 -35.27
N GLU Z 35 -47.67 -18.26 -36.49
CA GLU Z 35 -46.99 -19.02 -37.53
C GLU Z 35 -45.52 -19.26 -37.18
N TRP Z 36 -44.89 -18.30 -36.49
CA TRP Z 36 -43.61 -18.60 -35.87
C TRP Z 36 -43.75 -19.32 -34.56
N GLY Z 37 -44.86 -19.11 -33.84
CA GLY Z 37 -45.08 -19.81 -32.59
C GLY Z 37 -45.27 -21.31 -32.73
N GLN Z 38 -45.52 -21.79 -33.93
CA GLN Z 38 -45.67 -23.21 -34.20
C GLN Z 38 -44.48 -23.80 -34.93
N ALA Z 39 -43.79 -22.99 -35.74
CA ALA Z 39 -42.62 -23.47 -36.47
C ALA Z 39 -41.42 -23.68 -35.57
N ILE Z 40 -41.44 -23.11 -34.37
CA ILE Z 40 -40.36 -23.37 -33.43
C ILE Z 40 -40.48 -24.77 -32.88
N ALA Z 41 -41.69 -25.16 -32.45
CA ALA Z 41 -41.91 -26.46 -31.82
C ALA Z 41 -41.76 -27.61 -32.79
N SER Z 42 -41.81 -27.36 -34.09
CA SER Z 42 -41.31 -28.33 -35.05
C SER Z 42 -39.80 -28.53 -34.86
N LEU Z 43 -39.05 -27.43 -34.88
CA LEU Z 43 -37.60 -27.50 -34.82
C LEU Z 43 -37.10 -27.89 -33.44
N GLN Z 44 -37.93 -27.77 -32.42
CA GLN Z 44 -37.61 -28.24 -31.08
C GLN Z 44 -37.97 -29.71 -30.87
N LYS Z 45 -38.19 -30.45 -31.96
CA LYS Z 45 -38.44 -31.88 -31.89
C LYS Z 45 -37.53 -32.62 -32.85
N SER Z 46 -36.49 -31.95 -33.35
CA SER Z 46 -35.52 -32.52 -34.25
C SER Z 46 -34.10 -32.34 -33.70
N GLY Z 47 -33.97 -32.49 -32.38
CA GLY Z 47 -32.66 -32.55 -31.76
C GLY Z 47 -31.95 -31.24 -31.59
N TYR Z 48 -32.67 -30.11 -31.64
CA TYR Z 48 -32.04 -28.81 -31.54
C TYR Z 48 -31.78 -28.42 -30.09
N ASN Z 49 -30.54 -28.03 -29.82
CA ASN Z 49 -30.23 -27.20 -28.67
C ASN Z 49 -30.91 -25.84 -28.87
N PRO Z 50 -31.64 -25.32 -27.88
CA PRO Z 50 -32.16 -23.96 -27.99
C PRO Z 50 -31.10 -22.87 -28.12
N GLN Z 51 -29.96 -23.00 -27.43
CA GLN Z 51 -28.89 -21.99 -27.43
C GLN Z 51 -28.39 -21.67 -28.84
N ASP Z 52 -28.27 -22.68 -29.69
CA ASP Z 52 -27.83 -22.46 -31.05
C ASP Z 52 -28.97 -22.15 -32.01
N ILE Z 53 -30.21 -22.06 -31.55
CA ILE Z 53 -31.28 -21.69 -32.47
C ILE Z 53 -31.15 -20.22 -32.85
N PHE Z 54 -30.68 -19.38 -31.94
CA PHE Z 54 -30.53 -17.94 -32.15
C PHE Z 54 -29.44 -17.58 -33.17
N GLU Z 55 -28.60 -18.53 -33.58
CA GLU Z 55 -27.47 -18.20 -34.44
C GLU Z 55 -27.92 -17.90 -35.87
N ALA Z 56 -28.94 -18.61 -36.36
CA ALA Z 56 -29.40 -18.36 -37.72
C ALA Z 56 -30.73 -17.62 -37.77
N THR Z 57 -31.53 -17.70 -36.71
CA THR Z 57 -32.81 -17.02 -36.59
C THR Z 57 -32.73 -16.00 -35.47
N GLY Z 58 -33.39 -14.86 -35.64
CA GLY Z 58 -33.17 -13.71 -34.76
C GLY Z 58 -33.82 -13.81 -33.38
N PHE Z 59 -34.35 -14.97 -33.01
CA PHE Z 59 -35.14 -15.10 -31.78
C PHE Z 59 -34.36 -15.95 -30.77
N GLU Z 60 -33.87 -15.34 -29.67
CA GLU Z 60 -33.35 -16.11 -28.54
C GLU Z 60 -34.46 -16.87 -27.85
N PRO Z 61 -34.20 -18.09 -27.35
CA PRO Z 61 -35.29 -18.92 -26.80
C PRO Z 61 -35.95 -18.40 -25.55
N VAL Z 62 -35.48 -17.27 -25.01
CA VAL Z 62 -36.30 -16.50 -24.08
C VAL Z 62 -37.45 -15.84 -24.84
N GLN Z 63 -37.17 -15.28 -26.02
CA GLN Z 63 -38.22 -14.66 -26.81
C GLN Z 63 -39.07 -15.72 -27.53
N GLN Z 64 -38.47 -16.87 -27.85
CA GLN Z 64 -39.25 -17.98 -28.39
C GLN Z 64 -40.15 -18.57 -27.33
N ASN Z 65 -39.79 -18.40 -26.05
CA ASN Z 65 -40.54 -19.00 -24.96
C ASN Z 65 -41.93 -18.40 -24.86
N GLN Z 66 -42.08 -17.16 -25.29
CA GLN Z 66 -43.36 -16.49 -25.20
C GLN Z 66 -44.31 -16.93 -26.31
N VAL Z 67 -43.78 -17.37 -27.46
CA VAL Z 67 -44.64 -17.77 -28.58
C VAL Z 67 -44.82 -19.27 -28.69
N ILE Z 68 -43.96 -20.09 -28.06
CA ILE Z 68 -44.28 -21.50 -27.86
C ILE Z 68 -45.58 -21.62 -27.09
N VAL Z 69 -45.61 -21.00 -25.91
CA VAL Z 69 -46.74 -21.11 -25.01
C VAL Z 69 -47.94 -20.35 -25.57
N GLY Z 70 -47.71 -19.31 -26.37
CA GLY Z 70 -48.80 -18.59 -26.98
C GLY Z 70 -49.53 -19.41 -28.03
N SER Z 71 -48.78 -20.09 -28.88
CA SER Z 71 -49.37 -21.00 -29.85
C SER Z 71 -49.85 -22.29 -29.19
N GLN Z 72 -49.33 -22.63 -28.02
CA GLN Z 72 -49.93 -23.64 -27.15
C GLN Z 72 -51.21 -23.14 -26.49
N VAL Z 73 -51.48 -21.84 -26.53
CA VAL Z 73 -52.76 -21.29 -26.12
C VAL Z 73 -53.67 -21.05 -27.33
N TYR Z 74 -53.13 -20.53 -28.43
CA TYR Z 74 -54.00 -20.10 -29.52
C TYR Z 74 -54.61 -21.28 -30.27
N ASN Z 75 -53.99 -22.46 -30.19
CA ASN Z 75 -54.64 -23.66 -30.72
C ASN Z 75 -55.78 -24.12 -29.82
N SER Z 76 -55.76 -23.68 -28.56
CA SER Z 76 -56.85 -23.89 -27.64
C SER Z 76 -57.84 -22.74 -27.62
N LEU Z 77 -57.48 -21.59 -28.20
CA LEU Z 77 -58.40 -20.45 -28.22
C LEU Z 77 -59.47 -20.61 -29.28
N GLU Z 78 -59.12 -21.05 -30.49
CA GLU Z 78 -60.13 -21.29 -31.51
C GLU Z 78 -60.83 -22.62 -31.33
N LYS Z 79 -60.22 -23.55 -30.61
CA LYS Z 79 -60.84 -24.81 -30.25
C LYS Z 79 -62.05 -24.64 -29.35
N SER Z 80 -61.92 -23.84 -28.29
CA SER Z 80 -62.91 -23.77 -27.22
C SER Z 80 -64.02 -22.77 -27.51
N GLY Z 81 -64.19 -22.34 -28.75
CA GLY Z 81 -65.32 -21.54 -29.14
C GLY Z 81 -65.21 -20.07 -28.81
N ALA Z 82 -64.22 -19.40 -29.38
CA ALA Z 82 -64.13 -17.95 -29.25
C ALA Z 82 -64.70 -17.28 -30.50
N SER Z 83 -64.89 -15.97 -30.39
CA SER Z 83 -65.53 -15.22 -31.47
C SER Z 83 -64.51 -14.79 -32.52
N ALA Z 84 -65.01 -14.13 -33.55
CA ALA Z 84 -64.23 -13.90 -34.77
C ALA Z 84 -63.15 -12.85 -34.56
N ALA Z 85 -63.52 -11.70 -33.97
CA ALA Z 85 -62.58 -10.59 -33.84
C ALA Z 85 -61.46 -10.91 -32.86
N THR Z 86 -61.76 -11.71 -31.84
CA THR Z 86 -60.71 -12.22 -30.96
C THR Z 86 -59.74 -13.10 -31.71
N LEU Z 87 -60.26 -13.94 -32.60
CA LEU Z 87 -59.41 -14.79 -33.43
C LEU Z 87 -58.88 -14.07 -34.66
N ALA Z 88 -59.15 -12.78 -34.80
CA ALA Z 88 -58.55 -11.99 -35.86
C ALA Z 88 -57.37 -11.16 -35.36
N HIS Z 89 -57.55 -10.47 -34.22
CA HIS Z 89 -56.47 -9.67 -33.67
C HIS Z 89 -55.46 -10.50 -32.90
N TYR Z 90 -55.89 -11.60 -32.27
CA TYR Z 90 -54.90 -12.50 -31.69
C TYR Z 90 -54.31 -13.46 -32.71
N ALA Z 91 -54.57 -13.24 -34.00
CA ALA Z 91 -53.72 -13.81 -35.02
C ALA Z 91 -52.54 -12.90 -35.33
N THR Z 92 -52.68 -11.58 -35.14
CA THR Z 92 -51.67 -10.64 -35.57
C THR Z 92 -50.90 -9.93 -34.44
N ARG Z 93 -51.61 -9.43 -33.43
CA ARG Z 93 -50.96 -8.69 -32.34
C ARG Z 93 -51.44 -9.26 -31.02
N GLY Z 94 -51.11 -8.58 -29.93
CA GLY Z 94 -51.47 -9.06 -28.60
C GLY Z 94 -50.68 -10.27 -28.15
N SER Z 95 -49.36 -10.12 -28.01
CA SER Z 95 -48.52 -11.29 -27.82
C SER Z 95 -48.49 -11.74 -26.36
N ASP Z 96 -47.93 -10.90 -25.46
CA ASP Z 96 -47.55 -11.37 -24.14
C ASP Z 96 -48.73 -11.48 -23.18
N VAL Z 97 -49.90 -10.97 -23.56
CA VAL Z 97 -51.13 -11.25 -22.83
C VAL Z 97 -51.44 -12.74 -22.89
N LEU Z 98 -51.33 -13.34 -24.08
CA LEU Z 98 -51.59 -14.76 -24.21
C LEU Z 98 -50.50 -15.64 -23.64
N TYR Z 99 -49.33 -15.09 -23.34
CA TYR Z 99 -48.39 -15.82 -22.51
C TYR Z 99 -48.85 -15.89 -21.08
N GLU Z 100 -49.64 -14.93 -20.63
CA GLU Z 100 -49.97 -14.87 -19.21
C GLU Z 100 -51.15 -15.76 -18.85
N LEU Z 101 -51.87 -16.28 -19.81
CA LEU Z 101 -52.95 -17.22 -19.55
C LEU Z 101 -52.45 -18.66 -19.51
N ARG Z 102 -51.18 -18.86 -19.20
CA ARG Z 102 -50.58 -20.19 -19.23
C ARG Z 102 -50.95 -21.03 -18.04
N LEU Z 103 -51.36 -20.43 -16.93
CA LEU Z 103 -51.63 -21.16 -15.71
C LEU Z 103 -53.09 -21.58 -15.59
N LEU Z 104 -53.84 -21.56 -16.68
CA LEU Z 104 -55.20 -22.03 -16.71
C LEU Z 104 -55.26 -23.42 -17.34
N THR Z 105 -56.47 -23.86 -17.63
CA THR Z 105 -56.70 -25.12 -18.33
C THR Z 105 -57.19 -24.83 -19.74
N HIS Z 106 -57.56 -25.89 -20.43
CA HIS Z 106 -57.96 -25.80 -21.83
C HIS Z 106 -59.38 -25.24 -21.95
N GLU Z 107 -60.14 -25.25 -20.86
CA GLU Z 107 -61.56 -24.97 -20.92
C GLU Z 107 -61.93 -23.52 -20.65
N GLU Z 108 -61.09 -22.76 -19.94
CA GLU Z 108 -61.50 -21.41 -19.60
C GLU Z 108 -60.64 -20.33 -20.24
N ARG Z 109 -59.66 -20.69 -21.06
CA ARG Z 109 -58.79 -19.69 -21.67
C ARG Z 109 -59.53 -18.88 -22.74
N ALA Z 110 -60.31 -19.55 -23.58
CA ALA Z 110 -61.01 -18.85 -24.65
C ALA Z 110 -62.15 -17.98 -24.13
N ALA Z 111 -62.64 -18.27 -22.92
CA ALA Z 111 -63.57 -17.36 -22.27
C ALA Z 111 -62.86 -16.09 -21.81
N ALA Z 112 -61.57 -16.20 -21.50
CA ALA Z 112 -60.81 -15.03 -21.07
C ALA Z 112 -60.08 -14.35 -22.20
N GLY Z 113 -59.87 -15.03 -23.32
CA GLY Z 113 -59.30 -14.38 -24.48
C GLY Z 113 -60.25 -13.36 -25.08
N ASP Z 114 -61.55 -13.62 -24.99
CA ASP Z 114 -62.53 -12.63 -25.40
C ASP Z 114 -62.55 -11.45 -24.44
N LEU Z 115 -62.47 -11.71 -23.14
CA LEU Z 115 -62.66 -10.68 -22.14
C LEU Z 115 -61.47 -9.74 -22.05
N THR Z 116 -60.26 -10.29 -22.12
CA THR Z 116 -59.07 -9.45 -22.12
C THR Z 116 -58.76 -8.85 -23.48
N PHE Z 117 -59.66 -9.00 -24.46
CA PHE Z 117 -59.50 -8.25 -25.70
C PHE Z 117 -60.30 -6.96 -25.67
N THR Z 118 -61.49 -6.98 -25.06
CA THR Z 118 -62.39 -5.84 -25.13
C THR Z 118 -61.84 -4.65 -24.34
N HIS Z 119 -61.29 -4.92 -23.16
CA HIS Z 119 -60.73 -3.85 -22.34
C HIS Z 119 -59.34 -3.43 -22.76
N LYS Z 120 -58.72 -4.17 -23.69
CA LYS Z 120 -57.40 -3.88 -24.23
C LYS Z 120 -56.34 -3.82 -23.13
N VAL Z 121 -56.40 -4.81 -22.25
CA VAL Z 121 -55.55 -4.84 -21.08
C VAL Z 121 -54.10 -5.10 -21.48
N ASP Z 122 -53.20 -4.73 -20.58
CA ASP Z 122 -51.79 -4.86 -20.83
C ASP Z 122 -51.30 -6.19 -20.28
N ALA Z 123 -49.97 -6.32 -20.18
CA ALA Z 123 -49.37 -7.56 -19.70
C ALA Z 123 -49.67 -7.78 -18.23
N ASP Z 124 -49.43 -6.79 -17.38
CA ASP Z 124 -49.56 -6.96 -15.95
C ASP Z 124 -50.99 -6.98 -15.47
N GLU Z 125 -51.92 -6.39 -16.23
CA GLU Z 125 -53.31 -6.45 -15.82
C GLU Z 125 -53.94 -7.79 -16.17
N ALA Z 126 -53.60 -8.34 -17.34
CA ALA Z 126 -54.04 -9.69 -17.69
C ALA Z 126 -53.26 -10.76 -16.94
N ARG Z 127 -52.10 -10.40 -16.36
CA ARG Z 127 -51.46 -11.28 -15.39
C ARG Z 127 -52.37 -11.56 -14.21
N GLU Z 128 -53.00 -10.52 -13.68
CA GLU Z 128 -53.74 -10.67 -12.44
C GLU Z 128 -55.16 -11.12 -12.70
N ILE Z 129 -55.69 -10.84 -13.89
CA ILE Z 129 -56.99 -11.38 -14.28
C ILE Z 129 -56.92 -12.89 -14.43
N ALA Z 130 -55.82 -13.39 -14.98
CA ALA Z 130 -55.58 -14.82 -15.03
C ALA Z 130 -55.32 -15.39 -13.65
N LYS Z 131 -54.82 -14.58 -12.72
CA LYS Z 131 -54.75 -14.99 -11.33
C LYS Z 131 -56.12 -15.00 -10.68
N ALA Z 132 -56.97 -14.02 -11.01
CA ALA Z 132 -58.27 -13.92 -10.34
C ALA Z 132 -59.20 -15.02 -10.80
N ILE Z 133 -59.15 -15.39 -12.09
CA ILE Z 133 -59.94 -16.53 -12.56
C ILE Z 133 -59.35 -17.84 -12.06
N LYS Z 134 -58.08 -17.84 -11.65
CA LYS Z 134 -57.49 -19.05 -11.11
C LYS Z 134 -58.07 -19.38 -9.75
N ASP Z 135 -58.17 -18.39 -8.87
CA ASP Z 135 -58.68 -18.66 -7.54
C ASP Z 135 -60.18 -18.81 -7.53
N PHE Z 136 -60.87 -18.13 -8.43
CA PHE Z 136 -62.31 -18.29 -8.55
C PHE Z 136 -62.69 -19.67 -9.07
N SER Z 137 -61.78 -20.32 -9.79
CA SER Z 137 -61.97 -21.69 -10.25
C SER Z 137 -61.21 -22.70 -9.40
N ARG Z 138 -60.34 -22.25 -8.49
CA ARG Z 138 -59.81 -23.13 -7.46
C ARG Z 138 -60.88 -23.55 -6.47
N PHE Z 139 -61.88 -22.70 -6.24
CA PHE Z 139 -62.91 -22.95 -5.24
C PHE Z 139 -63.74 -24.16 -5.61
N ARG Z 140 -64.20 -24.89 -4.59
CA ARG Z 140 -65.12 -25.99 -4.84
C ARG Z 140 -66.54 -25.47 -4.96
N ILE Z 141 -66.77 -24.26 -4.46
CA ILE Z 141 -68.09 -23.67 -4.31
C ILE Z 141 -68.09 -22.35 -5.09
N LEU Z 142 -69.17 -22.09 -5.82
CA LEU Z 142 -69.39 -20.73 -6.30
C LEU Z 142 -69.90 -19.86 -5.15
N PRO Z 143 -69.34 -18.67 -4.99
CA PRO Z 143 -69.87 -17.70 -4.02
C PRO Z 143 -71.12 -17.00 -4.56
N GLU Z 144 -71.78 -16.28 -3.65
CA GLU Z 144 -73.13 -15.78 -3.91
C GLU Z 144 -73.17 -14.74 -5.01
N GLY Z 145 -74.07 -14.96 -5.98
CA GLY Z 145 -74.36 -13.98 -7.01
C GLY Z 145 -73.44 -13.98 -8.20
N PHE Z 146 -72.66 -15.04 -8.41
CA PHE Z 146 -71.67 -15.06 -9.48
C PHE Z 146 -71.76 -16.36 -10.26
N SER Z 147 -71.42 -16.27 -11.54
CA SER Z 147 -71.49 -17.36 -12.50
C SER Z 147 -70.10 -17.67 -13.03
N ASN Z 148 -70.06 -18.50 -14.06
CA ASN Z 148 -68.83 -19.09 -14.57
C ASN Z 148 -68.04 -18.16 -15.47
N HIS Z 149 -68.56 -16.98 -15.77
CA HIS Z 149 -67.86 -16.12 -16.72
C HIS Z 149 -66.71 -15.38 -16.03
N PRO Z 150 -65.58 -15.17 -16.71
CA PRO Z 150 -64.48 -14.41 -16.09
C PRO Z 150 -64.80 -12.96 -15.79
N GLY Z 151 -65.82 -12.38 -16.41
CA GLY Z 151 -66.32 -11.10 -15.96
C GLY Z 151 -66.94 -11.16 -14.58
N ASP Z 152 -67.40 -12.33 -14.17
CA ASP Z 152 -67.83 -12.52 -12.79
C ASP Z 152 -66.66 -12.88 -11.88
N ALA Z 153 -65.60 -13.46 -12.45
CA ALA Z 153 -64.45 -13.85 -11.64
C ALA Z 153 -63.70 -12.64 -11.11
N VAL Z 154 -63.41 -11.67 -11.97
CA VAL Z 154 -62.59 -10.55 -11.52
C VAL Z 154 -63.49 -9.51 -10.83
N ALA Z 155 -64.79 -9.61 -11.02
CA ALA Z 155 -65.71 -8.82 -10.22
C ALA Z 155 -66.12 -9.52 -8.93
N TYR Z 156 -65.69 -10.76 -8.70
CA TYR Z 156 -65.91 -11.30 -7.37
C TYR Z 156 -64.78 -10.91 -6.43
N GLN Z 157 -63.53 -11.03 -6.89
CA GLN Z 157 -62.41 -10.56 -6.10
C GLN Z 157 -62.47 -9.06 -5.85
N ALA Z 158 -62.89 -8.28 -6.85
CA ALA Z 158 -62.97 -6.83 -6.66
C ALA Z 158 -64.09 -6.42 -5.70
N TRP Z 159 -65.00 -7.34 -5.36
CA TRP Z 159 -65.98 -7.12 -4.33
C TRP Z 159 -65.60 -7.78 -3.01
N LYS Z 160 -64.96 -8.94 -3.08
CA LYS Z 160 -64.50 -9.62 -1.87
C LYS Z 160 -63.42 -8.85 -1.15
N LEU Z 161 -62.59 -8.14 -1.90
CA LEU Z 161 -61.57 -7.30 -1.30
C LEU Z 161 -62.05 -5.87 -1.10
N ALA Z 162 -63.31 -5.59 -1.36
CA ALA Z 162 -63.89 -4.27 -1.13
C ALA Z 162 -64.90 -4.26 0.01
N ARG Z 163 -65.19 -5.41 0.59
CA ARG Z 163 -66.02 -5.42 1.79
C ARG Z 163 -65.27 -4.86 2.98
N GLN Z 164 -63.95 -5.01 2.99
CA GLN Z 164 -63.14 -4.73 4.15
C GLN Z 164 -62.98 -3.25 4.43
N TYR Z 165 -63.15 -2.39 3.42
CA TYR Z 165 -63.18 -0.96 3.71
C TYR Z 165 -64.53 -0.58 4.30
N SER Z 166 -64.49 0.22 5.35
CA SER Z 166 -65.68 0.82 5.92
C SER Z 166 -65.78 2.31 5.59
N ASP Z 167 -65.22 2.70 4.43
CA ASP Z 167 -65.16 4.09 4.02
C ASP Z 167 -65.66 4.22 2.58
N LEU Z 168 -66.36 5.32 2.31
CA LEU Z 168 -66.99 5.50 1.01
C LEU Z 168 -66.02 5.97 -0.07
N GLN Z 169 -65.18 6.97 0.22
CA GLN Z 169 -64.27 7.50 -0.79
C GLN Z 169 -62.98 6.72 -0.92
N GLU Z 170 -62.91 5.50 -0.37
CA GLU Z 170 -61.80 4.60 -0.64
C GLU Z 170 -62.23 3.40 -1.48
N ARG Z 171 -63.47 2.94 -1.34
CA ARG Z 171 -63.96 1.75 -2.00
C ARG Z 171 -64.31 1.99 -3.47
N SER Z 172 -64.57 3.24 -3.88
CA SER Z 172 -64.90 3.53 -5.27
C SER Z 172 -63.73 3.33 -6.23
N ARG Z 173 -62.50 3.21 -5.71
CA ARG Z 173 -61.40 2.71 -6.51
C ARG Z 173 -61.63 1.26 -6.92
N LEU Z 174 -62.29 0.49 -6.05
CA LEU Z 174 -62.66 -0.88 -6.35
C LEU Z 174 -64.08 -1.03 -6.87
N ILE Z 175 -64.83 0.06 -7.00
CA ILE Z 175 -66.19 0.01 -7.52
C ILE Z 175 -66.24 0.38 -9.00
N ALA Z 176 -65.41 1.33 -9.42
CA ALA Z 176 -65.30 1.65 -10.84
C ALA Z 176 -64.72 0.48 -11.62
N ARG Z 177 -63.69 -0.16 -11.09
CA ARG Z 177 -63.24 -1.44 -11.64
C ARG Z 177 -64.26 -2.54 -11.37
N GLY Z 178 -64.95 -2.47 -10.24
CA GLY Z 178 -66.01 -3.42 -9.97
C GLY Z 178 -67.19 -3.28 -10.92
N LEU Z 179 -67.47 -2.07 -11.39
CA LEU Z 179 -68.48 -1.87 -12.43
C LEU Z 179 -67.90 -1.92 -13.83
N ARG Z 180 -66.64 -2.30 -13.97
CA ARG Z 180 -66.01 -2.41 -15.28
C ARG Z 180 -66.11 -3.82 -15.84
N PHE Z 181 -66.26 -4.84 -14.98
CA PHE Z 181 -66.18 -6.22 -15.43
C PHE Z 181 -67.45 -7.05 -15.19
N ALA Z 182 -68.32 -6.64 -14.26
CA ALA Z 182 -69.34 -7.52 -13.70
C ALA Z 182 -70.39 -7.93 -14.74
N HIS Z 183 -70.49 -9.24 -14.96
CA HIS Z 183 -71.11 -9.78 -16.18
C HIS Z 183 -72.61 -10.01 -16.06
N SER Z 184 -73.07 -10.80 -15.10
CA SER Z 184 -74.50 -11.00 -14.95
C SER Z 184 -75.09 -9.92 -14.06
N GLU Z 185 -76.41 -9.79 -14.13
CA GLU Z 185 -77.09 -8.73 -13.41
C GLU Z 185 -77.11 -8.97 -11.91
N THR Z 186 -77.09 -10.23 -11.48
CA THR Z 186 -76.96 -10.52 -10.05
C THR Z 186 -75.58 -10.13 -9.54
N ALA Z 187 -74.55 -10.32 -10.37
CA ALA Z 187 -73.22 -9.79 -10.06
C ALA Z 187 -73.14 -8.29 -10.27
N ARG Z 188 -74.18 -7.65 -10.80
CA ARG Z 188 -74.19 -6.20 -10.81
C ARG Z 188 -74.80 -5.64 -9.54
N LYS Z 189 -75.74 -6.37 -8.94
CA LYS Z 189 -76.39 -5.92 -7.71
C LYS Z 189 -75.46 -5.97 -6.51
N GLN Z 190 -74.58 -6.98 -6.47
CA GLN Z 190 -73.63 -7.12 -5.37
C GLN Z 190 -72.65 -5.97 -5.36
N ILE Z 191 -72.31 -5.45 -6.54
CA ILE Z 191 -71.48 -4.26 -6.61
C ILE Z 191 -72.30 -3.04 -6.18
N GLU Z 192 -73.61 -3.07 -6.42
CA GLU Z 192 -74.45 -1.91 -6.10
C GLU Z 192 -74.73 -1.79 -4.61
N GLN Z 193 -74.54 -2.85 -3.83
CA GLN Z 193 -74.71 -2.73 -2.38
C GLN Z 193 -73.60 -1.92 -1.74
N LEU Z 194 -72.45 -1.85 -2.40
CA LEU Z 194 -71.32 -1.10 -1.89
C LEU Z 194 -71.59 0.39 -1.90
N LEU Z 195 -72.38 0.85 -2.86
CA LEU Z 195 -72.69 2.26 -2.99
C LEU Z 195 -73.73 2.68 -1.95
N ASN AA 2 -65.98 -20.34 68.82
CA ASN AA 2 -66.44 -21.70 68.58
C ASN AA 2 -65.56 -22.41 67.55
N LEU AA 3 -66.20 -23.18 66.68
CA LEU AA 3 -65.45 -23.86 65.62
C LEU AA 3 -65.90 -23.36 64.25
N LYS AA 4 -67.10 -22.79 64.18
CA LYS AA 4 -67.69 -22.36 62.92
C LYS AA 4 -67.46 -20.87 62.64
N GLN AA 5 -67.63 -20.00 63.64
CA GLN AA 5 -67.48 -18.57 63.38
C GLN AA 5 -66.03 -18.18 63.10
N ILE AA 6 -65.07 -18.98 63.56
CA ILE AA 6 -63.67 -18.73 63.22
C ILE AA 6 -63.46 -18.96 61.73
N ALA AA 7 -64.29 -19.80 61.13
CA ALA AA 7 -64.16 -20.06 59.71
C ALA AA 7 -64.73 -18.91 58.89
N LYS AA 8 -65.83 -18.29 59.34
CA LYS AA 8 -66.21 -17.00 58.75
C LYS AA 8 -65.28 -15.87 59.14
N ASP AA 9 -64.63 -15.97 60.30
CA ASP AA 9 -63.66 -14.96 60.73
C ASP AA 9 -62.45 -14.95 59.80
N THR AA 10 -61.91 -16.13 59.51
CA THR AA 10 -60.76 -16.26 58.62
C THR AA 10 -61.11 -15.87 57.18
N ALA AA 11 -62.33 -16.21 56.73
CA ALA AA 11 -62.75 -15.94 55.36
C ALA AA 11 -62.86 -14.45 55.08
N LYS AA 12 -63.18 -13.65 56.10
CA LYS AA 12 -63.16 -12.20 55.96
C LYS AA 12 -61.73 -11.67 55.84
N THR AA 13 -60.78 -12.33 56.50
CA THR AA 13 -59.37 -11.95 56.44
C THR AA 13 -58.70 -12.48 55.17
N LEU AA 14 -59.11 -13.68 54.71
CA LEU AA 14 -58.57 -14.23 53.47
C LEU AA 14 -58.91 -13.35 52.28
N GLN AA 15 -60.16 -12.87 52.24
CA GLN AA 15 -60.66 -12.07 51.13
C GLN AA 15 -59.87 -10.78 51.00
N SER AA 16 -59.41 -10.25 52.14
CA SER AA 16 -58.55 -9.08 52.15
C SER AA 16 -57.21 -9.36 51.47
N TYR AA 17 -56.59 -10.51 51.79
CA TYR AA 17 -55.26 -10.81 51.26
C TYR AA 17 -55.32 -11.21 49.79
N LEU AA 18 -56.46 -11.70 49.32
CA LEU AA 18 -56.60 -11.98 47.91
C LEU AA 18 -56.72 -10.68 47.11
N THR AA 19 -57.26 -9.64 47.74
CA THR AA 19 -57.33 -8.32 47.12
C THR AA 19 -55.94 -7.67 47.09
N TYR AA 20 -55.05 -8.11 47.97
CA TYR AA 20 -53.66 -7.66 47.95
C TYR AA 20 -52.96 -8.13 46.68
N GLN AA 21 -53.14 -9.42 46.34
CA GLN AA 21 -52.48 -10.00 45.17
C GLN AA 21 -53.02 -9.41 43.87
N ALA AA 22 -54.26 -8.91 43.93
CA ALA AA 22 -54.79 -8.07 42.85
C ALA AA 22 -53.97 -6.81 42.70
N LEU AA 23 -53.78 -6.07 43.79
CA LEU AA 23 -53.21 -4.74 43.68
C LEU AA 23 -51.71 -4.79 43.42
N MET AA 24 -51.04 -5.86 43.85
CA MET AA 24 -49.64 -6.03 43.46
C MET AA 24 -49.53 -6.41 41.99
N THR AA 25 -50.54 -7.11 41.46
CA THR AA 25 -50.57 -7.37 40.02
C THR AA 25 -51.02 -6.13 39.25
N VAL AA 26 -51.95 -5.36 39.80
CA VAL AA 26 -52.27 -4.02 39.29
C VAL AA 26 -51.05 -3.11 39.23
N LEU AA 27 -50.26 -3.05 40.31
CA LEU AA 27 -49.18 -2.08 40.39
C LEU AA 27 -47.98 -2.48 39.55
N ALA AA 28 -47.75 -3.79 39.38
CA ALA AA 28 -46.59 -4.26 38.62
C ALA AA 28 -46.78 -4.15 37.11
N GLN AA 29 -48.00 -3.88 36.64
CA GLN AA 29 -48.27 -3.79 35.21
C GLN AA 29 -48.36 -2.37 34.69
N LEU AA 30 -48.91 -1.45 35.48
CA LEU AA 30 -49.04 -0.05 35.06
C LEU AA 30 -47.75 0.73 35.26
N GLY AA 31 -46.68 0.07 35.73
CA GLY AA 31 -45.44 0.77 35.97
C GLY AA 31 -44.74 1.17 34.69
N GLU AA 32 -45.05 0.46 33.60
CA GLU AA 32 -44.48 0.77 32.30
C GLU AA 32 -45.51 1.19 31.27
N THR AA 33 -46.75 0.71 31.38
CA THR AA 33 -47.77 1.06 30.40
C THR AA 33 -48.24 2.49 30.58
N ASN AA 34 -48.77 2.81 31.75
CA ASN AA 34 -49.23 4.16 32.06
C ASN AA 34 -48.48 4.64 33.30
N PRO AA 35 -47.30 5.24 33.13
CA PRO AA 35 -46.57 5.76 34.29
C PRO AA 35 -47.20 6.99 34.92
N PRO AA 36 -47.98 7.84 34.19
CA PRO AA 36 -48.89 8.75 34.93
C PRO AA 36 -49.90 8.07 35.84
N LEU AA 37 -50.26 6.81 35.56
CA LEU AA 37 -51.11 6.01 36.44
C LEU AA 37 -50.29 4.99 37.23
N ALA AA 38 -49.12 5.39 37.72
CA ALA AA 38 -48.28 4.52 38.53
C ALA AA 38 -47.80 5.15 39.83
N LEU AA 39 -47.74 6.48 39.89
CA LEU AA 39 -47.31 7.19 41.08
C LEU AA 39 -48.47 7.84 41.82
N TRP AA 40 -49.68 7.66 41.32
CA TRP AA 40 -50.90 8.16 41.91
C TRP AA 40 -51.72 7.05 42.55
N LEU AA 41 -51.36 5.79 42.27
CA LEU AA 41 -51.94 4.66 42.98
C LEU AA 41 -51.42 4.55 44.41
N HIS AA 42 -50.34 5.26 44.71
CA HIS AA 42 -49.82 5.38 46.07
C HIS AA 42 -50.42 6.55 46.83
N THR AA 43 -51.40 7.24 46.24
CA THR AA 43 -52.17 8.22 46.99
C THR AA 43 -53.29 7.53 47.75
N PHE AA 44 -53.74 6.36 47.26
CA PHE AA 44 -54.89 5.68 47.83
C PHE AA 44 -54.55 4.43 48.63
N SER AA 45 -53.29 3.99 48.60
CA SER AA 45 -52.90 2.74 49.25
C SER AA 45 -51.93 2.96 50.41
N VAL AA 46 -52.15 3.98 51.23
CA VAL AA 46 -51.26 4.31 52.34
C VAL AA 46 -51.83 3.69 53.60
N GLY AA 47 -51.03 2.85 54.27
CA GLY AA 47 -51.46 2.12 55.44
C GLY AA 47 -52.23 0.85 55.14
N LYS AA 48 -53.34 0.96 54.41
CA LYS AA 48 -54.07 -0.22 53.97
C LYS AA 48 -54.21 -0.17 52.46
N VAL AA 49 -53.58 -1.14 51.79
CA VAL AA 49 -53.67 -1.28 50.34
C VAL AA 49 -54.94 -1.99 49.91
N GLN AA 50 -55.42 -2.95 50.70
CA GLN AA 50 -56.34 -4.00 50.27
C GLN AA 50 -57.81 -3.61 50.31
N ASP AA 51 -58.14 -2.32 50.22
CA ASP AA 51 -59.55 -1.93 50.26
C ASP AA 51 -60.22 -2.26 48.93
N GLY AA 52 -61.55 -2.35 48.98
CA GLY AA 52 -62.32 -2.84 47.85
C GLY AA 52 -63.17 -1.80 47.16
N GLU AA 53 -63.76 -0.90 47.94
CA GLU AA 53 -64.67 0.09 47.39
C GLU AA 53 -64.51 1.49 47.99
N ALA AA 54 -63.82 1.62 49.12
CA ALA AA 54 -63.63 2.91 49.76
C ALA AA 54 -62.80 3.86 48.91
N TYR AA 55 -61.78 3.33 48.25
CA TYR AA 55 -61.01 4.12 47.30
C TYR AA 55 -61.85 4.44 46.06
N VAL AA 56 -62.76 3.54 45.68
CA VAL AA 56 -63.62 3.74 44.52
C VAL AA 56 -64.63 4.85 44.79
N LYS AA 57 -65.10 4.94 46.03
CA LYS AA 57 -65.98 6.04 46.43
C LYS AA 57 -65.27 7.37 46.29
N GLU AA 58 -63.95 7.38 46.51
CA GLU AA 58 -63.15 8.55 46.22
C GLU AA 58 -62.77 8.61 44.75
N LEU AA 59 -62.77 7.48 44.05
CA LEU AA 59 -62.48 7.47 42.62
C LEU AA 59 -63.69 7.71 41.74
N PHE AA 60 -64.92 7.76 42.30
CA PHE AA 60 -66.07 8.10 41.46
C PHE AA 60 -66.00 9.53 40.98
N ARG AA 61 -65.59 10.46 41.84
CA ARG AA 61 -65.46 11.88 41.51
C ARG AA 61 -64.28 12.18 40.59
N GLU AA 62 -63.63 11.14 40.08
CA GLU AA 62 -62.56 11.12 39.09
C GLU AA 62 -62.82 9.84 38.29
N GLN AA 63 -61.80 9.27 37.70
CA GLN AA 63 -62.09 8.05 36.91
C GLN AA 63 -61.99 6.77 37.74
N PRO AA 64 -63.10 6.03 37.95
CA PRO AA 64 -63.07 4.86 38.86
C PRO AA 64 -62.82 3.51 38.21
N ASP AA 65 -62.29 3.47 36.98
CA ASP AA 65 -62.33 2.24 36.18
C ASP AA 65 -61.38 1.16 36.65
N LEU AA 66 -60.40 1.50 37.50
CA LEU AA 66 -59.40 0.51 37.91
C LEU AA 66 -60.01 -0.55 38.80
N ALA AA 67 -61.08 -0.18 39.52
CA ALA AA 67 -61.74 -1.07 40.47
C ALA AA 67 -62.27 -2.33 39.82
N LEU AA 68 -62.96 -2.18 38.69
CA LEU AA 68 -63.53 -3.33 37.98
C LEU AA 68 -62.43 -4.21 37.38
N ARG AA 69 -61.21 -3.69 37.26
CA ARG AA 69 -60.06 -4.53 36.97
C ARG AA 69 -59.45 -5.15 38.22
N ILE AA 70 -59.52 -4.47 39.37
CA ILE AA 70 -59.07 -5.07 40.62
C ILE AA 70 -59.98 -6.23 41.01
N MET AA 71 -61.24 -6.16 40.64
CA MET AA 71 -62.15 -7.25 40.97
C MET AA 71 -62.19 -8.31 39.88
N THR AA 72 -61.47 -8.13 38.77
CA THR AA 72 -61.34 -9.23 37.82
C THR AA 72 -59.94 -9.83 37.83
N VAL AA 73 -58.99 -9.24 38.56
CA VAL AA 73 -57.75 -9.97 38.84
C VAL AA 73 -58.01 -11.06 39.87
N ARG AA 74 -58.87 -10.77 40.86
CA ARG AA 74 -59.13 -11.70 41.95
C ARG AA 74 -59.87 -12.95 41.48
N GLU AA 75 -60.42 -12.93 40.26
CA GLU AA 75 -61.19 -14.07 39.78
C GLU AA 75 -60.28 -15.25 39.46
N HIS AA 76 -59.21 -15.03 38.70
CA HIS AA 76 -58.38 -16.14 38.25
C HIS AA 76 -57.51 -16.72 39.36
N ILE AA 77 -57.33 -16.01 40.46
CA ILE AA 77 -56.57 -16.54 41.58
C ILE AA 77 -57.48 -17.22 42.59
N ALA AA 78 -58.64 -16.65 42.88
CA ALA AA 78 -59.53 -17.31 43.84
C ALA AA 78 -60.23 -18.53 43.24
N GLU AA 79 -60.21 -18.71 41.92
CA GLU AA 79 -60.75 -19.93 41.33
C GLU AA 79 -59.67 -20.99 41.13
N GLU AA 80 -58.41 -20.65 41.33
CA GLU AA 80 -57.31 -21.58 41.11
C GLU AA 80 -56.44 -21.78 42.34
N VAL AA 81 -56.72 -21.08 43.43
CA VAL AA 81 -56.07 -21.37 44.70
C VAL AA 81 -57.04 -21.98 45.70
N ALA AA 82 -58.29 -21.50 45.73
CA ALA AA 82 -59.24 -21.95 46.75
C ALA AA 82 -59.69 -23.39 46.54
N GLU AA 83 -59.56 -23.92 45.32
CA GLU AA 83 -59.80 -25.35 45.14
C GLU AA 83 -58.57 -26.18 45.46
N PHE AA 84 -57.36 -25.65 45.21
CA PHE AA 84 -56.14 -26.38 45.48
C PHE AA 84 -55.61 -26.14 46.88
N LEU AA 85 -56.17 -25.16 47.60
CA LEU AA 85 -55.96 -24.82 49.01
C LEU AA 85 -55.85 -25.98 50.01
N PRO AA 86 -56.66 -27.07 49.96
CA PRO AA 86 -56.55 -28.10 51.01
C PRO AA 86 -55.21 -28.80 51.11
N GLU AA 87 -54.49 -29.06 50.02
CA GLU AA 87 -53.15 -29.59 50.15
C GLU AA 87 -52.08 -28.51 50.33
N MET AA 88 -52.30 -27.31 49.78
CA MET AA 88 -51.28 -26.27 49.75
C MET AA 88 -50.95 -25.72 51.15
N VAL AA 89 -51.94 -25.67 52.04
CA VAL AA 89 -51.72 -25.28 53.42
C VAL AA 89 -51.29 -26.46 54.29
N ARG AA 90 -51.86 -27.66 54.08
CA ARG AA 90 -51.45 -28.86 54.81
C ARG AA 90 -50.02 -29.28 54.51
N SER AA 91 -49.49 -28.97 53.32
CA SER AA 91 -48.14 -29.39 52.99
C SER AA 91 -47.12 -28.57 53.78
N GLY AA 92 -47.42 -27.30 54.01
CA GLY AA 92 -46.55 -26.47 54.82
C GLY AA 92 -46.67 -26.76 56.31
N ILE AA 93 -47.71 -27.50 56.71
CA ILE AA 93 -47.81 -27.93 58.11
C ILE AA 93 -46.75 -28.99 58.40
N GLN AA 94 -46.47 -29.86 57.42
CA GLN AA 94 -45.50 -30.94 57.60
C GLN AA 94 -44.09 -30.43 57.79
N GLN AA 95 -43.70 -29.40 57.04
CA GLN AA 95 -42.43 -28.70 57.27
C GLN AA 95 -42.36 -28.13 58.68
N ALA AA 96 -43.34 -27.31 59.06
CA ALA AA 96 -43.37 -26.71 60.39
C ALA AA 96 -43.88 -27.65 61.47
N ASN AA 97 -44.11 -28.93 61.15
CA ASN AA 97 -44.13 -29.96 62.18
C ASN AA 97 -42.73 -30.45 62.49
N MET AA 98 -41.91 -30.62 61.45
CA MET AA 98 -40.60 -31.27 61.56
C MET AA 98 -39.51 -30.33 62.04
N GLU AA 99 -39.58 -29.05 61.66
CA GLU AA 99 -38.56 -28.07 62.07
C GLU AA 99 -38.67 -27.76 63.55
N GLN AA 100 -39.87 -27.94 64.11
CA GLN AA 100 -40.09 -27.64 65.51
C GLN AA 100 -39.86 -28.87 66.38
N ARG AA 101 -39.93 -30.06 65.78
CA ARG AA 101 -39.64 -31.27 66.52
C ARG AA 101 -38.14 -31.51 66.63
N ARG AA 102 -37.37 -31.03 65.67
CA ARG AA 102 -35.93 -31.20 65.70
C ARG AA 102 -35.22 -30.10 66.51
N ASN BA 2 -46.24 -15.06 37.97
CA ASN BA 2 -47.28 -15.97 37.51
C ASN BA 2 -48.28 -16.27 38.63
N LEU BA 3 -48.79 -17.50 38.65
CA LEU BA 3 -49.73 -17.95 39.66
C LEU BA 3 -49.09 -18.84 40.72
N LYS BA 4 -48.15 -19.71 40.34
CA LYS BA 4 -47.39 -20.47 41.32
C LYS BA 4 -46.49 -19.58 42.15
N GLN BA 5 -46.07 -18.44 41.62
CA GLN BA 5 -45.44 -17.42 42.44
C GLN BA 5 -46.40 -16.83 43.45
N ILE BA 6 -47.66 -16.63 43.05
CA ILE BA 6 -48.69 -16.15 43.96
C ILE BA 6 -49.09 -17.22 44.97
N ALA BA 7 -49.39 -18.43 44.48
CA ALA BA 7 -50.04 -19.46 45.29
C ALA BA 7 -49.11 -19.97 46.39
N LYS BA 8 -47.80 -19.99 46.12
CA LYS BA 8 -46.85 -20.36 47.15
C LYS BA 8 -46.63 -19.21 48.14
N ASP BA 9 -46.84 -17.97 47.71
CA ASP BA 9 -46.81 -16.85 48.64
C ASP BA 9 -48.05 -16.83 49.53
N THR BA 10 -49.21 -17.20 48.96
CA THR BA 10 -50.43 -17.29 49.76
C THR BA 10 -50.39 -18.46 50.73
N ALA BA 11 -49.59 -19.48 50.45
CA ALA BA 11 -49.54 -20.68 51.29
C ALA BA 11 -48.91 -20.39 52.65
N LYS BA 12 -48.00 -19.42 52.71
CA LYS BA 12 -47.34 -19.08 53.96
C LYS BA 12 -48.03 -17.96 54.70
N THR BA 13 -48.76 -17.09 54.02
CA THR BA 13 -49.38 -15.94 54.65
C THR BA 13 -50.52 -16.37 55.56
N LEU BA 14 -51.46 -17.14 55.01
CA LEU BA 14 -52.63 -17.58 55.77
C LEU BA 14 -52.24 -18.64 56.79
N GLN BA 15 -51.19 -19.41 56.51
CA GLN BA 15 -50.58 -20.30 57.49
C GLN BA 15 -50.19 -19.54 58.74
N SER BA 16 -49.45 -18.43 58.56
CA SER BA 16 -49.09 -17.57 59.68
C SER BA 16 -50.32 -16.94 60.34
N TYR BA 17 -51.39 -16.75 59.57
CA TYR BA 17 -52.65 -16.33 60.18
C TYR BA 17 -53.31 -17.48 60.93
N LEU BA 18 -53.17 -18.72 60.44
CA LEU BA 18 -53.76 -19.86 61.12
C LEU BA 18 -52.96 -20.25 62.36
N THR BA 19 -51.67 -19.85 62.43
CA THR BA 19 -50.90 -20.08 63.65
C THR BA 19 -51.13 -18.97 64.67
N TYR BA 20 -51.94 -17.97 64.32
CA TYR BA 20 -52.32 -16.94 65.27
C TYR BA 20 -53.59 -17.34 66.00
N GLN BA 21 -54.57 -17.86 65.26
CA GLN BA 21 -55.77 -18.43 65.87
C GLN BA 21 -55.42 -19.65 66.71
N ALA BA 22 -54.32 -20.33 66.36
CA ALA BA 22 -53.64 -21.22 67.29
C ALA BA 22 -53.32 -20.51 68.60
N LEU BA 23 -52.57 -19.41 68.51
CA LEU BA 23 -52.09 -18.73 69.72
C LEU BA 23 -53.22 -18.04 70.48
N MET BA 24 -54.29 -17.66 69.78
CA MET BA 24 -55.42 -17.02 70.44
C MET BA 24 -56.30 -18.04 71.14
N THR BA 25 -56.32 -19.28 70.64
CA THR BA 25 -57.11 -20.33 71.27
C THR BA 25 -56.42 -20.73 72.58
N VAL BA 26 -55.09 -20.69 72.57
CA VAL BA 26 -54.28 -20.95 73.75
C VAL BA 26 -54.43 -19.76 74.71
N LEU BA 27 -54.64 -18.56 74.14
CA LEU BA 27 -54.73 -17.36 74.97
C LEU BA 27 -56.01 -17.34 75.81
N ALA BA 28 -57.14 -17.69 75.20
CA ALA BA 28 -58.38 -17.79 75.98
C ALA BA 28 -58.40 -19.02 76.86
N GLN BA 29 -57.62 -20.05 76.50
CA GLN BA 29 -57.57 -21.27 77.30
C GLN BA 29 -56.85 -21.05 78.61
N LEU BA 30 -55.74 -20.31 78.58
CA LEU BA 30 -54.93 -20.09 79.75
C LEU BA 30 -55.43 -18.95 80.62
N GLY BA 31 -56.38 -18.16 80.14
CA GLY BA 31 -57.06 -17.22 81.01
C GLY BA 31 -58.02 -17.87 81.99
N GLU BA 32 -58.27 -19.18 81.87
CA GLU BA 32 -59.15 -19.93 82.73
C GLU BA 32 -58.43 -20.98 83.57
N THR BA 33 -57.35 -21.55 83.06
CA THR BA 33 -56.63 -22.61 83.77
C THR BA 33 -55.47 -22.06 84.60
N ASN BA 34 -54.57 -21.31 83.97
CA ASN BA 34 -53.36 -20.81 84.64
C ASN BA 34 -53.25 -19.31 84.34
N PRO BA 35 -53.90 -18.47 85.15
CA PRO BA 35 -53.84 -17.00 84.91
C PRO BA 35 -52.45 -16.39 85.08
N PRO BA 36 -51.53 -16.96 85.88
CA PRO BA 36 -50.12 -16.57 85.70
C PRO BA 36 -49.53 -16.89 84.32
N LEU BA 37 -49.91 -18.02 83.72
CA LEU BA 37 -49.34 -18.36 82.42
C LEU BA 37 -49.98 -17.56 81.28
N ALA BA 38 -51.18 -17.01 81.49
CA ALA BA 38 -51.78 -16.11 80.51
C ALA BA 38 -51.20 -14.71 80.60
N LEU BA 39 -50.87 -14.25 81.81
CA LEU BA 39 -50.30 -12.91 81.97
C LEU BA 39 -48.86 -12.84 81.49
N TRP BA 40 -48.17 -13.99 81.44
CA TRP BA 40 -46.82 -14.00 80.89
C TRP BA 40 -46.83 -14.25 79.39
N LEU BA 41 -47.81 -15.02 78.91
CA LEU BA 41 -47.99 -15.17 77.47
C LEU BA 41 -48.44 -13.88 76.81
N HIS BA 42 -49.23 -13.08 77.53
CA HIS BA 42 -49.60 -11.76 77.04
C HIS BA 42 -48.42 -10.80 77.02
N THR BA 43 -47.42 -11.02 77.89
CA THR BA 43 -46.22 -10.18 77.87
C THR BA 43 -45.41 -10.41 76.60
N PHE BA 44 -45.17 -11.67 76.25
CA PHE BA 44 -44.43 -12.00 75.03
C PHE BA 44 -45.22 -11.68 73.77
N SER BA 45 -46.56 -11.63 73.85
CA SER BA 45 -47.37 -11.48 72.65
C SER BA 45 -47.26 -10.08 72.03
N VAL BA 46 -46.84 -9.09 72.81
CA VAL BA 46 -46.88 -7.69 72.41
C VAL BA 46 -45.64 -7.36 71.55
N GLY BA 47 -44.63 -8.23 71.60
CA GLY BA 47 -43.34 -7.96 70.97
C GLY BA 47 -43.25 -7.78 69.46
N LYS BA 48 -44.40 -7.78 68.77
CA LYS BA 48 -44.53 -7.36 67.36
C LYS BA 48 -43.78 -8.27 66.40
N VAL BA 49 -43.76 -9.57 66.69
CA VAL BA 49 -42.99 -10.51 65.89
C VAL BA 49 -43.93 -11.26 64.96
N GLN BA 50 -43.72 -11.09 63.66
CA GLN BA 50 -44.51 -11.71 62.60
C GLN BA 50 -44.01 -13.13 62.34
N ASP BA 51 -44.48 -13.73 61.24
CA ASP BA 51 -44.06 -15.05 60.74
C ASP BA 51 -44.30 -16.15 61.80
N GLY BA 52 -45.58 -16.43 62.03
CA GLY BA 52 -46.07 -17.42 62.97
C GLY BA 52 -45.37 -18.77 63.03
N GLU BA 53 -44.93 -19.27 61.86
CA GLU BA 53 -44.09 -20.46 61.84
C GLU BA 53 -42.74 -20.21 62.49
N ALA BA 54 -42.10 -19.09 62.16
CA ALA BA 54 -40.81 -18.70 62.73
C ALA BA 54 -40.97 -17.92 64.03
N TYR BA 55 -42.21 -17.73 64.48
CA TYR BA 55 -42.52 -17.18 65.79
C TYR BA 55 -42.56 -18.24 66.87
N VAL BA 56 -43.08 -19.42 66.55
CA VAL BA 56 -43.16 -20.53 67.50
C VAL BA 56 -41.75 -21.09 67.77
N LYS BA 57 -40.81 -20.92 66.83
CA LYS BA 57 -39.44 -21.38 67.05
C LYS BA 57 -38.75 -20.58 68.14
N GLU BA 58 -39.04 -19.28 68.21
CA GLU BA 58 -38.53 -18.46 69.31
C GLU BA 58 -39.17 -18.83 70.64
N LEU BA 59 -40.37 -19.43 70.60
CA LEU BA 59 -40.98 -19.91 71.83
C LEU BA 59 -40.24 -21.12 72.39
N PHE BA 60 -39.81 -22.06 71.52
CA PHE BA 60 -39.03 -23.23 71.98
C PHE BA 60 -37.69 -22.85 72.58
N ARG BA 61 -37.18 -21.65 72.27
CA ARG BA 61 -35.92 -21.19 72.83
C ARG BA 61 -36.01 -20.99 74.33
N GLU BA 62 -37.09 -20.37 74.80
CA GLU BA 62 -37.29 -20.13 76.22
C GLU BA 62 -38.30 -21.06 76.86
N GLN BA 63 -39.27 -21.57 76.08
CA GLN BA 63 -40.35 -22.40 76.60
C GLN BA 63 -40.67 -23.48 75.57
N PRO BA 64 -40.00 -24.65 75.64
CA PRO BA 64 -40.22 -25.68 74.61
C PRO BA 64 -41.52 -26.46 74.74
N ASP BA 65 -42.43 -26.09 75.65
CA ASP BA 65 -43.58 -26.95 75.95
C ASP BA 65 -44.91 -26.38 75.47
N LEU BA 66 -45.21 -25.11 75.75
CA LEU BA 66 -46.44 -24.49 75.27
C LEU BA 66 -46.45 -24.31 73.76
N ALA BA 67 -45.27 -24.28 73.13
CA ALA BA 67 -45.13 -24.20 71.68
C ALA BA 67 -45.51 -25.50 70.98
N LEU BA 68 -45.71 -26.58 71.73
CA LEU BA 68 -46.32 -27.80 71.19
C LEU BA 68 -47.84 -27.70 71.17
N ARG BA 69 -48.42 -27.05 72.18
CA ARG BA 69 -49.88 -26.87 72.21
C ARG BA 69 -50.35 -25.86 71.18
N ILE BA 70 -49.49 -24.90 70.81
CA ILE BA 70 -49.76 -24.03 69.67
C ILE BA 70 -49.73 -24.83 68.37
N MET BA 71 -48.76 -25.73 68.25
CA MET BA 71 -48.62 -26.61 67.10
C MET BA 71 -49.72 -27.66 67.03
N THR BA 72 -50.22 -28.13 68.19
CA THR BA 72 -51.23 -29.18 68.33
C THR BA 72 -52.48 -28.92 67.50
N VAL BA 73 -52.92 -27.67 67.41
CA VAL BA 73 -54.18 -27.35 66.75
C VAL BA 73 -54.00 -27.14 65.25
N ARG BA 74 -52.78 -27.27 64.73
CA ARG BA 74 -52.58 -27.29 63.29
C ARG BA 74 -53.04 -28.60 62.68
N GLU BA 75 -53.21 -29.64 63.49
CA GLU BA 75 -53.93 -30.85 63.11
C GLU BA 75 -55.39 -30.82 63.54
N HIS BA 76 -55.73 -29.98 64.50
CA HIS BA 76 -57.03 -30.06 65.16
C HIS BA 76 -57.94 -28.88 64.89
N ILE BA 77 -57.44 -27.65 64.87
CA ILE BA 77 -58.32 -26.52 64.59
C ILE BA 77 -58.09 -26.01 63.16
N ALA BA 78 -57.00 -26.45 62.51
CA ALA BA 78 -56.82 -26.15 61.10
C ALA BA 78 -57.65 -27.05 60.19
N GLU BA 79 -58.48 -27.93 60.75
CA GLU BA 79 -59.42 -28.73 59.96
C GLU BA 79 -60.85 -28.22 60.03
N GLU BA 80 -61.20 -27.42 61.04
CA GLU BA 80 -62.51 -26.79 61.19
C GLU BA 80 -62.52 -25.31 60.84
N VAL BA 81 -61.37 -24.78 60.44
CA VAL BA 81 -61.25 -23.40 59.99
C VAL BA 81 -60.79 -23.31 58.54
N ALA BA 82 -59.94 -24.24 58.09
CA ALA BA 82 -59.22 -24.05 56.83
C ALA BA 82 -59.72 -24.90 55.66
N GLU BA 83 -60.37 -26.03 55.90
CA GLU BA 83 -61.03 -26.73 54.80
C GLU BA 83 -62.38 -26.15 54.46
N PHE BA 84 -62.85 -25.18 55.23
CA PHE BA 84 -64.10 -24.50 54.95
C PHE BA 84 -63.90 -23.25 54.12
N LEU BA 85 -62.65 -22.91 53.87
CA LEU BA 85 -62.32 -21.78 53.00
C LEU BA 85 -62.85 -21.87 51.55
N PRO BA 86 -62.86 -23.03 50.85
CA PRO BA 86 -63.38 -23.02 49.46
C PRO BA 86 -64.81 -22.55 49.25
N GLU BA 87 -65.76 -22.97 50.07
CA GLU BA 87 -67.15 -22.59 49.90
C GLU BA 87 -67.47 -21.24 50.54
N MET BA 88 -66.47 -20.52 51.01
CA MET BA 88 -66.65 -19.35 51.85
C MET BA 88 -65.79 -18.18 51.40
N VAL BA 89 -64.97 -18.39 50.36
CA VAL BA 89 -64.37 -17.25 49.64
C VAL BA 89 -65.29 -16.78 48.53
N ARG BA 90 -65.64 -17.70 47.63
CA ARG BA 90 -66.36 -17.37 46.40
C ARG BA 90 -67.75 -16.83 46.67
N SER BA 91 -68.35 -17.21 47.81
CA SER BA 91 -69.62 -16.62 48.21
C SER BA 91 -69.46 -15.14 48.54
N GLY BA 92 -68.37 -14.77 49.22
CA GLY BA 92 -68.10 -13.37 49.50
C GLY BA 92 -67.69 -12.57 48.29
N ILE BA 93 -67.12 -13.24 47.28
CA ILE BA 93 -66.79 -12.58 46.02
C ILE BA 93 -68.06 -12.17 45.28
N GLN BA 94 -69.05 -13.05 45.27
CA GLN BA 94 -70.34 -12.70 44.69
C GLN BA 94 -71.04 -11.59 45.46
N GLN BA 95 -70.81 -11.52 46.77
CA GLN BA 95 -71.38 -10.43 47.55
C GLN BA 95 -70.73 -9.11 47.20
N ALA BA 96 -69.40 -9.10 47.05
CA ALA BA 96 -68.70 -7.90 46.62
C ALA BA 96 -69.03 -7.54 45.17
N ASN BA 97 -69.46 -8.51 44.37
CA ASN BA 97 -70.05 -8.24 43.07
C ASN BA 97 -71.45 -7.64 43.17
N MET BA 98 -72.08 -7.73 44.33
CA MET BA 98 -73.37 -7.11 44.58
C MET BA 98 -73.31 -5.90 45.51
N GLU BA 99 -72.22 -5.77 46.28
CA GLU BA 99 -72.09 -4.59 47.14
C GLU BA 99 -71.56 -3.39 46.37
N GLN BA 100 -70.67 -3.64 45.42
CA GLN BA 100 -69.92 -2.57 44.78
C GLN BA 100 -70.45 -2.21 43.42
N ARG BA 101 -71.18 -3.11 42.76
CA ARG BA 101 -71.90 -2.77 41.54
C ARG BA 101 -73.05 -1.81 41.81
N ARG BA 102 -73.54 -1.78 43.06
CA ARG BA 102 -74.59 -0.84 43.44
C ARG BA 102 -74.12 0.60 43.39
N GLN BA 103 -72.83 0.85 43.61
CA GLN BA 103 -72.39 2.24 43.67
C GLN BA 103 -72.00 2.77 42.31
N HIS BA 104 -71.97 1.92 41.27
CA HIS BA 104 -71.99 2.44 39.90
C HIS BA 104 -73.35 3.05 39.59
N LEU BA 105 -74.40 2.57 40.26
CA LEU BA 105 -75.74 3.12 40.11
C LEU BA 105 -75.96 4.33 41.02
N GLU BA 106 -75.22 4.42 42.12
CA GLU BA 106 -75.36 5.56 43.01
C GLU BA 106 -74.83 6.83 42.37
N ARG BA 107 -73.73 6.72 41.63
CA ARG BA 107 -73.27 7.85 40.84
C ARG BA 107 -74.17 8.11 39.65
N MET BA 108 -74.70 7.04 39.04
CA MET BA 108 -75.57 7.18 37.87
C MET BA 108 -76.88 7.86 38.23
N THR BA 109 -77.43 7.54 39.41
CA THR BA 109 -78.60 8.26 39.91
C THR BA 109 -78.24 9.71 40.27
N HIS BA 110 -77.02 9.93 40.77
CA HIS BA 110 -76.52 11.29 40.92
C HIS BA 110 -76.28 11.95 39.57
N LEU BA 111 -75.97 11.17 38.54
CA LEU BA 111 -75.93 11.71 37.18
C LEU BA 111 -77.31 11.81 36.57
N SER BA 112 -78.32 11.18 37.18
CA SER BA 112 -79.68 11.27 36.70
C SER BA 112 -80.39 12.50 37.26
N ASN CA 2 -84.07 -47.80 11.01
CA ASN CA 2 -84.88 -47.11 12.01
C ASN CA 2 -84.28 -45.76 12.35
N LEU CA 3 -84.31 -45.40 13.64
CA LEU CA 3 -83.78 -44.12 14.07
C LEU CA 3 -82.65 -44.31 15.08
N LYS CA 4 -82.62 -45.47 15.74
CA LYS CA 4 -81.64 -45.72 16.80
C LYS CA 4 -80.46 -46.54 16.33
N GLN CA 5 -80.68 -47.58 15.51
CA GLN CA 5 -79.56 -48.41 15.06
C GLN CA 5 -78.62 -47.66 14.14
N ILE CA 6 -79.12 -46.63 13.46
CA ILE CA 6 -78.27 -45.77 12.63
C ILE CA 6 -77.29 -45.01 13.51
N ALA CA 7 -77.64 -44.78 14.77
CA ALA CA 7 -76.73 -44.11 15.68
C ALA CA 7 -75.60 -45.06 16.13
N LYS CA 8 -75.92 -46.32 16.40
CA LYS CA 8 -74.84 -47.31 16.57
C LYS CA 8 -74.13 -47.62 15.26
N ASP CA 9 -74.81 -47.48 14.13
CA ASP CA 9 -74.18 -47.70 12.82
C ASP CA 9 -73.11 -46.64 12.57
N THR CA 10 -73.44 -45.37 12.82
CA THR CA 10 -72.50 -44.28 12.64
C THR CA 10 -71.35 -44.35 13.64
N ALA CA 11 -71.65 -44.73 14.89
CA ALA CA 11 -70.62 -44.79 15.94
C ALA CA 11 -69.58 -45.86 15.66
N LYS CA 12 -69.94 -46.89 14.89
CA LYS CA 12 -68.95 -47.87 14.44
C LYS CA 12 -68.01 -47.27 13.40
N THR CA 13 -68.54 -46.41 12.52
CA THR CA 13 -67.74 -45.79 11.47
C THR CA 13 -66.95 -44.60 12.02
N LEU CA 14 -67.50 -43.88 13.01
CA LEU CA 14 -66.79 -42.76 13.64
C LEU CA 14 -65.51 -43.24 14.32
N GLN CA 15 -65.62 -44.33 15.08
CA GLN CA 15 -64.51 -44.87 15.86
C GLN CA 15 -63.37 -45.27 14.95
N SER CA 16 -63.71 -45.71 13.74
CA SER CA 16 -62.72 -45.99 12.71
C SER CA 16 -61.96 -44.73 12.30
N TYR CA 17 -62.67 -43.63 12.04
CA TYR CA 17 -62.01 -42.42 11.54
C TYR CA 17 -61.24 -41.71 12.65
N LEU CA 18 -61.61 -41.95 13.90
CA LEU CA 18 -60.80 -41.40 14.99
C LEU CA 18 -59.49 -42.15 15.12
N THR CA 19 -59.47 -43.42 14.70
CA THR CA 19 -58.23 -44.19 14.69
C THR CA 19 -57.34 -43.77 13.52
N TYR CA 20 -57.93 -43.14 12.50
CA TYR CA 20 -57.15 -42.55 11.42
C TYR CA 20 -56.29 -41.40 11.92
N GLN CA 21 -56.90 -40.50 12.71
CA GLN CA 21 -56.20 -39.32 13.19
C GLN CA 21 -55.13 -39.69 14.21
N ALA CA 22 -55.29 -40.86 14.84
CA ALA CA 22 -54.20 -41.48 15.58
C ALA CA 22 -53.03 -41.79 14.68
N LEU CA 23 -53.29 -42.51 13.60
CA LEU CA 23 -52.20 -43.04 12.79
C LEU CA 23 -51.54 -41.97 11.95
N MET CA 24 -52.28 -40.94 11.57
CA MET CA 24 -51.64 -39.80 10.91
C MET CA 24 -50.76 -39.03 11.88
N THR CA 25 -51.16 -38.99 13.16
CA THR CA 25 -50.31 -38.41 14.19
C THR CA 25 -49.14 -39.33 14.52
N VAL CA 26 -49.37 -40.64 14.57
CA VAL CA 26 -48.31 -41.63 14.66
C VAL CA 26 -47.28 -41.50 13.54
N LEU CA 27 -47.74 -41.39 12.29
CA LEU CA 27 -46.85 -41.43 11.15
C LEU CA 27 -46.10 -40.12 10.97
N ALA CA 28 -46.69 -39.00 11.37
CA ALA CA 28 -46.05 -37.70 11.20
C ALA CA 28 -44.99 -37.41 12.26
N GLN CA 29 -44.89 -38.24 13.30
CA GLN CA 29 -43.91 -38.03 14.36
C GLN CA 29 -42.71 -38.95 14.26
N LEU CA 30 -42.89 -40.18 13.80
CA LEU CA 30 -41.80 -41.13 13.66
C LEU CA 30 -41.02 -40.94 12.37
N GLY CA 31 -41.39 -39.95 11.56
CA GLY CA 31 -40.73 -39.77 10.28
C GLY CA 31 -39.33 -39.21 10.43
N GLU CA 32 -39.02 -38.63 11.58
CA GLU CA 32 -37.72 -38.07 11.85
C GLU CA 32 -37.07 -38.62 13.12
N THR CA 33 -37.85 -39.15 14.06
CA THR CA 33 -37.28 -39.70 15.27
C THR CA 33 -36.69 -41.08 15.01
N ASN CA 34 -37.52 -42.01 14.56
CA ASN CA 34 -37.08 -43.35 14.19
C ASN CA 34 -37.42 -43.57 12.72
N PRO CA 35 -36.55 -43.17 11.81
CA PRO CA 35 -36.81 -43.44 10.39
C PRO CA 35 -36.71 -44.92 10.01
N PRO CA 36 -35.95 -45.77 10.73
CA PRO CA 36 -36.23 -47.22 10.60
C PRO CA 36 -37.66 -47.64 10.96
N LEU CA 37 -38.36 -46.88 11.81
CA LEU CA 37 -39.76 -47.13 12.11
C LEU CA 37 -40.67 -46.12 11.41
N ALA CA 38 -40.39 -45.82 10.14
CA ALA CA 38 -41.22 -44.93 9.35
C ALA CA 38 -41.55 -45.47 7.97
N LEU CA 39 -40.74 -46.38 7.43
CA LEU CA 39 -40.99 -46.99 6.13
C LEU CA 39 -41.49 -48.41 6.25
N TRP CA 40 -41.70 -48.88 7.47
CA TRP CA 40 -42.20 -50.21 7.77
C TRP CA 40 -43.63 -50.17 8.31
N LEU CA 41 -44.10 -48.97 8.69
CA LEU CA 41 -45.49 -48.80 9.05
C LEU CA 41 -46.41 -48.87 7.85
N HIS CA 42 -45.86 -48.79 6.64
CA HIS CA 42 -46.58 -48.97 5.39
C HIS CA 42 -46.56 -50.42 4.91
N THR CA 43 -46.00 -51.33 5.71
CA THR CA 43 -46.20 -52.75 5.46
C THR CA 43 -47.57 -53.18 6.00
N PHE CA 44 -48.08 -52.47 7.01
CA PHE CA 44 -49.33 -52.84 7.68
C PHE CA 44 -50.52 -51.96 7.34
N SER CA 45 -50.32 -50.85 6.64
CA SER CA 45 -51.39 -49.89 6.40
C SER CA 45 -51.74 -49.75 4.92
N VAL CA 46 -51.85 -50.85 4.19
CA VAL CA 46 -52.15 -50.81 2.77
C VAL CA 46 -53.63 -51.16 2.57
N GLY CA 47 -54.36 -50.25 1.92
CA GLY CA 47 -55.78 -50.40 1.69
C GLY CA 47 -56.65 -49.93 2.84
N LYS CA 48 -56.45 -50.47 4.04
CA LYS CA 48 -57.09 -49.98 5.23
C LYS CA 48 -56.05 -49.69 6.30
N VAL CA 49 -56.02 -48.44 6.75
CA VAL CA 49 -55.06 -47.97 7.74
C VAL CA 49 -55.61 -48.05 9.15
N GLN CA 50 -56.93 -47.90 9.32
CA GLN CA 50 -57.55 -47.58 10.60
C GLN CA 50 -57.85 -48.82 11.44
N ASP CA 51 -57.13 -49.92 11.26
CA ASP CA 51 -57.37 -51.12 12.05
C ASP CA 51 -56.85 -50.93 13.47
N GLY CA 52 -57.39 -51.73 14.39
CA GLY CA 52 -57.13 -51.54 15.80
C GLY CA 52 -56.30 -52.62 16.46
N GLU CA 53 -56.53 -53.88 16.10
CA GLU CA 53 -55.80 -54.97 16.73
C GLU CA 53 -55.31 -56.03 15.74
N ALA CA 54 -55.84 -56.03 14.51
CA ALA CA 54 -55.43 -56.99 13.49
C ALA CA 54 -53.95 -56.88 13.14
N TYR CA 55 -53.46 -55.64 13.02
CA TYR CA 55 -52.03 -55.44 12.81
C TYR CA 55 -51.23 -55.83 14.04
N VAL CA 56 -51.83 -55.68 15.24
CA VAL CA 56 -51.13 -55.99 16.48
C VAL CA 56 -50.98 -57.48 16.66
N LYS CA 57 -51.97 -58.26 16.20
CA LYS CA 57 -51.88 -59.71 16.21
C LYS CA 57 -50.74 -60.19 15.33
N GLU CA 58 -50.46 -59.45 14.26
CA GLU CA 58 -49.26 -59.66 13.47
C GLU CA 58 -48.04 -59.00 14.10
N LEU CA 59 -48.24 -57.98 14.95
CA LEU CA 59 -47.12 -57.36 15.65
C LEU CA 59 -46.75 -58.02 16.97
N PHE CA 60 -47.49 -59.04 17.44
CA PHE CA 60 -47.03 -59.73 18.64
C PHE CA 60 -45.80 -60.57 18.36
N ARG CA 61 -45.71 -61.18 17.18
CA ARG CA 61 -44.58 -62.00 16.78
C ARG CA 61 -43.35 -61.18 16.44
N GLU CA 62 -43.46 -59.86 16.55
CA GLU CA 62 -42.40 -58.86 16.53
C GLU CA 62 -42.74 -57.92 17.68
N GLN CA 63 -42.27 -56.67 17.62
CA GLN CA 63 -42.57 -55.79 18.76
C GLN CA 63 -43.90 -55.05 18.62
N PRO CA 64 -44.88 -55.27 19.54
CA PRO CA 64 -46.23 -54.72 19.35
C PRO CA 64 -46.51 -53.37 20.00
N ASP CA 65 -45.49 -52.63 20.44
CA ASP CA 65 -45.69 -51.54 21.39
C ASP CA 65 -46.37 -50.30 20.81
N LEU CA 66 -46.42 -50.17 19.48
CA LEU CA 66 -46.95 -48.96 18.87
C LEU CA 66 -48.46 -48.85 19.09
N ALA CA 67 -49.12 -50.00 19.24
CA ALA CA 67 -50.57 -50.05 19.36
C ALA CA 67 -51.07 -49.35 20.61
N LEU CA 68 -50.40 -49.58 21.74
CA LEU CA 68 -50.77 -48.94 22.99
C LEU CA 68 -50.50 -47.44 22.96
N ARG CA 69 -49.70 -46.97 22.00
CA ARG CA 69 -49.61 -45.55 21.71
C ARG CA 69 -50.67 -45.11 20.69
N ILE CA 70 -51.09 -45.98 19.77
CA ILE CA 70 -52.19 -45.65 18.87
C ILE CA 70 -53.49 -45.52 19.67
N MET CA 71 -53.62 -46.25 20.76
CA MET CA 71 -54.82 -46.12 21.56
C MET CA 71 -54.69 -45.05 22.64
N THR CA 72 -53.52 -44.43 22.79
CA THR CA 72 -53.44 -43.28 23.69
C THR CA 72 -53.38 -41.96 22.91
N VAL CA 73 -53.27 -42.01 21.58
CA VAL CA 73 -53.51 -40.80 20.80
C VAL CA 73 -55.00 -40.50 20.74
N ARG CA 74 -55.82 -41.56 20.59
CA ARG CA 74 -57.26 -41.39 20.40
C ARG CA 74 -57.95 -40.85 21.64
N GLU CA 75 -57.26 -40.86 22.78
CA GLU CA 75 -57.87 -40.38 24.02
C GLU CA 75 -58.04 -38.86 24.01
N HIS CA 76 -56.99 -38.12 23.66
CA HIS CA 76 -57.03 -36.67 23.75
C HIS CA 76 -57.89 -36.02 22.67
N ILE CA 77 -58.20 -36.75 21.60
CA ILE CA 77 -59.06 -36.21 20.56
C ILE CA 77 -60.51 -36.59 20.79
N ALA CA 78 -60.78 -37.83 21.20
CA ALA CA 78 -62.17 -38.21 21.43
C ALA CA 78 -62.72 -37.66 22.74
N GLU CA 79 -61.88 -37.12 23.62
CA GLU CA 79 -62.39 -36.40 24.79
C GLU CA 79 -62.54 -34.91 24.55
N GLU CA 80 -62.04 -34.41 23.42
CA GLU CA 80 -62.09 -32.98 23.13
C GLU CA 80 -62.80 -32.66 21.83
N VAL CA 81 -63.22 -33.66 21.08
CA VAL CA 81 -64.08 -33.42 19.93
C VAL CA 81 -65.50 -33.92 20.18
N ALA CA 82 -65.66 -35.06 20.87
CA ALA CA 82 -66.97 -35.66 21.03
C ALA CA 82 -67.87 -34.85 21.96
N GLU CA 83 -67.30 -34.10 22.89
CA GLU CA 83 -68.12 -33.19 23.67
C GLU CA 83 -68.46 -31.91 22.90
N PHE CA 84 -67.54 -31.43 22.05
CA PHE CA 84 -67.75 -30.20 21.31
C PHE CA 84 -68.42 -30.44 19.96
N LEU CA 85 -68.52 -31.71 19.53
CA LEU CA 85 -69.24 -32.22 18.36
C LEU CA 85 -70.62 -31.64 18.05
N PRO CA 86 -71.54 -31.39 19.03
CA PRO CA 86 -72.88 -30.90 18.65
C PRO CA 86 -72.93 -29.59 17.89
N GLU CA 87 -72.09 -28.60 18.19
CA GLU CA 87 -72.06 -27.41 17.34
C GLU CA 87 -71.15 -27.58 16.12
N MET CA 88 -70.11 -28.41 16.21
CA MET CA 88 -69.10 -28.51 15.17
C MET CA 88 -69.63 -29.11 13.87
N VAL CA 89 -70.58 -30.05 13.97
CA VAL CA 89 -71.25 -30.58 12.79
C VAL CA 89 -72.45 -29.73 12.37
N ARG CA 90 -73.21 -29.18 13.33
CA ARG CA 90 -74.32 -28.28 13.02
C ARG CA 90 -73.89 -26.98 12.35
N SER CA 91 -72.66 -26.52 12.59
CA SER CA 91 -72.22 -25.25 12.02
C SER CA 91 -71.98 -25.38 10.52
N GLY CA 92 -71.45 -26.53 10.11
CA GLY CA 92 -71.25 -26.76 8.69
C GLY CA 92 -72.54 -27.07 7.95
N ILE CA 93 -73.62 -27.41 8.68
CA ILE CA 93 -74.91 -27.63 8.05
C ILE CA 93 -75.45 -26.32 7.49
N GLN CA 94 -75.20 -25.21 8.21
CA GLN CA 94 -75.66 -23.89 7.80
C GLN CA 94 -75.01 -23.44 6.50
N GLN CA 95 -73.69 -23.67 6.35
CA GLN CA 95 -72.99 -23.46 5.09
C GLN CA 95 -73.60 -24.28 3.97
N ALA CA 96 -73.80 -25.58 4.19
CA ALA CA 96 -74.39 -26.44 3.18
C ALA CA 96 -75.90 -26.30 3.04
N ASN CA 97 -76.56 -25.55 3.95
CA ASN CA 97 -77.92 -25.12 3.66
C ASN CA 97 -77.92 -23.92 2.71
N MET CA 98 -76.92 -23.05 2.81
CA MET CA 98 -76.89 -21.82 2.04
C MET CA 98 -76.27 -21.99 0.65
N GLU CA 99 -75.25 -22.84 0.52
CA GLU CA 99 -74.58 -23.04 -0.77
C GLU CA 99 -75.50 -23.71 -1.79
N GLN CA 100 -76.47 -24.48 -1.31
CA GLN CA 100 -77.33 -25.21 -2.22
C GLN CA 100 -78.63 -24.45 -2.47
N ARG CA 101 -79.03 -23.60 -1.53
CA ARG CA 101 -80.19 -22.74 -1.75
C ARG CA 101 -79.90 -21.66 -2.78
N ARG CA 102 -78.66 -21.23 -2.87
CA ARG CA 102 -78.28 -20.21 -3.83
C ARG CA 102 -78.02 -20.77 -5.22
N ASN DA 2 -51.99 -29.67 14.89
CA ASN DA 2 -52.57 -29.49 16.22
C ASN DA 2 -53.91 -30.23 16.32
N LEU DA 3 -54.83 -29.67 17.10
CA LEU DA 3 -56.15 -30.26 17.29
C LEU DA 3 -57.23 -29.57 16.46
N LYS DA 4 -57.17 -28.25 16.31
CA LYS DA 4 -58.07 -27.55 15.41
C LYS DA 4 -57.81 -27.91 13.96
N GLN DA 5 -56.58 -28.30 13.62
CA GLN DA 5 -56.35 -28.93 12.32
C GLN DA 5 -57.03 -30.28 12.21
N ILE DA 6 -57.04 -31.07 13.29
CA ILE DA 6 -57.74 -32.32 13.32
C ILE DA 6 -59.26 -32.12 13.34
N ALA DA 7 -59.74 -31.27 14.25
CA ALA DA 7 -61.17 -31.19 14.55
C ALA DA 7 -61.96 -30.61 13.37
N LYS DA 8 -61.34 -29.72 12.61
CA LYS DA 8 -61.99 -29.20 11.42
C LYS DA 8 -61.93 -30.22 10.27
N ASP DA 9 -60.93 -31.11 10.28
CA ASP DA 9 -60.92 -32.20 9.31
C ASP DA 9 -61.95 -33.25 9.66
N THR DA 10 -62.17 -33.50 10.96
CA THR DA 10 -63.21 -34.44 11.37
C THR DA 10 -64.60 -33.89 11.13
N ALA DA 11 -64.76 -32.57 11.05
CA ALA DA 11 -66.07 -31.96 10.90
C ALA DA 11 -66.66 -32.23 9.51
N LYS DA 12 -65.81 -32.40 8.51
CA LYS DA 12 -66.27 -32.64 7.15
C LYS DA 12 -66.40 -34.11 6.80
N THR DA 13 -65.60 -34.98 7.43
CA THR DA 13 -65.58 -36.39 7.06
C THR DA 13 -66.86 -37.09 7.50
N LEU DA 14 -67.21 -36.94 8.78
CA LEU DA 14 -68.41 -37.58 9.31
C LEU DA 14 -69.66 -36.93 8.77
N GLN DA 15 -69.59 -35.64 8.46
CA GLN DA 15 -70.65 -34.93 7.72
C GLN DA 15 -70.95 -35.64 6.41
N SER DA 16 -69.89 -35.91 5.62
CA SER DA 16 -70.04 -36.65 4.37
C SER DA 16 -70.53 -38.07 4.61
N TYR DA 17 -70.25 -38.64 5.78
CA TYR DA 17 -70.85 -39.91 6.15
C TYR DA 17 -72.30 -39.73 6.58
N LEU DA 18 -72.63 -38.60 7.24
CA LEU DA 18 -74.01 -38.35 7.63
C LEU DA 18 -74.88 -37.99 6.43
N THR DA 19 -74.27 -37.51 5.33
CA THR DA 19 -75.03 -37.28 4.11
C THR DA 19 -75.16 -38.54 3.27
N TYR DA 20 -74.57 -39.65 3.73
CA TYR DA 20 -74.76 -40.93 3.07
C TYR DA 20 -75.95 -41.67 3.65
N GLN DA 21 -76.07 -41.66 4.99
CA GLN DA 21 -77.26 -42.20 5.64
C GLN DA 21 -78.49 -41.37 5.28
N ALA DA 22 -78.28 -40.09 4.96
CA ALA DA 22 -79.26 -39.33 4.19
C ALA DA 22 -79.66 -40.05 2.92
N LEU DA 23 -78.69 -40.38 2.07
CA LEU DA 23 -78.98 -40.95 0.76
C LEU DA 23 -79.49 -42.39 0.88
N MET DA 24 -79.11 -43.09 1.95
CA MET DA 24 -79.57 -44.45 2.13
C MET DA 24 -80.99 -44.48 2.68
N THR DA 25 -81.39 -43.44 3.41
CA THR DA 25 -82.75 -43.35 3.93
C THR DA 25 -83.69 -43.07 2.77
N VAL DA 26 -83.22 -42.28 1.80
CA VAL DA 26 -83.95 -41.99 0.57
C VAL DA 26 -83.97 -43.26 -0.27
N LEU DA 27 -82.90 -44.06 -0.19
CA LEU DA 27 -82.79 -45.26 -1.03
C LEU DA 27 -83.83 -46.32 -0.64
N ALA DA 28 -83.98 -46.58 0.65
CA ALA DA 28 -85.00 -47.52 1.10
C ALA DA 28 -86.39 -46.92 0.98
N GLN DA 29 -86.49 -45.59 1.00
CA GLN DA 29 -87.79 -44.94 0.87
C GLN DA 29 -88.35 -45.09 -0.53
N LEU DA 30 -87.51 -44.94 -1.54
CA LEU DA 30 -87.95 -44.98 -2.92
C LEU DA 30 -88.05 -46.38 -3.48
N GLY DA 31 -87.55 -47.39 -2.76
CA GLY DA 31 -87.84 -48.76 -3.13
C GLY DA 31 -89.25 -49.20 -2.82
N GLU DA 32 -90.04 -48.37 -2.14
CA GLU DA 32 -91.42 -48.65 -1.79
C GLU DA 32 -92.42 -47.72 -2.46
N THR DA 33 -92.03 -46.47 -2.75
CA THR DA 33 -92.94 -45.51 -3.35
C THR DA 33 -92.82 -45.47 -4.87
N ASN DA 34 -91.61 -45.24 -5.39
CA ASN DA 34 -91.37 -45.08 -6.82
C ASN DA 34 -90.21 -46.00 -7.21
N PRO DA 35 -90.50 -47.27 -7.52
CA PRO DA 35 -89.42 -48.21 -7.91
C PRO DA 35 -88.69 -47.85 -9.21
N PRO DA 36 -89.31 -47.16 -10.18
CA PRO DA 36 -88.46 -46.52 -11.21
C PRO DA 36 -87.50 -45.47 -10.68
N LEU DA 37 -87.86 -44.70 -9.67
CA LEU DA 37 -86.95 -43.69 -9.15
C LEU DA 37 -85.85 -44.29 -8.27
N ALA DA 38 -86.07 -45.48 -7.73
CA ALA DA 38 -85.01 -46.16 -6.98
C ALA DA 38 -84.03 -46.86 -7.91
N LEU DA 39 -84.51 -47.38 -9.05
CA LEU DA 39 -83.62 -48.04 -10.00
C LEU DA 39 -82.75 -47.06 -10.75
N TRP DA 40 -83.18 -45.79 -10.83
CA TRP DA 40 -82.34 -44.77 -11.45
C TRP DA 40 -81.41 -44.12 -10.43
N LEU DA 41 -81.87 -44.01 -9.18
CA LEU DA 41 -80.99 -43.53 -8.12
C LEU DA 41 -79.89 -44.54 -7.82
N HIS DA 42 -80.18 -45.83 -7.98
CA HIS DA 42 -79.15 -46.85 -7.85
C HIS DA 42 -78.15 -46.80 -8.99
N THR DA 43 -78.56 -46.32 -10.16
CA THR DA 43 -77.63 -46.19 -11.29
C THR DA 43 -76.60 -45.10 -11.03
N PHE DA 44 -77.05 -43.94 -10.54
CA PHE DA 44 -76.12 -42.86 -10.21
C PHE DA 44 -75.29 -43.14 -8.97
N SER DA 45 -75.76 -44.03 -8.09
CA SER DA 45 -75.08 -44.26 -6.82
C SER DA 45 -73.75 -44.98 -6.98
N VAL DA 46 -73.55 -45.67 -8.10
CA VAL DA 46 -72.41 -46.59 -8.30
C VAL DA 46 -71.19 -45.79 -8.77
N GLY DA 47 -71.41 -44.56 -9.23
CA GLY DA 47 -70.36 -43.76 -9.85
C GLY DA 47 -69.15 -43.32 -9.03
N LYS DA 48 -69.03 -43.82 -7.79
CA LYS DA 48 -67.81 -43.76 -6.97
C LYS DA 48 -67.43 -42.31 -6.60
N VAL DA 49 -68.44 -41.48 -6.39
CA VAL DA 49 -68.19 -40.07 -6.13
C VAL DA 49 -68.28 -39.81 -4.62
N GLN DA 50 -67.17 -39.38 -4.04
CA GLN DA 50 -67.03 -39.06 -2.62
C GLN DA 50 -67.55 -37.65 -2.35
N ASP DA 51 -67.28 -37.14 -1.13
CA ASP DA 51 -67.58 -35.77 -0.71
C ASP DA 51 -69.08 -35.47 -0.82
N GLY DA 52 -69.84 -36.12 0.06
CA GLY DA 52 -71.29 -36.01 0.16
C GLY DA 52 -71.91 -34.63 0.07
N GLU DA 53 -71.25 -33.62 0.64
CA GLU DA 53 -71.68 -32.23 0.43
C GLU DA 53 -71.54 -31.81 -1.02
N ALA DA 54 -70.41 -32.11 -1.64
CA ALA DA 54 -70.14 -31.80 -3.04
C ALA DA 54 -70.67 -32.87 -3.98
N TYR DA 55 -71.32 -33.91 -3.44
CA TYR DA 55 -72.04 -34.91 -4.18
C TYR DA 55 -73.50 -34.51 -4.43
N VAL DA 56 -74.12 -33.83 -3.48
CA VAL DA 56 -75.50 -33.36 -3.63
C VAL DA 56 -75.56 -32.23 -4.65
N LYS DA 57 -74.47 -31.49 -4.84
CA LYS DA 57 -74.47 -30.40 -5.81
C LYS DA 57 -74.52 -30.93 -7.24
N GLU DA 58 -73.86 -32.06 -7.50
CA GLU DA 58 -73.98 -32.70 -8.80
C GLU DA 58 -75.37 -33.28 -9.02
N LEU DA 59 -76.10 -33.57 -7.93
CA LEU DA 59 -77.49 -33.98 -8.07
C LEU DA 59 -78.37 -32.84 -8.53
N PHE DA 60 -78.16 -31.61 -8.02
CA PHE DA 60 -78.91 -30.43 -8.46
C PHE DA 60 -78.70 -30.11 -9.94
N ARG DA 61 -77.58 -30.57 -10.52
CA ARG DA 61 -77.28 -30.31 -11.93
C ARG DA 61 -78.28 -30.99 -12.84
N GLU DA 62 -78.60 -32.25 -12.57
CA GLU DA 62 -79.53 -33.01 -13.39
C GLU DA 62 -80.90 -33.18 -12.74
N GLN DA 63 -80.97 -33.14 -11.41
CA GLN DA 63 -82.22 -33.38 -10.68
C GLN DA 63 -82.25 -32.46 -9.47
N PRO DA 64 -82.76 -31.23 -9.61
CA PRO DA 64 -82.72 -30.28 -8.49
C PRO DA 64 -83.72 -30.55 -7.37
N ASP DA 65 -84.46 -31.66 -7.40
CA ASP DA 65 -85.57 -31.86 -6.47
C ASP DA 65 -85.30 -32.91 -5.40
N LEU DA 66 -84.80 -34.09 -5.79
CA LEU DA 66 -84.47 -35.14 -4.81
C LEU DA 66 -83.28 -34.77 -3.95
N ALA DA 67 -82.44 -33.84 -4.39
CA ALA DA 67 -81.33 -33.31 -3.62
C ALA DA 67 -81.78 -32.41 -2.47
N LEU DA 68 -83.06 -32.01 -2.44
CA LEU DA 68 -83.63 -31.35 -1.29
C LEU DA 68 -84.07 -32.36 -0.23
N ARG DA 69 -84.56 -33.52 -0.65
CA ARG DA 69 -84.98 -34.55 0.30
C ARG DA 69 -83.78 -35.23 0.95
N ILE DA 70 -82.63 -35.26 0.25
CA ILE DA 70 -81.38 -35.68 0.87
C ILE DA 70 -80.93 -34.64 1.89
N MET DA 71 -81.08 -33.36 1.56
CA MET DA 71 -80.75 -32.27 2.46
C MET DA 71 -81.71 -32.17 3.64
N THR DA 72 -82.99 -32.52 3.44
CA THR DA 72 -84.07 -32.45 4.43
C THR DA 72 -83.73 -33.12 5.76
N VAL DA 73 -83.04 -34.26 5.71
CA VAL DA 73 -82.78 -35.03 6.91
C VAL DA 73 -81.51 -34.58 7.62
N ARG DA 74 -80.81 -33.58 7.10
CA ARG DA 74 -79.72 -32.96 7.83
C ARG DA 74 -80.23 -32.12 8.98
N GLU DA 75 -81.51 -31.74 8.95
CA GLU DA 75 -82.22 -31.18 10.09
C GLU DA 75 -83.00 -32.23 10.86
N HIS DA 76 -83.32 -33.37 10.23
CA HIS DA 76 -84.28 -34.31 10.79
C HIS DA 76 -83.67 -35.63 11.24
N ILE DA 77 -82.72 -36.19 10.50
CA ILE DA 77 -82.14 -37.45 10.93
C ILE DA 77 -80.72 -37.21 11.48
N ALA DA 78 -80.15 -36.03 11.23
CA ALA DA 78 -78.89 -35.67 11.89
C ALA DA 78 -79.08 -35.23 13.33
N GLU DA 79 -80.30 -35.27 13.87
CA GLU DA 79 -80.53 -35.02 15.28
C GLU DA 79 -80.74 -36.29 16.09
N GLU DA 80 -81.10 -37.41 15.45
CA GLU DA 80 -81.27 -38.69 16.12
C GLU DA 80 -80.14 -39.66 15.86
N VAL DA 81 -79.12 -39.22 15.12
CA VAL DA 81 -77.92 -39.99 14.85
C VAL DA 81 -76.67 -39.31 15.36
N ALA DA 82 -76.62 -37.96 15.36
CA ALA DA 82 -75.37 -37.25 15.56
C ALA DA 82 -75.21 -36.58 16.92
N GLU DA 83 -76.29 -36.24 17.60
CA GLU DA 83 -76.16 -35.78 18.99
C GLU DA 83 -76.01 -36.91 19.98
N PHE DA 84 -76.11 -38.15 19.52
CA PHE DA 84 -75.93 -39.32 20.36
C PHE DA 84 -74.50 -39.83 20.32
N LEU DA 85 -73.70 -39.25 19.44
CA LEU DA 85 -72.27 -39.58 19.38
C LEU DA 85 -71.46 -39.32 20.66
N PRO DA 86 -71.72 -38.29 21.50
CA PRO DA 86 -70.92 -38.17 22.75
C PRO DA 86 -70.95 -39.36 23.71
N GLU DA 87 -72.12 -39.93 24.00
CA GLU DA 87 -72.20 -41.04 24.94
C GLU DA 87 -71.94 -42.39 24.29
N MET DA 88 -71.49 -42.40 23.03
CA MET DA 88 -71.44 -43.62 22.24
C MET DA 88 -70.08 -43.78 21.55
N VAL DA 89 -69.20 -42.79 21.69
CA VAL DA 89 -67.79 -42.98 21.33
C VAL DA 89 -67.00 -43.49 22.52
N ARG DA 90 -67.06 -42.74 23.64
CA ARG DA 90 -66.24 -43.00 24.80
C ARG DA 90 -66.54 -44.33 25.46
N SER DA 91 -67.78 -44.81 25.32
CA SER DA 91 -68.12 -46.14 25.83
C SER DA 91 -67.41 -47.23 25.03
N GLY DA 92 -67.31 -47.08 23.70
CA GLY DA 92 -66.60 -48.06 22.90
C GLY DA 92 -65.10 -48.01 23.08
N ILE DA 93 -64.56 -46.85 23.49
CA ILE DA 93 -63.14 -46.73 23.76
C ILE DA 93 -62.77 -47.49 25.03
N GLN DA 94 -63.64 -47.43 26.04
CA GLN DA 94 -63.47 -48.26 27.22
C GLN DA 94 -63.58 -49.74 26.90
N GLN DA 95 -64.40 -50.09 25.89
CA GLN DA 95 -64.49 -51.48 25.48
C GLN DA 95 -63.20 -51.93 24.81
N ALA DA 96 -62.64 -51.09 23.94
CA ALA DA 96 -61.37 -51.40 23.30
C ALA DA 96 -60.21 -51.37 24.29
N ASN DA 97 -60.38 -50.66 25.41
CA ASN DA 97 -59.47 -50.78 26.54
C ASN DA 97 -59.63 -52.09 27.29
N MET DA 98 -60.73 -52.81 27.06
CA MET DA 98 -60.94 -54.14 27.62
C MET DA 98 -60.87 -55.25 26.60
N GLU DA 99 -60.86 -54.93 25.30
CA GLU DA 99 -60.76 -55.96 24.28
C GLU DA 99 -59.30 -56.28 23.96
N GLN DA 100 -58.46 -55.25 23.85
CA GLN DA 100 -57.09 -55.44 23.39
C GLN DA 100 -56.10 -55.54 24.54
N ARG DA 101 -56.48 -55.09 25.74
CA ARG DA 101 -55.67 -55.34 26.93
C ARG DA 101 -55.66 -56.83 27.30
N ARG DA 102 -56.69 -57.57 26.89
CA ARG DA 102 -56.74 -59.01 27.12
C ARG DA 102 -55.66 -59.76 26.35
N GLN DA 103 -55.23 -59.21 25.21
CA GLN DA 103 -54.27 -59.95 24.41
C GLN DA 103 -52.84 -59.64 24.77
N HIS DA 104 -52.61 -58.67 25.69
CA HIS DA 104 -51.33 -58.62 26.38
C HIS DA 104 -51.18 -59.79 27.34
N LEU DA 105 -52.32 -60.31 27.83
CA LEU DA 105 -52.34 -61.49 28.69
C LEU DA 105 -52.31 -62.78 27.90
N GLU DA 106 -52.81 -62.75 26.65
CA GLU DA 106 -52.80 -63.95 25.82
C GLU DA 106 -51.39 -64.32 25.41
N ARG DA 107 -50.56 -63.32 25.12
CA ARG DA 107 -49.15 -63.58 24.88
C ARG DA 107 -48.43 -63.92 26.18
N MET DA 108 -48.83 -63.30 27.29
CA MET DA 108 -48.18 -63.55 28.58
C MET DA 108 -48.47 -64.97 29.07
N THR DA 109 -49.68 -65.46 28.85
CA THR DA 109 -49.98 -66.86 29.15
C THR DA 109 -49.25 -67.80 28.20
N HIS DA 110 -49.04 -67.37 26.94
CA HIS DA 110 -48.15 -68.09 26.05
C HIS DA 110 -46.70 -68.00 26.51
N LEU DA 111 -46.33 -66.91 27.18
CA LEU DA 111 -45.02 -66.84 27.82
C LEU DA 111 -44.99 -67.57 29.16
N SER DA 112 -46.16 -67.93 29.69
CA SER DA 112 -46.25 -68.67 30.94
C SER DA 112 -46.14 -70.17 30.68
N LEU EA 23 -30.35 -47.31 17.57
CA LEU EA 23 -30.46 -47.51 19.01
C LEU EA 23 -29.05 -47.72 19.58
N THR EA 24 -28.06 -47.52 18.73
CA THR EA 24 -26.71 -47.34 19.26
C THR EA 24 -26.42 -45.89 19.64
N TYR EA 25 -27.46 -45.07 19.71
CA TYR EA 25 -27.40 -43.70 20.20
C TYR EA 25 -27.88 -43.58 21.63
N TYR EA 26 -28.05 -44.69 22.34
CA TYR EA 26 -28.45 -44.70 23.74
C TYR EA 26 -27.71 -45.86 24.40
N THR EA 27 -26.54 -45.58 24.97
CA THR EA 27 -25.75 -46.59 25.67
C THR EA 27 -25.53 -46.13 27.10
N PRO EA 28 -26.47 -46.43 28.00
CA PRO EA 28 -26.30 -46.02 29.41
C PRO EA 28 -25.24 -46.80 30.18
N ASP EA 29 -24.52 -47.70 29.53
CA ASP EA 29 -23.46 -48.49 30.13
C ASP EA 29 -22.11 -47.82 29.97
N TYR EA 30 -22.08 -46.50 29.90
CA TYR EA 30 -20.95 -45.73 29.42
C TYR EA 30 -20.73 -44.51 30.30
N THR EA 31 -19.48 -44.29 30.67
CA THR EA 31 -19.10 -43.08 31.39
C THR EA 31 -18.55 -42.05 30.42
N PRO EA 32 -19.08 -40.83 30.41
CA PRO EA 32 -18.52 -39.80 29.54
C PRO EA 32 -17.13 -39.40 29.99
N LYS EA 33 -16.22 -39.29 29.02
CA LYS EA 33 -14.79 -39.20 29.27
C LYS EA 33 -14.42 -37.86 29.92
N ASP EA 34 -13.12 -37.70 30.18
CA ASP EA 34 -12.60 -36.43 30.68
C ASP EA 34 -12.62 -35.33 29.63
N THR EA 35 -12.72 -35.69 28.35
CA THR EA 35 -12.53 -34.75 27.27
C THR EA 35 -13.77 -34.62 26.40
N ASP EA 36 -14.87 -35.27 26.76
CA ASP EA 36 -16.06 -35.21 25.95
C ASP EA 36 -16.76 -33.87 26.12
N ILE EA 37 -17.55 -33.51 25.10
CA ILE EA 37 -18.45 -32.38 25.13
C ILE EA 37 -19.80 -32.97 25.50
N LEU EA 38 -20.57 -32.25 26.27
CA LEU EA 38 -21.51 -32.91 27.16
C LEU EA 38 -22.69 -31.99 27.41
N ALA EA 39 -23.87 -32.39 26.94
CA ALA EA 39 -25.01 -31.49 26.90
C ALA EA 39 -26.15 -32.02 27.74
N ALA EA 40 -27.10 -31.17 28.07
CA ALA EA 40 -28.32 -31.57 28.73
C ALA EA 40 -29.51 -31.05 27.94
N PHE EA 41 -30.69 -31.57 28.25
CA PHE EA 41 -31.91 -31.22 27.53
C PHE EA 41 -33.10 -31.49 28.44
N ARG EA 42 -33.95 -30.50 28.67
CA ARG EA 42 -35.16 -30.70 29.46
C ARG EA 42 -36.31 -30.97 28.50
N VAL EA 43 -36.55 -32.28 28.22
CA VAL EA 43 -37.35 -32.77 27.09
C VAL EA 43 -38.78 -32.98 27.52
N THR EA 44 -39.73 -32.79 26.62
CA THR EA 44 -41.14 -33.10 26.90
C THR EA 44 -41.81 -33.71 25.67
N PRO EA 45 -42.12 -35.00 25.69
CA PRO EA 45 -42.62 -35.67 24.48
C PRO EA 45 -44.13 -35.64 24.34
N GLN EA 46 -44.57 -36.05 23.15
CA GLN EA 46 -45.99 -36.24 22.85
C GLN EA 46 -46.56 -37.43 23.64
N PRO EA 47 -47.90 -37.52 23.75
CA PRO EA 47 -48.51 -38.68 24.42
C PRO EA 47 -48.12 -40.02 23.84
N GLY EA 48 -47.76 -40.94 24.72
CA GLY EA 48 -47.35 -42.27 24.35
C GLY EA 48 -45.93 -42.41 23.90
N VAL EA 49 -45.26 -41.31 23.60
CA VAL EA 49 -43.86 -41.36 23.17
C VAL EA 49 -43.00 -41.73 24.36
N PRO EA 50 -42.19 -42.78 24.27
CA PRO EA 50 -41.39 -43.20 25.43
C PRO EA 50 -40.28 -42.21 25.73
N PHE EA 51 -39.75 -42.31 26.95
CA PHE EA 51 -38.65 -41.43 27.33
C PHE EA 51 -37.32 -41.88 26.76
N GLU EA 52 -37.24 -43.10 26.23
CA GLU EA 52 -35.97 -43.63 25.77
C GLU EA 52 -35.77 -43.50 24.27
N GLU EA 53 -36.82 -43.16 23.53
CA GLU EA 53 -36.68 -42.98 22.09
C GLU EA 53 -36.72 -41.53 21.68
N ALA EA 54 -37.26 -40.66 22.54
CA ALA EA 54 -37.14 -39.23 22.31
C ALA EA 54 -35.72 -38.76 22.56
N ALA EA 55 -35.00 -39.41 23.47
CA ALA EA 55 -33.62 -39.03 23.71
C ALA EA 55 -32.68 -39.58 22.64
N ALA EA 56 -33.05 -40.68 22.00
CA ALA EA 56 -32.31 -41.09 20.82
C ALA EA 56 -32.76 -40.32 19.58
N ALA EA 57 -33.89 -39.63 19.66
CA ALA EA 57 -34.32 -38.68 18.65
C ALA EA 57 -33.61 -37.34 18.80
N VAL EA 58 -32.79 -37.15 19.82
CA VAL EA 58 -32.05 -35.93 19.98
C VAL EA 58 -30.58 -36.13 19.67
N ALA EA 59 -29.94 -37.14 20.27
CA ALA EA 59 -28.50 -37.32 20.14
C ALA EA 59 -28.09 -37.77 18.75
N ALA EA 60 -29.02 -38.29 17.97
CA ALA EA 60 -28.69 -38.79 16.65
C ALA EA 60 -28.93 -37.73 15.59
N GLU EA 61 -30.04 -37.01 15.69
CA GLU EA 61 -30.34 -35.99 14.70
C GLU EA 61 -29.58 -34.69 14.94
N SER EA 62 -28.82 -34.57 16.03
CA SER EA 62 -27.89 -33.48 16.13
C SER EA 62 -26.72 -33.67 15.18
N SER EA 63 -25.93 -34.72 15.42
CA SER EA 63 -24.67 -34.89 14.70
C SER EA 63 -24.90 -35.35 13.27
N THR EA 64 -25.50 -36.54 13.11
CA THR EA 64 -25.77 -37.09 11.79
C THR EA 64 -26.89 -38.11 11.85
N ARG EA 80 -17.65 -44.17 15.79
CA ARG EA 80 -17.13 -43.45 16.95
C ARG EA 80 -17.47 -41.97 16.89
N TYR EA 81 -18.19 -41.56 15.85
CA TYR EA 81 -18.46 -40.15 15.60
C TYR EA 81 -19.87 -39.73 15.92
N LYS EA 82 -20.44 -40.26 16.98
CA LYS EA 82 -21.84 -40.04 17.27
C LYS EA 82 -22.05 -39.75 18.75
N GLY EA 83 -22.94 -38.84 19.03
CA GLY EA 83 -23.31 -38.60 20.41
C GLY EA 83 -24.12 -39.75 20.96
N ARG EA 84 -24.08 -39.91 22.28
CA ARG EA 84 -24.81 -41.01 22.90
C ARG EA 84 -25.43 -40.52 24.19
N CYS EA 85 -26.77 -40.55 24.25
CA CYS EA 85 -27.49 -40.24 25.47
C CYS EA 85 -27.19 -41.29 26.54
N TYR EA 86 -26.39 -40.93 27.55
CA TYR EA 86 -25.95 -41.90 28.54
C TYR EA 86 -26.80 -41.93 29.81
N ASP EA 87 -27.74 -41.01 29.99
CA ASP EA 87 -28.49 -40.99 31.23
C ASP EA 87 -29.88 -40.44 30.94
N ILE EA 88 -30.85 -40.78 31.79
CA ILE EA 88 -32.22 -40.51 31.39
C ILE EA 88 -33.08 -39.94 32.53
N GLU EA 89 -32.42 -39.28 33.50
CA GLU EA 89 -32.98 -38.91 34.81
C GLU EA 89 -34.30 -38.12 34.68
N PRO EA 90 -35.28 -38.39 35.55
CA PRO EA 90 -36.55 -37.66 35.48
C PRO EA 90 -36.56 -36.40 36.35
N VAL EA 91 -37.66 -35.67 36.25
CA VAL EA 91 -37.85 -34.41 36.95
C VAL EA 91 -39.05 -34.58 37.88
N PRO EA 92 -38.90 -34.31 39.18
CA PRO EA 92 -40.01 -34.57 40.12
C PRO EA 92 -40.99 -33.41 40.19
N GLY EA 93 -42.28 -33.75 40.15
CA GLY EA 93 -43.35 -32.79 40.33
C GLY EA 93 -43.48 -31.72 39.26
N GLU EA 94 -43.31 -32.09 38.00
CA GLU EA 94 -43.39 -31.16 36.89
C GLU EA 94 -43.86 -31.97 35.68
N ASP EA 95 -44.25 -31.27 34.60
CA ASP EA 95 -45.01 -31.86 33.49
C ASP EA 95 -44.12 -32.77 32.64
N ASN EA 96 -43.83 -33.94 33.20
CA ASN EA 96 -43.43 -35.14 32.45
C ASN EA 96 -42.07 -34.99 31.79
N GLN EA 97 -41.26 -34.08 32.31
CA GLN EA 97 -39.94 -33.86 31.76
C GLN EA 97 -39.00 -34.97 32.18
N PHE EA 98 -37.89 -35.06 31.45
CA PHE EA 98 -36.79 -35.90 31.84
C PHE EA 98 -35.51 -35.26 31.32
N ILE EA 99 -34.42 -35.50 32.02
CA ILE EA 99 -33.15 -34.84 31.73
C ILE EA 99 -32.30 -35.80 30.91
N ALA EA 100 -31.98 -35.41 29.68
CA ALA EA 100 -31.23 -36.25 28.76
C ALA EA 100 -29.80 -35.78 28.72
N TYR EA 101 -28.86 -36.67 29.01
CA TYR EA 101 -27.44 -36.33 29.07
C TYR EA 101 -26.75 -36.89 27.83
N ILE EA 102 -26.40 -36.02 26.90
CA ILE EA 102 -25.88 -36.42 25.60
C ILE EA 102 -24.40 -36.09 25.57
N ALA EA 103 -23.58 -37.01 25.07
CA ALA EA 103 -22.12 -36.87 25.10
C ALA EA 103 -21.52 -37.01 23.70
N TYR EA 104 -21.20 -35.89 23.09
CA TYR EA 104 -20.53 -35.75 21.81
C TYR EA 104 -19.03 -35.90 22.04
N PRO EA 105 -18.28 -36.38 21.07
CA PRO EA 105 -16.82 -36.49 21.27
C PRO EA 105 -16.11 -35.16 21.22
N LEU EA 106 -14.78 -35.20 21.36
CA LEU EA 106 -14.01 -33.95 21.31
C LEU EA 106 -13.80 -33.49 19.88
N ASP EA 107 -13.39 -34.40 19.00
CA ASP EA 107 -12.95 -34.05 17.66
C ASP EA 107 -14.06 -33.61 16.74
N LEU EA 108 -15.32 -33.73 17.15
CA LEU EA 108 -16.45 -33.47 16.29
C LEU EA 108 -16.55 -32.01 15.84
N PHE EA 109 -15.88 -31.10 16.54
CA PHE EA 109 -16.08 -29.66 16.43
C PHE EA 109 -14.80 -28.93 16.06
N GLU EA 110 -14.96 -27.66 15.72
CA GLU EA 110 -13.85 -26.80 15.33
C GLU EA 110 -13.33 -26.05 16.55
N GLU EA 111 -12.00 -25.98 16.67
CA GLU EA 111 -11.37 -25.28 17.78
C GLU EA 111 -11.68 -23.79 17.70
N GLY EA 112 -12.15 -23.25 18.81
CA GLY EA 112 -12.47 -21.85 18.90
C GLY EA 112 -13.61 -21.42 18.01
N SER EA 113 -14.83 -21.91 18.26
CA SER EA 113 -16.00 -21.41 17.55
C SER EA 113 -17.24 -21.69 18.37
N ILE EA 114 -18.09 -20.69 18.48
CA ILE EA 114 -19.30 -20.77 19.28
C ILE EA 114 -20.46 -20.92 18.33
N THR EA 115 -20.29 -20.41 17.10
CA THR EA 115 -21.31 -20.60 16.08
C THR EA 115 -21.45 -22.07 15.72
N ASN EA 116 -20.32 -22.78 15.57
CA ASN EA 116 -20.34 -24.21 15.26
C ASN EA 116 -20.97 -25.01 16.37
N VAL EA 117 -20.57 -24.74 17.62
CA VAL EA 117 -21.08 -25.49 18.76
C VAL EA 117 -22.57 -25.26 18.94
N LEU EA 118 -23.03 -24.03 18.74
CA LEU EA 118 -24.45 -23.76 18.85
C LEU EA 118 -25.21 -24.17 17.61
N THR EA 119 -24.54 -24.63 16.55
CA THR EA 119 -25.35 -24.97 15.39
C THR EA 119 -25.33 -26.46 15.06
N SER EA 120 -24.19 -27.13 15.24
CA SER EA 120 -24.13 -28.58 15.03
C SER EA 120 -24.81 -29.36 16.14
N ILE EA 121 -25.20 -28.70 17.22
CA ILE EA 121 -25.86 -29.37 18.33
C ILE EA 121 -27.37 -29.22 18.19
N VAL EA 122 -27.83 -27.99 18.00
CA VAL EA 122 -29.27 -27.72 17.93
C VAL EA 122 -29.67 -27.17 16.57
N GLY EA 123 -29.11 -27.73 15.50
CA GLY EA 123 -29.60 -27.37 14.17
C GLY EA 123 -31.05 -27.72 13.88
N ASN EA 124 -31.36 -28.99 13.63
CA ASN EA 124 -32.74 -29.39 13.33
C ASN EA 124 -33.27 -30.35 14.38
N VAL EA 125 -33.11 -29.99 15.64
CA VAL EA 125 -33.55 -30.83 16.75
C VAL EA 125 -34.72 -30.12 17.42
N PHE EA 126 -34.79 -28.80 17.27
CA PHE EA 126 -35.99 -28.10 17.70
C PHE EA 126 -37.17 -28.30 16.73
N GLY EA 127 -36.94 -28.91 15.57
CA GLY EA 127 -37.98 -29.02 14.57
C GLY EA 127 -38.69 -30.36 14.51
N PHE EA 128 -38.90 -31.04 15.63
CA PHE EA 128 -39.67 -32.28 15.61
C PHE EA 128 -41.09 -32.03 16.09
N LYS EA 129 -42.02 -32.85 15.60
CA LYS EA 129 -43.37 -32.88 16.14
C LYS EA 129 -43.58 -33.96 17.18
N ALA EA 130 -42.58 -34.80 17.44
CA ALA EA 130 -42.74 -35.83 18.46
C ALA EA 130 -42.48 -35.31 19.85
N LEU EA 131 -42.16 -34.04 19.99
CA LEU EA 131 -41.91 -33.45 21.29
C LEU EA 131 -42.85 -32.27 21.49
N ARG EA 132 -43.34 -32.10 22.71
CA ARG EA 132 -44.13 -30.90 22.99
C ARG EA 132 -43.23 -29.70 23.23
N ALA EA 133 -42.09 -29.89 23.88
CA ALA EA 133 -41.13 -28.83 24.10
C ALA EA 133 -39.73 -29.42 24.19
N LEU EA 134 -38.74 -28.52 24.16
CA LEU EA 134 -37.33 -28.91 24.25
C LEU EA 134 -36.51 -27.68 24.61
N ARG EA 135 -35.75 -27.76 25.70
CA ARG EA 135 -34.84 -26.70 26.11
C ARG EA 135 -33.45 -27.26 26.28
N LEU EA 136 -32.46 -26.39 26.19
CA LEU EA 136 -31.06 -26.76 26.27
C LEU EA 136 -30.54 -26.09 27.52
N GLU EA 137 -30.40 -26.85 28.59
CA GLU EA 137 -30.19 -26.25 29.91
C GLU EA 137 -28.71 -25.99 30.19
N ASP EA 138 -27.81 -26.78 29.62
CA ASP EA 138 -26.43 -26.72 30.05
C ASP EA 138 -25.53 -27.27 28.94
N ILE EA 139 -24.25 -26.91 29.00
CA ILE EA 139 -23.18 -27.51 28.20
C ILE EA 139 -21.93 -27.57 29.06
N ARG EA 140 -21.27 -28.72 29.12
CA ARG EA 140 -19.92 -28.78 29.68
C ARG EA 140 -18.89 -28.68 28.57
N PHE EA 141 -18.15 -27.67 28.59
CA PHE EA 141 -16.95 -27.70 27.77
C PHE EA 141 -15.85 -28.38 28.55
N PRO EA 142 -14.95 -29.12 27.90
CA PRO EA 142 -13.82 -29.72 28.62
C PRO EA 142 -12.80 -28.67 29.03
N VAL EA 143 -11.75 -29.13 29.68
CA VAL EA 143 -10.65 -28.22 29.98
C VAL EA 143 -9.85 -28.08 28.69
N ALA EA 144 -9.84 -29.15 27.90
CA ALA EA 144 -9.05 -29.17 26.67
C ALA EA 144 -9.63 -28.25 25.60
N TYR EA 145 -10.93 -27.96 25.67
CA TYR EA 145 -11.53 -27.15 24.63
C TYR EA 145 -11.77 -25.72 25.05
N ILE EA 146 -11.81 -25.45 26.37
CA ILE EA 146 -11.95 -24.08 26.84
C ILE EA 146 -10.72 -23.26 26.49
N LYS EA 147 -9.54 -23.84 26.67
CA LYS EA 147 -8.31 -23.08 26.45
C LYS EA 147 -7.83 -23.12 25.00
N THR EA 148 -8.67 -23.54 24.07
CA THR EA 148 -8.49 -23.15 22.68
C THR EA 148 -8.93 -21.71 22.47
N PHE EA 149 -10.00 -21.32 23.14
CA PHE EA 149 -10.58 -19.99 23.07
C PHE EA 149 -9.70 -18.97 23.78
N GLN EA 150 -9.83 -17.71 23.38
CA GLN EA 150 -9.09 -16.63 24.00
C GLN EA 150 -9.91 -15.91 25.06
N GLY EA 151 -11.22 -15.81 24.86
CA GLY EA 151 -12.10 -15.39 25.91
C GLY EA 151 -12.39 -13.90 25.92
N PRO EA 152 -12.83 -13.38 27.06
CA PRO EA 152 -13.02 -11.96 27.19
C PRO EA 152 -11.65 -11.27 27.20
N PRO EA 153 -11.53 -10.11 26.58
CA PRO EA 153 -10.21 -9.48 26.49
C PRO EA 153 -9.74 -8.94 27.82
N HIS EA 154 -10.70 -8.58 28.65
CA HIS EA 154 -10.47 -7.88 29.91
C HIS EA 154 -11.36 -8.54 30.95
N GLY EA 155 -10.89 -8.64 32.18
CA GLY EA 155 -11.57 -9.41 33.22
C GLY EA 155 -11.96 -8.65 34.47
N ILE EA 156 -12.03 -9.40 35.59
CA ILE EA 156 -12.16 -8.81 36.92
C ILE EA 156 -10.86 -8.12 37.35
N GLN EA 157 -9.73 -8.52 36.78
CA GLN EA 157 -8.49 -7.80 37.03
C GLN EA 157 -8.28 -6.68 36.02
N VAL EA 158 -8.52 -6.93 34.75
CA VAL EA 158 -7.99 -6.10 33.68
C VAL EA 158 -8.87 -4.87 33.52
N GLU EA 159 -10.07 -4.91 34.12
CA GLU EA 159 -10.99 -3.80 33.91
C GLU EA 159 -10.56 -2.57 34.70
N ARG EA 160 -9.81 -2.77 35.76
CA ARG EA 160 -9.49 -1.68 36.67
C ARG EA 160 -8.32 -0.83 36.19
N ASP EA 161 -7.78 -1.10 35.00
CA ASP EA 161 -6.63 -0.35 34.55
C ASP EA 161 -7.04 1.07 34.15
N LYS EA 162 -7.82 1.20 33.08
CA LYS EA 162 -8.32 2.50 32.65
C LYS EA 162 -9.56 2.91 33.42
N LEU EA 163 -10.35 1.96 33.87
CA LEU EA 163 -11.45 2.30 34.74
C LEU EA 163 -10.88 2.50 36.13
N ASN EA 164 -11.11 3.69 36.66
CA ASN EA 164 -10.54 4.17 37.90
C ASN EA 164 -11.40 3.80 39.11
N LYS EA 165 -12.14 2.71 39.05
CA LYS EA 165 -12.99 2.30 40.15
C LYS EA 165 -12.57 0.92 40.64
N TYR EA 166 -12.29 0.81 41.93
CA TYR EA 166 -11.75 -0.41 42.52
C TYR EA 166 -12.62 -0.82 43.69
N GLY EA 167 -12.93 -2.10 43.79
CA GLY EA 167 -13.58 -2.65 44.97
C GLY EA 167 -14.99 -2.22 45.32
N ARG EA 168 -15.65 -1.52 44.41
CA ARG EA 168 -17.01 -1.02 44.56
C ARG EA 168 -17.65 -1.04 43.19
N PRO EA 169 -18.92 -1.49 43.08
CA PRO EA 169 -19.57 -1.60 41.76
C PRO EA 169 -19.81 -0.29 41.01
N LEU EA 170 -20.39 -0.34 39.82
CA LEU EA 170 -20.44 0.87 39.03
C LEU EA 170 -21.86 1.39 38.87
N LEU EA 171 -21.97 2.55 38.20
CA LEU EA 171 -23.23 3.25 38.03
C LEU EA 171 -23.32 3.85 36.62
N GLY EA 172 -24.48 3.74 35.98
CA GLY EA 172 -24.65 4.40 34.71
C GLY EA 172 -26.05 4.45 34.14
N CYS EA 173 -26.52 5.64 33.73
CA CYS EA 173 -27.91 5.86 33.38
C CYS EA 173 -28.09 6.20 31.90
N THR EA 174 -29.20 5.73 31.35
CA THR EA 174 -29.53 5.87 29.96
C THR EA 174 -30.09 7.26 29.64
N ILE EA 175 -29.81 7.73 28.44
CA ILE EA 175 -30.15 9.09 28.05
C ILE EA 175 -31.18 9.06 26.95
N SER EA 182 -32.79 17.01 19.88
CA SER EA 182 -31.93 17.43 18.77
C SER EA 182 -30.58 16.77 18.88
N ALA EA 183 -29.50 17.54 18.70
CA ALA EA 183 -28.14 17.02 18.78
C ALA EA 183 -27.28 17.74 19.81
N LYS EA 184 -27.34 19.06 19.85
CA LYS EA 184 -26.74 19.83 20.93
C LYS EA 184 -27.47 19.62 22.23
N ASN EA 185 -28.80 19.65 22.21
CA ASN EA 185 -29.59 19.46 23.43
C ASN EA 185 -29.48 18.03 23.95
N TYR EA 186 -29.15 17.10 23.08
CA TYR EA 186 -28.87 15.75 23.53
C TYR EA 186 -27.50 15.69 24.18
N GLY EA 187 -26.57 16.50 23.68
CA GLY EA 187 -25.24 16.54 24.29
C GLY EA 187 -25.23 17.28 25.60
N ARG EA 188 -26.16 18.22 25.77
CA ARG EA 188 -26.23 18.99 27.02
C ARG EA 188 -26.83 18.18 28.16
N ALA EA 189 -27.46 17.05 27.88
CA ALA EA 189 -28.16 16.29 28.92
C ALA EA 189 -27.24 15.28 29.59
N VAL EA 190 -26.35 14.64 28.80
CA VAL EA 190 -25.28 13.81 29.34
C VAL EA 190 -24.19 14.68 29.95
N TYR EA 191 -24.13 15.94 29.56
CA TYR EA 191 -23.30 16.95 30.18
C TYR EA 191 -23.63 17.13 31.64
N GLU EA 192 -24.85 16.76 32.08
CA GLU EA 192 -25.28 16.90 33.47
C GLU EA 192 -25.89 15.63 34.07
N CYS EA 193 -25.56 14.46 33.56
CA CYS EA 193 -25.90 13.24 34.28
C CYS EA 193 -24.69 12.66 34.98
N LEU EA 194 -23.54 12.71 34.32
CA LEU EA 194 -22.26 12.27 34.83
C LEU EA 194 -21.76 13.14 35.95
N ARG EA 195 -22.33 14.33 36.11
CA ARG EA 195 -21.96 15.24 37.17
C ARG EA 195 -22.71 14.99 38.48
N GLY EA 196 -23.08 13.75 38.75
CA GLY EA 196 -23.76 13.41 39.99
C GLY EA 196 -23.18 12.15 40.59
N GLY EA 197 -22.35 11.46 39.81
CA GLY EA 197 -21.72 10.24 40.26
C GLY EA 197 -21.79 9.09 39.29
N LEU EA 198 -22.42 9.26 38.13
CA LEU EA 198 -22.58 8.16 37.20
C LEU EA 198 -21.25 7.84 36.55
N ASP EA 199 -20.84 6.57 36.65
CA ASP EA 199 -19.52 6.16 36.18
C ASP EA 199 -19.48 6.14 34.66
N PHE EA 200 -20.63 5.89 34.05
CA PHE EA 200 -20.82 6.16 32.63
C PHE EA 200 -22.28 6.49 32.39
N THR EA 201 -22.67 6.55 31.11
CA THR EA 201 -24.04 6.73 30.67
C THR EA 201 -24.25 5.86 29.44
N LYS EA 202 -25.48 5.80 28.96
CA LYS EA 202 -25.89 4.82 27.96
C LYS EA 202 -26.60 5.52 26.82
N ASP EA 203 -26.07 5.41 25.61
CA ASP EA 203 -26.80 5.87 24.43
C ASP EA 203 -27.66 4.72 23.94
N ASP EA 204 -28.54 4.24 24.80
CA ASP EA 204 -29.37 3.09 24.48
C ASP EA 204 -30.67 3.61 23.89
N GLU EA 205 -31.61 2.68 23.72
CA GLU EA 205 -32.85 2.86 22.97
C GLU EA 205 -32.58 3.37 21.55
N ASN EA 206 -31.53 2.84 20.93
CA ASN EA 206 -31.40 2.72 19.48
C ASN EA 206 -31.33 4.06 18.77
N ILE EA 207 -30.39 4.88 19.21
CA ILE EA 207 -30.24 6.17 18.58
C ILE EA 207 -29.15 6.05 17.52
N ASN EA 208 -29.56 5.94 16.26
CA ASN EA 208 -28.65 5.97 15.13
C ASN EA 208 -28.78 7.33 14.43
N SER EA 209 -28.16 7.47 13.26
CA SER EA 209 -28.24 8.74 12.55
C SER EA 209 -29.60 8.88 11.87
N ALA EA 210 -30.46 9.72 12.42
CA ALA EA 210 -31.73 10.02 11.80
C ALA EA 210 -31.57 11.34 11.06
N PRO EA 211 -32.52 11.77 10.21
CA PRO EA 211 -32.39 13.11 9.59
C PRO EA 211 -32.47 14.28 10.55
N PHE EA 212 -32.87 14.11 11.81
CA PHE EA 212 -32.81 15.21 12.77
C PHE EA 212 -31.55 15.19 13.63
N GLN EA 213 -30.84 14.07 13.69
CA GLN EA 213 -29.72 13.91 14.60
C GLN EA 213 -28.74 12.92 14.01
N ARG EA 214 -27.72 13.43 13.32
CA ARG EA 214 -26.79 12.58 12.60
C ARG EA 214 -25.79 11.93 13.55
N TRP EA 215 -25.04 10.98 12.98
CA TRP EA 215 -24.15 10.16 13.77
C TRP EA 215 -22.89 10.90 14.16
N ARG EA 216 -22.41 11.80 13.30
CA ARG EA 216 -21.17 12.50 13.59
C ARG EA 216 -21.40 13.58 14.62
N ASP EA 217 -22.47 14.36 14.48
CA ASP EA 217 -22.84 15.42 15.39
C ASP EA 217 -23.46 14.94 16.69
N ARG EA 218 -23.44 13.65 16.96
CA ARG EA 218 -23.71 13.16 18.30
C ARG EA 218 -22.44 12.74 19.04
N PHE EA 219 -21.39 12.37 18.30
CA PHE EA 219 -20.15 11.95 18.93
C PHE EA 219 -19.38 13.08 19.56
N LEU EA 220 -19.28 14.23 18.87
CA LEU EA 220 -18.58 15.39 19.39
C LEU EA 220 -19.22 15.91 20.66
N PHE EA 221 -20.52 16.11 20.64
CA PHE EA 221 -21.25 16.73 21.72
C PHE EA 221 -21.43 15.82 22.93
N VAL EA 222 -20.98 14.57 22.85
CA VAL EA 222 -20.83 13.73 24.04
C VAL EA 222 -19.39 13.25 24.17
N ALA EA 223 -18.48 13.82 23.38
CA ALA EA 223 -17.06 13.93 23.69
C ALA EA 223 -16.70 15.26 24.28
N ASP EA 224 -17.24 16.37 23.74
CA ASP EA 224 -17.15 17.68 24.38
C ASP EA 224 -17.83 17.75 25.72
N ALA EA 225 -18.70 16.80 26.05
CA ALA EA 225 -19.36 16.75 27.35
C ALA EA 225 -18.64 15.85 28.33
N ILE EA 226 -17.59 15.13 27.91
CA ILE EA 226 -16.74 14.39 28.83
C ILE EA 226 -15.56 15.25 29.29
N THR EA 227 -15.00 16.04 28.39
CA THR EA 227 -13.91 16.94 28.69
C THR EA 227 -14.33 18.04 29.66
N LYS EA 228 -15.63 18.32 29.77
CA LYS EA 228 -16.16 19.24 30.77
C LYS EA 228 -16.79 18.56 31.98
N ALA EA 229 -16.47 17.31 32.26
CA ALA EA 229 -16.86 16.69 33.52
C ALA EA 229 -15.80 15.76 34.08
N GLN EA 230 -14.70 15.56 33.37
CA GLN EA 230 -13.60 14.75 33.89
C GLN EA 230 -12.85 15.48 35.00
N ALA EA 231 -12.50 16.74 34.76
CA ALA EA 231 -11.73 17.54 35.69
C ALA EA 231 -12.59 18.21 36.76
N GLU EA 232 -13.86 18.44 36.47
CA GLU EA 232 -14.72 19.18 37.37
C GLU EA 232 -15.40 18.27 38.39
N THR EA 233 -15.10 16.97 38.35
CA THR EA 233 -15.64 16.01 39.30
C THR EA 233 -14.59 15.05 39.85
N GLY EA 234 -13.36 15.11 39.34
CA GLY EA 234 -12.26 14.36 39.91
C GLY EA 234 -12.18 12.90 39.51
N GLU EA 235 -12.93 12.47 38.49
CA GLU EA 235 -12.93 11.07 38.03
C GLU EA 235 -13.06 11.04 36.52
N ILE EA 236 -12.85 9.85 35.95
CA ILE EA 236 -12.92 9.63 34.52
C ILE EA 236 -14.13 8.78 34.20
N LYS EA 237 -14.96 9.27 33.28
CA LYS EA 237 -16.28 8.75 32.95
C LYS EA 237 -16.37 8.56 31.44
N GLY EA 238 -17.16 7.58 31.01
CA GLY EA 238 -17.40 7.37 29.60
C GLY EA 238 -18.86 7.69 29.27
N HIS EA 239 -19.16 7.74 27.98
CA HIS EA 239 -20.55 7.68 27.54
C HIS EA 239 -20.68 6.62 26.47
N TYR EA 240 -21.28 5.50 26.83
CA TYR EA 240 -21.44 4.34 25.97
C TYR EA 240 -22.33 4.64 24.78
N LEU EA 241 -21.79 4.43 23.59
CA LEU EA 241 -22.36 4.89 22.32
C LEU EA 241 -22.55 3.72 21.36
N ASN EA 242 -23.66 3.74 20.62
CA ASN EA 242 -23.94 2.71 19.62
C ASN EA 242 -23.04 2.85 18.40
N VAL EA 243 -22.62 1.69 17.87
CA VAL EA 243 -21.83 1.60 16.66
C VAL EA 243 -22.60 0.98 15.51
N THR EA 244 -23.90 0.78 15.67
CA THR EA 244 -24.68 -0.01 14.73
C THR EA 244 -24.91 0.74 13.41
N ALA EA 245 -24.56 0.09 12.31
CA ALA EA 245 -24.63 0.63 10.96
C ALA EA 245 -25.32 -0.38 10.07
N PRO EA 246 -25.78 0.03 8.87
CA PRO EA 246 -26.18 -0.98 7.88
C PRO EA 246 -25.08 -1.96 7.49
N THR EA 247 -24.00 -1.50 6.90
CA THR EA 247 -22.89 -2.38 6.53
C THR EA 247 -22.02 -2.67 7.75
N CYS EA 248 -20.85 -3.25 7.51
CA CYS EA 248 -19.83 -3.17 8.53
C CYS EA 248 -18.75 -2.18 8.15
N GLU EA 249 -18.57 -1.91 6.86
CA GLU EA 249 -17.69 -0.83 6.44
C GLU EA 249 -18.15 0.52 6.95
N GLU EA 250 -19.45 0.73 7.12
CA GLU EA 250 -19.88 1.91 7.83
C GLU EA 250 -19.70 1.73 9.34
N MET EA 251 -19.85 0.51 9.85
CA MET EA 251 -19.61 0.25 11.27
C MET EA 251 -18.12 0.33 11.61
N LEU EA 252 -17.25 0.13 10.63
CA LEU EA 252 -15.83 0.38 10.86
C LEU EA 252 -15.52 1.87 10.93
N LYS EA 253 -16.41 2.71 10.42
CA LYS EA 253 -16.25 4.15 10.57
C LYS EA 253 -16.98 4.70 11.78
N ARG EA 254 -17.85 3.92 12.41
CA ARG EA 254 -18.50 4.39 13.64
C ARG EA 254 -17.74 3.92 14.87
N ALA EA 255 -16.56 3.38 14.68
CA ALA EA 255 -15.77 2.88 15.78
C ALA EA 255 -14.32 3.27 15.69
N GLU EA 256 -13.90 3.69 14.51
CA GLU EA 256 -12.61 4.34 14.30
C GLU EA 256 -12.68 5.84 14.53
N TYR EA 257 -13.82 6.47 14.25
CA TYR EA 257 -14.06 7.84 14.64
C TYR EA 257 -14.26 8.04 16.13
N ALA EA 258 -14.91 7.09 16.82
CA ALA EA 258 -15.20 7.20 18.24
C ALA EA 258 -13.91 7.25 19.05
N LYS EA 259 -13.14 6.18 19.06
CA LYS EA 259 -11.79 6.22 19.63
C LYS EA 259 -10.82 6.42 18.48
N GLU EA 260 -10.40 7.67 18.28
CA GLU EA 260 -9.24 7.95 17.46
C GLU EA 260 -8.00 7.84 18.35
N LEU EA 261 -7.95 8.76 19.31
CA LEU EA 261 -7.50 8.55 20.67
C LEU EA 261 -8.44 9.27 21.61
N LYS EA 262 -9.71 9.42 21.20
CA LYS EA 262 -10.61 10.42 21.71
C LYS EA 262 -11.33 10.00 22.97
N GLN EA 263 -11.46 8.70 23.26
CA GLN EA 263 -12.72 8.40 23.92
C GLN EA 263 -12.68 7.04 24.60
N PRO EA 264 -13.45 6.84 25.66
CA PRO EA 264 -13.39 5.60 26.43
C PRO EA 264 -13.95 4.36 25.73
N ILE EA 265 -14.23 3.36 26.55
CA ILE EA 265 -14.60 1.99 26.20
C ILE EA 265 -16.09 1.88 25.85
N ILE EA 266 -16.43 1.67 24.57
CA ILE EA 266 -17.72 2.03 23.96
C ILE EA 266 -18.28 0.90 23.09
N MET EA 267 -19.52 0.48 23.34
CA MET EA 267 -19.99 -0.87 23.17
C MET EA 267 -21.10 -1.00 22.09
N HIS EA 268 -21.58 -2.24 21.82
CA HIS EA 268 -22.91 -2.51 21.25
C HIS EA 268 -23.36 -3.93 21.64
N ASP EA 269 -24.43 -4.43 21.00
CA ASP EA 269 -25.25 -5.56 21.43
C ASP EA 269 -24.78 -6.93 20.91
N TYR EA 270 -25.69 -7.90 20.99
CA TYR EA 270 -25.56 -9.25 20.41
C TYR EA 270 -26.78 -9.67 19.62
N LEU EA 271 -27.95 -9.16 19.96
CA LEU EA 271 -29.15 -9.42 19.15
C LEU EA 271 -29.09 -8.58 17.89
N THR EA 272 -29.90 -8.95 16.88
CA THR EA 272 -29.91 -8.38 15.51
C THR EA 272 -28.51 -8.22 14.96
N ALA EA 273 -27.69 -9.21 15.24
CA ALA EA 273 -26.24 -9.29 15.20
C ALA EA 273 -25.97 -10.72 15.64
N GLY EA 274 -24.71 -11.14 15.55
CA GLY EA 274 -24.46 -12.51 15.91
C GLY EA 274 -23.22 -12.65 16.76
N PHE EA 275 -22.79 -13.89 16.90
CA PHE EA 275 -21.44 -14.20 17.31
C PHE EA 275 -20.50 -14.09 16.13
N THR EA 276 -21.04 -13.82 14.94
CA THR EA 276 -20.29 -13.54 13.73
C THR EA 276 -20.18 -12.05 13.46
N ALA EA 277 -21.26 -11.30 13.66
CA ALA EA 277 -21.25 -9.85 13.54
C ALA EA 277 -20.37 -9.16 14.58
N ASN EA 278 -20.39 -9.62 15.81
CA ASN EA 278 -19.63 -9.03 16.87
C ASN EA 278 -18.34 -9.76 17.09
N THR EA 279 -17.71 -10.18 16.01
CA THR EA 279 -16.40 -10.77 16.06
C THR EA 279 -15.42 -9.94 15.27
N THR EA 280 -15.93 -9.19 14.31
CA THR EA 280 -15.24 -8.13 13.61
C THR EA 280 -14.97 -6.92 14.51
N LEU EA 281 -15.76 -6.71 15.57
CA LEU EA 281 -15.51 -5.59 16.46
C LEU EA 281 -15.20 -5.97 17.91
N ALA EA 282 -15.43 -7.21 18.34
CA ALA EA 282 -14.89 -7.57 19.64
C ALA EA 282 -13.41 -7.83 19.55
N ARG EA 283 -12.88 -7.93 18.35
CA ARG EA 283 -11.47 -8.13 18.13
C ARG EA 283 -10.82 -6.86 17.59
N TRP EA 284 -11.60 -5.79 17.50
CA TRP EA 284 -11.19 -4.39 17.56
C TRP EA 284 -10.81 -3.98 18.99
N CYS EA 285 -11.18 -4.77 19.99
CA CYS EA 285 -10.65 -4.68 21.36
C CYS EA 285 -9.35 -5.43 21.53
N ARG EA 286 -8.88 -6.08 20.47
CA ARG EA 286 -7.58 -6.71 20.49
C ARG EA 286 -6.51 -5.76 19.98
N ASP EA 287 -6.88 -4.51 19.72
CA ASP EA 287 -5.96 -3.44 19.36
C ASP EA 287 -6.11 -2.23 20.24
N ASN EA 288 -7.30 -2.02 20.80
CA ASN EA 288 -7.77 -0.72 21.26
C ASN EA 288 -8.32 -0.72 22.68
N GLY EA 289 -8.88 -1.84 23.15
CA GLY EA 289 -9.50 -1.91 24.46
C GLY EA 289 -10.73 -1.05 24.61
N VAL EA 290 -11.77 -1.27 23.80
CA VAL EA 290 -12.78 -0.22 23.64
C VAL EA 290 -14.25 -0.68 23.57
N LEU EA 291 -14.58 -1.98 23.61
CA LEU EA 291 -16.01 -2.36 23.56
C LEU EA 291 -16.28 -3.67 24.29
N LEU EA 292 -16.85 -3.54 25.49
CA LEU EA 292 -16.93 -4.61 26.49
C LEU EA 292 -18.31 -4.84 27.04
N HIS EA 293 -19.14 -3.82 27.16
CA HIS EA 293 -20.50 -3.98 27.61
C HIS EA 293 -21.31 -4.64 26.51
N ILE EA 294 -22.04 -5.70 26.86
CA ILE EA 294 -22.92 -6.33 25.88
C ILE EA 294 -24.33 -6.11 26.40
N HIS EA 295 -25.18 -5.53 25.58
CA HIS EA 295 -26.40 -4.96 26.10
C HIS EA 295 -27.65 -5.66 25.60
N ASN EA 307 -40.57 -22.34 28.42
CA ASN EA 307 -40.99 -23.70 28.11
C ASN EA 307 -40.17 -24.33 26.99
N HIS EA 308 -39.85 -23.51 25.98
CA HIS EA 308 -39.25 -23.96 24.72
C HIS EA 308 -38.27 -22.86 24.32
N GLY EA 309 -37.03 -23.01 24.74
CA GLY EA 309 -36.01 -22.08 24.36
C GLY EA 309 -34.64 -22.67 24.56
N ILE EA 310 -33.68 -21.79 24.79
CA ILE EA 310 -32.37 -22.17 25.31
C ILE EA 310 -32.09 -21.27 26.51
N HIS EA 311 -31.75 -21.89 27.63
CA HIS EA 311 -31.64 -21.17 28.89
C HIS EA 311 -30.45 -20.23 28.84
N PHE EA 312 -30.50 -19.18 29.66
CA PHE EA 312 -29.51 -18.12 29.55
C PHE EA 312 -28.11 -18.58 29.91
N ARG EA 313 -27.98 -19.61 30.75
CA ARG EA 313 -26.65 -20.05 31.11
C ARG EA 313 -25.94 -20.76 29.98
N VAL EA 314 -26.66 -21.24 28.97
CA VAL EA 314 -26.02 -21.64 27.73
C VAL EA 314 -25.62 -20.42 26.94
N LEU EA 315 -26.44 -19.38 26.98
CA LEU EA 315 -26.16 -18.15 26.25
C LEU EA 315 -25.04 -17.37 26.90
N ALA EA 316 -24.75 -17.64 28.17
CA ALA EA 316 -23.69 -16.98 28.91
C ALA EA 316 -22.35 -17.68 28.79
N LYS EA 317 -22.33 -19.00 28.61
CA LYS EA 317 -21.10 -19.69 28.22
C LYS EA 317 -20.67 -19.29 26.83
N ALA EA 318 -21.62 -18.99 25.99
CA ALA EA 318 -21.34 -18.62 24.61
C ALA EA 318 -20.79 -17.22 24.49
N LEU EA 319 -20.86 -16.44 25.56
CA LEU EA 319 -20.66 -15.01 25.46
C LEU EA 319 -19.48 -14.53 26.29
N ARG EA 320 -19.13 -15.25 27.35
CA ARG EA 320 -17.82 -15.11 27.95
C ARG EA 320 -16.74 -15.52 26.96
N LEU EA 321 -16.82 -16.75 26.46
CA LEU EA 321 -15.85 -17.31 25.52
C LEU EA 321 -15.77 -16.52 24.23
N SER EA 322 -16.84 -15.87 23.81
CA SER EA 322 -16.76 -14.93 22.70
C SER EA 322 -16.02 -13.68 23.12
N GLY EA 323 -16.53 -12.96 24.12
CA GLY EA 323 -15.79 -11.85 24.69
C GLY EA 323 -16.69 -10.83 25.34
N GLY EA 324 -16.05 -9.94 26.09
CA GLY EA 324 -16.75 -8.88 26.79
C GLY EA 324 -16.61 -8.99 28.29
N ASP EA 325 -16.66 -7.84 28.96
CA ASP EA 325 -16.19 -7.70 30.33
C ASP EA 325 -17.30 -7.61 31.36
N HIS EA 326 -18.52 -7.29 30.96
CA HIS EA 326 -19.67 -7.27 31.86
C HIS EA 326 -20.93 -7.35 31.01
N ILE EA 327 -21.64 -8.46 31.09
CA ILE EA 327 -22.75 -8.71 30.20
C ILE EA 327 -24.06 -8.32 30.88
N HIS EA 328 -25.05 -7.97 30.08
CA HIS EA 328 -26.38 -7.72 30.58
C HIS EA 328 -27.15 -9.04 30.58
N THR EA 329 -28.13 -9.15 31.45
CA THR EA 329 -28.89 -10.38 31.57
C THR EA 329 -30.33 -10.20 31.09
N GLY EA 341 -31.59 -18.63 43.24
CA GLY EA 341 -30.64 -19.71 43.00
C GLY EA 341 -30.18 -19.73 41.56
N ILE EA 342 -31.10 -19.43 40.66
CA ILE EA 342 -30.79 -19.38 39.24
C ILE EA 342 -30.31 -17.99 38.84
N THR EA 343 -30.83 -16.95 39.49
CA THR EA 343 -30.23 -15.62 39.34
C THR EA 343 -28.82 -15.60 39.96
N MET EA 344 -28.61 -16.34 41.04
CA MET EA 344 -27.27 -16.57 41.55
C MET EA 344 -26.47 -17.57 40.73
N GLY EA 345 -27.11 -18.24 39.77
CA GLY EA 345 -26.50 -19.36 39.08
C GLY EA 345 -25.48 -19.04 38.02
N PHE EA 346 -25.85 -18.28 36.98
CA PHE EA 346 -24.86 -17.94 35.97
C PHE EA 346 -23.91 -16.86 36.46
N VAL EA 347 -24.29 -16.08 37.47
CA VAL EA 347 -23.38 -15.08 38.02
C VAL EA 347 -22.36 -15.71 38.94
N ASP EA 348 -22.47 -17.01 39.19
CA ASP EA 348 -21.36 -17.84 39.62
C ASP EA 348 -20.78 -18.67 38.50
N LEU EA 349 -21.13 -18.41 37.24
CA LEU EA 349 -20.39 -18.96 36.12
C LEU EA 349 -19.53 -17.93 35.43
N LEU EA 350 -19.96 -16.67 35.43
CA LEU EA 350 -19.20 -15.61 34.81
C LEU EA 350 -18.04 -15.15 35.66
N ARG EA 351 -18.06 -15.49 36.93
CA ARG EA 351 -17.17 -14.93 37.93
C ARG EA 351 -16.29 -15.96 38.62
N GLU EA 352 -16.66 -17.23 38.57
CA GLU EA 352 -15.97 -18.25 39.33
C GLU EA 352 -14.96 -18.98 38.47
N ASN EA 353 -14.17 -19.81 39.13
CA ASN EA 353 -13.16 -20.65 38.52
C ASN EA 353 -13.59 -22.10 38.41
N TYR EA 354 -14.24 -22.63 39.44
CA TYR EA 354 -14.67 -24.00 39.55
C TYR EA 354 -16.06 -23.98 40.14
N VAL EA 355 -16.96 -24.80 39.60
CA VAL EA 355 -18.32 -24.90 40.11
C VAL EA 355 -18.70 -26.37 40.19
N GLU EA 356 -19.04 -26.82 41.39
CA GLU EA 356 -19.51 -28.17 41.61
C GLU EA 356 -21.02 -28.24 41.41
N GLN EA 357 -21.48 -29.45 41.11
CA GLN EA 357 -22.80 -29.72 40.56
C GLN EA 357 -23.93 -29.40 41.53
N ASP EA 358 -24.71 -28.37 41.21
CA ASP EA 358 -25.85 -27.97 42.02
C ASP EA 358 -27.12 -28.18 41.20
N LYS EA 359 -27.76 -29.33 41.37
CA LYS EA 359 -28.95 -29.63 40.60
C LYS EA 359 -30.13 -28.72 40.92
N SER EA 360 -30.14 -28.09 42.08
CA SER EA 360 -31.20 -27.15 42.42
C SER EA 360 -30.86 -25.73 42.02
N ARG EA 361 -29.88 -25.54 41.14
CA ARG EA 361 -29.48 -24.22 40.68
C ARG EA 361 -29.40 -24.14 39.16
N GLY EA 362 -29.76 -25.20 38.48
CA GLY EA 362 -29.57 -25.24 37.05
C GLY EA 362 -28.18 -25.65 36.63
N ILE EA 363 -27.26 -25.74 37.59
CA ILE EA 363 -25.88 -26.10 37.29
C ILE EA 363 -25.81 -27.61 37.35
N TYR EA 364 -26.00 -28.25 36.21
CA TYR EA 364 -26.16 -29.68 36.18
C TYR EA 364 -24.85 -30.42 36.00
N PHE EA 365 -23.78 -29.70 35.68
CA PHE EA 365 -22.51 -30.31 35.34
C PHE EA 365 -21.42 -29.84 36.30
N THR EA 366 -20.19 -30.15 35.94
CA THR EA 366 -19.03 -29.64 36.66
C THR EA 366 -17.93 -29.36 35.66
N GLN EA 367 -17.54 -28.10 35.54
CA GLN EA 367 -16.36 -27.77 34.77
C GLN EA 367 -15.66 -26.57 35.38
N ASP EA 368 -14.40 -26.78 35.72
CA ASP EA 368 -13.51 -25.69 36.03
C ASP EA 368 -13.26 -24.85 34.79
N TRP EA 369 -13.19 -23.54 34.99
CA TRP EA 369 -12.93 -22.62 33.91
C TRP EA 369 -11.47 -22.57 33.52
N ALA EA 370 -10.60 -23.03 34.41
CA ALA EA 370 -9.19 -23.29 34.17
C ALA EA 370 -8.45 -22.04 33.68
N SER EA 371 -8.41 -21.03 34.57
CA SER EA 371 -7.66 -19.80 34.39
C SER EA 371 -8.06 -19.02 33.15
N LEU EA 372 -9.26 -18.48 33.15
CA LEU EA 372 -9.66 -17.63 32.04
C LEU EA 372 -10.44 -16.44 32.59
N PRO EA 373 -10.28 -15.21 31.98
CA PRO EA 373 -10.79 -13.98 32.61
C PRO EA 373 -12.28 -13.92 32.92
N GLY EA 374 -12.64 -13.52 34.14
CA GLY EA 374 -14.02 -13.37 34.53
C GLY EA 374 -14.75 -12.25 33.83
N VAL EA 375 -16.03 -12.08 34.16
CA VAL EA 375 -16.90 -11.10 33.52
C VAL EA 375 -18.04 -10.81 34.49
N MET EA 376 -18.37 -9.53 34.67
CA MET EA 376 -19.26 -9.10 35.74
C MET EA 376 -20.71 -9.06 35.28
N ALA EA 377 -21.60 -8.63 36.15
CA ALA EA 377 -23.00 -8.65 35.75
C ALA EA 377 -23.61 -7.26 35.80
N VAL EA 378 -24.75 -7.13 35.12
CA VAL EA 378 -25.49 -5.89 35.04
C VAL EA 378 -26.83 -6.09 35.75
N ALA EA 379 -27.24 -5.08 36.51
CA ALA EA 379 -28.53 -5.07 37.20
C ALA EA 379 -29.65 -5.04 36.18
N SER EA 380 -30.64 -5.94 36.36
CA SER EA 380 -31.69 -6.17 35.38
C SER EA 380 -33.09 -6.23 36.00
N GLY EA 381 -33.45 -5.28 36.84
CA GLY EA 381 -34.78 -5.28 37.40
C GLY EA 381 -35.54 -3.99 37.18
N GLY EA 382 -34.83 -2.91 36.89
CA GLY EA 382 -35.43 -1.60 36.68
C GLY EA 382 -34.80 -0.54 37.56
N ILE EA 383 -35.57 0.52 37.76
CA ILE EA 383 -35.15 1.64 38.60
C ILE EA 383 -35.14 1.17 40.05
N HIS EA 384 -34.12 1.60 40.79
CA HIS EA 384 -33.73 0.93 42.03
C HIS EA 384 -33.23 1.88 43.11
N VAL EA 385 -33.69 3.14 43.13
CA VAL EA 385 -33.02 4.26 43.80
C VAL EA 385 -33.00 4.05 45.31
N TRP EA 386 -34.08 3.49 45.83
CA TRP EA 386 -34.26 3.22 47.24
C TRP EA 386 -33.95 1.78 47.58
N HIS EA 387 -34.02 0.90 46.58
CA HIS EA 387 -33.77 -0.53 46.75
C HIS EA 387 -32.31 -0.82 46.40
N MET EA 388 -31.41 -0.06 47.03
CA MET EA 388 -29.97 -0.18 46.84
C MET EA 388 -29.27 -1.29 47.62
N PRO EA 389 -29.49 -1.51 48.93
CA PRO EA 389 -28.72 -2.58 49.59
C PRO EA 389 -29.19 -3.98 49.26
N ALA EA 390 -30.30 -4.12 48.57
CA ALA EA 390 -30.71 -5.45 48.14
C ALA EA 390 -29.86 -5.94 46.97
N LEU EA 391 -29.35 -5.04 46.15
CA LEU EA 391 -28.49 -5.43 45.04
C LEU EA 391 -27.05 -5.67 45.46
N VAL EA 392 -26.57 -4.95 46.48
CA VAL EA 392 -25.18 -4.98 46.88
C VAL EA 392 -24.78 -6.34 47.46
N GLU EA 393 -25.65 -7.01 48.19
CA GLU EA 393 -25.34 -8.36 48.63
C GLU EA 393 -25.41 -9.40 47.52
N ILE EA 394 -26.39 -9.29 46.64
CA ILE EA 394 -26.68 -10.39 45.73
C ILE EA 394 -25.66 -10.45 44.59
N PHE EA 395 -25.36 -9.30 43.99
CA PHE EA 395 -24.37 -9.29 42.92
C PHE EA 395 -22.97 -9.10 43.46
N GLY EA 396 -22.84 -8.73 44.73
CA GLY EA 396 -21.54 -8.63 45.38
C GLY EA 396 -20.80 -7.36 45.07
N ASP EA 397 -19.46 -7.44 45.04
CA ASP EA 397 -18.59 -6.33 44.71
C ASP EA 397 -18.38 -6.18 43.21
N ASP EA 398 -18.20 -7.29 42.51
CA ASP EA 398 -17.73 -7.27 41.15
C ASP EA 398 -18.95 -7.30 40.22
N SER EA 399 -19.68 -6.20 40.16
CA SER EA 399 -20.79 -6.08 39.24
C SER EA 399 -20.92 -4.62 38.81
N VAL EA 400 -21.91 -4.37 37.95
CA VAL EA 400 -22.23 -3.03 37.45
C VAL EA 400 -23.73 -2.83 37.59
N LEU EA 401 -24.14 -1.64 38.05
CA LEU EA 401 -25.53 -1.26 38.24
C LEU EA 401 -25.91 -0.19 37.23
N GLN EA 402 -27.20 0.05 37.10
CA GLN EA 402 -27.67 1.13 36.24
C GLN EA 402 -27.27 2.48 36.87
N ALA EA 415 -29.11 16.03 37.67
CA ALA EA 415 -28.00 15.97 38.61
C ALA EA 415 -28.38 15.87 40.12
N PRO EA 416 -29.51 16.43 40.58
CA PRO EA 416 -30.00 15.97 41.88
C PRO EA 416 -30.44 14.52 41.85
N GLY EA 417 -31.20 14.12 40.83
CA GLY EA 417 -31.59 12.74 40.63
C GLY EA 417 -30.48 11.76 40.34
N ALA EA 418 -29.27 12.25 40.03
CA ALA EA 418 -28.09 11.41 39.91
C ALA EA 418 -27.18 11.45 41.13
N THR EA 419 -27.28 12.49 41.97
CA THR EA 419 -26.46 12.52 43.17
C THR EA 419 -27.08 11.67 44.28
N ALA EA 420 -28.35 11.29 44.15
CA ALA EA 420 -28.95 10.38 45.13
C ALA EA 420 -28.50 8.94 44.89
N ASN EA 421 -27.96 8.66 43.71
CA ASN EA 421 -27.58 7.30 43.37
C ASN EA 421 -26.24 6.94 43.98
N ARG EA 422 -25.27 7.86 43.92
CA ARG EA 422 -23.92 7.54 44.37
C ARG EA 422 -23.86 7.47 45.87
N VAL EA 423 -24.68 8.26 46.56
CA VAL EA 423 -24.62 8.34 48.01
C VAL EA 423 -25.18 7.07 48.65
N ALA EA 424 -26.30 6.57 48.12
CA ALA EA 424 -26.89 5.35 48.66
C ALA EA 424 -26.05 4.12 48.36
N LEU EA 425 -25.25 4.16 47.30
CA LEU EA 425 -24.36 3.04 47.02
C LEU EA 425 -23.16 3.03 47.96
N GLU EA 426 -22.50 4.18 48.12
CA GLU EA 426 -21.25 4.27 48.88
C GLU EA 426 -21.46 4.07 50.36
N ALA EA 427 -22.69 4.29 50.84
CA ALA EA 427 -22.95 4.24 52.29
C ALA EA 427 -22.98 2.82 52.81
N CYS EA 428 -23.67 1.93 52.10
CA CYS EA 428 -23.91 0.57 52.55
C CYS EA 428 -22.62 -0.23 52.67
N VAL EA 429 -21.65 0.06 51.80
CA VAL EA 429 -20.45 -0.74 51.67
C VAL EA 429 -19.57 -0.65 52.91
N GLN EA 430 -19.63 0.48 53.61
CA GLN EA 430 -18.88 0.57 54.86
C GLN EA 430 -19.62 -0.08 56.02
N ALA EA 431 -20.95 -0.07 55.99
CA ALA EA 431 -21.75 -0.75 57.00
C ALA EA 431 -21.80 -2.26 56.79
N ARG EA 432 -21.40 -2.74 55.64
CA ARG EA 432 -21.10 -4.16 55.49
C ARG EA 432 -19.79 -4.52 56.18
N ASN EA 433 -18.78 -3.71 56.04
CA ASN EA 433 -17.46 -4.06 56.52
C ASN EA 433 -17.30 -3.84 58.02
N GLU EA 434 -18.25 -3.17 58.67
CA GLU EA 434 -18.25 -3.15 60.13
C GLU EA 434 -18.63 -4.51 60.69
N GLY EA 435 -19.45 -5.26 59.95
CA GLY EA 435 -20.03 -6.49 60.41
C GLY EA 435 -21.53 -6.43 60.59
N ARG EA 436 -22.17 -5.33 60.23
CA ARG EA 436 -23.61 -5.24 60.38
C ARG EA 436 -24.29 -6.06 59.30
N ASN EA 437 -25.29 -6.85 59.68
CA ASN EA 437 -25.96 -7.72 58.73
C ASN EA 437 -26.79 -6.88 57.78
N LEU EA 438 -26.27 -6.66 56.57
CA LEU EA 438 -26.86 -5.72 55.64
C LEU EA 438 -28.13 -6.27 55.01
N ALA EA 439 -28.40 -7.56 55.19
CA ALA EA 439 -29.67 -8.12 54.74
C ALA EA 439 -30.81 -7.70 55.66
N ARG EA 440 -30.62 -7.85 56.97
CA ARG EA 440 -31.69 -7.59 57.92
C ARG EA 440 -31.67 -6.17 58.45
N GLU EA 441 -31.00 -5.26 57.77
CA GLU EA 441 -30.82 -3.91 58.30
C GLU EA 441 -30.81 -2.86 57.19
N GLY EA 442 -30.94 -3.28 55.93
CA GLY EA 442 -30.79 -2.46 54.74
C GLY EA 442 -31.44 -1.09 54.65
N ASN EA 443 -32.63 -0.92 55.23
CA ASN EA 443 -33.30 0.36 55.10
C ASN EA 443 -32.75 1.42 56.05
N ASP EA 444 -32.33 1.03 57.24
CA ASP EA 444 -31.84 2.00 58.20
C ASP EA 444 -30.49 2.58 57.81
N VAL EA 445 -29.76 1.89 56.94
CA VAL EA 445 -28.52 2.45 56.42
C VAL EA 445 -28.84 3.51 55.37
N ILE EA 446 -29.95 3.36 54.67
CA ILE EA 446 -30.41 4.39 53.73
C ILE EA 446 -30.91 5.60 54.50
N ARG EA 447 -31.51 5.37 55.67
CA ARG EA 447 -32.12 6.45 56.43
C ARG EA 447 -31.07 7.30 57.14
N GLU EA 448 -29.98 6.69 57.60
CA GLU EA 448 -28.94 7.48 58.25
C GLU EA 448 -28.12 8.28 57.25
N ALA EA 449 -28.19 7.93 55.97
CA ALA EA 449 -27.50 8.68 54.94
C ALA EA 449 -28.32 9.82 54.39
N ALA EA 450 -29.48 10.10 54.98
CA ALA EA 450 -30.28 11.25 54.58
C ALA EA 450 -29.88 12.51 55.34
N LYS EA 451 -29.19 12.34 56.47
CA LYS EA 451 -28.92 13.44 57.39
C LYS EA 451 -27.69 14.23 56.99
N TRP EA 452 -27.10 13.89 55.85
CA TRP EA 452 -26.02 14.67 55.26
C TRP EA 452 -26.16 14.78 53.74
N SER EA 453 -27.28 14.31 53.19
CA SER EA 453 -27.58 14.31 51.76
C SER EA 453 -29.04 14.65 51.51
N PRO EA 454 -29.33 15.82 50.93
CA PRO EA 454 -30.72 16.19 50.70
C PRO EA 454 -31.40 15.46 49.55
N GLU EA 455 -30.64 14.83 48.66
CA GLU EA 455 -31.25 14.10 47.55
C GLU EA 455 -31.77 12.73 47.96
N LEU EA 456 -31.30 12.18 49.07
CA LEU EA 456 -31.90 10.96 49.62
C LEU EA 456 -33.05 11.27 50.57
N ALA EA 457 -33.23 12.53 50.94
CA ALA EA 457 -34.40 12.95 51.69
C ALA EA 457 -35.67 12.90 50.86
N VAL EA 458 -35.55 13.10 49.54
CA VAL EA 458 -36.70 13.08 48.66
C VAL EA 458 -37.07 11.67 48.21
N ALA EA 459 -36.09 10.82 47.95
CA ALA EA 459 -36.32 9.56 47.24
C ALA EA 459 -37.01 8.51 48.08
N CYS EA 460 -36.67 8.39 49.37
CA CYS EA 460 -37.20 7.34 50.25
C CYS EA 460 -38.70 7.47 50.49
N GLU EA 461 -39.25 8.67 50.32
CA GLU EA 461 -40.68 8.91 50.44
C GLU EA 461 -41.42 8.53 49.17
N LEU EA 462 -40.72 8.54 48.03
CA LEU EA 462 -41.30 8.23 46.73
C LEU EA 462 -41.49 6.72 46.52
N TRP EA 463 -40.71 5.91 47.21
CA TRP EA 463 -40.76 4.47 47.00
C TRP EA 463 -41.63 3.79 48.04
N LYS EA 464 -41.66 2.46 47.99
CA LYS EA 464 -42.80 1.70 48.50
C LYS EA 464 -42.54 1.10 49.87
N GLU EA 465 -43.41 1.41 50.83
CA GLU EA 465 -43.34 0.83 52.16
C GLU EA 465 -44.43 -0.21 52.39
N ILE EA 466 -44.93 -0.83 51.32
CA ILE EA 466 -46.14 -1.65 51.38
C ILE EA 466 -45.88 -2.99 52.07
N LYS EA 467 -46.73 -3.30 53.07
CA LYS EA 467 -46.53 -4.42 53.98
C LYS EA 467 -47.86 -5.14 54.20
N PHE EA 468 -47.80 -6.18 55.03
CA PHE EA 468 -48.99 -6.81 55.63
C PHE EA 468 -48.57 -7.33 57.01
N GLU EA 469 -49.23 -6.86 58.05
CA GLU EA 469 -49.13 -7.49 59.36
C GLU EA 469 -50.51 -8.05 59.67
N PHE EA 470 -50.82 -9.20 59.06
CA PHE EA 470 -52.11 -9.88 59.19
C PHE EA 470 -51.77 -11.29 59.65
N GLU EA 471 -51.53 -11.42 60.94
CA GLU EA 471 -51.17 -12.68 61.52
C GLU EA 471 -52.37 -13.08 62.34
N LEU FA 23 -51.68 9.84 26.50
CA LEU FA 23 -52.88 9.46 25.77
C LEU FA 23 -52.95 10.27 24.47
N THR FA 24 -51.88 11.02 24.21
CA THR FA 24 -51.69 11.55 22.87
C THR FA 24 -50.98 10.55 21.95
N TYR FA 25 -50.89 9.30 22.39
CA TYR FA 25 -50.37 8.19 21.59
C TYR FA 25 -51.50 7.34 21.01
N TYR FA 26 -52.74 7.81 21.06
CA TYR FA 26 -53.89 7.12 20.48
C TYR FA 26 -54.82 8.19 19.93
N THR FA 27 -54.67 8.52 18.65
CA THR FA 27 -55.52 9.50 17.99
C THR FA 27 -56.19 8.83 16.80
N PRO FA 28 -57.35 8.17 17.02
CA PRO FA 28 -58.04 7.53 15.89
C PRO FA 28 -58.71 8.49 14.92
N ASP FA 29 -58.56 9.79 15.10
CA ASP FA 29 -59.11 10.81 14.23
C ASP FA 29 -58.14 11.20 13.13
N TYR FA 30 -57.27 10.29 12.73
CA TYR FA 30 -56.08 10.59 11.97
C TYR FA 30 -55.89 9.56 10.85
N THR FA 31 -55.60 10.05 9.66
CA THR FA 31 -55.27 9.16 8.55
C THR FA 31 -53.76 9.08 8.42
N PRO FA 32 -53.18 7.87 8.41
CA PRO FA 32 -51.74 7.76 8.20
C PRO FA 32 -51.35 8.18 6.79
N LYS FA 33 -50.28 8.97 6.70
CA LYS FA 33 -49.93 9.69 5.49
C LYS FA 33 -49.46 8.75 4.37
N ASP FA 34 -49.11 9.34 3.23
CA ASP FA 34 -48.51 8.58 2.15
C ASP FA 34 -47.10 8.12 2.44
N THR FA 35 -46.43 8.73 3.42
CA THR FA 35 -45.01 8.52 3.62
C THR FA 35 -44.72 7.97 5.01
N ASP FA 36 -45.75 7.64 5.79
CA ASP FA 36 -45.53 7.13 7.12
C ASP FA 36 -45.07 5.68 7.09
N ILE FA 37 -44.39 5.27 8.15
CA ILE FA 37 -44.01 3.90 8.42
C ILE FA 37 -45.10 3.37 9.34
N LEU FA 38 -45.47 2.13 9.18
CA LEU FA 38 -46.82 1.74 9.53
C LEU FA 38 -46.84 0.28 9.92
N ALA FA 39 -47.14 -0.01 11.17
CA ALA FA 39 -46.94 -1.34 11.73
C ALA FA 39 -48.26 -1.92 12.20
N ALA FA 40 -48.29 -3.23 12.39
CA ALA FA 40 -49.42 -3.90 13.01
C ALA FA 40 -48.93 -4.75 14.17
N PHE FA 41 -49.88 -5.19 15.00
CA PHE FA 41 -49.56 -5.96 16.19
C PHE FA 41 -50.77 -6.78 16.58
N ARG FA 42 -50.62 -8.09 16.72
CA ARG FA 42 -51.71 -8.94 17.17
C ARG FA 42 -51.57 -9.13 18.68
N VAL FA 43 -52.25 -8.26 19.44
CA VAL FA 43 -52.01 -8.02 20.87
C VAL FA 43 -52.93 -8.88 21.70
N THR FA 44 -52.48 -9.32 22.88
CA THR FA 44 -53.34 -10.04 23.81
C THR FA 44 -53.05 -9.61 25.25
N PRO FA 45 -53.96 -8.88 25.89
CA PRO FA 45 -53.66 -8.30 27.20
C PRO FA 45 -54.06 -9.19 28.38
N GLN FA 46 -53.60 -8.79 29.56
CA GLN FA 46 -53.97 -9.42 30.82
C GLN FA 46 -55.45 -9.17 31.14
N PRO FA 47 -56.04 -9.96 32.06
CA PRO FA 47 -57.43 -9.71 32.47
C PRO FA 47 -57.70 -8.31 32.98
N GLY FA 48 -58.78 -7.72 32.48
CA GLY FA 48 -59.19 -6.40 32.87
C GLY FA 48 -58.46 -5.28 32.17
N VAL FA 49 -57.35 -5.57 31.50
CA VAL FA 49 -56.61 -4.53 30.79
C VAL FA 49 -57.40 -4.12 29.55
N PRO FA 50 -57.71 -2.85 29.38
CA PRO FA 50 -58.53 -2.43 28.23
C PRO FA 50 -57.76 -2.57 26.92
N PHE FA 51 -58.52 -2.57 25.83
CA PHE FA 51 -57.89 -2.66 24.52
C PHE FA 51 -57.31 -1.34 24.07
N GLU FA 52 -57.66 -0.23 24.73
CA GLU FA 52 -57.21 1.09 24.28
C GLU FA 52 -56.00 1.59 25.02
N GLU FA 53 -55.61 0.96 26.12
CA GLU FA 53 -54.42 1.38 26.84
C GLU FA 53 -53.25 0.45 26.63
N ALA FA 54 -53.52 -0.79 26.21
CA ALA FA 54 -52.44 -1.67 25.80
C ALA FA 54 -51.85 -1.23 24.47
N ALA FA 55 -52.66 -0.62 23.61
CA ALA FA 55 -52.15 -0.12 22.35
C ALA FA 55 -51.40 1.19 22.51
N ALA FA 56 -51.73 1.98 23.53
CA ALA FA 56 -50.88 3.10 23.87
C ALA FA 56 -49.68 2.69 24.70
N ALA FA 57 -49.70 1.47 25.23
CA ALA FA 57 -48.53 0.85 25.84
C ALA FA 57 -47.58 0.27 24.80
N VAL FA 58 -47.94 0.29 23.53
CA VAL FA 58 -47.05 -0.18 22.48
C VAL FA 58 -46.45 0.96 21.69
N ALA FA 59 -47.29 1.88 21.20
CA ALA FA 59 -46.82 2.94 20.31
C ALA FA 59 -45.96 3.97 21.01
N ALA FA 60 -46.02 4.03 22.34
CA ALA FA 60 -45.27 5.02 23.08
C ALA FA 60 -43.94 4.46 23.55
N GLU FA 61 -43.95 3.22 24.04
CA GLU FA 61 -42.72 2.63 24.53
C GLU FA 61 -41.84 2.09 23.42
N SER FA 62 -42.30 2.11 22.17
CA SER FA 62 -41.38 1.85 21.06
C SER FA 62 -40.44 3.02 20.88
N SER FA 63 -40.98 4.18 20.51
CA SER FA 63 -40.14 5.31 20.11
C SER FA 63 -39.48 5.96 21.30
N THR FA 64 -40.28 6.51 22.22
CA THR FA 64 -39.76 7.17 23.41
C THR FA 64 -40.81 7.20 24.51
N ARG FA 80 -44.24 15.94 17.46
CA ARG FA 80 -44.45 15.35 16.14
C ARG FA 80 -43.63 14.10 15.93
N TYR FA 81 -42.87 13.70 16.95
CA TYR FA 81 -41.92 12.61 16.83
C TYR FA 81 -42.37 11.33 17.52
N LYS FA 82 -43.65 11.02 17.45
CA LYS FA 82 -44.19 9.91 18.20
C LYS FA 82 -45.14 9.10 17.34
N GLY FA 83 -45.10 7.80 17.51
CA GLY FA 83 -46.06 6.95 16.84
C GLY FA 83 -47.42 7.10 17.47
N ARG FA 84 -48.46 6.81 16.68
CA ARG FA 84 -49.81 6.95 17.18
C ARG FA 84 -50.65 5.80 16.68
N CYS FA 85 -51.16 4.98 17.60
CA CYS FA 85 -52.09 3.91 17.26
C CYS FA 85 -53.40 4.50 16.74
N TYR FA 86 -53.63 4.41 15.43
CA TYR FA 86 -54.79 5.06 14.82
C TYR FA 86 -56.00 4.14 14.66
N ASP FA 87 -55.88 2.85 14.92
CA ASP FA 87 -57.02 1.97 14.69
C ASP FA 87 -56.94 0.81 15.68
N ILE FA 88 -58.09 0.19 15.97
CA ILE FA 88 -58.10 -0.72 17.11
C ILE FA 88 -58.86 -2.03 16.84
N GLU FA 89 -58.93 -2.42 15.56
CA GLU FA 89 -59.83 -3.45 15.03
C GLU FA 89 -59.70 -4.77 15.78
N PRO FA 90 -60.81 -5.46 16.05
CA PRO FA 90 -60.75 -6.75 16.75
C PRO FA 90 -60.60 -7.94 15.81
N VAL FA 91 -60.45 -9.11 16.43
CA VAL FA 91 -60.25 -10.37 15.72
C VAL FA 91 -61.43 -11.27 16.06
N PRO FA 92 -62.14 -11.81 15.07
CA PRO FA 92 -63.34 -12.61 15.37
C PRO FA 92 -63.02 -14.07 15.64
N GLY FA 93 -63.63 -14.59 16.71
CA GLY FA 93 -63.53 -16.00 17.04
C GLY FA 93 -62.16 -16.50 17.44
N GLU FA 94 -61.43 -15.72 18.22
CA GLU FA 94 -60.09 -16.07 18.65
C GLU FA 94 -59.87 -15.38 20.00
N ASP FA 95 -58.79 -15.77 20.71
CA ASP FA 95 -58.61 -15.45 22.13
C ASP FA 95 -58.26 -13.98 22.32
N ASN FA 96 -59.27 -13.13 22.15
CA ASN FA 96 -59.34 -11.78 22.73
C ASN FA 96 -58.32 -10.84 22.10
N GLN FA 97 -57.87 -11.17 20.90
CA GLN FA 97 -56.89 -10.34 20.21
C GLN FA 97 -57.54 -9.10 19.66
N PHE FA 98 -56.71 -8.12 19.34
CA PHE FA 98 -57.14 -6.96 18.58
C PHE FA 98 -55.94 -6.48 17.78
N ILE FA 99 -56.22 -5.88 16.64
CA ILE FA 99 -55.18 -5.47 15.70
C ILE FA 99 -54.90 -3.99 15.91
N ALA FA 100 -53.68 -3.68 16.31
CA ALA FA 100 -53.28 -2.32 16.61
C ALA FA 100 -52.46 -1.77 15.45
N TYR FA 101 -52.91 -0.65 14.90
CA TYR FA 101 -52.27 -0.04 13.74
C TYR FA 101 -51.50 1.19 14.18
N ILE FA 102 -50.17 1.08 14.22
CA ILE FA 102 -49.32 2.12 14.78
C ILE FA 102 -48.59 2.79 13.62
N ALA FA 103 -48.53 4.12 13.65
CA ALA FA 103 -47.97 4.89 12.54
C ALA FA 103 -46.85 5.82 13.01
N TYR FA 104 -45.62 5.41 12.79
CA TYR FA 104 -44.39 6.14 13.04
C TYR FA 104 -44.14 7.08 11.88
N PRO FA 105 -43.49 8.22 12.10
CA PRO FA 105 -43.21 9.11 10.98
C PRO FA 105 -42.13 8.61 10.05
N LEU FA 106 -41.80 9.40 9.02
CA LEU FA 106 -40.75 8.99 8.09
C LEU FA 106 -39.37 9.26 8.66
N ASP FA 107 -39.15 10.44 9.22
CA ASP FA 107 -37.83 10.91 9.60
C ASP FA 107 -37.27 10.21 10.83
N LEU FA 108 -38.07 9.39 11.50
CA LEU FA 108 -37.67 8.80 12.78
C LEU FA 108 -36.49 7.83 12.63
N PHE FA 109 -36.20 7.36 11.42
CA PHE FA 109 -35.33 6.23 11.16
C PHE FA 109 -34.19 6.61 10.23
N GLU FA 110 -33.22 5.71 10.13
CA GLU FA 110 -32.05 5.88 9.30
C GLU FA 110 -32.28 5.27 7.93
N GLU FA 111 -31.88 5.99 6.88
CA GLU FA 111 -32.03 5.51 5.52
C GLU FA 111 -31.18 4.27 5.29
N GLY FA 112 -31.80 3.23 4.77
CA GLY FA 112 -31.11 2.00 4.48
C GLY FA 112 -30.60 1.28 5.71
N SER FA 113 -31.48 0.80 6.58
CA SER FA 113 -31.05 -0.03 7.69
C SER FA 113 -32.24 -0.86 8.16
N ILE FA 114 -31.99 -2.14 8.39
CA ILE FA 114 -33.02 -3.08 8.78
C ILE FA 114 -32.81 -3.38 10.26
N THR FA 115 -31.57 -3.23 10.71
CA THR FA 115 -31.30 -3.39 12.13
C THR FA 115 -31.99 -2.29 12.94
N ASN FA 116 -31.93 -1.05 12.46
CA ASN FA 116 -32.57 0.07 13.13
C ASN FA 116 -34.09 -0.08 13.16
N VAL FA 117 -34.67 -0.46 12.03
CA VAL FA 117 -36.13 -0.59 11.94
C VAL FA 117 -36.61 -1.73 12.82
N LEU FA 118 -35.88 -2.83 12.87
CA LEU FA 118 -36.26 -3.93 13.73
C LEU FA 118 -35.87 -3.71 15.17
N THR FA 119 -35.18 -2.61 15.49
CA THR FA 119 -34.83 -2.49 16.90
C THR FA 119 -35.49 -1.29 17.57
N SER FA 120 -35.64 -0.17 16.88
CA SER FA 120 -36.35 0.98 17.43
C SER FA 120 -37.86 0.77 17.48
N ILE FA 121 -38.36 -0.30 16.90
CA ILE FA 121 -39.78 -0.58 16.91
C ILE FA 121 -40.10 -1.57 18.02
N VAL FA 122 -39.37 -2.68 18.07
CA VAL FA 122 -39.63 -3.72 19.05
C VAL FA 122 -38.46 -3.92 19.99
N GLY FA 123 -37.84 -2.83 20.44
CA GLY FA 123 -36.83 -2.94 21.48
C GLY FA 123 -37.32 -3.49 22.81
N ASN FA 124 -38.02 -2.69 23.61
CA ASN FA 124 -38.51 -3.14 24.91
C ASN FA 124 -40.03 -3.13 24.97
N VAL FA 125 -40.67 -3.69 23.96
CA VAL FA 125 -42.11 -3.72 23.86
C VAL FA 125 -42.56 -5.16 24.06
N PHE FA 126 -41.67 -6.10 23.77
CA PHE FA 126 -41.96 -7.49 24.14
C PHE FA 126 -41.77 -7.75 25.63
N GLY FA 127 -41.24 -6.79 26.39
CA GLY FA 127 -40.93 -7.02 27.79
C GLY FA 127 -41.95 -6.47 28.79
N PHE FA 128 -43.23 -6.47 28.46
CA PHE FA 128 -44.23 -6.05 29.44
C PHE FA 128 -44.91 -7.25 30.07
N LYS FA 129 -45.37 -7.06 31.31
CA LYS FA 129 -46.22 -8.05 31.95
C LYS FA 129 -47.70 -7.74 31.83
N ALA FA 130 -48.06 -6.61 31.22
CA ALA FA 130 -49.48 -6.29 31.06
C ALA FA 130 -50.08 -6.96 29.83
N LEU FA 131 -49.30 -7.74 29.10
CA LEU FA 131 -49.78 -8.43 27.93
C LEU FA 131 -49.52 -9.92 28.10
N ARG FA 132 -50.46 -10.74 27.65
CA ARG FA 132 -50.20 -12.17 27.64
C ARG FA 132 -49.32 -12.57 26.46
N ALA FA 133 -49.54 -11.93 25.29
CA ALA FA 133 -48.71 -12.19 24.12
C ALA FA 133 -48.66 -10.94 23.27
N LEU FA 134 -47.78 -10.97 22.27
CA LEU FA 134 -47.60 -9.87 21.33
C LEU FA 134 -46.84 -10.38 20.12
N ARG FA 135 -47.41 -10.19 18.93
CA ARG FA 135 -46.76 -10.54 17.68
C ARG FA 135 -46.75 -9.34 16.77
N LEU FA 136 -45.82 -9.33 15.82
CA LEU FA 136 -45.63 -8.24 14.88
C LEU FA 136 -45.95 -8.81 13.52
N GLU FA 137 -47.15 -8.53 13.02
CA GLU FA 137 -47.64 -9.26 11.86
C GLU FA 137 -47.20 -8.64 10.54
N ASP FA 138 -46.97 -7.33 10.51
CA ASP FA 138 -46.77 -6.67 9.24
C ASP FA 138 -46.02 -5.36 9.46
N ILE FA 139 -45.40 -4.86 8.39
CA ILE FA 139 -44.83 -3.51 8.30
C ILE FA 139 -45.08 -2.99 6.89
N ARG FA 140 -45.59 -1.77 6.77
CA ARG FA 140 -45.59 -1.09 5.48
C ARG FA 140 -44.38 -0.17 5.39
N PHE FA 141 -43.53 -0.45 4.52
CA PHE FA 141 -42.56 0.58 4.18
C PHE FA 141 -43.16 1.49 3.12
N PRO FA 142 -42.85 2.79 3.12
CA PRO FA 142 -43.35 3.67 2.07
C PRO FA 142 -42.66 3.40 0.74
N VAL FA 143 -43.06 4.16 -0.27
CA VAL FA 143 -42.35 4.09 -1.54
C VAL FA 143 -41.07 4.89 -1.37
N ALA FA 144 -41.15 5.93 -0.53
CA ALA FA 144 -40.02 6.83 -0.34
C ALA FA 144 -38.88 6.16 0.43
N TYR FA 145 -39.19 5.14 1.23
CA TYR FA 145 -38.15 4.53 2.03
C TYR FA 145 -37.66 3.21 1.47
N ILE FA 146 -38.45 2.56 0.61
CA ILE FA 146 -38.01 1.33 -0.03
C ILE FA 146 -36.84 1.61 -0.97
N LYS FA 147 -36.93 2.69 -1.74
CA LYS FA 147 -35.89 2.97 -2.72
C LYS FA 147 -34.71 3.76 -2.17
N THR FA 148 -34.59 3.86 -0.85
CA THR FA 148 -33.29 4.13 -0.26
C THR FA 148 -32.41 2.91 -0.30
N PHE FA 149 -33.01 1.74 -0.06
CA PHE FA 149 -32.34 0.46 -0.05
C PHE FA 149 -31.93 0.03 -1.46
N GLN FA 150 -30.92 -0.83 -1.53
CA GLN FA 150 -30.46 -1.36 -2.79
C GLN FA 150 -31.07 -2.73 -3.10
N GLY FA 151 -31.29 -3.53 -2.06
CA GLY FA 151 -32.09 -4.73 -2.22
C GLY FA 151 -31.28 -5.97 -2.51
N PRO FA 152 -31.94 -6.98 -3.07
CA PRO FA 152 -31.23 -8.17 -3.49
C PRO FA 152 -30.36 -7.83 -4.70
N PRO FA 153 -29.16 -8.40 -4.78
CA PRO FA 153 -28.26 -8.02 -5.88
C PRO FA 153 -28.72 -8.55 -7.21
N HIS FA 154 -29.44 -9.66 -7.16
CA HIS FA 154 -29.84 -10.44 -8.32
C HIS FA 154 -31.29 -10.85 -8.11
N GLY FA 155 -32.07 -10.89 -9.17
CA GLY FA 155 -33.51 -11.08 -9.07
C GLY FA 155 -34.08 -12.28 -9.81
N ILE FA 156 -35.35 -12.16 -10.19
CA ILE FA 156 -36.00 -13.10 -11.12
C ILE FA 156 -35.45 -12.93 -12.53
N GLN FA 157 -34.91 -11.77 -12.87
CA GLN FA 157 -34.24 -11.61 -14.14
C GLN FA 157 -32.75 -11.97 -14.05
N VAL FA 158 -32.08 -11.51 -13.00
CA VAL FA 158 -30.63 -11.44 -13.02
C VAL FA 158 -30.06 -12.81 -12.68
N GLU FA 159 -30.90 -13.71 -12.18
CA GLU FA 159 -30.38 -15.00 -11.76
C GLU FA 159 -30.07 -15.89 -12.95
N ARG FA 160 -30.70 -15.63 -14.08
CA ARG FA 160 -30.59 -16.52 -15.22
C ARG FA 160 -29.32 -16.26 -16.05
N ASP FA 161 -28.45 -15.35 -15.61
CA ASP FA 161 -27.28 -15.03 -16.41
C ASP FA 161 -26.28 -16.18 -16.34
N LYS FA 162 -25.68 -16.39 -15.16
CA LYS FA 162 -24.74 -17.50 -14.97
C LYS FA 162 -25.47 -18.80 -14.69
N LEU FA 163 -26.63 -18.75 -14.09
CA LEU FA 163 -27.43 -19.96 -13.94
C LEU FA 163 -28.10 -20.20 -15.27
N ASN FA 164 -27.83 -21.37 -15.83
CA ASN FA 164 -28.25 -21.77 -17.16
C ASN FA 164 -29.62 -22.43 -17.16
N LYS FA 165 -30.50 -22.08 -16.24
CA LYS FA 165 -31.83 -22.66 -16.17
C LYS FA 165 -32.87 -21.57 -16.31
N TYR FA 166 -33.77 -21.74 -17.27
CA TYR FA 166 -34.75 -20.72 -17.62
C TYR FA 166 -36.13 -21.35 -17.59
N GLY FA 167 -37.11 -20.64 -17.00
CA GLY FA 167 -38.51 -21.03 -17.09
C GLY FA 167 -38.96 -22.32 -16.43
N ARG FA 168 -38.10 -22.93 -15.62
CA ARG FA 168 -38.37 -24.17 -14.90
C ARG FA 168 -37.61 -24.09 -13.59
N PRO FA 169 -38.23 -24.51 -12.47
CA PRO FA 169 -37.57 -24.40 -11.15
C PRO FA 169 -36.31 -25.25 -10.95
N LEU FA 170 -35.68 -25.17 -9.79
CA LEU FA 170 -34.39 -25.82 -9.67
C LEU FA 170 -34.43 -27.01 -8.73
N LEU FA 171 -33.29 -27.70 -8.62
CA LEU FA 171 -33.15 -28.92 -7.83
C LEU FA 171 -31.81 -28.94 -7.11
N GLY FA 172 -31.81 -29.37 -5.85
CA GLY FA 172 -30.54 -29.52 -5.16
C GLY FA 172 -30.56 -30.24 -3.82
N CYS FA 173 -29.71 -31.25 -3.63
CA CYS FA 173 -29.79 -32.14 -2.48
C CYS FA 173 -28.58 -32.01 -1.56
N THR FA 174 -28.85 -32.17 -0.28
CA THR FA 174 -27.86 -32.02 0.78
C THR FA 174 -26.99 -33.26 0.90
N ILE FA 175 -25.74 -33.04 1.29
CA ILE FA 175 -24.74 -34.09 1.33
C ILE FA 175 -24.32 -34.35 2.76
N SER FA 182 -14.93 -38.75 5.63
CA SER FA 182 -13.59 -38.16 5.56
C SER FA 182 -13.62 -36.90 4.74
N ALA FA 183 -12.66 -36.73 3.82
CA ALA FA 183 -12.58 -35.55 2.97
C ALA FA 183 -12.59 -35.89 1.48
N LYS FA 184 -11.83 -36.88 1.07
CA LYS FA 184 -11.94 -37.43 -0.28
C LYS FA 184 -13.25 -38.15 -0.49
N ASN FA 185 -13.66 -38.97 0.48
CA ASN FA 185 -14.91 -39.72 0.35
C ASN FA 185 -16.12 -38.79 0.42
N TYR FA 186 -15.95 -37.64 1.04
CA TYR FA 186 -17.01 -36.64 1.00
C TYR FA 186 -17.05 -35.97 -0.37
N GLY FA 187 -15.89 -35.82 -0.99
CA GLY FA 187 -15.86 -35.24 -2.33
C GLY FA 187 -16.35 -36.19 -3.39
N ARG FA 188 -16.21 -37.50 -3.13
CA ARG FA 188 -16.65 -38.49 -4.10
C ARG FA 188 -18.17 -38.66 -4.12
N ALA FA 189 -18.86 -38.12 -3.12
CA ALA FA 189 -20.31 -38.35 -3.01
C ALA FA 189 -21.10 -37.27 -3.75
N VAL FA 190 -20.62 -36.02 -3.69
CA VAL FA 190 -21.15 -34.94 -4.52
C VAL FA 190 -20.71 -35.09 -5.96
N TYR FA 191 -19.63 -35.84 -6.16
CA TYR FA 191 -19.18 -36.27 -7.49
C TYR FA 191 -20.24 -37.08 -8.21
N GLU FA 192 -21.19 -37.70 -7.48
CA GLU FA 192 -22.24 -38.52 -8.06
C GLU FA 192 -23.65 -38.17 -7.58
N CYS FA 193 -23.88 -36.95 -7.11
CA CYS FA 193 -25.27 -36.52 -6.92
C CYS FA 193 -25.72 -35.60 -8.02
N LEU FA 194 -24.82 -34.71 -8.45
CA LEU FA 194 -25.03 -33.77 -9.53
C LEU FA 194 -25.14 -34.46 -10.88
N ARG FA 195 -24.72 -35.72 -10.96
CA ARG FA 195 -24.79 -36.50 -12.19
C ARG FA 195 -26.13 -37.20 -12.36
N GLY FA 196 -27.22 -36.63 -11.85
CA GLY FA 196 -28.54 -37.20 -12.02
C GLY FA 196 -29.54 -36.14 -12.39
N GLY FA 197 -29.13 -34.88 -12.27
CA GLY FA 197 -29.99 -33.76 -12.59
C GLY FA 197 -30.01 -32.66 -11.57
N LEU FA 198 -29.29 -32.78 -10.46
CA LEU FA 198 -29.35 -31.79 -9.42
C LEU FA 198 -28.62 -30.52 -9.85
N ASP FA 199 -29.33 -29.40 -9.80
CA ASP FA 199 -28.81 -28.14 -10.32
C ASP FA 199 -27.72 -27.60 -9.41
N PHE FA 200 -27.80 -27.93 -8.13
CA PHE FA 200 -26.69 -27.77 -7.20
C PHE FA 200 -26.81 -28.83 -6.13
N THR FA 201 -25.98 -28.69 -5.09
CA THR FA 201 -26.02 -29.51 -3.89
C THR FA 201 -25.74 -28.61 -2.69
N LYS FA 202 -25.84 -29.17 -1.49
CA LYS FA 202 -25.86 -28.38 -0.26
C LYS FA 202 -24.84 -28.95 0.72
N ASP FA 203 -23.87 -28.16 1.13
CA ASP FA 203 -22.99 -28.55 2.21
C ASP FA 203 -23.63 -28.09 3.51
N ASP FA 204 -24.84 -28.55 3.78
CA ASP FA 204 -25.57 -28.14 4.94
C ASP FA 204 -25.28 -29.11 6.06
N GLU FA 205 -26.03 -28.96 7.16
CA GLU FA 205 -25.80 -29.60 8.43
C GLU FA 205 -24.38 -29.34 8.95
N ASN FA 206 -23.91 -28.11 8.75
CA ASN FA 206 -22.90 -27.47 9.59
C ASN FA 206 -21.55 -28.17 9.53
N ILE FA 207 -21.05 -28.32 8.31
CA ILE FA 207 -19.75 -28.96 8.17
C ILE FA 207 -18.71 -27.86 8.08
N ASN FA 208 -18.01 -27.61 9.19
CA ASN FA 208 -16.86 -26.72 9.23
C ASN FA 208 -15.58 -27.55 9.30
N SER FA 209 -14.45 -26.89 9.53
CA SER FA 209 -13.19 -27.62 9.61
C SER FA 209 -13.07 -28.33 10.94
N ALA FA 210 -13.24 -29.63 10.95
CA ALA FA 210 -13.04 -30.42 12.15
C ALA FA 210 -11.64 -31.05 12.05
N PRO FA 211 -11.10 -31.65 13.12
CA PRO FA 211 -9.80 -32.33 12.96
C PRO FA 211 -9.79 -33.55 12.04
N PHE FA 212 -10.93 -34.07 11.60
CA PHE FA 212 -10.93 -35.14 10.61
C PHE FA 212 -11.14 -34.64 9.19
N GLN FA 213 -11.63 -33.42 9.01
CA GLN FA 213 -12.00 -32.92 7.70
C GLN FA 213 -11.85 -31.41 7.69
N ARG FA 214 -10.71 -30.93 7.21
CA ARG FA 214 -10.41 -29.52 7.27
C ARG FA 214 -11.13 -28.74 6.19
N TRP FA 215 -11.06 -27.42 6.31
CA TRP FA 215 -11.83 -26.53 5.45
C TRP FA 215 -11.23 -26.43 4.07
N ARG FA 216 -9.91 -26.49 3.95
CA ARG FA 216 -9.29 -26.35 2.66
C ARG FA 216 -9.43 -27.60 1.83
N ASP FA 217 -9.22 -28.77 2.44
CA ASP FA 217 -9.35 -30.06 1.78
C ASP FA 217 -10.78 -30.51 1.59
N ARG FA 218 -11.76 -29.65 1.83
CA ARG FA 218 -13.11 -29.90 1.36
C ARG FA 218 -13.45 -29.08 0.14
N PHE FA 219 -12.80 -27.93 -0.04
CA PHE FA 219 -13.10 -27.07 -1.17
C PHE FA 219 -12.60 -27.61 -2.49
N LEU FA 220 -11.38 -28.16 -2.51
CA LEU FA 220 -10.80 -28.73 -3.72
C LEU FA 220 -11.62 -29.92 -4.22
N PHE FA 221 -11.91 -30.86 -3.33
CA PHE FA 221 -12.56 -32.10 -3.68
C PHE FA 221 -14.04 -31.94 -3.99
N VAL FA 222 -14.60 -30.74 -3.85
CA VAL FA 222 -15.90 -30.44 -4.42
C VAL FA 222 -15.82 -29.25 -5.37
N ALA FA 223 -14.60 -28.84 -5.73
CA ALA FA 223 -14.27 -28.16 -6.96
C ALA FA 223 -13.77 -29.10 -8.03
N ASP FA 224 -12.88 -30.03 -7.68
CA ASP FA 224 -12.51 -31.13 -8.55
C ASP FA 224 -13.67 -32.05 -8.92
N ALA FA 225 -14.76 -32.00 -8.19
CA ALA FA 225 -15.94 -32.78 -8.49
C ALA FA 225 -16.97 -32.02 -9.33
N ILE FA 226 -16.75 -30.73 -9.57
CA ILE FA 226 -17.58 -29.97 -10.51
C ILE FA 226 -16.99 -30.02 -11.92
N THR FA 227 -15.67 -29.95 -12.03
CA THR FA 227 -14.98 -30.03 -13.29
C THR FA 227 -15.13 -31.40 -13.94
N LYS FA 228 -15.48 -32.43 -13.17
CA LYS FA 228 -15.81 -33.75 -13.71
C LYS FA 228 -17.31 -34.04 -13.77
N ALA FA 229 -18.17 -33.03 -13.77
CA ALA FA 229 -19.58 -33.24 -14.06
C ALA FA 229 -20.20 -32.09 -14.86
N GLN FA 230 -19.44 -31.04 -15.15
CA GLN FA 230 -19.93 -29.96 -15.99
C GLN FA 230 -20.03 -30.39 -17.45
N ALA FA 231 -18.98 -31.01 -17.96
CA ALA FA 231 -18.89 -31.42 -19.35
C ALA FA 231 -19.55 -32.77 -19.61
N GLU FA 232 -19.62 -33.62 -18.60
CA GLU FA 232 -20.11 -34.98 -18.79
C GLU FA 232 -21.62 -35.06 -18.63
N THR FA 233 -22.28 -33.94 -18.38
CA THR FA 233 -23.74 -33.88 -18.26
C THR FA 233 -24.37 -32.73 -19.05
N GLY FA 234 -23.55 -31.85 -19.62
CA GLY FA 234 -24.04 -30.82 -20.51
C GLY FA 234 -24.63 -29.59 -19.86
N GLU FA 235 -24.41 -29.41 -18.54
CA GLU FA 235 -24.92 -28.26 -17.81
C GLU FA 235 -23.91 -27.83 -16.76
N ILE FA 236 -24.15 -26.65 -16.18
CA ILE FA 236 -23.28 -26.06 -15.16
C ILE FA 236 -23.98 -26.09 -13.82
N LYS FA 237 -23.30 -26.64 -12.83
CA LYS FA 237 -23.81 -26.98 -11.51
C LYS FA 237 -22.89 -26.40 -10.45
N GLY FA 238 -23.44 -26.03 -9.30
CA GLY FA 238 -22.64 -25.57 -8.19
C GLY FA 238 -22.69 -26.58 -7.05
N HIS FA 239 -21.83 -26.39 -6.06
CA HIS FA 239 -22.02 -27.03 -4.77
C HIS FA 239 -21.94 -26.00 -3.67
N TYR FA 240 -23.08 -25.68 -3.09
CA TYR FA 240 -23.23 -24.67 -2.08
C TYR FA 240 -22.49 -25.04 -0.80
N LEU FA 241 -21.57 -24.17 -0.39
CA LEU FA 241 -20.58 -24.43 0.65
C LEU FA 241 -20.66 -23.39 1.77
N ASN FA 242 -20.50 -23.84 3.00
CA ASN FA 242 -20.50 -22.95 4.16
C ASN FA 242 -19.24 -22.09 4.21
N VAL FA 243 -19.42 -20.84 4.63
CA VAL FA 243 -18.34 -19.89 4.83
C VAL FA 243 -18.16 -19.54 6.31
N THR FA 244 -18.84 -20.25 7.20
CA THR FA 244 -18.89 -19.85 8.60
C THR FA 244 -17.57 -20.09 9.32
N ALA FA 245 -17.07 -19.05 9.97
CA ALA FA 245 -15.78 -19.04 10.66
C ALA FA 245 -16.00 -18.45 12.05
N PRO FA 246 -15.03 -18.63 12.98
CA PRO FA 246 -15.07 -17.82 14.20
C PRO FA 246 -15.03 -16.32 13.98
N THR FA 247 -13.95 -15.79 13.41
CA THR FA 247 -13.86 -14.37 13.14
C THR FA 247 -14.62 -14.02 11.86
N CYS FA 248 -14.42 -12.81 11.36
CA CYS FA 248 -14.76 -12.58 9.97
C CYS FA 248 -13.52 -12.51 9.10
N GLU FA 249 -12.36 -12.17 9.68
CA GLU FA 249 -11.10 -12.27 8.96
C GLU FA 249 -10.80 -13.70 8.52
N GLU FA 250 -11.23 -14.69 9.28
CA GLU FA 250 -11.18 -16.04 8.76
C GLU FA 250 -12.30 -16.29 7.77
N MET FA 251 -13.46 -15.67 7.96
CA MET FA 251 -14.55 -15.80 7.00
C MET FA 251 -14.25 -15.06 5.70
N LEU FA 252 -13.38 -14.06 5.74
CA LEU FA 252 -12.92 -13.46 4.51
C LEU FA 252 -11.95 -14.35 3.75
N LYS FA 253 -11.37 -15.35 4.42
CA LYS FA 253 -10.55 -16.33 3.74
C LYS FA 253 -11.32 -17.57 3.33
N ARG FA 254 -12.55 -17.74 3.82
CA ARG FA 254 -13.35 -18.88 3.39
C ARG FA 254 -14.28 -18.48 2.25
N ALA FA 255 -14.06 -17.30 1.69
CA ALA FA 255 -14.91 -16.83 0.61
C ALA FA 255 -14.11 -16.18 -0.49
N GLU FA 256 -12.86 -15.85 -0.22
CA GLU FA 256 -11.89 -15.46 -1.22
C GLU FA 256 -11.17 -16.66 -1.80
N TYR FA 257 -10.97 -17.71 -1.02
CA TYR FA 257 -10.48 -18.98 -1.55
C TYR FA 257 -11.50 -19.73 -2.39
N ALA FA 258 -12.79 -19.67 -2.03
CA ALA FA 258 -13.84 -20.39 -2.73
C ALA FA 258 -13.95 -19.90 -4.16
N LYS FA 259 -14.35 -18.66 -4.38
CA LYS FA 259 -14.29 -18.05 -5.70
C LYS FA 259 -13.01 -17.22 -5.76
N GLU FA 260 -11.98 -17.80 -6.35
CA GLU FA 260 -10.82 -17.03 -6.77
C GLU FA 260 -11.11 -16.49 -8.17
N LEU FA 261 -11.22 -17.43 -9.10
CA LEU FA 261 -12.18 -17.45 -10.20
C LEU FA 261 -12.74 -18.85 -10.33
N LYS FA 262 -12.78 -19.59 -9.22
CA LYS FA 262 -12.84 -21.04 -9.22
C LYS FA 262 -14.24 -21.59 -9.33
N GLN FA 263 -15.28 -20.82 -9.00
CA GLN FA 263 -16.36 -21.59 -8.39
C GLN FA 263 -17.67 -20.82 -8.40
N PRO FA 264 -18.81 -21.48 -8.43
CA PRO FA 264 -20.10 -20.80 -8.54
C PRO FA 264 -20.53 -20.02 -7.30
N ILE FA 265 -21.83 -19.75 -7.27
CA ILE FA 265 -22.53 -18.87 -6.34
C ILE FA 265 -22.85 -19.59 -5.03
N ILE FA 266 -22.18 -19.22 -3.92
CA ILE FA 266 -21.95 -20.08 -2.74
C ILE FA 266 -22.19 -19.32 -1.43
N MET FA 267 -23.05 -19.86 -0.57
CA MET FA 267 -23.92 -19.11 0.34
C MET FA 267 -23.58 -19.35 1.83
N HIS FA 268 -24.30 -18.65 2.75
CA HIS FA 268 -24.52 -19.09 4.14
C HIS FA 268 -25.82 -18.46 4.69
N ASP FA 269 -26.01 -18.56 6.02
CA ASP FA 269 -27.29 -18.38 6.72
C ASP FA 269 -27.59 -16.94 7.15
N TYR FA 270 -28.54 -16.81 8.07
CA TYR FA 270 -28.91 -15.59 8.77
C TYR FA 270 -29.00 -15.76 10.28
N LEU FA 271 -29.33 -16.95 10.75
CA LEU FA 271 -29.31 -17.24 12.18
C LEU FA 271 -27.86 -17.41 12.64
N THR FA 272 -27.64 -17.30 13.97
CA THR FA 272 -26.33 -17.27 14.63
C THR FA 272 -25.35 -16.34 13.91
N ALA FA 273 -25.89 -15.22 13.47
CA ALA FA 273 -25.42 -14.26 12.49
C ALA FA 273 -26.51 -13.21 12.48
N GLY FA 274 -26.29 -12.11 11.79
CA GLY FA 274 -27.29 -11.08 11.83
C GLY FA 274 -27.57 -10.50 10.47
N PHE FA 275 -28.29 -9.40 10.49
CA PHE FA 275 -28.32 -8.48 9.36
C PHE FA 275 -27.09 -7.60 9.38
N THR FA 276 -26.25 -7.75 10.41
CA THR FA 276 -24.97 -7.08 10.52
C THR FA 276 -23.82 -8.00 10.12
N ALA FA 277 -23.87 -9.27 10.52
CA ALA FA 277 -22.89 -10.27 10.11
C ALA FA 277 -22.92 -10.57 8.62
N ASN FA 278 -24.10 -10.64 8.03
CA ASN FA 278 -24.25 -10.95 6.63
C ASN FA 278 -24.41 -9.71 5.81
N THR FA 279 -23.69 -8.67 6.16
CA THR FA 279 -23.64 -7.46 5.39
C THR FA 279 -22.24 -7.20 4.89
N THR FA 280 -21.26 -7.74 5.61
CA THR FA 280 -19.87 -7.86 5.20
C THR FA 280 -19.70 -8.86 4.06
N LEU FA 281 -20.60 -9.83 3.90
CA LEU FA 281 -20.47 -10.78 2.80
C LEU FA 281 -21.64 -10.79 1.81
N ALA FA 282 -22.78 -10.18 2.12
CA ALA FA 282 -23.75 -10.01 1.06
C ALA FA 282 -23.36 -8.89 0.14
N ARG FA 283 -22.37 -8.11 0.54
CA ARG FA 283 -21.85 -7.03 -0.29
C ARG FA 283 -20.48 -7.37 -0.84
N TRP FA 284 -20.02 -8.59 -0.57
CA TRP FA 284 -19.08 -9.37 -1.38
C TRP FA 284 -19.72 -9.89 -2.65
N CYS FA 285 -21.05 -9.87 -2.75
CA CYS FA 285 -21.79 -10.07 -3.99
C CYS FA 285 -21.94 -8.77 -4.78
N ARG FA 286 -21.43 -7.68 -4.25
CA ARG FA 286 -21.38 -6.44 -4.99
C ARG FA 286 -20.08 -6.30 -5.75
N ASP FA 287 -19.26 -7.34 -5.74
CA ASP FA 287 -18.04 -7.43 -6.53
C ASP FA 287 -17.98 -8.69 -7.37
N ASN FA 288 -18.66 -9.75 -6.92
CA ASN FA 288 -18.35 -11.13 -7.30
C ASN FA 288 -19.55 -11.92 -7.78
N GLY FA 289 -20.76 -11.61 -7.30
CA GLY FA 289 -21.95 -12.37 -7.64
C GLY FA 289 -21.95 -13.80 -7.14
N VAL FA 290 -21.85 -14.01 -5.83
CA VAL FA 290 -21.43 -15.32 -5.34
C VAL FA 290 -22.16 -15.87 -4.09
N LEU FA 291 -23.09 -15.16 -3.45
CA LEU FA 291 -23.76 -15.73 -2.27
C LEU FA 291 -25.18 -15.20 -2.08
N LEU FA 292 -26.15 -16.03 -2.47
CA LEU FA 292 -27.54 -15.64 -2.67
C LEU FA 292 -28.55 -16.49 -1.94
N HIS FA 293 -28.30 -17.77 -1.76
CA HIS FA 293 -29.17 -18.64 -1.01
C HIS FA 293 -29.05 -18.29 0.47
N ILE FA 294 -30.19 -18.10 1.12
CA ILE FA 294 -30.17 -17.86 2.56
C ILE FA 294 -30.88 -19.04 3.19
N HIS FA 295 -30.22 -19.72 4.10
CA HIS FA 295 -30.66 -21.04 4.48
C HIS FA 295 -31.15 -21.14 5.91
N ASN FA 307 -47.67 -17.94 18.92
CA ASN FA 307 -48.42 -17.11 19.87
C ASN FA 307 -47.72 -15.79 20.17
N HIS FA 308 -46.40 -15.86 20.30
CA HIS FA 308 -45.57 -14.76 20.79
C HIS FA 308 -44.28 -14.82 19.97
N GLY FA 309 -44.26 -14.09 18.87
CA GLY FA 309 -43.07 -14.02 18.07
C GLY FA 309 -43.12 -12.82 17.17
N ILE FA 310 -42.43 -12.93 16.04
CA ILE FA 310 -42.58 -12.04 14.91
C ILE FA 310 -42.81 -12.91 13.68
N HIS FA 311 -43.88 -12.61 12.94
CA HIS FA 311 -44.31 -13.48 11.86
C HIS FA 311 -43.30 -13.41 10.73
N PHE FA 312 -43.26 -14.46 9.90
CA PHE FA 312 -42.20 -14.59 8.92
C PHE FA 312 -42.27 -13.52 7.85
N ARG FA 313 -43.45 -12.97 7.58
CA ARG FA 313 -43.55 -11.96 6.54
C ARG FA 313 -42.93 -10.64 6.97
N VAL FA 314 -42.74 -10.41 8.26
CA VAL FA 314 -41.87 -9.32 8.70
C VAL FA 314 -40.42 -9.70 8.49
N LEU FA 315 -40.10 -10.97 8.71
CA LEU FA 315 -38.73 -11.44 8.56
C LEU FA 315 -38.34 -11.53 7.10
N ALA FA 316 -39.32 -11.58 6.20
CA ALA FA 316 -39.10 -11.64 4.76
C ALA FA 316 -38.98 -10.27 4.10
N LYS FA 317 -39.66 -9.25 4.63
CA LYS FA 317 -39.39 -7.88 4.22
C LYS FA 317 -38.00 -7.45 4.64
N ALA FA 318 -37.53 -7.97 5.75
CA ALA FA 318 -36.23 -7.61 6.26
C ALA FA 318 -35.10 -8.25 5.48
N LEU FA 319 -35.41 -9.21 4.63
CA LEU FA 319 -34.41 -10.08 4.07
C LEU FA 319 -34.31 -9.97 2.55
N ARG FA 320 -35.39 -9.59 1.88
CA ARG FA 320 -35.29 -9.09 0.53
C ARG FA 320 -34.47 -7.81 0.50
N LEU FA 321 -34.90 -6.80 1.27
CA LEU FA 321 -34.24 -5.51 1.34
C LEU FA 321 -32.79 -5.60 1.82
N SER FA 322 -32.46 -6.59 2.62
CA SER FA 322 -31.07 -6.85 2.94
C SER FA 322 -30.36 -7.44 1.74
N GLY FA 323 -30.81 -8.58 1.26
CA GLY FA 323 -30.30 -9.13 0.01
C GLY FA 323 -30.43 -10.62 -0.08
N GLY FA 324 -30.22 -11.12 -1.30
CA GLY FA 324 -30.31 -12.54 -1.57
C GLY FA 324 -31.41 -12.86 -2.57
N ASP FA 325 -31.20 -13.94 -3.31
CA ASP FA 325 -31.93 -14.20 -4.55
C ASP FA 325 -32.99 -15.28 -4.41
N HIS FA 326 -32.92 -16.13 -3.40
CA HIS FA 326 -33.94 -17.15 -3.13
C HIS FA 326 -33.81 -17.58 -1.68
N ILE FA 327 -34.78 -17.24 -0.86
CA ILE FA 327 -34.67 -17.44 0.57
C ILE FA 327 -35.36 -18.75 0.96
N HIS FA 328 -34.90 -19.34 2.06
CA HIS FA 328 -35.56 -20.51 2.61
C HIS FA 328 -36.61 -20.02 3.60
N THR FA 329 -37.64 -20.83 3.81
CA THR FA 329 -38.73 -20.44 4.68
C THR FA 329 -38.75 -21.30 5.95
N GLY FA 341 -53.04 -19.96 2.16
CA GLY FA 341 -53.20 -18.52 1.99
C GLY FA 341 -52.03 -17.75 2.54
N ILE FA 342 -51.51 -18.24 3.66
CA ILE FA 342 -50.36 -17.63 4.29
C ILE FA 342 -49.07 -18.21 3.74
N THR FA 343 -49.07 -19.49 3.35
CA THR FA 343 -47.95 -20.02 2.59
C THR FA 343 -47.90 -19.38 1.20
N MET FA 344 -49.06 -19.07 0.63
CA MET FA 344 -49.12 -18.25 -0.58
C MET FA 344 -48.88 -16.78 -0.30
N GLY FA 345 -48.81 -16.37 0.95
CA GLY FA 345 -48.80 -14.97 1.32
C GLY FA 345 -47.49 -14.23 1.13
N PHE FA 346 -46.41 -14.66 1.78
CA PHE FA 346 -45.15 -13.98 1.58
C PHE FA 346 -44.52 -14.32 0.24
N VAL FA 347 -44.89 -15.45 -0.36
CA VAL FA 347 -44.38 -15.80 -1.68
C VAL FA 347 -45.08 -15.01 -2.78
N ASP FA 348 -46.09 -14.22 -2.42
CA ASP FA 348 -46.53 -13.09 -3.21
C ASP FA 348 -46.04 -11.76 -2.65
N LEU FA 349 -45.10 -11.77 -1.72
CA LEU FA 349 -44.37 -10.54 -1.38
C LEU FA 349 -42.96 -10.55 -1.91
N LEU FA 350 -42.34 -11.71 -2.03
CA LEU FA 350 -40.99 -11.82 -2.52
C LEU FA 350 -40.93 -11.71 -4.04
N ARG FA 351 -42.07 -11.89 -4.70
CA ARG FA 351 -42.14 -12.08 -6.14
C ARG FA 351 -42.96 -11.02 -6.84
N GLU FA 352 -43.83 -10.32 -6.13
CA GLU FA 352 -44.76 -9.41 -6.75
C GLU FA 352 -44.25 -7.98 -6.71
N ASN FA 353 -44.98 -7.12 -7.41
CA ASN FA 353 -44.71 -5.69 -7.47
C ASN FA 353 -45.66 -4.88 -6.63
N TYR FA 354 -46.94 -5.23 -6.61
CA TYR FA 354 -48.00 -4.53 -5.93
C TYR FA 354 -48.88 -5.60 -5.30
N VAL FA 355 -49.29 -5.38 -4.05
CA VAL FA 355 -50.18 -6.31 -3.36
C VAL FA 355 -51.25 -5.51 -2.65
N GLU FA 356 -52.49 -5.78 -3.01
CA GLU FA 356 -53.63 -5.17 -2.35
C GLU FA 356 -54.04 -5.98 -1.12
N GLN FA 357 -54.73 -5.29 -0.21
CA GLN FA 357 -54.93 -5.72 1.16
C GLN FA 357 -55.82 -6.96 1.28
N ASP FA 358 -55.22 -8.07 1.68
CA ASP FA 358 -55.94 -9.33 1.89
C ASP FA 358 -55.90 -9.68 3.36
N LYS FA 359 -56.94 -9.29 4.09
CA LYS FA 359 -56.98 -9.57 5.52
C LYS FA 359 -57.04 -11.03 5.87
N SER FA 360 -57.50 -11.88 4.95
CA SER FA 360 -57.52 -13.32 5.20
C SER FA 360 -56.25 -14.00 4.73
N ARG FA 361 -55.17 -13.25 4.50
CA ARG FA 361 -53.90 -13.81 4.07
C ARG FA 361 -52.74 -13.33 4.91
N GLY FA 362 -53.02 -12.55 5.95
CA GLY FA 362 -51.95 -11.94 6.70
C GLY FA 362 -51.44 -10.66 6.09
N ILE FA 363 -51.86 -10.33 4.88
CA ILE FA 363 -51.42 -9.14 4.19
C ILE FA 363 -52.35 -8.03 4.60
N TYR FA 364 -51.98 -7.31 5.65
CA TYR FA 364 -52.90 -6.37 6.25
C TYR FA 364 -52.78 -4.98 5.67
N PHE FA 365 -51.76 -4.73 4.86
CA PHE FA 365 -51.46 -3.41 4.36
C PHE FA 365 -51.49 -3.40 2.83
N THR FA 366 -51.00 -2.30 2.27
CA THR FA 366 -50.81 -2.20 0.84
C THR FA 366 -49.56 -1.41 0.57
N GLN FA 367 -48.57 -2.04 -0.05
CA GLN FA 367 -47.43 -1.29 -0.53
C GLN FA 367 -46.90 -1.93 -1.80
N ASP FA 368 -46.85 -1.13 -2.85
CA ASP FA 368 -46.11 -1.47 -4.04
C ASP FA 368 -44.62 -1.51 -3.72
N TRP FA 369 -43.95 -2.48 -4.34
CA TRP FA 369 -42.53 -2.63 -4.16
C TRP FA 369 -41.73 -1.65 -4.98
N ALA FA 370 -42.35 -1.07 -6.01
CA ALA FA 370 -41.86 0.06 -6.79
C ALA FA 370 -40.50 -0.23 -7.43
N SER FA 371 -40.51 -1.22 -8.32
CA SER FA 371 -39.38 -1.60 -9.17
C SER FA 371 -38.15 -2.00 -8.37
N LEU FA 372 -38.21 -3.12 -7.69
CA LEU FA 372 -37.05 -3.61 -7.00
C LEU FA 372 -36.97 -5.12 -7.18
N PRO FA 373 -35.73 -5.72 -7.31
CA PRO FA 373 -35.60 -7.13 -7.74
C PRO FA 373 -36.29 -8.17 -6.89
N GLY FA 374 -37.03 -9.08 -7.51
CA GLY FA 374 -37.69 -10.16 -6.81
C GLY FA 374 -36.75 -11.19 -6.22
N VAL FA 375 -37.31 -12.20 -5.57
CA VAL FA 375 -36.54 -13.24 -4.88
C VAL FA 375 -37.45 -14.46 -4.75
N MET FA 376 -36.90 -15.64 -5.04
CA MET FA 376 -37.71 -16.84 -5.21
C MET FA 376 -37.85 -17.60 -3.89
N ALA FA 377 -38.51 -18.75 -3.94
CA ALA FA 377 -38.70 -19.45 -2.67
C ALA FA 377 -38.09 -20.85 -2.73
N VAL FA 378 -37.90 -21.42 -1.53
CA VAL FA 378 -37.33 -22.74 -1.37
C VAL FA 378 -38.42 -23.64 -0.77
N ALA FA 379 -38.49 -24.87 -1.28
CA ALA FA 379 -39.41 -25.88 -0.79
C ALA FA 379 -39.04 -26.27 0.63
N SER FA 380 -40.03 -26.28 1.53
CA SER FA 380 -39.83 -26.44 2.96
C SER FA 380 -40.78 -27.44 3.61
N GLY FA 381 -40.93 -28.63 3.03
CA GLY FA 381 -41.78 -29.63 3.64
C GLY FA 381 -41.09 -30.95 3.89
N GLY FA 382 -39.99 -31.20 3.20
CA GLY FA 382 -39.24 -32.43 3.34
C GLY FA 382 -39.01 -33.11 2.00
N ILE FA 383 -38.76 -34.41 2.07
CA ILE FA 383 -38.54 -35.23 0.89
C ILE FA 383 -39.86 -35.37 0.14
N HIS FA 384 -39.79 -35.29 -1.19
CA HIS FA 384 -40.96 -34.97 -2.01
C HIS FA 384 -40.98 -35.71 -3.35
N VAL FA 385 -40.39 -36.91 -3.43
CA VAL FA 385 -39.96 -37.51 -4.70
C VAL FA 385 -41.17 -37.84 -5.58
N TRP FA 386 -42.24 -38.27 -4.94
CA TRP FA 386 -43.48 -38.65 -5.59
C TRP FA 386 -44.50 -37.52 -5.55
N HIS FA 387 -44.35 -36.61 -4.59
CA HIS FA 387 -45.26 -35.48 -4.41
C HIS FA 387 -44.69 -34.27 -5.14
N MET FA 388 -44.38 -34.48 -6.42
CA MET FA 388 -43.82 -33.45 -7.30
C MET FA 388 -44.84 -32.47 -7.91
N PRO FA 389 -45.99 -32.87 -8.49
CA PRO FA 389 -46.85 -31.85 -9.10
C PRO FA 389 -47.62 -31.01 -8.09
N ALA FA 390 -47.59 -31.37 -6.82
CA ALA FA 390 -48.23 -30.52 -5.82
C ALA FA 390 -47.41 -29.27 -5.55
N LEU FA 391 -46.09 -29.33 -5.72
CA LEU FA 391 -45.25 -28.16 -5.51
C LEU FA 391 -45.21 -27.25 -6.73
N VAL FA 392 -45.34 -27.81 -7.93
CA VAL FA 392 -45.18 -27.06 -9.17
C VAL FA 392 -46.28 -26.03 -9.37
N GLU FA 393 -47.52 -26.32 -8.96
CA GLU FA 393 -48.55 -25.30 -9.01
C GLU FA 393 -48.41 -24.24 -7.94
N ILE FA 394 -48.04 -24.62 -6.72
CA ILE FA 394 -48.16 -23.71 -5.61
C ILE FA 394 -47.03 -22.68 -5.62
N PHE FA 395 -45.80 -23.12 -5.84
CA PHE FA 395 -44.70 -22.18 -5.89
C PHE FA 395 -44.49 -21.63 -7.30
N GLY FA 396 -45.14 -22.23 -8.29
CA GLY FA 396 -45.11 -21.72 -9.65
C GLY FA 396 -43.85 -22.08 -10.42
N ASP FA 397 -43.45 -21.19 -11.32
CA ASP FA 397 -42.23 -21.35 -12.11
C ASP FA 397 -41.00 -20.85 -11.39
N ASP FA 398 -41.11 -19.72 -10.72
CA ASP FA 398 -39.96 -18.99 -10.22
C ASP FA 398 -39.72 -19.40 -8.78
N SER FA 399 -39.25 -20.63 -8.59
CA SER FA 399 -38.89 -21.10 -7.24
C SER FA 399 -37.74 -22.09 -7.38
N VAL FA 400 -37.30 -22.59 -6.22
CA VAL FA 400 -36.23 -23.59 -6.13
C VAL FA 400 -36.70 -24.70 -5.20
N LEU FA 401 -36.45 -25.96 -5.60
CA LEU FA 401 -36.83 -27.13 -4.83
C LEU FA 401 -35.57 -27.81 -4.30
N GLN FA 402 -35.77 -28.73 -3.37
CA GLN FA 402 -34.65 -29.52 -2.87
C GLN FA 402 -34.14 -30.45 -3.98
N ALA FA 415 -27.07 -41.61 -7.61
CA ALA FA 415 -27.41 -41.19 -8.97
C ALA FA 415 -28.68 -41.84 -9.60
N PRO FA 416 -29.04 -43.09 -9.25
CA PRO FA 416 -30.43 -43.48 -9.55
C PRO FA 416 -31.45 -42.69 -8.73
N GLY FA 417 -31.20 -42.54 -7.44
CA GLY FA 417 -32.03 -41.72 -6.57
C GLY FA 417 -32.05 -40.24 -6.87
N ALA FA 418 -31.13 -39.75 -7.70
CA ALA FA 418 -31.16 -38.39 -8.20
C ALA FA 418 -31.70 -38.26 -9.63
N THR FA 419 -31.70 -39.34 -10.40
CA THR FA 419 -32.27 -39.25 -11.74
C THR FA 419 -33.80 -39.38 -11.70
N ALA FA 420 -34.36 -39.84 -10.57
CA ALA FA 420 -35.82 -39.86 -10.46
C ALA FA 420 -36.37 -38.48 -10.16
N ASN FA 421 -35.52 -37.57 -9.72
CA ASN FA 421 -35.98 -36.24 -9.33
C ASN FA 421 -36.19 -35.36 -10.56
N ARG FA 422 -35.25 -35.40 -11.51
CA ARG FA 422 -35.32 -34.50 -12.65
C ARG FA 422 -36.43 -34.90 -13.60
N VAL FA 423 -36.71 -36.20 -13.69
CA VAL FA 423 -37.69 -36.70 -14.65
C VAL FA 423 -39.10 -36.32 -14.23
N ALA FA 424 -39.40 -36.48 -12.94
CA ALA FA 424 -40.73 -36.14 -12.44
C ALA FA 424 -40.98 -34.64 -12.46
N LEU FA 425 -39.93 -33.83 -12.39
CA LEU FA 425 -40.12 -32.40 -12.49
C LEU FA 425 -40.39 -31.97 -13.93
N GLU FA 426 -39.59 -32.44 -14.87
CA GLU FA 426 -39.66 -31.99 -16.26
C GLU FA 426 -40.92 -32.46 -16.95
N ALA FA 427 -41.54 -33.52 -16.45
CA ALA FA 427 -42.68 -34.11 -17.13
C ALA FA 427 -43.94 -33.29 -16.96
N CYS FA 428 -44.20 -32.83 -15.74
CA CYS FA 428 -45.45 -32.14 -15.40
C CYS FA 428 -45.58 -30.82 -16.14
N VAL FA 429 -44.45 -30.15 -16.38
CA VAL FA 429 -44.45 -28.79 -16.90
C VAL FA 429 -44.99 -28.73 -18.32
N GLN FA 430 -44.82 -29.80 -19.08
CA GLN FA 430 -45.41 -29.82 -20.42
C GLN FA 430 -46.89 -30.18 -20.39
N ALA FA 431 -47.31 -30.99 -19.42
CA ALA FA 431 -48.72 -31.32 -19.25
C ALA FA 431 -49.51 -30.20 -18.58
N ARG FA 432 -48.83 -29.23 -18.00
CA ARG FA 432 -49.50 -27.98 -17.66
C ARG FA 432 -49.78 -27.14 -18.89
N ASN FA 433 -48.83 -27.07 -19.81
CA ASN FA 433 -48.96 -26.16 -20.93
C ASN FA 433 -49.84 -26.70 -22.04
N GLU FA 434 -50.22 -27.98 -21.98
CA GLU FA 434 -51.26 -28.48 -22.88
C GLU FA 434 -52.60 -27.92 -22.50
N GLY FA 435 -52.81 -27.62 -21.22
CA GLY FA 435 -54.09 -27.25 -20.68
C GLY FA 435 -54.69 -28.26 -19.73
N ARG FA 436 -53.97 -29.34 -19.42
CA ARG FA 436 -54.51 -30.33 -18.49
C ARG FA 436 -54.45 -29.80 -17.08
N ASN FA 437 -55.55 -29.96 -16.35
CA ASN FA 437 -55.62 -29.44 -14.99
C ASN FA 437 -54.71 -30.24 -14.08
N LEU FA 438 -53.54 -29.68 -13.79
CA LEU FA 438 -52.48 -30.43 -13.11
C LEU FA 438 -52.79 -30.60 -11.63
N ALA FA 439 -53.81 -29.90 -11.12
CA ALA FA 439 -54.25 -30.12 -9.75
C ALA FA 439 -55.03 -31.42 -9.64
N ARG FA 440 -56.00 -31.62 -10.53
CA ARG FA 440 -56.89 -32.77 -10.42
C ARG FA 440 -56.39 -33.96 -11.24
N GLU FA 441 -55.12 -33.98 -11.60
CA GLU FA 441 -54.61 -35.01 -12.50
C GLU FA 441 -53.18 -35.42 -12.17
N GLY FA 442 -52.58 -34.78 -11.16
CA GLY FA 442 -51.17 -34.88 -10.80
C GLY FA 442 -50.49 -36.24 -10.74
N ASN FA 443 -51.20 -37.27 -10.31
CA ASN FA 443 -50.56 -38.58 -10.16
C ASN FA 443 -50.39 -39.31 -11.48
N ASP FA 444 -51.34 -39.15 -12.39
CA ASP FA 444 -51.28 -39.87 -13.66
C ASP FA 444 -50.21 -39.33 -14.58
N VAL FA 445 -49.76 -38.11 -14.34
CA VAL FA 445 -48.62 -37.58 -15.09
C VAL FA 445 -47.32 -38.19 -14.57
N ILE FA 446 -47.29 -38.55 -13.28
CA ILE FA 446 -46.14 -39.26 -12.73
C ILE FA 446 -46.13 -40.70 -13.24
N ARG FA 447 -47.31 -41.28 -13.45
CA ARG FA 447 -47.39 -42.67 -13.84
C ARG FA 447 -47.03 -42.88 -15.30
N GLU FA 448 -47.36 -41.91 -16.17
CA GLU FA 448 -47.00 -42.06 -17.57
C GLU FA 448 -45.53 -41.81 -17.81
N ALA FA 449 -44.85 -41.19 -16.86
CA ALA FA 449 -43.41 -40.96 -16.97
C ALA FA 449 -42.60 -42.11 -16.41
N ALA FA 450 -43.24 -43.22 -16.04
CA ALA FA 450 -42.52 -44.40 -15.61
C ALA FA 450 -42.17 -45.32 -16.76
N LYS FA 451 -42.84 -45.14 -17.90
CA LYS FA 451 -42.75 -46.06 -19.02
C LYS FA 451 -41.57 -45.74 -19.92
N TRP FA 452 -40.75 -44.76 -19.53
CA TRP FA 452 -39.49 -44.47 -20.19
C TRP FA 452 -38.38 -44.16 -19.20
N SER FA 453 -38.65 -44.31 -17.90
CA SER FA 453 -37.72 -44.02 -16.81
C SER FA 453 -37.82 -45.09 -15.74
N PRO FA 454 -36.79 -45.92 -15.55
CA PRO FA 454 -36.87 -46.97 -14.52
C PRO FA 454 -36.73 -46.47 -13.09
N GLU FA 455 -36.21 -45.26 -12.88
CA GLU FA 455 -36.06 -44.75 -11.52
C GLU FA 455 -37.36 -44.21 -10.94
N LEU FA 456 -38.34 -43.89 -11.78
CA LEU FA 456 -39.68 -43.57 -11.29
C LEU FA 456 -40.56 -44.79 -11.15
N ALA FA 457 -40.12 -45.94 -11.67
CA ALA FA 457 -40.80 -47.20 -11.43
C ALA FA 457 -40.64 -47.67 -9.99
N VAL FA 458 -39.55 -47.31 -9.33
CA VAL FA 458 -39.30 -47.72 -7.96
C VAL FA 458 -39.97 -46.78 -6.96
N ALA FA 459 -39.97 -45.47 -7.22
CA ALA FA 459 -40.30 -44.48 -6.20
C ALA FA 459 -41.79 -44.41 -5.88
N CYS FA 460 -42.67 -44.55 -6.87
CA CYS FA 460 -44.11 -44.41 -6.68
C CYS FA 460 -44.71 -45.49 -5.80
N GLU FA 461 -44.04 -46.63 -5.71
CA GLU FA 461 -44.47 -47.72 -4.83
C GLU FA 461 -44.03 -47.49 -3.39
N LEU FA 462 -42.98 -46.69 -3.19
CA LEU FA 462 -42.43 -46.40 -1.88
C LEU FA 462 -43.26 -45.36 -1.12
N TRP FA 463 -43.99 -44.51 -1.83
CA TRP FA 463 -44.72 -43.44 -1.19
C TRP FA 463 -46.18 -43.82 -0.98
N LYS FA 464 -46.97 -42.87 -0.49
CA LYS FA 464 -48.17 -43.18 0.26
C LYS FA 464 -49.44 -43.04 -0.57
N GLU FA 465 -50.23 -44.11 -0.63
CA GLU FA 465 -51.51 -44.09 -1.31
C GLU FA 465 -52.68 -44.07 -0.34
N ILE FA 466 -52.46 -43.58 0.89
CA ILE FA 466 -53.41 -43.75 1.99
C ILE FA 466 -54.65 -42.86 1.83
N LYS FA 467 -55.82 -43.48 1.92
CA LYS FA 467 -57.10 -42.85 1.59
C LYS FA 467 -58.14 -43.21 2.63
N PHE FA 468 -59.35 -42.70 2.42
CA PHE FA 468 -60.56 -43.16 3.11
C PHE FA 468 -61.73 -42.99 2.14
N GLU FA 469 -62.42 -44.08 1.82
CA GLU FA 469 -63.71 -43.98 1.15
C GLU FA 469 -64.72 -44.52 2.14
N PHE FA 470 -65.10 -43.68 3.11
CA PHE FA 470 -66.04 -44.02 4.17
C PHE FA 470 -67.11 -42.96 4.10
N GLU FA 471 -68.03 -43.14 3.18
CA GLU FA 471 -69.10 -42.20 3.00
C GLU FA 471 -70.34 -42.91 3.48
#